data_8XOT
#
_entry.id   8XOT
#
_cell.length_a   1.00
_cell.length_b   1.00
_cell.length_c   1.00
_cell.angle_alpha   90.00
_cell.angle_beta   90.00
_cell.angle_gamma   90.00
#
_symmetry.space_group_name_H-M   'P 1'
#
_entity_poly.entity_id   1
_entity_poly.type   'polypeptide(L)'
_entity_poly.pdbx_seq_one_letter_code
;MKTPTIPTLLGPDGMTSLREYAGYHGGGSGFGGQLRSWNPPSESVDAALLPNFTRGNARADDLVRNNGYAANAIQLHQDH
IVGSFFRLSHRPSWRYLGIGEEEARAFSREVEAAWKEFAEDDCCCIDVERKRTFTMMIREGVAMHAFNGELFVQATWDTS
SSRLFRTQFRMVSPKRISNPNNTGDSRNCRAGVQINDSGAALGYYVSEDGYPGWMPQKWTWIPRELPGGRASFIHVFEPV
EDGQTRGANVFYSVMEQMKMLDTLQNTQLQSAIVKAMYAATIESELDTQSAMDFILGANSQEQRERLTGWIGEIAAYYAA
APVRLGGAKVPHLMPGDSLNLQTAQDTDNGYSVFEQSLLRYIAAGLGVSYEQLSRNYAQMSYSTARASANESWAYFMGRR
KFVASRQASQMFLCWLEEAIVRRVVTLPSKARFSFQEARSAWGNCDWIGSGRMAIDGLKEVQEAVMLIEAGLSTYEKECA
KRGDDYQEIFAQQVRETMERRAAGLKPPAWAAAAFESGLRQSTEEEKSDSRAA
;
_entity_poly.pdbx_strand_id   B,b,B1,b1,B2,b2,B3,b3,B4,b4,B5,b5
#
# COMPACT_ATOMS: atom_id res chain seq x y z
N GLN A 34 13.05 -23.77 38.90
CA GLN A 34 13.54 -22.75 37.98
C GLN A 34 14.20 -21.60 38.75
N LEU A 35 13.37 -20.80 39.42
CA LEU A 35 13.88 -19.69 40.20
C LEU A 35 14.73 -20.17 41.36
N ARG A 36 14.53 -21.40 41.83
CA ARG A 36 15.28 -21.92 42.97
C ARG A 36 16.77 -22.11 42.65
N SER A 37 17.16 -22.03 41.39
CA SER A 37 18.54 -22.22 41.00
C SER A 37 19.35 -20.93 41.02
N TRP A 38 18.76 -19.83 41.47
CA TRP A 38 19.41 -18.52 41.44
C TRP A 38 19.03 -17.77 42.71
N ASN A 39 19.97 -17.71 43.66
CA ASN A 39 19.76 -17.06 44.94
C ASN A 39 20.91 -16.11 45.22
N PRO A 40 20.91 -14.94 44.57
CA PRO A 40 21.98 -13.97 44.84
C PRO A 40 21.91 -13.47 46.25
N PRO A 41 23.04 -13.15 46.88
CA PRO A 41 23.04 -12.64 48.24
C PRO A 41 22.72 -11.15 48.27
N SER A 42 22.57 -10.64 49.49
CA SER A 42 22.30 -9.23 49.73
C SER A 42 23.47 -8.61 50.48
N GLU A 43 24.23 -7.76 49.79
CA GLU A 43 25.32 -7.01 50.39
C GLU A 43 25.18 -5.54 50.00
N SER A 44 25.87 -4.67 50.74
CA SER A 44 25.83 -3.24 50.45
C SER A 44 26.48 -2.96 49.09
N VAL A 45 26.13 -1.80 48.54
CA VAL A 45 26.62 -1.44 47.21
C VAL A 45 28.14 -1.40 47.18
N ASP A 46 28.75 -0.78 48.18
CA ASP A 46 30.20 -0.72 48.23
C ASP A 46 30.79 -2.13 48.33
N ALA A 47 30.18 -2.98 49.15
CA ALA A 47 30.68 -4.36 49.27
C ALA A 47 30.55 -5.11 47.95
N ALA A 48 29.55 -4.75 47.14
CA ALA A 48 29.34 -5.41 45.85
C ALA A 48 30.06 -4.73 44.70
N LEU A 49 30.74 -3.61 44.96
CA LEU A 49 31.41 -2.86 43.91
C LEU A 49 32.92 -2.82 44.07
N LEU A 50 33.40 -2.46 45.26
CA LEU A 50 34.84 -2.27 45.46
C LEU A 50 35.69 -3.50 45.14
N PRO A 51 35.31 -4.72 45.52
CA PRO A 51 36.19 -5.86 45.20
C PRO A 51 36.48 -6.02 43.72
N ASN A 52 35.53 -5.68 42.84
CA ASN A 52 35.74 -5.79 41.41
C ASN A 52 35.81 -4.43 40.74
N PHE A 53 36.06 -3.37 41.50
CA PHE A 53 36.06 -2.03 40.94
C PHE A 53 37.12 -1.86 39.86
N THR A 54 38.34 -2.31 40.15
CA THR A 54 39.43 -2.16 39.19
C THR A 54 39.14 -2.93 37.90
N ARG A 55 38.68 -4.17 38.04
CA ARG A 55 38.40 -4.97 36.86
C ARG A 55 37.26 -4.37 36.05
N GLY A 56 36.23 -3.85 36.73
CA GLY A 56 35.13 -3.22 36.01
C GLY A 56 35.58 -1.99 35.25
N ASN A 57 36.41 -1.15 35.88
CA ASN A 57 36.92 0.02 35.20
C ASN A 57 37.77 -0.38 34.00
N ALA A 58 38.61 -1.40 34.16
CA ALA A 58 39.44 -1.85 33.04
C ALA A 58 38.57 -2.35 31.90
N ARG A 59 37.53 -3.12 32.23
CA ARG A 59 36.65 -3.63 31.19
C ARG A 59 35.94 -2.49 30.47
N ALA A 60 35.47 -1.50 31.22
CA ALA A 60 34.82 -0.35 30.59
C ALA A 60 35.78 0.39 29.67
N ASP A 61 37.03 0.57 30.12
CA ASP A 61 38.01 1.26 29.28
C ASP A 61 38.28 0.47 28.01
N ASP A 62 38.41 -0.85 28.12
CA ASP A 62 38.61 -1.65 26.92
C ASP A 62 37.43 -1.51 25.98
N LEU A 63 36.21 -1.53 26.52
CA LEU A 63 35.03 -1.43 25.68
C LEU A 63 34.99 -0.10 24.94
N VAL A 64 35.28 1.00 25.64
CA VAL A 64 35.21 2.29 24.95
C VAL A 64 36.33 2.41 23.93
N ARG A 65 37.53 1.92 24.27
CA ARG A 65 38.64 2.07 23.34
C ARG A 65 38.44 1.25 22.07
N ASN A 66 37.96 0.01 22.20
CA ASN A 66 37.96 -0.88 21.06
C ASN A 66 36.62 -0.99 20.35
N ASN A 67 35.50 -0.87 21.06
CA ASN A 67 34.19 -1.05 20.47
C ASN A 67 33.69 0.26 19.88
N GLY A 68 33.13 0.20 18.68
CA GLY A 68 32.65 1.40 18.03
C GLY A 68 31.45 2.01 18.73
N TYR A 69 30.50 1.18 19.15
CA TYR A 69 29.27 1.71 19.75
C TYR A 69 29.56 2.43 21.06
N ALA A 70 30.47 1.91 21.87
CA ALA A 70 30.80 2.57 23.12
C ALA A 70 31.39 3.96 22.87
N ALA A 71 32.31 4.06 21.93
CA ALA A 71 32.87 5.35 21.59
C ALA A 71 31.81 6.29 21.05
N ASN A 72 30.90 5.77 20.22
CA ASN A 72 29.81 6.58 19.71
C ASN A 72 28.96 7.13 20.85
N ALA A 73 28.56 6.26 21.79
CA ALA A 73 27.71 6.69 22.89
C ALA A 73 28.40 7.73 23.75
N ILE A 74 29.69 7.53 24.02
CA ILE A 74 30.46 8.55 24.72
C ILE A 74 30.41 9.85 23.94
N GLN A 75 30.50 9.78 22.63
CA GLN A 75 30.54 10.99 21.83
C GLN A 75 29.21 11.75 21.91
N LEU A 76 28.09 11.04 21.84
CA LEU A 76 26.82 11.75 21.93
C LEU A 76 26.59 12.29 23.34
N HIS A 77 27.02 11.55 24.36
CA HIS A 77 26.99 12.12 25.70
C HIS A 77 27.76 13.43 25.73
N GLN A 78 28.96 13.43 25.14
CA GLN A 78 29.78 14.64 25.09
C GLN A 78 29.03 15.78 24.43
N ASP A 79 28.47 15.53 23.26
CA ASP A 79 27.88 16.60 22.47
C ASP A 79 26.61 17.13 23.12
N HIS A 80 25.77 16.26 23.65
CA HIS A 80 24.47 16.72 24.10
C HIS A 80 24.53 17.27 25.51
N ILE A 81 25.28 16.61 26.40
CA ILE A 81 25.32 17.07 27.79
C ILE A 81 25.94 18.46 27.85
N VAL A 82 27.04 18.66 27.14
CA VAL A 82 27.77 19.92 27.17
C VAL A 82 27.56 20.72 25.88
N GLY A 83 27.99 20.18 24.75
CA GLY A 83 27.88 20.88 23.49
C GLY A 83 29.14 21.61 23.11
N SER A 84 28.98 22.54 22.17
CA SER A 84 30.12 23.29 21.67
C SER A 84 30.69 24.20 22.74
N PHE A 85 29.84 24.70 23.63
CA PHE A 85 30.30 25.67 24.63
C PHE A 85 29.36 25.65 25.83
N PHE A 86 29.95 25.88 27.00
CA PHE A 86 29.24 25.91 28.28
C PHE A 86 29.40 27.32 28.85
N ARG A 87 28.34 28.12 28.78
CA ARG A 87 28.43 29.52 29.15
C ARG A 87 27.85 29.75 30.54
N LEU A 88 28.50 30.62 31.29
CA LEU A 88 28.09 30.94 32.64
C LEU A 88 27.00 32.00 32.64
N SER A 89 26.16 31.97 33.67
CA SER A 89 25.22 33.05 33.96
C SER A 89 25.19 33.22 35.46
N HIS A 90 25.64 34.37 35.94
CA HIS A 90 25.72 34.64 37.37
C HIS A 90 24.41 35.24 37.84
N ARG A 91 23.80 34.61 38.85
CA ARG A 91 22.52 35.04 39.39
C ARG A 91 22.65 35.18 40.90
N PRO A 92 23.32 36.24 41.37
CA PRO A 92 23.46 36.43 42.81
C PRO A 92 22.12 36.65 43.49
N SER A 93 22.00 36.15 44.71
CA SER A 93 20.77 36.30 45.49
C SER A 93 20.82 37.64 46.22
N TRP A 94 20.51 38.71 45.48
CA TRP A 94 20.53 40.04 46.06
C TRP A 94 19.52 40.17 47.19
N ARG A 95 18.38 39.50 47.07
CA ARG A 95 17.36 39.57 48.11
C ARG A 95 17.88 39.01 49.42
N TYR A 96 18.53 37.84 49.37
CA TYR A 96 19.10 37.27 50.58
C TYR A 96 20.18 38.18 51.15
N LEU A 97 21.03 38.73 50.30
CA LEU A 97 22.10 39.61 50.74
C LEU A 97 21.62 41.04 50.96
N GLY A 98 20.37 41.34 50.65
CA GLY A 98 19.87 42.70 50.82
C GLY A 98 20.59 43.71 49.97
N ILE A 99 20.79 43.40 48.69
CA ILE A 99 21.53 44.25 47.78
C ILE A 99 20.59 44.79 46.72
N GLY A 100 20.79 46.05 46.34
CA GLY A 100 20.01 46.61 45.25
C GLY A 100 20.17 45.78 43.99
N GLU A 101 19.03 45.49 43.34
CA GLU A 101 19.03 44.56 42.22
C GLU A 101 19.91 45.07 41.09
N GLU A 102 19.88 46.37 40.83
CA GLU A 102 20.75 46.94 39.80
C GLU A 102 22.23 46.77 40.17
N GLU A 103 22.55 46.92 41.45
CA GLU A 103 23.92 46.68 41.88
C GLU A 103 24.31 45.23 41.66
N ALA A 104 23.40 44.30 41.96
CA ALA A 104 23.67 42.89 41.70
C ALA A 104 23.89 42.64 40.21
N ARG A 105 23.08 43.29 39.37
CA ARG A 105 23.24 43.11 37.93
C ARG A 105 24.59 43.63 37.45
N ALA A 106 24.99 44.79 37.94
CA ALA A 106 26.30 45.34 37.57
C ALA A 106 27.42 44.42 38.04
N PHE A 107 27.30 43.89 39.27
CA PHE A 107 28.30 42.97 39.78
C PHE A 107 28.38 41.71 38.92
N SER A 108 27.23 41.17 38.53
CA SER A 108 27.22 39.97 37.70
C SER A 108 27.83 40.26 36.34
N ARG A 109 27.55 41.44 35.78
CA ARG A 109 28.16 41.81 34.51
C ARG A 109 29.67 41.86 34.64
N GLU A 110 30.18 42.46 35.72
CA GLU A 110 31.62 42.55 35.90
C GLU A 110 32.25 41.17 36.08
N VAL A 111 31.63 40.32 36.89
CA VAL A 111 32.23 39.01 37.12
C VAL A 111 32.19 38.17 35.85
N GLU A 112 31.13 38.30 35.06
CA GLU A 112 31.10 37.61 33.77
C GLU A 112 32.18 38.14 32.83
N ALA A 113 32.39 39.46 32.86
CA ALA A 113 33.42 40.06 32.02
C ALA A 113 34.79 39.49 32.36
N ALA A 114 35.08 39.37 33.65
CA ALA A 114 36.31 38.69 34.04
C ALA A 114 36.29 37.22 33.65
N TRP A 115 35.13 36.57 33.78
CA TRP A 115 35.08 35.13 33.69
C TRP A 115 35.36 34.64 32.28
N LYS A 116 34.69 35.20 31.27
CA LYS A 116 34.92 34.64 29.94
C LYS A 116 36.36 34.84 29.49
N GLU A 117 36.92 36.03 29.72
CA GLU A 117 38.30 36.24 29.34
C GLU A 117 39.25 35.37 30.16
N PHE A 118 38.86 34.95 31.35
CA PHE A 118 39.69 33.99 32.08
C PHE A 118 39.55 32.58 31.54
N ALA A 119 38.37 32.21 31.07
CA ALA A 119 38.04 30.81 30.82
C ALA A 119 38.60 30.31 29.49
N GLU A 120 38.27 31.00 28.40
CA GLU A 120 38.63 30.55 27.06
C GLU A 120 39.99 31.08 26.62
N ASP A 121 40.89 31.34 27.55
CA ASP A 121 42.21 31.82 27.20
C ASP A 121 42.93 30.82 26.29
N ASP A 122 43.63 31.35 25.31
CA ASP A 122 44.33 30.51 24.34
C ASP A 122 45.46 29.72 25.01
N CYS A 123 46.11 30.32 26.00
CA CYS A 123 47.25 29.69 26.65
C CYS A 123 46.89 28.44 27.43
N CYS A 124 45.59 28.19 27.65
CA CYS A 124 45.14 27.08 28.47
C CYS A 124 45.71 27.18 29.88
N CYS A 125 45.92 28.41 30.34
CA CYS A 125 46.52 28.64 31.64
C CYS A 125 45.64 28.16 32.79
N ILE A 126 44.34 28.02 32.56
CA ILE A 126 43.46 27.47 33.59
C ILE A 126 43.84 26.02 33.87
N ASP A 127 44.41 25.34 32.88
CA ASP A 127 44.85 23.97 33.06
C ASP A 127 46.31 23.95 33.47
N VAL A 128 46.60 23.21 34.52
CA VAL A 128 48.00 23.01 34.91
C VAL A 128 48.75 22.33 33.77
N GLU A 129 48.13 21.33 33.15
CA GLU A 129 48.79 20.56 32.12
C GLU A 129 48.79 21.27 30.76
N ARG A 130 47.94 22.28 30.60
CA ARG A 130 48.07 23.27 29.53
C ARG A 130 47.79 22.69 28.15
N LYS A 131 46.64 22.03 27.99
CA LYS A 131 46.09 21.78 26.66
C LYS A 131 44.58 21.85 26.62
N ARG A 132 43.90 21.96 27.75
CA ARG A 132 42.45 21.93 27.80
C ARG A 132 41.93 23.27 28.27
N THR A 133 40.99 23.84 27.53
CA THR A 133 40.26 24.98 28.04
C THR A 133 39.02 24.51 28.78
N PHE A 134 38.24 25.48 29.26
CA PHE A 134 37.14 25.16 30.17
C PHE A 134 36.12 24.24 29.52
N THR A 135 35.75 24.50 28.27
CA THR A 135 34.69 23.74 27.64
C THR A 135 35.05 22.26 27.54
N MET A 136 36.19 21.95 26.93
CA MET A 136 36.58 20.55 26.89
C MET A 136 37.03 20.05 28.25
N MET A 137 37.33 20.92 29.20
CA MET A 137 37.52 20.46 30.57
C MET A 137 36.24 19.81 31.09
N ILE A 138 35.11 20.51 30.94
CA ILE A 138 33.83 19.94 31.37
C ILE A 138 33.48 18.72 30.51
N ARG A 139 33.84 18.76 29.24
CA ARG A 139 33.56 17.61 28.37
C ARG A 139 34.31 16.37 28.83
N GLU A 140 35.60 16.53 29.12
CA GLU A 140 36.38 15.43 29.66
C GLU A 140 35.80 14.96 30.98
N GLY A 141 35.34 15.89 31.81
CA GLY A 141 34.75 15.51 33.08
C GLY A 141 33.51 14.66 32.90
N VAL A 142 32.61 15.07 32.00
CA VAL A 142 31.36 14.34 31.85
C VAL A 142 31.59 12.98 31.22
N ALA A 143 32.46 12.91 30.20
CA ALA A 143 32.77 11.60 29.63
C ALA A 143 33.45 10.70 30.65
N MET A 144 34.34 11.30 31.44
CA MET A 144 35.04 10.59 32.50
C MET A 144 34.07 9.99 33.50
N HIS A 145 33.10 10.78 33.94
CA HIS A 145 32.08 10.28 34.85
C HIS A 145 31.24 9.20 34.19
N ALA A 146 30.88 9.39 32.92
CA ALA A 146 30.02 8.42 32.25
C ALA A 146 30.70 7.07 32.14
N PHE A 147 31.96 7.05 31.75
CA PHE A 147 32.65 5.79 31.50
C PHE A 147 33.38 5.25 32.72
N ASN A 148 33.43 6.01 33.82
CA ASN A 148 34.04 5.50 35.04
C ASN A 148 33.18 5.65 36.28
N GLY A 149 32.09 6.40 36.23
CA GLY A 149 31.21 6.55 37.37
C GLY A 149 31.52 7.73 38.27
N GLU A 150 32.64 8.41 38.05
CA GLU A 150 33.02 9.52 38.92
C GLU A 150 34.06 10.36 38.21
N LEU A 151 34.39 11.50 38.83
CA LEU A 151 35.46 12.35 38.33
C LEU A 151 36.08 13.10 39.50
N PHE A 152 37.37 13.41 39.35
CA PHE A 152 38.15 14.06 40.39
C PHE A 152 38.90 15.23 39.80
N VAL A 153 38.76 16.40 40.42
CA VAL A 153 39.44 17.62 39.99
C VAL A 153 40.25 18.16 41.15
N GLN A 154 41.45 18.65 40.86
CA GLN A 154 42.31 19.26 41.86
C GLN A 154 42.58 20.70 41.47
N ALA A 155 42.33 21.61 42.39
CA ALA A 155 42.57 23.03 42.19
C ALA A 155 43.89 23.40 42.85
N THR A 156 44.82 23.92 42.07
CA THR A 156 46.15 24.26 42.54
C THR A 156 46.35 25.76 42.47
N TRP A 157 47.21 26.25 43.36
CA TRP A 157 47.54 27.67 43.43
C TRP A 157 48.92 27.85 42.81
N ASP A 158 48.96 28.33 41.58
CA ASP A 158 50.23 28.55 40.90
C ASP A 158 50.98 29.72 41.55
N THR A 159 52.30 29.70 41.39
CA THR A 159 53.16 30.76 41.89
C THR A 159 53.59 31.74 40.81
N SER A 160 53.35 31.42 39.53
CA SER A 160 53.78 32.30 38.45
C SER A 160 52.91 33.54 38.40
N SER A 161 53.55 34.70 38.32
CA SER A 161 52.85 35.97 38.25
C SER A 161 52.54 36.40 36.82
N SER A 162 52.90 35.57 35.84
CA SER A 162 52.66 35.91 34.44
C SER A 162 51.18 36.09 34.13
N ARG A 163 50.31 35.51 34.93
CA ARG A 163 48.87 35.62 34.75
C ARG A 163 48.25 36.30 35.97
N LEU A 164 47.15 37.00 35.74
CA LEU A 164 46.44 37.63 36.85
C LEU A 164 45.90 36.59 37.81
N PHE A 165 45.38 35.49 37.29
CA PHE A 165 44.81 34.43 38.11
C PHE A 165 45.80 33.27 38.21
N ARG A 166 46.12 32.88 39.43
CA ARG A 166 47.05 31.79 39.68
C ARG A 166 46.34 30.48 40.02
N THR A 167 45.02 30.44 39.91
CA THR A 167 44.26 29.23 40.20
C THR A 167 44.20 28.38 38.94
N GLN A 168 44.67 27.15 39.04
CA GLN A 168 44.68 26.22 37.91
C GLN A 168 43.98 24.94 38.33
N PHE A 169 43.63 24.12 37.35
CA PHE A 169 42.88 22.90 37.59
C PHE A 169 43.52 21.73 36.85
N ARG A 170 43.49 20.57 37.47
CA ARG A 170 44.00 19.36 36.83
C ARG A 170 43.11 18.17 37.20
N MET A 171 42.77 17.36 36.20
CA MET A 171 41.95 16.18 36.43
C MET A 171 42.80 15.04 36.97
N VAL A 172 42.17 14.17 37.76
CA VAL A 172 42.82 12.99 38.31
C VAL A 172 42.01 11.77 37.89
N SER A 173 42.66 10.84 37.21
CA SER A 173 41.98 9.63 36.80
C SER A 173 41.61 8.79 38.02
N PRO A 174 40.47 8.10 38.02
CA PRO A 174 40.09 7.30 39.18
C PRO A 174 41.08 6.20 39.48
N LYS A 175 41.74 5.67 38.45
CA LYS A 175 42.74 4.63 38.65
C LYS A 175 43.93 5.14 39.45
N ARG A 176 44.10 6.45 39.55
CA ARG A 176 45.14 7.01 40.39
C ARG A 176 44.69 7.18 41.84
N ILE A 177 43.44 6.85 42.15
CA ILE A 177 42.93 6.91 43.51
C ILE A 177 42.86 5.50 44.04
N SER A 178 43.74 5.18 45.00
CA SER A 178 43.78 3.83 45.56
C SER A 178 44.43 3.89 46.92
N ASN A 179 44.25 2.83 47.70
CA ASN A 179 44.88 2.76 49.01
C ASN A 179 46.39 2.77 48.83
N PRO A 180 47.12 3.46 49.71
CA PRO A 180 48.59 3.42 49.62
C PRO A 180 49.11 2.00 49.76
N ASN A 181 50.12 1.68 48.98
CA ASN A 181 50.75 0.36 48.97
C ASN A 181 49.75 -0.75 48.66
N ASN A 182 48.62 -0.41 48.05
CA ASN A 182 47.59 -1.37 47.67
C ASN A 182 47.12 -2.19 48.86
N THR A 183 47.10 -1.58 50.03
CA THR A 183 46.65 -2.28 51.23
C THR A 183 45.14 -2.49 51.18
N GLY A 184 44.67 -3.50 51.90
CA GLY A 184 43.25 -3.78 51.93
C GLY A 184 42.47 -2.66 52.59
N ASP A 185 41.25 -2.46 52.12
CA ASP A 185 40.41 -1.40 52.65
C ASP A 185 40.03 -1.68 54.10
N SER A 186 39.81 -0.61 54.84
CA SER A 186 39.46 -0.69 56.26
C SER A 186 38.07 -0.08 56.46
N ARG A 187 37.69 0.08 57.73
CA ARG A 187 36.41 0.69 58.05
C ARG A 187 36.36 2.13 57.57
N ASN A 188 37.45 2.88 57.74
CA ASN A 188 37.48 4.28 57.36
C ASN A 188 38.26 4.56 56.09
N CYS A 189 39.21 3.70 55.72
CA CYS A 189 39.98 3.86 54.50
C CYS A 189 39.49 2.84 53.48
N ARG A 190 38.87 3.33 52.41
CA ARG A 190 38.31 2.46 51.38
C ARG A 190 38.64 3.03 50.02
N ALA A 191 39.31 2.22 49.19
CA ALA A 191 39.57 2.56 47.79
C ALA A 191 40.27 3.91 47.67
N GLY A 192 41.21 4.17 48.57
CA GLY A 192 41.99 5.39 48.52
C GLY A 192 41.34 6.60 49.14
N VAL A 193 40.12 6.47 49.66
CA VAL A 193 39.44 7.59 50.30
C VAL A 193 39.41 7.33 51.80
N GLN A 194 39.38 8.42 52.55
CA GLN A 194 39.28 8.37 54.00
C GLN A 194 37.94 8.94 54.41
N ILE A 195 37.22 8.22 55.27
CA ILE A 195 35.90 8.64 55.70
C ILE A 195 35.92 8.86 57.20
N ASN A 196 34.99 9.68 57.66
CA ASN A 196 34.83 9.93 59.08
C ASN A 196 33.82 8.94 59.65
N ASP A 197 33.35 9.19 60.88
CA ASP A 197 32.33 8.34 61.46
C ASP A 197 31.06 8.33 60.61
N SER A 198 30.65 9.49 60.12
CA SER A 198 29.46 9.62 59.30
C SER A 198 29.70 9.22 57.86
N GLY A 199 30.94 8.92 57.49
CA GLY A 199 31.26 8.56 56.12
C GLY A 199 31.69 9.71 55.24
N ALA A 200 31.66 10.93 55.74
CA ALA A 200 32.06 12.08 54.94
C ALA A 200 33.53 11.95 54.54
N ALA A 201 33.82 12.35 53.31
CA ALA A 201 35.17 12.22 52.74
C ALA A 201 36.08 13.25 53.38
N LEU A 202 36.96 12.80 54.27
CA LEU A 202 37.94 13.69 54.88
C LEU A 202 39.09 13.99 53.93
N GLY A 203 39.50 13.01 53.14
CA GLY A 203 40.62 13.21 52.24
C GLY A 203 40.74 12.03 51.30
N TYR A 204 41.79 12.08 50.48
CA TYR A 204 41.98 11.09 49.43
C TYR A 204 43.45 10.69 49.37
N TYR A 205 43.69 9.51 48.80
CA TYR A 205 45.04 9.02 48.52
C TYR A 205 45.18 8.91 47.02
N VAL A 206 46.04 9.73 46.43
CA VAL A 206 46.22 9.80 44.98
C VAL A 206 47.57 9.19 44.64
N SER A 207 47.56 8.23 43.72
CA SER A 207 48.79 7.59 43.28
C SER A 207 49.36 8.33 42.09
N GLU A 208 50.68 8.42 42.05
CA GLU A 208 51.35 9.06 40.93
C GLU A 208 51.25 8.19 39.69
N ASP A 209 51.70 8.74 38.57
CA ASP A 209 51.71 7.99 37.31
C ASP A 209 52.68 6.83 37.38
N GLY A 210 52.28 5.69 36.85
CA GLY A 210 53.10 4.50 36.82
C GLY A 210 53.72 4.16 35.48
N TYR A 211 53.74 5.09 34.53
CA TYR A 211 54.30 4.82 33.22
C TYR A 211 55.65 5.49 33.06
N PRO A 212 56.67 4.76 32.60
CA PRO A 212 56.68 3.34 32.26
C PRO A 212 56.65 2.51 33.53
N GLY A 213 56.36 1.22 33.47
CA GLY A 213 56.11 0.44 34.67
C GLY A 213 57.34 0.10 35.49
N TRP A 214 58.38 0.92 35.39
CA TRP A 214 59.64 0.64 36.06
C TRP A 214 59.82 1.39 37.39
N MET A 215 58.81 2.10 37.87
CA MET A 215 59.01 2.73 39.16
C MET A 215 57.91 2.32 40.13
N PRO A 216 58.17 2.35 41.44
CA PRO A 216 57.11 2.06 42.40
C PRO A 216 56.21 3.27 42.59
N GLN A 217 54.91 3.01 42.63
CA GLN A 217 53.93 4.07 42.80
C GLN A 217 54.02 4.65 44.21
N LYS A 218 53.78 5.94 44.32
CA LYS A 218 53.83 6.65 45.59
C LYS A 218 52.52 7.41 45.75
N TRP A 219 51.89 7.23 46.91
CA TRP A 219 50.57 7.78 47.20
C TRP A 219 50.69 9.04 48.02
N THR A 220 49.89 10.04 47.69
CA THR A 220 49.86 11.32 48.38
C THR A 220 48.52 11.53 49.05
N TRP A 221 48.56 12.05 50.27
CA TRP A 221 47.34 12.39 51.01
C TRP A 221 46.91 13.80 50.63
N ILE A 222 45.68 13.94 50.16
CA ILE A 222 45.12 15.22 49.76
C ILE A 222 43.87 15.48 50.59
N PRO A 223 43.86 16.52 51.43
CA PRO A 223 42.63 16.87 52.13
C PRO A 223 41.56 17.28 51.14
N ARG A 224 40.30 16.98 51.48
CA ARG A 224 39.19 17.28 50.58
C ARG A 224 39.07 18.77 50.33
N GLU A 225 39.18 19.57 51.38
CA GLU A 225 39.05 21.02 51.25
C GLU A 225 40.11 21.69 52.10
N LEU A 226 40.41 22.94 51.74
CA LEU A 226 41.40 23.72 52.46
C LEU A 226 40.86 24.12 53.83
N PRO A 227 41.75 24.46 54.76
CA PRO A 227 41.29 24.90 56.09
C PRO A 227 40.36 26.10 56.03
N GLY A 228 40.53 26.98 55.05
CA GLY A 228 39.66 28.13 54.91
C GLY A 228 38.34 27.84 54.24
N GLY A 229 38.02 26.57 53.99
CA GLY A 229 36.81 26.20 53.32
C GLY A 229 36.90 26.18 51.81
N ARG A 230 38.03 26.60 51.25
CA ARG A 230 38.22 26.54 49.81
C ARG A 230 38.31 25.09 49.36
N ALA A 231 37.64 24.77 48.25
CA ALA A 231 37.59 23.40 47.76
C ALA A 231 38.89 23.02 47.07
N SER A 232 39.83 22.44 47.82
CA SER A 232 41.09 22.02 47.23
C SER A 232 40.87 20.87 46.26
N PHE A 233 40.05 19.89 46.63
CA PHE A 233 39.82 18.70 45.82
C PHE A 233 38.32 18.49 45.67
N ILE A 234 37.87 18.21 44.46
CA ILE A 234 36.46 18.03 44.15
C ILE A 234 36.26 16.63 43.60
N HIS A 235 35.33 15.90 44.20
CA HIS A 235 34.93 14.58 43.75
C HIS A 235 33.47 14.63 43.37
N VAL A 236 33.16 14.36 42.10
CA VAL A 236 31.79 14.45 41.60
C VAL A 236 31.37 13.09 41.08
N PHE A 237 30.26 12.59 41.59
CA PHE A 237 29.69 11.33 41.13
C PHE A 237 28.26 11.26 41.64
N GLU A 238 27.53 10.25 41.15
CA GLU A 238 26.14 10.07 41.52
C GLU A 238 26.03 8.84 42.41
N PRO A 239 25.68 9.00 43.68
CA PRO A 239 25.49 7.85 44.56
C PRO A 239 24.05 7.38 44.62
N VAL A 240 23.88 6.08 44.76
CA VAL A 240 22.55 5.48 44.78
C VAL A 240 22.09 5.07 46.16
N GLU A 241 22.99 5.05 47.15
CA GLU A 241 22.62 4.67 48.51
C GLU A 241 23.68 5.21 49.46
N ASP A 242 23.34 5.23 50.75
CA ASP A 242 24.27 5.70 51.76
C ASP A 242 25.51 4.83 51.79
N GLY A 243 26.66 5.46 52.00
CA GLY A 243 27.92 4.76 52.16
C GLY A 243 28.65 4.44 50.88
N GLN A 244 28.08 4.74 49.72
CA GLN A 244 28.76 4.50 48.46
C GLN A 244 29.88 5.53 48.31
N THR A 245 31.12 5.07 48.25
CA THR A 245 32.26 5.96 48.18
C THR A 245 32.79 6.15 46.77
N ARG A 246 32.53 5.21 45.87
CA ARG A 246 32.98 5.32 44.49
C ARG A 246 31.80 5.12 43.57
N GLY A 247 31.73 5.92 42.51
CA GLY A 247 30.68 5.77 41.53
C GLY A 247 30.87 4.53 40.69
N ALA A 248 29.77 4.09 40.09
CA ALA A 248 29.75 2.93 39.21
C ALA A 248 29.47 3.37 37.80
N ASN A 249 30.33 2.98 36.87
CA ASN A 249 30.14 3.33 35.47
C ASN A 249 28.86 2.70 34.94
N VAL A 250 28.21 3.40 34.01
CA VAL A 250 26.98 2.87 33.43
C VAL A 250 27.26 1.60 32.64
N PHE A 251 28.39 1.54 31.94
CA PHE A 251 28.73 0.37 31.14
C PHE A 251 28.65 -0.92 31.94
N TYR A 252 28.80 -0.83 33.27
CA TYR A 252 28.72 -1.99 34.14
C TYR A 252 27.43 -2.78 33.97
N SER A 253 26.46 -2.27 33.23
CA SER A 253 25.20 -2.97 33.07
C SER A 253 25.10 -3.80 31.80
N VAL A 254 25.93 -3.54 30.80
CA VAL A 254 25.63 -4.09 29.48
C VAL A 254 26.82 -4.73 28.78
N MET A 255 27.89 -5.05 29.50
CA MET A 255 29.09 -5.55 28.82
C MET A 255 28.79 -6.82 28.04
N GLU A 256 28.21 -7.82 28.71
CA GLU A 256 28.05 -9.12 28.06
C GLU A 256 27.08 -9.03 26.88
N GLN A 257 26.20 -8.03 26.86
CA GLN A 257 25.44 -7.81 25.63
C GLN A 257 26.35 -7.38 24.48
N MET A 258 27.30 -6.48 24.75
CA MET A 258 28.26 -6.12 23.70
C MET A 258 29.03 -7.34 23.24
N LYS A 259 29.39 -8.22 24.18
CA LYS A 259 30.14 -9.40 23.78
C LYS A 259 29.31 -10.37 22.96
N MET A 260 28.05 -10.59 23.33
CA MET A 260 27.21 -11.41 22.47
C MET A 260 27.04 -10.76 21.11
N LEU A 261 26.98 -9.44 21.06
CA LEU A 261 26.87 -8.76 19.78
C LEU A 261 28.10 -9.01 18.91
N ASP A 262 29.29 -8.89 19.50
CA ASP A 262 30.51 -9.13 18.75
C ASP A 262 30.57 -10.57 18.26
N THR A 263 30.28 -11.52 19.15
CA THR A 263 30.29 -12.92 18.75
C THR A 263 29.28 -13.17 17.65
N LEU A 264 28.16 -12.45 17.68
CA LEU A 264 27.19 -12.55 16.60
C LEU A 264 27.80 -12.11 15.28
N GLN A 265 28.55 -11.00 15.30
CA GLN A 265 29.23 -10.58 14.08
C GLN A 265 30.19 -11.64 13.58
N ASN A 266 31.03 -12.18 14.46
CA ASN A 266 32.00 -13.18 13.99
C ASN A 266 31.30 -14.43 13.47
N THR A 267 30.26 -14.89 14.16
CA THR A 267 29.60 -16.11 13.71
C THR A 267 28.82 -15.87 12.43
N GLN A 268 28.29 -14.67 12.23
CA GLN A 268 27.62 -14.38 10.97
C GLN A 268 28.62 -14.34 9.83
N LEU A 269 29.81 -13.77 10.08
CA LEU A 269 30.87 -13.83 9.08
C LEU A 269 31.25 -15.26 8.77
N GLN A 270 31.34 -16.10 9.80
CA GLN A 270 31.69 -17.50 9.58
C GLN A 270 30.62 -18.19 8.75
N SER A 271 29.36 -17.90 9.03
CA SER A 271 28.27 -18.45 8.23
C SER A 271 28.39 -18.00 6.78
N ALA A 272 28.69 -16.73 6.55
CA ALA A 272 28.86 -16.25 5.19
C ALA A 272 30.00 -16.96 4.50
N ILE A 273 31.10 -17.20 5.22
CA ILE A 273 32.23 -17.93 4.67
C ILE A 273 31.79 -19.33 4.26
N VAL A 274 31.12 -20.04 5.16
CA VAL A 274 30.79 -21.43 4.90
C VAL A 274 29.70 -21.56 3.84
N LYS A 275 28.88 -20.53 3.66
CA LYS A 275 27.83 -20.59 2.66
C LYS A 275 28.35 -20.49 1.24
N ALA A 276 29.61 -20.06 1.08
CA ALA A 276 30.21 -19.92 -0.23
C ALA A 276 31.34 -20.92 -0.42
N MET A 277 31.21 -22.09 0.21
CA MET A 277 32.27 -23.08 0.21
C MET A 277 31.89 -24.24 -0.71
N TYR A 278 32.84 -24.64 -1.56
CA TYR A 278 32.58 -25.56 -2.65
C TYR A 278 33.46 -26.79 -2.48
N ALA A 279 32.84 -27.97 -2.47
CA ALA A 279 33.55 -29.23 -2.35
C ALA A 279 33.26 -30.10 -3.56
N ALA A 280 34.32 -30.61 -4.18
CA ALA A 280 34.19 -31.51 -5.31
C ALA A 280 35.43 -32.39 -5.38
N THR A 281 35.24 -33.66 -5.75
CA THR A 281 36.35 -34.59 -5.79
C THR A 281 36.05 -35.70 -6.79
N ILE A 282 37.12 -36.41 -7.16
CA ILE A 282 37.04 -37.56 -8.05
C ILE A 282 37.30 -38.79 -7.20
N GLU A 283 36.36 -39.74 -7.24
CA GLU A 283 36.46 -40.93 -6.42
C GLU A 283 35.79 -42.09 -7.14
N SER A 284 36.15 -43.30 -6.71
CA SER A 284 35.53 -44.51 -7.25
C SER A 284 34.79 -45.22 -6.13
N GLU A 285 34.28 -46.41 -6.40
CA GLU A 285 33.53 -47.17 -5.40
C GLU A 285 34.31 -48.41 -4.94
N LEU A 286 34.66 -49.31 -5.86
CA LEU A 286 35.32 -50.57 -5.54
C LEU A 286 34.84 -51.15 -4.22
N ASP A 287 35.77 -51.56 -3.37
CA ASP A 287 35.49 -51.95 -1.99
C ASP A 287 34.32 -52.92 -1.91
N THR A 288 34.52 -54.10 -2.49
CA THR A 288 33.43 -55.06 -2.63
C THR A 288 33.19 -55.83 -1.34
N GLN A 289 33.03 -55.11 -0.22
CA GLN A 289 32.72 -55.72 1.06
C GLN A 289 33.63 -56.89 1.39
N SER A 290 33.15 -58.11 1.15
CA SER A 290 33.96 -59.29 1.42
C SER A 290 35.20 -59.30 0.54
N ALA A 291 35.04 -58.99 -0.75
CA ALA A 291 36.20 -58.87 -1.61
C ALA A 291 37.07 -57.68 -1.23
N MET A 292 36.47 -56.66 -0.63
CA MET A 292 37.28 -55.57 -0.09
C MET A 292 38.19 -56.07 1.03
N ASP A 293 37.65 -56.90 1.92
CA ASP A 293 38.47 -57.46 2.99
C ASP A 293 39.52 -58.42 2.43
N PHE A 294 39.17 -59.18 1.40
CA PHE A 294 40.14 -60.06 0.77
C PHE A 294 41.28 -59.26 0.15
N ILE A 295 40.95 -58.16 -0.53
CA ILE A 295 41.98 -57.30 -1.09
C ILE A 295 42.83 -56.67 0.01
N LEU A 296 42.19 -56.31 1.13
CA LEU A 296 42.94 -55.79 2.28
C LEU A 296 43.95 -56.82 2.78
N GLY A 297 43.51 -58.06 2.92
CA GLY A 297 44.40 -59.12 3.37
C GLY A 297 45.54 -59.35 2.38
N ALA A 298 45.22 -59.37 1.09
CA ALA A 298 46.25 -59.58 0.08
C ALA A 298 47.27 -58.45 0.09
N ASN A 299 46.80 -57.20 0.14
CA ASN A 299 47.71 -56.06 0.15
C ASN A 299 48.57 -56.06 1.40
N SER A 300 47.98 -56.37 2.56
CA SER A 300 48.77 -56.43 3.79
C SER A 300 49.83 -57.51 3.69
N GLN A 301 49.45 -58.72 3.26
CA GLN A 301 50.40 -59.81 3.17
C GLN A 301 51.48 -59.55 2.13
N GLU A 302 51.11 -59.55 0.85
CA GLU A 302 52.11 -59.36 -0.20
C GLU A 302 51.64 -58.60 -1.42
N GLN A 303 50.41 -58.09 -1.46
CA GLN A 303 49.88 -57.58 -2.73
C GLN A 303 49.55 -56.11 -2.70
N ARG A 304 50.46 -55.29 -2.17
CA ARG A 304 50.34 -53.85 -2.32
C ARG A 304 50.58 -53.41 -3.76
N GLU A 305 51.06 -54.31 -4.61
CA GLU A 305 51.32 -53.96 -6.01
C GLU A 305 50.05 -53.53 -6.71
N ARG A 306 48.90 -54.13 -6.35
CA ARG A 306 47.64 -53.71 -6.95
C ARG A 306 47.37 -52.24 -6.70
N LEU A 307 47.47 -51.83 -5.44
CA LEU A 307 47.16 -50.44 -5.09
C LEU A 307 48.13 -49.48 -5.73
N THR A 308 49.43 -49.80 -5.68
CA THR A 308 50.43 -48.91 -6.26
C THR A 308 50.25 -48.79 -7.77
N GLY A 309 50.01 -49.92 -8.45
CA GLY A 309 49.81 -49.88 -9.89
C GLY A 309 48.56 -49.11 -10.28
N TRP A 310 47.46 -49.31 -9.55
CA TRP A 310 46.25 -48.55 -9.83
C TRP A 310 46.46 -47.07 -9.60
N ILE A 311 47.17 -46.71 -8.52
CA ILE A 311 47.44 -45.30 -8.25
C ILE A 311 48.28 -44.70 -9.37
N GLY A 312 49.31 -45.43 -9.81
CA GLY A 312 50.13 -44.92 -10.90
C GLY A 312 49.36 -44.75 -12.19
N GLU A 313 48.54 -45.74 -12.54
CA GLU A 313 47.75 -45.64 -13.76
C GLU A 313 46.77 -44.48 -13.69
N ILE A 314 46.10 -44.32 -12.55
CA ILE A 314 45.16 -43.22 -12.37
C ILE A 314 45.86 -41.89 -12.48
N ALA A 315 47.03 -41.78 -11.83
CA ALA A 315 47.79 -40.54 -11.89
C ALA A 315 48.21 -40.22 -13.31
N ALA A 316 48.66 -41.22 -14.06
CA ALA A 316 49.06 -40.99 -15.45
C ALA A 316 47.87 -40.55 -16.29
N TYR A 317 46.73 -41.22 -16.12
CA TYR A 317 45.55 -40.86 -16.90
C TYR A 317 45.09 -39.45 -16.57
N TYR A 318 45.07 -39.08 -15.30
CA TYR A 318 44.58 -37.76 -14.95
C TYR A 318 45.62 -36.67 -15.17
N ALA A 319 46.89 -37.04 -15.31
CA ALA A 319 47.89 -36.08 -15.78
C ALA A 319 47.80 -35.88 -17.28
N ALA A 320 47.29 -36.89 -17.99
CA ALA A 320 46.92 -36.69 -19.40
C ALA A 320 45.61 -35.92 -19.54
N ALA A 321 44.74 -36.03 -18.54
CA ALA A 321 43.39 -35.48 -18.57
C ALA A 321 43.30 -33.99 -18.23
N PRO A 322 44.07 -33.49 -17.23
CA PRO A 322 43.60 -32.36 -16.43
C PRO A 322 42.11 -32.07 -16.51
N VAL A 323 41.33 -32.79 -15.70
CA VAL A 323 39.91 -32.47 -15.52
C VAL A 323 39.86 -31.44 -14.40
N ARG A 324 39.66 -30.19 -14.78
CA ARG A 324 39.65 -29.07 -13.85
C ARG A 324 38.25 -28.49 -13.80
N LEU A 325 37.72 -28.31 -12.59
CA LEU A 325 36.47 -27.58 -12.45
C LEU A 325 36.66 -26.15 -12.93
N GLY A 326 37.71 -25.48 -12.46
CA GLY A 326 38.04 -24.13 -12.86
C GLY A 326 39.52 -24.02 -13.09
N GLY A 327 40.16 -23.06 -12.43
CA GLY A 327 41.60 -22.99 -12.50
C GLY A 327 42.31 -23.96 -11.60
N ALA A 328 41.58 -24.85 -10.93
CA ALA A 328 42.16 -25.76 -9.95
C ALA A 328 41.93 -27.20 -10.39
N LYS A 329 42.81 -28.06 -9.93
CA LYS A 329 42.75 -29.49 -10.22
C LYS A 329 41.88 -30.18 -9.18
N VAL A 330 40.90 -30.93 -9.67
CA VAL A 330 40.00 -31.66 -8.76
C VAL A 330 40.77 -32.79 -8.10
N PRO A 331 40.77 -32.88 -6.77
CA PRO A 331 41.54 -33.93 -6.09
C PRO A 331 40.93 -35.30 -6.31
N HIS A 332 41.73 -36.32 -6.01
CA HIS A 332 41.32 -37.71 -6.13
C HIS A 332 41.34 -38.40 -4.78
N LEU A 333 40.48 -39.40 -4.63
CA LEU A 333 40.28 -40.10 -3.38
C LEU A 333 40.54 -41.59 -3.56
N MET A 334 40.67 -42.29 -2.44
CA MET A 334 40.79 -43.74 -2.46
C MET A 334 39.48 -44.38 -2.86
N PRO A 335 39.52 -45.57 -3.44
CA PRO A 335 38.29 -46.31 -3.72
C PRO A 335 37.52 -46.57 -2.43
N GLY A 336 36.20 -46.44 -2.51
CA GLY A 336 35.36 -46.61 -1.36
C GLY A 336 35.31 -45.42 -0.42
N ASP A 337 35.99 -44.33 -0.74
CA ASP A 337 36.02 -43.15 0.11
C ASP A 337 35.35 -42.00 -0.62
N SER A 338 34.36 -41.39 0.02
CA SER A 338 33.62 -40.28 -0.56
C SER A 338 33.45 -39.20 0.49
N LEU A 339 33.70 -37.95 0.09
CA LEU A 339 33.52 -36.85 1.01
C LEU A 339 32.04 -36.66 1.33
N ASN A 340 31.75 -36.44 2.61
CA ASN A 340 30.37 -36.29 3.08
C ASN A 340 30.35 -35.14 4.07
N LEU A 341 30.07 -33.94 3.58
CA LEU A 341 30.02 -32.74 4.42
C LEU A 341 28.57 -32.40 4.74
N GLN A 342 27.92 -33.31 5.46
CA GLN A 342 26.59 -33.03 5.96
C GLN A 342 26.65 -31.90 6.97
N THR A 343 25.57 -31.14 7.07
CA THR A 343 25.57 -29.90 7.82
C THR A 343 24.35 -29.84 8.75
N ALA A 344 24.24 -28.71 9.43
CA ALA A 344 23.24 -28.49 10.47
C ALA A 344 21.99 -27.86 9.86
N GLN A 345 21.15 -27.25 10.70
CA GLN A 345 19.91 -26.61 10.26
C GLN A 345 20.13 -25.77 9.01
N ASP A 346 19.09 -25.69 8.18
CA ASP A 346 19.21 -25.11 6.84
C ASP A 346 18.13 -24.05 6.62
N THR A 347 17.95 -23.18 7.60
CA THR A 347 16.98 -22.08 7.50
C THR A 347 17.68 -20.75 7.74
N ASP A 348 16.87 -19.70 7.85
CA ASP A 348 17.41 -18.37 8.09
C ASP A 348 17.82 -18.21 9.55
N ASN A 349 18.95 -17.54 9.77
CA ASN A 349 19.49 -17.37 11.11
C ASN A 349 18.80 -16.27 11.91
N GLY A 350 17.95 -15.47 11.27
CA GLY A 350 17.31 -14.37 11.98
C GLY A 350 18.28 -13.33 12.49
N TYR A 351 19.30 -13.01 11.69
CA TYR A 351 20.35 -12.09 12.14
C TYR A 351 19.81 -10.69 12.38
N SER A 352 18.97 -10.21 11.47
CA SER A 352 18.55 -8.81 11.51
C SER A 352 17.77 -8.51 12.78
N VAL A 353 16.73 -9.29 13.05
CA VAL A 353 15.87 -9.00 14.19
C VAL A 353 16.64 -9.14 15.49
N PHE A 354 17.49 -10.17 15.58
CA PHE A 354 18.27 -10.36 16.81
C PHE A 354 19.21 -9.19 17.03
N GLU A 355 19.89 -8.73 15.97
CA GLU A 355 20.80 -7.61 16.12
C GLU A 355 20.04 -6.36 16.54
N GLN A 356 18.86 -6.14 15.96
CA GLN A 356 18.03 -5.03 16.42
C GLN A 356 17.73 -5.16 17.90
N SER A 357 17.44 -6.37 18.36
CA SER A 357 17.09 -6.58 19.75
C SER A 357 18.26 -6.22 20.67
N LEU A 358 19.45 -6.74 20.38
CA LEU A 358 20.60 -6.39 21.20
C LEU A 358 20.91 -4.89 21.13
N LEU A 359 20.81 -4.29 19.96
CA LEU A 359 21.10 -2.87 19.85
C LEU A 359 20.14 -2.05 20.70
N ARG A 360 18.86 -2.42 20.67
CA ARG A 360 17.88 -1.73 21.51
C ARG A 360 18.18 -1.97 22.98
N TYR A 361 18.63 -3.17 23.34
CA TYR A 361 19.03 -3.43 24.71
C TYR A 361 20.14 -2.49 25.13
N ILE A 362 21.16 -2.34 24.28
CA ILE A 362 22.28 -1.47 24.62
C ILE A 362 21.79 -0.05 24.80
N ALA A 363 20.95 0.43 23.88
CA ALA A 363 20.45 1.79 23.99
C ALA A 363 19.66 1.98 25.28
N ALA A 364 18.81 1.01 25.63
CA ALA A 364 18.04 1.12 26.86
C ALA A 364 18.94 1.17 28.07
N GLY A 365 19.96 0.32 28.11
CA GLY A 365 20.86 0.32 29.25
C GLY A 365 21.77 1.52 29.31
N LEU A 366 21.97 2.19 28.18
CA LEU A 366 22.90 3.31 28.10
C LEU A 366 22.22 4.66 28.20
N GLY A 367 20.89 4.68 28.29
CA GLY A 367 20.17 5.92 28.50
C GLY A 367 19.85 6.72 27.26
N VAL A 368 20.35 6.30 26.09
CA VAL A 368 20.04 6.98 24.84
C VAL A 368 19.02 6.15 24.09
N SER A 369 18.47 6.73 23.03
CA SER A 369 17.48 5.98 22.27
C SER A 369 18.17 5.22 21.14
N TYR A 370 17.38 4.41 20.44
CA TYR A 370 17.95 3.40 19.55
C TYR A 370 18.53 4.01 18.28
N GLU A 371 17.89 5.04 17.75
CA GLU A 371 18.18 5.50 16.40
C GLU A 371 19.30 6.52 16.34
N GLN A 372 19.92 6.84 17.46
CA GLN A 372 21.13 7.65 17.42
C GLN A 372 22.36 6.88 17.84
N LEU A 373 22.24 5.96 18.81
CA LEU A 373 23.34 5.08 19.12
C LEU A 373 23.68 4.19 17.94
N SER A 374 22.66 3.61 17.32
CA SER A 374 22.83 2.75 16.16
C SER A 374 22.61 3.47 14.84
N ARG A 375 22.27 4.75 14.89
CA ARG A 375 21.85 5.53 13.72
C ARG A 375 21.02 4.69 12.76
N ASN A 376 20.06 3.97 13.35
CA ASN A 376 19.07 3.20 12.61
C ASN A 376 17.82 4.06 12.48
N TYR A 377 17.74 4.80 11.38
CA TYR A 377 16.66 5.75 11.15
C TYR A 377 15.62 5.21 10.19
N ALA A 378 15.63 3.91 9.93
CA ALA A 378 14.75 3.33 8.93
C ALA A 378 13.29 3.50 9.33
N GLN A 379 12.44 3.70 8.31
CA GLN A 379 10.97 3.73 8.41
C GLN A 379 10.49 4.62 9.57
N MET A 380 11.31 5.55 10.01
CA MET A 380 11.03 6.27 11.25
C MET A 380 10.07 7.40 10.93
N SER A 381 8.93 7.43 11.61
CA SER A 381 7.93 8.47 11.42
C SER A 381 8.46 9.80 11.95
N TYR A 382 7.60 10.82 11.98
CA TYR A 382 8.03 12.13 12.47
C TYR A 382 7.75 12.29 13.96
N SER A 383 6.47 12.22 14.34
CA SER A 383 6.09 12.53 15.72
C SER A 383 6.77 11.58 16.69
N THR A 384 6.83 10.30 16.36
CA THR A 384 7.44 9.34 17.26
C THR A 384 8.92 9.64 17.44
N ALA A 385 9.58 10.09 16.38
CA ALA A 385 10.97 10.51 16.50
C ALA A 385 11.10 11.70 17.44
N ARG A 386 10.14 12.63 17.37
CA ARG A 386 10.14 13.73 18.31
C ARG A 386 10.02 13.24 19.74
N ALA A 387 9.14 12.26 19.98
CA ALA A 387 9.00 11.73 21.33
C ALA A 387 10.29 11.08 21.82
N SER A 388 10.94 10.30 20.96
CA SER A 388 12.17 9.64 21.35
C SER A 388 13.25 10.67 21.67
N ALA A 389 13.44 11.65 20.79
CA ALA A 389 14.41 12.70 21.05
C ALA A 389 14.07 13.46 22.33
N ASN A 390 12.77 13.65 22.60
CA ASN A 390 12.37 14.37 23.80
C ASN A 390 12.77 13.61 25.05
N GLU A 391 12.53 12.29 25.07
CA GLU A 391 12.88 11.52 26.25
C GLU A 391 14.40 11.49 26.44
N SER A 392 15.15 11.31 25.34
CA SER A 392 16.59 11.32 25.46
C SER A 392 17.08 12.66 25.95
N TRP A 393 16.46 13.74 25.48
CA TRP A 393 16.83 15.08 25.90
C TRP A 393 16.55 15.30 27.37
N ALA A 394 15.44 14.75 27.88
CA ALA A 394 15.17 14.85 29.30
C ALA A 394 16.24 14.13 30.13
N TYR A 395 16.60 12.93 29.70
CA TYR A 395 17.72 12.21 30.32
C TYR A 395 18.97 13.07 30.34
N PHE A 396 19.27 13.70 29.21
CA PHE A 396 20.48 14.49 29.06
C PHE A 396 20.44 15.75 29.92
N MET A 397 19.30 16.42 29.99
CA MET A 397 19.17 17.56 30.88
C MET A 397 19.38 17.16 32.33
N GLY A 398 18.84 16.01 32.72
CA GLY A 398 19.06 15.54 34.08
C GLY A 398 20.54 15.39 34.38
N ARG A 399 21.26 14.72 33.48
CA ARG A 399 22.69 14.53 33.75
C ARG A 399 23.47 15.83 33.67
N ARG A 400 23.10 16.74 32.77
CA ARG A 400 23.79 18.02 32.71
C ARG A 400 23.59 18.79 34.01
N LYS A 401 22.37 18.75 34.55
CA LYS A 401 22.11 19.43 35.81
C LYS A 401 22.88 18.81 36.96
N PHE A 402 22.95 17.47 37.01
CA PHE A 402 23.49 16.81 38.19
C PHE A 402 24.98 16.48 38.08
N VAL A 403 25.59 16.65 36.92
CA VAL A 403 26.99 16.27 36.78
C VAL A 403 27.83 17.48 36.37
N ALA A 404 27.57 17.99 35.18
CA ALA A 404 28.38 19.10 34.68
C ALA A 404 28.17 20.36 35.50
N SER A 405 26.92 20.65 35.88
CA SER A 405 26.63 21.89 36.57
C SER A 405 27.35 21.95 37.92
N ARG A 406 27.36 20.84 38.66
CA ARG A 406 27.99 20.84 39.97
C ARG A 406 29.48 21.12 39.87
N GLN A 407 30.17 20.41 38.99
CA GLN A 407 31.60 20.62 38.82
C GLN A 407 31.89 22.04 38.36
N ALA A 408 31.12 22.53 37.39
CA ALA A 408 31.34 23.89 36.89
C ALA A 408 31.16 24.91 38.00
N SER A 409 30.13 24.72 38.84
CA SER A 409 29.91 25.62 39.95
C SER A 409 31.09 25.59 40.92
N GLN A 410 31.65 24.41 41.16
CA GLN A 410 32.79 24.32 42.07
C GLN A 410 33.98 25.11 41.54
N MET A 411 34.34 24.88 40.27
CA MET A 411 35.47 25.62 39.70
C MET A 411 35.20 27.12 39.67
N PHE A 412 33.97 27.50 39.32
CA PHE A 412 33.63 28.92 39.29
C PHE A 412 33.75 29.53 40.67
N LEU A 413 33.33 28.81 41.71
CA LEU A 413 33.45 29.33 43.06
C LEU A 413 34.91 29.54 43.44
N CYS A 414 35.77 28.59 43.10
CA CYS A 414 37.19 28.76 43.40
C CYS A 414 37.76 29.98 42.69
N TRP A 415 37.45 30.12 41.40
CA TRP A 415 37.98 31.26 40.65
C TRP A 415 37.42 32.58 41.19
N LEU A 416 36.15 32.59 41.57
CA LEU A 416 35.56 33.81 42.11
C LEU A 416 36.21 34.19 43.43
N GLU A 417 36.51 33.19 44.27
CA GLU A 417 37.22 33.47 45.50
C GLU A 417 38.57 34.10 45.22
N GLU A 418 39.30 33.54 44.24
CA GLU A 418 40.59 34.13 43.89
C GLU A 418 40.43 35.57 43.39
N ALA A 419 39.41 35.81 42.56
CA ALA A 419 39.21 37.14 42.01
C ALA A 419 38.89 38.15 43.10
N ILE A 420 38.04 37.77 44.05
CA ILE A 420 37.72 38.66 45.17
C ILE A 420 38.97 38.91 46.01
N VAL A 421 39.81 37.89 46.16
CA VAL A 421 41.04 38.06 46.91
C VAL A 421 41.90 39.14 46.28
N ARG A 422 42.01 39.14 44.95
CA ARG A 422 42.83 40.11 44.24
C ARG A 422 42.07 41.37 43.88
N ARG A 423 40.82 41.49 44.31
CA ARG A 423 39.98 42.67 44.05
C ARG A 423 39.86 42.96 42.55
N VAL A 424 39.92 41.92 41.73
CA VAL A 424 39.63 42.10 40.31
C VAL A 424 38.20 42.56 40.13
N VAL A 425 37.28 42.00 40.92
CA VAL A 425 35.92 42.47 41.01
C VAL A 425 35.73 43.11 42.38
N THR A 426 34.60 43.79 42.55
CA THR A 426 34.31 44.49 43.79
C THR A 426 32.96 44.06 44.33
N LEU A 427 32.93 43.66 45.59
CA LEU A 427 31.68 43.33 46.24
C LEU A 427 30.88 44.61 46.52
N PRO A 428 29.56 44.50 46.65
CA PRO A 428 28.77 45.67 47.08
C PRO A 428 29.21 46.13 48.46
N SER A 429 29.22 47.45 48.64
CA SER A 429 29.69 48.02 49.90
C SER A 429 28.78 47.65 51.06
N LYS A 430 27.46 47.68 50.84
CA LYS A 430 26.47 47.47 51.89
C LYS A 430 26.20 45.98 52.12
N ALA A 431 27.00 45.11 51.51
CA ALA A 431 26.76 43.67 51.54
C ALA A 431 26.48 43.17 52.95
N ARG A 432 25.40 42.40 53.09
CA ARG A 432 24.99 41.89 54.39
C ARG A 432 26.02 40.92 54.96
N PHE A 433 26.61 40.08 54.11
CA PHE A 433 27.61 39.12 54.55
C PHE A 433 28.82 39.19 53.63
N SER A 434 29.97 38.79 54.16
CA SER A 434 31.16 38.71 53.35
C SER A 434 31.06 37.54 52.38
N PHE A 435 32.03 37.46 51.47
CA PHE A 435 32.04 36.37 50.50
C PHE A 435 32.18 35.02 51.19
N GLN A 436 33.04 34.94 52.20
CA GLN A 436 33.28 33.66 52.86
C GLN A 436 32.02 33.13 53.53
N GLU A 437 31.26 34.01 54.18
CA GLU A 437 30.09 33.58 54.93
C GLU A 437 28.96 33.12 54.01
N ALA A 438 28.89 33.69 52.81
CA ALA A 438 27.76 33.48 51.91
C ALA A 438 28.25 33.08 50.52
N ARG A 439 29.17 32.11 50.48
CA ARG A 439 29.74 31.68 49.20
C ARG A 439 28.65 31.24 48.23
N SER A 440 27.66 30.49 48.72
CA SER A 440 26.57 30.07 47.85
C SER A 440 25.75 31.25 47.35
N ALA A 441 25.51 32.24 48.23
CA ALA A 441 24.70 33.38 47.84
C ALA A 441 25.36 34.18 46.73
N TRP A 442 26.64 34.51 46.90
CA TRP A 442 27.36 35.25 45.87
C TRP A 442 27.54 34.41 44.62
N GLY A 443 27.84 33.12 44.79
CA GLY A 443 28.17 32.25 43.68
C GLY A 443 27.01 31.55 43.02
N ASN A 444 25.78 31.91 43.36
CA ASN A 444 24.62 31.29 42.73
C ASN A 444 24.67 31.51 41.23
N CYS A 445 24.89 30.43 40.48
CA CYS A 445 25.13 30.53 39.04
C CYS A 445 24.47 29.37 38.34
N ASP A 446 24.12 29.58 37.07
CA ASP A 446 23.56 28.53 36.23
C ASP A 446 24.26 28.55 34.89
N TRP A 447 24.40 27.38 34.29
CA TRP A 447 25.18 27.23 33.08
C TRP A 447 24.28 26.81 31.93
N ILE A 448 24.53 27.38 30.76
CA ILE A 448 23.78 27.07 29.55
C ILE A 448 24.71 26.36 28.59
N GLY A 449 24.32 25.16 28.18
CA GLY A 449 25.06 24.39 27.21
C GLY A 449 24.45 24.48 25.83
N SER A 450 24.67 23.44 25.03
CA SER A 450 24.03 23.38 23.73
C SER A 450 22.53 23.28 23.91
N GLY A 451 21.80 24.18 23.27
CA GLY A 451 20.36 24.22 23.41
C GLY A 451 19.69 23.08 22.66
N ARG A 452 18.37 23.00 22.83
CA ARG A 452 17.61 21.99 22.10
C ARG A 452 17.75 22.22 20.61
N MET A 453 18.02 21.13 19.90
CA MET A 453 18.34 21.19 18.48
C MET A 453 17.13 20.79 17.66
N ALA A 454 16.74 21.65 16.72
CA ALA A 454 15.46 21.54 16.06
C ALA A 454 15.35 20.28 15.21
N ILE A 455 14.14 19.77 15.09
CA ILE A 455 13.84 18.64 14.23
C ILE A 455 13.14 19.08 12.95
N ASP A 456 12.14 19.94 13.06
CA ASP A 456 11.39 20.42 11.91
C ASP A 456 11.69 21.87 11.56
N GLY A 457 12.07 22.69 12.53
CA GLY A 457 12.30 24.10 12.28
C GLY A 457 11.09 24.96 12.57
N LEU A 458 10.05 24.86 11.75
CA LEU A 458 8.88 25.72 11.93
C LEU A 458 8.25 25.51 13.31
N LYS A 459 8.11 24.25 13.72
CA LYS A 459 7.27 23.94 14.86
C LYS A 459 7.80 24.58 16.13
N GLU A 460 9.09 24.37 16.42
CA GLU A 460 9.68 24.91 17.63
C GLU A 460 9.78 26.44 17.58
N VAL A 461 9.98 27.00 16.40
CA VAL A 461 10.01 28.46 16.29
C VAL A 461 8.63 29.04 16.58
N GLN A 462 7.58 28.41 16.06
CA GLN A 462 6.23 28.80 16.44
C GLN A 462 6.03 28.66 17.93
N GLU A 463 6.60 27.61 18.52
CA GLU A 463 6.50 27.42 19.95
C GLU A 463 7.05 28.63 20.68
N ALA A 464 8.28 29.02 20.33
CA ALA A 464 8.93 30.13 20.99
C ALA A 464 8.13 31.41 20.82
N VAL A 465 7.72 31.72 19.59
CA VAL A 465 7.07 33.00 19.36
C VAL A 465 5.73 33.05 20.06
N MET A 466 4.96 31.96 20.03
CA MET A 466 3.64 31.99 20.64
C MET A 466 3.75 31.98 22.16
N LEU A 467 4.74 31.28 22.70
CA LEU A 467 4.98 31.35 24.13
C LEU A 467 5.33 32.78 24.55
N ILE A 468 6.17 33.44 23.77
CA ILE A 468 6.59 34.80 24.13
C ILE A 468 5.42 35.76 24.06
N GLU A 469 4.66 35.74 22.97
CA GLU A 469 3.57 36.69 22.82
C GLU A 469 2.38 36.37 23.72
N ALA A 470 2.17 35.11 24.07
CA ALA A 470 1.05 34.74 24.91
C ALA A 470 1.32 34.94 26.39
N GLY A 471 2.55 35.29 26.76
CA GLY A 471 2.86 35.64 28.12
C GLY A 471 3.21 34.48 29.04
N LEU A 472 3.32 33.26 28.52
CA LEU A 472 3.68 32.12 29.34
C LEU A 472 5.19 31.88 29.39
N SER A 473 5.98 32.74 28.75
CA SER A 473 7.41 32.50 28.70
C SER A 473 8.16 33.83 28.63
N THR A 474 9.42 33.77 29.04
CA THR A 474 10.30 34.92 29.07
C THR A 474 11.56 34.63 28.27
N TYR A 475 12.15 35.69 27.73
CA TYR A 475 13.10 35.57 26.63
C TYR A 475 14.30 34.70 26.99
N GLU A 476 14.71 34.71 28.26
CA GLU A 476 15.94 34.03 28.61
C GLU A 476 15.84 32.54 28.37
N LYS A 477 14.67 31.93 28.61
CA LYS A 477 14.61 30.48 28.50
C LYS A 477 14.57 30.01 27.04
N GLU A 478 13.88 30.71 26.14
CA GLU A 478 13.99 30.34 24.73
C GLU A 478 15.38 30.64 24.21
N CYS A 479 16.02 31.71 24.68
CA CYS A 479 17.43 31.85 24.41
C CYS A 479 18.23 30.65 24.93
N ALA A 480 17.81 30.07 26.04
CA ALA A 480 18.50 28.92 26.61
C ALA A 480 18.32 27.66 25.75
N LYS A 481 17.09 27.37 25.33
CA LYS A 481 16.92 26.17 24.50
C LYS A 481 17.53 26.33 23.13
N ARG A 482 17.96 27.53 22.77
CA ARG A 482 18.81 27.74 21.61
C ARG A 482 20.24 28.06 22.00
N GLY A 483 20.54 28.10 23.30
CA GLY A 483 21.89 28.36 23.77
C GLY A 483 22.36 29.79 23.62
N ASP A 484 21.49 30.76 23.87
CA ASP A 484 21.84 32.17 23.86
C ASP A 484 21.43 32.80 25.19
N ASP A 485 21.67 34.10 25.30
CA ASP A 485 21.23 34.89 26.44
C ASP A 485 20.57 36.15 25.92
N TYR A 486 19.45 36.51 26.53
CA TYR A 486 18.68 37.65 26.06
C TYR A 486 19.40 38.98 26.26
N GLN A 487 20.41 39.02 27.13
CA GLN A 487 21.08 40.29 27.42
C GLN A 487 21.86 40.80 26.21
N GLU A 488 22.88 40.04 25.81
CA GLU A 488 23.65 40.41 24.63
C GLU A 488 22.79 40.33 23.37
N ILE A 489 21.74 39.52 23.37
CA ILE A 489 20.84 39.49 22.24
C ILE A 489 20.15 40.84 22.09
N PHE A 490 19.67 41.40 23.21
CA PHE A 490 19.04 42.71 23.16
C PHE A 490 20.04 43.78 22.77
N ALA A 491 21.25 43.72 23.33
CA ALA A 491 22.27 44.71 23.00
C ALA A 491 22.59 44.66 21.51
N GLN A 492 22.75 43.46 20.97
CA GLN A 492 23.08 43.32 19.56
C GLN A 492 21.91 43.73 18.68
N GLN A 493 20.67 43.49 19.11
CA GLN A 493 19.53 43.96 18.34
C GLN A 493 19.51 45.48 18.31
N VAL A 494 19.82 46.12 19.43
CA VAL A 494 19.90 47.58 19.46
C VAL A 494 20.97 48.06 18.48
N ARG A 495 22.13 47.43 18.51
CA ARG A 495 23.21 47.82 17.60
C ARG A 495 22.81 47.62 16.15
N GLU A 496 22.16 46.49 15.84
CA GLU A 496 21.71 46.25 14.48
C GLU A 496 20.71 47.31 14.05
N THR A 497 19.78 47.65 14.93
CA THR A 497 18.76 48.62 14.58
C THR A 497 19.36 49.98 14.28
N MET A 498 20.27 50.44 15.14
CA MET A 498 20.79 51.78 14.92
C MET A 498 21.78 51.81 13.76
N GLU A 499 22.48 50.70 13.49
CA GLU A 499 23.31 50.64 12.29
C GLU A 499 22.45 50.69 11.03
N ARG A 500 21.37 49.90 10.99
CA ARG A 500 20.52 49.88 9.81
C ARG A 500 19.87 51.24 9.60
N ARG A 501 19.43 51.89 10.68
CA ARG A 501 18.89 53.24 10.53
C ARG A 501 19.96 54.23 10.09
N ALA A 502 21.18 54.12 10.61
CA ALA A 502 22.25 55.00 10.15
C ALA A 502 22.61 54.75 8.70
N ALA A 503 22.32 53.55 8.19
CA ALA A 503 22.61 53.20 6.80
C ALA A 503 21.41 53.40 5.88
N GLY A 504 20.31 53.93 6.39
CA GLY A 504 19.14 54.16 5.58
C GLY A 504 18.28 52.94 5.31
N LEU A 505 18.63 51.80 5.87
CA LEU A 505 17.86 50.59 5.65
C LEU A 505 16.59 50.61 6.50
N LYS A 506 15.63 49.80 6.09
CA LYS A 506 14.39 49.66 6.84
C LYS A 506 14.68 48.89 8.12
N PRO A 507 14.38 49.44 9.31
CA PRO A 507 14.71 48.80 10.58
C PRO A 507 13.92 47.53 10.82
N GLN B 34 31.99 -17.00 29.19
CA GLN B 34 31.86 -15.78 28.40
C GLN B 34 32.69 -14.66 29.00
N LEU B 35 32.06 -13.90 29.90
CA LEU B 35 32.77 -12.81 30.56
C LEU B 35 33.95 -13.29 31.38
N ARG B 36 33.93 -14.54 31.85
CA ARG B 36 35.05 -15.07 32.61
C ARG B 36 36.31 -15.20 31.77
N SER B 37 36.18 -15.27 30.45
CA SER B 37 37.32 -15.40 29.56
C SER B 37 37.87 -14.05 29.12
N TRP B 38 37.34 -12.96 29.65
CA TRP B 38 37.69 -11.61 29.22
C TRP B 38 38.10 -10.80 30.45
N ASN B 39 39.40 -10.71 30.70
CA ASN B 39 39.93 -9.96 31.84
C ASN B 39 41.03 -9.02 31.35
N PRO B 40 40.65 -7.96 30.64
CA PRO B 40 41.64 -6.98 30.19
C PRO B 40 42.22 -6.23 31.37
N PRO B 41 43.54 -6.03 31.39
CA PRO B 41 44.14 -5.28 32.49
C PRO B 41 43.85 -3.79 32.38
N SER B 42 44.16 -3.08 33.46
CA SER B 42 43.98 -1.63 33.52
C SER B 42 45.32 -0.94 33.47
N GLU B 43 45.48 -0.01 32.52
CA GLU B 43 46.67 0.82 32.44
C GLU B 43 46.26 2.23 32.10
N SER B 44 47.21 3.16 32.23
CA SER B 44 46.97 4.52 31.78
C SER B 44 46.83 4.54 30.26
N VAL B 45 46.18 5.60 29.76
CA VAL B 45 45.90 5.68 28.33
C VAL B 45 47.19 5.63 27.53
N ASP B 46 48.20 6.39 27.95
CA ASP B 46 49.47 6.36 27.24
C ASP B 46 50.10 4.98 27.29
N ALA B 47 50.04 4.31 28.45
CA ALA B 47 50.59 2.98 28.56
C ALA B 47 49.87 2.00 27.64
N ALA B 48 48.59 2.23 27.38
CA ALA B 48 47.82 1.37 26.49
C ALA B 48 47.81 1.87 25.06
N LEU B 49 48.51 2.96 24.75
CA LEU B 49 48.52 3.50 23.40
C LEU B 49 49.93 3.62 22.84
N LEU B 50 50.89 4.08 23.64
CA LEU B 50 52.23 4.31 23.11
C LEU B 50 52.88 3.08 22.50
N PRO B 51 52.92 1.91 23.14
CA PRO B 51 53.68 0.79 22.58
C PRO B 51 53.25 0.42 21.16
N ASN B 52 51.96 0.49 20.85
CA ASN B 52 51.47 0.18 19.52
C ASN B 52 51.26 1.43 18.68
N PHE B 53 51.45 2.61 19.28
CA PHE B 53 51.08 3.86 18.63
C PHE B 53 51.47 3.87 17.16
N THR B 54 52.76 3.71 16.87
CA THR B 54 53.24 3.82 15.50
C THR B 54 52.45 2.92 14.57
N ARG B 55 52.37 1.62 14.90
CA ARG B 55 51.71 0.71 13.97
C ARG B 55 50.27 1.10 13.77
N GLY B 56 49.58 1.53 14.84
CA GLY B 56 48.22 1.99 14.68
C GLY B 56 48.12 3.07 13.64
N ASN B 57 48.96 4.11 13.76
CA ASN B 57 48.96 5.15 12.75
C ASN B 57 49.17 4.56 11.37
N ALA B 58 50.17 3.69 11.24
CA ALA B 58 50.42 3.05 9.96
C ALA B 58 49.16 2.39 9.44
N ARG B 59 48.51 1.59 10.29
CA ARG B 59 47.28 0.93 9.86
C ARG B 59 46.25 1.95 9.42
N ALA B 60 46.07 3.01 10.21
CA ALA B 60 45.14 4.05 9.83
C ALA B 60 45.47 4.59 8.45
N ASP B 61 46.75 4.89 8.21
CA ASP B 61 47.15 5.40 6.89
C ASP B 61 46.70 4.42 5.81
N ASP B 62 46.96 3.13 6.02
CA ASP B 62 46.58 2.15 5.01
C ASP B 62 45.13 2.31 4.63
N LEU B 63 44.25 2.45 5.63
CA LEU B 63 42.84 2.60 5.33
C LEU B 63 42.61 3.80 4.42
N VAL B 64 43.11 4.96 4.82
CA VAL B 64 42.81 6.15 4.04
C VAL B 64 43.57 6.13 2.73
N ARG B 65 44.49 5.18 2.54
CA ARG B 65 45.11 5.05 1.24
C ARG B 65 44.29 4.15 0.33
N ASN B 66 43.66 3.12 0.89
CA ASN B 66 43.08 2.08 0.06
C ASN B 66 41.56 2.00 0.16
N ASN B 67 41.03 1.85 1.38
CA ASN B 67 39.60 1.66 1.53
C ASN B 67 38.84 2.91 1.11
N GLY B 68 37.80 2.72 0.30
CA GLY B 68 37.05 3.85 -0.20
C GLY B 68 36.28 4.59 0.88
N TYR B 69 35.70 3.84 1.83
CA TYR B 69 34.89 4.46 2.86
C TYR B 69 35.73 5.38 3.74
N ALA B 70 36.95 4.96 4.07
CA ALA B 70 37.80 5.81 4.89
C ALA B 70 38.10 7.13 4.20
N ALA B 71 38.43 7.08 2.90
CA ALA B 71 38.68 8.30 2.16
C ALA B 71 37.43 9.16 2.11
N ASN B 72 36.27 8.54 1.89
CA ASN B 72 35.03 9.31 1.86
C ASN B 72 34.78 9.98 3.20
N ALA B 73 35.00 9.26 4.30
CA ALA B 73 34.74 9.80 5.62
C ALA B 73 35.66 10.97 5.93
N ILE B 74 36.95 10.82 5.63
CA ILE B 74 37.85 11.95 5.81
C ILE B 74 37.41 13.10 4.93
N GLN B 75 36.81 12.79 3.77
CA GLN B 75 36.39 13.86 2.87
C GLN B 75 35.23 14.65 3.46
N LEU B 76 34.21 13.95 3.99
CA LEU B 76 33.10 14.70 4.58
C LEU B 76 33.55 15.45 5.81
N HIS B 77 34.45 14.87 6.60
CA HIS B 77 35.07 15.62 7.69
C HIS B 77 35.65 16.92 7.16
N GLN B 78 36.37 16.82 6.05
CA GLN B 78 37.00 17.98 5.44
C GLN B 78 35.97 19.04 5.05
N ASP B 79 34.95 18.64 4.31
CA ASP B 79 33.99 19.62 3.80
C ASP B 79 33.02 20.13 4.84
N HIS B 80 32.84 19.43 5.96
CA HIS B 80 31.85 19.85 6.93
C HIS B 80 32.46 20.60 8.11
N ILE B 81 33.66 20.21 8.55
CA ILE B 81 34.28 20.90 9.66
C ILE B 81 34.63 22.33 9.27
N VAL B 82 35.22 22.50 8.10
CA VAL B 82 35.66 23.81 7.62
C VAL B 82 34.92 24.22 6.36
N GLY B 83 34.84 23.34 5.38
CA GLY B 83 34.15 23.67 4.14
C GLY B 83 35.03 24.39 3.15
N SER B 84 34.38 25.17 2.30
CA SER B 84 35.09 25.84 1.21
C SER B 84 36.04 26.90 1.74
N PHE B 85 35.65 27.62 2.79
CA PHE B 85 36.46 28.73 3.27
C PHE B 85 36.25 28.90 4.77
N PHE B 86 37.22 29.55 5.40
CA PHE B 86 37.26 29.75 6.85
C PHE B 86 37.53 31.22 7.12
N ARG B 87 36.46 31.99 7.27
CA ARG B 87 36.61 33.43 7.48
C ARG B 87 36.85 33.74 8.94
N LEU B 88 37.57 34.83 9.18
CA LEU B 88 37.90 35.30 10.50
C LEU B 88 37.01 36.49 10.87
N SER B 89 36.71 36.62 12.16
CA SER B 89 36.04 37.81 12.67
C SER B 89 36.68 38.16 14.00
N HIS B 90 37.31 39.33 14.04
CA HIS B 90 38.03 39.79 15.22
C HIS B 90 37.06 40.48 16.17
N ARG B 91 37.04 40.03 17.42
CA ARG B 91 36.15 40.58 18.44
C ARG B 91 36.96 40.91 19.68
N PRO B 92 37.72 42.01 19.64
CA PRO B 92 38.52 42.39 20.80
C PRO B 92 37.64 42.74 21.98
N SER B 93 38.14 42.43 23.18
CA SER B 93 37.42 42.70 24.42
C SER B 93 37.72 44.13 24.86
N TRP B 94 37.03 45.07 24.20
CA TRP B 94 37.24 46.48 24.52
C TRP B 94 36.85 46.79 25.95
N ARG B 95 35.83 46.11 26.48
CA ARG B 95 35.41 46.36 27.85
C ARG B 95 36.52 46.02 28.83
N TYR B 96 37.15 44.85 28.67
CA TYR B 96 38.27 44.51 29.54
C TYR B 96 39.43 45.48 29.35
N LEU B 97 39.72 45.85 28.11
CA LEU B 97 40.81 46.76 27.83
C LEU B 97 40.44 48.22 28.06
N GLY B 98 39.18 48.51 28.37
CA GLY B 98 38.76 49.89 28.58
C GLY B 98 38.94 50.75 27.36
N ILE B 99 38.52 50.27 26.19
CA ILE B 99 38.70 50.95 24.93
C ILE B 99 37.32 51.30 24.36
N GLY B 100 37.22 52.48 23.76
CA GLY B 100 35.97 52.85 23.12
C GLY B 100 35.57 51.83 22.06
N GLU B 101 34.29 51.46 22.08
CA GLU B 101 33.82 50.36 21.24
C GLU B 101 34.01 50.67 19.77
N GLU B 102 33.77 51.92 19.37
CA GLU B 102 33.98 52.30 17.97
C GLU B 102 35.46 52.20 17.60
N GLU B 103 36.36 52.55 18.52
CA GLU B 103 37.78 52.37 18.27
C GLU B 103 38.11 50.90 18.09
N ALA B 104 37.53 50.05 18.92
CA ALA B 104 37.75 48.61 18.78
C ALA B 104 37.24 48.12 17.43
N ARG B 105 36.09 48.62 16.99
CA ARG B 105 35.55 48.21 15.70
C ARG B 105 36.45 48.65 14.55
N ALA B 106 36.97 49.89 14.62
CA ALA B 106 37.88 50.35 13.58
C ALA B 106 39.15 49.51 13.56
N PHE B 107 39.69 49.20 14.74
CA PHE B 107 40.86 48.35 14.83
C PHE B 107 40.59 46.97 14.25
N SER B 108 39.42 46.41 14.55
CA SER B 108 39.05 45.12 14.01
C SER B 108 38.95 45.16 12.49
N ARG B 109 38.37 46.24 11.96
CA ARG B 109 38.29 46.37 10.51
C ARG B 109 39.67 46.42 9.89
N GLU B 110 40.58 47.18 10.50
CA GLU B 110 41.93 47.28 9.94
C GLU B 110 42.65 45.93 10.00
N VAL B 111 42.56 45.23 11.12
CA VAL B 111 43.28 43.97 11.24
C VAL B 111 42.68 42.94 10.30
N GLU B 112 41.36 42.96 10.10
CA GLU B 112 40.75 42.06 9.14
C GLU B 112 41.21 42.38 7.73
N ALA B 113 41.32 43.67 7.39
CA ALA B 113 41.79 44.05 6.08
C ALA B 113 43.19 43.52 5.83
N ALA B 114 44.06 43.67 6.83
CA ALA B 114 45.41 43.11 6.69
C ALA B 114 45.36 41.59 6.60
N TRP B 115 44.51 40.95 7.40
CA TRP B 115 44.54 39.50 7.51
C TRP B 115 44.08 38.83 6.23
N LYS B 116 43.00 39.32 5.63
CA LYS B 116 42.51 38.65 4.42
C LYS B 116 43.54 38.73 3.30
N GLU B 117 44.16 39.88 3.11
CA GLU B 117 45.16 39.98 2.05
C GLU B 117 46.41 39.18 2.41
N PHE B 118 46.67 38.97 3.70
CA PHE B 118 47.80 38.13 4.08
C PHE B 118 47.52 36.65 3.88
N ALA B 119 46.27 36.24 4.05
CA ALA B 119 45.96 34.81 4.17
C ALA B 119 45.87 34.13 2.81
N GLU B 120 45.01 34.64 1.93
CA GLU B 120 44.73 33.99 0.66
C GLU B 120 45.67 34.44 -0.45
N ASP B 121 46.89 34.85 -0.11
CA ASP B 121 47.85 35.27 -1.11
C ASP B 121 48.12 34.15 -2.09
N ASP B 122 48.21 34.52 -3.37
CA ASP B 122 48.44 33.55 -4.43
C ASP B 122 49.81 32.89 -4.30
N CYS B 123 50.80 33.63 -3.81
CA CYS B 123 52.16 33.11 -3.70
C CYS B 123 52.30 31.99 -2.69
N CYS B 124 51.26 31.76 -1.86
CA CYS B 124 51.34 30.81 -0.77
C CYS B 124 52.49 31.13 0.17
N CYS B 125 52.78 32.42 0.33
CA CYS B 125 53.91 32.84 1.15
C CYS B 125 53.70 32.52 2.62
N ILE B 126 52.46 32.27 3.05
CA ILE B 126 52.23 31.85 4.43
C ILE B 126 52.87 30.49 4.67
N ASP B 127 52.87 29.63 3.66
CA ASP B 127 53.53 28.34 3.76
C ASP B 127 55.02 28.51 3.59
N VAL B 128 55.79 27.85 4.46
CA VAL B 128 57.24 27.84 4.29
C VAL B 128 57.60 27.16 2.98
N GLU B 129 56.94 26.05 2.68
CA GLU B 129 57.26 25.32 1.46
C GLU B 129 56.56 25.90 0.24
N ARG B 130 55.56 26.78 0.44
CA ARG B 130 54.92 27.53 -0.64
C ARG B 130 54.13 26.65 -1.60
N LYS B 131 53.16 25.89 -1.08
CA LYS B 131 52.19 25.25 -1.94
C LYS B 131 50.77 25.29 -1.40
N ARG B 132 50.54 25.83 -0.22
CA ARG B 132 49.22 25.76 0.42
C ARG B 132 48.80 27.13 0.92
N THR B 133 47.52 27.44 0.78
CA THR B 133 47.00 28.63 1.41
C THR B 133 46.34 28.27 2.74
N PHE B 134 45.78 29.29 3.39
CA PHE B 134 45.32 29.12 4.77
C PHE B 134 44.19 28.10 4.86
N THR B 135 43.25 28.15 3.92
CA THR B 135 42.07 27.30 4.03
C THR B 135 42.45 25.82 3.96
N MET B 136 43.23 25.44 2.94
CA MET B 136 43.64 24.04 2.89
C MET B 136 44.64 23.72 3.99
N MET B 137 45.33 24.71 4.55
CA MET B 137 46.12 24.42 5.75
C MET B 137 45.22 23.96 6.89
N ILE B 138 44.11 24.66 7.11
CA ILE B 138 43.15 24.23 8.13
C ILE B 138 42.61 22.84 7.78
N ARG B 139 42.30 22.64 6.51
CA ARG B 139 41.74 21.35 6.08
C ARG B 139 42.72 20.21 6.33
N GLU B 140 43.98 20.39 5.95
CA GLU B 140 44.98 19.37 6.20
C GLU B 140 45.16 19.15 7.70
N GLY B 141 45.10 20.22 8.48
CA GLY B 141 45.25 20.05 9.92
C GLY B 141 44.13 19.21 10.52
N VAL B 142 42.89 19.51 10.14
CA VAL B 142 41.78 18.75 10.72
C VAL B 142 41.80 17.31 10.21
N ALA B 143 42.15 17.11 8.94
CA ALA B 143 42.23 15.75 8.42
C ALA B 143 43.32 14.95 9.14
N MET B 144 44.48 15.57 9.34
CA MET B 144 45.57 14.89 10.03
C MET B 144 45.19 14.57 11.47
N HIS B 145 44.50 15.50 12.14
CA HIS B 145 44.03 15.21 13.49
C HIS B 145 43.06 14.05 13.48
N ALA B 146 42.20 13.98 12.46
CA ALA B 146 41.21 12.93 12.42
C ALA B 146 41.86 11.56 12.21
N PHE B 147 42.77 11.45 11.25
CA PHE B 147 43.32 10.14 10.93
C PHE B 147 44.61 9.83 11.70
N ASN B 148 45.07 10.73 12.56
CA ASN B 148 46.24 10.46 13.38
C ASN B 148 46.07 10.81 14.84
N GLY B 149 45.02 11.54 15.21
CA GLY B 149 44.78 11.89 16.59
C GLY B 149 45.39 13.20 17.04
N GLU B 150 46.22 13.83 16.22
CA GLU B 150 46.87 15.07 16.61
C GLU B 150 47.36 15.79 15.37
N LEU B 151 47.89 16.98 15.59
CA LEU B 151 48.47 17.78 14.52
C LEU B 151 49.52 18.71 15.09
N PHE B 152 50.49 19.08 14.25
CA PHE B 152 51.62 19.88 14.66
C PHE B 152 51.89 20.97 13.63
N VAL B 153 52.07 22.20 14.09
CA VAL B 153 52.40 23.33 13.23
C VAL B 153 53.63 24.01 13.79
N GLN B 154 54.49 24.49 12.90
CA GLN B 154 55.70 25.20 13.28
C GLN B 154 55.68 26.58 12.65
N ALA B 155 55.88 27.60 13.47
CA ALA B 155 55.92 28.98 13.01
C ALA B 155 57.38 29.39 12.84
N THR B 156 57.73 29.83 11.64
CA THR B 156 59.10 30.19 11.31
C THR B 156 59.18 31.67 10.98
N TRP B 157 60.31 32.27 11.31
CA TRP B 157 60.57 33.67 11.04
C TRP B 157 61.47 33.75 9.82
N ASP B 158 60.89 33.98 8.65
CA ASP B 158 61.67 34.07 7.43
C ASP B 158 62.52 35.33 7.44
N THR B 159 63.64 35.27 6.71
CA THR B 159 64.54 36.40 6.58
C THR B 159 64.35 37.18 5.29
N SER B 160 63.56 36.67 4.35
CA SER B 160 63.36 37.35 3.09
C SER B 160 62.48 38.58 3.29
N SER B 161 62.93 39.71 2.76
CA SER B 161 62.19 40.97 2.85
C SER B 161 61.24 41.18 1.68
N SER B 162 61.15 40.21 0.76
CA SER B 162 60.26 40.34 -0.38
C SER B 162 58.81 40.48 0.03
N ARG B 163 58.45 40.04 1.23
CA ARG B 163 57.11 40.14 1.74
C ARG B 163 57.11 41.01 3.00
N LEU B 164 56.02 41.76 3.19
CA LEU B 164 55.90 42.59 4.37
C LEU B 164 55.81 41.74 5.64
N PHE B 165 55.25 40.55 5.54
CA PHE B 165 55.19 39.62 6.67
C PHE B 165 56.18 38.49 6.45
N ARG B 166 57.04 38.25 7.44
CA ARG B 166 58.02 37.19 7.37
C ARG B 166 57.63 35.96 8.16
N THR B 167 56.47 35.98 8.83
CA THR B 167 56.02 34.81 9.58
C THR B 167 55.43 33.79 8.62
N GLN B 168 55.96 32.58 8.65
CA GLN B 168 55.49 31.50 7.79
C GLN B 168 55.14 30.29 8.65
N PHE B 169 54.38 29.38 8.08
CA PHE B 169 53.89 28.22 8.81
C PHE B 169 54.16 26.95 8.02
N ARG B 170 54.73 25.95 8.70
CA ARG B 170 54.98 24.63 8.11
C ARG B 170 54.33 23.57 8.98
N MET B 171 53.53 22.70 8.38
CA MET B 171 52.93 21.62 9.14
C MET B 171 53.91 20.47 9.27
N VAL B 172 53.83 19.76 10.39
CA VAL B 172 54.69 18.63 10.67
C VAL B 172 53.81 17.42 10.87
N SER B 173 54.08 16.35 10.12
CA SER B 173 53.36 15.11 10.33
C SER B 173 53.74 14.51 11.68
N PRO B 174 52.78 13.90 12.37
CA PRO B 174 53.08 13.29 13.68
C PRO B 174 54.12 12.20 13.60
N LYS B 175 54.28 11.56 12.44
CA LYS B 175 55.24 10.48 12.30
C LYS B 175 56.67 10.97 12.45
N ARG B 176 56.89 12.26 12.22
CA ARG B 176 58.24 12.82 12.36
C ARG B 176 58.58 13.17 13.81
N ILE B 177 57.64 13.00 14.74
CA ILE B 177 57.87 13.29 16.14
C ILE B 177 58.13 11.97 16.86
N SER B 178 59.37 11.78 17.31
CA SER B 178 59.74 10.54 17.98
C SER B 178 60.95 10.79 18.85
N ASN B 179 61.22 9.85 19.74
CA ASN B 179 62.39 9.95 20.57
C ASN B 179 63.64 9.91 19.70
N PRO B 180 64.66 10.72 20.01
CA PRO B 180 65.88 10.68 19.20
C PRO B 180 66.53 9.30 19.25
N ASN B 181 67.03 8.87 18.10
CA ASN B 181 67.69 7.58 17.94
C ASN B 181 66.82 6.42 18.38
N ASN B 182 65.49 6.63 18.43
CA ASN B 182 64.54 5.60 18.83
C ASN B 182 64.92 5.01 20.18
N THR B 183 65.36 5.87 21.09
CA THR B 183 65.79 5.41 22.40
C THR B 183 64.59 4.93 23.22
N GLY B 184 64.90 4.28 24.34
CA GLY B 184 63.85 3.79 25.20
C GLY B 184 63.03 4.91 25.81
N ASP B 185 61.76 4.62 26.05
CA ASP B 185 60.86 5.62 26.61
C ASP B 185 61.22 5.92 28.06
N SER B 186 60.99 7.16 28.46
CA SER B 186 61.26 7.61 29.82
C SER B 186 60.04 8.34 30.36
N ARG B 187 60.14 8.77 31.62
CA ARG B 187 59.05 9.53 32.22
C ARG B 187 58.89 10.89 31.56
N ASN B 188 59.99 11.62 31.42
CA ASN B 188 59.95 12.98 30.91
C ASN B 188 60.21 13.06 29.42
N CYS B 189 60.43 11.93 28.74
CA CYS B 189 60.62 11.92 27.30
C CYS B 189 59.82 10.75 26.75
N ARG B 190 58.59 11.03 26.33
CA ARG B 190 57.67 10.01 25.81
C ARG B 190 57.31 10.35 24.38
N ALA B 191 57.65 9.46 23.45
CA ALA B 191 57.27 9.61 22.05
C ALA B 191 57.72 10.95 21.47
N GLY B 192 58.90 11.39 21.89
CA GLY B 192 59.53 12.55 21.30
C GLY B 192 59.19 13.89 21.92
N VAL B 193 58.24 13.95 22.85
CA VAL B 193 57.87 15.19 23.51
C VAL B 193 58.40 15.16 24.94
N GLN B 194 59.13 16.21 25.31
CA GLN B 194 59.67 16.34 26.65
C GLN B 194 58.62 16.97 27.56
N ILE B 195 58.46 16.41 28.75
CA ILE B 195 57.46 16.89 29.69
C ILE B 195 58.17 17.31 30.98
N ASN B 196 57.51 18.19 31.73
CA ASN B 196 58.03 18.65 33.00
C ASN B 196 57.52 17.74 34.11
N ASP B 197 57.68 18.18 35.37
CA ASP B 197 57.20 17.39 36.48
C ASP B 197 55.68 17.22 36.43
N SER B 198 54.96 18.27 36.07
CA SER B 198 53.51 18.19 35.91
C SER B 198 53.12 17.51 34.63
N GLY B 199 54.06 17.34 33.70
CA GLY B 199 53.78 16.78 32.40
C GLY B 199 53.64 17.79 31.27
N ALA B 200 53.72 19.07 31.58
CA ALA B 200 53.58 20.10 30.54
C ALA B 200 54.66 19.95 29.48
N ALA B 201 54.24 20.13 28.23
CA ALA B 201 55.14 19.93 27.08
C ALA B 201 56.16 21.04 27.03
N LEU B 202 57.39 20.75 27.44
CA LEU B 202 58.46 21.73 27.35
C LEU B 202 58.98 21.87 25.93
N GLY B 203 59.01 20.77 25.19
CA GLY B 203 59.53 20.81 23.83
C GLY B 203 59.31 19.47 23.16
N TYR B 204 59.84 19.35 21.96
CA TYR B 204 59.63 18.17 21.14
C TYR B 204 60.91 17.79 20.42
N TYR B 205 60.97 16.54 19.99
CA TYR B 205 62.05 16.04 19.14
C TYR B 205 61.45 15.66 17.80
N VAL B 206 61.85 16.39 16.76
CA VAL B 206 61.31 16.20 15.41
C VAL B 206 62.36 15.53 14.55
N SER B 207 61.98 14.45 13.88
CA SER B 207 62.89 13.75 13.00
C SER B 207 62.82 14.31 11.60
N GLU B 208 63.95 14.31 10.93
CA GLU B 208 64.00 14.77 9.54
C GLU B 208 63.33 13.76 8.63
N ASP B 209 63.19 14.13 7.37
CA ASP B 209 62.61 13.24 6.38
C ASP B 209 63.52 12.05 6.13
N GLY B 210 62.92 10.87 6.01
CA GLY B 210 63.66 9.66 5.80
C GLY B 210 63.60 9.12 4.38
N TYR B 211 63.19 9.96 3.43
CA TYR B 211 63.07 9.52 2.05
C TYR B 211 64.17 10.12 1.21
N PRO B 212 64.92 9.31 0.46
CA PRO B 212 64.85 7.84 0.39
C PRO B 212 65.44 7.23 1.66
N GLY B 213 65.25 5.94 1.92
CA GLY B 213 65.65 5.37 3.18
C GLY B 213 67.13 5.08 3.30
N TRP B 214 67.96 5.86 2.62
CA TRP B 214 69.40 5.64 2.59
C TRP B 214 70.17 6.51 3.58
N MET B 215 69.49 7.33 4.39
CA MET B 215 70.30 8.04 5.35
C MET B 215 69.69 7.94 6.76
N PRO B 216 70.52 7.92 7.80
CA PRO B 216 70.01 7.90 9.17
C PRO B 216 69.18 9.14 9.45
N GLN B 217 68.09 8.96 10.20
CA GLN B 217 67.27 10.08 10.62
C GLN B 217 68.00 10.88 11.70
N LYS B 218 67.76 12.18 11.73
CA LYS B 218 68.38 13.06 12.71
C LYS B 218 67.28 13.88 13.37
N TRP B 219 67.34 13.96 14.70
CA TRP B 219 66.30 14.58 15.51
C TRP B 219 66.73 15.96 15.98
N THR B 220 65.79 16.89 15.94
CA THR B 220 66.00 18.27 16.37
C THR B 220 65.13 18.57 17.57
N TRP B 221 65.70 19.26 18.54
CA TRP B 221 64.96 19.70 19.72
C TRP B 221 64.34 21.05 19.44
N ILE B 222 63.02 21.14 19.58
CA ILE B 222 62.27 22.37 19.34
C ILE B 222 61.53 22.73 20.62
N PRO B 223 61.82 23.88 21.23
CA PRO B 223 61.03 24.31 22.38
C PRO B 223 59.60 24.58 21.99
N ARG B 224 58.68 24.35 22.92
CA ARG B 224 57.26 24.51 22.63
C ARG B 224 56.94 25.95 22.25
N GLU B 225 57.49 26.91 22.98
CA GLU B 225 57.21 28.32 22.72
C GLU B 225 58.50 29.11 22.88
N LEU B 226 58.51 30.28 22.24
CA LEU B 226 59.66 31.15 22.28
C LEU B 226 59.83 31.75 23.67
N PRO B 227 61.03 32.22 24.01
CA PRO B 227 61.23 32.86 25.32
C PRO B 227 60.32 34.06 25.54
N GLY B 228 59.98 34.79 24.48
CA GLY B 228 59.10 35.93 24.61
C GLY B 228 57.63 35.59 24.71
N GLY B 229 57.29 34.30 24.83
CA GLY B 229 55.92 33.88 24.89
C GLY B 229 55.26 33.62 23.55
N ARG B 230 55.95 33.94 22.45
CA ARG B 230 55.41 33.65 21.13
C ARG B 230 55.39 32.15 20.89
N ALA B 231 54.27 31.66 20.37
CA ALA B 231 54.09 30.23 20.15
C ALA B 231 54.93 29.79 18.96
N SER B 232 56.09 29.21 19.24
CA SER B 232 56.94 28.71 18.17
C SER B 232 56.40 27.41 17.57
N PHE B 233 55.93 26.50 18.42
CA PHE B 233 55.43 25.21 18.00
C PHE B 233 54.06 24.98 18.61
N ILE B 234 53.11 24.56 17.78
CA ILE B 234 51.73 24.34 18.20
C ILE B 234 51.38 22.89 18.02
N HIS B 235 50.93 22.24 19.10
CA HIS B 235 50.48 20.86 19.07
C HIS B 235 49.00 20.87 19.45
N VAL B 236 48.15 20.40 18.55
CA VAL B 236 46.71 20.42 18.76
C VAL B 236 46.19 18.99 18.71
N PHE B 237 45.50 18.59 19.77
CA PHE B 237 44.85 17.29 19.84
C PHE B 237 43.85 17.33 20.99
N GLU B 238 43.01 16.31 21.06
CA GLU B 238 42.05 16.22 22.13
C GLU B 238 42.52 15.16 23.11
N PRO B 239 42.67 15.49 24.40
CA PRO B 239 42.99 14.47 25.39
C PRO B 239 41.74 13.94 26.09
N VAL B 240 41.75 12.63 26.35
CA VAL B 240 40.63 11.99 27.02
C VAL B 240 40.86 11.79 28.51
N GLU B 241 42.08 11.99 28.99
CA GLU B 241 42.40 11.78 30.40
C GLU B 241 43.69 12.52 30.72
N ASP B 242 43.93 12.69 32.02
CA ASP B 242 45.15 13.35 32.47
C ASP B 242 46.38 12.56 32.06
N GLY B 243 47.40 13.27 31.60
CA GLY B 243 48.68 12.67 31.27
C GLY B 243 48.82 12.13 29.86
N GLN B 244 47.75 12.15 29.08
CA GLN B 244 47.86 11.71 27.69
C GLN B 244 48.71 12.70 26.91
N THR B 245 49.69 12.18 26.17
CA THR B 245 50.63 13.01 25.43
C THR B 245 50.42 12.98 23.92
N ARG B 246 49.89 11.89 23.39
CA ARG B 246 49.65 11.77 21.96
C ARG B 246 48.21 11.36 21.72
N GLY B 247 47.57 11.99 20.75
CA GLY B 247 46.20 11.66 20.44
C GLY B 247 46.08 10.34 19.72
N ALA B 248 44.87 9.80 19.72
CA ALA B 248 44.55 8.55 19.05
C ALA B 248 43.58 8.82 17.91
N ASN B 249 43.85 8.24 16.75
CA ASN B 249 42.97 8.45 15.63
C ASN B 249 41.61 7.80 15.88
N VAL B 250 40.60 8.28 15.15
CA VAL B 250 39.24 7.82 15.38
C VAL B 250 39.09 6.35 15.04
N PHE B 251 39.82 5.88 14.02
CA PHE B 251 39.60 4.54 13.49
C PHE B 251 39.85 3.43 14.49
N TYR B 252 40.56 3.71 15.59
CA TYR B 252 40.99 2.65 16.51
C TYR B 252 39.87 1.73 16.95
N SER B 253 38.60 2.14 16.76
CA SER B 253 37.47 1.35 17.23
C SER B 253 36.71 0.66 16.13
N VAL B 254 37.15 0.79 14.87
CA VAL B 254 36.40 0.24 13.74
C VAL B 254 37.27 -0.51 12.75
N MET B 255 38.58 -0.61 12.98
CA MET B 255 39.48 -1.16 11.97
C MET B 255 39.09 -2.58 11.58
N GLU B 256 38.94 -3.46 12.58
CA GLU B 256 38.56 -4.82 12.27
C GLU B 256 37.18 -4.89 11.64
N GLN B 257 36.34 -3.88 11.88
CA GLN B 257 35.06 -3.87 11.19
C GLN B 257 35.22 -3.64 9.69
N MET B 258 36.08 -2.69 9.29
CA MET B 258 36.37 -2.57 7.87
C MET B 258 37.00 -3.85 7.33
N LYS B 259 37.83 -4.51 8.14
CA LYS B 259 38.44 -5.75 7.68
C LYS B 259 37.38 -6.82 7.39
N MET B 260 36.46 -7.03 8.34
CA MET B 260 35.41 -7.99 8.07
C MET B 260 34.54 -7.53 6.90
N LEU B 261 34.40 -6.22 6.71
CA LEU B 261 33.63 -5.73 5.57
C LEU B 261 34.25 -6.16 4.26
N ASP B 262 35.56 -5.90 4.08
CA ASP B 262 36.14 -6.30 2.80
C ASP B 262 36.13 -7.81 2.64
N THR B 263 36.46 -8.56 3.70
CA THR B 263 36.42 -10.01 3.58
C THR B 263 35.04 -10.49 3.18
N LEU B 264 34.00 -9.81 3.67
CA LEU B 264 32.65 -10.07 3.19
C LEU B 264 32.56 -9.83 1.69
N GLN B 265 33.17 -8.74 1.21
CA GLN B 265 33.11 -8.46 -0.23
C GLN B 265 33.71 -9.61 -1.03
N ASN B 266 34.93 -10.05 -0.68
CA ASN B 266 35.55 -11.13 -1.44
C ASN B 266 34.77 -12.44 -1.29
N THR B 267 34.25 -12.74 -0.10
CA THR B 267 33.54 -14.01 0.03
C THR B 267 32.23 -13.99 -0.75
N GLN B 268 31.57 -12.83 -0.81
CA GLN B 268 30.37 -12.73 -1.64
C GLN B 268 30.73 -12.89 -3.11
N LEU B 269 31.84 -12.31 -3.53
CA LEU B 269 32.28 -12.52 -4.91
C LEU B 269 32.55 -13.98 -5.18
N GLN B 270 33.21 -14.67 -4.25
CA GLN B 270 33.49 -16.08 -4.45
C GLN B 270 32.21 -16.88 -4.56
N SER B 271 31.21 -16.54 -3.73
CA SER B 271 29.90 -17.16 -3.85
C SER B 271 29.33 -16.92 -5.24
N ALA B 272 29.45 -15.69 -5.74
CA ALA B 272 28.91 -15.39 -7.06
C ALA B 272 29.59 -16.24 -8.13
N ILE B 273 30.91 -16.39 -8.05
CA ILE B 273 31.62 -17.21 -9.03
C ILE B 273 31.15 -18.65 -8.94
N VAL B 274 31.09 -19.20 -7.73
CA VAL B 274 30.77 -20.61 -7.60
C VAL B 274 29.32 -20.91 -7.93
N LYS B 275 28.43 -19.92 -7.85
CA LYS B 275 27.05 -20.16 -8.21
C LYS B 275 26.86 -20.38 -9.71
N ALA B 276 27.86 -20.02 -10.52
CA ALA B 276 27.84 -20.27 -11.95
C ALA B 276 28.72 -21.47 -12.29
N MET B 277 29.15 -22.22 -11.27
CA MET B 277 30.02 -23.36 -11.48
C MET B 277 29.21 -24.47 -12.12
N TYR B 278 29.84 -25.21 -13.04
CA TYR B 278 29.15 -26.25 -13.79
C TYR B 278 30.16 -27.28 -14.22
N ALA B 279 29.87 -28.55 -13.96
CA ALA B 279 30.74 -29.65 -14.37
C ALA B 279 29.89 -30.72 -15.03
N ALA B 280 30.37 -31.23 -16.17
CA ALA B 280 29.71 -32.30 -16.90
C ALA B 280 30.73 -33.38 -17.22
N THR B 281 30.40 -34.63 -16.90
CA THR B 281 31.29 -35.75 -17.13
C THR B 281 30.53 -36.87 -17.86
N ILE B 282 31.23 -37.55 -18.74
CA ILE B 282 30.72 -38.78 -19.34
C ILE B 282 31.34 -39.91 -18.53
N GLU B 283 30.51 -40.55 -17.72
CA GLU B 283 30.98 -41.54 -16.75
C GLU B 283 30.51 -42.92 -17.13
N SER B 284 31.46 -43.87 -17.15
CA SER B 284 31.17 -45.27 -17.42
C SER B 284 31.21 -46.03 -16.10
N GLU B 285 30.20 -46.86 -15.86
CA GLU B 285 30.08 -47.51 -14.56
C GLU B 285 31.09 -48.63 -14.39
N LEU B 286 30.95 -49.70 -15.19
CA LEU B 286 31.79 -50.89 -15.08
C LEU B 286 32.07 -51.26 -13.63
N ASP B 287 33.30 -51.65 -13.34
CA ASP B 287 33.83 -51.78 -11.98
C ASP B 287 32.84 -52.44 -11.03
N THR B 288 32.51 -53.69 -11.34
CA THR B 288 31.47 -54.42 -10.61
C THR B 288 31.98 -54.96 -9.29
N GLN B 289 32.54 -54.06 -8.48
CA GLN B 289 32.95 -54.38 -7.12
C GLN B 289 33.84 -55.60 -7.07
N SER B 290 33.24 -56.79 -6.89
CA SER B 290 34.02 -58.02 -6.88
C SER B 290 34.66 -58.27 -8.23
N ALA B 291 33.90 -58.06 -9.31
CA ALA B 291 34.49 -58.12 -10.64
C ALA B 291 35.51 -57.01 -10.83
N MET B 292 35.30 -55.86 -10.18
CA MET B 292 36.31 -54.81 -10.22
C MET B 292 37.60 -55.27 -9.56
N ASP B 293 37.50 -55.96 -8.42
CA ASP B 293 38.70 -56.47 -7.76
C ASP B 293 39.37 -57.55 -8.61
N PHE B 294 38.58 -58.41 -9.25
CA PHE B 294 39.17 -59.42 -10.12
C PHE B 294 39.90 -58.78 -11.30
N ILE B 295 39.30 -57.75 -11.90
CA ILE B 295 39.96 -57.03 -12.97
C ILE B 295 41.22 -56.33 -12.47
N LEU B 296 41.19 -55.81 -11.24
CA LEU B 296 42.37 -55.21 -10.65
C LEU B 296 43.49 -56.23 -10.53
N GLY B 297 43.16 -57.42 -10.03
CA GLY B 297 44.16 -58.48 -9.90
C GLY B 297 44.72 -58.89 -11.25
N ALA B 298 43.84 -59.04 -12.25
CA ALA B 298 44.29 -59.45 -13.58
C ALA B 298 45.19 -58.40 -14.20
N ASN B 299 44.78 -57.12 -14.15
CA ASN B 299 45.58 -56.06 -14.74
C ASN B 299 46.92 -55.92 -14.02
N SER B 300 46.92 -56.02 -12.69
CA SER B 300 48.17 -55.97 -11.96
C SER B 300 49.09 -57.13 -12.34
N GLN B 301 48.54 -58.33 -12.47
CA GLN B 301 49.36 -59.48 -12.81
C GLN B 301 49.96 -59.35 -14.21
N GLU B 302 49.13 -59.44 -15.24
CA GLU B 302 49.63 -59.31 -16.60
C GLU B 302 48.69 -58.62 -17.58
N GLN B 303 47.53 -58.14 -17.15
CA GLN B 303 46.46 -57.75 -18.07
C GLN B 303 46.27 -56.25 -18.12
N ARG B 304 47.36 -55.49 -18.14
CA ARG B 304 47.28 -54.04 -18.35
C ARG B 304 46.82 -53.68 -19.75
N GLU B 305 46.76 -54.65 -20.67
CA GLU B 305 46.28 -54.36 -22.01
C GLU B 305 44.79 -54.06 -22.05
N ARG B 306 44.02 -54.54 -21.08
CA ARG B 306 42.57 -54.38 -21.14
C ARG B 306 42.17 -52.91 -21.09
N LEU B 307 42.65 -52.19 -20.08
CA LEU B 307 42.26 -50.79 -19.94
C LEU B 307 42.85 -49.95 -21.06
N THR B 308 44.05 -50.27 -21.51
CA THR B 308 44.63 -49.54 -22.63
C THR B 308 43.78 -49.70 -23.88
N GLY B 309 43.36 -50.93 -24.18
CA GLY B 309 42.51 -51.14 -25.35
C GLY B 309 41.17 -50.47 -25.22
N TRP B 310 40.56 -50.54 -24.04
CA TRP B 310 39.28 -49.87 -23.84
C TRP B 310 39.41 -48.36 -23.98
N ILE B 311 40.49 -47.80 -23.44
CA ILE B 311 40.73 -46.36 -23.56
C ILE B 311 40.92 -45.97 -25.02
N GLY B 312 41.67 -46.79 -25.77
CA GLY B 312 41.85 -46.49 -27.18
C GLY B 312 40.54 -46.55 -27.94
N GLU B 313 39.71 -47.55 -27.67
CA GLU B 313 38.42 -47.65 -28.34
C GLU B 313 37.54 -46.46 -28.00
N ILE B 314 37.51 -46.08 -26.73
CA ILE B 314 36.70 -44.94 -26.30
C ILE B 314 37.18 -43.67 -26.98
N ALA B 315 38.50 -43.47 -27.00
CA ALA B 315 39.06 -42.27 -27.63
C ALA B 315 38.72 -42.24 -29.11
N ALA B 316 38.81 -43.37 -29.80
CA ALA B 316 38.46 -43.42 -31.21
C ALA B 316 36.99 -43.06 -31.42
N TYR B 317 36.10 -43.67 -30.62
CA TYR B 317 34.68 -43.38 -30.79
C TYR B 317 34.39 -41.92 -30.56
N TYR B 318 34.93 -41.35 -29.48
CA TYR B 318 34.60 -39.98 -29.14
C TYR B 318 35.39 -38.96 -29.96
N ALA B 319 36.41 -39.38 -30.68
CA ALA B 319 36.99 -38.56 -31.71
C ALA B 319 36.17 -38.61 -33.00
N ALA B 320 35.43 -39.69 -33.19
CA ALA B 320 34.42 -39.70 -34.25
C ALA B 320 33.18 -38.91 -33.85
N ALA B 321 32.87 -38.87 -32.56
CA ALA B 321 31.66 -38.28 -32.00
C ALA B 321 31.69 -36.76 -31.84
N PRO B 322 32.80 -36.15 -31.41
CA PRO B 322 32.72 -34.90 -30.64
C PRO B 322 31.38 -34.58 -30.02
N VAL B 323 31.15 -35.05 -28.80
CA VAL B 323 29.96 -34.67 -28.04
C VAL B 323 30.24 -33.34 -27.37
N ARG B 324 29.78 -32.26 -27.99
CA ARG B 324 30.04 -30.90 -27.51
C ARG B 324 28.75 -30.35 -26.91
N LEU B 325 28.68 -30.31 -25.58
CA LEU B 325 27.54 -29.67 -24.93
C LEU B 325 27.46 -28.20 -25.29
N GLY B 326 28.60 -27.52 -25.29
CA GLY B 326 28.67 -26.11 -25.63
C GLY B 326 29.89 -25.86 -26.49
N GLY B 327 30.72 -24.92 -26.09
CA GLY B 327 31.95 -24.67 -26.80
C GLY B 327 33.07 -25.63 -26.45
N ALA B 328 32.83 -26.59 -25.57
CA ALA B 328 33.90 -27.47 -25.12
C ALA B 328 33.55 -28.93 -25.32
N LYS B 329 34.47 -29.82 -24.93
CA LYS B 329 34.29 -31.26 -25.04
C LYS B 329 34.18 -31.86 -23.65
N VAL B 330 33.28 -32.82 -23.49
CA VAL B 330 33.05 -33.44 -22.20
C VAL B 330 34.26 -34.28 -21.82
N PRO B 331 34.87 -34.06 -20.67
CA PRO B 331 35.96 -34.92 -20.23
C PRO B 331 35.45 -36.31 -19.91
N HIS B 332 36.31 -37.30 -20.13
CA HIS B 332 35.96 -38.69 -19.88
C HIS B 332 36.56 -39.17 -18.56
N LEU B 333 35.82 -40.02 -17.86
CA LEU B 333 36.20 -40.50 -16.55
C LEU B 333 36.59 -41.97 -16.57
N MET B 334 37.18 -42.41 -15.47
CA MET B 334 37.55 -43.80 -15.32
C MET B 334 36.32 -44.66 -15.04
N PRO B 335 36.39 -45.94 -15.38
CA PRO B 335 35.29 -46.85 -15.05
C PRO B 335 35.04 -46.92 -13.55
N GLY B 336 33.82 -46.59 -13.13
CA GLY B 336 33.50 -46.55 -11.72
C GLY B 336 33.86 -45.28 -11.00
N ASP B 337 34.33 -44.26 -11.71
CA ASP B 337 34.71 -42.99 -11.12
C ASP B 337 33.73 -41.93 -11.59
N SER B 338 33.01 -41.32 -10.64
CA SER B 338 32.03 -40.30 -10.95
C SER B 338 32.28 -39.09 -10.06
N LEU B 339 32.23 -37.91 -10.65
CA LEU B 339 32.42 -36.68 -9.89
C LEU B 339 31.17 -36.37 -9.08
N ASN B 340 31.35 -36.08 -7.80
CA ASN B 340 30.26 -35.62 -6.94
C ASN B 340 30.65 -34.27 -6.36
N LEU B 341 30.03 -33.21 -6.84
CA LEU B 341 30.29 -31.86 -6.34
C LEU B 341 29.20 -31.42 -5.37
N GLN B 342 29.14 -32.14 -4.25
CA GLN B 342 28.19 -31.78 -3.21
C GLN B 342 28.66 -30.53 -2.47
N THR B 343 27.70 -29.73 -2.03
CA THR B 343 27.98 -28.43 -1.44
C THR B 343 27.50 -28.35 0.00
N ALA B 344 27.68 -27.17 0.58
CA ALA B 344 27.32 -26.87 1.96
C ALA B 344 25.88 -26.35 2.01
N GLN B 345 25.52 -25.69 3.10
CA GLN B 345 24.20 -25.08 3.27
C GLN B 345 23.74 -24.39 1.99
N ASP B 346 22.44 -24.45 1.74
CA ASP B 346 21.90 -24.06 0.45
C ASP B 346 20.79 -23.02 0.58
N THR B 347 21.04 -21.95 1.32
CA THR B 347 20.09 -20.86 1.49
C THR B 347 20.70 -19.53 1.04
N ASP B 348 19.95 -18.46 1.27
CA ASP B 348 20.47 -17.12 1.08
C ASP B 348 21.46 -16.77 2.19
N ASN B 349 22.51 -16.04 1.83
CA ASN B 349 23.55 -15.70 2.78
C ASN B 349 23.23 -14.49 3.64
N GLY B 350 22.14 -13.78 3.37
CA GLY B 350 21.81 -12.60 4.13
C GLY B 350 22.82 -11.49 3.96
N TYR B 351 23.20 -11.24 2.71
CA TYR B 351 24.22 -10.23 2.41
C TYR B 351 23.77 -8.84 2.86
N SER B 352 22.66 -8.37 2.32
CA SER B 352 22.30 -6.96 2.42
C SER B 352 22.21 -6.50 3.87
N VAL B 353 21.51 -7.26 4.71
CA VAL B 353 21.35 -6.86 6.10
C VAL B 353 22.71 -6.80 6.79
N PHE B 354 23.59 -7.75 6.48
CA PHE B 354 24.88 -7.78 7.16
C PHE B 354 25.72 -6.58 6.76
N GLU B 355 25.80 -6.28 5.47
CA GLU B 355 26.60 -5.13 5.06
C GLU B 355 26.02 -3.85 5.61
N GLN B 356 24.69 -3.76 5.67
CA GLN B 356 24.06 -2.61 6.29
C GLN B 356 24.48 -2.47 7.75
N SER B 357 24.53 -3.60 8.46
CA SER B 357 24.94 -3.57 9.86
C SER B 357 26.37 -3.08 10.02
N LEU B 358 27.28 -3.60 9.19
CA LEU B 358 28.66 -3.12 9.26
C LEU B 358 28.77 -1.64 8.92
N LEU B 359 28.02 -1.19 7.93
CA LEU B 359 28.07 0.23 7.59
C LEU B 359 27.57 1.09 8.75
N ARG B 360 26.51 0.63 9.42
CA ARG B 360 26.04 1.35 10.60
C ARG B 360 27.10 1.39 11.68
N TYR B 361 27.79 0.26 11.88
CA TYR B 361 28.88 0.23 12.85
C TYR B 361 29.94 1.25 12.51
N ILE B 362 30.34 1.30 11.24
CA ILE B 362 31.38 2.24 10.82
C ILE B 362 30.92 3.66 11.06
N ALA B 363 29.69 3.98 10.68
CA ALA B 363 29.20 5.34 10.85
C ALA B 363 29.14 5.73 12.31
N ALA B 364 28.70 4.82 13.16
CA ALA B 364 28.67 5.11 14.59
C ALA B 364 30.07 5.35 15.13
N GLY B 365 31.03 4.53 14.69
CA GLY B 365 32.40 4.70 15.16
C GLY B 365 33.00 6.01 14.71
N LEU B 366 32.71 6.43 13.49
CA LEU B 366 33.28 7.64 12.93
C LEU B 366 32.47 8.88 13.24
N GLY B 367 31.38 8.75 13.99
CA GLY B 367 30.63 9.91 14.41
C GLY B 367 29.80 10.58 13.35
N VAL B 368 29.64 9.96 12.18
CA VAL B 368 28.82 10.52 11.12
C VAL B 368 27.61 9.62 10.93
N SER B 369 26.59 10.18 10.27
CA SER B 369 25.39 9.43 10.01
C SER B 369 25.63 8.38 8.92
N TYR B 370 24.90 7.28 9.01
CA TYR B 370 25.11 6.16 8.11
C TYR B 370 24.80 6.54 6.67
N GLU B 371 23.71 7.27 6.45
CA GLU B 371 23.25 7.49 5.10
C GLU B 371 24.12 8.47 4.34
N GLN B 372 24.88 9.33 5.02
CA GLN B 372 25.78 10.19 4.27
C GLN B 372 27.13 9.52 4.04
N LEU B 373 27.56 8.65 4.96
CA LEU B 373 28.83 7.94 4.75
C LEU B 373 28.70 6.95 3.62
N SER B 374 27.64 6.13 3.65
CA SER B 374 27.43 5.11 2.64
C SER B 374 26.64 5.61 1.45
N ARG B 375 26.23 6.88 1.46
CA ARG B 375 25.30 7.46 0.48
C ARG B 375 24.20 6.48 0.09
N ASN B 376 23.70 5.74 1.07
CA ASN B 376 22.54 4.87 0.88
C ASN B 376 21.36 5.66 1.42
N TYR B 377 20.46 6.05 0.52
CA TYR B 377 19.42 7.02 0.84
C TYR B 377 18.02 6.47 0.61
N ALA B 378 17.86 5.15 0.70
CA ALA B 378 16.58 4.53 0.43
C ALA B 378 15.59 4.83 1.55
N GLN B 379 14.30 4.83 1.18
CA GLN B 379 13.15 5.05 2.05
C GLN B 379 13.42 6.12 3.10
N MET B 380 14.05 7.21 2.70
CA MET B 380 14.60 8.17 3.64
C MET B 380 13.59 9.30 3.80
N SER B 381 12.91 9.34 4.95
CA SER B 381 11.88 10.35 5.17
C SER B 381 12.50 11.71 5.44
N TYR B 382 11.73 12.76 5.15
CA TYR B 382 12.26 14.11 5.27
C TYR B 382 12.63 14.46 6.70
N SER B 383 11.69 14.26 7.63
CA SER B 383 11.95 14.62 9.02
C SER B 383 13.08 13.80 9.60
N THR B 384 13.11 12.51 9.29
CA THR B 384 14.18 11.67 9.81
C THR B 384 15.52 12.06 9.23
N ALA B 385 15.54 12.44 7.95
CA ALA B 385 16.77 12.93 7.35
C ALA B 385 17.24 14.20 8.04
N ARG B 386 16.31 15.09 8.37
CA ARG B 386 16.66 16.29 9.11
C ARG B 386 17.26 15.92 10.46
N ALA B 387 16.68 14.94 11.15
CA ALA B 387 17.20 14.55 12.45
C ALA B 387 18.62 14.02 12.34
N SER B 388 18.88 13.14 11.37
CA SER B 388 20.22 12.58 11.22
C SER B 388 21.23 13.66 10.85
N ALA B 389 20.85 14.54 9.92
CA ALA B 389 21.73 15.64 9.57
C ALA B 389 22.00 16.53 10.77
N ASN B 390 20.99 16.72 11.62
CA ASN B 390 21.17 17.52 12.83
C ASN B 390 22.17 16.87 13.76
N GLU B 391 22.11 15.56 13.93
CA GLU B 391 23.08 14.87 14.76
C GLU B 391 24.49 15.05 14.21
N SER B 392 24.66 14.85 12.91
CA SER B 392 25.98 15.02 12.32
C SER B 392 26.47 16.45 12.47
N TRP B 393 25.57 17.42 12.32
CA TRP B 393 25.94 18.82 12.47
C TRP B 393 26.37 19.12 13.90
N ALA B 394 25.68 18.56 14.88
CA ALA B 394 26.08 18.75 16.27
C ALA B 394 27.47 18.20 16.50
N TYR B 395 27.76 17.04 15.91
CA TYR B 395 29.12 16.49 15.94
C TYR B 395 30.12 17.48 15.34
N PHE B 396 29.78 18.01 14.17
CA PHE B 396 30.74 18.77 13.40
C PHE B 396 31.05 20.12 14.03
N MET B 397 30.03 20.78 14.58
CA MET B 397 30.31 22.06 15.24
C MET B 397 31.22 21.89 16.43
N GLY B 398 31.00 20.85 17.22
CA GLY B 398 31.91 20.59 18.33
C GLY B 398 33.33 20.38 17.86
N ARG B 399 33.51 19.50 16.85
CA ARG B 399 34.86 19.24 16.39
C ARG B 399 35.49 20.45 15.71
N ARG B 400 34.69 21.29 15.06
CA ARG B 400 35.21 22.51 14.48
C ARG B 400 35.67 23.48 15.57
N LYS B 401 34.87 23.61 16.62
CA LYS B 401 35.22 24.52 17.71
C LYS B 401 36.48 24.08 18.43
N PHE B 402 36.61 22.78 18.69
CA PHE B 402 37.71 22.32 19.52
C PHE B 402 38.97 21.96 18.76
N VAL B 403 38.95 21.95 17.44
CA VAL B 403 40.13 21.54 16.69
C VAL B 403 40.58 22.65 15.76
N ALA B 404 39.75 22.98 14.77
CA ALA B 404 40.16 23.97 13.78
C ALA B 404 40.26 25.36 14.40
N SER B 405 39.30 25.71 15.26
CA SER B 405 39.27 27.06 15.80
C SER B 405 40.52 27.36 16.63
N ARG B 406 40.94 26.41 17.46
CA ARG B 406 42.11 26.64 18.30
C ARG B 406 43.36 26.83 17.46
N GLN B 407 43.55 25.97 16.48
CA GLN B 407 44.73 26.06 15.63
C GLN B 407 44.75 27.36 14.84
N ALA B 408 43.60 27.73 14.27
CA ALA B 408 43.51 28.98 13.52
C ALA B 408 43.78 30.18 14.42
N SER B 409 43.27 30.13 15.66
CA SER B 409 43.54 31.21 16.60
C SER B 409 45.03 31.31 16.89
N GLN B 410 45.71 30.16 16.96
CA GLN B 410 47.16 30.20 17.19
C GLN B 410 47.88 30.91 16.04
N MET B 411 47.57 30.52 14.79
CA MET B 411 48.23 31.21 13.69
C MET B 411 47.89 32.70 13.69
N PHE B 412 46.63 33.02 13.97
CA PHE B 412 46.21 34.42 13.93
C PHE B 412 46.94 35.22 14.99
N LEU B 413 47.14 34.64 16.18
CA LEU B 413 47.87 35.34 17.22
C LEU B 413 49.30 35.60 16.81
N CYS B 414 49.95 34.59 16.21
CA CYS B 414 51.33 34.80 15.77
C CYS B 414 51.40 35.91 14.72
N TRP B 415 50.52 35.87 13.73
CA TRP B 415 50.54 36.86 12.67
C TRP B 415 50.23 38.25 13.21
N LEU B 416 49.29 38.34 14.15
CA LEU B 416 48.93 39.64 14.72
C LEU B 416 50.10 40.20 15.51
N GLU B 417 50.83 39.35 16.22
CA GLU B 417 52.02 39.80 16.92
C GLU B 417 53.04 40.37 15.94
N GLU B 418 53.26 39.67 14.83
CA GLU B 418 54.18 40.18 13.83
C GLU B 418 53.70 41.51 13.27
N ALA B 419 52.40 41.63 13.00
CA ALA B 419 51.87 42.85 12.41
C ALA B 419 52.03 44.04 13.35
N ILE B 420 51.73 43.85 14.64
CA ILE B 420 51.93 44.93 15.60
C ILE B 420 53.41 45.27 15.71
N VAL B 421 54.28 44.26 15.63
CA VAL B 421 55.72 44.52 15.67
C VAL B 421 56.12 45.47 14.56
N ARG B 422 55.55 45.30 13.37
CA ARG B 422 55.87 46.12 12.21
C ARG B 422 54.95 47.34 12.10
N ARG B 423 54.07 47.55 13.08
CA ARG B 423 53.15 48.68 13.12
C ARG B 423 52.27 48.75 11.89
N VAL B 424 52.01 47.61 11.24
CA VAL B 424 51.05 47.58 10.14
C VAL B 424 49.66 47.94 10.65
N VAL B 425 49.34 47.51 11.87
CA VAL B 425 48.11 47.88 12.55
C VAL B 425 48.46 48.57 13.85
N THR B 426 47.77 49.66 14.15
CA THR B 426 48.08 50.48 15.30
C THR B 426 47.11 50.19 16.44
N LEU B 427 47.66 49.94 17.63
CA LEU B 427 46.84 49.72 18.80
C LEU B 427 46.20 51.03 19.25
N PRO B 428 45.09 50.95 19.98
CA PRO B 428 44.52 52.17 20.57
C PRO B 428 45.50 52.84 21.52
N SER B 429 45.49 54.17 21.52
CA SER B 429 46.43 54.93 22.33
C SER B 429 46.20 54.71 23.81
N LYS B 430 44.94 54.68 24.24
CA LYS B 430 44.59 54.57 25.65
C LYS B 430 44.56 53.12 26.13
N ALA B 431 45.26 52.22 25.44
CA ALA B 431 45.22 50.80 25.78
C ALA B 431 45.58 50.58 27.24
N ARG B 432 44.72 49.82 27.93
CA ARG B 432 44.97 49.53 29.35
C ARG B 432 46.19 48.65 29.52
N PHE B 433 46.40 47.71 28.60
CA PHE B 433 47.55 46.81 28.63
C PHE B 433 48.19 46.74 27.26
N SER B 434 49.48 46.41 27.24
CA SER B 434 50.15 46.19 25.97
C SER B 434 49.66 44.90 25.34
N PHE B 435 50.06 44.69 24.08
CA PHE B 435 49.66 43.47 23.39
C PHE B 435 50.20 42.23 24.08
N GLN B 436 51.46 42.28 24.52
CA GLN B 436 52.07 41.11 25.15
C GLN B 436 51.34 40.70 26.41
N GLU B 437 50.93 41.67 27.23
CA GLU B 437 50.28 41.35 28.49
C GLU B 437 48.90 40.76 28.30
N ALA B 438 48.19 41.17 27.25
CA ALA B 438 46.80 40.80 27.03
C ALA B 438 46.60 40.22 25.64
N ARG B 439 47.47 39.27 25.26
CA ARG B 439 47.39 38.69 23.93
C ARG B 439 46.02 38.09 23.66
N SER B 440 45.44 37.40 24.66
CA SER B 440 44.11 36.85 24.47
C SER B 440 43.06 37.93 24.28
N ALA B 441 43.17 39.03 25.04
CA ALA B 441 42.19 40.09 24.95
C ALA B 441 42.20 40.75 23.58
N TRP B 442 43.39 41.11 23.10
CA TRP B 442 43.50 41.71 21.77
C TRP B 442 43.11 40.72 20.68
N GLY B 443 43.54 39.47 20.82
CA GLY B 443 43.36 38.49 19.78
C GLY B 443 42.10 37.66 19.91
N ASN B 444 41.16 38.12 20.73
CA ASN B 444 39.90 37.41 20.87
C ASN B 444 39.19 37.38 19.54
N CYS B 445 39.13 36.22 18.92
CA CYS B 445 38.64 36.09 17.55
C CYS B 445 37.77 34.85 17.44
N ASP B 446 36.83 34.90 16.50
CA ASP B 446 35.99 33.74 16.22
C ASP B 446 35.98 33.47 14.72
N TRP B 447 35.87 32.20 14.37
CA TRP B 447 36.02 31.75 13.00
C TRP B 447 34.71 31.20 12.50
N ILE B 448 34.34 31.58 11.29
CA ILE B 448 33.11 31.12 10.66
C ILE B 448 33.49 30.29 9.45
N GLY B 449 33.09 29.03 9.45
CA GLY B 449 33.36 28.13 8.35
C GLY B 449 32.19 28.04 7.40
N SER B 450 32.08 26.91 6.73
CA SER B 450 30.94 26.66 5.85
C SER B 450 29.67 26.62 6.68
N GLY B 451 28.65 27.33 6.23
CA GLY B 451 27.40 27.37 6.97
C GLY B 451 26.64 26.07 6.88
N ARG B 452 25.57 25.99 7.67
CA ARG B 452 24.72 24.82 7.66
C ARG B 452 24.09 24.64 6.28
N MET B 453 24.11 23.42 5.78
CA MET B 453 23.55 23.11 4.47
C MET B 453 22.04 23.01 4.60
N ALA B 454 21.32 23.64 3.68
CA ALA B 454 19.87 23.65 3.73
C ALA B 454 19.30 22.40 3.08
N ILE B 455 18.61 21.58 3.87
CA ILE B 455 18.02 20.35 3.34
C ILE B 455 16.87 20.68 2.40
N ASP B 456 15.97 21.57 2.81
CA ASP B 456 14.78 21.89 2.05
C ASP B 456 14.77 23.29 1.46
N GLY B 457 15.41 24.25 2.12
CA GLY B 457 15.39 25.63 1.66
C GLY B 457 14.30 26.47 2.29
N LEU B 458 13.04 26.21 1.94
CA LEU B 458 11.95 27.04 2.45
C LEU B 458 11.95 27.09 3.97
N LYS B 459 12.02 25.92 4.61
CA LYS B 459 11.70 25.81 6.03
C LYS B 459 12.69 26.60 6.87
N GLU B 460 13.99 26.35 6.65
CA GLU B 460 15.01 27.06 7.41
C GLU B 460 15.04 28.54 7.09
N VAL B 461 14.70 28.92 5.86
CA VAL B 461 14.58 30.34 5.55
C VAL B 461 13.44 30.97 6.34
N GLN B 462 12.34 30.24 6.48
CA GLN B 462 11.26 30.73 7.35
C GLN B 462 11.76 30.89 8.77
N GLU B 463 12.54 29.93 9.25
CA GLU B 463 13.11 30.05 10.59
C GLU B 463 13.90 31.33 10.72
N ALA B 464 14.78 31.59 9.75
CA ALA B 464 15.63 32.77 9.83
C ALA B 464 14.81 34.05 9.84
N VAL B 465 13.83 34.14 8.94
CA VAL B 465 13.08 35.39 8.83
C VAL B 465 12.22 35.60 10.07
N MET B 466 11.60 34.53 10.58
CA MET B 466 10.79 34.66 11.78
C MET B 466 11.64 35.04 12.98
N LEU B 467 12.84 34.44 13.10
CA LEU B 467 13.71 34.79 14.22
C LEU B 467 14.16 36.24 14.14
N ILE B 468 14.50 36.71 12.93
CA ILE B 468 14.92 38.10 12.80
C ILE B 468 13.77 39.04 13.14
N GLU B 469 12.58 38.79 12.60
CA GLU B 469 11.47 39.70 12.82
C GLU B 469 10.92 39.62 14.23
N ALA B 470 11.10 38.49 14.91
CA ALA B 470 10.52 38.31 16.24
C ALA B 470 11.49 38.66 17.36
N GLY B 471 12.71 39.07 17.04
CA GLY B 471 13.59 39.66 18.03
C GLY B 471 14.43 38.69 18.84
N LEU B 472 14.30 37.39 18.62
CA LEU B 472 15.10 36.42 19.37
C LEU B 472 16.42 36.09 18.68
N SER B 473 16.76 36.80 17.61
CA SER B 473 17.96 36.46 16.87
C SER B 473 18.55 37.73 16.25
N THR B 474 19.85 37.67 15.97
CA THR B 474 20.59 38.77 15.42
C THR B 474 21.25 38.34 14.11
N TYR B 475 21.47 39.33 13.24
CA TYR B 475 21.82 39.04 11.85
C TYR B 475 23.07 38.17 11.75
N GLU B 476 24.02 38.35 12.67
CA GLU B 476 25.30 37.67 12.53
C GLU B 476 25.14 36.16 12.53
N LYS B 477 24.27 35.63 13.39
CA LYS B 477 24.16 34.18 13.46
C LYS B 477 23.46 33.61 12.24
N GLU B 478 22.48 34.32 11.66
CA GLU B 478 21.91 33.85 10.41
C GLU B 478 22.94 33.86 9.29
N CYS B 479 23.73 34.93 9.21
CA CYS B 479 24.81 34.92 8.24
C CYS B 479 25.82 33.81 8.54
N ALA B 480 25.93 33.43 9.82
CA ALA B 480 26.85 32.37 10.21
C ALA B 480 26.37 31.00 9.73
N LYS B 481 25.10 30.68 9.98
CA LYS B 481 24.61 29.39 9.48
C LYS B 481 24.52 29.36 7.96
N ARG B 482 24.65 30.51 7.30
CA ARG B 482 24.83 30.55 5.86
C ARG B 482 26.27 30.88 5.48
N GLY B 483 27.13 31.12 6.45
CA GLY B 483 28.53 31.37 6.15
C GLY B 483 28.84 32.75 5.63
N ASP B 484 28.09 33.75 6.06
CA ASP B 484 28.32 35.14 5.67
C ASP B 484 28.57 35.99 6.91
N ASP B 485 28.74 37.28 6.69
CA ASP B 485 28.87 38.24 7.78
C ASP B 485 27.98 39.44 7.47
N TYR B 486 27.44 40.05 8.53
CA TYR B 486 26.47 41.11 8.33
C TYR B 486 27.08 42.42 7.88
N GLN B 487 28.37 42.65 8.12
CA GLN B 487 28.97 43.93 7.80
C GLN B 487 29.02 44.17 6.29
N GLU B 488 29.75 43.33 5.57
CA GLU B 488 29.83 43.48 4.13
C GLU B 488 28.48 43.21 3.48
N ILE B 489 27.62 42.42 4.13
CA ILE B 489 26.26 42.24 3.62
C ILE B 489 25.53 43.57 3.61
N PHE B 490 25.61 44.31 4.72
CA PHE B 490 24.97 45.62 4.78
C PHE B 490 25.59 46.58 3.78
N ALA B 491 26.92 46.57 3.67
CA ALA B 491 27.57 47.47 2.73
C ALA B 491 27.12 47.18 1.30
N GLN B 492 27.08 45.90 0.93
CA GLN B 492 26.64 45.53 -0.40
C GLN B 492 25.18 45.85 -0.62
N GLN B 493 24.34 45.69 0.40
CA GLN B 493 22.93 46.06 0.24
C GLN B 493 22.79 47.56 0.00
N VAL B 494 23.57 48.36 0.72
CA VAL B 494 23.53 49.81 0.50
C VAL B 494 23.97 50.14 -0.92
N ARG B 495 25.05 49.50 -1.37
CA ARG B 495 25.54 49.76 -2.72
C ARG B 495 24.51 49.35 -3.76
N GLU B 496 23.90 48.18 -3.59
CA GLU B 496 22.88 47.75 -4.53
C GLU B 496 21.70 48.71 -4.53
N THR B 497 21.28 49.17 -3.36
CA THR B 497 20.14 50.06 -3.27
C THR B 497 20.42 51.36 -4.00
N MET B 498 21.57 51.97 -3.74
CA MET B 498 21.79 53.28 -4.35
C MET B 498 22.13 53.15 -5.83
N GLU B 499 22.69 52.01 -6.26
CA GLU B 499 22.86 51.78 -7.69
C GLU B 499 21.52 51.63 -8.38
N ARG B 500 20.63 50.82 -7.81
CA ARG B 500 19.33 50.58 -8.42
C ARG B 500 18.52 51.86 -8.49
N ARG B 501 18.56 52.66 -7.43
CA ARG B 501 17.87 53.95 -7.46
C ARG B 501 18.53 54.92 -8.42
N ALA B 502 19.87 54.93 -8.50
CA ALA B 502 20.54 55.76 -9.48
C ALA B 502 20.27 55.33 -10.91
N ALA B 503 19.82 54.09 -11.11
CA ALA B 503 19.50 53.58 -12.44
C ALA B 503 18.01 53.54 -12.71
N GLY B 504 17.19 54.12 -11.82
CA GLY B 504 15.77 54.17 -12.03
C GLY B 504 15.01 52.91 -11.65
N LEU B 505 15.71 51.88 -11.18
CA LEU B 505 15.05 50.66 -10.79
C LEU B 505 14.35 50.82 -9.45
N LYS B 506 13.33 50.00 -9.24
CA LYS B 506 12.61 49.99 -7.97
C LYS B 506 13.52 49.42 -6.89
N PRO B 507 13.78 50.14 -5.78
CA PRO B 507 14.71 49.69 -4.75
C PRO B 507 14.22 48.47 -3.99
N GLN C 34 42.57 -12.71 13.24
CA GLN C 34 42.57 -12.21 11.86
C GLN C 34 43.38 -10.94 11.76
N LEU C 35 43.11 -9.98 12.65
CA LEU C 35 43.80 -8.71 12.62
C LEU C 35 45.30 -8.87 12.84
N ARG C 36 45.69 -9.96 13.50
CA ARG C 36 47.11 -10.20 13.76
C ARG C 36 47.89 -10.51 12.49
N SER C 37 47.20 -10.78 11.38
CA SER C 37 47.84 -11.13 10.12
C SER C 37 48.06 -9.92 9.23
N TRP C 38 47.81 -8.72 9.72
CA TRP C 38 47.86 -7.50 8.91
C TRP C 38 48.67 -6.45 9.65
N ASN C 39 49.92 -6.27 9.25
CA ASN C 39 50.83 -5.30 9.88
C ASN C 39 51.47 -4.46 8.80
N PRO C 40 50.75 -3.50 8.24
CA PRO C 40 51.34 -2.64 7.21
C PRO C 40 52.36 -1.71 7.82
N PRO C 41 53.51 -1.54 7.17
CA PRO C 41 54.55 -0.66 7.71
C PRO C 41 54.19 0.80 7.54
N SER C 42 54.86 1.64 8.33
CA SER C 42 54.63 3.09 8.30
C SER C 42 55.71 3.76 7.48
N GLU C 43 55.30 4.43 6.41
CA GLU C 43 56.21 5.16 5.55
C GLU C 43 55.59 6.52 5.22
N SER C 44 56.44 7.48 4.87
CA SER C 44 55.93 8.77 4.47
C SER C 44 55.17 8.66 3.16
N VAL C 45 54.31 9.64 2.90
CA VAL C 45 53.39 9.56 1.77
C VAL C 45 54.17 9.41 0.47
N ASP C 46 55.22 10.22 0.29
CA ASP C 46 56.04 10.08 -0.90
C ASP C 46 56.70 8.72 -0.96
N ALA C 47 57.16 8.20 0.18
CA ALA C 47 57.76 6.88 0.21
C ALA C 47 56.77 5.80 -0.21
N ALA C 48 55.49 5.99 0.11
CA ALA C 48 54.46 5.03 -0.26
C ALA C 48 53.80 5.33 -1.59
N LEU C 49 54.21 6.41 -2.26
CA LEU C 49 53.59 6.81 -3.52
C LEU C 49 54.54 6.72 -4.70
N LEU C 50 55.72 7.33 -4.59
CA LEU C 50 56.62 7.42 -5.74
C LEU C 50 57.01 6.08 -6.33
N PRO C 51 57.34 5.03 -5.57
CA PRO C 51 57.76 3.77 -6.20
C PRO C 51 56.73 3.20 -7.16
N ASN C 52 55.44 3.37 -6.87
CA ASN C 52 54.40 2.85 -7.74
C ASN C 52 53.62 3.96 -8.44
N PHE C 53 54.18 5.16 -8.48
CA PHE C 53 53.44 6.30 -9.04
C PHE C 53 53.11 6.07 -10.51
N THR C 54 54.10 5.63 -11.28
CA THR C 54 53.87 5.43 -12.71
C THR C 54 52.83 4.35 -12.96
N ARG C 55 52.93 3.24 -12.23
CA ARG C 55 51.97 2.15 -12.44
C ARG C 55 50.58 2.58 -12.03
N GLY C 56 50.46 3.33 -10.93
CA GLY C 56 49.15 3.81 -10.53
C GLY C 56 48.54 4.75 -11.56
N ASN C 57 49.35 5.67 -12.10
CA ASN C 57 48.85 6.56 -13.13
C ASN C 57 48.42 5.79 -14.36
N ALA C 58 49.21 4.79 -14.76
CA ALA C 58 48.84 3.99 -15.92
C ALA C 58 47.54 3.24 -15.69
N ARG C 59 47.38 2.67 -14.50
CA ARG C 59 46.14 1.95 -14.18
C ARG C 59 44.95 2.89 -14.21
N ALA C 60 45.12 4.10 -13.64
CA ALA C 60 44.03 5.06 -13.67
C ALA C 60 43.68 5.45 -15.10
N ASP C 61 44.69 5.67 -15.94
CA ASP C 61 44.42 6.04 -17.33
C ASP C 61 43.68 4.93 -18.06
N ASP C 62 44.11 3.68 -17.89
CA ASP C 62 43.41 2.58 -18.51
C ASP C 62 41.98 2.49 -18.02
N LEU C 63 41.78 2.65 -16.71
CA LEU C 63 40.46 2.47 -16.14
C LEU C 63 39.51 3.55 -16.65
N VAL C 64 39.99 4.79 -16.75
CA VAL C 64 39.13 5.85 -17.26
C VAL C 64 38.88 5.67 -18.74
N ARG C 65 39.89 5.24 -19.50
CA ARG C 65 39.72 5.07 -20.94
C ARG C 65 38.70 3.99 -21.25
N ASN C 66 38.74 2.88 -20.52
CA ASN C 66 37.90 1.73 -20.86
C ASN C 66 36.60 1.67 -20.08
N ASN C 67 36.66 1.70 -18.75
CA ASN C 67 35.48 1.49 -17.94
C ASN C 67 34.51 2.65 -18.11
N GLY C 68 33.22 2.33 -18.22
CA GLY C 68 32.23 3.36 -18.44
C GLY C 68 32.01 4.26 -17.24
N TYR C 69 31.98 3.69 -16.04
CA TYR C 69 31.69 4.49 -14.85
C TYR C 69 32.77 5.54 -14.62
N ALA C 70 34.03 5.20 -14.88
CA ALA C 70 35.09 6.18 -14.72
C ALA C 70 34.88 7.37 -15.64
N ALA C 71 34.54 7.10 -16.90
CA ALA C 71 34.28 8.18 -17.84
C ALA C 71 33.09 9.01 -17.36
N ASN C 72 32.05 8.35 -16.87
CA ASN C 72 30.91 9.09 -16.35
C ASN C 72 31.33 10.00 -15.22
N ALA C 73 32.07 9.47 -14.24
CA ALA C 73 32.42 10.24 -13.06
C ALA C 73 33.29 11.43 -13.41
N ILE C 74 34.29 11.22 -14.27
CA ILE C 74 35.13 12.35 -14.65
C ILE C 74 34.29 13.35 -15.43
N GLN C 75 33.26 12.87 -16.11
CA GLN C 75 32.38 13.80 -16.82
C GLN C 75 31.56 14.66 -15.85
N LEU C 76 31.03 14.07 -14.78
CA LEU C 76 30.35 14.89 -13.79
C LEU C 76 31.31 15.90 -13.18
N HIS C 77 32.52 15.46 -12.85
CA HIS C 77 33.52 16.40 -12.34
C HIS C 77 33.71 17.55 -13.32
N GLN C 78 33.87 17.22 -14.60
CA GLN C 78 34.06 18.22 -15.64
C GLN C 78 32.90 19.21 -15.68
N ASP C 79 31.67 18.71 -15.76
CA ASP C 79 30.53 19.56 -16.00
C ASP C 79 30.07 20.29 -14.76
N HIS C 80 30.55 19.91 -13.58
CA HIS C 80 30.08 20.56 -12.37
C HIS C 80 31.11 21.48 -11.74
N ILE C 81 32.39 21.10 -11.74
CA ILE C 81 33.40 21.97 -11.14
C ILE C 81 33.46 23.29 -11.89
N VAL C 82 33.39 23.24 -13.23
CA VAL C 82 33.49 24.43 -14.07
C VAL C 82 32.14 24.79 -14.68
N GLY C 83 31.41 23.81 -15.20
CA GLY C 83 30.18 24.08 -15.90
C GLY C 83 30.42 24.45 -17.35
N SER C 84 29.40 25.07 -17.94
CA SER C 84 29.49 25.48 -19.34
C SER C 84 30.53 26.56 -19.54
N PHE C 85 30.63 27.51 -18.60
CA PHE C 85 31.53 28.62 -18.76
C PHE C 85 32.08 29.02 -17.39
N PHE C 86 33.21 29.72 -17.42
CA PHE C 86 33.94 30.09 -16.21
C PHE C 86 34.26 31.57 -16.29
N ARG C 87 33.49 32.38 -15.56
CA ARG C 87 33.53 33.83 -15.70
C ARG C 87 34.39 34.45 -14.60
N LEU C 88 35.25 35.37 -14.99
CA LEU C 88 36.09 36.10 -14.05
C LEU C 88 35.32 37.27 -13.45
N SER C 89 35.71 37.66 -12.24
CA SER C 89 35.25 38.91 -11.64
C SER C 89 36.40 39.47 -10.82
N HIS C 90 36.97 40.57 -11.29
CA HIS C 90 38.15 41.17 -10.68
C HIS C 90 37.73 42.14 -9.59
N ARG C 91 38.03 41.80 -8.34
CA ARG C 91 37.68 42.62 -7.18
C ARG C 91 39.00 43.13 -6.57
N PRO C 92 39.53 44.24 -7.08
CA PRO C 92 40.77 44.77 -6.50
C PRO C 92 40.55 45.26 -5.08
N SER C 93 41.60 45.15 -4.27
CA SER C 93 41.57 45.59 -2.88
C SER C 93 41.94 47.06 -2.83
N TRP C 94 40.96 47.91 -3.15
CA TRP C 94 41.19 49.34 -3.19
C TRP C 94 41.54 49.89 -1.80
N ARG C 95 40.95 49.32 -0.76
CA ARG C 95 41.23 49.80 0.59
C ARG C 95 42.69 49.63 0.95
N TYR C 96 43.24 48.45 0.67
CA TYR C 96 44.66 48.22 0.94
C TYR C 96 45.53 49.14 0.09
N LEU C 97 45.17 49.31 -1.17
CA LEU C 97 45.95 50.13 -2.09
C LEU C 97 45.67 51.61 -1.95
N GLY C 98 44.72 52.00 -1.11
CA GLY C 98 44.38 53.40 -0.97
C GLY C 98 43.87 54.01 -2.26
N ILE C 99 43.00 53.30 -2.96
CA ILE C 99 42.49 53.73 -4.26
C ILE C 99 41.01 54.04 -4.13
N GLY C 100 40.58 55.13 -4.76
CA GLY C 100 39.17 55.48 -4.77
C GLY C 100 38.31 54.35 -5.30
N GLU C 101 37.23 54.05 -4.59
CA GLU C 101 36.45 52.86 -4.90
C GLU C 101 35.87 52.93 -6.30
N GLU C 102 35.39 54.10 -6.72
CA GLU C 102 34.89 54.26 -8.08
C GLU C 102 36.00 54.07 -9.10
N GLU C 103 37.20 54.55 -8.79
CA GLU C 103 38.34 54.32 -9.68
C GLU C 103 38.66 52.84 -9.78
N ALA C 104 38.61 52.14 -8.64
CA ALA C 104 38.82 50.70 -8.67
C ALA C 104 37.75 50.01 -9.50
N ARG C 105 36.51 50.46 -9.40
CA ARG C 105 35.43 49.86 -10.17
C ARG C 105 35.64 50.07 -11.66
N ALA C 106 36.03 51.27 -12.06
CA ALA C 106 36.30 51.53 -13.48
C ALA C 106 37.47 50.68 -13.97
N PHE C 107 38.52 50.58 -13.17
CA PHE C 107 39.66 49.76 -13.54
C PHE C 107 39.26 48.30 -13.69
N SER C 108 38.46 47.80 -12.76
CA SER C 108 38.02 46.41 -12.83
C SER C 108 37.14 46.18 -14.05
N ARG C 109 36.28 47.14 -14.38
CA ARG C 109 35.47 47.00 -15.58
C ARG C 109 36.35 46.92 -16.82
N GLU C 110 37.35 47.79 -16.91
CA GLU C 110 38.24 47.78 -18.07
C GLU C 110 38.99 46.45 -18.18
N VAL C 111 39.56 45.99 -17.07
CA VAL C 111 40.33 44.75 -17.13
C VAL C 111 39.41 43.57 -17.40
N GLU C 112 38.17 43.61 -16.90
CA GLU C 112 37.24 42.53 -17.18
C GLU C 112 36.91 42.49 -18.66
N ALA C 113 36.69 43.64 -19.27
CA ALA C 113 36.43 43.67 -20.71
C ALA C 113 37.62 43.13 -21.49
N ALA C 114 38.82 43.56 -21.12
CA ALA C 114 40.01 43.10 -21.82
C ALA C 114 40.19 41.59 -21.68
N TRP C 115 40.04 41.07 -20.46
CA TRP C 115 40.18 39.64 -20.27
C TRP C 115 39.11 38.86 -21.01
N LYS C 116 37.89 39.37 -21.01
CA LYS C 116 36.80 38.69 -21.71
C LYS C 116 37.09 38.60 -23.20
N GLU C 117 37.52 39.71 -23.81
CA GLU C 117 37.80 39.65 -25.23
C GLU C 117 39.04 38.82 -25.53
N PHE C 118 39.97 38.73 -24.57
CA PHE C 118 41.17 37.94 -24.81
C PHE C 118 40.92 36.44 -24.68
N ALA C 119 40.09 36.05 -23.72
CA ALA C 119 40.01 34.64 -23.32
C ALA C 119 39.28 33.79 -24.35
N GLU C 120 38.11 34.23 -24.79
CA GLU C 120 37.27 33.45 -25.69
C GLU C 120 37.60 33.67 -27.16
N ASP C 121 38.84 34.04 -27.47
CA ASP C 121 39.23 34.27 -28.85
C ASP C 121 39.02 33.01 -29.68
N ASP C 122 38.49 33.20 -30.89
CA ASP C 122 38.23 32.08 -31.78
C ASP C 122 39.51 31.41 -32.23
N CYS C 123 40.59 32.18 -32.41
CA CYS C 123 41.85 31.65 -32.91
C CYS C 123 42.51 30.69 -31.93
N CYS C 124 42.03 30.62 -30.69
CA CYS C 124 42.67 29.82 -29.64
C CYS C 124 44.11 30.26 -29.42
N CYS C 125 44.38 31.54 -29.65
CA CYS C 125 45.74 32.05 -29.54
C CYS C 125 46.26 32.00 -28.11
N ILE C 126 45.37 31.93 -27.12
CA ILE C 126 45.82 31.79 -25.74
C ILE C 126 46.53 30.45 -25.55
N ASP C 127 46.18 29.47 -26.36
CA ASP C 127 46.81 28.16 -26.29
C ASP C 127 47.93 28.07 -27.32
N VAL C 128 49.11 27.64 -26.88
CA VAL C 128 50.20 27.40 -27.80
C VAL C 128 49.81 26.35 -28.82
N GLU C 129 49.13 25.30 -28.35
CA GLU C 129 48.68 24.24 -29.24
C GLU C 129 47.59 24.71 -30.18
N ARG C 130 46.94 25.85 -29.88
CA ARG C 130 45.99 26.49 -30.79
C ARG C 130 44.81 25.58 -31.12
N LYS C 131 44.29 24.88 -30.13
CA LYS C 131 43.05 24.15 -30.32
C LYS C 131 42.09 24.21 -29.13
N ARG C 132 42.39 24.99 -28.10
CA ARG C 132 41.51 25.04 -26.94
C ARG C 132 41.39 26.48 -26.46
N THR C 133 40.26 26.80 -25.85
CA THR C 133 40.06 28.11 -25.25
C THR C 133 40.16 28.00 -23.74
N PHE C 134 39.90 29.11 -23.05
CA PHE C 134 40.15 29.16 -21.61
C PHE C 134 39.18 28.27 -20.83
N THR C 135 37.94 28.15 -21.28
CA THR C 135 37.00 27.32 -20.55
C THR C 135 37.46 25.87 -20.53
N MET C 136 37.76 25.30 -21.70
CA MET C 136 38.28 23.95 -21.66
C MET C 136 39.75 23.88 -21.25
N MET C 137 40.47 25.00 -21.22
CA MET C 137 41.67 25.05 -20.39
C MET C 137 41.37 24.61 -18.97
N ILE C 138 40.45 25.32 -18.31
CA ILE C 138 40.12 24.97 -16.93
C ILE C 138 39.58 23.55 -16.85
N ARG C 139 38.81 23.15 -17.88
CA ARG C 139 38.24 21.82 -17.88
C ARG C 139 39.30 20.73 -17.93
N GLU C 140 40.24 20.85 -18.87
CA GLU C 140 41.33 19.89 -18.96
C GLU C 140 42.12 19.89 -17.67
N GLY C 141 42.37 21.07 -17.09
CA GLY C 141 43.12 21.13 -15.85
C GLY C 141 42.45 20.36 -14.73
N VAL C 142 41.16 20.60 -14.52
CA VAL C 142 40.49 19.94 -13.42
C VAL C 142 40.37 18.45 -13.68
N ALA C 143 40.09 18.05 -14.92
CA ALA C 143 39.96 16.63 -15.23
C ALA C 143 41.28 15.91 -15.00
N MET C 144 42.38 16.49 -15.46
CA MET C 144 43.66 15.82 -15.34
C MET C 144 44.17 15.84 -13.91
N HIS C 145 43.84 16.88 -13.14
CA HIS C 145 44.07 16.81 -11.70
C HIS C 145 43.27 15.70 -11.07
N ALA C 146 42.04 15.49 -11.53
CA ALA C 146 41.19 14.48 -10.92
C ALA C 146 41.74 13.08 -11.17
N PHE C 147 42.10 12.79 -12.41
CA PHE C 147 42.51 11.42 -12.73
C PHE C 147 44.02 11.21 -12.62
N ASN C 148 44.79 12.25 -12.29
CA ASN C 148 46.22 12.09 -12.05
C ASN C 148 46.71 12.67 -10.74
N GLY C 149 45.91 13.46 -10.05
CA GLY C 149 46.29 14.02 -8.77
C GLY C 149 46.99 15.36 -8.84
N GLU C 150 47.32 15.85 -10.03
CA GLU C 150 48.03 17.12 -10.15
C GLU C 150 47.85 17.67 -11.55
N LEU C 151 48.27 18.91 -11.74
CA LEU C 151 48.22 19.53 -13.05
C LEU C 151 49.41 20.46 -13.19
N PHE C 152 49.92 20.56 -14.43
CA PHE C 152 51.09 21.36 -14.73
C PHE C 152 50.80 22.23 -15.95
N VAL C 153 50.98 23.54 -15.80
CA VAL C 153 50.78 24.49 -16.87
C VAL C 153 52.07 25.28 -17.07
N GLN C 154 52.31 25.69 -18.31
CA GLN C 154 53.49 26.46 -18.66
C GLN C 154 53.05 27.70 -19.43
N ALA C 155 53.53 28.85 -18.99
CA ALA C 155 53.25 30.13 -19.64
C ALA C 155 54.44 30.51 -20.50
N THR C 156 54.19 30.72 -21.79
CA THR C 156 55.24 31.04 -22.74
C THR C 156 55.03 32.43 -23.30
N TRP C 157 56.13 33.07 -23.67
CA TRP C 157 56.12 34.40 -24.25
C TRP C 157 56.33 34.26 -25.75
N ASP C 158 55.25 34.37 -26.51
CA ASP C 158 55.34 34.26 -27.96
C ASP C 158 56.05 35.48 -28.53
N THR C 159 56.63 35.31 -29.71
CA THR C 159 57.29 36.40 -30.41
C THR C 159 56.46 36.97 -31.55
N SER C 160 55.37 36.32 -31.92
CA SER C 160 54.53 36.81 -33.01
C SER C 160 53.80 38.08 -32.57
N SER C 161 53.85 39.11 -33.41
CA SER C 161 53.16 40.36 -33.14
C SER C 161 51.75 40.40 -33.73
N SER C 162 51.29 39.31 -34.33
CA SER C 162 49.96 39.27 -34.89
C SER C 162 48.87 39.49 -33.85
N ARG C 163 49.19 39.25 -32.58
CA ARG C 163 48.25 39.46 -31.49
C ARG C 163 48.81 40.49 -30.53
N LEU C 164 47.92 41.25 -29.91
CA LEU C 164 48.34 42.24 -28.92
C LEU C 164 48.94 41.57 -27.69
N PHE C 165 48.47 40.38 -27.35
CA PHE C 165 48.99 39.62 -26.23
C PHE C 165 49.83 38.47 -26.75
N ARG C 166 51.06 38.37 -26.26
CA ARG C 166 51.96 37.29 -26.64
C ARG C 166 52.08 36.21 -25.59
N THR C 167 51.34 36.32 -24.48
CA THR C 167 51.37 35.29 -23.46
C THR C 167 50.46 34.14 -23.85
N GLN C 168 51.03 32.94 -23.95
CA GLN C 168 50.29 31.75 -24.31
C GLN C 168 50.49 30.71 -23.22
N PHE C 169 49.63 29.70 -23.22
CA PHE C 169 49.67 28.67 -22.19
C PHE C 169 49.60 27.29 -22.81
N ARG C 170 50.37 26.37 -22.26
CA ARG C 170 50.35 24.98 -22.70
C ARG C 170 50.42 24.06 -21.50
N MET C 171 49.60 23.03 -21.49
CA MET C 171 49.63 22.06 -20.40
C MET C 171 50.69 21.01 -20.63
N VAL C 172 51.17 20.43 -19.54
CA VAL C 172 52.10 19.32 -19.57
C VAL C 172 51.46 18.16 -18.81
N SER C 173 51.35 17.01 -19.47
CA SER C 173 50.85 15.84 -18.78
C SER C 173 51.82 15.45 -17.68
N PRO C 174 51.32 14.97 -16.53
CA PRO C 174 52.24 14.62 -15.43
C PRO C 174 53.25 13.56 -15.81
N LYS C 175 52.88 12.66 -16.71
CA LYS C 175 53.82 11.61 -17.12
C LYS C 175 55.02 12.17 -17.84
N ARG C 176 54.93 13.39 -18.36
CA ARG C 176 56.08 14.00 -18.99
C ARG C 176 57.07 14.57 -17.97
N ILE C 177 56.72 14.56 -16.68
CA ILE C 177 57.61 15.04 -15.63
C ILE C 177 58.26 13.84 -14.98
N SER C 178 59.57 13.72 -15.12
CA SER C 178 60.30 12.60 -14.54
C SER C 178 61.77 12.98 -14.41
N ASN C 179 62.48 12.19 -13.62
CA ASN C 179 63.91 12.41 -13.48
C ASN C 179 64.60 12.22 -14.83
N PRO C 180 65.58 13.06 -15.16
CA PRO C 180 66.31 12.86 -16.42
C PRO C 180 66.98 11.49 -16.45
N ASN C 181 66.92 10.87 -17.62
CA ASN C 181 67.49 9.54 -17.85
C ASN C 181 66.94 8.49 -16.89
N ASN C 182 65.77 8.76 -16.31
CA ASN C 182 65.11 7.83 -15.40
C ASN C 182 66.01 7.41 -14.24
N THR C 183 66.83 8.35 -13.79
CA THR C 183 67.73 8.07 -12.68
C THR C 183 66.95 7.99 -11.37
N GLY C 184 67.54 7.30 -10.41
CA GLY C 184 66.90 7.17 -9.11
C GLY C 184 66.77 8.52 -8.42
N ASP C 185 65.68 8.69 -7.68
CA ASP C 185 65.43 9.95 -7.01
C ASP C 185 66.39 10.14 -5.84
N SER C 186 66.60 11.40 -5.49
CA SER C 186 67.50 11.75 -4.39
C SER C 186 66.78 12.63 -3.38
N ARG C 187 67.53 13.20 -2.44
CA ARG C 187 66.91 14.09 -1.45
C ARG C 187 66.28 15.30 -2.12
N ASN C 188 67.01 15.93 -3.03
CA ASN C 188 66.57 17.17 -3.65
C ASN C 188 66.04 16.98 -5.07
N CYS C 189 65.95 15.75 -5.55
CA CYS C 189 65.46 15.49 -6.91
C CYS C 189 64.58 14.25 -6.85
N ARG C 190 63.27 14.44 -6.79
CA ARG C 190 62.31 13.36 -6.71
C ARG C 190 61.28 13.52 -7.81
N ALA C 191 61.11 12.48 -8.63
CA ALA C 191 60.06 12.45 -9.65
C ALA C 191 60.13 13.65 -10.58
N GLY C 192 61.35 14.09 -10.89
CA GLY C 192 61.57 15.11 -11.87
C GLY C 192 61.45 16.54 -11.39
N VAL C 193 61.10 16.76 -10.13
CA VAL C 193 61.00 18.10 -9.57
C VAL C 193 62.13 18.28 -8.56
N GLN C 194 62.90 19.35 -8.73
CA GLN C 194 63.96 19.68 -7.80
C GLN C 194 63.39 20.45 -6.61
N ILE C 195 63.81 20.06 -5.42
CA ILE C 195 63.33 20.71 -4.20
C ILE C 195 64.51 21.33 -3.47
N ASN C 196 64.19 22.31 -2.63
CA ASN C 196 65.20 22.95 -1.79
C ASN C 196 65.27 22.20 -0.46
N ASP C 197 65.94 22.81 0.52
CA ASP C 197 66.00 22.20 1.85
C ASP C 197 64.62 22.12 2.48
N SER C 198 63.80 23.15 2.29
CA SER C 198 62.48 23.22 2.90
C SER C 198 61.41 22.48 2.11
N GLY C 199 61.77 21.88 0.98
CA GLY C 199 60.82 21.17 0.15
C GLY C 199 60.16 22.03 -0.91
N ALA C 200 60.42 23.33 -0.94
CA ALA C 200 59.87 24.18 -1.98
C ALA C 200 60.42 23.78 -3.34
N ALA C 201 59.57 23.81 -4.35
CA ALA C 201 59.95 23.40 -5.69
C ALA C 201 60.78 24.50 -6.34
N LEU C 202 62.03 24.19 -6.67
CA LEU C 202 62.88 25.16 -7.35
C LEU C 202 62.74 25.07 -8.86
N GLY C 203 62.38 23.90 -9.37
CA GLY C 203 62.24 23.71 -10.80
C GLY C 203 61.81 22.29 -11.09
N TYR C 204 61.69 22.01 -12.39
CA TYR C 204 61.16 20.74 -12.85
C TYR C 204 62.00 20.23 -14.00
N TYR C 205 61.94 18.91 -14.21
CA TYR C 205 62.53 18.26 -15.37
C TYR C 205 61.40 17.71 -16.21
N VAL C 206 61.22 18.26 -17.40
CA VAL C 206 60.13 17.89 -18.29
C VAL C 206 60.70 17.06 -19.43
N SER C 207 60.07 15.92 -19.70
CA SER C 207 60.49 15.05 -20.78
C SER C 207 59.65 15.33 -22.01
N GLU C 208 60.29 15.33 -23.16
CA GLU C 208 59.56 15.52 -24.41
C GLU C 208 58.69 14.29 -24.69
N ASP C 209 57.77 14.44 -25.63
CA ASP C 209 56.90 13.33 -25.99
C ASP C 209 57.70 12.22 -26.66
N GLY C 210 57.27 10.98 -26.44
CA GLY C 210 58.00 9.83 -26.94
C GLY C 210 57.31 9.11 -28.08
N TYR C 211 56.45 9.81 -28.80
CA TYR C 211 55.73 9.13 -29.87
C TYR C 211 56.25 9.57 -31.21
N PRO C 212 56.58 8.63 -32.11
CA PRO C 212 56.54 7.17 -31.92
C PRO C 212 57.70 6.72 -31.04
N GLY C 213 57.70 5.49 -30.55
CA GLY C 213 58.70 5.08 -29.58
C GLY C 213 60.08 4.83 -30.12
N TRP C 214 60.43 5.47 -31.24
CA TRP C 214 61.71 5.25 -31.90
C TRP C 214 62.77 6.27 -31.53
N MET C 215 62.49 7.20 -30.61
CA MET C 215 63.57 8.10 -30.24
C MET C 215 63.66 8.27 -28.73
N PRO C 216 64.87 8.37 -28.20
CA PRO C 216 65.03 8.66 -26.77
C PRO C 216 64.38 9.98 -26.37
N GLN C 217 63.83 10.00 -25.17
CA GLN C 217 63.27 11.23 -24.61
C GLN C 217 64.38 12.09 -24.05
N LYS C 218 64.25 13.40 -24.21
CA LYS C 218 65.19 14.36 -23.64
C LYS C 218 64.50 15.18 -22.58
N TRP C 219 65.21 15.44 -21.49
CA TRP C 219 64.67 16.16 -20.35
C TRP C 219 65.21 17.59 -20.34
N THR C 220 64.32 18.55 -20.12
CA THR C 220 64.65 19.95 -20.05
C THR C 220 64.37 20.49 -18.66
N TRP C 221 65.27 21.31 -18.16
CA TRP C 221 65.10 21.94 -16.86
C TRP C 221 64.30 23.23 -17.02
N ILE C 222 63.25 23.37 -16.22
CA ILE C 222 62.39 24.53 -16.25
C ILE C 222 62.32 25.11 -14.84
N PRO C 223 62.78 26.35 -14.62
CA PRO C 223 62.61 26.96 -13.30
C PRO C 223 61.14 27.16 -12.98
N ARG C 224 60.82 27.08 -11.69
CA ARG C 224 59.42 27.18 -11.29
C ARG C 224 58.85 28.55 -11.64
N GLU C 225 59.61 29.61 -11.39
CA GLU C 225 59.15 30.96 -11.65
C GLU C 225 60.28 31.79 -12.25
N LEU C 226 59.90 32.82 -12.97
CA LEU C 226 60.88 33.70 -13.60
C LEU C 226 61.60 34.54 -12.55
N PRO C 227 62.80 35.04 -12.88
CA PRO C 227 63.50 35.90 -11.91
C PRO C 227 62.72 37.13 -11.51
N GLY C 228 61.89 37.67 -12.41
CA GLY C 228 61.08 38.82 -12.09
C GLY C 228 59.84 38.52 -11.29
N GLY C 229 59.68 37.28 -10.83
CA GLY C 229 58.50 36.88 -10.09
C GLY C 229 57.36 36.36 -10.94
N ARG C 230 57.47 36.46 -12.26
CA ARG C 230 56.43 35.93 -13.14
C ARG C 230 56.42 34.41 -13.06
N ALA C 231 55.22 33.85 -12.98
CA ALA C 231 55.06 32.41 -12.85
C ALA C 231 55.28 31.71 -14.17
N SER C 232 56.52 31.30 -14.44
CA SER C 232 56.81 30.58 -15.68
C SER C 232 56.11 29.24 -15.71
N PHE C 233 56.14 28.50 -14.61
CA PHE C 233 55.55 27.18 -14.53
C PHE C 233 54.64 27.11 -13.31
N ILE C 234 53.48 26.48 -13.47
CA ILE C 234 52.49 26.37 -12.42
C ILE C 234 52.19 24.90 -12.18
N HIS C 235 52.31 24.47 -10.93
CA HIS C 235 51.96 23.12 -10.52
C HIS C 235 50.89 23.22 -9.44
N VAL C 236 49.72 22.65 -9.71
CA VAL C 236 48.60 22.72 -8.77
C VAL C 236 48.13 21.32 -8.46
N PHE C 237 48.02 21.02 -7.17
CA PHE C 237 47.53 19.73 -6.71
C PHE C 237 47.10 19.90 -5.26
N GLU C 238 46.57 18.82 -4.68
CA GLU C 238 46.05 18.85 -3.32
C GLU C 238 46.98 17.98 -2.49
N PRO C 239 47.81 18.56 -1.63
CA PRO C 239 48.67 17.75 -0.76
C PRO C 239 47.92 17.32 0.49
N VAL C 240 48.37 16.21 1.07
CA VAL C 240 47.77 15.69 2.29
C VAL C 240 48.70 15.75 3.49
N GLU C 241 49.99 16.01 3.29
CA GLU C 241 50.96 16.00 4.37
C GLU C 241 52.21 16.75 3.94
N ASP C 242 53.05 17.08 4.91
CA ASP C 242 54.29 17.77 4.62
C ASP C 242 55.20 16.89 3.77
N GLY C 243 55.85 17.51 2.78
CA GLY C 243 56.82 16.83 1.97
C GLY C 243 56.27 16.09 0.76
N GLN C 244 54.96 16.05 0.59
CA GLN C 244 54.40 15.43 -0.60
C GLN C 244 54.72 16.28 -1.82
N THR C 245 55.25 15.65 -2.86
CA THR C 245 55.66 16.36 -4.06
C THR C 245 54.77 16.09 -5.27
N ARG C 246 54.11 14.95 -5.32
CA ARG C 246 53.23 14.61 -6.43
C ARG C 246 51.86 14.23 -5.88
N GLY C 247 50.81 14.73 -6.54
CA GLY C 247 49.47 14.39 -6.13
C GLY C 247 49.13 12.95 -6.44
N ALA C 248 48.17 12.42 -5.68
CA ALA C 248 47.69 11.07 -5.86
C ALA C 248 46.25 11.10 -6.35
N ASN C 249 45.99 10.43 -7.46
CA ASN C 249 44.64 10.40 -8.02
C ASN C 249 43.70 9.69 -7.07
N VAL C 250 42.43 10.08 -7.12
CA VAL C 250 41.42 9.49 -6.25
C VAL C 250 41.23 8.01 -6.57
N PHE C 251 41.33 7.65 -7.85
CA PHE C 251 41.06 6.28 -8.28
C PHE C 251 41.85 5.25 -7.50
N TYR C 252 42.87 5.68 -6.75
CA TYR C 252 43.66 4.75 -5.95
C TYR C 252 42.80 3.97 -4.98
N SER C 253 41.65 4.51 -4.58
CA SER C 253 40.83 3.86 -3.57
C SER C 253 39.74 2.97 -4.13
N VAL C 254 39.60 2.87 -5.45
CA VAL C 254 38.44 2.19 -5.99
C VAL C 254 38.77 1.23 -7.13
N MET C 255 40.04 1.16 -7.52
CA MET C 255 40.41 0.35 -8.69
C MET C 255 39.92 -1.09 -8.53
N GLU C 256 40.24 -1.70 -7.39
CA GLU C 256 39.82 -3.08 -7.17
C GLU C 256 38.31 -3.21 -7.22
N GLN C 257 37.58 -2.18 -6.81
CA GLN C 257 36.12 -2.26 -6.87
C GLN C 257 35.65 -2.33 -8.31
N MET C 258 36.26 -1.54 -9.21
CA MET C 258 35.95 -1.67 -10.61
C MET C 258 36.26 -3.07 -11.10
N LYS C 259 37.35 -3.66 -10.59
CA LYS C 259 37.71 -5.00 -11.04
C LYS C 259 36.68 -6.04 -10.60
N MET C 260 36.26 -6.01 -9.32
CA MET C 260 35.23 -6.97 -8.97
C MET C 260 33.93 -6.67 -9.69
N LEU C 261 33.68 -5.40 -10.04
CA LEU C 261 32.49 -5.11 -10.82
C LEU C 261 32.53 -5.80 -12.17
N ASP C 262 33.64 -5.66 -12.90
CA ASP C 262 33.73 -6.30 -14.20
C ASP C 262 33.66 -7.82 -14.08
N THR C 263 34.35 -8.38 -13.08
CA THR C 263 34.28 -9.83 -12.90
C THR C 263 32.85 -10.27 -12.60
N LEU C 264 32.11 -9.46 -11.83
CA LEU C 264 30.72 -9.78 -11.55
C LEU C 264 29.89 -9.76 -12.82
N GLN C 265 30.12 -8.78 -13.70
CA GLN C 265 29.38 -8.73 -14.94
C GLN C 265 29.63 -9.98 -15.77
N ASN C 266 30.90 -10.35 -15.93
CA ASN C 266 31.20 -11.56 -16.68
C ASN C 266 30.61 -12.80 -16.04
N THR C 267 30.68 -12.89 -14.71
CA THR C 267 30.14 -14.05 -14.02
C THR C 267 28.63 -14.15 -14.21
N GLN C 268 27.93 -13.01 -14.16
CA GLN C 268 26.50 -13.02 -14.42
C GLN C 268 26.23 -13.49 -15.85
N LEU C 269 27.05 -13.05 -16.80
CA LEU C 269 26.88 -13.54 -18.16
C LEU C 269 27.01 -15.05 -18.23
N GLN C 270 28.06 -15.60 -17.63
CA GLN C 270 28.25 -17.04 -17.70
C GLN C 270 27.14 -17.78 -16.99
N SER C 271 26.63 -17.22 -15.90
CA SER C 271 25.49 -17.84 -15.23
C SER C 271 24.28 -17.88 -16.14
N ALA C 272 24.02 -16.78 -16.85
CA ALA C 272 22.89 -16.77 -17.77
C ALA C 272 23.10 -17.79 -18.88
N ILE C 273 24.33 -17.93 -19.37
CA ILE C 273 24.61 -18.91 -20.41
C ILE C 273 24.35 -20.31 -19.89
N VAL C 274 24.90 -20.64 -18.72
CA VAL C 274 24.84 -22.01 -18.23
C VAL C 274 23.43 -22.38 -17.83
N LYS C 275 22.63 -21.42 -17.36
CA LYS C 275 21.25 -21.73 -17.04
C LYS C 275 20.39 -21.85 -18.28
N ALA C 276 20.91 -21.48 -19.45
CA ALA C 276 20.27 -21.75 -20.73
C ALA C 276 20.89 -22.94 -21.43
N MET C 277 21.72 -23.69 -20.73
CA MET C 277 22.42 -24.84 -21.30
C MET C 277 21.51 -26.05 -21.26
N TYR C 278 21.58 -26.86 -22.31
CA TYR C 278 20.70 -28.01 -22.46
C TYR C 278 21.49 -29.18 -23.03
N ALA C 279 21.29 -30.36 -22.45
CA ALA C 279 22.00 -31.56 -22.88
C ALA C 279 21.02 -32.72 -22.94
N ALA C 280 21.02 -33.44 -24.06
CA ALA C 280 20.17 -34.60 -24.25
C ALA C 280 20.96 -35.69 -24.96
N THR C 281 21.02 -36.87 -24.35
CA THR C 281 21.74 -38.00 -24.91
C THR C 281 20.84 -39.22 -24.93
N ILE C 282 20.92 -39.98 -26.02
CA ILE C 282 20.24 -41.27 -26.12
C ILE C 282 21.26 -42.32 -25.66
N GLU C 283 21.18 -42.69 -24.40
CA GLU C 283 22.13 -43.64 -23.83
C GLU C 283 21.50 -45.01 -23.71
N SER C 284 22.37 -46.02 -23.61
CA SER C 284 21.97 -47.39 -23.38
C SER C 284 22.73 -47.93 -22.18
N GLU C 285 22.08 -48.80 -21.41
CA GLU C 285 22.68 -49.27 -20.17
C GLU C 285 23.68 -50.40 -20.42
N LEU C 286 23.21 -51.55 -20.90
CA LEU C 286 24.02 -52.75 -21.05
C LEU C 286 25.05 -52.89 -19.94
N ASP C 287 26.30 -53.15 -20.30
CA ASP C 287 27.44 -53.13 -19.38
C ASP C 287 27.10 -53.87 -18.09
N THR C 288 26.86 -55.17 -18.24
CA THR C 288 26.27 -55.99 -17.18
C THR C 288 27.29 -56.32 -16.09
N GLN C 289 27.85 -55.27 -15.48
CA GLN C 289 28.67 -55.39 -14.29
C GLN C 289 29.78 -56.43 -14.45
N SER C 290 29.59 -57.60 -13.87
CA SER C 290 30.55 -58.69 -14.04
C SER C 290 30.57 -59.16 -15.48
N ALA C 291 29.41 -59.32 -16.10
CA ALA C 291 29.35 -59.63 -17.52
C ALA C 291 29.93 -58.50 -18.36
N MET C 292 29.90 -57.26 -17.86
CA MET C 292 30.61 -56.19 -18.54
C MET C 292 32.10 -56.46 -18.57
N ASP C 293 32.66 -56.91 -17.45
CA ASP C 293 34.08 -57.27 -17.42
C ASP C 293 34.37 -58.46 -18.32
N PHE C 294 33.46 -59.44 -18.35
CA PHE C 294 33.65 -60.58 -19.23
C PHE C 294 33.64 -60.16 -20.69
N ILE C 295 32.72 -59.26 -21.06
CA ILE C 295 32.68 -58.74 -22.42
C ILE C 295 33.92 -57.92 -22.72
N LEU C 296 34.44 -57.19 -21.73
CA LEU C 296 35.69 -56.46 -21.91
C LEU C 296 36.83 -57.42 -22.22
N GLY C 297 36.92 -58.52 -21.46
CA GLY C 297 37.96 -59.50 -21.71
C GLY C 297 37.81 -60.12 -23.10
N ALA C 298 36.58 -60.48 -23.48
CA ALA C 298 36.36 -61.10 -24.78
C ALA C 298 36.72 -60.15 -25.91
N ASN C 299 36.27 -58.89 -25.82
CA ASN C 299 36.56 -57.91 -26.86
C ASN C 299 38.04 -57.61 -26.95
N SER C 300 38.72 -57.49 -25.80
CA SER C 300 40.16 -57.26 -25.82
C SER C 300 40.89 -58.44 -26.46
N GLN C 301 40.51 -59.67 -26.09
CA GLN C 301 41.16 -60.85 -26.65
C GLN C 301 40.95 -60.96 -28.15
N GLU C 302 39.72 -61.24 -28.57
CA GLU C 302 39.44 -61.39 -29.99
C GLU C 302 38.06 -60.91 -30.42
N GLN C 303 37.25 -60.33 -29.54
CA GLN C 303 35.84 -60.15 -29.88
C GLN C 303 35.42 -58.68 -29.96
N ARG C 304 36.24 -57.84 -30.60
CA ARG C 304 35.80 -56.50 -30.93
C ARG C 304 34.66 -56.52 -31.96
N GLU C 305 34.43 -57.66 -32.60
CA GLU C 305 33.37 -57.79 -33.58
C GLU C 305 32.01 -57.49 -32.97
N ARG C 306 31.79 -57.90 -31.72
CA ARG C 306 30.53 -57.59 -31.05
C ARG C 306 30.30 -56.08 -31.03
N LEU C 307 31.30 -55.34 -30.55
CA LEU C 307 31.16 -53.89 -30.45
C LEU C 307 30.99 -53.25 -31.82
N THR C 308 31.78 -53.68 -32.80
CA THR C 308 31.69 -53.09 -34.13
C THR C 308 30.32 -53.34 -34.76
N GLY C 309 29.82 -54.57 -34.65
CA GLY C 309 28.52 -54.89 -35.22
C GLY C 309 27.39 -54.16 -34.52
N TRP C 310 27.46 -54.06 -33.19
CA TRP C 310 26.43 -53.33 -32.46
C TRP C 310 26.45 -51.86 -32.84
N ILE C 311 27.63 -51.27 -32.97
CA ILE C 311 27.74 -49.87 -33.38
C ILE C 311 27.16 -49.68 -34.77
N GLY C 312 27.47 -50.60 -35.69
CA GLY C 312 26.93 -50.50 -37.04
C GLY C 312 25.42 -50.61 -37.06
N GLU C 313 24.88 -51.56 -36.30
CA GLU C 313 23.42 -51.71 -36.23
C GLU C 313 22.77 -50.47 -35.65
N ILE C 314 23.35 -49.91 -34.60
CA ILE C 314 22.81 -48.69 -33.99
C ILE C 314 22.84 -47.56 -34.99
N ALA C 315 23.96 -47.40 -35.69
CA ALA C 315 24.08 -46.33 -36.67
C ALA C 315 23.06 -46.49 -37.79
N ALA C 316 22.87 -47.72 -38.27
CA ALA C 316 21.89 -47.95 -39.33
C ALA C 316 20.48 -47.63 -38.85
N TYR C 317 20.12 -48.10 -37.65
CA TYR C 317 18.79 -47.84 -37.15
C TYR C 317 18.55 -46.34 -37.00
N TYR C 318 19.51 -45.62 -36.43
CA TYR C 318 19.28 -44.21 -36.18
C TYR C 318 19.52 -43.33 -37.39
N ALA C 319 20.13 -43.88 -38.46
CA ALA C 319 20.10 -43.22 -39.75
C ALA C 319 18.76 -43.44 -40.43
N ALA C 320 18.08 -44.54 -40.11
CA ALA C 320 16.70 -44.70 -40.54
C ALA C 320 15.74 -43.86 -39.70
N ALA C 321 16.09 -43.62 -38.44
CA ALA C 321 15.25 -42.96 -37.45
C ALA C 321 15.21 -41.44 -37.53
N PRO C 322 16.35 -40.76 -37.77
CA PRO C 322 16.55 -39.41 -37.24
C PRO C 322 15.62 -39.01 -36.10
N VAL C 323 16.02 -39.35 -34.87
CA VAL C 323 15.29 -38.92 -33.68
C VAL C 323 15.89 -37.56 -33.29
N ARG C 324 15.23 -36.50 -33.73
CA ARG C 324 15.70 -35.14 -33.50
C ARG C 324 14.85 -34.50 -32.41
N LEU C 325 15.48 -34.12 -31.30
CA LEU C 325 14.79 -33.37 -30.28
C LEU C 325 14.33 -32.01 -30.80
N GLY C 326 15.19 -31.34 -31.56
CA GLY C 326 14.87 -30.06 -32.15
C GLY C 326 15.40 -30.00 -33.57
N GLY C 327 16.17 -28.97 -33.88
CA GLY C 327 16.79 -28.91 -35.17
C GLY C 327 18.03 -29.76 -35.32
N ALA C 328 18.45 -30.43 -34.26
CA ALA C 328 19.67 -31.22 -34.25
C ALA C 328 19.36 -32.68 -33.93
N LYS C 329 20.36 -33.52 -34.11
CA LYS C 329 20.26 -34.94 -33.87
C LYS C 329 20.91 -35.29 -32.53
N VAL C 330 20.23 -36.10 -31.74
CA VAL C 330 20.71 -36.46 -30.42
C VAL C 330 21.94 -37.37 -30.55
N PRO C 331 23.05 -37.03 -29.91
CA PRO C 331 24.22 -37.90 -29.97
C PRO C 331 23.98 -39.21 -29.23
N HIS C 332 24.69 -40.24 -29.65
CA HIS C 332 24.56 -41.57 -29.07
C HIS C 332 25.83 -41.91 -28.29
N LEU C 333 25.66 -42.63 -27.18
CA LEU C 333 26.74 -42.91 -26.26
C LEU C 333 27.03 -44.41 -26.22
N MET C 334 28.18 -44.76 -25.66
CA MET C 334 28.51 -46.17 -25.47
C MET C 334 27.61 -46.79 -24.41
N PRO C 335 27.35 -48.09 -24.51
CA PRO C 335 26.64 -48.79 -23.43
C PRO C 335 27.40 -48.65 -22.13
N GLY C 336 26.66 -48.44 -21.05
CA GLY C 336 27.27 -48.20 -19.76
C GLY C 336 27.81 -46.81 -19.56
N ASP C 337 27.67 -45.93 -20.55
CA ASP C 337 28.17 -44.56 -20.46
C ASP C 337 26.97 -43.62 -20.48
N SER C 338 26.86 -42.80 -19.45
CA SER C 338 25.78 -41.84 -19.32
C SER C 338 26.35 -40.50 -18.91
N LEU C 339 25.87 -39.44 -19.54
CA LEU C 339 26.31 -38.10 -19.19
C LEU C 339 25.80 -37.74 -17.80
N ASN C 340 26.71 -37.30 -16.94
CA ASN C 340 26.38 -36.91 -15.57
C ASN C 340 26.88 -35.49 -15.36
N LEU C 341 25.98 -34.53 -15.49
CA LEU C 341 26.29 -33.13 -15.22
C LEU C 341 25.50 -32.68 -13.99
N GLN C 342 26.21 -32.04 -13.05
CA GLN C 342 25.59 -31.54 -11.84
C GLN C 342 26.20 -30.19 -11.52
N THR C 343 25.50 -29.43 -10.70
CA THR C 343 25.86 -28.04 -10.41
C THR C 343 26.00 -27.83 -8.91
N ALA C 344 26.38 -26.59 -8.57
CA ALA C 344 26.55 -26.16 -7.19
C ALA C 344 25.20 -25.86 -6.57
N GLN C 345 25.19 -25.13 -5.45
CA GLN C 345 23.93 -24.68 -4.87
C GLN C 345 23.10 -23.92 -5.90
N ASP C 346 21.78 -23.98 -5.73
CA ASP C 346 20.84 -23.45 -6.72
C ASP C 346 19.85 -22.45 -6.14
N THR C 347 20.33 -21.47 -5.41
CA THR C 347 19.50 -20.33 -5.01
C THR C 347 19.77 -19.17 -5.95
N ASP C 348 19.19 -18.02 -5.62
CA ASP C 348 19.48 -16.81 -6.36
C ASP C 348 20.86 -16.29 -5.98
N ASN C 349 21.56 -15.70 -6.96
CA ASN C 349 22.93 -15.25 -6.76
C ASN C 349 23.03 -13.93 -5.99
N GLY C 350 21.92 -13.20 -5.83
CA GLY C 350 21.98 -11.91 -5.16
C GLY C 350 22.79 -10.88 -5.92
N TYR C 351 22.71 -10.90 -7.24
CA TYR C 351 23.50 -9.97 -8.04
C TYR C 351 23.09 -8.53 -7.80
N SER C 352 21.79 -8.28 -7.70
CA SER C 352 21.28 -6.92 -7.65
C SER C 352 21.82 -6.18 -6.43
N VAL C 353 21.66 -6.76 -5.24
CA VAL C 353 22.14 -6.11 -4.03
C VAL C 353 23.66 -6.01 -4.05
N PHE C 354 24.33 -7.02 -4.60
CA PHE C 354 25.78 -6.99 -4.69
C PHE C 354 26.25 -5.76 -5.44
N GLU C 355 25.75 -5.56 -6.65
CA GLU C 355 26.26 -4.45 -7.42
C GLU C 355 25.69 -3.11 -6.96
N GLN C 356 24.53 -3.11 -6.29
CA GLN C 356 24.12 -1.91 -5.58
C GLN C 356 25.18 -1.51 -4.55
N SER C 357 25.58 -2.46 -3.72
CA SER C 357 26.57 -2.16 -2.69
C SER C 357 27.88 -1.70 -3.31
N LEU C 358 28.30 -2.34 -4.40
CA LEU C 358 29.50 -1.89 -5.09
C LEU C 358 29.34 -0.46 -5.59
N LEU C 359 28.40 -0.22 -6.51
CA LEU C 359 28.22 1.12 -7.05
C LEU C 359 28.20 2.15 -5.93
N ARG C 360 27.59 1.80 -4.80
CA ARG C 360 27.65 2.70 -3.65
C ARG C 360 29.08 2.89 -3.17
N TYR C 361 29.86 1.81 -3.13
CA TYR C 361 31.25 1.92 -2.69
C TYR C 361 32.04 2.85 -3.59
N ILE C 362 31.97 2.64 -4.91
CA ILE C 362 32.73 3.52 -5.81
C ILE C 362 32.21 4.94 -5.73
N ALA C 363 30.90 5.13 -5.60
CA ALA C 363 30.36 6.48 -5.49
C ALA C 363 30.91 7.19 -4.26
N ALA C 364 31.01 6.47 -3.14
CA ALA C 364 31.66 7.04 -1.97
C ALA C 364 33.13 7.31 -2.25
N GLY C 365 33.77 6.45 -3.05
CA GLY C 365 35.17 6.64 -3.35
C GLY C 365 35.45 7.94 -4.07
N LEU C 366 34.68 8.24 -5.11
CA LEU C 366 34.81 9.52 -5.77
C LEU C 366 34.11 10.65 -5.03
N GLY C 367 33.33 10.35 -4.00
CA GLY C 367 32.66 11.37 -3.25
C GLY C 367 31.44 11.95 -3.92
N VAL C 368 31.05 11.42 -5.07
CA VAL C 368 29.86 11.90 -5.76
C VAL C 368 28.68 11.07 -5.31
N SER C 369 27.48 11.62 -5.52
CA SER C 369 26.27 10.91 -5.10
C SER C 369 26.08 9.64 -5.92
N TYR C 370 25.57 8.61 -5.26
CA TYR C 370 25.37 7.33 -5.94
C TYR C 370 24.36 7.44 -7.06
N GLU C 371 23.26 8.17 -6.84
CA GLU C 371 22.19 8.22 -7.82
C GLU C 371 22.56 8.98 -9.08
N GLN C 372 23.69 9.67 -9.10
CA GLN C 372 24.14 10.31 -10.33
C GLN C 372 25.27 9.55 -11.01
N LEU C 373 26.12 8.89 -10.24
CA LEU C 373 27.21 8.12 -10.85
C LEU C 373 26.65 6.93 -11.62
N SER C 374 25.76 6.17 -11.00
CA SER C 374 25.10 5.05 -11.66
C SER C 374 23.80 5.44 -12.32
N ARG C 375 23.42 6.73 -12.23
CA ARG C 375 22.14 7.25 -12.68
C ARG C 375 21.00 6.28 -12.39
N ASN C 376 21.02 5.67 -11.21
CA ASN C 376 19.91 4.89 -10.73
C ASN C 376 19.07 5.76 -9.80
N TYR C 377 17.81 5.98 -10.16
CA TYR C 377 16.98 6.93 -9.45
C TYR C 377 15.73 6.26 -8.87
N ALA C 378 15.77 4.96 -8.63
CA ALA C 378 14.59 4.24 -8.19
C ALA C 378 14.13 4.75 -6.83
N GLN C 379 12.80 4.78 -6.66
CA GLN C 379 12.12 5.05 -5.38
C GLN C 379 12.66 6.29 -4.67
N MET C 380 13.33 7.18 -5.39
CA MET C 380 13.96 8.33 -4.78
C MET C 380 12.90 9.38 -4.44
N SER C 381 12.99 9.94 -3.24
CA SER C 381 12.05 10.96 -2.81
C SER C 381 12.53 12.33 -3.27
N TYR C 382 11.85 13.39 -2.83
CA TYR C 382 12.27 14.74 -3.18
C TYR C 382 13.35 15.25 -2.24
N SER C 383 13.04 15.25 -0.94
CA SER C 383 13.99 15.76 0.05
C SER C 383 15.27 14.94 0.03
N THR C 384 15.15 13.64 -0.17
CA THR C 384 16.34 12.79 -0.21
C THR C 384 17.22 13.13 -1.40
N ALA C 385 16.61 13.35 -2.57
CA ALA C 385 17.37 13.78 -3.72
C ALA C 385 18.03 15.12 -3.47
N ARG C 386 17.32 16.03 -2.79
CA ARG C 386 17.92 17.30 -2.42
C ARG C 386 19.15 17.10 -1.55
N ALA C 387 19.07 16.21 -0.57
CA ALA C 387 20.20 15.97 0.30
C ALA C 387 21.39 15.41 -0.48
N SER C 388 21.12 14.45 -1.37
CA SER C 388 22.21 13.88 -2.18
C SER C 388 22.89 14.96 -3.00
N ALA C 389 22.09 15.73 -3.73
CA ALA C 389 22.63 16.80 -4.56
C ALA C 389 23.39 17.81 -3.71
N ASN C 390 22.91 18.08 -2.50
CA ASN C 390 23.57 19.07 -1.65
C ASN C 390 24.94 18.57 -1.21
N GLU C 391 25.04 17.29 -0.85
CA GLU C 391 26.33 16.74 -0.45
C GLU C 391 27.31 16.79 -1.61
N SER C 392 26.88 16.32 -2.77
CA SER C 392 27.76 16.34 -3.93
C SER C 392 28.15 17.76 -4.27
N TRP C 393 27.21 18.70 -4.15
CA TRP C 393 27.48 20.09 -4.51
C TRP C 393 28.45 20.73 -3.53
N ALA C 394 28.36 20.38 -2.25
CA ALA C 394 29.32 20.91 -1.29
C ALA C 394 30.72 20.41 -1.62
N TYR C 395 30.87 19.11 -1.86
CA TYR C 395 32.16 18.59 -2.29
C TYR C 395 32.65 19.31 -3.54
N PHE C 396 31.74 19.56 -4.47
CA PHE C 396 32.10 20.09 -5.77
C PHE C 396 32.55 21.54 -5.65
N MET C 397 31.86 22.33 -4.83
CA MET C 397 32.29 23.70 -4.57
C MET C 397 33.65 23.71 -3.89
N GLY C 398 33.89 22.78 -2.97
CA GLY C 398 35.21 22.70 -2.37
C GLY C 398 36.29 22.49 -3.41
N ARG C 399 36.10 21.52 -4.30
CA ARG C 399 37.10 21.27 -5.32
C ARG C 399 37.25 22.44 -6.27
N ARG C 400 36.15 23.08 -6.65
CA ARG C 400 36.23 24.22 -7.54
C ARG C 400 37.03 25.35 -6.90
N LYS C 401 36.79 25.59 -5.60
CA LYS C 401 37.52 26.64 -4.91
C LYS C 401 39.00 26.31 -4.82
N PHE C 402 39.35 25.05 -4.56
CA PHE C 402 40.75 24.74 -4.27
C PHE C 402 41.55 24.31 -5.48
N VAL C 403 40.91 23.92 -6.58
CA VAL C 403 41.62 23.41 -7.75
C VAL C 403 41.52 24.37 -8.92
N ALA C 404 40.31 24.59 -9.43
CA ALA C 404 40.16 25.44 -10.62
C ALA C 404 40.48 26.89 -10.32
N SER C 405 40.03 27.38 -9.16
CA SER C 405 40.17 28.80 -8.86
C SER C 405 41.63 29.22 -8.78
N ARG C 406 42.46 28.42 -8.11
CA ARG C 406 43.87 28.76 -7.97
C ARG C 406 44.56 28.84 -9.33
N GLN C 407 44.34 27.81 -10.16
CA GLN C 407 44.96 27.75 -11.47
C GLN C 407 44.52 28.92 -12.34
N ALA C 408 43.22 29.19 -12.36
CA ALA C 408 42.69 30.29 -13.16
C ALA C 408 43.25 31.62 -12.69
N SER C 409 43.35 31.80 -11.37
CA SER C 409 43.99 33.01 -10.85
C SER C 409 45.42 33.12 -11.33
N GLN C 410 46.12 31.99 -11.45
CA GLN C 410 47.50 32.05 -11.94
C GLN C 410 47.55 32.56 -13.38
N MET C 411 46.73 31.98 -14.28
CA MET C 411 46.75 32.51 -15.65
C MET C 411 46.34 33.97 -15.67
N PHE C 412 45.33 34.35 -14.87
CA PHE C 412 44.86 35.71 -14.91
C PHE C 412 45.93 36.68 -14.46
N LEU C 413 46.69 36.29 -13.43
CA LEU C 413 47.79 37.15 -12.97
C LEU C 413 48.83 37.32 -14.06
N CYS C 414 49.21 36.23 -14.73
CA CYS C 414 50.21 36.36 -15.79
C CYS C 414 49.70 37.27 -16.91
N TRP C 415 48.46 37.05 -17.34
CA TRP C 415 47.91 37.83 -18.44
C TRP C 415 47.80 39.31 -18.07
N LEU C 416 47.37 39.59 -16.84
CA LEU C 416 47.22 40.99 -16.44
C LEU C 416 48.57 41.66 -16.31
N GLU C 417 49.59 40.91 -15.87
CA GLU C 417 50.94 41.47 -15.87
C GLU C 417 51.36 41.85 -17.28
N GLU C 418 51.10 40.97 -18.25
CA GLU C 418 51.42 41.30 -19.63
C GLU C 418 50.64 42.53 -20.09
N ALA C 419 49.37 42.62 -19.72
CA ALA C 419 48.54 43.74 -20.17
C ALA C 419 49.04 45.06 -19.61
N ILE C 420 49.39 45.09 -18.32
CA ILE C 420 49.94 46.31 -17.74
C ILE C 420 51.27 46.65 -18.37
N VAL C 421 52.08 45.63 -18.70
CA VAL C 421 53.35 45.87 -19.36
C VAL C 421 53.14 46.65 -20.65
N ARG C 422 52.10 46.29 -21.40
CA ARG C 422 51.80 46.95 -22.67
C ARG C 422 50.85 48.13 -22.51
N ARG C 423 50.51 48.49 -21.27
CA ARG C 423 49.64 49.63 -20.96
C ARG C 423 48.27 49.51 -21.63
N VAL C 424 47.82 48.29 -21.88
CA VAL C 424 46.46 48.10 -22.38
C VAL C 424 45.46 48.55 -21.34
N VAL C 425 45.78 48.33 -20.07
CA VAL C 425 44.98 48.82 -18.95
C VAL C 425 45.88 49.69 -18.08
N THR C 426 45.34 50.81 -17.62
CA THR C 426 46.12 51.80 -16.87
C THR C 426 45.84 51.68 -15.39
N LEU C 427 46.91 51.61 -14.60
CA LEU C 427 46.77 51.58 -13.16
C LEU C 427 46.31 52.93 -12.63
N PRO C 428 45.70 52.97 -11.46
CA PRO C 428 45.36 54.26 -10.84
C PRO C 428 46.61 55.10 -10.59
N SER C 429 46.48 56.41 -10.78
CA SER C 429 47.62 57.30 -10.65
C SER C 429 48.15 57.33 -9.22
N LYS C 430 47.27 57.33 -8.23
CA LYS C 430 47.65 57.45 -6.83
C LYS C 430 47.91 56.09 -6.18
N ALA C 431 48.33 55.11 -6.96
CA ALA C 431 48.56 53.77 -6.44
C ALA C 431 49.56 53.79 -5.30
N ARG C 432 49.20 53.16 -4.18
CA ARG C 432 50.09 53.09 -3.04
C ARG C 432 51.33 52.24 -3.36
N PHE C 433 51.14 51.17 -4.13
CA PHE C 433 52.23 50.30 -4.53
C PHE C 433 52.13 50.02 -6.02
N SER C 434 53.29 49.71 -6.61
CA SER C 434 53.29 49.26 -7.99
C SER C 434 52.69 47.86 -8.08
N PHE C 435 52.44 47.43 -9.32
CA PHE C 435 51.84 46.11 -9.52
C PHE C 435 52.76 45.00 -9.02
N GLN C 436 54.07 45.12 -9.28
CA GLN C 436 54.99 44.06 -8.89
C GLN C 436 55.00 43.87 -7.38
N GLU C 437 54.93 44.96 -6.63
CA GLU C 437 54.96 44.86 -5.17
C GLU C 437 53.68 44.25 -4.62
N ALA C 438 52.55 44.49 -5.26
CA ALA C 438 51.24 44.11 -4.73
C ALA C 438 50.45 43.33 -5.76
N ARG C 439 51.10 42.32 -6.36
CA ARG C 439 50.44 41.53 -7.39
C ARG C 439 49.14 40.92 -6.90
N SER C 440 49.14 40.38 -5.68
CA SER C 440 47.92 39.80 -5.14
C SER C 440 46.85 40.86 -4.93
N ALA C 441 47.25 42.05 -4.44
CA ALA C 441 46.27 43.09 -4.18
C ALA C 441 45.59 43.55 -5.47
N TRP C 442 46.37 43.82 -6.51
CA TRP C 442 45.80 44.19 -7.79
C TRP C 442 45.03 43.03 -8.40
N GLY C 443 45.55 41.82 -8.30
CA GLY C 443 44.99 40.66 -8.94
C GLY C 443 43.94 39.92 -8.15
N ASN C 444 43.49 40.46 -7.02
CA ASN C 444 42.45 39.80 -6.24
C ASN C 444 41.21 39.60 -7.10
N CYS C 445 40.91 38.35 -7.42
CA CYS C 445 39.84 38.02 -8.34
C CYS C 445 39.12 36.77 -7.86
N ASP C 446 37.85 36.67 -8.21
CA ASP C 446 37.06 35.50 -7.89
C ASP C 446 36.35 35.01 -9.15
N TRP C 447 36.15 33.70 -9.22
CA TRP C 447 35.66 33.06 -10.41
C TRP C 447 34.30 32.42 -10.14
N ILE C 448 33.38 32.60 -11.09
CA ILE C 448 32.04 32.08 -10.98
C ILE C 448 31.84 31.09 -12.11
N GLY C 449 31.52 29.85 -11.76
CA GLY C 449 31.25 28.80 -12.73
C GLY C 449 29.77 28.61 -12.94
N SER C 450 29.39 27.38 -13.27
CA SER C 450 27.98 27.06 -13.42
C SER C 450 27.28 27.21 -12.07
N GLY C 451 26.12 27.83 -12.09
CA GLY C 451 25.35 28.01 -10.87
C GLY C 451 24.74 26.71 -10.40
N ARG C 452 24.13 26.78 -9.22
CA ARG C 452 23.48 25.61 -8.67
C ARG C 452 22.26 25.25 -9.51
N MET C 453 22.18 24.00 -9.91
CA MET C 453 21.07 23.51 -10.71
C MET C 453 19.87 23.34 -9.79
N ALA C 454 18.71 23.84 -10.22
CA ALA C 454 17.56 23.93 -9.34
C ALA C 454 16.72 22.66 -9.40
N ILE C 455 16.57 22.01 -8.24
CA ILE C 455 15.89 20.72 -8.19
C ILE C 455 14.42 20.87 -8.57
N ASP C 456 13.75 21.90 -8.07
CA ASP C 456 12.32 22.06 -8.31
C ASP C 456 11.96 23.34 -9.03
N GLY C 457 12.77 24.37 -8.93
CA GLY C 457 12.44 25.66 -9.53
C GLY C 457 11.78 26.63 -8.57
N LEU C 458 10.54 26.34 -8.17
CA LEU C 458 9.81 27.30 -7.34
C LEU C 458 10.46 27.51 -5.98
N LYS C 459 10.95 26.43 -5.37
CA LYS C 459 11.53 26.55 -4.05
C LYS C 459 12.74 27.48 -4.07
N GLU C 460 13.65 27.27 -5.01
CA GLU C 460 14.87 28.07 -5.05
C GLU C 460 14.58 29.52 -5.44
N VAL C 461 13.65 29.77 -6.35
CA VAL C 461 13.35 31.17 -6.66
C VAL C 461 12.70 31.84 -5.46
N GLN C 462 11.89 31.10 -4.70
CA GLN C 462 11.32 31.66 -3.48
C GLN C 462 12.41 31.98 -2.47
N GLU C 463 13.40 31.08 -2.34
CA GLU C 463 14.57 31.39 -1.54
C GLU C 463 15.18 32.71 -1.97
N ALA C 464 15.43 32.85 -3.27
CA ALA C 464 16.11 34.05 -3.76
C ALA C 464 15.32 35.30 -3.44
N VAL C 465 14.03 35.30 -3.77
CA VAL C 465 13.24 36.53 -3.62
C VAL C 465 13.09 36.88 -2.14
N MET C 466 12.82 35.89 -1.29
CA MET C 466 12.60 36.20 0.11
C MET C 466 13.91 36.56 0.81
N LEU C 467 15.02 35.97 0.36
CA LEU C 467 16.32 36.36 0.88
C LEU C 467 16.66 37.80 0.52
N ILE C 468 16.41 38.17 -0.74
CA ILE C 468 16.75 39.52 -1.16
C ILE C 468 15.82 40.55 -0.54
N GLU C 469 14.56 40.19 -0.28
CA GLU C 469 13.64 41.16 0.31
C GLU C 469 13.75 41.21 1.83
N ALA C 470 14.24 40.16 2.47
CA ALA C 470 14.37 40.14 3.92
C ALA C 470 15.75 40.62 4.38
N GLY C 471 16.63 40.97 3.46
CA GLY C 471 17.90 41.57 3.81
C GLY C 471 19.03 40.61 4.13
N LEU C 472 18.77 39.30 4.12
CA LEU C 472 19.84 38.35 4.40
C LEU C 472 20.68 38.02 3.18
N SER C 473 20.35 38.58 2.02
CA SER C 473 21.13 38.30 0.82
C SER C 473 21.08 39.52 -0.09
N THR C 474 22.06 39.59 -0.99
CA THR C 474 22.20 40.69 -1.93
C THR C 474 22.50 40.12 -3.31
N TYR C 475 22.23 40.93 -4.33
CA TYR C 475 22.05 40.42 -5.69
C TYR C 475 23.22 39.57 -6.16
N GLU C 476 24.45 39.91 -5.77
CA GLU C 476 25.61 39.28 -6.40
C GLU C 476 25.61 37.79 -6.16
N LYS C 477 25.15 37.34 -4.99
CA LYS C 477 25.18 35.91 -4.70
C LYS C 477 24.04 35.16 -5.36
N GLU C 478 22.86 35.74 -5.47
CA GLU C 478 21.79 35.05 -6.21
C GLU C 478 22.16 34.93 -7.68
N CYS C 479 22.80 35.95 -8.24
CA CYS C 479 23.38 35.77 -9.56
C CYS C 479 24.53 34.77 -9.52
N ALA C 480 25.17 34.63 -8.37
CA ALA C 480 26.34 33.75 -8.28
C ALA C 480 25.93 32.29 -8.34
N LYS C 481 24.95 31.87 -7.54
CA LYS C 481 24.53 30.49 -7.66
C LYS C 481 23.60 30.26 -8.85
N ARG C 482 23.50 31.23 -9.76
CA ARG C 482 22.88 31.01 -11.04
C ARG C 482 23.84 31.25 -12.20
N GLY C 483 25.07 31.64 -11.92
CA GLY C 483 26.08 31.82 -12.95
C GLY C 483 26.16 33.21 -13.53
N ASP C 484 25.38 34.16 -13.04
CA ASP C 484 25.35 35.51 -13.57
C ASP C 484 26.04 36.48 -12.61
N ASP C 485 26.06 37.74 -13.00
CA ASP C 485 26.56 38.81 -12.14
C ASP C 485 25.63 39.99 -12.23
N TYR C 486 25.51 40.73 -11.13
CA TYR C 486 24.47 41.76 -11.04
C TYR C 486 24.73 42.95 -11.95
N GLN C 487 25.97 43.16 -12.40
CA GLN C 487 26.28 44.36 -13.17
C GLN C 487 25.57 44.34 -14.52
N GLU C 488 25.91 43.35 -15.34
CA GLU C 488 25.25 43.24 -16.64
C GLU C 488 23.77 42.98 -16.48
N ILE C 489 23.36 42.31 -15.39
CA ILE C 489 21.95 42.09 -15.15
C ILE C 489 21.22 43.42 -14.99
N PHE C 490 21.78 44.32 -14.19
CA PHE C 490 21.17 45.63 -14.01
C PHE C 490 21.17 46.43 -15.30
N ALA C 491 22.30 46.42 -16.01
CA ALA C 491 22.37 47.16 -17.27
C ALA C 491 21.34 46.64 -18.25
N GLN C 492 21.20 45.32 -18.33
CA GLN C 492 20.23 44.73 -19.24
C GLN C 492 18.81 45.00 -18.81
N GLN C 493 18.54 45.04 -17.50
CA GLN C 493 17.20 45.41 -17.06
C GLN C 493 16.89 46.83 -17.46
N VAL C 494 17.87 47.73 -17.35
CA VAL C 494 17.67 49.11 -17.79
C VAL C 494 17.37 49.15 -19.28
N ARG C 495 18.13 48.38 -20.07
CA ARG C 495 17.90 48.36 -21.51
C ARG C 495 16.53 47.81 -21.85
N GLU C 496 16.13 46.72 -21.21
CA GLU C 496 14.80 46.18 -21.44
C GLU C 496 13.74 47.20 -21.07
N THR C 497 13.95 47.91 -19.97
CA THR C 497 12.96 48.89 -19.53
C THR C 497 12.80 50.00 -20.56
N MET C 498 13.90 50.58 -21.03
CA MET C 498 13.69 51.73 -21.90
C MET C 498 13.28 51.29 -23.30
N GLU C 499 13.61 50.06 -23.68
CA GLU C 499 13.05 49.52 -24.92
C GLU C 499 11.55 49.35 -24.81
N ARG C 500 11.08 48.80 -23.69
CA ARG C 500 9.66 48.55 -23.52
C ARG C 500 8.87 49.85 -23.45
N ARG C 501 9.37 50.83 -22.70
CA ARG C 501 8.68 52.11 -22.64
C ARG C 501 8.80 52.88 -23.95
N ALA C 502 9.88 52.67 -24.71
CA ALA C 502 9.98 53.28 -26.02
C ALA C 502 8.97 52.71 -27.01
N ALA C 503 8.60 51.44 -26.83
CA ALA C 503 7.64 50.77 -27.70
C ALA C 503 6.22 50.82 -27.15
N GLY C 504 5.99 51.51 -26.04
CA GLY C 504 4.65 51.63 -25.50
C GLY C 504 4.20 50.45 -24.66
N LEU C 505 5.03 49.43 -24.51
CA LEU C 505 4.65 48.29 -23.70
C LEU C 505 4.64 48.67 -22.22
N LYS C 506 3.93 47.88 -21.44
CA LYS C 506 3.88 48.09 -20.00
C LYS C 506 5.24 47.74 -19.40
N PRO C 507 5.91 48.68 -18.73
CA PRO C 507 7.23 48.46 -18.14
C PRO C 507 7.23 47.39 -17.05
N GLN D 34 44.43 -10.89 -8.22
CA GLN D 34 43.50 -9.88 -8.70
C GLN D 34 44.26 -8.73 -9.35
N LEU D 35 44.58 -7.71 -8.54
CA LEU D 35 45.28 -6.55 -9.05
C LEU D 35 46.70 -6.88 -9.51
N ARG D 36 47.26 -8.01 -9.06
CA ARG D 36 48.60 -8.39 -9.50
C ARG D 36 48.61 -8.89 -10.93
N SER D 37 47.47 -9.26 -11.47
CA SER D 37 47.37 -9.77 -12.84
C SER D 37 47.07 -8.67 -13.85
N TRP D 38 47.01 -7.41 -13.40
CA TRP D 38 46.61 -6.29 -14.24
C TRP D 38 47.65 -5.18 -14.10
N ASN D 39 48.56 -5.09 -15.07
CA ASN D 39 49.62 -4.09 -15.06
C ASN D 39 49.66 -3.42 -16.43
N PRO D 40 48.67 -2.59 -16.74
CA PRO D 40 48.67 -1.89 -18.02
C PRO D 40 49.82 -0.90 -18.11
N PRO D 41 50.45 -0.79 -19.27
CA PRO D 41 51.56 0.16 -19.41
C PRO D 41 51.06 1.60 -19.52
N SER D 42 51.99 2.53 -19.35
CA SER D 42 51.70 3.95 -19.45
C SER D 42 52.25 4.51 -20.75
N GLU D 43 51.35 4.97 -21.62
CA GLU D 43 51.74 5.59 -22.88
C GLU D 43 50.94 6.87 -23.06
N SER D 44 51.41 7.72 -23.96
CA SER D 44 50.67 8.93 -24.27
C SER D 44 49.33 8.58 -24.91
N VAL D 45 48.38 9.51 -24.79
CA VAL D 45 47.03 9.25 -25.27
C VAL D 45 47.05 8.91 -26.75
N ASP D 46 47.81 9.67 -27.53
CA ASP D 46 47.96 9.36 -28.95
C ASP D 46 48.62 8.01 -29.14
N ALA D 47 49.64 7.69 -28.34
CA ALA D 47 50.29 6.40 -28.46
C ALA D 47 49.34 5.25 -28.15
N ALA D 48 48.36 5.49 -27.28
CA ALA D 48 47.38 4.47 -26.94
C ALA D 48 46.14 4.52 -27.81
N LEU D 49 46.07 5.46 -28.74
CA LEU D 49 44.89 5.62 -29.59
C LEU D 49 45.19 5.45 -31.07
N LEU D 50 46.26 6.06 -31.56
CA LEU D 50 46.53 6.05 -32.99
C LEU D 50 46.67 4.66 -33.59
N PRO D 51 47.40 3.71 -32.99
CA PRO D 51 47.56 2.40 -33.64
C PRO D 51 46.24 1.70 -33.91
N ASN D 52 45.27 1.84 -33.04
CA ASN D 52 44.00 1.15 -33.17
C ASN D 52 42.85 2.07 -33.55
N PHE D 53 43.17 3.30 -33.97
CA PHE D 53 42.17 4.32 -34.23
C PHE D 53 41.20 3.90 -35.34
N THR D 54 41.76 3.35 -36.42
CA THR D 54 40.92 2.99 -37.56
C THR D 54 39.92 1.90 -37.19
N ARG D 55 40.40 0.84 -36.52
CA ARG D 55 39.50 -0.23 -36.16
C ARG D 55 38.49 0.24 -35.11
N GLY D 56 38.90 1.15 -34.23
CA GLY D 56 37.95 1.70 -33.27
C GLY D 56 36.83 2.45 -33.95
N ASN D 57 37.18 3.29 -34.92
CA ASN D 57 36.15 4.02 -35.66
C ASN D 57 35.26 3.06 -36.42
N ALA D 58 35.84 2.01 -37.02
CA ALA D 58 35.04 1.05 -37.76
C ALA D 58 34.05 0.35 -36.84
N ARG D 59 34.51 -0.05 -35.65
CA ARG D 59 33.62 -0.71 -34.71
C ARG D 59 32.52 0.23 -34.25
N ALA D 60 32.86 1.51 -34.01
CA ALA D 60 31.84 2.47 -33.63
C ALA D 60 30.80 2.63 -34.74
N ASP D 61 31.26 2.68 -35.99
CA ASP D 61 30.34 2.81 -37.12
C ASP D 61 29.41 1.61 -37.19
N ASP D 62 29.96 0.41 -37.01
CA ASP D 62 29.12 -0.78 -37.01
C ASP D 62 28.09 -0.70 -35.89
N LEU D 63 28.51 -0.27 -34.71
CA LEU D 63 27.61 -0.17 -33.59
C LEU D 63 26.46 0.79 -33.87
N VAL D 64 26.77 1.97 -34.40
CA VAL D 64 25.69 2.92 -34.68
C VAL D 64 24.79 2.45 -35.81
N ARG D 65 25.36 1.86 -36.87
CA ARG D 65 24.55 1.38 -37.98
C ARG D 65 23.62 0.24 -37.61
N ASN D 66 24.09 -0.76 -36.86
CA ASN D 66 23.31 -1.97 -36.67
C ASN D 66 22.55 -2.02 -35.35
N ASN D 67 23.02 -1.34 -34.30
CA ASN D 67 22.40 -1.42 -32.99
C ASN D 67 21.40 -0.29 -32.80
N GLY D 68 20.23 -0.64 -32.26
CA GLY D 68 19.19 0.37 -32.06
C GLY D 68 19.56 1.40 -31.01
N TYR D 69 20.16 0.95 -29.90
CA TYR D 69 20.45 1.88 -28.81
C TYR D 69 21.44 2.95 -29.22
N ALA D 70 22.45 2.59 -30.01
CA ALA D 70 23.41 3.58 -30.47
C ALA D 70 22.73 4.64 -31.33
N ALA D 71 21.85 4.21 -32.23
CA ALA D 71 21.11 5.17 -33.05
C ALA D 71 20.23 6.05 -32.18
N ASN D 72 19.61 5.48 -31.16
CA ASN D 72 18.77 6.28 -30.27
C ASN D 72 19.58 7.33 -29.55
N ALA D 73 20.76 6.96 -29.05
CA ALA D 73 21.60 7.92 -28.35
C ALA D 73 22.08 9.01 -29.29
N ILE D 74 22.46 8.64 -30.51
CA ILE D 74 22.87 9.64 -31.50
C ILE D 74 21.72 10.61 -31.77
N GLN D 75 20.51 10.07 -31.93
CA GLN D 75 19.38 10.92 -32.27
C GLN D 75 19.06 11.85 -31.10
N LEU D 76 19.20 11.36 -29.88
CA LEU D 76 19.01 12.20 -28.71
C LEU D 76 20.02 13.34 -28.69
N HIS D 77 21.28 13.03 -28.96
CA HIS D 77 22.30 14.07 -29.07
C HIS D 77 21.88 15.10 -30.11
N GLN D 78 21.43 14.62 -31.26
CA GLN D 78 21.02 15.52 -32.34
C GLN D 78 19.92 16.46 -31.88
N ASP D 79 18.87 15.90 -31.28
CA ASP D 79 17.69 16.71 -30.95
C ASP D 79 18.01 17.71 -29.85
N HIS D 80 18.72 17.29 -28.81
CA HIS D 80 18.84 18.17 -27.66
C HIS D 80 20.00 19.14 -27.81
N ILE D 81 21.13 18.68 -28.37
CA ILE D 81 22.28 19.55 -28.51
C ILE D 81 21.96 20.71 -29.45
N VAL D 82 21.35 20.40 -30.59
CA VAL D 82 21.05 21.40 -31.61
C VAL D 82 19.56 21.72 -31.65
N GLY D 83 18.72 20.75 -31.96
CA GLY D 83 17.30 20.97 -32.03
C GLY D 83 16.83 21.25 -33.45
N SER D 84 15.62 21.81 -33.52
CA SER D 84 15.02 22.10 -34.81
C SER D 84 15.80 23.18 -35.56
N PHE D 85 16.35 24.15 -34.84
CA PHE D 85 17.01 25.27 -35.49
C PHE D 85 18.10 25.81 -34.60
N PHE D 86 19.11 26.40 -35.22
CA PHE D 86 20.24 27.03 -34.53
C PHE D 86 20.27 28.49 -34.97
N ARG D 87 19.82 29.39 -34.11
CA ARG D 87 19.67 30.79 -34.46
C ARG D 87 20.89 31.58 -33.99
N LEU D 88 21.44 32.38 -34.88
CA LEU D 88 22.57 33.24 -34.57
C LEU D 88 22.12 34.46 -33.78
N SER D 89 23.02 34.99 -32.96
CA SER D 89 22.84 36.29 -32.33
C SER D 89 24.19 36.98 -32.32
N HIS D 90 24.29 38.09 -33.07
CA HIS D 90 25.54 38.82 -33.20
C HIS D 90 25.66 39.81 -32.05
N ARG D 91 26.77 39.73 -31.32
CA ARG D 91 27.02 40.60 -30.17
C ARG D 91 28.39 41.23 -30.32
N PRO D 92 28.52 42.21 -31.22
CA PRO D 92 29.82 42.86 -31.40
C PRO D 92 30.26 43.59 -30.14
N SER D 93 31.57 43.60 -29.90
CA SER D 93 32.14 44.26 -28.73
C SER D 93 32.40 45.71 -29.09
N TRP D 94 31.32 46.50 -29.07
CA TRP D 94 31.43 47.92 -29.40
C TRP D 94 32.34 48.64 -28.42
N ARG D 95 32.35 48.21 -27.16
CA ARG D 95 33.20 48.87 -26.17
C ARG D 95 34.66 48.71 -26.53
N TYR D 96 35.09 47.50 -26.88
CA TYR D 96 36.47 47.29 -27.28
C TYR D 96 36.78 48.07 -28.55
N LEU D 97 35.87 48.06 -29.52
CA LEU D 97 36.08 48.78 -30.76
C LEU D 97 35.77 50.26 -30.62
N GLY D 98 35.26 50.71 -29.48
CA GLY D 98 34.93 52.11 -29.31
C GLY D 98 33.88 52.60 -30.27
N ILE D 99 32.79 51.86 -30.43
CA ILE D 99 31.74 52.19 -31.38
C ILE D 99 30.46 52.49 -30.61
N GLY D 100 29.69 53.44 -31.12
CA GLY D 100 28.41 53.74 -30.51
C GLY D 100 27.53 52.50 -30.45
N GLU D 101 26.91 52.29 -29.29
CA GLU D 101 26.17 51.05 -29.07
C GLU D 101 25.01 50.92 -30.04
N GLU D 102 24.32 52.02 -30.33
CA GLU D 102 23.23 51.97 -31.30
C GLU D 102 23.75 51.62 -32.69
N GLU D 103 24.93 52.13 -33.05
CA GLU D 103 25.54 51.76 -34.32
C GLU D 103 25.85 50.27 -34.35
N ALA D 104 26.35 49.73 -33.24
CA ALA D 104 26.62 48.30 -33.17
C ALA D 104 25.32 47.51 -33.31
N ARG D 105 24.25 47.99 -32.69
CA ARG D 105 22.97 47.30 -32.80
C ARG D 105 22.46 47.30 -34.23
N ALA D 106 22.56 48.43 -34.91
CA ALA D 106 22.14 48.49 -36.32
C ALA D 106 22.98 47.56 -37.17
N PHE D 107 24.29 47.54 -36.93
CA PHE D 107 25.18 46.66 -37.68
C PHE D 107 24.82 45.20 -37.44
N SER D 108 24.54 44.83 -36.19
CA SER D 108 24.17 43.46 -35.89
C SER D 108 22.85 43.10 -36.56
N ARG D 109 21.90 44.04 -36.57
CA ARG D 109 20.64 43.78 -37.25
C ARG D 109 20.87 43.51 -38.73
N GLU D 110 21.70 44.33 -39.37
CA GLU D 110 21.96 44.15 -40.80
C GLU D 110 22.63 42.83 -41.07
N VAL D 111 23.66 42.49 -40.29
CA VAL D 111 24.39 41.25 -40.55
C VAL D 111 23.50 40.05 -40.29
N GLU D 112 22.64 40.13 -39.26
CA GLU D 112 21.70 39.05 -39.00
C GLU D 112 20.72 38.90 -40.15
N ALA D 113 20.23 40.01 -40.67
CA ALA D 113 19.28 39.94 -41.78
C ALA D 113 19.91 39.28 -42.99
N ALA D 114 21.17 39.62 -43.27
CA ALA D 114 21.88 38.93 -44.34
C ALA D 114 22.06 37.45 -44.00
N TRP D 115 22.37 37.15 -42.74
CA TRP D 115 22.76 35.80 -42.38
C TRP D 115 21.61 34.83 -42.50
N LYS D 116 20.41 35.19 -42.02
CA LYS D 116 19.31 34.25 -42.12
C LYS D 116 18.99 33.91 -43.57
N GLU D 117 18.90 34.93 -44.43
CA GLU D 117 18.57 34.67 -45.82
C GLU D 117 19.69 33.92 -46.52
N PHE D 118 20.93 34.05 -46.03
CA PHE D 118 22.00 33.25 -46.60
C PHE D 118 21.97 31.80 -46.13
N ALA D 119 21.55 31.57 -44.89
CA ALA D 119 21.79 30.29 -44.24
C ALA D 119 20.76 29.24 -44.66
N GLU D 120 19.47 29.56 -44.53
CA GLU D 120 18.41 28.60 -44.77
C GLU D 120 17.91 28.62 -46.21
N ASP D 121 18.78 28.95 -47.16
CA ASP D 121 18.39 28.97 -48.56
C ASP D 121 17.91 27.59 -49.01
N ASP D 122 16.86 27.59 -49.83
CA ASP D 122 16.31 26.34 -50.32
C ASP D 122 17.30 25.60 -51.21
N CYS D 123 18.08 26.33 -51.99
CA CYS D 123 19.02 25.72 -52.94
C CYS D 123 20.13 24.95 -52.25
N CYS D 124 20.29 25.11 -50.93
CA CYS D 124 21.42 24.51 -50.20
C CYS D 124 22.75 24.97 -50.77
N CYS D 125 22.79 26.20 -51.29
CA CYS D 125 24.00 26.70 -51.94
C CYS D 125 25.16 26.86 -50.97
N ILE D 126 24.88 26.95 -49.67
CA ILE D 126 25.95 27.00 -48.69
C ILE D 126 26.74 25.70 -48.70
N ASP D 127 26.10 24.62 -49.11
CA ASP D 127 26.76 23.33 -49.20
C ASP D 127 27.31 23.12 -50.60
N VAL D 128 28.57 22.70 -50.69
CA VAL D 128 29.14 22.34 -51.98
C VAL D 128 28.37 21.18 -52.58
N GLU D 129 28.06 20.17 -51.76
CA GLU D 129 27.37 19.00 -52.24
C GLU D 129 25.88 19.25 -52.43
N ARG D 130 25.34 20.30 -51.82
CA ARG D 130 23.99 20.79 -52.13
C ARG D 130 22.89 19.81 -51.73
N LYS D 131 22.95 19.30 -50.49
CA LYS D 131 21.76 18.66 -49.94
C LYS D 131 21.44 19.15 -48.53
N ARG D 132 22.35 19.86 -47.89
CA ARG D 132 22.26 20.14 -46.47
C ARG D 132 22.17 21.64 -46.24
N THR D 133 21.21 22.05 -45.41
CA THR D 133 21.22 23.42 -44.96
C THR D 133 21.99 23.53 -43.64
N PHE D 134 22.07 24.75 -43.13
CA PHE D 134 22.97 25.04 -42.02
C PHE D 134 22.61 24.22 -40.78
N THR D 135 21.31 24.11 -40.48
CA THR D 135 20.91 23.43 -39.25
C THR D 135 21.33 21.96 -39.28
N MET D 136 20.96 21.23 -40.33
CA MET D 136 21.43 19.86 -40.41
C MET D 136 22.93 19.78 -40.66
N MET D 137 23.56 20.86 -41.12
CA MET D 137 25.02 20.87 -41.12
C MET D 137 25.56 20.76 -39.70
N ILE D 138 25.05 21.59 -38.80
CA ILE D 138 25.49 21.50 -37.41
C ILE D 138 25.13 20.14 -36.83
N ARG D 139 23.97 19.61 -37.21
CA ARG D 139 23.58 18.29 -36.70
C ARG D 139 24.54 17.21 -37.17
N GLU D 140 24.90 17.23 -38.46
CA GLU D 140 25.89 16.29 -38.97
C GLU D 140 27.19 16.44 -38.23
N GLY D 141 27.61 17.68 -37.98
CA GLY D 141 28.86 17.90 -37.28
C GLY D 141 28.85 17.32 -35.88
N VAL D 142 27.77 17.57 -35.13
CA VAL D 142 27.74 17.12 -33.74
C VAL D 142 27.64 15.61 -33.66
N ALA D 143 26.81 15.00 -34.51
CA ALA D 143 26.73 13.53 -34.52
C ALA D 143 28.06 12.92 -34.95
N MET D 144 28.70 13.53 -35.94
CA MET D 144 29.99 13.06 -36.43
C MET D 144 31.02 13.11 -35.32
N HIS D 145 31.06 14.20 -34.57
CA HIS D 145 31.99 14.29 -33.45
C HIS D 145 31.66 13.27 -32.38
N ALA D 146 30.37 13.08 -32.09
CA ALA D 146 29.99 12.16 -31.03
C ALA D 146 30.39 10.73 -31.36
N PHE D 147 30.17 10.30 -32.60
CA PHE D 147 30.42 8.92 -32.96
C PHE D 147 31.81 8.69 -33.54
N ASN D 148 32.60 9.75 -33.75
CA ASN D 148 33.96 9.60 -34.23
C ASN D 148 35.00 10.35 -33.42
N GLY D 149 34.60 11.28 -32.56
CA GLY D 149 35.54 12.02 -31.75
C GLY D 149 36.01 13.34 -32.34
N GLU D 150 35.66 13.63 -33.60
CA GLU D 150 36.13 14.85 -34.23
C GLU D 150 35.25 15.16 -35.44
N LEU D 151 35.50 16.32 -36.03
CA LEU D 151 34.83 16.69 -37.27
C LEU D 151 35.72 17.64 -38.06
N PHE D 152 35.58 17.58 -39.38
CA PHE D 152 36.40 18.36 -40.29
C PHE D 152 35.52 19.05 -41.31
N VAL D 153 35.69 20.37 -41.44
CA VAL D 153 34.93 21.17 -42.40
C VAL D 153 35.91 21.88 -43.30
N GLN D 154 35.57 21.98 -44.58
CA GLN D 154 36.39 22.69 -45.56
C GLN D 154 35.56 23.80 -46.18
N ALA D 155 36.09 25.01 -46.14
CA ALA D 155 35.45 26.18 -46.71
C ALA D 155 36.06 26.45 -48.08
N THR D 156 35.22 26.43 -49.11
CA THR D 156 35.66 26.61 -50.48
C THR D 156 35.11 27.91 -51.05
N TRP D 157 35.86 28.47 -51.98
CA TRP D 157 35.47 29.71 -52.65
C TRP D 157 34.95 29.36 -54.04
N ASP D 158 33.63 29.35 -54.20
CA ASP D 158 33.04 29.02 -55.48
C ASP D 158 33.30 30.14 -56.49
N THR D 159 33.28 29.78 -57.77
CA THR D 159 33.46 30.74 -58.85
C THR D 159 32.15 31.14 -59.52
N SER D 160 31.05 30.44 -59.23
CA SER D 160 29.78 30.76 -59.86
C SER D 160 29.24 32.08 -59.31
N SER D 161 28.81 32.96 -60.20
CA SER D 161 28.26 34.25 -59.83
C SER D 161 26.75 34.20 -59.64
N SER D 162 26.14 33.03 -59.78
CA SER D 162 24.69 32.92 -59.64
C SER D 162 24.22 33.30 -58.24
N ARG D 163 25.10 33.25 -57.25
CA ARG D 163 24.76 33.61 -55.89
C ARG D 163 25.62 34.78 -55.45
N LEU D 164 25.07 35.59 -54.55
CA LEU D 164 25.82 36.71 -54.01
C LEU D 164 27.04 36.23 -53.23
N PHE D 165 26.88 35.15 -52.46
CA PHE D 165 27.95 34.61 -51.64
C PHE D 165 28.52 33.38 -52.33
N ARG D 166 29.84 33.37 -52.55
CA ARG D 166 30.52 32.26 -53.18
C ARG D 166 31.22 31.35 -52.18
N THR D 167 31.02 31.57 -50.89
CA THR D 167 31.63 30.74 -49.86
C THR D 167 30.73 29.54 -49.60
N GLN D 168 31.28 28.34 -49.77
CA GLN D 168 30.53 27.12 -49.57
C GLN D 168 31.30 26.23 -48.58
N PHE D 169 30.61 25.24 -48.04
CA PHE D 169 31.20 24.37 -47.03
C PHE D 169 30.95 22.91 -47.37
N ARG D 170 31.95 22.08 -47.11
CA ARG D 170 31.81 20.64 -47.30
C ARG D 170 32.48 19.90 -46.16
N MET D 171 31.82 18.86 -45.67
CA MET D 171 32.38 18.08 -44.58
C MET D 171 33.33 17.01 -45.11
N VAL D 172 34.31 16.65 -44.29
CA VAL D 172 35.28 15.62 -44.63
C VAL D 172 35.22 14.55 -43.55
N SER D 173 34.91 13.34 -43.96
CA SER D 173 34.85 12.24 -43.00
C SER D 173 36.25 12.01 -42.42
N PRO D 174 36.36 11.69 -41.13
CA PRO D 174 37.68 11.46 -40.55
C PRO D 174 38.42 10.31 -41.20
N LYS D 175 37.70 9.31 -41.72
CA LYS D 175 38.33 8.20 -42.41
C LYS D 175 39.04 8.66 -43.68
N ARG D 176 38.67 9.84 -44.18
CA ARG D 176 39.37 10.40 -45.34
C ARG D 176 40.63 11.15 -44.95
N ILE D 177 40.93 11.26 -43.67
CA ILE D 177 42.14 11.91 -43.19
C ILE D 177 43.12 10.82 -42.78
N SER D 178 44.19 10.65 -43.55
CA SER D 178 45.17 9.62 -43.26
C SER D 178 46.49 10.01 -43.90
N ASN D 179 47.56 9.36 -43.46
CA ASN D 179 48.86 9.60 -44.05
C ASN D 179 48.84 9.20 -45.51
N PRO D 180 49.49 9.96 -46.39
CA PRO D 180 49.55 9.57 -47.80
C PRO D 180 50.22 8.22 -47.96
N ASN D 181 49.68 7.41 -48.87
CA ASN D 181 50.17 6.06 -49.15
C ASN D 181 50.19 5.17 -47.91
N ASN D 182 49.42 5.54 -46.89
CA ASN D 182 49.30 4.77 -45.66
C ASN D 182 50.67 4.52 -45.03
N THR D 183 51.54 5.51 -45.14
CA THR D 183 52.88 5.39 -44.56
C THR D 183 52.80 5.50 -43.04
N GLY D 184 53.82 4.95 -42.38
CA GLY D 184 53.87 5.01 -40.93
C GLY D 184 53.99 6.44 -40.45
N ASP D 185 53.36 6.72 -39.31
CA ASP D 185 53.38 8.06 -38.76
C ASP D 185 54.76 8.42 -38.24
N SER D 186 55.08 9.71 -38.31
CA SER D 186 56.36 10.23 -37.86
C SER D 186 56.12 11.25 -36.75
N ARG D 187 57.18 11.98 -36.38
CA ARG D 187 57.03 13.03 -35.38
C ARG D 187 56.05 14.09 -35.83
N ASN D 188 56.24 14.64 -37.02
CA ASN D 188 55.43 15.74 -37.50
C ASN D 188 54.33 15.31 -38.46
N CYS D 189 54.15 14.01 -38.68
CA CYS D 189 53.11 13.51 -39.56
C CYS D 189 52.43 12.35 -38.86
N ARG D 190 51.23 12.58 -38.33
CA ARG D 190 50.49 11.57 -37.58
C ARG D 190 49.05 11.54 -38.07
N ALA D 191 48.62 10.39 -38.57
CA ALA D 191 47.23 10.17 -38.97
C ALA D 191 46.77 11.22 -39.98
N GLY D 192 47.66 11.57 -40.90
CA GLY D 192 47.33 12.51 -41.95
C GLY D 192 47.44 13.97 -41.59
N VAL D 193 47.77 14.29 -40.34
CA VAL D 193 47.92 15.67 -39.93
C VAL D 193 49.41 15.99 -39.88
N GLN D 194 49.73 17.26 -40.09
CA GLN D 194 51.09 17.76 -40.01
C GLN D 194 51.18 18.70 -38.82
N ILE D 195 52.17 18.48 -37.96
CA ILE D 195 52.33 19.31 -36.77
C ILE D 195 53.68 20.01 -36.84
N ASN D 196 53.76 21.13 -36.13
CA ASN D 196 55.00 21.87 -36.02
C ASN D 196 55.78 21.38 -34.81
N ASP D 197 56.81 22.14 -34.41
CA ASP D 197 57.56 21.79 -33.21
C ASP D 197 56.67 21.79 -31.98
N SER D 198 55.77 22.78 -31.88
CA SER D 198 54.88 22.89 -30.74
C SER D 198 53.66 21.99 -30.86
N GLY D 199 53.51 21.29 -31.97
CA GLY D 199 52.36 20.43 -32.19
C GLY D 199 51.20 21.07 -32.91
N ALA D 200 51.25 22.37 -33.17
CA ALA D 200 50.15 23.03 -33.84
C ALA D 200 49.95 22.46 -35.24
N ALA D 201 48.69 22.32 -35.63
CA ALA D 201 48.33 21.71 -36.90
C ALA D 201 48.64 22.67 -38.04
N LEU D 202 49.72 22.39 -38.78
CA LEU D 202 50.05 23.19 -39.95
C LEU D 202 49.17 22.86 -41.13
N GLY D 203 48.80 21.59 -41.30
CA GLY D 203 47.99 21.19 -42.43
C GLY D 203 47.53 19.77 -42.27
N TYR D 204 46.84 19.28 -43.30
CA TYR D 204 46.21 17.97 -43.25
C TYR D 204 46.43 17.25 -44.58
N TYR D 205 46.31 15.93 -44.54
CA TYR D 205 46.33 15.09 -45.73
C TYR D 205 44.95 14.43 -45.84
N VAL D 206 44.22 14.78 -46.88
CA VAL D 206 42.86 14.30 -47.08
C VAL D 206 42.85 13.31 -48.24
N SER D 207 42.31 12.13 -48.01
CA SER D 207 42.23 11.11 -49.03
C SER D 207 40.91 11.23 -49.79
N GLU D 208 40.96 11.01 -51.10
CA GLU D 208 39.77 11.04 -51.91
C GLU D 208 38.89 9.84 -51.61
N ASP D 209 37.68 9.86 -52.18
CA ASP D 209 36.76 8.74 -52.01
C ASP D 209 37.29 7.49 -52.68
N GLY D 210 37.15 6.36 -52.00
CA GLY D 210 37.59 5.08 -52.51
C GLY D 210 36.51 4.17 -53.02
N TYR D 211 35.30 4.67 -53.27
CA TYR D 211 34.21 3.83 -53.74
C TYR D 211 33.95 4.08 -55.22
N PRO D 212 33.90 3.05 -56.05
CA PRO D 212 34.10 1.63 -55.73
C PRO D 212 35.57 1.34 -55.49
N GLY D 213 35.92 0.22 -54.88
CA GLY D 213 37.30 0.00 -54.47
C GLY D 213 38.27 -0.34 -55.58
N TRP D 214 37.96 0.10 -56.80
CA TRP D 214 38.79 -0.20 -57.97
C TRP D 214 39.79 0.90 -58.31
N MET D 215 39.89 1.96 -57.50
CA MET D 215 40.89 2.97 -57.81
C MET D 215 41.83 3.16 -56.64
N PRO D 216 43.06 3.61 -56.88
CA PRO D 216 43.97 3.90 -55.78
C PRO D 216 43.73 5.29 -55.21
N GLN D 217 43.68 5.36 -53.88
CA GLN D 217 43.41 6.60 -53.20
C GLN D 217 44.55 7.59 -53.40
N LYS D 218 44.22 8.86 -53.48
CA LYS D 218 45.19 9.93 -53.67
C LYS D 218 44.97 10.97 -52.58
N TRP D 219 46.06 11.36 -51.92
CA TRP D 219 46.01 12.25 -50.77
C TRP D 219 46.38 13.67 -51.18
N THR D 220 45.62 14.63 -50.68
CA THR D 220 45.82 16.04 -50.98
C THR D 220 46.27 16.77 -49.73
N TRP D 221 47.22 17.68 -49.89
CA TRP D 221 47.70 18.51 -48.80
C TRP D 221 46.83 19.75 -48.70
N ILE D 222 46.25 19.97 -47.52
CA ILE D 222 45.39 21.13 -47.30
C ILE D 222 45.97 21.94 -46.14
N PRO D 223 46.40 23.18 -46.38
CA PRO D 223 46.82 24.03 -45.27
C PRO D 223 45.66 24.30 -44.33
N ARG D 224 45.98 24.42 -43.04
CA ARG D 224 44.94 24.62 -42.04
C ARG D 224 44.19 25.92 -42.28
N GLU D 225 44.92 27.00 -42.57
CA GLU D 225 44.30 28.29 -42.78
C GLU D 225 44.96 28.98 -43.97
N LEU D 226 44.23 29.91 -44.56
CA LEU D 226 44.72 30.64 -45.71
C LEU D 226 45.82 31.61 -45.29
N PRO D 227 46.66 32.05 -46.24
CA PRO D 227 47.71 33.01 -45.88
C PRO D 227 47.17 34.30 -45.27
N GLY D 228 45.98 34.72 -45.66
CA GLY D 228 45.37 35.90 -45.09
C GLY D 228 44.74 35.71 -43.74
N GLY D 229 44.90 34.54 -43.13
CA GLY D 229 44.30 34.23 -41.86
C GLY D 229 42.90 33.67 -41.95
N ARG D 230 42.33 33.61 -43.15
CA ARG D 230 41.01 33.00 -43.31
C ARG D 230 41.09 31.50 -43.06
N ALA D 231 40.11 30.98 -42.33
CA ALA D 231 40.10 29.57 -41.96
C ALA D 231 39.69 28.69 -43.13
N SER D 232 40.67 28.21 -43.89
CA SER D 232 40.36 27.33 -45.02
C SER D 232 39.82 26.00 -44.54
N PHE D 233 40.44 25.42 -43.51
CA PHE D 233 40.07 24.11 -42.99
C PHE D 233 39.86 24.21 -41.50
N ILE D 234 38.78 23.63 -41.01
CA ILE D 234 38.43 23.67 -39.59
C ILE D 234 38.37 22.26 -39.05
N HIS D 235 39.10 22.01 -37.97
CA HIS D 235 39.08 20.73 -37.28
C HIS D 235 38.59 20.97 -35.87
N VAL D 236 37.47 20.35 -35.51
CA VAL D 236 36.86 20.57 -34.20
C VAL D 236 36.79 19.24 -33.48
N PHE D 237 37.36 19.19 -32.28
CA PHE D 237 37.30 18.01 -31.43
C PHE D 237 37.69 18.44 -30.02
N GLU D 238 37.47 17.52 -29.08
CA GLU D 238 37.74 17.81 -27.67
C GLU D 238 38.99 17.03 -27.26
N PRO D 239 40.09 17.68 -26.94
CA PRO D 239 41.29 16.98 -26.48
C PRO D 239 41.38 16.91 -24.97
N VAL D 240 41.90 15.79 -24.48
CA VAL D 240 41.99 15.54 -23.05
C VAL D 240 43.38 15.76 -22.49
N GLU D 241 44.40 15.90 -23.34
CA GLU D 241 45.76 16.13 -22.88
C GLU D 241 46.58 16.73 -24.01
N ASP D 242 47.75 17.25 -23.65
CA ASP D 242 48.63 17.86 -24.63
C ASP D 242 49.07 16.83 -25.67
N GLY D 243 49.19 17.27 -26.92
CA GLY D 243 49.71 16.44 -27.97
C GLY D 243 48.70 15.54 -28.65
N GLN D 244 47.46 15.52 -28.19
CA GLN D 244 46.46 14.68 -28.83
C GLN D 244 46.05 15.31 -30.16
N THR D 245 46.15 14.55 -31.24
CA THR D 245 45.88 15.07 -32.57
C THR D 245 44.53 14.62 -33.12
N ARG D 246 44.01 13.49 -32.68
CA ARG D 246 42.73 12.98 -33.16
C ARG D 246 41.82 12.70 -31.98
N GLY D 247 40.56 13.09 -32.12
CA GLY D 247 39.59 12.84 -31.07
C GLY D 247 39.22 11.37 -30.99
N ALA D 248 38.77 10.97 -29.81
CA ALA D 248 38.34 9.60 -29.55
C ALA D 248 36.84 9.60 -29.30
N ASN D 249 36.12 8.75 -30.03
CA ASN D 249 34.68 8.66 -29.86
C ASN D 249 34.34 8.12 -28.49
N VAL D 250 33.18 8.54 -27.99
CA VAL D 250 32.75 8.14 -26.64
C VAL D 250 32.52 6.64 -26.57
N PHE D 251 32.00 6.05 -27.65
CA PHE D 251 31.62 4.64 -27.64
C PHE D 251 32.72 3.73 -27.14
N TYR D 252 33.98 4.19 -27.18
CA TYR D 252 35.10 3.41 -26.69
C TYR D 252 34.87 2.85 -25.30
N SER D 253 34.02 3.50 -24.50
CA SER D 253 33.87 3.09 -23.12
C SER D 253 32.78 2.05 -22.89
N VAL D 254 32.01 1.71 -23.91
CA VAL D 254 30.82 0.89 -23.68
C VAL D 254 30.69 -0.26 -24.66
N MET D 255 31.64 -0.38 -25.59
CA MET D 255 31.49 -1.32 -26.70
C MET D 255 31.21 -2.73 -26.21
N GLU D 256 32.12 -3.29 -25.42
CA GLU D 256 31.92 -4.66 -24.92
C GLU D 256 30.65 -4.75 -24.06
N GLN D 257 30.22 -3.65 -23.46
CA GLN D 257 28.94 -3.71 -22.75
C GLN D 257 27.78 -3.89 -23.71
N MET D 258 27.78 -3.16 -24.83
CA MET D 258 26.80 -3.45 -25.87
C MET D 258 26.86 -4.90 -26.27
N LYS D 259 28.07 -5.44 -26.38
CA LYS D 259 28.20 -6.80 -26.88
C LYS D 259 27.63 -7.82 -25.90
N MET D 260 27.95 -7.71 -24.60
CA MET D 260 27.32 -8.71 -23.73
C MET D 260 25.83 -8.43 -23.59
N LEU D 261 25.38 -7.20 -23.86
CA LEU D 261 23.95 -6.99 -23.93
C LEU D 261 23.32 -7.81 -25.06
N ASP D 262 23.92 -7.77 -26.24
CA ASP D 262 23.38 -8.52 -27.37
C ASP D 262 23.41 -10.02 -27.09
N THR D 263 24.53 -10.49 -26.53
CA THR D 263 24.61 -11.91 -26.22
C THR D 263 23.58 -12.29 -25.17
N LEU D 264 23.28 -11.38 -24.23
CA LEU D 264 22.21 -11.65 -23.27
C LEU D 264 20.87 -11.81 -23.97
N GLN D 265 20.59 -10.93 -24.93
CA GLN D 265 19.35 -11.08 -25.69
C GLN D 265 19.28 -12.43 -26.37
N ASN D 266 20.35 -12.81 -27.06
CA ASN D 266 20.35 -14.07 -27.79
C ASN D 266 20.19 -15.25 -26.85
N THR D 267 20.91 -15.25 -25.74
CA THR D 267 20.85 -16.40 -24.83
C THR D 267 19.50 -16.47 -24.12
N GLN D 268 18.89 -15.32 -23.84
CA GLN D 268 17.55 -15.35 -23.29
C GLN D 268 16.57 -15.95 -24.30
N LEU D 269 16.74 -15.60 -25.57
CA LEU D 269 15.91 -16.22 -26.60
C LEU D 269 16.09 -17.73 -26.62
N GLN D 270 17.34 -18.19 -26.60
CA GLN D 270 17.59 -19.63 -26.65
C GLN D 270 17.00 -20.32 -25.44
N SER D 271 17.08 -19.68 -24.27
CA SER D 271 16.44 -20.23 -23.08
C SER D 271 14.95 -20.35 -23.29
N ALA D 272 14.34 -19.33 -23.89
CA ALA D 272 12.90 -19.38 -24.14
C ALA D 272 12.54 -20.54 -25.05
N ILE D 273 13.33 -20.74 -26.11
CA ILE D 273 13.04 -21.85 -27.03
C ILE D 273 13.19 -23.18 -26.31
N VAL D 274 14.31 -23.36 -25.61
CA VAL D 274 14.57 -24.64 -24.98
C VAL D 274 13.60 -24.92 -23.85
N LYS D 275 12.97 -23.88 -23.31
CA LYS D 275 12.02 -24.08 -22.23
C LYS D 275 10.69 -24.65 -22.72
N ALA D 276 10.44 -24.59 -24.02
CA ALA D 276 9.25 -25.20 -24.61
C ALA D 276 9.60 -26.49 -25.32
N MET D 277 10.83 -26.98 -25.11
CA MET D 277 11.26 -28.22 -25.72
C MET D 277 10.50 -29.38 -25.12
N TYR D 278 10.19 -30.37 -25.95
CA TYR D 278 9.31 -31.46 -25.56
C TYR D 278 9.87 -32.77 -26.07
N ALA D 279 10.12 -33.71 -25.17
CA ALA D 279 10.64 -35.02 -25.53
C ALA D 279 9.65 -36.08 -25.06
N ALA D 280 9.26 -36.96 -25.99
CA ALA D 280 8.31 -38.02 -25.68
C ALA D 280 8.48 -39.12 -26.71
N THR D 281 8.96 -40.28 -26.28
CA THR D 281 9.14 -41.40 -27.19
C THR D 281 8.70 -42.70 -26.52
N ILE D 282 8.72 -43.76 -27.31
CA ILE D 282 8.34 -45.09 -26.86
C ILE D 282 9.62 -45.87 -26.61
N GLU D 283 9.75 -46.40 -25.41
CA GLU D 283 10.93 -47.11 -24.98
C GLU D 283 10.56 -48.49 -24.44
N SER D 284 11.58 -49.27 -24.12
CA SER D 284 11.42 -50.57 -23.50
C SER D 284 12.64 -50.81 -22.62
N GLU D 285 12.65 -51.95 -21.93
CA GLU D 285 13.74 -52.26 -21.02
C GLU D 285 14.62 -53.39 -21.54
N LEU D 286 14.05 -54.57 -21.78
CA LEU D 286 14.79 -55.78 -22.17
C LEU D 286 16.18 -55.79 -21.55
N ASP D 287 17.21 -55.86 -22.39
CA ASP D 287 18.61 -55.72 -21.98
C ASP D 287 18.91 -56.57 -20.74
N THR D 288 18.81 -57.88 -20.93
CA THR D 288 18.85 -58.80 -19.81
C THR D 288 20.27 -59.01 -19.29
N GLN D 289 20.97 -57.91 -19.01
CA GLN D 289 22.29 -57.94 -18.40
C GLN D 289 23.21 -58.99 -18.99
N SER D 290 23.46 -60.07 -18.23
CA SER D 290 24.28 -61.16 -18.75
C SER D 290 23.63 -61.81 -19.96
N ALA D 291 22.32 -62.03 -19.91
CA ALA D 291 21.62 -62.53 -21.09
C ALA D 291 21.58 -61.48 -22.19
N MET D 292 21.65 -60.19 -21.86
CA MET D 292 21.80 -59.16 -22.89
C MET D 292 23.12 -59.34 -23.63
N ASP D 293 24.20 -59.57 -22.89
CA ASP D 293 25.50 -59.82 -23.53
C ASP D 293 25.47 -61.11 -24.34
N PHE D 294 24.79 -62.14 -23.82
CA PHE D 294 24.67 -63.39 -24.56
C PHE D 294 23.90 -63.19 -25.86
N ILE D 295 22.82 -62.40 -25.82
CA ILE D 295 22.08 -62.09 -27.03
C ILE D 295 22.92 -61.26 -27.99
N LEU D 296 23.76 -60.36 -27.44
CA LEU D 296 24.68 -59.62 -28.28
C LEU D 296 25.63 -60.55 -29.01
N GLY D 297 26.19 -61.52 -28.29
CA GLY D 297 27.08 -62.50 -28.90
C GLY D 297 26.36 -63.32 -29.97
N ALA D 298 25.14 -63.75 -29.67
CA ALA D 298 24.38 -64.55 -30.63
C ALA D 298 24.07 -63.74 -31.89
N ASN D 299 23.61 -62.50 -31.72
CA ASN D 299 23.29 -61.66 -32.86
C ASN D 299 24.52 -61.36 -33.70
N SER D 300 25.65 -61.08 -33.05
CA SER D 300 26.89 -60.88 -33.78
C SER D 300 27.27 -62.12 -34.57
N GLN D 301 27.23 -63.28 -33.93
CA GLN D 301 27.58 -64.53 -34.60
C GLN D 301 26.61 -64.86 -35.72
N GLU D 302 25.37 -65.21 -35.37
CA GLU D 302 24.41 -65.61 -36.40
C GLU D 302 22.97 -65.24 -36.11
N GLN D 303 22.65 -64.56 -35.02
CA GLN D 303 21.26 -64.45 -34.56
C GLN D 303 20.75 -63.01 -34.61
N ARG D 304 21.04 -62.30 -35.70
CA ARG D 304 20.38 -61.02 -35.94
C ARG D 304 18.91 -61.20 -36.29
N GLU D 305 18.48 -62.44 -36.54
CA GLU D 305 17.09 -62.72 -36.87
C GLU D 305 16.16 -62.28 -35.74
N ARG D 306 16.58 -62.49 -34.50
CA ARG D 306 15.77 -62.05 -33.37
C ARG D 306 15.50 -60.55 -33.45
N LEU D 307 16.56 -59.76 -33.64
CA LEU D 307 16.42 -58.31 -33.69
C LEU D 307 15.57 -57.88 -34.87
N THR D 308 15.83 -58.47 -36.05
CA THR D 308 15.08 -58.09 -37.24
C THR D 308 13.59 -58.43 -37.08
N GLY D 309 13.28 -59.62 -36.57
CA GLY D 309 11.90 -60.00 -36.41
C GLY D 309 11.19 -59.16 -35.36
N TRP D 310 11.87 -58.84 -34.27
CA TRP D 310 11.27 -57.97 -33.26
C TRP D 310 11.01 -56.58 -33.83
N ILE D 311 11.95 -56.05 -34.61
CA ILE D 311 11.76 -54.74 -35.22
C ILE D 311 10.57 -54.78 -36.17
N GLY D 312 10.47 -55.83 -36.98
CA GLY D 312 9.35 -55.94 -37.91
C GLY D 312 8.01 -56.05 -37.19
N GLU D 313 7.97 -56.87 -36.14
CA GLU D 313 6.73 -57.01 -35.38
C GLU D 313 6.32 -55.70 -34.73
N ILE D 314 7.29 -55.00 -34.14
CA ILE D 314 7.00 -53.72 -33.51
C ILE D 314 6.51 -52.72 -34.55
N ALA D 315 7.16 -52.68 -35.71
CA ALA D 315 6.74 -51.76 -36.76
C ALA D 315 5.32 -52.07 -37.22
N ALA D 316 5.00 -53.35 -37.40
CA ALA D 316 3.66 -53.72 -37.82
C ALA D 316 2.62 -53.35 -36.77
N TYR D 317 2.92 -53.63 -35.51
CA TYR D 317 1.97 -53.32 -34.44
C TYR D 317 1.74 -51.83 -34.35
N TYR D 318 2.79 -51.03 -34.44
CA TYR D 318 2.63 -49.59 -34.29
C TYR D 318 2.16 -48.92 -35.57
N ALA D 319 2.24 -49.60 -36.71
CA ALA D 319 1.55 -49.13 -37.91
C ALA D 319 0.08 -49.46 -37.85
N ALA D 320 -0.30 -50.50 -37.10
CA ALA D 320 -1.70 -50.72 -36.78
C ALA D 320 -2.18 -49.77 -35.70
N ALA D 321 -1.28 -49.32 -34.82
CA ALA D 321 -1.58 -48.50 -33.66
C ALA D 321 -1.78 -47.01 -33.96
N PRO D 322 -0.97 -46.39 -34.83
CA PRO D 322 -0.66 -44.97 -34.68
C PRO D 322 -0.91 -44.37 -33.30
N VAL D 323 0.05 -44.54 -32.40
CA VAL D 323 0.01 -43.88 -31.10
C VAL D 323 0.67 -42.51 -31.27
N ARG D 324 -0.15 -41.47 -31.29
CA ARG D 324 0.33 -40.12 -31.54
C ARG D 324 0.09 -39.25 -30.31
N LEU D 325 1.15 -38.60 -29.84
CA LEU D 325 1.02 -37.59 -28.81
C LEU D 325 0.15 -36.43 -29.31
N GLY D 326 0.38 -35.98 -30.53
CA GLY D 326 -0.40 -34.93 -31.13
C GLY D 326 -0.65 -35.24 -32.59
N GLY D 327 -0.30 -34.32 -33.47
CA GLY D 327 -0.33 -34.61 -34.88
C GLY D 327 0.88 -35.35 -35.38
N ALA D 328 1.80 -35.70 -34.48
CA ALA D 328 3.05 -36.34 -34.85
C ALA D 328 3.11 -37.75 -34.24
N LYS D 329 3.79 -38.64 -34.94
CA LYS D 329 3.95 -40.01 -34.48
C LYS D 329 5.06 -40.08 -33.44
N VAL D 330 4.82 -40.86 -32.40
CA VAL D 330 5.81 -41.03 -31.34
C VAL D 330 6.92 -41.94 -31.82
N PRO D 331 8.18 -41.55 -31.71
CA PRO D 331 9.27 -42.39 -32.20
C PRO D 331 9.51 -43.60 -31.29
N HIS D 332 10.34 -44.51 -31.80
CA HIS D 332 10.68 -45.75 -31.13
C HIS D 332 12.19 -45.87 -30.97
N LEU D 333 12.61 -46.64 -29.96
CA LEU D 333 14.02 -46.86 -29.69
C LEU D 333 14.31 -48.34 -29.57
N MET D 334 15.61 -48.66 -29.61
CA MET D 334 16.04 -50.02 -29.34
C MET D 334 15.84 -50.37 -27.86
N PRO D 335 15.66 -51.65 -27.56
CA PRO D 335 15.55 -52.06 -26.16
C PRO D 335 16.81 -51.69 -25.39
N GLY D 336 16.62 -51.29 -24.14
CA GLY D 336 17.72 -50.84 -23.32
C GLY D 336 18.20 -49.44 -23.61
N ASP D 337 17.55 -48.72 -24.52
CA ASP D 337 17.93 -47.36 -24.88
C ASP D 337 16.83 -46.41 -24.41
N SER D 338 17.21 -45.42 -23.62
CA SER D 338 16.28 -44.43 -23.11
C SER D 338 16.87 -43.05 -23.29
N LEU D 339 16.06 -42.11 -23.77
CA LEU D 339 16.52 -40.75 -23.95
C LEU D 339 16.65 -40.08 -22.58
N ASN D 340 17.84 -39.57 -22.29
CA ASN D 340 18.13 -38.94 -21.00
C ASN D 340 18.57 -37.50 -21.27
N LEU D 341 17.71 -36.55 -20.91
CA LEU D 341 18.06 -35.14 -21.00
C LEU D 341 17.98 -34.51 -19.61
N GLN D 342 19.01 -33.75 -19.27
CA GLN D 342 19.06 -33.00 -18.03
C GLN D 342 19.55 -31.60 -18.34
N THR D 343 18.95 -30.60 -17.67
CA THR D 343 19.21 -29.22 -18.07
C THR D 343 20.50 -28.69 -17.48
N ALA D 344 20.53 -28.51 -16.15
CA ALA D 344 21.58 -27.82 -15.41
C ALA D 344 21.01 -27.30 -14.10
N GLN D 345 20.45 -26.09 -14.14
CA GLN D 345 19.81 -25.46 -12.99
C GLN D 345 18.39 -25.07 -13.38
N ASP D 346 17.55 -24.88 -12.37
CA ASP D 346 16.14 -24.59 -12.56
C ASP D 346 15.72 -23.36 -11.75
N THR D 347 16.50 -22.29 -11.86
CA THR D 347 16.24 -21.07 -11.14
C THR D 347 15.96 -19.93 -12.12
N ASP D 348 15.58 -18.78 -11.58
CA ASP D 348 15.38 -17.60 -12.40
C ASP D 348 16.71 -17.10 -12.95
N ASN D 349 16.67 -16.61 -14.18
CA ASN D 349 17.89 -16.12 -14.83
C ASN D 349 18.25 -14.69 -14.42
N GLY D 350 17.36 -13.99 -13.72
CA GLY D 350 17.64 -12.62 -13.36
C GLY D 350 17.82 -11.70 -14.56
N TYR D 351 17.07 -11.98 -15.62
CA TYR D 351 17.23 -11.22 -16.86
C TYR D 351 16.90 -9.75 -16.68
N SER D 352 15.80 -9.46 -15.98
CA SER D 352 15.32 -8.09 -15.88
C SER D 352 16.35 -7.19 -15.19
N VAL D 353 16.77 -7.60 -13.99
CA VAL D 353 17.68 -6.76 -13.21
C VAL D 353 19.00 -6.60 -13.93
N PHE D 354 19.52 -7.68 -14.51
CA PHE D 354 20.80 -7.60 -15.20
C PHE D 354 20.71 -6.66 -16.39
N GLU D 355 19.60 -6.74 -17.14
CA GLU D 355 19.46 -5.86 -18.31
C GLU D 355 19.35 -4.41 -17.86
N GLN D 356 18.63 -4.15 -16.77
CA GLN D 356 18.62 -2.79 -16.22
C GLN D 356 20.03 -2.34 -15.88
N SER D 357 20.83 -3.23 -15.30
CA SER D 357 22.19 -2.86 -14.93
C SER D 357 23.00 -2.50 -16.17
N LEU D 358 22.92 -3.31 -17.23
CA LEU D 358 23.65 -3.00 -18.45
C LEU D 358 23.18 -1.69 -19.06
N LEU D 359 21.87 -1.47 -19.09
CA LEU D 359 21.37 -0.23 -19.67
C LEU D 359 21.85 0.97 -18.89
N ARG D 360 21.84 0.88 -17.57
CA ARG D 360 22.35 1.98 -16.76
C ARG D 360 23.83 2.20 -17.02
N TYR D 361 24.59 1.12 -17.17
CA TYR D 361 26.00 1.26 -17.52
C TYR D 361 26.17 2.01 -18.83
N ILE D 362 25.41 1.61 -19.85
CA ILE D 362 25.54 2.26 -21.15
C ILE D 362 25.21 3.73 -21.04
N ALA D 363 24.12 4.06 -20.34
CA ALA D 363 23.73 5.46 -20.22
C ALA D 363 24.80 6.26 -19.49
N ALA D 364 25.38 5.68 -18.43
CA ALA D 364 26.44 6.38 -17.71
C ALA D 364 27.64 6.62 -18.60
N GLY D 365 28.02 5.61 -19.38
CA GLY D 365 29.15 5.79 -20.27
C GLY D 365 28.88 6.76 -21.40
N LEU D 366 27.62 6.91 -21.78
CA LEU D 366 27.25 7.77 -22.89
C LEU D 366 26.85 9.17 -22.45
N GLY D 367 26.87 9.44 -21.15
CA GLY D 367 26.58 10.78 -20.66
C GLY D 367 25.12 11.17 -20.65
N VAL D 368 24.21 10.24 -20.95
CA VAL D 368 22.78 10.52 -20.93
C VAL D 368 22.14 9.74 -19.80
N SER D 369 20.94 10.16 -19.42
CA SER D 369 20.21 9.46 -18.37
C SER D 369 19.71 8.11 -18.86
N TYR D 370 19.54 7.19 -17.92
CA TYR D 370 19.11 5.84 -18.26
C TYR D 370 17.71 5.84 -18.86
N GLU D 371 16.83 6.66 -18.33
CA GLU D 371 15.43 6.56 -18.72
C GLU D 371 15.13 7.16 -20.07
N GLN D 372 15.94 8.08 -20.59
CA GLN D 372 15.64 8.53 -21.94
C GLN D 372 16.29 7.66 -22.99
N LEU D 373 17.48 7.14 -22.72
CA LEU D 373 18.11 6.22 -23.66
C LEU D 373 17.30 4.94 -23.81
N SER D 374 16.80 4.42 -22.70
CA SER D 374 16.08 3.16 -22.69
C SER D 374 14.57 3.33 -22.61
N ARG D 375 14.08 4.58 -22.61
CA ARG D 375 12.67 4.92 -22.44
C ARG D 375 12.00 4.03 -21.39
N ASN D 376 12.52 4.16 -20.16
CA ASN D 376 12.00 3.45 -18.99
C ASN D 376 11.59 4.48 -17.95
N TYR D 377 10.33 4.91 -18.00
CA TYR D 377 9.81 5.85 -17.01
C TYR D 377 8.94 5.15 -15.97
N ALA D 378 9.22 3.88 -15.71
CA ALA D 378 8.42 3.12 -14.76
C ALA D 378 8.60 3.66 -13.35
N GLN D 379 7.50 3.68 -12.60
CA GLN D 379 7.48 4.02 -11.17
C GLN D 379 8.39 5.21 -10.84
N MET D 380 8.41 6.20 -11.72
CA MET D 380 9.37 7.29 -11.62
C MET D 380 8.63 8.54 -11.15
N SER D 381 9.17 9.17 -10.11
CA SER D 381 8.53 10.37 -9.55
C SER D 381 8.82 11.58 -10.42
N TYR D 382 8.02 12.63 -10.22
CA TYR D 382 8.22 13.85 -11.00
C TYR D 382 9.55 14.51 -10.68
N SER D 383 9.81 14.73 -9.38
CA SER D 383 11.02 15.44 -8.99
C SER D 383 12.27 14.67 -9.42
N THR D 384 12.27 13.36 -9.21
CA THR D 384 13.44 12.57 -9.56
C THR D 384 13.67 12.59 -11.07
N ALA D 385 12.60 12.43 -11.86
CA ALA D 385 12.74 12.45 -13.30
C ALA D 385 13.29 13.78 -13.77
N ARG D 386 12.75 14.89 -13.24
CA ARG D 386 13.24 16.17 -13.70
C ARG D 386 14.66 16.43 -13.24
N ALA D 387 15.06 15.89 -12.09
CA ALA D 387 16.45 16.03 -11.67
C ALA D 387 17.40 15.30 -12.62
N SER D 388 17.05 14.07 -12.99
CA SER D 388 17.88 13.34 -13.94
C SER D 388 17.95 14.05 -15.29
N ALA D 389 16.80 14.53 -15.75
CA ALA D 389 16.78 15.31 -16.99
C ALA D 389 17.65 16.54 -16.87
N ASN D 390 17.68 17.16 -15.69
CA ASN D 390 18.52 18.33 -15.48
C ASN D 390 19.99 17.98 -15.61
N GLU D 391 20.39 16.84 -15.04
CA GLU D 391 21.78 16.42 -15.18
C GLU D 391 22.14 16.23 -16.65
N SER D 392 21.30 15.49 -17.37
CA SER D 392 21.56 15.29 -18.79
C SER D 392 21.59 16.62 -19.53
N TRP D 393 20.71 17.55 -19.15
CA TRP D 393 20.64 18.82 -19.84
C TRP D 393 21.89 19.66 -19.60
N ALA D 394 22.44 19.63 -18.39
CA ALA D 394 23.69 20.32 -18.14
C ALA D 394 24.82 19.73 -18.98
N TYR D 395 24.89 18.40 -19.01
CA TYR D 395 25.86 17.72 -19.87
C TYR D 395 25.73 18.21 -21.31
N PHE D 396 24.49 18.34 -21.78
CA PHE D 396 24.24 18.67 -23.17
C PHE D 396 24.53 20.13 -23.46
N MET D 397 24.24 21.02 -22.51
CA MET D 397 24.65 22.41 -22.67
C MET D 397 26.17 22.52 -22.76
N GLY D 398 26.88 21.75 -21.95
CA GLY D 398 28.33 21.76 -22.06
C GLY D 398 28.79 21.39 -23.45
N ARG D 399 28.26 20.29 -23.98
CA ARG D 399 28.67 19.88 -25.33
C ARG D 399 28.26 20.90 -26.39
N ARG D 400 27.06 21.47 -26.27
CA ARG D 400 26.63 22.44 -27.26
C ARG D 400 27.54 23.66 -27.25
N LYS D 401 27.96 24.09 -26.05
CA LYS D 401 28.87 25.23 -25.96
C LYS D 401 30.23 24.88 -26.57
N PHE D 402 30.74 23.69 -26.31
CA PHE D 402 32.11 23.39 -26.70
C PHE D 402 32.24 22.73 -28.07
N VAL D 403 31.14 22.33 -28.70
CA VAL D 403 31.27 21.63 -29.96
C VAL D 403 30.56 22.38 -31.08
N ALA D 404 29.23 22.50 -30.96
CA ALA D 404 28.47 23.15 -32.01
C ALA D 404 28.81 24.62 -32.12
N SER D 405 28.96 25.29 -30.98
CA SER D 405 29.17 26.74 -30.98
C SER D 405 30.45 27.11 -31.70
N ARG D 406 31.52 26.34 -31.47
CA ARG D 406 32.80 26.66 -32.07
C ARG D 406 32.75 26.55 -33.58
N GLN D 407 32.20 25.44 -34.08
CA GLN D 407 32.10 25.26 -35.53
C GLN D 407 31.21 26.33 -36.15
N ALA D 408 30.08 26.61 -35.50
CA ALA D 408 29.17 27.63 -36.03
C ALA D 408 29.86 28.98 -36.09
N SER D 409 30.63 29.32 -35.05
CA SER D 409 31.36 30.58 -35.06
C SER D 409 32.38 30.64 -36.19
N GLN D 410 33.07 29.52 -36.45
CA GLN D 410 34.04 29.50 -37.53
C GLN D 410 33.37 29.76 -38.88
N MET D 411 32.28 29.03 -39.16
CA MET D 411 31.58 29.24 -40.42
C MET D 411 31.04 30.65 -40.53
N PHE D 412 30.47 31.17 -39.45
CA PHE D 412 29.93 32.52 -39.46
C PHE D 412 31.02 33.53 -39.73
N LEU D 413 32.21 33.33 -39.14
CA LEU D 413 33.31 34.25 -39.38
C LEU D 413 33.72 34.25 -40.84
N CYS D 414 33.80 33.06 -41.45
CA CYS D 414 34.15 33.00 -42.87
C CYS D 414 33.12 33.74 -43.71
N TRP D 415 31.84 33.48 -43.46
CA TRP D 415 30.79 34.14 -44.24
C TRP D 415 30.81 35.65 -44.02
N LEU D 416 31.04 36.09 -42.79
CA LEU D 416 31.09 37.52 -42.50
C LEU D 416 32.26 38.17 -43.22
N GLU D 417 33.40 37.49 -43.27
CA GLU D 417 34.54 38.02 -44.03
C GLU D 417 34.17 38.19 -45.49
N GLU D 418 33.52 37.18 -46.07
CA GLU D 418 33.10 37.30 -47.46
C GLU D 418 32.14 38.46 -47.65
N ALA D 419 31.18 38.63 -46.73
CA ALA D 419 30.20 39.69 -46.85
C ALA D 419 30.85 41.06 -46.78
N ILE D 420 31.80 41.24 -45.85
CA ILE D 420 32.51 42.51 -45.76
C ILE D 420 33.32 42.76 -47.02
N VAL D 421 33.88 41.69 -47.60
CA VAL D 421 34.64 41.84 -48.84
C VAL D 421 33.75 42.40 -49.93
N ARG D 422 32.53 41.91 -50.03
CA ARG D 422 31.60 42.36 -51.07
C ARG D 422 30.77 43.56 -50.64
N ARG D 423 31.02 44.10 -49.45
CA ARG D 423 30.30 45.26 -48.92
C ARG D 423 28.80 45.03 -48.89
N VAL D 424 28.38 43.78 -48.70
CA VAL D 424 26.97 43.51 -48.48
C VAL D 424 26.51 44.19 -47.18
N VAL D 425 27.36 44.17 -46.17
CA VAL D 425 27.16 44.94 -44.96
C VAL D 425 28.21 46.04 -44.91
N THR D 426 28.05 46.96 -43.97
CA THR D 426 28.95 48.10 -43.85
C THR D 426 29.48 48.19 -42.43
N LEU D 427 30.79 48.29 -42.29
CA LEU D 427 31.40 48.51 -40.99
C LEU D 427 31.14 49.93 -40.52
N PRO D 428 31.19 50.16 -39.21
CA PRO D 428 31.11 51.53 -38.71
C PRO D 428 32.25 52.38 -39.25
N SER D 429 31.95 53.64 -39.53
CA SER D 429 32.94 54.52 -40.15
C SER D 429 34.12 54.77 -39.23
N LYS D 430 33.87 54.99 -37.94
CA LYS D 430 34.90 55.34 -36.98
C LYS D 430 35.48 54.10 -36.29
N ALA D 431 35.47 52.95 -36.96
CA ALA D 431 35.95 51.72 -36.36
C ALA D 431 37.39 51.87 -35.88
N ARG D 432 37.65 51.43 -34.65
CA ARG D 432 39.00 51.50 -34.10
C ARG D 432 39.95 50.59 -34.86
N PHE D 433 39.49 49.41 -35.26
CA PHE D 433 40.31 48.47 -36.00
C PHE D 433 39.52 47.95 -37.19
N SER D 434 40.25 47.50 -38.20
CA SER D 434 39.61 46.88 -39.36
C SER D 434 39.09 45.50 -38.98
N PHE D 435 38.34 44.90 -39.91
CA PHE D 435 37.80 43.57 -39.67
C PHE D 435 38.91 42.54 -39.48
N GLN D 436 39.97 42.62 -40.29
CA GLN D 436 41.03 41.64 -40.23
C GLN D 436 41.72 41.68 -38.87
N GLU D 437 41.96 42.88 -38.34
CA GLU D 437 42.72 43.00 -37.10
C GLU D 437 41.91 42.53 -35.90
N ALA D 438 40.59 42.63 -35.97
CA ALA D 438 39.72 42.38 -34.84
C ALA D 438 38.60 41.41 -35.22
N ARG D 439 38.97 40.31 -35.87
CA ARG D 439 37.97 39.34 -36.32
C ARG D 439 37.12 38.85 -35.16
N SER D 440 37.75 38.56 -34.02
CA SER D 440 36.99 38.11 -32.86
C SER D 440 36.05 39.19 -32.36
N ALA D 441 36.51 40.45 -32.35
CA ALA D 441 35.69 41.54 -31.84
C ALA D 441 34.44 41.74 -32.68
N TRP D 442 34.61 41.84 -34.00
CA TRP D 442 33.46 41.99 -34.87
C TRP D 442 32.58 40.75 -34.87
N GLY D 443 33.19 39.57 -34.87
CA GLY D 443 32.48 38.32 -34.99
C GLY D 443 32.00 37.71 -33.69
N ASN D 444 32.10 38.43 -32.57
CA ASN D 444 31.62 37.90 -31.30
C ASN D 444 30.14 37.57 -31.41
N CYS D 445 29.82 36.28 -31.36
CA CYS D 445 28.46 35.83 -31.61
C CYS D 445 28.13 34.67 -30.69
N ASP D 446 26.85 34.52 -30.38
CA ASP D 446 26.37 33.40 -29.58
C ASP D 446 25.17 32.78 -30.27
N TRP D 447 25.06 31.47 -30.13
CA TRP D 447 24.05 30.70 -30.85
C TRP D 447 23.04 30.12 -29.87
N ILE D 448 21.77 30.20 -30.25
CA ILE D 448 20.68 29.67 -29.44
C ILE D 448 20.06 28.49 -30.17
N GLY D 449 20.05 27.34 -29.51
CA GLY D 449 19.48 26.14 -30.06
C GLY D 449 18.09 25.87 -29.51
N SER D 450 17.71 24.59 -29.50
CA SER D 450 16.45 24.20 -28.89
C SER D 450 16.48 24.54 -27.41
N GLY D 451 15.41 25.18 -26.94
CA GLY D 451 15.36 25.58 -25.55
C GLY D 451 15.10 24.41 -24.64
N ARG D 452 15.18 24.68 -23.33
CA ARG D 452 14.81 23.68 -22.35
C ARG D 452 13.35 23.30 -22.53
N MET D 453 13.09 22.00 -22.56
CA MET D 453 11.75 21.53 -22.86
C MET D 453 11.03 21.21 -21.55
N ALA D 454 9.83 21.77 -21.39
CA ALA D 454 9.13 21.71 -20.12
C ALA D 454 8.76 20.28 -19.75
N ILE D 455 8.78 20.00 -18.46
CA ILE D 455 8.33 18.73 -17.92
C ILE D 455 6.88 18.80 -17.46
N ASP D 456 6.50 19.89 -16.80
CA ASP D 456 5.17 20.08 -16.27
C ASP D 456 4.48 21.34 -16.78
N GLY D 457 5.24 22.33 -17.22
CA GLY D 457 4.66 23.55 -17.75
C GLY D 457 4.49 24.67 -16.74
N LEU D 458 3.65 24.45 -15.72
CA LEU D 458 3.33 25.55 -14.81
C LEU D 458 4.56 26.00 -14.04
N LYS D 459 5.34 25.05 -13.52
CA LYS D 459 6.41 25.42 -12.60
C LYS D 459 7.45 26.27 -13.31
N GLU D 460 7.86 25.87 -14.51
CA GLU D 460 8.87 26.63 -15.25
C GLU D 460 8.34 27.99 -15.70
N VAL D 461 7.06 28.08 -16.04
CA VAL D 461 6.50 29.37 -16.40
C VAL D 461 6.45 30.29 -15.19
N GLN D 462 6.11 29.73 -14.02
CA GLN D 462 6.20 30.48 -12.78
C GLN D 462 7.63 30.94 -12.54
N GLU D 463 8.60 30.08 -12.86
CA GLU D 463 10.00 30.47 -12.74
C GLU D 463 10.26 31.71 -13.58
N ALA D 464 9.87 31.64 -14.86
CA ALA D 464 10.12 32.74 -15.77
C ALA D 464 9.51 34.03 -15.25
N VAL D 465 8.23 34.00 -14.89
CA VAL D 465 7.58 35.23 -14.48
C VAL D 465 8.19 35.74 -13.18
N MET D 466 8.46 34.84 -12.23
CA MET D 466 9.00 35.27 -10.94
C MET D 466 10.36 35.94 -11.10
N LEU D 467 11.26 35.32 -11.86
CA LEU D 467 12.55 35.95 -12.11
C LEU D 467 12.39 37.27 -12.84
N ILE D 468 11.51 37.32 -13.86
CA ILE D 468 11.48 38.52 -14.68
C ILE D 468 10.91 39.71 -13.91
N GLU D 469 9.90 39.50 -13.06
CA GLU D 469 9.39 40.63 -12.30
C GLU D 469 10.15 40.87 -11.02
N ALA D 470 10.94 39.90 -10.56
CA ALA D 470 11.68 40.06 -9.33
C ALA D 470 13.07 40.65 -9.56
N GLY D 471 13.46 40.87 -10.81
CA GLY D 471 14.68 41.58 -11.11
C GLY D 471 15.92 40.73 -11.21
N LEU D 472 15.82 39.41 -11.03
CA LEU D 472 16.98 38.53 -11.12
C LEU D 472 17.22 38.00 -12.52
N SER D 473 16.41 38.41 -13.50
CA SER D 473 16.57 37.85 -14.84
C SER D 473 16.13 38.87 -15.88
N THR D 474 16.59 38.64 -17.10
CA THR D 474 16.32 39.46 -18.26
C THR D 474 15.69 38.61 -19.36
N TYR D 475 14.96 39.27 -20.24
CA TYR D 475 14.07 38.56 -21.16
C TYR D 475 14.82 37.58 -22.05
N GLU D 476 16.07 37.88 -22.41
CA GLU D 476 16.74 37.06 -23.42
C GLU D 476 16.99 35.65 -22.92
N LYS D 477 17.32 35.50 -21.63
CA LYS D 477 17.56 34.15 -21.15
C LYS D 477 16.25 33.38 -20.98
N GLU D 478 15.16 34.07 -20.68
CA GLU D 478 13.86 33.38 -20.71
C GLU D 478 13.53 32.91 -22.12
N CYS D 479 13.79 33.76 -23.12
CA CYS D 479 13.65 33.34 -24.50
C CYS D 479 14.69 32.30 -24.90
N ALA D 480 15.75 32.15 -24.12
CA ALA D 480 16.84 31.24 -24.45
C ALA D 480 16.49 29.81 -24.06
N LYS D 481 16.03 29.61 -22.84
CA LYS D 481 15.59 28.27 -22.50
C LYS D 481 14.28 27.92 -23.15
N ARG D 482 13.73 28.82 -23.95
CA ARG D 482 12.60 28.50 -24.81
C ARG D 482 12.94 28.62 -26.29
N GLY D 483 14.16 29.05 -26.62
CA GLY D 483 14.56 29.15 -28.01
C GLY D 483 13.93 30.30 -28.78
N ASP D 484 13.80 31.46 -28.15
CA ASP D 484 13.31 32.66 -28.82
C ASP D 484 14.32 33.78 -28.62
N ASP D 485 13.95 34.97 -29.09
CA ASP D 485 14.76 36.16 -28.87
C ASP D 485 13.84 37.32 -28.55
N TYR D 486 14.35 38.27 -27.77
CA TYR D 486 13.49 39.34 -27.28
C TYR D 486 13.17 40.37 -28.35
N GLN D 487 14.05 40.55 -29.34
CA GLN D 487 13.86 41.59 -30.33
C GLN D 487 12.61 41.34 -31.17
N GLU D 488 12.61 40.23 -31.91
CA GLU D 488 11.48 39.95 -32.79
C GLU D 488 10.22 39.64 -31.98
N ILE D 489 10.36 39.11 -30.77
CA ILE D 489 9.18 38.87 -29.95
C ILE D 489 8.56 40.19 -29.52
N PHE D 490 9.39 41.18 -29.20
CA PHE D 490 8.85 42.51 -28.90
C PHE D 490 8.19 43.12 -30.12
N ALA D 491 8.82 42.99 -31.28
CA ALA D 491 8.21 43.52 -32.50
C ALA D 491 6.87 42.87 -32.78
N GLN D 492 6.80 41.55 -32.62
CA GLN D 492 5.56 40.84 -32.84
C GLN D 492 4.50 41.22 -31.82
N GLN D 493 4.90 41.43 -30.56
CA GLN D 493 3.93 41.88 -29.57
C GLN D 493 3.39 43.26 -29.91
N VAL D 494 4.26 44.15 -30.37
CA VAL D 494 3.80 45.48 -30.77
C VAL D 494 2.81 45.37 -31.93
N ARG D 495 3.15 44.55 -32.92
CA ARG D 495 2.26 44.40 -34.07
C ARG D 495 0.92 43.81 -33.64
N GLU D 496 0.94 42.80 -32.77
CA GLU D 496 -0.30 42.22 -32.29
C GLU D 496 -1.13 43.25 -31.53
N THR D 497 -0.48 44.04 -30.67
CA THR D 497 -1.20 45.03 -29.88
C THR D 497 -1.88 46.05 -30.79
N MET D 498 -1.14 46.53 -31.79
CA MET D 498 -1.73 47.55 -32.65
C MET D 498 -2.78 46.97 -33.59
N GLU D 499 -2.64 45.72 -34.02
CA GLU D 499 -3.71 45.08 -34.78
C GLU D 499 -4.97 44.92 -33.94
N ARG D 500 -4.82 44.46 -32.70
CA ARG D 500 -5.98 44.24 -31.84
C ARG D 500 -6.68 45.56 -31.52
N ARG D 501 -5.91 46.61 -31.25
CA ARG D 501 -6.52 47.92 -31.02
C ARG D 501 -7.15 48.47 -32.29
N ALA D 502 -6.60 48.15 -33.46
CA ALA D 502 -7.22 48.58 -34.71
C ALA D 502 -8.50 47.83 -35.02
N ALA D 503 -8.68 46.65 -34.44
CA ALA D 503 -9.89 45.86 -34.64
C ALA D 503 -10.88 45.97 -33.49
N GLY D 504 -10.61 46.87 -32.54
CA GLY D 504 -11.51 47.06 -31.42
C GLY D 504 -11.40 46.01 -30.33
N LEU D 505 -10.49 45.05 -30.46
CA LEU D 505 -10.34 44.03 -29.45
C LEU D 505 -9.66 44.61 -28.21
N LYS D 506 -9.85 43.92 -27.10
CA LYS D 506 -9.22 44.33 -25.85
C LYS D 506 -7.72 44.08 -25.96
N PRO D 507 -6.88 45.10 -25.81
CA PRO D 507 -5.42 44.97 -25.93
C PRO D 507 -4.81 44.05 -24.88
N GLN E 34 35.72 -12.34 -26.99
CA GLN E 34 34.61 -11.41 -27.14
C GLN E 34 34.92 -10.35 -28.19
N LEU E 35 35.53 -9.25 -27.74
CA LEU E 35 35.86 -8.17 -28.66
C LEU E 35 36.91 -8.60 -29.68
N ARG E 36 37.71 -9.61 -29.36
CA ARG E 36 38.69 -10.10 -30.32
C ARG E 36 38.05 -10.86 -31.48
N SER E 37 36.82 -11.32 -31.31
CA SER E 37 36.11 -12.05 -32.36
C SER E 37 35.28 -11.15 -33.25
N TRP E 38 35.36 -9.83 -33.06
CA TRP E 38 34.52 -8.87 -33.75
C TRP E 38 35.41 -7.76 -34.31
N ASN E 39 35.75 -7.87 -35.59
CA ASN E 39 36.61 -6.90 -36.27
C ASN E 39 35.95 -6.44 -37.56
N PRO E 40 34.93 -5.61 -37.46
CA PRO E 40 34.27 -5.11 -38.66
C PRO E 40 35.16 -4.14 -39.41
N PRO E 41 35.24 -4.26 -40.73
CA PRO E 41 36.08 -3.34 -41.50
C PRO E 41 35.44 -1.97 -41.61
N SER E 42 36.23 -1.00 -42.08
CA SER E 42 35.79 0.37 -42.23
C SER E 42 35.62 0.69 -43.71
N GLU E 43 34.42 1.14 -44.08
CA GLU E 43 34.14 1.56 -45.45
C GLU E 43 33.29 2.82 -45.39
N SER E 44 33.22 3.51 -46.53
CA SER E 44 32.32 4.66 -46.62
C SER E 44 30.88 4.18 -46.50
N VAL E 45 30.01 5.12 -46.09
CA VAL E 45 28.61 4.75 -45.84
C VAL E 45 27.99 4.15 -47.08
N ASP E 46 28.20 4.78 -48.24
CA ASP E 46 27.67 4.23 -49.48
C ASP E 46 28.24 2.84 -49.75
N ALA E 47 29.54 2.65 -49.52
CA ALA E 47 30.14 1.35 -49.73
C ALA E 47 29.54 0.29 -48.82
N ALA E 48 29.08 0.70 -47.64
CA ALA E 48 28.46 -0.22 -46.71
C ALA E 48 26.94 -0.27 -46.83
N LEU E 49 26.37 0.46 -47.77
CA LEU E 49 24.93 0.50 -47.94
C LEU E 49 24.48 0.11 -49.34
N LEU E 50 25.18 0.57 -50.37
CA LEU E 50 24.75 0.31 -51.74
C LEU E 50 24.66 -1.18 -52.08
N PRO E 51 25.64 -2.03 -51.74
CA PRO E 51 25.52 -3.44 -52.14
C PRO E 51 24.28 -4.13 -51.61
N ASN E 52 23.82 -3.76 -50.41
CA ASN E 52 22.64 -4.37 -49.83
C ASN E 52 21.44 -3.43 -49.80
N PHE E 53 21.47 -2.38 -50.60
CA PHE E 53 20.40 -1.39 -50.58
C PHE E 53 19.07 -2.01 -51.00
N THR E 54 19.08 -2.78 -52.08
CA THR E 54 17.84 -3.33 -52.60
C THR E 54 17.23 -4.32 -51.62
N ARG E 55 18.03 -5.25 -51.11
CA ARG E 55 17.50 -6.22 -50.16
C ARG E 55 17.05 -5.55 -48.87
N GLY E 56 17.76 -4.51 -48.43
CA GLY E 56 17.33 -3.79 -47.25
C GLY E 56 15.97 -3.13 -47.44
N ASN E 57 15.78 -2.47 -48.58
CA ASN E 57 14.49 -1.86 -48.85
C ASN E 57 13.39 -2.91 -48.94
N ALA E 58 13.69 -4.04 -49.59
CA ALA E 58 12.69 -5.10 -49.70
C ALA E 58 12.31 -5.62 -48.32
N ARG E 59 13.30 -5.83 -47.46
CA ARG E 59 13.03 -6.32 -46.12
C ARG E 59 12.20 -5.31 -45.32
N ALA E 60 12.52 -4.02 -45.46
CA ALA E 60 11.73 -3.00 -44.78
C ALA E 60 10.29 -3.01 -45.28
N ASP E 61 10.10 -3.15 -46.58
CA ASP E 61 8.75 -3.21 -47.13
C ASP E 61 7.99 -4.41 -46.59
N ASP E 62 8.66 -5.56 -46.51
CA ASP E 62 8.00 -6.73 -45.94
C ASP E 62 7.61 -6.48 -44.49
N LEU E 63 8.51 -5.84 -43.73
CA LEU E 63 8.24 -5.59 -42.32
C LEU E 63 7.04 -4.69 -42.14
N VAL E 64 6.96 -3.62 -42.93
CA VAL E 64 5.83 -2.72 -42.77
C VAL E 64 4.54 -3.37 -43.27
N ARG E 65 4.60 -4.11 -44.38
CA ARG E 65 3.38 -4.74 -44.89
C ARG E 65 2.82 -5.76 -43.92
N ASN E 66 3.67 -6.59 -43.31
CA ASN E 66 3.17 -7.70 -42.50
C ASN E 66 3.13 -7.39 -41.01
N ASN E 67 4.24 -6.94 -40.43
CA ASN E 67 4.31 -6.78 -38.98
C ASN E 67 3.40 -5.64 -38.53
N GLY E 68 2.66 -5.89 -37.45
CA GLY E 68 1.74 -4.88 -36.94
C GLY E 68 2.45 -3.67 -36.35
N TYR E 69 3.53 -3.91 -35.60
CA TYR E 69 4.22 -2.80 -34.96
C TYR E 69 4.82 -1.85 -35.97
N ALA E 70 5.33 -2.38 -37.08
CA ALA E 70 5.86 -1.51 -38.11
C ALA E 70 4.78 -0.58 -38.67
N ALA E 71 3.59 -1.14 -38.91
CA ALA E 71 2.49 -0.30 -39.38
C ALA E 71 2.11 0.73 -38.34
N ASN E 72 2.07 0.34 -37.07
CA ASN E 72 1.71 1.29 -36.02
C ASN E 72 2.73 2.42 -35.94
N ALA E 73 4.01 2.08 -36.06
CA ALA E 73 5.05 3.11 -35.98
C ALA E 73 4.98 4.04 -37.18
N ILE E 74 4.80 3.49 -38.39
CA ILE E 74 4.72 4.35 -39.56
C ILE E 74 3.50 5.24 -39.47
N GLN E 75 2.41 4.74 -38.89
CA GLN E 75 1.20 5.53 -38.74
C GLN E 75 1.41 6.64 -37.72
N LEU E 76 2.12 6.34 -36.63
CA LEU E 76 2.45 7.37 -35.65
C LEU E 76 3.28 8.48 -36.28
N HIS E 77 4.30 8.09 -37.05
CA HIS E 77 5.06 9.08 -37.80
C HIS E 77 4.14 9.88 -38.70
N GLN E 78 3.23 9.19 -39.37
CA GLN E 78 2.35 9.80 -40.36
C GLN E 78 1.49 10.89 -39.72
N ASP E 79 0.95 10.62 -38.54
CA ASP E 79 0.02 11.54 -37.91
C ASP E 79 0.68 12.53 -36.97
N HIS E 80 1.95 12.33 -36.63
CA HIS E 80 2.61 13.28 -35.75
C HIS E 80 3.52 14.24 -36.48
N ILE E 81 4.21 13.79 -37.52
CA ILE E 81 5.06 14.69 -38.29
C ILE E 81 4.22 15.76 -38.97
N VAL E 82 3.11 15.36 -39.59
CA VAL E 82 2.22 16.27 -40.30
C VAL E 82 0.82 16.27 -39.71
N GLY E 83 0.18 15.09 -39.65
CA GLY E 83 -1.13 14.97 -39.07
C GLY E 83 -2.25 15.26 -40.05
N SER E 84 -3.32 15.84 -39.50
CA SER E 84 -4.55 16.03 -40.27
C SER E 84 -4.35 16.98 -41.44
N PHE E 85 -3.62 18.07 -41.24
CA PHE E 85 -3.49 19.08 -42.27
C PHE E 85 -2.17 19.82 -42.11
N PHE E 86 -1.72 20.43 -43.20
CA PHE E 86 -0.41 21.07 -43.28
C PHE E 86 -0.60 22.45 -43.90
N ARG E 87 -0.77 23.45 -43.04
CA ARG E 87 -1.10 24.79 -43.51
C ARG E 87 0.16 25.61 -43.76
N LEU E 88 0.11 26.42 -44.81
CA LEU E 88 1.21 27.27 -45.23
C LEU E 88 1.08 28.65 -44.62
N SER E 89 2.23 29.30 -44.42
CA SER E 89 2.26 30.71 -44.05
C SER E 89 3.40 31.36 -44.82
N HIS E 90 3.07 32.35 -45.62
CA HIS E 90 4.05 33.04 -46.44
C HIS E 90 4.64 34.20 -45.66
N ARG E 91 5.96 34.22 -45.52
CA ARG E 91 6.67 35.25 -44.78
C ARG E 91 7.79 35.80 -45.65
N PRO E 92 7.45 36.61 -46.65
CA PRO E 92 8.48 37.18 -47.51
C PRO E 92 9.41 38.10 -46.73
N SER E 93 10.68 38.12 -47.14
CA SER E 93 11.69 38.95 -46.49
C SER E 93 11.63 40.34 -47.12
N TRP E 94 10.65 41.12 -46.68
CA TRP E 94 10.48 42.47 -47.20
C TRP E 94 11.69 43.33 -46.90
N ARG E 95 12.35 43.10 -45.76
CA ARG E 95 13.51 43.90 -45.41
C ARG E 95 14.64 43.69 -46.40
N TYR E 96 14.97 42.44 -46.70
CA TYR E 96 16.00 42.17 -47.69
C TYR E 96 15.61 42.71 -49.05
N LEU E 97 14.35 42.52 -49.44
CA LEU E 97 13.86 43.05 -50.70
C LEU E 97 13.56 44.55 -50.62
N GLY E 98 13.63 45.13 -49.43
CA GLY E 98 13.35 46.55 -49.29
C GLY E 98 11.94 46.93 -49.68
N ILE E 99 10.96 46.14 -49.27
CA ILE E 99 9.57 46.34 -49.66
C ILE E 99 8.79 46.81 -48.45
N GLY E 100 7.81 47.67 -48.67
CA GLY E 100 6.93 48.09 -47.59
C GLY E 100 6.26 46.89 -46.95
N GLU E 101 6.29 46.86 -45.61
CA GLU E 101 5.83 45.68 -44.89
C GLU E 101 4.35 45.41 -45.15
N GLU E 102 3.53 46.45 -45.21
CA GLU E 102 2.12 46.27 -45.50
C GLU E 102 1.92 45.70 -46.91
N GLU E 103 2.73 46.15 -47.86
CA GLU E 103 2.67 45.58 -49.21
C GLU E 103 3.03 44.11 -49.19
N ALA E 104 4.06 43.75 -48.40
CA ALA E 104 4.44 42.35 -48.27
C ALA E 104 3.29 41.54 -47.67
N ARG E 105 2.61 42.10 -46.67
CA ARG E 105 1.50 41.39 -46.05
C ARG E 105 0.35 41.19 -47.04
N ALA E 106 0.04 42.22 -47.83
CA ALA E 106 -1.01 42.07 -48.83
C ALA E 106 -0.64 41.02 -49.86
N PHE E 107 0.62 41.04 -50.30
CA PHE E 107 1.08 40.03 -51.25
C PHE E 107 1.00 38.64 -50.66
N SER E 108 1.37 38.49 -49.38
CA SER E 108 1.28 37.20 -48.73
C SER E 108 -0.17 36.73 -48.64
N ARG E 109 -1.09 37.65 -48.33
CA ARG E 109 -2.49 37.28 -48.28
C ARG E 109 -2.97 36.80 -49.64
N GLU E 110 -2.59 37.51 -50.70
CA GLU E 110 -3.03 37.11 -52.04
C GLU E 110 -2.46 35.75 -52.42
N VAL E 111 -1.17 35.52 -52.18
CA VAL E 111 -0.58 34.25 -52.57
C VAL E 111 -1.16 33.11 -51.76
N GLU E 112 -1.46 33.36 -50.47
CA GLU E 112 -2.11 32.33 -49.68
C GLU E 112 -3.50 32.03 -50.20
N ALA E 113 -4.23 33.08 -50.61
CA ALA E 113 -5.57 32.86 -51.14
C ALA E 113 -5.52 32.00 -52.39
N ALA E 114 -4.56 32.26 -53.27
CA ALA E 114 -4.37 31.38 -54.41
C ALA E 114 -3.96 29.98 -53.98
N TRP E 115 -3.10 29.89 -52.97
CA TRP E 115 -2.49 28.61 -52.64
C TRP E 115 -3.50 27.65 -52.05
N LYS E 116 -4.35 28.09 -51.13
CA LYS E 116 -5.29 27.13 -50.55
C LYS E 116 -6.24 26.58 -51.61
N GLU E 117 -6.77 27.46 -52.46
CA GLU E 117 -7.68 26.96 -53.49
C GLU E 117 -6.96 26.09 -54.50
N PHE E 118 -5.65 26.29 -54.67
CA PHE E 118 -4.89 25.40 -55.56
C PHE E 118 -4.62 24.05 -54.92
N ALA E 119 -4.41 24.02 -53.60
CA ALA E 119 -3.83 22.84 -52.96
C ALA E 119 -4.88 21.76 -52.71
N GLU E 120 -5.96 22.12 -52.00
CA GLU E 120 -6.97 21.16 -51.58
C GLU E 120 -8.06 20.97 -52.61
N ASP E 121 -7.75 21.17 -53.89
CA ASP E 121 -8.75 21.03 -54.94
C ASP E 121 -9.36 19.63 -54.92
N ASP E 122 -10.68 19.57 -55.13
CA ASP E 122 -11.38 18.30 -55.13
C ASP E 122 -10.90 17.39 -56.25
N CYS E 123 -10.60 17.97 -57.42
CA CYS E 123 -10.21 17.21 -58.59
C CYS E 123 -8.88 16.49 -58.42
N CYS E 124 -8.11 16.82 -57.38
CA CYS E 124 -6.77 16.29 -57.20
C CYS E 124 -5.87 16.65 -58.38
N CYS E 125 -6.13 17.81 -58.99
CA CYS E 125 -5.40 18.21 -60.18
C CYS E 125 -3.93 18.47 -59.91
N ILE E 126 -3.54 18.66 -58.64
CA ILE E 126 -2.13 18.81 -58.31
C ILE E 126 -1.37 17.53 -58.60
N ASP E 127 -2.01 16.39 -58.36
CA ASP E 127 -1.41 15.10 -58.70
C ASP E 127 -1.52 14.86 -60.20
N VAL E 128 -0.44 14.36 -60.80
CA VAL E 128 -0.49 14.00 -62.21
C VAL E 128 -1.46 12.85 -62.42
N GLU E 129 -1.42 11.84 -61.55
CA GLU E 129 -2.28 10.69 -61.75
C GLU E 129 -3.69 10.96 -61.23
N ARG E 130 -3.83 11.93 -60.32
CA ARG E 130 -5.12 12.34 -59.77
C ARG E 130 -5.77 11.30 -58.86
N LYS E 131 -5.09 10.96 -57.74
CA LYS E 131 -5.87 10.46 -56.60
C LYS E 131 -5.62 11.25 -55.33
N ARG E 132 -4.54 12.02 -55.23
CA ARG E 132 -4.03 12.49 -53.95
C ARG E 132 -4.08 14.00 -53.88
N THR E 133 -4.41 14.52 -52.70
CA THR E 133 -4.29 15.95 -52.48
C THR E 133 -3.01 16.26 -51.72
N PHE E 134 -2.77 17.55 -51.51
CA PHE E 134 -1.47 18.00 -51.02
C PHE E 134 -1.15 17.42 -49.64
N THR E 135 -2.14 17.36 -48.76
CA THR E 135 -1.87 16.86 -47.41
C THR E 135 -1.39 15.42 -47.44
N MET E 136 -2.11 14.55 -48.17
CA MET E 136 -1.60 13.20 -48.32
C MET E 136 -0.36 13.14 -49.21
N MET E 137 -0.13 14.13 -50.07
CA MET E 137 1.16 14.19 -50.74
C MET E 137 2.28 14.25 -49.71
N ILE E 138 2.19 15.18 -48.76
CA ILE E 138 3.21 15.30 -47.72
C ILE E 138 3.26 14.04 -46.88
N ARG E 139 2.10 13.50 -46.53
CA ARG E 139 2.06 12.31 -45.69
C ARG E 139 2.75 11.13 -46.35
N GLU E 140 2.41 10.86 -47.61
CA GLU E 140 3.06 9.78 -48.34
C GLU E 140 4.55 10.04 -48.47
N GLY E 141 4.94 11.30 -48.67
CA GLY E 141 6.35 11.59 -48.78
C GLY E 141 7.12 11.28 -47.50
N VAL E 142 6.58 11.72 -46.35
CA VAL E 142 7.28 11.48 -45.10
C VAL E 142 7.28 10.00 -44.76
N ALA E 143 6.18 9.29 -45.05
CA ALA E 143 6.16 7.86 -44.79
C ALA E 143 7.20 7.14 -45.66
N MET E 144 7.29 7.50 -46.93
CA MET E 144 8.26 6.88 -47.81
C MET E 144 9.68 7.18 -47.35
N HIS E 145 9.94 8.41 -46.91
CA HIS E 145 11.26 8.71 -46.36
C HIS E 145 11.54 7.87 -45.13
N ALA E 146 10.51 7.65 -44.31
CA ALA E 146 10.72 6.90 -43.07
C ALA E 146 11.07 5.44 -43.37
N PHE E 147 10.32 4.79 -44.24
CA PHE E 147 10.53 3.36 -44.47
C PHE E 147 11.50 3.06 -45.60
N ASN E 148 12.01 4.09 -46.27
CA ASN E 148 12.99 3.88 -47.34
C ASN E 148 14.22 4.76 -47.22
N GLY E 149 14.20 5.80 -46.39
CA GLY E 149 15.34 6.68 -46.24
C GLY E 149 15.37 7.88 -47.16
N GLU E 150 14.47 7.95 -48.14
CA GLU E 150 14.49 9.06 -49.07
C GLU E 150 13.12 9.18 -49.73
N LEU E 151 12.96 10.25 -50.50
CA LEU E 151 11.74 10.45 -51.27
C LEU E 151 12.07 11.26 -52.52
N PHE E 152 11.29 11.02 -53.57
CA PHE E 152 11.53 11.63 -54.87
C PHE E 152 10.23 12.18 -55.41
N VAL E 153 10.25 13.45 -55.83
CA VAL E 153 9.09 14.11 -56.41
C VAL E 153 9.48 14.67 -57.76
N GLN E 154 8.54 14.63 -58.71
CA GLN E 154 8.75 15.14 -60.05
C GLN E 154 7.67 16.16 -60.37
N ALA E 155 8.10 17.33 -60.82
CA ALA E 155 7.19 18.41 -61.20
C ALA E 155 7.04 18.39 -62.72
N THR E 156 5.81 18.28 -63.19
CA THR E 156 5.52 18.19 -64.60
C THR E 156 4.72 19.40 -65.03
N TRP E 157 4.91 19.80 -66.29
CA TRP E 157 4.21 20.93 -66.87
C TRP E 157 3.11 20.37 -67.78
N ASP E 158 1.90 20.30 -67.25
CA ASP E 158 0.79 19.78 -68.04
C ASP E 158 0.44 20.74 -69.17
N THR E 159 -0.12 20.18 -70.24
CA THR E 159 -0.54 20.96 -71.39
C THR E 159 -2.03 21.26 -71.39
N SER E 160 -2.81 20.64 -70.50
CA SER E 160 -4.24 20.88 -70.47
C SER E 160 -4.54 22.25 -69.90
N SER E 161 -5.39 23.01 -70.60
CA SER E 161 -5.79 24.34 -70.17
C SER E 161 -7.04 24.33 -69.31
N SER E 162 -7.57 23.15 -68.98
CA SER E 162 -8.78 23.06 -68.18
C SER E 162 -8.59 23.66 -66.79
N ARG E 163 -7.36 23.74 -66.31
CA ARG E 163 -7.05 24.32 -65.02
C ARG E 163 -6.18 25.55 -65.20
N LEU E 164 -6.30 26.49 -64.25
CA LEU E 164 -5.47 27.68 -64.30
C LEU E 164 -4.00 27.33 -64.16
N PHE E 165 -3.67 26.40 -63.26
CA PHE E 165 -2.30 25.98 -63.02
C PHE E 165 -2.04 24.66 -63.72
N ARG E 166 -1.00 24.62 -64.55
CA ARG E 166 -0.63 23.42 -65.26
C ARG E 166 0.50 22.65 -64.58
N THR E 167 0.99 23.13 -63.44
CA THR E 167 2.04 22.43 -62.72
C THR E 167 1.45 21.30 -61.90
N GLN E 168 1.91 20.08 -62.16
CA GLN E 168 1.43 18.90 -61.47
C GLN E 168 2.61 18.17 -60.84
N PHE E 169 2.31 17.27 -59.91
CA PHE E 169 3.34 16.61 -59.13
C PHE E 169 3.09 15.11 -59.05
N ARG E 170 4.13 14.33 -59.31
CA ARG E 170 4.08 12.88 -59.23
C ARG E 170 5.26 12.38 -58.42
N MET E 171 5.02 11.55 -57.42
CA MET E 171 6.13 10.98 -56.68
C MET E 171 6.67 9.74 -57.38
N VAL E 172 7.95 9.49 -57.19
CA VAL E 172 8.62 8.32 -57.72
C VAL E 172 9.12 7.51 -56.55
N SER E 173 8.74 6.23 -56.50
CA SER E 173 9.24 5.35 -55.48
C SER E 173 10.75 5.17 -55.65
N PRO E 174 11.50 5.09 -54.55
CA PRO E 174 12.95 4.94 -54.67
C PRO E 174 13.37 3.69 -55.40
N LYS E 175 12.55 2.64 -55.39
CA LYS E 175 12.89 1.42 -56.08
C LYS E 175 12.94 1.61 -57.59
N ARG E 176 12.28 2.65 -58.11
CA ARG E 176 12.33 2.92 -59.53
C ARG E 176 13.58 3.68 -59.95
N ILE E 177 14.44 4.05 -59.00
CA ILE E 177 15.67 4.77 -59.29
C ILE E 177 16.81 3.77 -59.24
N SER E 178 17.40 3.46 -60.40
CA SER E 178 18.47 2.48 -60.47
C SER E 178 19.30 2.74 -61.72
N ASN E 179 20.48 2.15 -61.74
CA ASN E 179 21.33 2.27 -62.91
C ASN E 179 20.62 1.64 -64.12
N PRO E 180 20.72 2.25 -65.29
CA PRO E 180 20.10 1.66 -66.48
C PRO E 180 20.68 0.29 -66.77
N ASN E 181 19.80 -0.64 -67.15
CA ASN E 181 20.15 -2.01 -67.48
C ASN E 181 20.88 -2.72 -66.34
N ASN E 182 20.73 -2.21 -65.12
CA ASN E 182 21.37 -2.77 -63.93
C ASN E 182 22.87 -2.92 -64.15
N THR E 183 23.48 -1.92 -64.79
CA THR E 183 24.89 -1.98 -65.09
C THR E 183 25.73 -1.85 -63.82
N GLY E 184 27.02 -2.13 -63.95
CA GLY E 184 27.91 -2.05 -62.81
C GLY E 184 28.01 -0.63 -62.28
N ASP E 185 28.23 -0.54 -60.97
CA ASP E 185 28.33 0.77 -60.33
C ASP E 185 29.62 1.47 -60.74
N SER E 186 29.55 2.79 -60.85
CA SER E 186 30.69 3.61 -61.21
C SER E 186 30.83 4.74 -60.21
N ARG E 187 31.87 5.55 -60.38
CA ARG E 187 32.08 6.69 -59.49
C ARG E 187 30.99 7.73 -59.68
N ASN E 188 30.70 8.10 -60.92
CA ASN E 188 29.73 9.15 -61.21
C ASN E 188 28.33 8.62 -61.44
N CYS E 189 28.13 7.30 -61.43
CA CYS E 189 26.80 6.72 -61.61
C CYS E 189 26.64 5.66 -60.53
N ARG E 190 25.95 6.04 -59.44
CA ARG E 190 25.77 5.16 -58.29
C ARG E 190 24.29 5.02 -58.02
N ALA E 191 23.76 3.82 -58.22
CA ALA E 191 22.36 3.51 -57.91
C ALA E 191 21.40 4.47 -58.62
N GLY E 192 21.75 4.80 -59.87
CA GLY E 192 20.84 5.55 -60.72
C GLY E 192 20.98 7.05 -60.68
N VAL E 193 21.80 7.60 -59.79
CA VAL E 193 21.99 9.04 -59.72
C VAL E 193 23.36 9.39 -60.26
N GLN E 194 23.40 10.40 -61.12
CA GLN E 194 24.63 10.88 -61.73
C GLN E 194 25.20 11.99 -60.88
N ILE E 195 26.49 11.93 -60.60
CA ILE E 195 27.15 12.92 -59.75
C ILE E 195 28.27 13.57 -60.54
N ASN E 196 28.62 14.78 -60.12
CA ASN E 196 29.71 15.53 -60.74
C ASN E 196 31.01 15.21 -60.00
N ASP E 197 32.04 16.01 -60.25
CA ASP E 197 33.31 15.81 -59.58
C ASP E 197 33.18 15.98 -58.06
N SER E 198 32.41 16.96 -57.62
CA SER E 198 32.14 17.15 -56.21
C SER E 198 31.11 16.18 -55.67
N GLY E 199 30.39 15.49 -56.56
CA GLY E 199 29.33 14.59 -56.16
C GLY E 199 27.93 15.15 -56.29
N ALA E 200 27.80 16.41 -56.72
CA ALA E 200 26.48 17.02 -56.84
C ALA E 200 25.61 16.24 -57.81
N ALA E 201 24.35 16.06 -57.43
CA ALA E 201 23.41 15.27 -58.22
C ALA E 201 23.05 16.04 -59.48
N LEU E 202 23.67 15.65 -60.60
CA LEU E 202 23.34 16.28 -61.88
C LEU E 202 22.02 15.78 -62.43
N GLY E 203 21.71 14.51 -62.21
CA GLY E 203 20.47 13.94 -62.71
C GLY E 203 20.28 12.55 -62.17
N TYR E 204 19.23 11.89 -62.65
CA TYR E 204 18.85 10.59 -62.16
C TYR E 204 18.41 9.69 -63.31
N TYR E 205 18.43 8.39 -63.07
CA TYR E 205 17.90 7.40 -63.99
C TYR E 205 16.72 6.73 -63.32
N VAL E 206 15.54 6.92 -63.87
CA VAL E 206 14.30 6.40 -63.31
C VAL E 206 13.80 5.26 -64.18
N SER E 207 13.54 4.11 -63.56
CA SER E 207 13.04 2.96 -64.28
C SER E 207 11.53 3.01 -64.36
N GLU E 208 10.99 2.53 -65.48
CA GLU E 208 9.56 2.45 -65.65
C GLU E 208 8.98 1.36 -64.76
N ASP E 209 7.65 1.32 -64.68
CA ASP E 209 6.97 0.29 -63.91
C ASP E 209 7.21 -1.09 -64.52
N GLY E 210 7.44 -2.06 -63.65
CA GLY E 210 7.69 -3.43 -64.07
C GLY E 210 6.53 -4.39 -63.89
N TYR E 211 5.32 -3.90 -63.67
CA TYR E 211 4.17 -4.77 -63.47
C TYR E 211 3.28 -4.75 -64.70
N PRO E 212 2.94 -5.90 -65.27
CA PRO E 212 3.36 -7.25 -64.87
C PRO E 212 4.80 -7.49 -65.28
N GLY E 213 5.46 -8.54 -64.77
CA GLY E 213 6.87 -8.70 -64.99
C GLY E 213 7.25 -9.27 -66.35
N TRP E 214 6.48 -8.94 -67.38
CA TRP E 214 6.70 -9.50 -68.72
C TRP E 214 7.38 -8.55 -69.68
N MET E 215 7.90 -7.41 -69.20
CA MET E 215 8.60 -6.57 -70.17
C MET E 215 9.91 -6.05 -69.58
N PRO E 216 10.94 -5.90 -70.41
CA PRO E 216 12.17 -5.25 -69.96
C PRO E 216 11.87 -3.86 -69.43
N GLN E 217 12.52 -3.52 -68.32
CA GLN E 217 12.41 -2.17 -67.78
C GLN E 217 13.20 -1.21 -68.67
N LYS E 218 12.77 0.05 -68.69
CA LYS E 218 13.40 1.07 -69.52
C LYS E 218 13.66 2.27 -68.62
N TRP E 219 14.90 2.75 -68.64
CA TRP E 219 15.34 3.82 -67.76
C TRP E 219 15.36 5.15 -68.51
N THR E 220 14.90 6.20 -67.84
CA THR E 220 14.87 7.55 -68.38
C THR E 220 15.84 8.42 -67.60
N TRP E 221 16.59 9.25 -68.33
CA TRP E 221 17.48 10.24 -67.72
C TRP E 221 16.69 11.51 -67.45
N ILE E 222 16.70 11.96 -66.20
CA ILE E 222 15.99 13.15 -65.78
C ILE E 222 17.00 14.11 -65.15
N PRO E 223 17.20 15.30 -65.70
CA PRO E 223 18.06 16.28 -65.03
C PRO E 223 17.46 16.70 -63.70
N ARG E 224 18.34 17.03 -62.75
CA ARG E 224 17.87 17.38 -61.41
C ARG E 224 17.00 18.63 -61.45
N GLU E 225 17.42 19.65 -62.20
CA GLU E 225 16.68 20.89 -62.27
C GLU E 225 16.66 21.38 -63.71
N LEU E 226 15.67 22.21 -64.00
CA LEU E 226 15.52 22.76 -65.34
C LEU E 226 16.62 23.76 -65.63
N PRO E 227 16.90 24.03 -66.91
CA PRO E 227 17.93 25.02 -67.25
C PRO E 227 17.65 26.39 -66.67
N GLY E 228 16.38 26.77 -66.52
CA GLY E 228 16.03 28.04 -65.93
C GLY E 228 16.12 28.10 -64.43
N GLY E 229 16.63 27.06 -63.78
CA GLY E 229 16.71 27.01 -62.35
C GLY E 229 15.48 26.45 -61.66
N ARG E 230 14.41 26.20 -62.40
CA ARG E 230 13.22 25.60 -61.82
C ARG E 230 13.51 24.16 -61.43
N ALA E 231 13.08 23.78 -60.24
CA ALA E 231 13.36 22.45 -59.71
C ALA E 231 12.46 21.44 -60.40
N SER E 232 13.00 20.74 -61.40
CA SER E 232 12.25 19.71 -62.10
C SER E 232 12.10 18.44 -61.27
N PHE E 233 13.17 18.03 -60.59
CA PHE E 233 13.16 16.81 -59.80
C PHE E 233 13.69 17.13 -58.42
N ILE E 234 12.98 16.67 -57.39
CA ILE E 234 13.33 16.94 -56.00
C ILE E 234 13.63 15.62 -55.32
N HIS E 235 14.81 15.51 -54.72
CA HIS E 235 15.20 14.34 -53.94
C HIS E 235 15.45 14.81 -52.52
N VAL E 236 14.67 14.28 -51.58
CA VAL E 236 14.76 14.71 -50.19
C VAL E 236 15.11 13.50 -49.33
N PHE E 237 16.18 13.64 -48.56
CA PHE E 237 16.59 12.61 -47.61
C PHE E 237 17.53 13.27 -46.61
N GLU E 238 17.93 12.51 -45.60
CA GLU E 238 18.84 13.00 -44.56
C GLU E 238 20.16 12.29 -44.76
N PRO E 239 21.24 13.00 -45.02
CA PRO E 239 22.55 12.37 -45.13
C PRO E 239 23.29 12.42 -43.80
N VAL E 240 24.04 11.36 -43.51
CA VAL E 240 24.78 11.27 -42.26
C VAL E 240 26.26 11.60 -42.44
N GLU E 241 26.76 11.66 -43.67
CA GLU E 241 28.17 11.92 -43.89
C GLU E 241 28.35 12.40 -45.33
N ASP E 242 29.54 12.93 -45.61
CA ASP E 242 29.85 13.37 -46.96
C ASP E 242 29.82 12.20 -47.93
N GLY E 243 29.26 12.45 -49.11
CA GLY E 243 29.27 11.48 -50.18
C GLY E 243 28.12 10.49 -50.18
N GLN E 244 27.27 10.49 -49.16
CA GLN E 244 26.12 9.61 -49.16
C GLN E 244 25.14 10.05 -50.23
N THR E 245 24.69 9.09 -51.05
CA THR E 245 23.80 9.40 -52.16
C THR E 245 22.39 8.87 -51.98
N ARG E 246 22.19 7.86 -51.15
CA ARG E 246 20.87 7.30 -50.90
C ARG E 246 20.65 7.19 -49.41
N GLY E 247 19.43 7.52 -48.97
CA GLY E 247 19.12 7.44 -47.56
C GLY E 247 18.96 6.01 -47.10
N ALA E 248 18.97 5.84 -45.79
CA ALA E 248 18.81 4.53 -45.16
C ALA E 248 17.57 4.55 -44.28
N ASN E 249 16.73 3.53 -44.42
CA ASN E 249 15.56 3.43 -43.58
C ASN E 249 15.98 3.18 -42.14
N VAL E 250 15.14 3.64 -41.21
CA VAL E 250 15.47 3.52 -39.78
C VAL E 250 15.48 2.05 -39.37
N PHE E 251 14.55 1.26 -39.90
CA PHE E 251 14.42 -0.13 -39.50
C PHE E 251 15.74 -0.89 -39.55
N TYR E 252 16.71 -0.41 -40.32
CA TYR E 252 18.02 -1.04 -40.40
C TYR E 252 18.62 -1.31 -39.04
N SER E 253 18.12 -0.67 -37.99
CA SER E 253 18.67 -0.86 -36.65
C SER E 253 17.93 -1.89 -35.82
N VAL E 254 16.74 -2.33 -36.24
CA VAL E 254 15.89 -3.09 -35.34
C VAL E 254 15.32 -4.34 -35.98
N MET E 255 15.74 -4.65 -37.20
CA MET E 255 15.12 -5.75 -37.96
C MET E 255 15.20 -7.06 -37.19
N GLU E 256 16.42 -7.47 -36.81
CA GLU E 256 16.58 -8.73 -36.10
C GLU E 256 15.84 -8.71 -34.78
N GLN E 257 15.63 -7.54 -34.19
CA GLN E 257 14.84 -7.48 -32.97
C GLN E 257 13.39 -7.81 -33.24
N MET E 258 12.82 -7.31 -34.34
CA MET E 258 11.47 -7.73 -34.70
C MET E 258 11.42 -9.22 -34.95
N LYS E 259 12.46 -9.78 -35.56
CA LYS E 259 12.46 -11.21 -35.82
C LYS E 259 12.50 -12.02 -34.53
N MET E 260 13.37 -11.65 -33.59
CA MET E 260 13.33 -12.35 -32.32
C MET E 260 11.99 -12.14 -31.62
N LEU E 261 11.34 -11.00 -31.87
CA LEU E 261 10.02 -10.78 -31.28
C LEU E 261 9.01 -11.81 -31.80
N ASP E 262 8.91 -11.96 -33.12
CA ASP E 262 7.91 -12.89 -33.63
C ASP E 262 8.27 -14.33 -33.30
N THR E 263 9.56 -14.66 -33.29
CA THR E 263 9.94 -16.01 -32.87
C THR E 263 9.57 -16.24 -31.42
N LEU E 264 9.68 -15.21 -30.58
CA LEU E 264 9.21 -15.31 -29.21
C LEU E 264 7.71 -15.58 -29.18
N GLN E 265 6.95 -14.88 -30.01
CA GLN E 265 5.51 -15.14 -30.05
C GLN E 265 5.23 -16.59 -30.40
N ASN E 266 5.89 -17.09 -31.45
CA ASN E 266 5.63 -18.46 -31.89
C ASN E 266 6.03 -19.46 -30.84
N THR E 267 7.19 -19.29 -30.21
CA THR E 267 7.64 -20.27 -29.23
C THR E 267 6.80 -20.21 -27.97
N GLN E 268 6.30 -19.02 -27.60
CA GLN E 268 5.44 -18.94 -26.42
C GLN E 268 4.11 -19.63 -26.69
N LEU E 269 3.60 -19.46 -27.91
CA LEU E 269 2.42 -20.20 -28.32
C LEU E 269 2.68 -21.70 -28.25
N GLN E 270 3.84 -22.13 -28.73
CA GLN E 270 4.16 -23.55 -28.73
C GLN E 270 4.24 -24.08 -27.32
N SER E 271 4.78 -23.28 -26.40
CA SER E 271 4.80 -23.68 -24.99
C SER E 271 3.38 -23.82 -24.47
N ALA E 272 2.50 -22.90 -24.85
CA ALA E 272 1.11 -23.00 -24.41
C ALA E 272 0.47 -24.30 -24.90
N ILE E 273 0.72 -24.66 -26.16
CA ILE E 273 0.19 -25.93 -26.67
C ILE E 273 0.76 -27.11 -25.90
N VAL E 274 2.08 -27.15 -25.78
CA VAL E 274 2.73 -28.32 -25.21
C VAL E 274 2.44 -28.47 -23.72
N LYS E 275 2.05 -27.39 -23.04
CA LYS E 275 1.79 -27.50 -21.63
C LYS E 275 0.37 -27.97 -21.34
N ALA E 276 -0.48 -27.99 -22.35
CA ALA E 276 -1.77 -28.65 -22.28
C ALA E 276 -1.70 -30.08 -22.80
N MET E 277 -0.52 -30.54 -23.17
CA MET E 277 -0.36 -31.87 -23.71
C MET E 277 -0.73 -32.92 -22.67
N TYR E 278 -1.40 -33.98 -23.12
CA TYR E 278 -1.93 -35.01 -22.27
C TYR E 278 -1.64 -36.37 -22.86
N ALA E 279 -1.04 -37.25 -22.05
CA ALA E 279 -0.70 -38.59 -22.47
C ALA E 279 -1.28 -39.59 -21.48
N ALA E 280 -1.86 -40.67 -22.00
CA ALA E 280 -2.51 -41.67 -21.15
C ALA E 280 -2.44 -43.00 -21.88
N THR E 281 -1.66 -43.94 -21.34
CA THR E 281 -1.48 -45.24 -21.96
C THR E 281 -1.61 -46.35 -20.92
N ILE E 282 -2.14 -47.48 -21.37
CA ILE E 282 -2.18 -48.70 -20.58
C ILE E 282 -1.03 -49.58 -21.04
N GLU E 283 -0.23 -50.04 -20.09
CA GLU E 283 0.95 -50.83 -20.41
C GLU E 283 1.05 -52.01 -19.46
N SER E 284 1.72 -53.05 -19.94
CA SER E 284 2.03 -54.23 -19.14
C SER E 284 3.53 -54.45 -19.16
N GLU E 285 4.07 -54.95 -18.04
CA GLU E 285 5.51 -55.08 -17.93
C GLU E 285 6.00 -56.42 -18.48
N LEU E 286 5.59 -57.53 -17.87
CA LEU E 286 6.10 -58.86 -18.19
C LEU E 286 7.60 -58.82 -18.45
N ASP E 287 8.06 -59.55 -19.46
CA ASP E 287 9.39 -59.40 -20.04
C ASP E 287 10.47 -59.32 -18.96
N THR E 288 10.62 -60.41 -18.22
CA THR E 288 11.55 -60.45 -17.08
C THR E 288 12.99 -60.58 -17.54
N GLN E 289 13.41 -59.61 -18.36
CA GLN E 289 14.78 -59.54 -18.86
C GLN E 289 15.22 -60.87 -19.46
N SER E 290 15.75 -61.76 -18.62
CA SER E 290 16.15 -63.08 -19.09
C SER E 290 14.95 -63.84 -19.65
N ALA E 291 13.82 -63.77 -18.96
CA ALA E 291 12.59 -64.32 -19.53
C ALA E 291 12.19 -63.58 -20.80
N MET E 292 12.45 -62.28 -20.86
CA MET E 292 12.19 -61.54 -22.10
C MET E 292 13.04 -62.07 -23.25
N ASP E 293 14.33 -62.34 -22.98
CA ASP E 293 15.19 -62.89 -24.02
C ASP E 293 14.76 -64.29 -24.42
N PHE E 294 14.35 -65.11 -23.46
CA PHE E 294 13.87 -66.45 -23.77
C PHE E 294 12.61 -66.39 -24.62
N ILE E 295 11.69 -65.48 -24.28
CA ILE E 295 10.50 -65.29 -25.09
C ILE E 295 10.84 -64.79 -26.49
N LEU E 296 11.85 -63.92 -26.58
CA LEU E 296 12.30 -63.46 -27.89
C LEU E 296 12.81 -64.61 -28.73
N GLY E 297 13.62 -65.49 -28.13
CA GLY E 297 14.12 -66.65 -28.84
C GLY E 297 12.99 -67.57 -29.28
N ALA E 298 12.04 -67.83 -28.37
CA ALA E 298 10.93 -68.72 -28.71
C ALA E 298 10.06 -68.14 -29.82
N ASN E 299 9.74 -66.86 -29.72
CA ASN E 299 8.90 -66.23 -30.74
C ASN E 299 9.60 -66.18 -32.08
N SER E 300 10.90 -65.88 -32.10
CA SER E 300 11.65 -65.88 -33.35
C SER E 300 11.70 -67.27 -33.95
N GLN E 301 11.95 -68.28 -33.12
CA GLN E 301 12.04 -69.65 -33.64
C GLN E 301 10.70 -70.13 -34.20
N GLU E 302 9.71 -70.35 -33.33
CA GLU E 302 8.43 -70.84 -33.81
C GLU E 302 7.23 -70.30 -33.04
N GLN E 303 7.39 -69.39 -32.09
CA GLN E 303 6.29 -69.09 -31.18
C GLN E 303 5.83 -67.64 -31.25
N ARG E 304 5.66 -67.12 -32.47
CA ARG E 304 5.03 -65.81 -32.61
C ARG E 304 3.61 -65.84 -32.08
N GLU E 305 2.96 -67.00 -32.12
CA GLU E 305 1.60 -67.15 -31.60
C GLU E 305 1.53 -66.81 -30.12
N ARG E 306 2.66 -66.84 -29.42
CA ARG E 306 2.67 -66.43 -28.03
C ARG E 306 2.19 -64.99 -27.86
N LEU E 307 2.59 -64.11 -28.79
CA LEU E 307 2.23 -62.70 -28.62
C LEU E 307 0.91 -62.37 -29.32
N THR E 308 0.78 -62.70 -30.61
CA THR E 308 -0.42 -62.34 -31.36
C THR E 308 -1.67 -62.81 -30.63
N GLY E 309 -1.73 -64.10 -30.32
CA GLY E 309 -2.87 -64.63 -29.58
C GLY E 309 -3.07 -63.90 -28.27
N TRP E 310 -1.98 -63.67 -27.53
CA TRP E 310 -2.08 -62.89 -26.30
C TRP E 310 -2.67 -61.51 -26.61
N ILE E 311 -2.14 -60.86 -27.65
CA ILE E 311 -2.71 -59.59 -28.09
C ILE E 311 -4.19 -59.77 -28.41
N GLY E 312 -4.52 -60.84 -29.15
CA GLY E 312 -5.92 -61.11 -29.42
C GLY E 312 -6.72 -61.23 -28.15
N GLU E 313 -6.18 -61.95 -27.16
CA GLU E 313 -6.85 -62.03 -25.86
C GLU E 313 -7.05 -60.64 -25.28
N ILE E 314 -6.01 -59.83 -25.32
CA ILE E 314 -6.17 -58.43 -24.94
C ILE E 314 -7.22 -57.78 -25.82
N ALA E 315 -7.07 -57.93 -27.14
CA ALA E 315 -8.06 -57.38 -28.06
C ALA E 315 -9.43 -57.96 -27.80
N ALA E 316 -9.50 -59.13 -27.17
CA ALA E 316 -10.77 -59.66 -26.74
C ALA E 316 -11.33 -58.81 -25.61
N TYR E 317 -10.60 -58.76 -24.49
CA TYR E 317 -11.21 -58.21 -23.28
C TYR E 317 -11.58 -56.75 -23.49
N TYR E 318 -10.68 -55.98 -24.07
CA TYR E 318 -10.93 -54.56 -24.23
C TYR E 318 -12.07 -54.28 -25.18
N ALA E 319 -12.43 -55.25 -26.03
CA ALA E 319 -13.63 -55.11 -26.83
C ALA E 319 -14.85 -54.88 -25.94
N ALA E 320 -14.88 -55.54 -24.78
CA ALA E 320 -15.92 -55.33 -23.79
C ALA E 320 -15.50 -54.33 -22.71
N ALA E 321 -14.28 -53.80 -22.76
CA ALA E 321 -13.85 -52.86 -21.73
C ALA E 321 -14.30 -51.42 -21.97
N PRO E 322 -14.29 -50.92 -23.23
CA PRO E 322 -13.97 -49.50 -23.48
C PRO E 322 -13.63 -48.67 -22.24
N VAL E 323 -12.37 -48.73 -21.84
CA VAL E 323 -11.86 -47.89 -20.76
C VAL E 323 -11.60 -46.50 -21.31
N ARG E 324 -12.59 -45.63 -21.18
CA ARG E 324 -12.55 -44.30 -21.79
C ARG E 324 -12.18 -43.29 -20.72
N LEU E 325 -10.98 -42.71 -20.83
CA LEU E 325 -10.63 -41.57 -19.99
C LEU E 325 -11.58 -40.40 -20.23
N GLY E 326 -11.86 -40.11 -21.49
CA GLY E 326 -12.79 -39.07 -21.87
C GLY E 326 -13.63 -39.55 -23.03
N GLY E 327 -13.65 -38.78 -24.10
CA GLY E 327 -14.27 -39.24 -25.33
C GLY E 327 -13.38 -40.12 -26.16
N ALA E 328 -12.19 -40.46 -25.67
CA ALA E 328 -11.20 -41.20 -26.43
C ALA E 328 -10.96 -42.56 -25.79
N LYS E 329 -10.16 -43.36 -26.47
CA LYS E 329 -9.82 -44.71 -26.05
C LYS E 329 -8.32 -44.79 -25.79
N VAL E 330 -7.95 -45.29 -24.62
CA VAL E 330 -6.54 -45.38 -24.23
C VAL E 330 -5.83 -46.37 -25.13
N PRO E 331 -4.75 -45.97 -25.80
CA PRO E 331 -4.00 -46.92 -26.62
C PRO E 331 -3.29 -47.95 -25.77
N HIS E 332 -3.06 -49.12 -26.36
CA HIS E 332 -2.39 -50.22 -25.69
C HIS E 332 -0.96 -50.36 -26.22
N LEU E 333 -0.05 -50.78 -25.35
CA LEU E 333 1.36 -50.86 -25.66
C LEU E 333 1.86 -52.29 -25.58
N MET E 334 3.09 -52.48 -26.05
CA MET E 334 3.73 -53.79 -25.96
C MET E 334 4.09 -54.12 -24.52
N PRO E 335 4.19 -55.41 -24.19
CA PRO E 335 4.70 -55.79 -22.87
C PRO E 335 6.11 -55.26 -22.68
N GLY E 336 6.34 -54.64 -21.52
CA GLY E 336 7.64 -54.05 -21.25
C GLY E 336 7.91 -52.76 -21.97
N ASP E 337 6.92 -52.17 -22.64
CA ASP E 337 7.08 -50.94 -23.37
C ASP E 337 6.19 -49.88 -22.73
N SER E 338 6.80 -48.89 -22.10
CA SER E 338 6.10 -47.81 -21.44
C SER E 338 6.60 -46.48 -21.98
N LEU E 339 5.68 -45.60 -22.34
CA LEU E 339 6.07 -44.29 -22.82
C LEU E 339 6.65 -43.47 -21.68
N ASN E 340 7.75 -42.77 -21.97
CA ASN E 340 8.40 -41.91 -20.99
C ASN E 340 8.57 -40.54 -21.64
N LEU E 341 7.79 -39.57 -21.18
CA LEU E 341 7.91 -38.20 -21.67
C LEU E 341 8.53 -37.32 -20.60
N GLN E 342 9.85 -37.16 -20.73
CA GLN E 342 10.56 -36.22 -19.88
C GLN E 342 10.73 -34.90 -20.61
N THR E 343 10.96 -33.84 -19.83
CA THR E 343 10.95 -32.49 -20.37
C THR E 343 12.13 -31.69 -19.84
N ALA E 344 12.23 -30.46 -20.32
CA ALA E 344 13.28 -29.53 -19.96
C ALA E 344 12.93 -28.79 -18.68
N GLN E 345 13.60 -27.66 -18.44
CA GLN E 345 13.40 -26.85 -17.24
C GLN E 345 11.92 -26.64 -16.97
N ASP E 346 11.59 -26.45 -15.70
CA ASP E 346 10.20 -26.33 -15.27
C ASP E 346 9.92 -25.07 -14.48
N THR E 347 10.42 -23.94 -14.95
CA THR E 347 10.19 -22.65 -14.30
C THR E 347 9.49 -21.70 -15.25
N ASP E 348 9.35 -20.45 -14.81
CA ASP E 348 8.70 -19.44 -15.62
C ASP E 348 9.57 -19.06 -16.82
N ASN E 349 8.93 -18.93 -17.97
CA ASN E 349 9.65 -18.59 -19.20
C ASN E 349 10.22 -17.17 -19.18
N GLY E 350 9.69 -16.30 -18.33
CA GLY E 350 10.12 -14.91 -18.35
C GLY E 350 9.61 -14.13 -19.54
N TYR E 351 8.44 -14.49 -20.05
CA TYR E 351 7.89 -13.82 -21.22
C TYR E 351 7.64 -12.34 -20.93
N SER E 352 7.02 -12.04 -19.78
CA SER E 352 6.50 -10.71 -19.53
C SER E 352 7.60 -9.67 -19.57
N VAL E 353 8.73 -9.94 -18.93
CA VAL E 353 9.83 -8.99 -18.98
C VAL E 353 10.44 -8.96 -20.38
N PHE E 354 10.55 -10.12 -21.03
CA PHE E 354 11.33 -10.21 -22.25
C PHE E 354 10.69 -9.44 -23.38
N GLU E 355 9.42 -9.73 -23.68
CA GLU E 355 8.81 -9.07 -24.83
C GLU E 355 8.69 -7.57 -24.58
N GLN E 356 8.47 -7.19 -23.34
CA GLN E 356 8.48 -5.77 -23.00
C GLN E 356 9.83 -5.15 -23.31
N SER E 357 10.92 -5.85 -22.98
CA SER E 357 12.24 -5.33 -23.26
C SER E 357 12.47 -5.16 -24.76
N LEU E 358 12.04 -6.15 -25.56
CA LEU E 358 12.15 -5.99 -27.01
C LEU E 358 11.31 -4.82 -27.51
N LEU E 359 10.13 -4.62 -26.96
CA LEU E 359 9.33 -3.48 -27.38
C LEU E 359 10.04 -2.17 -27.08
N ARG E 360 10.67 -2.09 -25.92
CA ARG E 360 11.46 -0.91 -25.58
C ARG E 360 12.62 -0.73 -26.56
N TYR E 361 13.26 -1.83 -26.93
CA TYR E 361 14.34 -1.73 -27.92
C TYR E 361 13.82 -1.18 -29.23
N ILE E 362 12.66 -1.67 -29.69
CA ILE E 362 12.11 -1.19 -30.94
C ILE E 362 11.80 0.29 -30.85
N ALA E 363 11.19 0.72 -29.74
CA ALA E 363 10.84 2.12 -29.61
C ALA E 363 12.07 3.00 -29.59
N ALA E 364 13.13 2.55 -28.91
CA ALA E 364 14.37 3.32 -28.91
C ALA E 364 14.96 3.41 -30.30
N GLY E 365 14.93 2.31 -31.05
CA GLY E 365 15.46 2.33 -32.40
C GLY E 365 14.68 3.25 -33.31
N LEU E 366 13.36 3.27 -33.16
CA LEU E 366 12.49 4.05 -34.03
C LEU E 366 12.28 5.48 -33.54
N GLY E 367 12.88 5.84 -32.42
CA GLY E 367 12.80 7.22 -31.95
C GLY E 367 11.47 7.63 -31.38
N VAL E 368 10.56 6.70 -31.14
CA VAL E 368 9.27 7.01 -30.57
C VAL E 368 9.22 6.46 -29.15
N SER E 369 8.28 6.97 -28.37
CA SER E 369 8.17 6.54 -26.98
C SER E 369 7.68 5.10 -26.91
N TYR E 370 8.11 4.40 -25.87
CA TYR E 370 7.78 2.99 -25.74
C TYR E 370 6.28 2.78 -25.61
N GLU E 371 5.63 3.59 -24.78
CA GLU E 371 4.22 3.36 -24.50
C GLU E 371 3.34 3.62 -25.71
N GLN E 372 3.64 4.66 -26.48
CA GLN E 372 2.80 4.96 -27.64
C GLN E 372 2.90 3.86 -28.69
N LEU E 373 4.11 3.35 -28.93
CA LEU E 373 4.29 2.30 -29.92
C LEU E 373 3.71 1.00 -29.43
N SER E 374 4.07 0.59 -28.22
CA SER E 374 3.62 -0.67 -27.66
C SER E 374 2.17 -0.62 -27.22
N ARG E 375 1.59 0.57 -27.10
CA ARG E 375 0.21 0.73 -26.64
C ARG E 375 0.04 0.15 -25.24
N ASN E 376 1.13 0.10 -24.48
CA ASN E 376 1.12 -0.36 -23.11
C ASN E 376 1.21 0.83 -22.18
N TYR E 377 0.18 1.02 -21.36
CA TYR E 377 0.09 2.24 -20.56
C TYR E 377 -0.02 1.94 -19.07
N ALA E 378 0.48 0.80 -18.61
CA ALA E 378 0.33 0.44 -17.21
C ALA E 378 1.17 1.35 -16.32
N GLN E 379 0.69 1.54 -15.07
CA GLN E 379 1.37 2.29 -14.01
C GLN E 379 2.05 3.53 -14.54
N MET E 380 1.41 4.23 -15.46
CA MET E 380 2.08 5.17 -16.34
C MET E 380 1.83 6.55 -15.75
N SER E 381 2.80 7.08 -15.01
CA SER E 381 2.59 8.28 -14.21
C SER E 381 2.44 9.51 -15.09
N TYR E 382 1.76 10.53 -14.55
CA TYR E 382 1.44 11.71 -15.34
C TYR E 382 2.68 12.47 -15.78
N SER E 383 3.56 12.80 -14.83
CA SER E 383 4.73 13.59 -15.17
C SER E 383 5.64 12.85 -16.14
N THR E 384 5.85 11.56 -15.89
CA THR E 384 6.64 10.77 -16.83
C THR E 384 5.93 10.59 -18.16
N ALA E 385 4.59 10.59 -18.17
CA ALA E 385 3.89 10.61 -19.44
C ALA E 385 4.20 11.87 -20.21
N ARG E 386 4.21 13.01 -19.53
CA ARG E 386 4.61 14.25 -20.17
C ARG E 386 6.04 14.18 -20.68
N ALA E 387 6.92 13.50 -19.93
CA ALA E 387 8.30 13.36 -20.37
C ALA E 387 8.40 12.56 -21.67
N SER E 388 7.69 11.43 -21.74
CA SER E 388 7.67 10.65 -22.97
C SER E 388 7.13 11.47 -24.12
N ALA E 389 6.03 12.18 -23.88
CA ALA E 389 5.46 13.02 -24.92
C ALA E 389 6.45 14.07 -25.37
N ASN E 390 7.22 14.61 -24.43
CA ASN E 390 8.21 15.63 -24.76
C ASN E 390 9.29 15.06 -25.68
N GLU E 391 9.82 13.90 -25.33
CA GLU E 391 10.86 13.31 -26.16
C GLU E 391 10.34 13.03 -27.56
N SER E 392 9.19 12.37 -27.65
CA SER E 392 8.61 12.05 -28.95
C SER E 392 8.34 13.33 -29.74
N TRP E 393 7.81 14.36 -29.08
CA TRP E 393 7.48 15.59 -29.77
C TRP E 393 8.72 16.29 -30.29
N ALA E 394 9.80 16.31 -29.51
CA ALA E 394 11.02 16.93 -29.98
C ALA E 394 11.53 16.22 -31.22
N TYR E 395 11.51 14.88 -31.19
CA TYR E 395 11.90 14.13 -32.37
C TYR E 395 11.02 14.48 -33.56
N PHE E 396 9.71 14.57 -33.33
CA PHE E 396 8.79 14.79 -34.43
C PHE E 396 8.98 16.16 -35.05
N MET E 397 9.16 17.20 -34.23
CA MET E 397 9.41 18.51 -34.81
C MET E 397 10.73 18.56 -35.54
N GLY E 398 11.75 17.87 -35.03
CA GLY E 398 12.99 17.78 -35.79
C GLY E 398 12.76 17.23 -37.19
N ARG E 399 12.10 16.07 -37.26
CA ARG E 399 11.88 15.46 -38.57
C ARG E 399 10.97 16.30 -39.45
N ARG E 400 9.94 16.90 -38.87
CA ARG E 400 9.02 17.73 -39.64
C ARG E 400 9.76 18.92 -40.24
N LYS E 401 10.62 19.55 -39.45
CA LYS E 401 11.38 20.68 -39.97
C LYS E 401 12.35 20.24 -41.06
N PHE E 402 13.00 19.09 -40.89
CA PHE E 402 14.04 18.70 -41.82
C PHE E 402 13.56 17.83 -42.98
N VAL E 403 12.32 17.36 -42.97
CA VAL E 403 11.87 16.48 -44.05
C VAL E 403 10.66 17.07 -44.76
N ALA E 404 9.55 17.17 -44.04
CA ALA E 404 8.32 17.63 -44.68
C ALA E 404 8.43 19.08 -45.11
N SER E 405 9.05 19.92 -44.28
CA SER E 405 9.12 21.34 -44.58
C SER E 405 9.89 21.59 -45.87
N ARG E 406 11.01 20.89 -46.07
CA ARG E 406 11.81 21.11 -47.26
C ARG E 406 11.04 20.73 -48.52
N GLN E 407 10.39 19.57 -48.50
CA GLN E 407 9.61 19.14 -49.65
C GLN E 407 8.49 20.12 -49.95
N ALA E 408 7.76 20.53 -48.90
CA ALA E 408 6.67 21.47 -49.10
C ALA E 408 7.18 22.79 -49.65
N SER E 409 8.34 23.25 -49.19
CA SER E 409 8.90 24.48 -49.70
C SER E 409 9.23 24.36 -51.18
N GLN E 410 9.79 23.21 -51.59
CA GLN E 410 10.07 23.02 -53.01
C GLN E 410 8.79 23.06 -53.84
N MET E 411 7.77 22.35 -53.39
CA MET E 411 6.49 22.34 -54.10
C MET E 411 5.93 23.75 -54.22
N PHE E 412 5.94 24.49 -53.10
CA PHE E 412 5.39 25.82 -53.08
C PHE E 412 6.18 26.76 -53.99
N LEU E 413 7.50 26.61 -54.02
CA LEU E 413 8.31 27.44 -54.89
C LEU E 413 7.96 27.20 -56.36
N CYS E 414 7.80 25.94 -56.74
CA CYS E 414 7.43 25.66 -58.13
C CYS E 414 6.07 26.27 -58.46
N TRP E 415 5.09 26.07 -57.58
CA TRP E 415 3.76 26.61 -57.85
C TRP E 415 3.77 28.13 -57.90
N LEU E 416 4.54 28.76 -57.01
CA LEU E 416 4.61 30.22 -56.98
C LEU E 416 5.25 30.75 -58.25
N GLU E 417 6.29 30.06 -58.74
CA GLU E 417 6.89 30.46 -60.00
C GLU E 417 5.87 30.40 -61.12
N GLU E 418 5.09 29.32 -61.17
CA GLU E 418 4.05 29.23 -62.20
C GLU E 418 3.04 30.35 -62.05
N ALA E 419 2.65 30.66 -60.82
CA ALA E 419 1.63 31.69 -60.60
C ALA E 419 2.12 33.06 -61.03
N ILE E 420 3.36 33.41 -60.69
CA ILE E 420 3.90 34.69 -61.15
C ILE E 420 4.02 34.71 -62.66
N VAL E 421 4.36 33.56 -63.27
CA VAL E 421 4.45 33.50 -64.72
C VAL E 421 3.11 33.89 -65.34
N ARG E 422 2.01 33.43 -64.77
CA ARG E 422 0.68 33.72 -65.27
C ARG E 422 0.09 34.99 -64.68
N ARG E 423 0.86 35.72 -63.88
CA ARG E 423 0.44 36.97 -63.25
C ARG E 423 -0.82 36.80 -62.42
N VAL E 424 -1.05 35.60 -61.89
CA VAL E 424 -2.16 35.41 -60.97
C VAL E 424 -1.94 36.22 -59.70
N VAL E 425 -0.68 36.32 -59.27
CA VAL E 425 -0.29 37.16 -58.16
C VAL E 425 0.74 38.16 -58.67
N THR E 426 0.59 39.41 -58.26
CA THR E 426 1.42 40.50 -58.75
C THR E 426 2.50 40.85 -57.74
N LEU E 427 3.75 40.89 -58.20
CA LEU E 427 4.85 41.29 -57.34
C LEU E 427 4.77 42.79 -57.06
N PRO E 428 5.38 43.24 -55.97
CA PRO E 428 5.48 44.68 -55.73
C PRO E 428 6.21 45.37 -56.86
N SER E 429 5.72 46.57 -57.23
CA SER E 429 6.26 47.26 -58.38
C SER E 429 7.72 47.66 -58.18
N LYS E 430 8.06 48.18 -57.00
CA LYS E 430 9.39 48.67 -56.71
C LYS E 430 10.31 47.59 -56.13
N ALA E 431 10.06 46.33 -56.45
CA ALA E 431 10.84 45.22 -55.94
C ALA E 431 12.33 45.40 -56.24
N ARG E 432 13.17 45.15 -55.24
CA ARG E 432 14.61 45.29 -55.41
C ARG E 432 15.16 44.28 -56.41
N PHE E 433 14.64 43.05 -56.38
CA PHE E 433 15.08 42.00 -57.28
C PHE E 433 13.87 41.31 -57.89
N SER E 434 14.09 40.71 -59.05
CA SER E 434 13.03 39.90 -59.67
C SER E 434 12.86 38.60 -58.89
N PHE E 435 11.80 37.87 -59.25
CA PHE E 435 11.52 36.61 -58.58
C PHE E 435 12.63 35.61 -58.81
N GLN E 436 13.14 35.53 -60.03
CA GLN E 436 14.17 34.54 -60.34
C GLN E 436 15.43 34.78 -59.53
N GLU E 437 15.84 36.04 -59.37
CA GLU E 437 17.07 36.32 -58.66
C GLU E 437 16.97 36.02 -57.17
N ALA E 438 15.79 36.19 -56.58
CA ALA E 438 15.59 36.08 -55.14
C ALA E 438 14.46 35.12 -54.82
N ARG E 439 14.50 33.93 -55.43
CA ARG E 439 13.45 32.95 -55.23
C ARG E 439 13.28 32.62 -53.75
N SER E 440 14.38 32.48 -53.02
CA SER E 440 14.29 32.20 -51.59
C SER E 440 13.66 33.36 -50.84
N ALA E 441 14.00 34.59 -51.20
CA ALA E 441 13.48 35.75 -50.50
C ALA E 441 11.96 35.86 -50.68
N TRP E 442 11.48 35.74 -51.91
CA TRP E 442 10.04 35.79 -52.15
C TRP E 442 9.34 34.59 -51.55
N GLY E 443 9.93 33.41 -51.66
CA GLY E 443 9.26 32.19 -51.25
C GLY E 443 9.55 31.77 -49.82
N ASN E 444 10.10 32.68 -49.02
CA ASN E 444 10.36 32.36 -47.62
C ASN E 444 9.05 32.03 -46.93
N CYS E 445 8.87 30.76 -46.57
CA CYS E 445 7.60 30.28 -46.08
C CYS E 445 7.83 29.32 -44.92
N ASP E 446 6.86 29.25 -44.01
CA ASP E 446 6.90 28.32 -42.91
C ASP E 446 5.57 27.59 -42.81
N TRP E 447 5.63 26.33 -42.44
CA TRP E 447 4.47 25.45 -42.45
C TRP E 447 4.14 25.02 -41.04
N ILE E 448 2.85 25.04 -40.71
CA ILE E 448 2.37 24.60 -39.42
C ILE E 448 1.45 23.41 -39.65
N GLY E 449 1.73 22.31 -38.95
CA GLY E 449 0.93 21.11 -39.06
C GLY E 449 0.07 20.89 -37.83
N SER E 450 -0.21 19.62 -37.56
CA SER E 450 -0.95 19.27 -36.36
C SER E 450 -0.10 19.62 -35.15
N GLY E 451 -0.49 20.65 -34.41
CA GLY E 451 0.30 21.09 -33.29
C GLY E 451 0.22 20.12 -32.12
N ARG E 452 1.10 20.36 -31.16
CA ARG E 452 1.09 19.58 -29.93
C ARG E 452 -0.24 19.78 -29.23
N MET E 453 -0.96 18.70 -28.99
CA MET E 453 -2.28 18.81 -28.42
C MET E 453 -2.27 18.35 -26.97
N ALA E 454 -3.28 18.78 -26.22
CA ALA E 454 -3.23 18.79 -24.77
C ALA E 454 -3.13 17.39 -24.20
N ILE E 455 -2.43 17.30 -23.06
CA ILE E 455 -2.37 16.07 -22.28
C ILE E 455 -3.32 16.12 -21.09
N ASP E 456 -3.35 17.26 -20.39
CA ASP E 456 -4.29 17.48 -19.29
C ASP E 456 -5.34 18.53 -19.59
N GLY E 457 -5.03 19.49 -20.46
CA GLY E 457 -5.95 20.56 -20.76
C GLY E 457 -5.69 21.83 -19.98
N LEU E 458 -5.91 21.79 -18.66
CA LEU E 458 -5.70 22.99 -17.84
C LEU E 458 -4.27 23.46 -17.90
N LYS E 459 -3.32 22.53 -17.80
CA LYS E 459 -1.94 22.94 -17.61
C LYS E 459 -1.43 23.74 -18.80
N GLU E 460 -1.64 23.22 -20.00
CA GLU E 460 -1.17 23.89 -21.21
C GLU E 460 -1.94 25.18 -21.50
N VAL E 461 -3.24 25.20 -21.20
CA VAL E 461 -4.00 26.44 -21.41
C VAL E 461 -3.55 27.51 -20.44
N GLN E 462 -3.25 27.13 -19.21
CA GLN E 462 -2.63 28.06 -18.28
C GLN E 462 -1.29 28.54 -18.82
N GLU E 463 -0.52 27.64 -19.42
CA GLU E 463 0.74 28.06 -20.05
C GLU E 463 0.49 29.17 -21.05
N ALA E 464 -0.48 28.94 -21.95
CA ALA E 464 -0.75 29.91 -23.01
C ALA E 464 -1.20 31.24 -22.43
N VAL E 465 -2.12 31.21 -21.47
CA VAL E 465 -2.66 32.48 -20.97
C VAL E 465 -1.59 33.24 -20.18
N MET E 466 -0.81 32.53 -19.36
CA MET E 466 0.27 33.18 -18.64
C MET E 466 1.29 33.77 -19.60
N LEU E 467 1.64 33.03 -20.65
CA LEU E 467 2.65 33.49 -21.59
C LEU E 467 2.17 34.73 -22.34
N ILE E 468 0.92 34.74 -22.78
CA ILE E 468 0.40 35.91 -23.48
C ILE E 468 0.25 37.10 -22.55
N GLU E 469 -0.16 36.89 -21.29
CA GLU E 469 -0.38 38.02 -20.43
C GLU E 469 0.93 38.59 -19.90
N ALA E 470 1.95 37.76 -19.78
CA ALA E 470 3.21 38.17 -19.20
C ALA E 470 4.16 38.80 -20.21
N GLY E 471 3.79 38.81 -21.49
CA GLY E 471 4.64 39.40 -22.50
C GLY E 471 5.72 38.48 -23.02
N LEU E 472 5.77 37.23 -22.57
CA LEU E 472 6.74 36.27 -23.06
C LEU E 472 6.24 35.50 -24.28
N SER E 473 5.08 35.86 -24.82
CA SER E 473 4.55 35.12 -25.94
C SER E 473 3.81 36.05 -26.90
N THR E 474 3.64 35.57 -28.12
CA THR E 474 2.86 36.24 -29.15
C THR E 474 1.88 35.26 -29.76
N TYR E 475 0.68 35.75 -30.07
CA TYR E 475 -0.47 34.89 -30.31
C TYR E 475 -0.17 33.83 -31.36
N GLU E 476 0.62 34.19 -32.38
CA GLU E 476 0.73 33.32 -33.54
C GLU E 476 1.38 31.98 -33.19
N LYS E 477 2.38 31.97 -32.32
CA LYS E 477 3.09 30.71 -32.10
C LYS E 477 2.30 29.77 -31.19
N GLU E 478 1.54 30.30 -30.24
CA GLU E 478 0.65 29.42 -29.51
C GLU E 478 -0.50 28.93 -30.37
N CYS E 479 -0.97 29.75 -31.32
CA CYS E 479 -1.87 29.21 -32.34
C CYS E 479 -1.17 28.11 -33.12
N ALA E 480 0.14 28.26 -33.35
CA ALA E 480 0.89 27.28 -34.12
C ALA E 480 0.99 25.94 -33.40
N LYS E 481 1.37 25.95 -32.11
CA LYS E 481 1.41 24.68 -31.40
C LYS E 481 0.02 24.09 -31.19
N ARG E 482 -1.04 24.86 -31.45
CA ARG E 482 -2.37 24.30 -31.58
C ARG E 482 -2.78 24.14 -33.03
N GLY E 483 -1.89 24.45 -33.98
CA GLY E 483 -2.22 24.37 -35.38
C GLY E 483 -3.21 25.40 -35.88
N ASP E 484 -3.10 26.63 -35.40
CA ASP E 484 -3.91 27.74 -35.89
C ASP E 484 -3.00 28.89 -36.29
N ASP E 485 -3.60 29.94 -36.82
CA ASP E 485 -2.88 31.17 -37.11
C ASP E 485 -3.68 32.33 -36.53
N TYR E 486 -2.97 33.37 -36.10
CA TYR E 486 -3.62 34.45 -35.37
C TYR E 486 -4.46 35.34 -36.27
N GLN E 487 -4.16 35.42 -37.56
CA GLN E 487 -4.86 36.38 -38.43
C GLN E 487 -6.32 36.00 -38.60
N GLU E 488 -6.58 34.81 -39.14
CA GLU E 488 -7.96 34.38 -39.31
C GLU E 488 -8.67 34.20 -37.97
N ILE E 489 -7.93 33.88 -36.91
CA ILE E 489 -8.54 33.82 -35.59
C ILE E 489 -9.05 35.19 -35.18
N PHE E 490 -8.25 36.23 -35.41
CA PHE E 490 -8.70 37.58 -35.10
C PHE E 490 -9.90 37.97 -35.95
N ALA E 491 -9.86 37.64 -37.25
CA ALA E 491 -10.98 37.98 -38.11
C ALA E 491 -12.25 37.27 -37.65
N GLN E 492 -12.15 36.00 -37.32
CA GLN E 492 -13.32 35.25 -36.86
C GLN E 492 -13.81 35.76 -35.52
N GLN E 493 -12.90 36.18 -34.64
CA GLN E 493 -13.33 36.76 -33.37
C GLN E 493 -14.09 38.06 -33.60
N VAL E 494 -13.61 38.88 -34.54
CA VAL E 494 -14.32 40.11 -34.86
C VAL E 494 -15.72 39.80 -35.40
N ARG E 495 -15.81 38.82 -36.29
CA ARG E 495 -17.11 38.44 -36.84
C ARG E 495 -18.04 37.93 -35.75
N GLU E 496 -17.54 37.08 -34.87
CA GLU E 496 -18.37 36.61 -33.76
C GLU E 496 -18.81 37.77 -32.90
N THR E 497 -17.91 38.72 -32.65
CA THR E 497 -18.22 39.85 -31.79
C THR E 497 -19.36 40.68 -32.36
N MET E 498 -19.26 41.04 -33.65
CA MET E 498 -20.30 41.93 -34.13
C MET E 498 -21.59 41.18 -34.43
N GLU E 499 -21.52 39.87 -34.68
CA GLU E 499 -22.74 39.08 -34.75
C GLU E 499 -23.44 39.05 -33.41
N ARG E 500 -22.67 38.85 -32.33
CA ARG E 500 -23.28 38.76 -31.00
C ARG E 500 -23.86 40.10 -30.57
N ARG E 501 -23.13 41.19 -30.80
CA ARG E 501 -23.67 42.49 -30.45
C ARG E 501 -24.81 42.91 -31.37
N ALA E 502 -24.85 42.37 -32.59
CA ALA E 502 -25.98 42.63 -33.46
C ALA E 502 -27.22 41.87 -33.04
N ALA E 503 -27.06 40.79 -32.26
CA ALA E 503 -28.17 39.99 -31.79
C ALA E 503 -28.49 40.25 -30.32
N GLY E 504 -27.88 41.28 -29.71
CA GLY E 504 -28.17 41.62 -28.34
C GLY E 504 -27.49 40.77 -27.30
N LEU E 505 -26.68 39.80 -27.70
CA LEU E 505 -25.98 38.97 -26.75
C LEU E 505 -24.86 39.75 -26.09
N LYS E 506 -24.47 39.28 -24.91
CA LYS E 506 -23.36 39.90 -24.19
C LYS E 506 -22.07 39.62 -24.94
N PRO E 507 -21.33 40.65 -25.36
CA PRO E 507 -20.09 40.49 -26.15
C PRO E 507 -19.00 39.72 -25.40
N GLN F 34 20.97 -16.08 -38.55
CA GLN F 34 19.53 -16.03 -38.36
C GLN F 34 18.88 -15.28 -39.50
N LEU F 35 19.31 -14.03 -39.69
CA LEU F 35 18.72 -13.19 -40.73
C LEU F 35 19.08 -13.67 -42.13
N ARG F 36 20.06 -14.56 -42.26
CA ARG F 36 20.42 -15.08 -43.57
C ARG F 36 19.36 -15.99 -44.14
N SER F 37 18.39 -16.41 -43.34
CA SER F 37 17.33 -17.31 -43.79
C SER F 37 16.10 -16.57 -44.28
N TRP F 38 16.16 -15.25 -44.36
CA TRP F 38 15.00 -14.42 -44.70
C TRP F 38 15.43 -13.38 -45.73
N ASN F 39 15.12 -13.64 -47.00
CA ASN F 39 15.47 -12.73 -48.10
C ASN F 39 14.24 -12.48 -48.95
N PRO F 40 13.29 -11.68 -48.47
CA PRO F 40 12.11 -11.37 -49.25
C PRO F 40 12.46 -10.53 -50.46
N PRO F 41 11.88 -10.84 -51.62
CA PRO F 41 12.19 -10.06 -52.83
C PRO F 41 11.50 -8.72 -52.81
N SER F 42 11.97 -7.84 -53.68
CA SER F 42 11.44 -6.48 -53.81
C SER F 42 10.53 -6.40 -55.02
N GLU F 43 9.28 -6.03 -54.80
CA GLU F 43 8.31 -5.86 -55.86
C GLU F 43 7.49 -4.61 -55.59
N SER F 44 6.88 -4.07 -56.65
CA SER F 44 5.99 -2.94 -56.48
C SER F 44 4.77 -3.36 -55.68
N VAL F 45 4.10 -2.36 -55.09
CA VAL F 45 3.01 -2.64 -54.17
C VAL F 45 1.90 -3.42 -54.87
N ASP F 46 1.53 -2.98 -56.08
CA ASP F 46 0.55 -3.72 -56.85
C ASP F 46 1.03 -5.13 -57.16
N ALA F 47 2.32 -5.28 -57.47
CA ALA F 47 2.87 -6.60 -57.73
C ALA F 47 2.76 -7.51 -56.51
N ALA F 48 2.88 -6.94 -55.32
CA ALA F 48 2.80 -7.71 -54.09
C ALA F 48 1.39 -7.77 -53.51
N LEU F 49 0.42 -7.14 -54.16
CA LEU F 49 -0.94 -7.09 -53.62
C LEU F 49 -1.96 -7.75 -54.53
N LEU F 50 -1.94 -7.44 -55.82
CA LEU F 50 -2.96 -7.95 -56.74
C LEU F 50 -3.04 -9.47 -56.79
N PRO F 51 -1.94 -10.23 -56.85
CA PRO F 51 -2.10 -11.70 -56.93
C PRO F 51 -2.88 -12.30 -55.79
N ASN F 52 -2.80 -11.73 -54.59
CA ASN F 52 -3.53 -12.25 -53.44
C ASN F 52 -4.63 -11.30 -52.97
N PHE F 53 -5.04 -10.37 -53.83
CA PHE F 53 -6.04 -9.38 -53.42
C PHE F 53 -7.36 -10.05 -53.04
N THR F 54 -7.81 -11.00 -53.86
CA THR F 54 -9.10 -11.64 -53.61
C THR F 54 -9.08 -12.41 -52.31
N ARG F 55 -8.03 -13.21 -52.09
CA ARG F 55 -7.95 -13.99 -50.86
C ARG F 55 -7.81 -13.08 -49.65
N GLY F 56 -7.07 -11.98 -49.78
CA GLY F 56 -6.96 -11.05 -48.67
C GLY F 56 -8.30 -10.43 -48.30
N ASN F 57 -9.06 -10.01 -49.31
CA ASN F 57 -10.38 -9.46 -49.03
C ASN F 57 -11.28 -10.50 -48.41
N ALA F 58 -11.23 -11.73 -48.91
CA ALA F 58 -12.07 -12.79 -48.36
C ALA F 58 -11.73 -13.06 -46.90
N ARG F 59 -10.44 -13.10 -46.58
CA ARG F 59 -10.03 -13.33 -45.20
C ARG F 59 -10.44 -12.16 -44.31
N ALA F 60 -10.33 -10.93 -44.81
CA ALA F 60 -10.78 -9.79 -44.03
C ALA F 60 -12.26 -9.89 -43.74
N ASP F 61 -13.06 -10.26 -44.74
CA ASP F 61 -14.49 -10.43 -44.52
C ASP F 61 -14.75 -11.53 -43.50
N ASP F 62 -13.99 -12.62 -43.57
CA ASP F 62 -14.19 -13.72 -42.62
C ASP F 62 -13.94 -13.25 -41.20
N LEU F 63 -12.82 -12.56 -40.96
CA LEU F 63 -12.55 -12.04 -39.63
C LEU F 63 -13.62 -11.05 -39.20
N VAL F 64 -14.08 -10.20 -40.10
CA VAL F 64 -15.12 -9.23 -39.74
C VAL F 64 -16.39 -9.94 -39.31
N ARG F 65 -16.80 -10.95 -40.07
CA ARG F 65 -18.05 -11.63 -39.77
C ARG F 65 -17.96 -12.46 -38.50
N ASN F 66 -16.86 -13.18 -38.30
CA ASN F 66 -16.80 -14.15 -37.22
C ASN F 66 -16.11 -13.61 -35.97
N ASN F 67 -14.89 -13.12 -36.09
CA ASN F 67 -14.12 -12.74 -34.91
C ASN F 67 -14.77 -11.57 -34.21
N GLY F 68 -14.88 -11.67 -32.88
CA GLY F 68 -15.52 -10.61 -32.12
C GLY F 68 -14.73 -9.32 -32.11
N TYR F 69 -13.41 -9.40 -31.93
CA TYR F 69 -12.61 -8.18 -31.85
C TYR F 69 -12.62 -7.42 -33.16
N ALA F 70 -12.63 -8.13 -34.29
CA ALA F 70 -12.68 -7.43 -35.57
C ALA F 70 -13.96 -6.62 -35.69
N ALA F 71 -15.09 -7.23 -35.34
CA ALA F 71 -16.36 -6.51 -35.38
C ALA F 71 -16.33 -5.33 -34.42
N ASN F 72 -15.79 -5.54 -33.22
CA ASN F 72 -15.69 -4.43 -32.29
C ASN F 72 -14.89 -3.28 -32.87
N ALA F 73 -13.72 -3.57 -33.43
CA ALA F 73 -12.85 -2.51 -33.91
C ALA F 73 -13.48 -1.75 -35.07
N ILE F 74 -14.06 -2.48 -36.02
CA ILE F 74 -14.71 -1.77 -37.12
C ILE F 74 -15.88 -0.97 -36.58
N GLN F 75 -16.46 -1.42 -35.47
CA GLN F 75 -17.57 -0.69 -34.87
C GLN F 75 -17.08 0.62 -34.25
N LEU F 76 -15.95 0.61 -33.55
CA LEU F 76 -15.40 1.87 -33.04
C LEU F 76 -15.08 2.80 -34.20
N HIS F 77 -14.47 2.28 -35.26
CA HIS F 77 -14.26 3.10 -36.46
C HIS F 77 -15.57 3.73 -36.89
N GLN F 78 -16.64 2.94 -36.88
CA GLN F 78 -17.95 3.43 -37.31
C GLN F 78 -18.41 4.61 -36.47
N ASP F 79 -18.59 4.41 -35.17
CA ASP F 79 -19.15 5.49 -34.36
C ASP F 79 -18.16 6.61 -34.07
N HIS F 80 -16.90 6.48 -34.45
CA HIS F 80 -15.98 7.56 -34.12
C HIS F 80 -15.54 8.39 -35.33
N ILE F 81 -15.29 7.76 -36.48
CA ILE F 81 -14.90 8.54 -37.65
C ILE F 81 -16.02 9.48 -38.04
N VAL F 82 -17.25 8.99 -38.05
CA VAL F 82 -18.42 9.78 -38.42
C VAL F 82 -19.35 9.99 -37.22
N GLY F 83 -19.73 8.92 -36.54
CA GLY F 83 -20.57 9.05 -35.38
C GLY F 83 -22.04 9.04 -35.71
N SER F 84 -22.81 9.66 -34.81
CA SER F 84 -24.26 9.67 -34.94
C SER F 84 -24.71 10.43 -36.19
N PHE F 85 -24.06 11.54 -36.49
CA PHE F 85 -24.49 12.37 -37.60
C PHE F 85 -23.29 13.07 -38.22
N PHE F 86 -23.46 13.51 -39.46
CA PHE F 86 -22.40 14.12 -40.24
C PHE F 86 -22.96 15.39 -40.88
N ARG F 87 -22.71 16.53 -40.24
CA ARG F 87 -23.31 17.79 -40.66
C ARG F 87 -22.40 18.51 -41.64
N LEU F 88 -23.01 19.11 -42.65
CA LEU F 88 -22.29 19.89 -43.64
C LEU F 88 -22.18 21.35 -43.19
N SER F 89 -21.13 22.02 -43.65
CA SER F 89 -21.02 23.47 -43.50
C SER F 89 -20.37 24.00 -44.78
N HIS F 90 -21.14 24.75 -45.55
CA HIS F 90 -20.66 25.29 -46.82
C HIS F 90 -19.86 26.56 -46.57
N ARG F 91 -18.64 26.61 -47.11
CA ARG F 91 -17.74 27.74 -46.93
C ARG F 91 -17.25 28.19 -48.29
N PRO F 92 -18.08 28.87 -49.06
CA PRO F 92 -17.66 29.33 -50.38
C PRO F 92 -16.52 30.35 -50.28
N SER F 93 -15.63 30.31 -51.27
CA SER F 93 -14.49 31.21 -51.32
C SER F 93 -14.91 32.48 -52.04
N TRP F 94 -15.62 33.34 -51.30
CA TRP F 94 -16.09 34.59 -51.88
C TRP F 94 -14.94 35.48 -52.33
N ARG F 95 -13.82 35.44 -51.61
CA ARG F 95 -12.69 36.27 -51.99
C ARG F 95 -12.17 35.90 -53.36
N TYR F 96 -12.01 34.60 -53.63
CA TYR F 96 -11.56 34.18 -54.95
C TYR F 96 -12.57 34.55 -56.02
N LEU F 97 -13.85 34.36 -55.74
CA LEU F 97 -14.90 34.66 -56.71
C LEU F 97 -15.29 36.12 -56.74
N GLY F 98 -14.71 36.95 -55.88
CA GLY F 98 -15.06 38.36 -55.86
C GLY F 98 -16.52 38.59 -55.52
N ILE F 99 -17.03 37.90 -54.50
CA ILE F 99 -18.43 37.97 -54.12
C ILE F 99 -18.53 38.60 -52.75
N GLY F 100 -19.53 39.46 -52.56
CA GLY F 100 -19.76 40.05 -51.26
C GLY F 100 -19.94 38.98 -50.20
N GLU F 101 -19.28 39.17 -49.06
CA GLU F 101 -19.24 38.13 -48.04
C GLU F 101 -20.63 37.82 -47.52
N GLU F 102 -21.46 38.86 -47.33
CA GLU F 102 -22.83 38.63 -46.90
C GLU F 102 -23.62 37.87 -47.95
N GLU F 103 -23.36 38.14 -49.23
CA GLU F 103 -24.00 37.39 -50.30
C GLU F 103 -23.59 35.93 -50.25
N ALA F 104 -22.30 35.68 -50.01
CA ALA F 104 -21.83 34.30 -49.86
C ALA F 104 -22.50 33.63 -48.67
N ARG F 105 -22.68 34.35 -47.57
CA ARG F 105 -23.32 33.77 -46.40
C ARG F 105 -24.77 33.42 -46.70
N ALA F 106 -25.49 34.30 -47.39
CA ALA F 106 -26.87 34.00 -47.76
C ALA F 106 -26.93 32.80 -48.69
N PHE F 107 -26.01 32.74 -49.65
CA PHE F 107 -25.98 31.60 -50.56
C PHE F 107 -25.72 30.30 -49.82
N SER F 108 -24.78 30.32 -48.88
CA SER F 108 -24.49 29.12 -48.10
C SER F 108 -25.69 28.73 -47.25
N ARG F 109 -26.38 29.71 -46.68
CA ARG F 109 -27.58 29.40 -45.92
C ARG F 109 -28.62 28.72 -46.80
N GLU F 110 -28.83 29.24 -48.01
CA GLU F 110 -29.81 28.64 -48.90
C GLU F 110 -29.42 27.22 -49.31
N VAL F 111 -28.14 27.01 -49.64
CA VAL F 111 -27.73 25.69 -50.09
C VAL F 111 -27.80 24.69 -48.93
N GLU F 112 -27.50 25.14 -47.72
CA GLU F 112 -27.67 24.26 -46.56
C GLU F 112 -29.13 23.95 -46.34
N ALA F 113 -30.00 24.94 -46.54
CA ALA F 113 -31.43 24.74 -46.39
C ALA F 113 -31.92 23.65 -47.34
N ALA F 114 -31.48 23.70 -48.59
CA ALA F 114 -31.82 22.64 -49.51
C ALA F 114 -31.16 21.33 -49.10
N TRP F 115 -29.93 21.39 -48.61
CA TRP F 115 -29.15 20.17 -48.46
C TRP F 115 -29.69 19.29 -47.35
N LYS F 116 -29.98 19.85 -46.18
CA LYS F 116 -30.37 18.93 -45.10
C LYS F 116 -31.69 18.26 -45.42
N GLU F 117 -32.66 19.01 -45.96
CA GLU F 117 -33.92 18.40 -46.35
C GLU F 117 -33.73 17.41 -47.49
N PHE F 118 -32.69 17.57 -48.32
CA PHE F 118 -32.42 16.55 -49.32
C PHE F 118 -31.79 15.30 -48.71
N ALA F 119 -30.99 15.47 -47.66
CA ALA F 119 -30.12 14.39 -47.20
C ALA F 119 -30.86 13.38 -46.33
N GLU F 120 -31.50 13.86 -45.26
CA GLU F 120 -32.14 12.99 -44.28
C GLU F 120 -33.57 12.63 -44.66
N ASP F 121 -33.88 12.63 -45.95
CA ASP F 121 -35.24 12.29 -46.38
C ASP F 121 -35.63 10.92 -45.90
N ASP F 122 -36.88 10.80 -45.45
CA ASP F 122 -37.38 9.53 -44.92
C ASP F 122 -37.40 8.46 -46.01
N CYS F 123 -37.75 8.84 -47.23
CA CYS F 123 -37.90 7.89 -48.33
C CYS F 123 -36.58 7.24 -48.73
N CYS F 124 -35.45 7.75 -48.26
CA CYS F 124 -34.13 7.27 -48.66
C CYS F 124 -33.95 7.40 -50.17
N CYS F 125 -34.59 8.42 -50.75
CA CYS F 125 -34.55 8.60 -52.19
C CYS F 125 -33.14 8.93 -52.70
N ILE F 126 -32.25 9.38 -51.82
CA ILE F 126 -30.87 9.61 -52.23
C ILE F 126 -30.22 8.29 -52.62
N ASP F 127 -30.64 7.21 -51.99
CA ASP F 127 -30.16 5.89 -52.36
C ASP F 127 -31.10 5.27 -53.37
N VAL F 128 -30.56 4.84 -54.51
CA VAL F 128 -31.38 4.16 -55.50
C VAL F 128 -31.93 2.86 -54.92
N GLU F 129 -31.12 2.17 -54.11
CA GLU F 129 -31.60 0.98 -53.43
C GLU F 129 -32.66 1.30 -52.39
N ARG F 130 -32.66 2.52 -51.86
CA ARG F 130 -33.73 3.02 -51.00
C ARG F 130 -33.79 2.28 -49.66
N LYS F 131 -32.63 2.10 -49.04
CA LYS F 131 -32.62 1.56 -47.69
C LYS F 131 -31.67 2.31 -46.76
N ARG F 132 -30.97 3.34 -47.23
CA ARG F 132 -29.92 3.97 -46.45
C ARG F 132 -30.01 5.48 -46.60
N THR F 133 -29.76 6.21 -45.52
CA THR F 133 -29.65 7.65 -45.63
C THR F 133 -28.19 8.08 -45.65
N PHE F 134 -27.99 9.39 -45.82
CA PHE F 134 -26.65 9.92 -46.08
C PHE F 134 -25.69 9.62 -44.95
N THR F 135 -26.17 9.71 -43.70
CA THR F 135 -25.28 9.44 -42.58
C THR F 135 -24.76 8.02 -42.64
N MET F 136 -25.65 7.04 -42.80
CA MET F 136 -25.14 5.69 -42.95
C MET F 136 -24.54 5.45 -44.32
N MET F 137 -24.79 6.33 -45.31
CA MET F 137 -23.93 6.30 -46.48
C MET F 137 -22.47 6.49 -46.07
N ILE F 138 -22.18 7.55 -45.34
CA ILE F 138 -20.81 7.81 -44.93
C ILE F 138 -20.31 6.67 -44.04
N ARG F 139 -21.18 6.15 -43.19
CA ARG F 139 -20.80 5.06 -42.30
C ARG F 139 -20.39 3.82 -43.06
N GLU F 140 -21.24 3.37 -43.98
CA GLU F 140 -20.93 2.21 -44.79
C GLU F 140 -19.66 2.46 -45.60
N GLY F 141 -19.50 3.66 -46.13
CA GLY F 141 -18.30 3.95 -46.90
C GLY F 141 -17.04 3.82 -46.08
N VAL F 142 -17.03 4.40 -44.88
CA VAL F 142 -15.80 4.39 -44.09
C VAL F 142 -15.52 2.99 -43.57
N ALA F 143 -16.55 2.27 -43.14
CA ALA F 143 -16.32 0.89 -42.67
C ALA F 143 -15.85 0.01 -43.82
N MET F 144 -16.45 0.18 -44.99
CA MET F 144 -16.08 -0.57 -46.18
C MET F 144 -14.64 -0.31 -46.57
N HIS F 145 -14.22 0.94 -46.52
CA HIS F 145 -12.82 1.27 -46.78
C HIS F 145 -11.91 0.64 -45.74
N ALA F 146 -12.30 0.69 -44.48
CA ALA F 146 -11.44 0.17 -43.42
C ALA F 146 -11.22 -1.33 -43.58
N PHE F 147 -12.27 -2.06 -43.90
CA PHE F 147 -12.15 -3.51 -43.96
C PHE F 147 -11.81 -4.03 -45.35
N ASN F 148 -11.78 -3.18 -46.36
CA ASN F 148 -11.36 -3.59 -47.70
C ASN F 148 -10.27 -2.75 -48.32
N GLY F 149 -10.01 -1.54 -47.81
CA GLY F 149 -8.98 -0.69 -48.35
C GLY F 149 -9.45 0.36 -49.33
N GLU F 150 -10.70 0.29 -49.78
CA GLU F 150 -11.19 1.24 -50.77
C GLU F 150 -12.71 1.26 -50.71
N LEU F 151 -13.28 2.24 -51.41
CA LEU F 151 -14.73 2.35 -51.51
C LEU F 151 -15.09 2.93 -52.86
N PHE F 152 -16.22 2.49 -53.40
CA PHE F 152 -16.67 2.87 -54.73
C PHE F 152 -18.12 3.33 -54.67
N VAL F 153 -18.37 4.53 -55.19
CA VAL F 153 -19.70 5.11 -55.24
C VAL F 153 -20.04 5.45 -56.67
N GLN F 154 -21.29 5.21 -57.06
CA GLN F 154 -21.78 5.51 -58.39
C GLN F 154 -22.94 6.48 -58.29
N ALA F 155 -22.85 7.58 -59.03
CA ALA F 155 -23.88 8.60 -59.06
C ALA F 155 -24.74 8.37 -60.29
N THR F 156 -26.04 8.19 -60.09
CA THR F 156 -26.97 7.90 -61.17
C THR F 156 -27.98 9.03 -61.30
N TRP F 157 -28.45 9.23 -62.52
CA TRP F 157 -29.45 10.24 -62.83
C TRP F 157 -30.79 9.54 -62.99
N ASP F 158 -31.64 9.64 -61.98
CA ASP F 158 -32.96 9.02 -62.04
C ASP F 158 -33.85 9.76 -63.04
N THR F 159 -34.84 9.05 -63.56
CA THR F 159 -35.81 9.64 -64.47
C THR F 159 -37.14 9.96 -63.81
N SER F 160 -37.37 9.49 -62.59
CA SER F 160 -38.63 9.74 -61.92
C SER F 160 -38.73 11.21 -61.49
N SER F 161 -39.86 11.83 -61.81
CA SER F 161 -40.10 13.22 -61.45
C SER F 161 -40.76 13.37 -60.09
N SER F 162 -41.01 12.27 -59.39
CA SER F 162 -41.65 12.32 -58.09
C SER F 162 -40.83 13.11 -57.07
N ARG F 163 -39.54 13.26 -57.30
CA ARG F 163 -38.66 14.00 -56.40
C ARG F 163 -38.06 15.18 -57.13
N LEU F 164 -37.78 16.24 -56.38
CA LEU F 164 -37.14 17.42 -56.97
C LEU F 164 -35.75 17.07 -57.50
N PHE F 165 -34.99 16.27 -56.75
CA PHE F 165 -33.65 15.89 -57.14
C PHE F 165 -33.65 14.47 -57.68
N ARG F 166 -33.13 14.29 -58.89
CA ARG F 166 -33.05 12.98 -59.52
C ARG F 166 -31.68 12.34 -59.36
N THR F 167 -30.77 12.96 -58.64
CA THR F 167 -29.46 12.39 -58.43
C THR F 167 -29.50 11.40 -57.27
N GLN F 168 -29.10 10.16 -57.55
CA GLN F 168 -29.07 9.11 -56.56
C GLN F 168 -27.68 8.51 -56.50
N PHE F 169 -27.42 7.77 -55.42
CA PHE F 169 -26.11 7.18 -55.22
C PHE F 169 -26.24 5.71 -54.84
N ARG F 170 -25.33 4.90 -55.37
CA ARG F 170 -25.28 3.47 -55.06
C ARG F 170 -23.85 3.08 -54.76
N MET F 171 -23.65 2.26 -53.73
CA MET F 171 -22.33 1.75 -53.39
C MET F 171 -22.04 0.50 -54.19
N VAL F 172 -20.81 0.35 -54.65
CA VAL F 172 -20.39 -0.84 -55.36
C VAL F 172 -19.28 -1.51 -54.55
N SER F 173 -19.54 -2.74 -54.12
CA SER F 173 -18.56 -3.45 -53.31
C SER F 173 -17.32 -3.76 -54.16
N PRO F 174 -16.13 -3.65 -53.59
CA PRO F 174 -14.92 -3.77 -54.42
C PRO F 174 -14.79 -5.10 -55.12
N LYS F 175 -15.35 -6.16 -54.54
CA LYS F 175 -15.27 -7.48 -55.15
C LYS F 175 -16.02 -7.53 -56.47
N ARG F 176 -16.95 -6.60 -56.67
CA ARG F 176 -17.63 -6.49 -57.96
C ARG F 176 -16.78 -5.80 -59.01
N ILE F 177 -15.62 -5.25 -58.63
CA ILE F 177 -14.70 -4.64 -59.58
C ILE F 177 -13.64 -5.66 -59.92
N SER F 178 -13.62 -6.11 -61.17
CA SER F 178 -12.66 -7.10 -61.62
C SER F 178 -12.53 -7.04 -63.13
N ASN F 179 -11.47 -7.66 -63.63
CA ASN F 179 -11.28 -7.73 -65.07
C ASN F 179 -12.43 -8.51 -65.70
N PRO F 180 -12.92 -8.09 -66.86
CA PRO F 180 -13.97 -8.87 -67.51
C PRO F 180 -13.49 -10.28 -67.83
N ASN F 181 -14.37 -11.24 -67.62
CA ASN F 181 -14.10 -12.67 -67.86
C ASN F 181 -12.90 -13.16 -67.07
N ASN F 182 -12.54 -12.45 -65.99
CA ASN F 182 -11.44 -12.84 -65.12
C ASN F 182 -10.14 -13.02 -65.89
N THR F 183 -9.96 -12.20 -66.92
CA THR F 183 -8.76 -12.27 -67.73
C THR F 183 -7.56 -11.72 -66.96
N GLY F 184 -6.38 -12.15 -67.37
CA GLY F 184 -5.16 -11.67 -66.72
C GLY F 184 -4.98 -10.18 -66.93
N ASP F 185 -4.46 -9.52 -65.90
CA ASP F 185 -4.27 -8.08 -65.95
C ASP F 185 -3.15 -7.70 -66.91
N SER F 186 -3.21 -6.46 -67.40
CA SER F 186 -2.20 -5.95 -68.31
C SER F 186 -1.64 -4.64 -67.78
N ARG F 187 -0.86 -3.94 -68.61
CA ARG F 187 -0.35 -2.64 -68.19
C ARG F 187 -1.47 -1.65 -67.92
N ASN F 188 -2.43 -1.57 -68.84
CA ASN F 188 -3.49 -0.57 -68.74
C ASN F 188 -4.80 -1.12 -68.21
N CYS F 189 -4.84 -2.39 -67.82
CA CYS F 189 -6.05 -3.00 -67.27
C CYS F 189 -5.63 -3.90 -66.12
N ARG F 190 -5.76 -3.40 -64.89
CA ARG F 190 -5.39 -4.14 -63.70
C ARG F 190 -6.58 -4.15 -62.75
N ALA F 191 -7.01 -5.34 -62.34
CA ALA F 191 -8.05 -5.51 -61.32
C ALA F 191 -9.33 -4.76 -61.69
N GLY F 192 -9.63 -4.72 -62.99
CA GLY F 192 -10.89 -4.17 -63.45
C GLY F 192 -10.92 -2.68 -63.69
N VAL F 193 -9.85 -1.95 -63.38
CA VAL F 193 -9.78 -0.53 -63.61
C VAL F 193 -8.80 -0.25 -64.73
N GLN F 194 -9.25 0.49 -65.73
CA GLN F 194 -8.39 0.87 -66.84
C GLN F 194 -7.59 2.12 -66.48
N ILE F 195 -6.31 2.10 -66.81
CA ILE F 195 -5.44 3.22 -66.50
C ILE F 195 -4.83 3.76 -67.79
N ASN F 196 -4.40 5.01 -67.73
CA ASN F 196 -3.74 5.65 -68.84
C ASN F 196 -2.23 5.41 -68.73
N ASP F 197 -1.45 6.15 -69.52
CA ASP F 197 0.00 6.06 -69.42
C ASP F 197 0.50 6.50 -68.05
N SER F 198 -0.11 7.55 -67.50
CA SER F 198 0.32 8.10 -66.22
C SER F 198 -0.28 7.37 -65.04
N GLY F 199 -1.11 6.35 -65.26
CA GLY F 199 -1.75 5.64 -64.19
C GLY F 199 -3.08 6.20 -63.76
N ALA F 200 -3.51 7.33 -64.33
CA ALA F 200 -4.82 7.88 -64.00
C ALA F 200 -5.91 6.92 -64.42
N ALA F 201 -6.93 6.80 -63.57
CA ALA F 201 -8.03 5.88 -63.84
C ALA F 201 -8.95 6.47 -64.89
N LEU F 202 -9.06 5.79 -66.03
CA LEU F 202 -9.96 6.21 -67.10
C LEU F 202 -11.34 5.62 -66.96
N GLY F 203 -11.46 4.46 -66.32
CA GLY F 203 -12.74 3.83 -66.16
C GLY F 203 -12.59 2.54 -65.39
N TYR F 204 -13.71 1.86 -65.20
CA TYR F 204 -13.74 0.66 -64.37
C TYR F 204 -14.59 -0.40 -65.06
N TYR F 205 -14.34 -1.65 -64.70
CA TYR F 205 -15.15 -2.79 -65.13
C TYR F 205 -15.87 -3.33 -63.90
N VAL F 206 -17.18 -3.12 -63.84
CA VAL F 206 -17.97 -3.54 -62.70
C VAL F 206 -18.73 -4.81 -63.07
N SER F 207 -18.59 -5.84 -62.25
CA SER F 207 -19.28 -7.09 -62.48
C SER F 207 -20.63 -7.07 -61.78
N GLU F 208 -21.64 -7.63 -62.46
CA GLU F 208 -22.96 -7.70 -61.87
C GLU F 208 -22.97 -8.72 -60.73
N ASP F 209 -24.09 -8.74 -60.01
CA ASP F 209 -24.23 -9.67 -58.89
C ASP F 209 -24.25 -11.10 -59.42
N GLY F 210 -23.57 -11.99 -58.71
CA GLY F 210 -23.51 -13.38 -59.11
C GLY F 210 -24.31 -14.33 -58.24
N TYR F 211 -25.25 -13.78 -57.47
CA TYR F 211 -26.06 -14.60 -56.57
C TYR F 211 -27.46 -14.79 -57.13
N PRO F 212 -27.97 -16.01 -57.15
CA PRO F 212 -27.31 -17.27 -56.78
C PRO F 212 -26.29 -17.66 -57.84
N GLY F 213 -25.42 -18.62 -57.58
CA GLY F 213 -24.31 -18.88 -58.49
C GLY F 213 -24.68 -19.52 -59.81
N TRP F 214 -25.95 -19.42 -60.21
CA TRP F 214 -26.43 -20.09 -61.42
C TRP F 214 -26.40 -19.22 -62.67
N MET F 215 -25.93 -17.98 -62.59
CA MET F 215 -25.81 -17.23 -63.83
C MET F 215 -24.40 -16.70 -63.99
N PRO F 216 -23.93 -16.51 -65.23
CA PRO F 216 -22.57 -15.99 -65.42
C PRO F 216 -22.51 -14.48 -65.27
N GLN F 217 -21.55 -14.01 -64.47
CA GLN F 217 -21.41 -12.59 -64.22
C GLN F 217 -21.01 -11.86 -65.51
N LYS F 218 -21.52 -10.65 -65.68
CA LYS F 218 -21.17 -9.81 -66.81
C LYS F 218 -20.56 -8.51 -66.30
N TRP F 219 -19.62 -7.97 -67.07
CA TRP F 219 -18.88 -6.78 -66.68
C TRP F 219 -19.31 -5.62 -67.56
N THR F 220 -19.54 -4.48 -66.92
CA THR F 220 -19.93 -3.24 -67.59
C THR F 220 -18.82 -2.22 -67.44
N TRP F 221 -18.56 -1.47 -68.51
CA TRP F 221 -17.55 -0.44 -68.52
C TRP F 221 -18.17 0.87 -68.05
N ILE F 222 -17.67 1.40 -66.94
CA ILE F 222 -18.15 2.65 -66.37
C ILE F 222 -17.03 3.67 -66.48
N PRO F 223 -17.20 4.74 -67.26
CA PRO F 223 -16.20 5.81 -67.28
C PRO F 223 -16.09 6.46 -65.91
N ARG F 224 -14.87 6.90 -65.57
CA ARG F 224 -14.65 7.46 -64.25
C ARG F 224 -15.48 8.72 -64.03
N GLU F 225 -15.53 9.60 -65.03
CA GLU F 225 -16.26 10.84 -64.91
C GLU F 225 -16.99 11.14 -66.21
N LEU F 226 -18.06 11.92 -66.10
CA LEU F 226 -18.86 12.27 -67.26
C LEU F 226 -18.09 13.24 -68.15
N PRO F 227 -18.46 13.32 -69.44
CA PRO F 227 -17.78 14.27 -70.32
C PRO F 227 -17.90 15.71 -69.86
N GLY F 228 -18.99 16.08 -69.18
CA GLY F 228 -19.15 17.41 -68.68
C GLY F 228 -18.40 17.70 -67.39
N GLY F 229 -17.57 16.77 -66.94
CA GLY F 229 -16.84 16.93 -65.69
C GLY F 229 -17.57 16.42 -64.47
N ARG F 230 -18.84 16.03 -64.60
CA ARG F 230 -19.57 15.48 -63.47
C ARG F 230 -18.98 14.13 -63.09
N ALA F 231 -18.82 13.91 -61.78
CA ALA F 231 -18.22 12.68 -61.28
C ALA F 231 -19.20 11.53 -61.34
N SER F 232 -19.21 10.79 -62.45
CA SER F 232 -20.10 9.64 -62.56
C SER F 232 -19.73 8.55 -61.56
N PHE F 233 -18.44 8.28 -61.40
CA PHE F 233 -17.96 7.24 -60.51
C PHE F 233 -16.87 7.81 -59.62
N ILE F 234 -16.91 7.44 -58.33
CA ILE F 234 -15.97 7.92 -57.35
C ILE F 234 -15.30 6.73 -56.69
N HIS F 235 -13.96 6.73 -56.69
CA HIS F 235 -13.17 5.70 -56.04
C HIS F 235 -12.31 6.38 -54.99
N VAL F 236 -12.51 6.03 -53.73
CA VAL F 236 -11.80 6.66 -52.62
C VAL F 236 -11.02 5.60 -51.87
N PHE F 237 -9.72 5.82 -51.72
CA PHE F 237 -8.85 4.95 -50.96
C PHE F 237 -7.58 5.72 -50.63
N GLU F 238 -6.74 5.12 -49.79
CA GLU F 238 -5.50 5.75 -49.39
C GLU F 238 -4.37 4.99 -50.06
N PRO F 239 -3.58 5.63 -50.93
CA PRO F 239 -2.44 4.94 -51.54
C PRO F 239 -1.16 5.21 -50.77
N VAL F 240 -0.27 4.21 -50.78
CA VAL F 240 1.00 4.32 -50.07
C VAL F 240 2.18 4.58 -51.00
N GLU F 241 2.00 4.46 -52.30
CA GLU F 241 3.09 4.65 -53.25
C GLU F 241 2.52 4.91 -54.63
N ASP F 242 3.39 5.39 -55.52
CA ASP F 242 2.97 5.66 -56.89
C ASP F 242 2.56 4.37 -57.59
N GLY F 243 1.50 4.44 -58.37
CA GLY F 243 1.05 3.32 -59.18
C GLY F 243 0.13 2.34 -58.48
N GLN F 244 -0.14 2.51 -57.19
CA GLN F 244 -1.07 1.64 -56.51
C GLN F 244 -2.49 1.91 -57.02
N THR F 245 -3.19 0.86 -57.40
CA THR F 245 -4.53 1.00 -57.97
C THR F 245 -5.64 0.53 -57.05
N ARG F 246 -5.35 -0.37 -56.12
CA ARG F 246 -6.35 -0.87 -55.19
C ARG F 246 -5.83 -0.71 -53.77
N GLY F 247 -6.71 -0.27 -52.88
CA GLY F 247 -6.33 -0.11 -51.49
C GLY F 247 -6.12 -1.44 -50.79
N ALA F 248 -5.37 -1.40 -49.70
CA ALA F 248 -5.10 -2.57 -48.89
C ALA F 248 -5.76 -2.41 -47.52
N ASN F 249 -6.57 -3.39 -47.14
CA ASN F 249 -7.20 -3.33 -45.83
C ASN F 249 -6.16 -3.42 -44.73
N VAL F 250 -6.45 -2.78 -43.60
CA VAL F 250 -5.51 -2.77 -42.49
C VAL F 250 -5.29 -4.17 -41.94
N PHE F 251 -6.34 -4.99 -41.91
CA PHE F 251 -6.28 -6.34 -41.35
C PHE F 251 -5.11 -7.15 -41.88
N TYR F 252 -4.51 -6.75 -42.99
CA TYR F 252 -3.37 -7.47 -43.53
C TYR F 252 -2.24 -7.61 -42.52
N SER F 253 -2.16 -6.71 -41.54
CA SER F 253 -1.06 -6.74 -40.60
C SER F 253 -1.36 -7.53 -39.33
N VAL F 254 -2.57 -8.05 -39.18
CA VAL F 254 -2.94 -8.62 -37.89
C VAL F 254 -3.62 -9.98 -38.00
N MET F 255 -3.91 -10.43 -39.22
CA MET F 255 -4.70 -11.66 -39.38
C MET F 255 -4.08 -12.82 -38.62
N GLU F 256 -2.77 -13.02 -38.80
CA GLU F 256 -2.07 -14.07 -38.08
C GLU F 256 -2.25 -13.93 -36.60
N GLN F 257 -2.20 -12.70 -36.08
CA GLN F 257 -2.28 -12.50 -34.65
C GLN F 257 -3.64 -12.89 -34.13
N MET F 258 -4.70 -12.56 -34.88
CA MET F 258 -6.02 -13.07 -34.54
C MET F 258 -6.01 -14.59 -34.50
N LYS F 259 -5.26 -15.22 -35.41
CA LYS F 259 -5.23 -16.67 -35.44
C LYS F 259 -4.53 -17.26 -34.21
N MET F 260 -3.33 -16.77 -33.87
CA MET F 260 -2.77 -17.30 -32.62
C MET F 260 -3.65 -16.95 -31.44
N LEU F 261 -4.40 -15.85 -31.49
CA LEU F 261 -5.31 -15.52 -30.40
C LEU F 261 -6.38 -16.59 -30.22
N ASP F 262 -7.08 -16.93 -31.30
CA ASP F 262 -8.15 -17.90 -31.13
C ASP F 262 -7.56 -19.25 -30.74
N THR F 263 -6.50 -19.68 -31.43
CA THR F 263 -5.92 -20.96 -31.12
C THR F 263 -5.48 -21.02 -29.67
N LEU F 264 -5.00 -19.89 -29.13
CA LEU F 264 -4.70 -19.82 -27.71
C LEU F 264 -5.96 -20.07 -26.90
N GLN F 265 -7.08 -19.48 -27.33
CA GLN F 265 -8.33 -19.71 -26.61
C GLN F 265 -8.66 -21.20 -26.54
N ASN F 266 -8.66 -21.88 -27.69
CA ASN F 266 -9.00 -23.30 -27.68
C ASN F 266 -8.01 -24.12 -26.86
N THR F 267 -6.72 -23.87 -27.02
CA THR F 267 -5.76 -24.71 -26.31
C THR F 267 -5.84 -24.47 -24.80
N GLN F 268 -6.10 -23.25 -24.38
CA GLN F 268 -6.25 -22.98 -22.96
C GLN F 268 -7.53 -23.62 -22.42
N LEU F 269 -8.58 -23.64 -23.24
CA LEU F 269 -9.78 -24.37 -22.86
C LEU F 269 -9.50 -25.86 -22.69
N GLN F 270 -8.74 -26.45 -23.61
CA GLN F 270 -8.42 -27.87 -23.49
C GLN F 270 -7.57 -28.13 -22.26
N SER F 271 -6.67 -27.20 -21.95
CA SER F 271 -5.90 -27.32 -20.72
C SER F 271 -6.82 -27.34 -19.51
N ALA F 272 -7.80 -26.44 -19.47
CA ALA F 272 -8.75 -26.43 -18.38
C ALA F 272 -9.53 -27.74 -18.32
N ILE F 273 -9.90 -28.26 -19.49
CA ILE F 273 -10.65 -29.52 -19.54
C ILE F 273 -9.83 -30.65 -18.95
N VAL F 274 -8.59 -30.80 -19.42
CA VAL F 274 -7.76 -31.91 -18.99
C VAL F 274 -7.30 -31.73 -17.55
N LYS F 275 -7.36 -30.50 -17.03
CA LYS F 275 -6.93 -30.25 -15.67
C LYS F 275 -7.91 -30.82 -14.65
N ALA F 276 -9.08 -31.26 -15.09
CA ALA F 276 -10.09 -31.82 -14.22
C ALA F 276 -10.35 -33.29 -14.55
N MET F 277 -9.33 -33.98 -15.06
CA MET F 277 -9.50 -35.36 -15.47
C MET F 277 -9.43 -36.28 -14.26
N TYR F 278 -10.32 -37.25 -14.23
CA TYR F 278 -10.46 -38.18 -13.11
C TYR F 278 -10.05 -39.56 -13.60
N ALA F 279 -8.81 -39.95 -13.28
CA ALA F 279 -8.29 -41.26 -13.66
C ALA F 279 -8.31 -42.17 -12.43
N ALA F 280 -9.00 -43.30 -12.55
CA ALA F 280 -9.12 -44.24 -11.45
C ALA F 280 -9.37 -45.62 -12.02
N THR F 281 -8.62 -46.62 -11.54
CA THR F 281 -8.72 -47.96 -12.06
C THR F 281 -8.42 -48.98 -10.98
N ILE F 282 -8.93 -50.19 -11.18
CA ILE F 282 -8.62 -51.33 -10.33
C ILE F 282 -7.68 -52.24 -11.10
N GLU F 283 -6.54 -52.57 -10.50
CA GLU F 283 -5.55 -53.37 -11.17
C GLU F 283 -5.00 -54.42 -10.21
N SER F 284 -4.49 -55.50 -10.77
CA SER F 284 -3.83 -56.56 -10.02
C SER F 284 -2.41 -56.71 -10.52
N GLU F 285 -1.47 -56.89 -9.59
CA GLU F 285 -0.06 -56.92 -9.95
C GLU F 285 0.25 -58.19 -10.73
N LEU F 286 0.01 -59.36 -10.13
CA LEU F 286 0.21 -60.66 -10.76
C LEU F 286 1.41 -60.67 -11.70
N ASP F 287 1.24 -61.19 -12.91
CA ASP F 287 2.23 -61.09 -13.98
C ASP F 287 3.62 -61.46 -13.47
N THR F 288 3.75 -62.74 -13.12
CA THR F 288 4.91 -63.20 -12.37
C THR F 288 6.17 -63.31 -13.23
N GLN F 289 6.52 -62.24 -13.93
CA GLN F 289 7.79 -62.11 -14.62
C GLN F 289 8.11 -63.34 -15.48
N SER F 290 9.10 -64.12 -15.04
CA SER F 290 9.42 -65.36 -15.74
C SER F 290 8.25 -66.33 -15.68
N ALA F 291 7.63 -66.47 -14.50
CA ALA F 291 6.43 -67.27 -14.42
C ALA F 291 5.27 -66.64 -15.18
N MET F 292 5.29 -65.32 -15.38
CA MET F 292 4.31 -64.70 -16.27
C MET F 292 4.48 -65.19 -17.69
N ASP F 293 5.73 -65.23 -18.17
CA ASP F 293 5.98 -65.78 -19.50
C ASP F 293 5.60 -67.24 -19.58
N PHE F 294 5.90 -68.01 -18.53
CA PHE F 294 5.53 -69.43 -18.51
C PHE F 294 4.02 -69.60 -18.55
N ILE F 295 3.29 -68.79 -17.79
CA ILE F 295 1.83 -68.86 -17.79
C ILE F 295 1.27 -68.42 -19.13
N LEU F 296 1.91 -67.44 -19.77
CA LEU F 296 1.49 -67.04 -21.11
C LEU F 296 1.65 -68.18 -22.09
N GLY F 297 2.78 -68.88 -22.02
CA GLY F 297 3.00 -70.04 -22.89
C GLY F 297 1.97 -71.13 -22.61
N ALA F 298 1.69 -71.40 -21.34
CA ALA F 298 0.71 -72.43 -20.99
C ALA F 298 -0.68 -72.06 -21.48
N ASN F 299 -1.09 -70.80 -21.29
CA ASN F 299 -2.40 -70.36 -21.73
C ASN F 299 -2.51 -70.39 -23.24
N SER F 300 -1.45 -70.01 -23.94
CA SER F 300 -1.44 -70.12 -25.40
C SER F 300 -1.59 -71.58 -25.83
N GLN F 301 -0.88 -72.49 -25.16
CA GLN F 301 -0.97 -73.90 -25.51
C GLN F 301 -2.37 -74.45 -25.27
N GLU F 302 -2.76 -74.59 -24.00
CA GLU F 302 -4.09 -75.10 -23.69
C GLU F 302 -4.74 -74.49 -22.45
N GLN F 303 -4.13 -73.52 -21.79
CA GLN F 303 -4.55 -73.12 -20.45
C GLN F 303 -5.20 -71.74 -20.43
N ARG F 304 -6.00 -71.42 -21.45
CA ARG F 304 -6.85 -70.24 -21.36
C ARG F 304 -7.90 -70.38 -20.27
N GLU F 305 -8.13 -71.60 -19.78
CA GLU F 305 -9.07 -71.83 -18.70
C GLU F 305 -8.70 -71.03 -17.46
N ARG F 306 -7.41 -70.90 -17.16
CA ARG F 306 -6.99 -70.10 -16.01
C ARG F 306 -7.49 -68.68 -16.14
N LEU F 307 -7.22 -68.05 -17.30
CA LEU F 307 -7.63 -66.67 -17.50
C LEU F 307 -9.15 -66.52 -17.47
N THR F 308 -9.87 -67.44 -18.12
CA THR F 308 -11.32 -67.35 -18.15
C THR F 308 -11.91 -67.49 -16.74
N GLY F 309 -11.43 -68.47 -15.98
CA GLY F 309 -11.94 -68.67 -14.63
C GLY F 309 -11.61 -67.51 -13.72
N TRP F 310 -10.40 -66.96 -13.84
CA TRP F 310 -10.04 -65.80 -13.03
C TRP F 310 -10.90 -64.59 -13.38
N ILE F 311 -11.17 -64.40 -14.67
CA ILE F 311 -12.03 -63.30 -15.09
C ILE F 311 -13.44 -63.49 -14.52
N GLY F 312 -13.95 -64.71 -14.60
CA GLY F 312 -15.27 -64.97 -14.05
C GLY F 312 -15.34 -64.75 -12.54
N GLU F 313 -14.32 -65.22 -11.82
CA GLU F 313 -14.29 -65.02 -10.38
C GLU F 313 -14.21 -63.54 -10.03
N ILE F 314 -13.38 -62.79 -10.76
CA ILE F 314 -13.27 -61.36 -10.51
C ILE F 314 -14.60 -60.67 -10.79
N ALA F 315 -15.26 -61.04 -11.89
CA ALA F 315 -16.54 -60.44 -12.21
C ALA F 315 -17.57 -60.73 -11.13
N ALA F 316 -17.61 -61.97 -10.63
CA ALA F 316 -18.55 -62.31 -9.58
C ALA F 316 -18.25 -61.53 -8.30
N TYR F 317 -16.98 -61.47 -7.92
CA TYR F 317 -16.62 -60.75 -6.70
C TYR F 317 -16.98 -59.28 -6.79
N TYR F 318 -16.68 -58.65 -7.91
CA TYR F 318 -16.92 -57.22 -8.02
C TYR F 318 -18.34 -56.89 -8.47
N ALA F 319 -19.15 -57.91 -8.81
CA ALA F 319 -20.58 -57.73 -8.92
C ALA F 319 -21.27 -57.92 -7.58
N ALA F 320 -20.63 -58.65 -6.67
CA ALA F 320 -21.06 -58.63 -5.27
C ALA F 320 -20.60 -57.37 -4.56
N ALA F 321 -19.50 -56.78 -5.01
CA ALA F 321 -18.88 -55.62 -4.37
C ALA F 321 -19.51 -54.27 -4.73
N PRO F 322 -19.87 -54.01 -6.01
CA PRO F 322 -19.91 -52.64 -6.52
C PRO F 322 -19.18 -51.58 -5.71
N VAL F 323 -17.88 -51.42 -5.97
CA VAL F 323 -17.12 -50.30 -5.41
C VAL F 323 -17.28 -49.15 -6.40
N ARG F 324 -18.21 -48.25 -6.09
CA ARG F 324 -18.53 -47.13 -6.95
C ARG F 324 -17.91 -45.88 -6.33
N LEU F 325 -16.70 -45.55 -6.77
CA LEU F 325 -16.01 -44.39 -6.21
C LEU F 325 -16.76 -43.10 -6.54
N GLY F 326 -17.13 -42.92 -7.79
CA GLY F 326 -17.90 -41.75 -8.18
C GLY F 326 -19.31 -42.14 -8.53
N GLY F 327 -19.74 -41.81 -9.74
CA GLY F 327 -21.05 -42.21 -10.20
C GLY F 327 -21.09 -43.50 -10.97
N ALA F 328 -19.98 -44.23 -11.06
CA ALA F 328 -19.91 -45.39 -11.94
C ALA F 328 -18.96 -46.43 -11.35
N LYS F 329 -18.99 -47.61 -11.96
CA LYS F 329 -18.12 -48.70 -11.57
C LYS F 329 -16.71 -48.40 -12.05
N VAL F 330 -15.74 -48.54 -11.14
CA VAL F 330 -14.35 -48.35 -11.52
C VAL F 330 -13.90 -49.52 -12.38
N PRO F 331 -13.33 -49.28 -13.55
CA PRO F 331 -12.94 -50.39 -14.43
C PRO F 331 -11.85 -51.24 -13.81
N HIS F 332 -11.86 -52.51 -14.18
CA HIS F 332 -10.89 -53.49 -13.70
C HIS F 332 -9.92 -53.81 -14.83
N LEU F 333 -8.63 -53.85 -14.52
CA LEU F 333 -7.59 -53.98 -15.52
C LEU F 333 -6.93 -55.36 -15.47
N MET F 334 -6.10 -55.63 -16.47
CA MET F 334 -5.48 -56.93 -16.62
C MET F 334 -4.39 -57.12 -15.58
N PRO F 335 -4.10 -58.37 -15.24
CA PRO F 335 -2.94 -58.66 -14.38
C PRO F 335 -1.67 -58.12 -15.01
N GLY F 336 -0.93 -57.34 -14.23
CA GLY F 336 0.29 -56.72 -14.73
C GLY F 336 0.07 -55.51 -15.59
N ASP F 337 -1.17 -55.09 -15.79
CA ASP F 337 -1.48 -53.92 -16.60
C ASP F 337 -1.96 -52.80 -15.69
N SER F 338 -1.27 -51.66 -15.75
CA SER F 338 -1.59 -50.52 -14.92
C SER F 338 -1.67 -49.28 -15.79
N LEU F 339 -2.70 -48.47 -15.57
CA LEU F 339 -2.86 -47.24 -16.32
C LEU F 339 -1.78 -46.24 -15.91
N ASN F 340 -1.09 -45.67 -16.89
CA ASN F 340 -0.01 -44.73 -16.65
C ASN F 340 -0.25 -43.51 -17.53
N LEU F 341 -0.55 -42.37 -16.92
CA LEU F 341 -0.76 -41.12 -17.65
C LEU F 341 0.08 -40.03 -17.00
N GLN F 342 1.30 -39.88 -17.51
CA GLN F 342 2.16 -38.78 -17.10
C GLN F 342 1.96 -37.61 -18.05
N THR F 343 2.31 -36.42 -17.59
CA THR F 343 2.02 -35.19 -18.31
C THR F 343 3.31 -34.42 -18.58
N ALA F 344 3.14 -33.30 -19.28
CA ALA F 344 4.23 -32.37 -19.56
C ALA F 344 4.45 -31.44 -18.37
N GLN F 345 5.16 -30.34 -18.60
CA GLN F 345 5.40 -29.32 -17.59
C GLN F 345 4.13 -29.02 -16.80
N ASP F 346 4.30 -28.75 -15.50
CA ASP F 346 3.19 -28.56 -14.57
C ASP F 346 3.29 -27.23 -13.83
N THR F 347 3.56 -26.16 -14.56
CA THR F 347 3.66 -24.81 -14.02
C THR F 347 2.48 -23.98 -14.49
N ASP F 348 2.53 -22.69 -14.18
CA ASP F 348 1.55 -21.77 -14.72
C ASP F 348 1.83 -21.51 -16.20
N ASN F 349 0.76 -21.43 -17.00
CA ASN F 349 0.93 -21.31 -18.44
C ASN F 349 1.31 -19.88 -18.83
N GLY F 350 0.86 -18.89 -18.08
CA GLY F 350 1.10 -17.51 -18.44
C GLY F 350 0.13 -16.99 -19.47
N TYR F 351 -1.11 -17.45 -19.40
CA TYR F 351 -2.14 -17.05 -20.35
C TYR F 351 -2.38 -15.55 -20.29
N SER F 352 -2.37 -14.98 -19.08
CA SER F 352 -2.72 -13.58 -18.90
C SER F 352 -1.81 -12.66 -19.71
N VAL F 353 -0.52 -12.66 -19.40
CA VAL F 353 0.39 -11.78 -20.11
C VAL F 353 0.41 -12.12 -21.59
N PHE F 354 0.14 -13.38 -21.93
CA PHE F 354 0.15 -13.80 -23.32
C PHE F 354 -0.91 -13.03 -24.11
N GLU F 355 -2.18 -13.15 -23.69
CA GLU F 355 -3.19 -12.49 -24.50
C GLU F 355 -3.18 -10.99 -24.26
N GLN F 356 -2.61 -10.52 -23.15
CA GLN F 356 -2.40 -9.09 -23.03
C GLN F 356 -1.49 -8.59 -24.13
N SER F 357 -0.36 -9.27 -24.34
CA SER F 357 0.55 -8.88 -25.40
C SER F 357 -0.12 -8.99 -26.76
N LEU F 358 -0.91 -10.04 -26.96
CA LEU F 358 -1.64 -10.16 -28.22
C LEU F 358 -2.57 -8.96 -28.44
N LEU F 359 -3.57 -8.80 -27.57
CA LEU F 359 -4.51 -7.70 -27.73
C LEU F 359 -3.79 -6.38 -27.94
N ARG F 360 -2.66 -6.19 -27.26
CA ARG F 360 -1.86 -4.99 -27.52
C ARG F 360 -1.37 -4.98 -28.95
N TYR F 361 -0.92 -6.12 -29.47
CA TYR F 361 -0.43 -6.18 -30.85
C TYR F 361 -1.53 -5.82 -31.84
N ILE F 362 -2.69 -6.46 -31.72
CA ILE F 362 -3.77 -6.15 -32.65
C ILE F 362 -4.20 -4.69 -32.51
N ALA F 363 -4.24 -4.16 -31.28
CA ALA F 363 -4.62 -2.77 -31.11
C ALA F 363 -3.63 -1.84 -31.81
N ALA F 364 -2.34 -2.12 -31.68
CA ALA F 364 -1.34 -1.31 -32.38
C ALA F 364 -1.51 -1.42 -33.88
N GLY F 365 -1.77 -2.64 -34.38
CA GLY F 365 -1.93 -2.81 -35.81
C GLY F 365 -3.14 -2.08 -36.35
N LEU F 366 -4.23 -2.04 -35.59
CA LEU F 366 -5.45 -1.42 -36.04
C LEU F 366 -5.53 0.07 -35.73
N GLY F 367 -4.51 0.63 -35.09
CA GLY F 367 -4.47 2.05 -34.87
C GLY F 367 -5.39 2.57 -33.79
N VAL F 368 -6.00 1.69 -33.01
CA VAL F 368 -6.88 2.10 -31.93
C VAL F 368 -6.25 1.70 -30.60
N SER F 369 -6.62 2.41 -29.54
CA SER F 369 -6.06 2.15 -28.23
C SER F 369 -6.45 0.76 -27.74
N TYR F 370 -5.54 0.14 -27.00
CA TYR F 370 -5.76 -1.23 -26.54
C TYR F 370 -6.95 -1.33 -25.62
N GLU F 371 -7.05 -0.41 -24.67
CA GLU F 371 -8.10 -0.54 -23.66
C GLU F 371 -9.49 -0.40 -24.27
N GLN F 372 -9.69 0.55 -25.18
CA GLN F 372 -11.02 0.70 -25.74
C GLN F 372 -11.35 -0.44 -26.70
N LEU F 373 -10.33 -1.01 -27.35
CA LEU F 373 -10.57 -2.15 -28.21
C LEU F 373 -11.03 -3.35 -27.40
N SER F 374 -10.40 -3.58 -26.25
CA SER F 374 -10.68 -4.74 -25.43
C SER F 374 -11.43 -4.39 -24.16
N ARG F 375 -11.97 -3.18 -24.05
CA ARG F 375 -12.72 -2.70 -22.89
C ARG F 375 -12.15 -3.20 -21.57
N ASN F 376 -10.82 -3.17 -21.45
CA ASN F 376 -10.12 -3.57 -20.24
C ASN F 376 -9.49 -2.33 -19.64
N TYR F 377 -10.20 -1.69 -18.73
CA TYR F 377 -9.78 -0.42 -18.14
C TYR F 377 -9.19 -0.60 -16.75
N ALA F 378 -8.68 -1.78 -16.43
CA ALA F 378 -8.19 -2.07 -15.10
C ALA F 378 -7.02 -1.17 -14.75
N GLN F 379 -6.93 -0.78 -13.48
CA GLN F 379 -5.82 -0.03 -12.88
C GLN F 379 -5.42 1.19 -13.69
N MET F 380 -6.31 1.70 -14.53
CA MET F 380 -5.97 2.76 -15.46
C MET F 380 -6.13 4.12 -14.79
N SER F 381 -5.12 4.96 -14.93
CA SER F 381 -5.15 6.30 -14.36
C SER F 381 -5.93 7.25 -15.28
N TYR F 382 -6.34 8.38 -14.71
CA TYR F 382 -7.09 9.36 -15.49
C TYR F 382 -6.23 9.96 -16.60
N SER F 383 -5.04 10.45 -16.22
CA SER F 383 -4.19 11.11 -17.20
C SER F 383 -3.77 10.14 -18.30
N THR F 384 -3.43 8.92 -17.92
CA THR F 384 -2.99 7.95 -18.91
C THR F 384 -4.13 7.57 -19.86
N ALA F 385 -5.34 7.36 -19.32
CA ALA F 385 -6.48 7.07 -20.17
C ALA F 385 -6.74 8.23 -21.12
N ARG F 386 -6.62 9.46 -20.62
CA ARG F 386 -6.83 10.62 -21.48
C ARG F 386 -5.79 10.66 -22.58
N ALA F 387 -4.53 10.33 -22.27
CA ALA F 387 -3.50 10.32 -23.29
C ALA F 387 -3.78 9.28 -24.37
N SER F 388 -4.19 8.08 -23.95
CA SER F 388 -4.50 7.05 -24.94
C SER F 388 -5.66 7.47 -25.83
N ALA F 389 -6.71 8.02 -25.21
CA ALA F 389 -7.82 8.56 -26.00
C ALA F 389 -7.35 9.65 -26.93
N ASN F 390 -6.38 10.45 -26.50
CA ASN F 390 -5.83 11.51 -27.35
C ASN F 390 -5.19 10.92 -28.59
N GLU F 391 -4.37 9.89 -28.41
CA GLU F 391 -3.71 9.28 -29.56
C GLU F 391 -4.73 8.70 -30.53
N SER F 392 -5.68 7.92 -30.01
CA SER F 392 -6.69 7.34 -30.86
C SER F 392 -7.49 8.42 -31.57
N TRP F 393 -7.79 9.51 -30.87
CA TRP F 393 -8.57 10.59 -31.45
C TRP F 393 -7.82 11.28 -32.57
N ALA F 394 -6.50 11.47 -32.41
CA ALA F 394 -5.72 12.07 -33.47
C ALA F 394 -5.74 11.18 -34.71
N TYR F 395 -5.53 9.88 -34.52
CA TYR F 395 -5.64 8.96 -35.66
C TYR F 395 -7.01 9.06 -36.31
N PHE F 396 -8.05 9.18 -35.48
CA PHE F 396 -9.41 9.14 -35.99
C PHE F 396 -9.75 10.38 -36.79
N MET F 397 -9.31 11.55 -36.31
CA MET F 397 -9.48 12.77 -37.10
C MET F 397 -8.70 12.70 -38.40
N GLY F 398 -7.51 12.10 -38.38
CA GLY F 398 -6.80 11.91 -39.64
C GLY F 398 -7.64 11.13 -40.63
N ARG F 399 -8.17 9.98 -40.20
CA ARG F 399 -8.95 9.17 -41.13
C ARG F 399 -10.23 9.88 -41.55
N ARG F 400 -10.88 10.58 -40.62
CA ARG F 400 -12.10 11.30 -40.98
C ARG F 400 -11.81 12.36 -42.02
N LYS F 401 -10.70 13.09 -41.86
CA LYS F 401 -10.35 14.12 -42.82
C LYS F 401 -10.04 13.51 -44.19
N PHE F 402 -9.34 12.39 -44.22
CA PHE F 402 -8.85 11.90 -45.50
C PHE F 402 -9.78 10.90 -46.18
N VAL F 403 -10.77 10.36 -45.48
CA VAL F 403 -11.66 9.35 -46.04
C VAL F 403 -13.09 9.87 -46.16
N ALA F 404 -13.74 10.13 -45.03
CA ALA F 404 -15.14 10.52 -45.06
C ALA F 404 -15.32 11.88 -45.73
N SER F 405 -14.43 12.82 -45.43
CA SER F 405 -14.60 14.18 -45.92
C SER F 405 -14.57 14.24 -47.45
N ARG F 406 -13.63 13.53 -48.06
CA ARG F 406 -13.50 13.59 -49.51
C ARG F 406 -14.73 13.02 -50.20
N GLN F 407 -15.18 11.85 -49.76
CA GLN F 407 -16.33 11.21 -50.37
C GLN F 407 -17.60 12.04 -50.17
N ALA F 408 -17.78 12.58 -48.96
CA ALA F 408 -18.92 13.45 -48.71
C ALA F 408 -18.89 14.67 -49.61
N SER F 409 -17.70 15.27 -49.77
CA SER F 409 -17.57 16.41 -50.66
C SER F 409 -17.92 16.03 -52.09
N GLN F 410 -17.58 14.81 -52.50
CA GLN F 410 -17.94 14.36 -53.84
C GLN F 410 -19.45 14.34 -54.03
N MET F 411 -20.17 13.68 -53.13
CA MET F 411 -21.62 13.66 -53.30
C MET F 411 -22.20 15.07 -53.21
N PHE F 412 -21.66 15.88 -52.31
CA PHE F 412 -22.16 17.25 -52.19
C PHE F 412 -21.97 18.02 -53.48
N LEU F 413 -20.83 17.85 -54.13
CA LEU F 413 -20.59 18.54 -55.39
C LEU F 413 -21.60 18.09 -56.44
N CYS F 414 -21.84 16.77 -56.54
CA CYS F 414 -22.79 16.30 -57.52
C CYS F 414 -24.19 16.87 -57.26
N TRP F 415 -24.63 16.81 -56.01
CA TRP F 415 -25.97 17.29 -55.69
C TRP F 415 -26.09 18.79 -55.92
N LEU F 416 -25.06 19.55 -55.58
CA LEU F 416 -25.11 20.99 -55.77
C LEU F 416 -25.14 21.32 -57.25
N GLU F 417 -24.40 20.57 -58.07
CA GLU F 417 -24.47 20.76 -59.51
C GLU F 417 -25.88 20.53 -60.01
N GLU F 418 -26.52 19.46 -59.54
CA GLU F 418 -27.90 19.21 -59.93
C GLU F 418 -28.82 20.34 -59.48
N ALA F 419 -28.62 20.84 -58.26
CA ALA F 419 -29.48 21.88 -57.72
C ALA F 419 -29.36 23.17 -58.53
N ILE F 420 -28.13 23.58 -58.87
CA ILE F 420 -27.96 24.76 -59.70
C ILE F 420 -28.55 24.53 -61.08
N VAL F 421 -28.43 23.31 -61.60
CA VAL F 421 -29.03 22.99 -62.90
C VAL F 421 -30.52 23.28 -62.87
N ARG F 422 -31.19 22.91 -61.78
CA ARG F 422 -32.62 23.10 -61.64
C ARG F 422 -32.97 24.44 -61.01
N ARG F 423 -31.98 25.30 -60.76
CA ARG F 423 -32.19 26.62 -60.18
C ARG F 423 -32.89 26.57 -58.84
N VAL F 424 -32.73 25.47 -58.10
CA VAL F 424 -33.24 25.42 -56.74
C VAL F 424 -32.53 26.46 -55.88
N VAL F 425 -31.24 26.65 -56.12
CA VAL F 425 -30.48 27.73 -55.52
C VAL F 425 -30.05 28.68 -56.63
N THR F 426 -29.66 29.87 -56.24
CA THR F 426 -29.28 30.92 -57.19
C THR F 426 -27.85 31.37 -56.92
N LEU F 427 -27.03 31.36 -57.97
CA LEU F 427 -25.68 31.86 -57.87
C LEU F 427 -25.69 33.38 -57.73
N PRO F 428 -24.65 33.96 -57.13
CA PRO F 428 -24.53 35.42 -57.10
C PRO F 428 -24.49 36.00 -58.51
N SER F 429 -25.12 37.17 -58.67
CA SER F 429 -25.20 37.79 -59.99
C SER F 429 -23.83 38.18 -60.51
N LYS F 430 -22.96 38.71 -59.64
CA LYS F 430 -21.66 39.21 -60.04
C LYS F 430 -20.58 38.13 -59.99
N ALA F 431 -20.97 36.87 -60.19
CA ALA F 431 -20.02 35.77 -60.09
C ALA F 431 -18.87 35.96 -61.07
N ARG F 432 -17.64 35.83 -60.56
CA ARG F 432 -16.47 35.96 -61.41
C ARG F 432 -16.38 34.81 -62.40
N PHE F 433 -16.75 33.61 -61.97
CA PHE F 433 -16.73 32.43 -62.83
C PHE F 433 -18.03 31.66 -62.66
N SER F 434 -18.38 30.90 -63.69
CA SER F 434 -19.53 30.03 -63.60
C SER F 434 -19.23 28.87 -62.66
N PHE F 435 -20.27 28.11 -62.33
CA PHE F 435 -20.08 26.98 -61.43
C PHE F 435 -19.14 25.95 -62.02
N GLN F 436 -19.28 25.66 -63.32
CA GLN F 436 -18.46 24.62 -63.94
C GLN F 436 -16.98 24.99 -63.87
N GLU F 437 -16.65 26.25 -64.10
CA GLU F 437 -15.26 26.66 -64.10
C GLU F 437 -14.65 26.60 -62.71
N ALA F 438 -15.43 26.88 -61.67
CA ALA F 438 -14.93 27.02 -60.31
C ALA F 438 -15.69 26.12 -59.37
N ARG F 439 -15.84 24.84 -59.75
CA ARG F 439 -16.58 23.90 -58.92
C ARG F 439 -16.00 23.81 -57.52
N SER F 440 -14.68 23.80 -57.40
CA SER F 440 -14.07 23.75 -56.08
C SER F 440 -14.37 25.01 -55.29
N ALA F 441 -14.33 26.18 -55.94
CA ALA F 441 -14.57 27.44 -55.24
C ALA F 441 -15.98 27.50 -54.68
N TRP F 442 -16.98 27.22 -55.51
CA TRP F 442 -18.35 27.21 -55.04
C TRP F 442 -18.58 26.09 -54.03
N GLY F 443 -18.01 24.93 -54.27
CA GLY F 443 -18.24 23.75 -53.46
C GLY F 443 -17.33 23.59 -52.27
N ASN F 444 -16.52 24.59 -51.94
CA ASN F 444 -15.65 24.50 -50.78
C ASN F 444 -16.47 24.30 -49.53
N CYS F 445 -16.42 23.10 -48.96
CA CYS F 445 -17.25 22.74 -47.83
C CYS F 445 -16.44 21.95 -46.83
N ASP F 446 -16.85 22.03 -45.57
CA ASP F 446 -16.23 21.24 -44.52
C ASP F 446 -17.29 20.52 -43.70
N TRP F 447 -16.93 19.36 -43.20
CA TRP F 447 -17.88 18.47 -42.56
C TRP F 447 -17.53 18.30 -41.10
N ILE F 448 -18.56 18.32 -40.25
CA ILE F 448 -18.39 18.17 -38.82
C ILE F 448 -19.12 16.91 -38.38
N GLY F 449 -18.38 15.98 -37.78
CA GLY F 449 -18.94 14.75 -37.28
C GLY F 449 -19.16 14.80 -35.78
N SER F 450 -19.20 13.62 -35.18
CA SER F 450 -19.30 13.53 -33.73
C SER F 450 -18.06 14.13 -33.09
N GLY F 451 -18.26 15.01 -32.12
CA GLY F 451 -17.14 15.64 -31.47
C GLY F 451 -16.47 14.74 -30.45
N ARG F 452 -15.33 15.20 -29.95
CA ARG F 452 -14.64 14.46 -28.89
C ARG F 452 -15.46 14.54 -27.62
N MET F 453 -15.86 13.38 -27.11
CA MET F 453 -16.78 13.34 -25.99
C MET F 453 -15.99 13.21 -24.70
N ALA F 454 -16.39 13.98 -23.69
CA ALA F 454 -15.53 14.26 -22.55
C ALA F 454 -15.24 13.01 -21.74
N ILE F 455 -13.97 12.87 -21.31
CA ILE F 455 -13.62 11.86 -20.34
C ILE F 455 -14.18 12.23 -18.97
N ASP F 456 -14.04 13.50 -18.59
CA ASP F 456 -14.42 13.99 -17.28
C ASP F 456 -15.47 15.10 -17.32
N GLY F 457 -15.49 15.90 -18.38
CA GLY F 457 -16.41 17.01 -18.48
C GLY F 457 -15.90 18.36 -17.99
N LEU F 458 -15.69 18.51 -16.68
CA LEU F 458 -15.35 19.82 -16.12
C LEU F 458 -14.09 20.40 -16.73
N LYS F 459 -13.02 19.61 -16.81
CA LYS F 459 -11.73 20.18 -17.19
C LYS F 459 -11.79 20.71 -18.62
N GLU F 460 -12.37 19.96 -19.54
CA GLU F 460 -12.50 20.42 -20.93
C GLU F 460 -13.51 21.57 -21.05
N VAL F 461 -14.54 21.60 -20.20
CA VAL F 461 -15.46 22.73 -20.23
C VAL F 461 -14.73 24.00 -19.82
N GLN F 462 -13.92 23.93 -18.76
CA GLN F 462 -13.06 25.06 -18.41
C GLN F 462 -12.13 25.39 -19.56
N GLU F 463 -11.69 24.36 -20.29
CA GLU F 463 -10.79 24.60 -21.41
C GLU F 463 -11.45 25.51 -22.43
N ALA F 464 -12.68 25.14 -22.82
CA ALA F 464 -13.42 25.94 -23.78
C ALA F 464 -13.69 27.33 -23.23
N VAL F 465 -14.02 27.44 -21.95
CA VAL F 465 -14.33 28.74 -21.37
C VAL F 465 -13.12 29.66 -21.47
N MET F 466 -11.95 29.18 -21.01
CA MET F 466 -10.74 29.98 -21.06
C MET F 466 -10.35 30.30 -22.50
N LEU F 467 -10.47 29.34 -23.40
CA LEU F 467 -10.09 29.58 -24.79
C LEU F 467 -10.96 30.65 -25.41
N ILE F 468 -12.26 30.62 -25.14
CA ILE F 468 -13.16 31.57 -25.75
C ILE F 468 -13.06 32.93 -25.08
N GLU F 469 -12.67 32.99 -23.81
CA GLU F 469 -12.61 34.27 -23.12
C GLU F 469 -11.25 34.96 -23.28
N ALA F 470 -10.18 34.20 -23.48
CA ALA F 470 -8.85 34.77 -23.57
C ALA F 470 -8.41 35.03 -25.00
N GLY F 471 -9.30 34.81 -25.97
CA GLY F 471 -9.05 35.21 -27.34
C GLY F 471 -8.26 34.24 -28.18
N LEU F 472 -7.88 33.09 -27.65
CA LEU F 472 -7.15 32.11 -28.44
C LEU F 472 -8.05 31.22 -29.28
N SER F 473 -9.37 31.41 -29.21
CA SER F 473 -10.28 30.51 -29.90
C SER F 473 -11.58 31.24 -30.21
N THR F 474 -12.35 30.65 -31.12
CA THR F 474 -13.59 31.22 -31.61
C THR F 474 -14.68 30.17 -31.60
N TYR F 475 -15.91 30.65 -31.41
CA TYR F 475 -17.03 29.77 -31.05
C TYR F 475 -17.19 28.62 -32.03
N GLU F 476 -16.89 28.83 -33.32
CA GLU F 476 -17.17 27.80 -34.31
C GLU F 476 -16.42 26.52 -34.02
N LYS F 477 -15.15 26.62 -33.62
CA LYS F 477 -14.42 25.39 -33.36
C LYS F 477 -14.81 24.76 -32.04
N GLU F 478 -15.25 25.56 -31.07
CA GLU F 478 -15.78 24.98 -29.83
C GLU F 478 -17.02 24.15 -30.11
N CYS F 479 -17.92 24.67 -30.95
CA CYS F 479 -19.05 23.86 -31.37
C CYS F 479 -18.60 22.70 -32.25
N ALA F 480 -17.47 22.86 -32.95
CA ALA F 480 -16.97 21.80 -33.81
C ALA F 480 -16.52 20.59 -32.99
N LYS F 481 -15.68 20.81 -31.98
CA LYS F 481 -15.27 19.68 -31.17
C LYS F 481 -16.40 19.18 -30.28
N ARG F 482 -17.51 19.91 -30.20
CA ARG F 482 -18.70 19.41 -29.53
C ARG F 482 -19.79 19.01 -30.53
N GLY F 483 -19.47 19.00 -31.81
CA GLY F 483 -20.42 18.57 -32.83
C GLY F 483 -21.61 19.50 -32.99
N ASP F 484 -21.37 20.81 -33.03
CA ASP F 484 -22.43 21.78 -33.22
C ASP F 484 -21.95 22.87 -34.17
N ASP F 485 -22.86 23.76 -34.53
CA ASP F 485 -22.54 24.95 -35.32
C ASP F 485 -23.05 26.16 -34.55
N TYR F 486 -22.28 27.24 -34.58
CA TYR F 486 -22.59 28.38 -33.74
C TYR F 486 -23.69 29.27 -34.31
N GLN F 487 -24.04 29.13 -35.59
CA GLN F 487 -25.09 29.97 -36.15
C GLN F 487 -26.44 29.65 -35.51
N GLU F 488 -26.88 28.40 -35.66
CA GLU F 488 -28.14 28.00 -35.04
C GLU F 488 -28.05 28.05 -33.53
N ILE F 489 -26.85 27.90 -32.98
CA ILE F 489 -26.68 28.04 -31.54
C ILE F 489 -27.02 29.47 -31.12
N PHE F 490 -26.50 30.46 -31.85
CA PHE F 490 -26.80 31.84 -31.54
C PHE F 490 -28.28 32.13 -31.73
N ALA F 491 -28.87 31.63 -32.82
CA ALA F 491 -30.28 31.86 -33.06
C ALA F 491 -31.13 31.27 -31.94
N GLN F 492 -30.81 30.05 -31.52
CA GLN F 492 -31.56 29.41 -30.45
C GLN F 492 -31.35 30.12 -29.12
N GLN F 493 -30.15 30.64 -28.86
CA GLN F 493 -29.94 31.41 -27.65
C GLN F 493 -30.79 32.67 -27.66
N VAL F 494 -30.85 33.34 -28.81
CA VAL F 494 -31.71 34.52 -28.93
C VAL F 494 -33.16 34.16 -28.63
N ARG F 495 -33.62 33.07 -29.22
CA ARG F 495 -35.00 32.64 -29.01
C ARG F 495 -35.24 32.30 -27.54
N GLU F 496 -34.30 31.60 -26.91
CA GLU F 496 -34.45 31.24 -25.51
C GLU F 496 -34.54 32.50 -24.65
N THR F 497 -33.66 33.46 -24.91
CA THR F 497 -33.66 34.69 -24.12
C THR F 497 -34.97 35.45 -24.28
N MET F 498 -35.46 35.60 -25.52
CA MET F 498 -36.64 36.44 -25.67
C MET F 498 -37.88 35.70 -25.19
N GLU F 499 -37.88 34.36 -25.23
CA GLU F 499 -38.97 33.62 -24.60
C GLU F 499 -38.95 33.78 -23.09
N ARG F 500 -37.76 33.65 -22.49
CA ARG F 500 -37.66 33.74 -21.04
C ARG F 500 -38.07 35.11 -20.55
N ARG F 501 -37.65 36.16 -21.24
CA ARG F 501 -38.07 37.51 -20.85
C ARG F 501 -39.53 37.76 -21.22
N ALA F 502 -40.05 37.11 -22.26
CA ALA F 502 -41.46 37.22 -22.57
C ALA F 502 -42.33 36.52 -21.53
N ALA F 503 -41.78 35.49 -20.88
CA ALA F 503 -42.50 34.75 -19.86
C ALA F 503 -42.18 35.21 -18.45
N GLY F 504 -41.39 36.28 -18.30
CA GLY F 504 -41.08 36.82 -16.99
C GLY F 504 -39.91 36.16 -16.29
N LEU F 505 -39.32 35.12 -16.87
CA LEU F 505 -38.18 34.48 -16.25
C LEU F 505 -36.93 35.35 -16.39
N LYS F 506 -35.99 35.13 -15.49
CA LYS F 506 -34.73 35.86 -15.53
C LYS F 506 -33.92 35.38 -16.72
N PRO F 507 -33.51 36.27 -17.65
CA PRO F 507 -32.78 35.87 -18.85
C PRO F 507 -31.39 35.30 -18.55
N GLN G 34 0.58 -22.89 -40.88
CA GLN G 34 -0.28 -22.01 -40.08
C GLN G 34 -1.38 -21.40 -40.94
N LEU G 35 -1.14 -20.18 -41.42
CA LEU G 35 -2.13 -19.49 -42.24
C LEU G 35 -2.34 -20.19 -43.58
N ARG G 36 -1.42 -21.05 -44.00
CA ARG G 36 -1.57 -21.76 -45.26
C ARG G 36 -2.66 -22.81 -45.21
N SER G 37 -3.19 -23.12 -44.03
CA SER G 37 -4.23 -24.13 -43.87
C SER G 37 -5.62 -23.52 -43.78
N TRP G 38 -5.77 -22.24 -44.12
CA TRP G 38 -7.04 -21.53 -43.96
C TRP G 38 -7.21 -20.58 -45.14
N ASN G 39 -8.05 -20.96 -46.09
CA ASN G 39 -8.32 -20.19 -47.29
C ASN G 39 -9.82 -20.05 -47.47
N PRO G 40 -10.47 -19.17 -46.72
CA PRO G 40 -11.91 -18.98 -46.88
C PRO G 40 -12.22 -18.40 -48.24
N PRO G 41 -13.39 -18.72 -48.80
CA PRO G 41 -13.75 -18.18 -50.12
C PRO G 41 -14.24 -16.75 -50.01
N SER G 42 -14.48 -16.15 -51.19
CA SER G 42 -14.97 -14.79 -51.29
C SER G 42 -16.35 -14.82 -51.94
N GLU G 43 -17.39 -14.69 -51.11
CA GLU G 43 -18.77 -14.64 -51.58
C GLU G 43 -19.43 -13.40 -51.02
N SER G 44 -20.50 -12.94 -51.69
CA SER G 44 -21.18 -11.74 -51.23
C SER G 44 -21.85 -12.00 -49.88
N VAL G 45 -22.10 -10.91 -49.17
CA VAL G 45 -22.63 -11.01 -47.82
C VAL G 45 -23.93 -11.80 -47.81
N ASP G 46 -24.83 -11.48 -48.75
CA ASP G 46 -26.06 -12.25 -48.86
C ASP G 46 -25.76 -13.71 -49.19
N ALA G 47 -24.79 -13.96 -50.07
CA ALA G 47 -24.44 -15.33 -50.42
C ALA G 47 -23.91 -16.10 -49.23
N ALA G 48 -23.26 -15.41 -48.29
CA ALA G 48 -22.72 -16.05 -47.10
C ALA G 48 -23.69 -16.00 -45.92
N LEU G 49 -24.85 -15.36 -46.09
CA LEU G 49 -25.81 -15.22 -45.00
C LEU G 49 -27.08 -16.02 -45.22
N LEU G 50 -27.69 -15.88 -46.40
CA LEU G 50 -28.99 -16.51 -46.64
C LEU G 50 -28.99 -18.02 -46.44
N PRO G 51 -28.01 -18.80 -46.92
CA PRO G 51 -28.09 -20.25 -46.75
C PRO G 51 -28.21 -20.70 -45.31
N ASN G 52 -27.59 -19.99 -44.37
CA ASN G 52 -27.66 -20.34 -42.96
C ASN G 52 -28.47 -19.34 -42.14
N PHE G 53 -29.30 -18.53 -42.80
CA PHE G 53 -30.03 -17.48 -42.10
C PHE G 53 -30.98 -18.07 -41.06
N THR G 54 -31.73 -19.09 -41.44
CA THR G 54 -32.71 -19.67 -40.52
C THR G 54 -32.01 -20.30 -39.31
N ARG G 55 -30.93 -21.04 -39.56
CA ARG G 55 -30.22 -21.67 -38.46
C ARG G 55 -29.59 -20.63 -37.54
N GLY G 56 -29.05 -19.57 -38.12
CA GLY G 56 -28.47 -18.52 -37.29
C GLY G 56 -29.51 -17.83 -36.42
N ASN G 57 -30.68 -17.54 -37.00
CA ASN G 57 -31.74 -16.93 -36.21
C ASN G 57 -32.20 -17.85 -35.10
N ALA G 58 -32.37 -19.14 -35.41
CA ALA G 58 -32.79 -20.09 -34.39
C ALA G 58 -31.78 -20.18 -33.26
N ARG G 59 -30.49 -20.24 -33.62
CA ARG G 59 -29.45 -20.32 -32.60
C ARG G 59 -29.42 -19.07 -31.75
N ALA G 60 -29.58 -17.90 -32.37
CA ALA G 60 -29.62 -16.67 -31.61
C ALA G 60 -30.80 -16.65 -30.65
N ASP G 61 -31.96 -17.13 -31.10
CA ASP G 61 -33.12 -17.19 -30.23
C ASP G 61 -32.86 -18.12 -29.05
N ASP G 62 -32.23 -19.27 -29.32
CA ASP G 62 -31.89 -20.18 -28.23
C ASP G 62 -30.98 -19.49 -27.24
N LEU G 63 -29.97 -18.77 -27.74
CA LEU G 63 -29.03 -18.10 -26.85
C LEU G 63 -29.72 -17.07 -25.98
N VAL G 64 -30.59 -16.25 -26.57
CA VAL G 64 -31.22 -15.23 -25.74
C VAL G 64 -32.19 -15.86 -24.76
N ARG G 65 -32.92 -16.89 -25.17
CA ARG G 65 -33.88 -17.51 -24.26
C ARG G 65 -33.20 -18.19 -23.09
N ASN G 66 -32.09 -18.88 -23.32
CA ASN G 66 -31.52 -19.73 -22.28
C ASN G 66 -30.34 -19.13 -21.54
N ASN G 67 -29.52 -18.33 -22.21
CA ASN G 67 -28.30 -17.80 -21.60
C ASN G 67 -28.60 -16.51 -20.86
N GLY G 68 -28.06 -16.39 -19.65
CA GLY G 68 -28.30 -15.19 -18.85
C GLY G 68 -27.68 -13.95 -19.45
N TYR G 69 -26.44 -14.06 -19.93
CA TYR G 69 -25.76 -12.86 -20.44
C TYR G 69 -26.47 -12.30 -21.66
N ALA G 70 -27.00 -13.17 -22.52
CA ALA G 70 -27.72 -12.68 -23.69
C ALA G 70 -28.94 -11.86 -23.27
N ALA G 71 -29.69 -12.35 -22.28
CA ALA G 71 -30.83 -11.59 -21.78
C ALA G 71 -30.38 -10.27 -21.18
N ASN G 72 -29.29 -10.30 -20.42
CA ASN G 72 -28.79 -9.07 -19.82
C ASN G 72 -28.42 -8.07 -20.90
N ALA G 73 -27.76 -8.53 -21.96
CA ALA G 73 -27.35 -7.63 -23.04
C ALA G 73 -28.55 -7.05 -23.75
N ILE G 74 -29.54 -7.88 -24.07
CA ILE G 74 -30.71 -7.37 -24.78
C ILE G 74 -31.45 -6.37 -23.90
N GLN G 75 -31.47 -6.61 -22.59
CA GLN G 75 -32.15 -5.72 -21.66
C GLN G 75 -31.40 -4.38 -21.57
N LEU G 76 -30.07 -4.44 -21.51
CA LEU G 76 -29.28 -3.21 -21.53
C LEU G 76 -29.54 -2.42 -22.80
N HIS G 77 -29.56 -3.10 -23.94
CA HIS G 77 -29.92 -2.42 -25.18
C HIS G 77 -31.29 -1.79 -25.06
N GLN G 78 -32.23 -2.51 -24.46
CA GLN G 78 -33.60 -2.03 -24.37
C GLN G 78 -33.65 -0.68 -23.65
N ASP G 79 -33.08 -0.59 -22.45
CA ASP G 79 -33.24 0.67 -21.74
C ASP G 79 -32.28 1.74 -22.24
N HIS G 80 -31.08 1.37 -22.65
CA HIS G 80 -30.13 2.41 -23.03
C HIS G 80 -30.50 3.04 -24.36
N ILE G 81 -30.93 2.22 -25.33
CA ILE G 81 -31.32 2.78 -26.63
C ILE G 81 -32.59 3.60 -26.49
N VAL G 82 -33.59 3.07 -25.79
CA VAL G 82 -34.90 3.69 -25.71
C VAL G 82 -35.11 4.36 -24.36
N GLY G 83 -35.09 3.59 -23.28
CA GLY G 83 -35.37 4.13 -21.97
C GLY G 83 -36.82 3.95 -21.57
N SER G 84 -37.20 4.69 -20.53
CA SER G 84 -38.56 4.59 -20.02
C SER G 84 -39.57 5.09 -21.03
N PHE G 85 -39.24 6.13 -21.78
CA PHE G 85 -40.20 6.73 -22.70
C PHE G 85 -39.47 7.36 -23.87
N PHE G 86 -40.15 7.40 -25.01
CA PHE G 86 -39.63 7.95 -26.26
C PHE G 86 -40.56 9.08 -26.69
N ARG G 87 -40.17 10.31 -26.42
CA ARG G 87 -41.05 11.45 -26.63
C ARG G 87 -40.74 12.13 -27.96
N LEU G 88 -41.80 12.44 -28.70
CA LEU G 88 -41.69 13.09 -29.99
C LEU G 88 -41.40 14.57 -29.83
N SER G 89 -40.73 15.14 -30.84
CA SER G 89 -40.59 16.59 -30.97
C SER G 89 -40.70 16.92 -32.45
N HIS G 90 -41.74 17.64 -32.82
CA HIS G 90 -42.01 17.98 -34.20
C HIS G 90 -41.27 19.26 -34.56
N ARG G 91 -40.46 19.20 -35.62
CA ARG G 91 -39.65 20.33 -36.07
C ARG G 91 -39.89 20.55 -37.56
N PRO G 92 -41.05 21.10 -37.91
CA PRO G 92 -41.34 21.33 -39.33
C PRO G 92 -40.36 22.33 -39.93
N SER G 93 -40.03 22.13 -41.20
CA SER G 93 -39.10 23.00 -41.91
C SER G 93 -39.90 24.15 -42.52
N TRP G 94 -40.25 25.12 -41.67
CA TRP G 94 -41.03 26.27 -42.13
C TRP G 94 -40.27 27.07 -43.17
N ARG G 95 -38.93 27.09 -43.07
CA ARG G 95 -38.15 27.84 -44.04
C ARG G 95 -38.32 27.28 -45.45
N TYR G 96 -38.20 25.97 -45.59
CA TYR G 96 -38.40 25.35 -46.90
C TYR G 96 -39.83 25.57 -47.38
N LEU G 97 -40.81 25.41 -46.49
CA LEU G 97 -42.20 25.59 -46.86
C LEU G 97 -42.61 27.06 -46.90
N GLY G 98 -41.73 27.97 -46.49
CA GLY G 98 -42.08 29.38 -46.48
C GLY G 98 -43.23 29.70 -45.55
N ILE G 99 -43.19 29.18 -44.33
CA ILE G 99 -44.26 29.36 -43.37
C ILE G 99 -43.75 30.22 -42.23
N GLY G 100 -44.62 31.09 -41.71
CA GLY G 100 -44.26 31.86 -40.54
C GLY G 100 -43.87 30.96 -39.39
N GLU G 101 -42.76 31.29 -38.74
CA GLU G 101 -42.20 30.41 -37.72
C GLU G 101 -43.17 30.21 -36.57
N GLU G 102 -43.87 31.27 -36.17
CA GLU G 102 -44.87 31.13 -35.11
C GLU G 102 -46.01 30.21 -35.55
N GLU G 103 -46.39 30.29 -36.83
CA GLU G 103 -47.42 29.37 -37.33
C GLU G 103 -46.92 27.93 -37.27
N ALA G 104 -45.66 27.71 -37.63
CA ALA G 104 -45.08 26.37 -37.54
C ALA G 104 -45.06 25.89 -36.09
N ARG G 105 -44.75 26.79 -35.17
CA ARG G 105 -44.73 26.41 -33.75
C ARG G 105 -46.12 26.03 -33.27
N ALA G 106 -47.13 26.81 -33.65
CA ALA G 106 -48.50 26.46 -33.26
C ALA G 106 -48.92 25.13 -33.86
N PHE G 107 -48.58 24.91 -35.13
CA PHE G 107 -48.90 23.64 -35.78
C PHE G 107 -48.22 22.47 -35.08
N SER G 108 -46.95 22.64 -34.72
CA SER G 108 -46.23 21.58 -34.02
C SER G 108 -46.86 21.32 -32.66
N ARG G 109 -47.26 22.38 -31.96
CA ARG G 109 -47.92 22.18 -30.67
C ARG G 109 -49.20 21.37 -30.84
N GLU G 110 -50.01 21.72 -31.84
CA GLU G 110 -51.26 21.00 -32.05
C GLU G 110 -51.00 19.54 -32.39
N VAL G 111 -50.07 19.27 -33.31
CA VAL G 111 -49.83 17.89 -33.72
C VAL G 111 -49.25 17.09 -32.56
N GLU G 112 -48.41 17.72 -31.75
CA GLU G 112 -47.86 17.03 -30.58
C GLU G 112 -48.96 16.71 -29.58
N ALA G 113 -49.87 17.65 -29.35
CA ALA G 113 -50.96 17.40 -28.43
C ALA G 113 -51.82 16.24 -28.90
N ALA G 114 -52.10 16.18 -30.19
CA ALA G 114 -52.79 15.02 -30.73
C ALA G 114 -51.97 13.75 -30.56
N TRP G 115 -50.67 13.85 -30.80
CA TRP G 115 -49.84 12.65 -30.84
C TRP G 115 -49.74 11.98 -29.49
N LYS G 116 -49.52 12.75 -28.42
CA LYS G 116 -49.39 12.09 -27.11
C LYS G 116 -50.67 11.36 -26.75
N GLU G 117 -51.82 12.01 -26.91
CA GLU G 117 -53.07 11.35 -26.54
C GLU G 117 -53.36 10.18 -27.45
N PHE G 118 -52.83 10.19 -28.68
CA PHE G 118 -52.99 9.02 -29.53
C PHE G 118 -52.06 7.89 -29.13
N ALA G 119 -50.86 8.21 -28.64
CA ALA G 119 -49.80 7.22 -28.53
C ALA G 119 -49.94 6.36 -27.28
N GLU G 120 -50.02 6.99 -26.11
CA GLU G 120 -50.02 6.27 -24.84
C GLU G 120 -51.42 5.89 -24.40
N ASP G 121 -52.35 5.69 -25.33
CA ASP G 121 -53.70 5.30 -24.98
C ASP G 121 -53.69 3.98 -24.23
N ASP G 122 -54.53 3.91 -23.20
CA ASP G 122 -54.62 2.70 -22.38
C ASP G 122 -55.13 1.51 -23.17
N CYS G 123 -56.04 1.74 -24.12
CA CYS G 123 -56.64 0.66 -24.89
C CYS G 123 -55.64 -0.06 -25.78
N CYS G 124 -54.45 0.50 -25.97
CA CYS G 124 -53.46 -0.04 -26.91
C CYS G 124 -54.05 -0.12 -28.32
N CYS G 125 -54.93 0.83 -28.64
CA CYS G 125 -55.61 0.80 -29.93
C CYS G 125 -54.64 1.01 -31.09
N ILE G 126 -53.48 1.61 -30.84
CA ILE G 126 -52.48 1.74 -31.89
C ILE G 126 -51.99 0.36 -32.33
N ASP G 127 -52.10 -0.62 -31.44
CA ASP G 127 -51.67 -1.97 -31.76
C ASP G 127 -52.85 -2.78 -32.26
N VAL G 128 -52.67 -3.45 -33.40
CA VAL G 128 -53.70 -4.37 -33.88
C VAL G 128 -53.92 -5.46 -32.86
N GLU G 129 -52.84 -5.95 -32.25
CA GLU G 129 -52.95 -6.99 -31.24
C GLU G 129 -53.50 -6.45 -29.92
N ARG G 130 -53.46 -5.14 -29.72
CA ARG G 130 -54.07 -4.49 -28.56
C ARG G 130 -53.43 -4.94 -27.25
N LYS G 131 -52.10 -5.06 -27.25
CA LYS G 131 -51.39 -5.38 -26.02
C LYS G 131 -50.10 -4.60 -25.82
N ARG G 132 -49.72 -3.73 -26.74
CA ARG G 132 -48.49 -2.96 -26.64
C ARG G 132 -48.78 -1.49 -26.90
N THR G 133 -48.15 -0.63 -26.10
CA THR G 133 -48.21 0.79 -26.40
C THR G 133 -46.99 1.20 -27.21
N PHE G 134 -46.92 2.47 -27.54
CA PHE G 134 -45.89 2.94 -28.46
C PHE G 134 -44.49 2.73 -27.89
N THR G 135 -44.30 3.01 -26.59
CA THR G 135 -42.96 2.91 -26.03
C THR G 135 -42.46 1.48 -26.06
N MET G 136 -43.23 0.54 -25.53
CA MET G 136 -42.83 -0.85 -25.66
C MET G 136 -42.87 -1.32 -27.10
N MET G 137 -43.61 -0.65 -27.98
CA MET G 137 -43.51 -0.97 -29.39
C MET G 137 -42.09 -0.70 -29.90
N ILE G 138 -41.57 0.49 -29.64
CA ILE G 138 -40.20 0.80 -30.06
C ILE G 138 -39.22 -0.13 -29.37
N ARG G 139 -39.47 -0.46 -28.11
CA ARG G 139 -38.57 -1.35 -27.39
C ARG G 139 -38.53 -2.73 -28.02
N GLU G 140 -39.70 -3.29 -28.34
CA GLU G 140 -39.75 -4.57 -29.02
C GLU G 140 -39.05 -4.49 -30.36
N GLY G 141 -39.24 -3.39 -31.08
CA GLY G 141 -38.58 -3.25 -32.37
C GLY G 141 -37.07 -3.24 -32.25
N VAL G 142 -36.54 -2.50 -31.29
CA VAL G 142 -35.08 -2.40 -31.17
C VAL G 142 -34.49 -3.73 -30.69
N ALA G 143 -35.14 -4.38 -29.74
CA ALA G 143 -34.64 -5.69 -29.30
C ALA G 143 -34.72 -6.71 -30.44
N MET G 144 -35.80 -6.66 -31.21
CA MET G 144 -35.96 -7.53 -32.36
C MET G 144 -34.84 -7.32 -33.36
N HIS G 145 -34.53 -6.07 -33.67
CA HIS G 145 -33.44 -5.79 -34.59
C HIS G 145 -32.12 -6.26 -34.03
N ALA G 146 -31.88 -6.05 -32.74
CA ALA G 146 -30.61 -6.42 -32.15
C ALA G 146 -30.39 -7.93 -32.19
N PHE G 147 -31.42 -8.70 -31.87
CA PHE G 147 -31.27 -10.15 -31.77
C PHE G 147 -31.60 -10.89 -33.07
N ASN G 148 -32.10 -10.19 -34.08
CA ASN G 148 -32.37 -10.82 -35.37
C ASN G 148 -31.79 -10.08 -36.55
N GLY G 149 -31.31 -8.85 -36.39
CA GLY G 149 -30.72 -8.11 -37.48
C GLY G 149 -31.67 -7.22 -38.25
N GLU G 150 -32.98 -7.32 -37.99
CA GLU G 150 -33.94 -6.53 -38.74
C GLU G 150 -35.26 -6.50 -37.98
N LEU G 151 -36.18 -5.70 -38.49
CA LEU G 151 -37.53 -5.65 -37.94
C LEU G 151 -38.50 -5.26 -39.03
N PHE G 152 -39.74 -5.76 -38.90
CA PHE G 152 -40.78 -5.56 -39.90
C PHE G 152 -42.06 -5.09 -39.21
N VAL G 153 -42.61 -3.99 -39.69
CA VAL G 153 -43.83 -3.42 -39.15
C VAL G 153 -44.85 -3.30 -40.28
N GLN G 154 -46.11 -3.55 -39.97
CA GLN G 154 -47.19 -3.42 -40.92
C GLN G 154 -48.21 -2.44 -40.38
N ALA G 155 -48.55 -1.46 -41.20
CA ALA G 155 -49.54 -0.44 -40.85
C ALA G 155 -50.87 -0.80 -41.51
N THR G 156 -51.89 -1.04 -40.69
CA THR G 156 -53.19 -1.45 -41.18
C THR G 156 -54.20 -0.32 -40.97
N TRP G 157 -55.22 -0.31 -41.81
CA TRP G 157 -56.29 0.66 -41.74
C TRP G 157 -57.52 -0.02 -41.15
N ASP G 158 -57.78 0.22 -39.87
CA ASP G 158 -58.93 -0.39 -39.22
C ASP G 158 -60.23 0.21 -39.76
N THR G 159 -61.31 -0.56 -39.64
CA THR G 159 -62.63 -0.11 -40.06
C THR G 159 -63.50 0.33 -38.89
N SER G 160 -63.10 0.03 -37.66
CA SER G 160 -63.91 0.39 -36.51
C SER G 160 -63.87 1.90 -36.29
N SER G 161 -65.05 2.49 -36.10
CA SER G 161 -65.17 3.92 -35.88
C SER G 161 -65.13 4.28 -34.39
N SER G 162 -64.93 3.29 -33.52
CA SER G 162 -64.88 3.57 -32.08
C SER G 162 -63.75 4.51 -31.71
N ARG G 163 -62.72 4.62 -32.55
CA ARG G 163 -61.60 5.49 -32.31
C ARG G 163 -61.51 6.53 -33.41
N LEU G 164 -60.98 7.69 -33.07
CA LEU G 164 -60.78 8.74 -34.07
C LEU G 164 -59.78 8.29 -35.12
N PHE G 165 -58.71 7.63 -34.71
CA PHE G 165 -57.67 7.17 -35.62
C PHE G 165 -57.84 5.69 -35.88
N ARG G 166 -57.92 5.32 -37.15
CA ARG G 166 -58.08 3.92 -37.54
C ARG G 166 -56.78 3.29 -38.00
N THR G 167 -55.66 4.01 -37.90
CA THR G 167 -54.37 3.47 -38.29
C THR G 167 -53.78 2.69 -37.12
N GLN G 168 -53.49 1.41 -37.35
CA GLN G 168 -52.94 0.54 -36.33
C GLN G 168 -51.66 -0.09 -36.86
N PHE G 169 -50.88 -0.65 -35.95
CA PHE G 169 -49.59 -1.21 -36.29
C PHE G 169 -49.43 -2.59 -35.70
N ARG G 170 -48.78 -3.48 -36.45
CA ARG G 170 -48.50 -4.83 -35.96
C ARG G 170 -47.13 -5.26 -36.45
N MET G 171 -46.35 -5.86 -35.55
CA MET G 171 -45.04 -6.37 -35.95
C MET G 171 -45.17 -7.72 -36.63
N VAL G 172 -44.18 -8.02 -37.48
CA VAL G 172 -44.07 -9.32 -38.13
C VAL G 172 -42.69 -9.87 -37.83
N SER G 173 -42.64 -11.01 -37.14
CA SER G 173 -41.36 -11.59 -36.81
C SER G 173 -40.64 -12.03 -38.08
N PRO G 174 -39.32 -11.88 -38.15
CA PRO G 174 -38.61 -12.18 -39.40
C PRO G 174 -38.77 -13.61 -39.86
N LYS G 175 -38.96 -14.56 -38.95
CA LYS G 175 -39.13 -15.94 -39.36
C LYS G 175 -40.40 -16.13 -40.17
N ARG G 176 -41.35 -15.19 -40.06
CA ARG G 176 -42.56 -15.24 -40.87
C ARG G 176 -42.35 -14.72 -42.27
N ILE G 177 -41.17 -14.20 -42.58
CA ILE G 177 -40.84 -13.70 -43.91
C ILE G 177 -40.00 -14.75 -44.61
N SER G 178 -40.56 -15.41 -45.61
CA SER G 178 -39.86 -16.45 -46.33
C SER G 178 -40.49 -16.61 -47.71
N ASN G 179 -39.77 -17.32 -48.58
CA ASN G 179 -40.30 -17.59 -49.90
C ASN G 179 -41.55 -18.45 -49.78
N PRO G 180 -42.56 -18.21 -50.61
CA PRO G 180 -43.77 -19.04 -50.55
C PRO G 180 -43.44 -20.50 -50.82
N ASN G 181 -44.06 -21.39 -50.07
CA ASN G 181 -43.89 -22.83 -50.18
C ASN G 181 -42.44 -23.25 -50.05
N ASN G 182 -41.62 -22.41 -49.44
CA ASN G 182 -40.19 -22.68 -49.27
C ASN G 182 -39.53 -23.01 -50.60
N THR G 183 -39.93 -22.30 -51.64
CA THR G 183 -39.40 -22.56 -52.97
C THR G 183 -37.94 -22.15 -53.06
N GLY G 184 -37.29 -22.60 -54.14
CA GLY G 184 -35.89 -22.28 -54.32
C GLY G 184 -35.68 -20.78 -54.47
N ASP G 185 -34.58 -20.30 -53.91
CA ASP G 185 -34.25 -18.88 -53.99
C ASP G 185 -33.93 -18.48 -55.41
N SER G 186 -34.44 -17.33 -55.83
CA SER G 186 -34.19 -16.77 -57.15
C SER G 186 -33.52 -15.41 -57.00
N ARG G 187 -33.07 -14.88 -58.14
CA ARG G 187 -32.39 -13.58 -58.10
C ARG G 187 -33.33 -12.47 -57.66
N ASN G 188 -34.57 -12.48 -58.14
CA ASN G 188 -35.54 -11.46 -57.79
C ASN G 188 -36.36 -11.80 -56.56
N CYS G 189 -36.26 -13.02 -56.05
CA CYS G 189 -37.03 -13.45 -54.88
C CYS G 189 -36.07 -14.16 -53.93
N ARG G 190 -35.62 -13.46 -52.90
CA ARG G 190 -34.68 -14.00 -51.92
C ARG G 190 -35.27 -13.85 -50.54
N ALA G 191 -35.41 -14.96 -49.82
CA ALA G 191 -35.85 -14.94 -48.43
C ALA G 191 -37.18 -14.21 -48.27
N GLY G 192 -38.05 -14.36 -49.26
CA GLY G 192 -39.40 -13.83 -49.17
C GLY G 192 -39.57 -12.39 -49.60
N VAL G 193 -38.51 -11.70 -49.96
CA VAL G 193 -38.63 -10.31 -50.41
C VAL G 193 -38.36 -10.26 -51.91
N GLN G 194 -39.20 -9.51 -52.61
CA GLN G 194 -39.09 -9.33 -54.05
C GLN G 194 -38.28 -8.08 -54.33
N ILE G 195 -37.31 -8.18 -55.24
CA ILE G 195 -36.45 -7.05 -55.56
C ILE G 195 -36.63 -6.72 -57.04
N ASN G 196 -36.33 -5.46 -57.36
CA ASN G 196 -36.38 -5.00 -58.73
C ASN G 196 -35.00 -5.20 -59.38
N ASP G 197 -34.81 -4.59 -60.54
CA ASP G 197 -33.51 -4.66 -61.19
C ASP G 197 -32.41 -4.06 -60.32
N SER G 198 -32.69 -2.92 -59.70
CA SER G 198 -31.72 -2.26 -58.84
C SER G 198 -31.63 -2.89 -57.46
N GLY G 199 -32.51 -3.85 -57.15
CA GLY G 199 -32.51 -4.49 -55.86
C GLY G 199 -33.47 -3.89 -54.85
N ALA G 200 -34.11 -2.77 -55.19
CA ALA G 200 -35.06 -2.15 -54.26
C ALA G 200 -36.21 -3.10 -53.96
N ALA G 201 -36.66 -3.09 -52.71
CA ALA G 201 -37.70 -4.01 -52.26
C ALA G 201 -39.05 -3.59 -52.80
N LEU G 202 -39.56 -4.35 -53.78
CA LEU G 202 -40.89 -4.09 -54.30
C LEU G 202 -41.98 -4.58 -53.36
N GLY G 203 -41.75 -5.70 -52.69
CA GLY G 203 -42.75 -6.26 -51.80
C GLY G 203 -42.16 -7.42 -51.04
N TYR G 204 -43.02 -8.06 -50.25
CA TYR G 204 -42.59 -9.13 -49.35
C TYR G 204 -43.58 -10.27 -49.38
N TYR G 205 -43.12 -11.44 -48.96
CA TYR G 205 -43.97 -12.61 -48.78
C TYR G 205 -43.97 -12.94 -47.30
N VAL G 206 -45.14 -12.82 -46.66
CA VAL G 206 -45.28 -13.05 -45.22
C VAL G 206 -46.04 -14.34 -45.01
N SER G 207 -45.47 -15.21 -44.19
CA SER G 207 -46.11 -16.49 -43.88
C SER G 207 -46.97 -16.35 -42.65
N GLU G 208 -48.09 -17.06 -42.63
CA GLU G 208 -48.97 -17.06 -41.48
C GLU G 208 -48.31 -17.82 -40.32
N ASP G 209 -48.92 -17.71 -39.15
CA ASP G 209 -48.44 -18.46 -38.00
C ASP G 209 -48.63 -19.95 -38.22
N GLY G 210 -47.61 -20.73 -37.85
CA GLY G 210 -47.64 -22.17 -37.97
C GLY G 210 -47.94 -22.92 -36.69
N TYR G 211 -48.44 -22.26 -35.66
CA TYR G 211 -48.68 -22.93 -34.39
C TYR G 211 -50.16 -23.17 -34.18
N PRO G 212 -50.58 -24.38 -33.79
CA PRO G 212 -49.75 -25.58 -33.60
C PRO G 212 -49.31 -26.13 -34.95
N GLY G 213 -48.33 -27.00 -35.01
CA GLY G 213 -47.72 -27.36 -36.29
C GLY G 213 -48.57 -28.22 -37.20
N TRP G 214 -49.90 -28.18 -37.02
CA TRP G 214 -50.81 -29.04 -37.76
C TRP G 214 -51.43 -28.41 -39.00
N MET G 215 -51.08 -27.17 -39.34
CA MET G 215 -51.64 -26.60 -40.55
C MET G 215 -50.53 -26.29 -41.55
N PRO G 216 -50.83 -26.29 -42.84
CA PRO G 216 -49.84 -25.85 -43.84
C PRO G 216 -49.79 -24.33 -43.88
N GLN G 217 -48.58 -23.78 -43.78
CA GLN G 217 -48.41 -22.34 -43.80
C GLN G 217 -48.80 -21.79 -45.16
N LYS G 218 -49.35 -20.58 -45.17
CA LYS G 218 -49.72 -19.88 -46.39
C LYS G 218 -49.00 -18.54 -46.43
N TRP G 219 -48.54 -18.16 -47.61
CA TRP G 219 -47.80 -16.92 -47.81
C TRP G 219 -48.67 -15.89 -48.50
N THR G 220 -48.57 -14.65 -48.03
CA THR G 220 -49.31 -13.52 -48.58
C THR G 220 -48.33 -12.50 -49.14
N TRP G 221 -48.67 -11.93 -50.29
CA TRP G 221 -47.85 -10.90 -50.91
C TRP G 221 -48.27 -9.54 -50.36
N ILE G 222 -47.31 -8.79 -49.85
CA ILE G 222 -47.54 -7.47 -49.28
C ILE G 222 -46.69 -6.47 -50.05
N PRO G 223 -47.28 -5.53 -50.77
CA PRO G 223 -46.49 -4.47 -51.38
C PRO G 223 -45.80 -3.63 -50.32
N ARG G 224 -44.60 -3.15 -50.66
CA ARG G 224 -43.82 -2.39 -49.69
C ARG G 224 -44.55 -1.12 -49.27
N GLU G 225 -45.12 -0.40 -50.23
CA GLU G 225 -45.82 0.85 -49.94
C GLU G 225 -47.10 0.91 -50.75
N LEU G 226 -48.04 1.71 -50.26
CA LEU G 226 -49.31 1.87 -50.93
C LEU G 226 -49.14 2.65 -52.23
N PRO G 227 -50.11 2.53 -53.15
CA PRO G 227 -50.01 3.30 -54.40
C PRO G 227 -49.91 4.80 -54.19
N GLY G 228 -50.52 5.32 -53.13
CA GLY G 228 -50.44 6.73 -52.83
C GLY G 228 -49.17 7.17 -52.16
N GLY G 229 -48.18 6.28 -52.04
CA GLY G 229 -46.94 6.58 -51.37
C GLY G 229 -46.96 6.35 -49.87
N ARG G 230 -48.11 6.00 -49.30
CA ARG G 230 -48.17 5.69 -47.88
C ARG G 230 -47.43 4.39 -47.60
N ALA G 231 -46.66 4.40 -46.52
CA ALA G 231 -45.84 3.25 -46.18
C ALA G 231 -46.68 2.12 -45.58
N SER G 232 -47.15 1.21 -46.41
CA SER G 232 -47.94 0.09 -45.91
C SER G 232 -47.08 -0.84 -45.07
N PHE G 233 -45.87 -1.15 -45.52
CA PHE G 233 -44.98 -2.07 -44.83
C PHE G 233 -43.63 -1.40 -44.65
N ILE G 234 -43.04 -1.55 -43.47
CA ILE G 234 -41.76 -0.94 -43.13
C ILE G 234 -40.79 -2.03 -42.74
N HIS G 235 -39.62 -2.02 -43.37
CA HIS G 235 -38.53 -2.93 -43.05
C HIS G 235 -37.33 -2.11 -42.62
N VAL G 236 -36.89 -2.30 -41.37
CA VAL G 236 -35.80 -1.50 -40.82
C VAL G 236 -34.68 -2.43 -40.43
N PHE G 237 -33.48 -2.16 -40.94
CA PHE G 237 -32.28 -2.91 -40.60
C PHE G 237 -31.09 -2.10 -41.07
N GLU G 238 -29.90 -2.58 -40.71
CA GLU G 238 -28.68 -1.91 -41.13
C GLU G 238 -27.98 -2.80 -42.15
N PRO G 239 -27.73 -2.30 -43.35
CA PRO G 239 -26.95 -3.07 -44.33
C PRO G 239 -25.48 -2.67 -44.33
N VAL G 240 -24.62 -3.66 -44.54
CA VAL G 240 -23.17 -3.42 -44.57
C VAL G 240 -22.61 -3.34 -45.99
N GLU G 241 -23.39 -3.74 -47.00
CA GLU G 241 -22.91 -3.70 -48.38
C GLU G 241 -24.13 -3.74 -49.29
N ASP G 242 -23.88 -3.40 -50.57
CA ASP G 242 -24.95 -3.40 -51.56
C ASP G 242 -25.53 -4.80 -51.73
N GLY G 243 -26.84 -4.87 -51.91
CA GLY G 243 -27.51 -6.12 -52.19
C GLY G 243 -27.91 -6.93 -50.98
N GLN G 244 -27.55 -6.48 -49.77
CA GLN G 244 -27.93 -7.21 -48.57
C GLN G 244 -29.42 -7.01 -48.34
N THR G 245 -30.19 -8.09 -48.43
CA THR G 245 -31.64 -8.00 -48.30
C THR G 245 -32.13 -8.29 -46.90
N ARG G 246 -31.36 -9.00 -46.09
CA ARG G 246 -31.74 -9.32 -44.72
C ARG G 246 -30.61 -8.94 -43.77
N GLY G 247 -30.97 -8.36 -42.64
CA GLY G 247 -29.98 -8.02 -41.65
C GLY G 247 -29.42 -9.24 -40.95
N ALA G 248 -28.24 -9.07 -40.37
CA ALA G 248 -27.57 -10.13 -39.62
C ALA G 248 -27.47 -9.72 -38.17
N ASN G 249 -27.94 -10.59 -37.27
CA ASN G 249 -27.88 -10.30 -35.86
C ASN G 249 -26.43 -10.24 -35.39
N VAL G 250 -26.20 -9.42 -34.36
CA VAL G 250 -24.85 -9.24 -33.85
C VAL G 250 -24.31 -10.53 -33.26
N PHE G 251 -25.19 -11.31 -32.62
CA PHE G 251 -24.77 -12.53 -31.93
C PHE G 251 -23.94 -13.45 -32.80
N TYR G 252 -23.95 -13.24 -34.12
CA TYR G 252 -23.19 -14.08 -35.02
C TYR G 252 -21.71 -14.10 -34.67
N SER G 253 -21.21 -13.05 -34.01
CA SER G 253 -19.79 -12.94 -33.78
C SER G 253 -19.33 -13.45 -32.43
N VAL G 254 -20.23 -13.95 -31.58
CA VAL G 254 -19.84 -14.30 -30.22
C VAL G 254 -20.39 -15.66 -29.81
N MET G 255 -21.02 -16.36 -30.74
CA MET G 255 -21.74 -17.58 -30.41
C MET G 255 -20.85 -18.61 -29.71
N GLU G 256 -19.85 -19.10 -30.43
CA GLU G 256 -18.97 -20.10 -29.85
C GLU G 256 -18.26 -19.59 -28.60
N GLN G 257 -18.13 -18.28 -28.45
CA GLN G 257 -17.56 -17.78 -27.20
C GLN G 257 -18.49 -18.08 -26.03
N MET G 258 -19.79 -17.80 -26.18
CA MET G 258 -20.72 -18.23 -25.14
C MET G 258 -20.62 -19.73 -24.93
N LYS G 259 -20.41 -20.48 -26.01
CA LYS G 259 -20.38 -21.92 -25.88
C LYS G 259 -19.19 -22.40 -25.05
N MET G 260 -17.98 -21.94 -25.35
CA MET G 260 -16.89 -22.35 -24.48
C MET G 260 -17.06 -21.79 -23.09
N LEU G 261 -17.77 -20.66 -22.96
CA LEU G 261 -18.02 -20.12 -21.63
C LEU G 261 -18.82 -21.11 -20.79
N ASP G 262 -19.95 -21.58 -21.31
CA ASP G 262 -20.77 -22.48 -20.51
C ASP G 262 -20.07 -23.81 -20.29
N THR G 263 -19.39 -24.32 -21.32
CA THR G 263 -18.67 -25.58 -21.14
C THR G 263 -17.61 -25.42 -20.06
N LEU G 264 -17.00 -24.23 -19.97
CA LEU G 264 -16.03 -23.97 -18.93
C LEU G 264 -16.70 -23.95 -17.56
N GLN G 265 -17.91 -23.40 -17.48
CA GLN G 265 -18.64 -23.47 -16.22
C GLN G 265 -18.84 -24.92 -15.78
N ASN G 266 -19.32 -25.76 -16.69
CA ASN G 266 -19.54 -27.16 -16.33
C ASN G 266 -18.23 -27.86 -15.97
N THR G 267 -17.15 -27.60 -16.71
CA THR G 267 -15.91 -28.28 -16.39
C THR G 267 -15.33 -27.79 -15.07
N GLN G 268 -15.55 -26.52 -14.72
CA GLN G 268 -15.14 -26.05 -13.41
C GLN G 268 -15.95 -26.74 -12.32
N LEU G 269 -17.24 -26.96 -12.58
CA LEU G 269 -18.05 -27.73 -11.63
C LEU G 269 -17.49 -29.13 -11.45
N GLN G 270 -17.14 -29.78 -12.56
CA GLN G 270 -16.60 -31.14 -12.45
C GLN G 270 -15.28 -31.13 -11.71
N SER G 271 -14.46 -30.10 -11.92
CA SER G 271 -13.22 -29.98 -11.16
C SER G 271 -13.49 -29.87 -9.67
N ALA G 272 -14.47 -29.04 -9.31
CA ALA G 272 -14.83 -28.89 -7.91
C ALA G 272 -15.32 -30.19 -7.33
N ILE G 273 -16.12 -30.93 -8.10
CA ILE G 273 -16.63 -32.22 -7.63
C ILE G 273 -15.48 -33.18 -7.40
N VAL G 274 -14.61 -33.33 -8.41
CA VAL G 274 -13.55 -34.32 -8.35
C VAL G 274 -12.50 -33.95 -7.31
N LYS G 275 -12.43 -32.69 -6.92
CA LYS G 275 -11.45 -32.30 -5.93
C LYS G 275 -11.91 -32.63 -4.52
N ALA G 276 -13.14 -33.12 -4.37
CA ALA G 276 -13.66 -33.57 -3.10
C ALA G 276 -13.95 -35.08 -3.13
N MET G 277 -13.12 -35.83 -3.85
CA MET G 277 -13.24 -37.28 -3.91
C MET G 277 -12.41 -37.91 -2.80
N TYR G 278 -13.01 -38.92 -2.16
CA TYR G 278 -12.36 -39.69 -1.10
C TYR G 278 -12.34 -41.15 -1.52
N ALA G 279 -11.15 -41.74 -1.58
CA ALA G 279 -10.99 -43.15 -1.89
C ALA G 279 -10.33 -43.83 -0.71
N ALA G 280 -10.94 -44.92 -0.24
CA ALA G 280 -10.41 -45.65 0.90
C ALA G 280 -10.96 -47.07 0.85
N THR G 281 -10.07 -48.05 0.91
CA THR G 281 -10.48 -49.44 0.88
C THR G 281 -9.46 -50.28 1.63
N ILE G 282 -9.85 -51.51 1.95
CA ILE G 282 -8.99 -52.47 2.61
C ILE G 282 -8.43 -53.39 1.56
N GLU G 283 -7.11 -53.46 1.47
CA GLU G 283 -6.43 -54.25 0.46
C GLU G 283 -5.49 -55.24 1.12
N SER G 284 -4.98 -56.16 0.31
CA SER G 284 -3.98 -57.12 0.76
C SER G 284 -3.10 -57.45 -0.43
N GLU G 285 -1.89 -57.93 -0.14
CA GLU G 285 -0.90 -58.17 -1.17
C GLU G 285 -0.86 -59.63 -1.61
N LEU G 286 -0.53 -60.54 -0.71
CA LEU G 286 -0.45 -61.97 -0.99
C LEU G 286 0.20 -62.26 -2.34
N ASP G 287 -0.29 -63.28 -3.03
CA ASP G 287 -0.03 -63.50 -4.46
C ASP G 287 1.44 -63.30 -4.81
N THR G 288 2.28 -64.17 -4.28
CA THR G 288 3.72 -64.00 -4.47
C THR G 288 4.16 -64.37 -5.87
N GLN G 289 3.67 -63.62 -6.87
CA GLN G 289 4.08 -63.80 -8.25
C GLN G 289 4.05 -65.27 -8.65
N SER G 290 5.17 -65.97 -8.47
CA SER G 290 5.21 -67.40 -8.77
C SER G 290 4.22 -68.16 -7.92
N ALA G 291 4.14 -67.84 -6.62
CA ALA G 291 3.10 -68.43 -5.79
C ALA G 291 1.73 -67.96 -6.22
N MET G 292 1.61 -66.73 -6.75
CA MET G 292 0.34 -66.28 -7.31
C MET G 292 -0.08 -67.16 -8.48
N ASP G 293 0.86 -67.49 -9.37
CA ASP G 293 0.55 -68.36 -10.50
C ASP G 293 0.21 -69.77 -10.04
N PHE G 294 0.94 -70.26 -9.03
CA PHE G 294 0.64 -71.59 -8.50
C PHE G 294 -0.75 -71.64 -7.88
N ILE G 295 -1.11 -70.60 -7.12
CA ILE G 295 -2.45 -70.53 -6.56
C ILE G 295 -3.51 -70.40 -7.66
N LEU G 296 -3.18 -69.67 -8.73
CA LEU G 296 -4.09 -69.57 -9.86
C LEU G 296 -4.35 -70.94 -10.48
N GLY G 297 -3.28 -71.71 -10.69
CA GLY G 297 -3.41 -73.05 -11.26
C GLY G 297 -4.21 -73.95 -10.33
N ALA G 298 -3.93 -73.91 -9.04
CA ALA G 298 -4.64 -74.75 -8.08
C ALA G 298 -6.12 -74.40 -8.04
N ASN G 299 -6.44 -73.11 -7.95
CA ASN G 299 -7.83 -72.69 -7.89
C ASN G 299 -8.57 -73.03 -9.16
N SER G 300 -7.92 -72.86 -10.32
CA SER G 300 -8.55 -73.24 -11.57
C SER G 300 -8.82 -74.74 -11.61
N GLN G 301 -7.83 -75.55 -11.20
CA GLN G 301 -8.01 -77.00 -11.23
C GLN G 301 -9.09 -77.45 -10.25
N GLU G 302 -8.83 -77.36 -8.95
CA GLU G 302 -9.83 -77.78 -7.97
C GLU G 302 -9.85 -76.97 -6.68
N GLN G 303 -9.05 -75.91 -6.54
CA GLN G 303 -8.82 -75.28 -5.25
C GLN G 303 -9.45 -73.90 -5.15
N ARG G 304 -10.66 -73.73 -5.70
CA ARG G 304 -11.43 -72.54 -5.39
C ARG G 304 -11.84 -72.50 -3.93
N GLU G 305 -11.72 -73.63 -3.23
CA GLU G 305 -12.04 -73.69 -1.81
C GLU G 305 -11.19 -72.72 -1.00
N ARG G 306 -9.92 -72.56 -1.37
CA ARG G 306 -9.07 -71.61 -0.66
C ARG G 306 -9.65 -70.20 -0.73
N LEU G 307 -9.99 -69.76 -1.94
CA LEU G 307 -10.53 -68.42 -2.13
C LEU G 307 -11.87 -68.26 -1.41
N THR G 308 -12.75 -69.25 -1.53
CA THR G 308 -14.04 -69.16 -0.88
C THR G 308 -13.91 -69.09 0.64
N GLY G 309 -13.05 -69.94 1.22
CA GLY G 309 -12.86 -69.94 2.65
C GLY G 309 -12.23 -68.65 3.15
N TRP G 310 -11.24 -68.13 2.42
CA TRP G 310 -10.65 -66.86 2.81
C TRP G 310 -11.65 -65.73 2.74
N ILE G 311 -12.49 -65.72 1.70
CA ILE G 311 -13.51 -64.69 1.60
C ILE G 311 -14.49 -64.80 2.76
N GLY G 312 -14.90 -66.02 3.09
CA GLY G 312 -15.81 -66.19 4.21
C GLY G 312 -15.22 -65.75 5.53
N GLU G 313 -13.96 -66.11 5.78
CA GLU G 313 -13.29 -65.71 7.01
C GLU G 313 -13.17 -64.20 7.09
N ILE G 314 -12.78 -63.56 5.99
CA ILE G 314 -12.65 -62.10 5.97
C ILE G 314 -14.01 -61.46 6.23
N ALA G 315 -15.05 -61.97 5.58
CA ALA G 315 -16.39 -61.41 5.77
C ALA G 315 -16.83 -61.55 7.22
N ALA G 316 -16.57 -62.70 7.84
CA ALA G 316 -16.94 -62.90 9.23
C ALA G 316 -16.18 -61.93 10.13
N TYR G 317 -14.87 -61.81 9.93
CA TYR G 317 -14.08 -60.93 10.77
C TYR G 317 -14.55 -59.49 10.64
N TYR G 318 -14.79 -59.03 9.42
CA TYR G 318 -15.15 -57.64 9.21
C TYR G 318 -16.62 -57.37 9.47
N ALA G 319 -17.44 -58.41 9.61
CA ALA G 319 -18.78 -58.23 10.14
C ALA G 319 -18.76 -58.20 11.65
N ALA G 320 -17.74 -58.79 12.27
CA ALA G 320 -17.50 -58.58 13.68
C ALA G 320 -16.87 -57.22 13.95
N ALA G 321 -16.09 -56.71 12.99
CA ALA G 321 -15.31 -55.48 13.12
C ALA G 321 -16.09 -54.19 12.90
N PRO G 322 -17.01 -54.12 11.90
CA PRO G 322 -17.29 -52.85 11.24
C PRO G 322 -16.27 -51.75 11.44
N VAL G 323 -15.21 -51.76 10.62
CA VAL G 323 -14.26 -50.66 10.58
C VAL G 323 -14.78 -49.66 9.55
N ARG G 324 -15.25 -48.53 10.03
CA ARG G 324 -15.91 -47.54 9.19
C ARG G 324 -15.10 -46.25 9.15
N LEU G 325 -14.84 -45.76 7.95
CA LEU G 325 -14.22 -44.44 7.80
C LEU G 325 -15.09 -43.36 8.41
N GLY G 326 -16.38 -43.39 8.13
CA GLY G 326 -17.33 -42.46 8.69
C GLY G 326 -18.62 -43.19 9.01
N GLY G 327 -19.73 -42.70 8.50
CA GLY G 327 -20.96 -43.45 8.58
C GLY G 327 -21.08 -44.56 7.57
N ALA G 328 -20.03 -44.80 6.78
CA ALA G 328 -20.07 -45.77 5.71
C ALA G 328 -19.03 -46.86 5.94
N LYS G 329 -19.37 -48.07 5.51
CA LYS G 329 -18.51 -49.22 5.68
C LYS G 329 -17.46 -49.19 4.58
N VAL G 330 -16.20 -49.27 4.98
CA VAL G 330 -15.09 -49.16 4.02
C VAL G 330 -15.08 -50.39 3.12
N PRO G 331 -15.11 -50.22 1.80
CA PRO G 331 -15.15 -51.38 0.91
C PRO G 331 -13.87 -52.19 1.00
N HIS G 332 -14.00 -53.47 0.69
CA HIS G 332 -12.89 -54.41 0.73
C HIS G 332 -12.55 -54.87 -0.68
N LEU G 333 -11.26 -55.11 -0.90
CA LEU G 333 -10.76 -55.52 -2.21
C LEU G 333 -10.30 -56.98 -2.16
N MET G 334 -10.55 -57.70 -3.24
CA MET G 334 -10.12 -59.08 -3.31
C MET G 334 -8.59 -59.15 -3.32
N PRO G 335 -8.01 -60.17 -2.69
CA PRO G 335 -6.56 -60.18 -2.44
C PRO G 335 -5.75 -60.17 -3.72
N GLY G 336 -4.94 -59.14 -3.88
CA GLY G 336 -4.09 -59.02 -5.04
C GLY G 336 -4.40 -57.81 -5.89
N ASP G 337 -5.35 -57.00 -5.44
CA ASP G 337 -5.76 -55.81 -6.16
C ASP G 337 -5.61 -54.59 -5.27
N SER G 338 -5.27 -53.47 -5.89
CA SER G 338 -5.12 -52.20 -5.18
C SER G 338 -5.77 -51.11 -6.01
N LEU G 339 -6.56 -50.25 -5.36
CA LEU G 339 -7.21 -49.15 -6.05
C LEU G 339 -6.18 -48.10 -6.41
N ASN G 340 -5.97 -47.87 -7.70
CA ASN G 340 -5.00 -46.90 -8.18
C ASN G 340 -5.74 -45.79 -8.90
N LEU G 341 -5.57 -44.56 -8.43
CA LEU G 341 -6.16 -43.39 -9.08
C LEU G 341 -5.16 -42.25 -9.08
N GLN G 342 -5.18 -41.46 -10.15
CA GLN G 342 -4.28 -40.35 -10.30
C GLN G 342 -4.98 -39.24 -11.06
N THR G 343 -4.40 -38.04 -10.98
CA THR G 343 -5.01 -36.85 -11.55
C THR G 343 -4.33 -36.33 -12.80
N ALA G 344 -3.03 -36.58 -12.96
CA ALA G 344 -2.19 -36.17 -14.08
C ALA G 344 -1.95 -34.67 -14.12
N GLN G 345 -2.58 -33.88 -13.24
CA GLN G 345 -2.33 -32.46 -13.13
C GLN G 345 -2.77 -31.99 -11.75
N ASP G 346 -1.93 -31.22 -11.08
CA ASP G 346 -2.19 -30.77 -9.73
C ASP G 346 -1.86 -29.28 -9.59
N THR G 347 -2.36 -28.49 -10.54
CA THR G 347 -2.06 -27.06 -10.58
C THR G 347 -3.37 -26.31 -10.79
N ASP G 348 -3.40 -25.06 -10.32
CA ASP G 348 -4.59 -24.23 -10.49
C ASP G 348 -4.94 -24.07 -11.97
N ASN G 349 -6.23 -24.09 -12.26
CA ASN G 349 -6.71 -24.07 -13.64
C ASN G 349 -6.71 -22.68 -14.26
N GLY G 350 -6.50 -21.63 -13.47
CA GLY G 350 -6.59 -20.28 -14.02
C GLY G 350 -7.99 -19.91 -14.45
N TYR G 351 -8.99 -20.25 -13.63
CA TYR G 351 -10.38 -19.97 -13.99
C TYR G 351 -10.65 -18.48 -14.11
N SER G 352 -10.12 -17.69 -13.17
CA SER G 352 -10.50 -16.29 -13.07
C SER G 352 -10.12 -15.52 -14.33
N VAL G 353 -8.85 -15.59 -14.71
CA VAL G 353 -8.39 -14.87 -15.90
C VAL G 353 -9.11 -15.41 -17.12
N PHE G 354 -9.34 -16.71 -17.17
CA PHE G 354 -10.08 -17.31 -18.27
C PHE G 354 -11.41 -16.59 -18.48
N GLU G 355 -12.30 -16.67 -17.50
CA GLU G 355 -13.64 -16.18 -17.80
C GLU G 355 -13.67 -14.67 -17.83
N GLN G 356 -12.70 -14.01 -17.19
CA GLN G 356 -12.56 -12.57 -17.40
C GLN G 356 -12.34 -12.27 -18.87
N SER G 357 -11.38 -12.95 -19.48
CA SER G 357 -11.07 -12.70 -20.88
C SER G 357 -12.25 -13.03 -21.77
N LEU G 358 -12.92 -14.15 -21.52
CA LEU G 358 -14.07 -14.50 -22.35
C LEU G 358 -15.21 -13.50 -22.20
N LEU G 359 -15.52 -13.08 -20.97
CA LEU G 359 -16.58 -12.10 -20.79
C LEU G 359 -16.22 -10.79 -21.48
N ARG G 360 -14.95 -10.41 -21.42
CA ARG G 360 -14.51 -9.23 -22.13
C ARG G 360 -14.71 -9.41 -23.64
N TYR G 361 -14.44 -10.61 -24.14
CA TYR G 361 -14.68 -10.89 -25.56
C TYR G 361 -16.14 -10.71 -25.91
N ILE G 362 -17.04 -11.26 -25.09
CA ILE G 362 -18.47 -11.10 -25.36
C ILE G 362 -18.84 -9.64 -25.38
N ALA G 363 -18.35 -8.86 -24.41
CA ALA G 363 -18.69 -7.45 -24.37
C ALA G 363 -18.18 -6.73 -25.60
N ALA G 364 -16.97 -7.03 -26.04
CA ALA G 364 -16.43 -6.39 -27.23
C ALA G 364 -17.26 -6.74 -28.45
N GLY G 365 -17.63 -8.01 -28.60
CA GLY G 365 -18.43 -8.42 -29.73
C GLY G 365 -19.80 -7.80 -29.72
N LEU G 366 -20.39 -7.62 -28.55
CA LEU G 366 -21.73 -7.06 -28.41
C LEU G 366 -21.71 -5.55 -28.32
N GLY G 367 -20.54 -4.92 -28.33
CA GLY G 367 -20.46 -3.48 -28.36
C GLY G 367 -20.80 -2.78 -27.08
N VAL G 368 -20.90 -3.52 -25.97
CA VAL G 368 -21.14 -2.92 -24.67
C VAL G 368 -19.89 -3.10 -23.82
N SER G 369 -19.76 -2.25 -22.81
CA SER G 369 -18.60 -2.33 -21.93
C SER G 369 -18.67 -3.58 -21.07
N TYR G 370 -17.50 -4.15 -20.80
CA TYR G 370 -17.43 -5.40 -20.07
C TYR G 370 -18.00 -5.26 -18.67
N GLU G 371 -17.62 -4.20 -17.96
CA GLU G 371 -17.96 -4.10 -16.56
C GLU G 371 -19.45 -3.94 -16.31
N GLN G 372 -20.23 -3.46 -17.28
CA GLN G 372 -21.66 -3.36 -17.08
C GLN G 372 -22.40 -4.59 -17.56
N LEU G 373 -21.85 -5.32 -18.53
CA LEU G 373 -22.49 -6.54 -18.99
C LEU G 373 -22.38 -7.63 -17.92
N SER G 374 -21.21 -7.76 -17.33
CA SER G 374 -20.96 -8.73 -16.28
C SER G 374 -21.19 -8.17 -14.89
N ARG G 375 -21.61 -6.91 -14.79
CA ARG G 375 -21.75 -6.17 -13.54
C ARG G 375 -20.63 -6.53 -12.56
N ASN G 376 -19.40 -6.41 -13.05
CA ASN G 376 -18.20 -6.66 -12.28
C ASN G 376 -17.44 -5.33 -12.18
N TYR G 377 -17.80 -4.54 -11.17
CA TYR G 377 -17.23 -3.21 -10.99
C TYR G 377 -15.99 -3.24 -10.11
N ALA G 378 -15.29 -4.36 -10.07
CA ALA G 378 -14.13 -4.49 -9.19
C ALA G 378 -13.06 -3.48 -9.56
N GLN G 379 -12.43 -2.91 -8.52
CA GLN G 379 -11.29 -1.99 -8.61
C GLN G 379 -11.46 -0.94 -9.70
N MET G 380 -12.70 -0.56 -10.01
CA MET G 380 -12.96 0.41 -11.06
C MET G 380 -12.70 1.81 -10.54
N SER G 381 -12.07 2.65 -11.35
CA SER G 381 -11.84 4.04 -11.00
C SER G 381 -12.91 4.92 -11.64
N TYR G 382 -13.09 6.10 -11.07
CA TYR G 382 -14.12 7.01 -11.56
C TYR G 382 -13.86 7.40 -13.00
N SER G 383 -12.62 7.75 -13.32
CA SER G 383 -12.29 8.14 -14.68
C SER G 383 -12.49 6.98 -15.66
N THR G 384 -12.06 5.78 -15.26
CA THR G 384 -12.23 4.63 -16.13
C THR G 384 -13.71 4.30 -16.32
N ALA G 385 -14.51 4.39 -15.26
CA ALA G 385 -15.94 4.17 -15.41
C ALA G 385 -16.54 5.19 -16.36
N ARG G 386 -16.13 6.45 -16.24
CA ARG G 386 -16.63 7.47 -17.15
C ARG G 386 -16.26 7.15 -18.59
N ALA G 387 -15.03 6.69 -18.81
CA ALA G 387 -14.60 6.38 -20.17
C ALA G 387 -15.39 5.23 -20.77
N SER G 388 -15.60 4.18 -19.99
CA SER G 388 -16.36 3.04 -20.48
C SER G 388 -17.80 3.45 -20.78
N ALA G 389 -18.41 4.24 -19.90
CA ALA G 389 -19.75 4.73 -20.17
C ALA G 389 -19.77 5.60 -21.41
N ASN G 390 -18.71 6.38 -21.62
CA ASN G 390 -18.62 7.22 -22.81
C ASN G 390 -18.66 6.38 -24.07
N GLU G 391 -17.86 5.31 -24.10
CA GLU G 391 -17.84 4.44 -25.27
C GLU G 391 -19.20 3.80 -25.49
N SER G 392 -19.78 3.24 -24.42
CA SER G 392 -21.07 2.57 -24.55
C SER G 392 -22.14 3.54 -25.03
N TRP G 393 -22.12 4.76 -24.54
CA TRP G 393 -23.13 5.73 -24.92
C TRP G 393 -22.93 6.27 -26.32
N ALA G 394 -21.68 6.40 -26.78
CA ALA G 394 -21.48 6.72 -28.19
C ALA G 394 -22.06 5.63 -29.07
N TYR G 395 -21.88 4.37 -28.66
CA TYR G 395 -22.51 3.25 -29.37
C TYR G 395 -24.03 3.39 -29.37
N PHE G 396 -24.60 3.64 -28.21
CA PHE G 396 -26.05 3.63 -28.06
C PHE G 396 -26.70 4.79 -28.81
N MET G 397 -26.05 5.95 -28.82
CA MET G 397 -26.61 7.08 -29.55
C MET G 397 -26.72 6.76 -31.03
N GLY G 398 -25.67 6.15 -31.60
CA GLY G 398 -25.73 5.78 -32.99
C GLY G 398 -26.86 4.82 -33.28
N ARG G 399 -26.98 3.76 -32.46
CA ARG G 399 -28.05 2.80 -32.74
C ARG G 399 -29.44 3.41 -32.53
N ARG G 400 -29.59 4.29 -31.54
CA ARG G 400 -30.87 4.95 -31.36
C ARG G 400 -31.22 5.82 -32.55
N LYS G 401 -30.22 6.52 -33.09
CA LYS G 401 -30.48 7.37 -34.25
C LYS G 401 -30.83 6.55 -35.48
N PHE G 402 -30.14 5.43 -35.69
CA PHE G 402 -30.28 4.72 -36.96
C PHE G 402 -31.31 3.61 -36.94
N VAL G 403 -31.78 3.19 -35.78
CA VAL G 403 -32.73 2.09 -35.67
C VAL G 403 -34.08 2.56 -35.13
N ALA G 404 -34.11 3.03 -33.89
CA ALA G 404 -35.37 3.43 -33.29
C ALA G 404 -35.95 4.67 -33.98
N SER G 405 -35.08 5.66 -34.26
CA SER G 405 -35.57 6.92 -34.79
C SER G 405 -36.23 6.74 -36.15
N ARG G 406 -35.64 5.90 -37.01
CA ARG G 406 -36.19 5.71 -38.35
C ARG G 406 -37.58 5.08 -38.27
N GLN G 407 -37.72 4.01 -37.51
CA GLN G 407 -39.03 3.37 -37.39
C GLN G 407 -40.05 4.30 -36.77
N ALA G 408 -39.66 5.03 -35.73
CA ALA G 408 -40.58 5.96 -35.09
C ALA G 408 -41.03 7.03 -36.07
N SER G 409 -40.11 7.54 -36.88
CA SER G 409 -40.48 8.54 -37.88
C SER G 409 -41.46 7.96 -38.89
N GLN G 410 -41.26 6.70 -39.28
CA GLN G 410 -42.19 6.08 -40.24
C GLN G 410 -43.60 6.01 -39.67
N MET G 411 -43.72 5.47 -38.44
CA MET G 411 -45.05 5.38 -37.84
C MET G 411 -45.67 6.76 -37.63
N PHE G 412 -44.86 7.73 -37.20
CA PHE G 412 -45.38 9.07 -36.99
C PHE G 412 -45.88 9.67 -38.31
N LEU G 413 -45.15 9.43 -39.40
CA LEU G 413 -45.58 9.94 -40.69
C LEU G 413 -46.92 9.33 -41.09
N CYS G 414 -47.07 8.02 -40.89
CA CYS G 414 -48.35 7.39 -41.23
C CYS G 414 -49.49 8.01 -40.41
N TRP G 415 -49.28 8.15 -39.10
CA TRP G 415 -50.32 8.70 -38.25
C TRP G 415 -50.63 10.15 -38.62
N LEU G 416 -49.61 10.93 -38.95
CA LEU G 416 -49.81 12.31 -39.34
C LEU G 416 -50.61 12.39 -40.63
N GLU G 417 -50.32 11.50 -41.58
CA GLU G 417 -51.11 11.47 -42.81
C GLU G 417 -52.56 11.19 -42.50
N GLU G 418 -52.82 10.22 -41.62
CA GLU G 418 -54.20 9.94 -41.25
C GLU G 418 -54.86 11.14 -40.60
N ALA G 419 -54.14 11.82 -39.71
CA ALA G 419 -54.71 12.97 -39.01
C ALA G 419 -55.04 14.10 -39.97
N ILE G 420 -54.15 14.37 -40.93
CA ILE G 420 -54.43 15.40 -41.92
C ILE G 420 -55.63 15.00 -42.78
N VAL G 421 -55.75 13.71 -43.07
CA VAL G 421 -56.89 13.22 -43.85
C VAL G 421 -58.19 13.56 -43.13
N ARG G 422 -58.23 13.35 -41.82
CA ARG G 422 -59.43 13.59 -41.03
C ARG G 422 -59.52 15.02 -40.52
N ARG G 423 -58.56 15.87 -40.88
CA ARG G 423 -58.54 17.28 -40.46
C ARG G 423 -58.56 17.43 -38.95
N VAL G 424 -57.99 16.45 -38.24
CA VAL G 424 -57.80 16.60 -36.80
C VAL G 424 -56.87 17.77 -36.52
N VAL G 425 -55.82 17.91 -37.32
CA VAL G 425 -54.97 19.09 -37.30
C VAL G 425 -55.22 19.86 -38.60
N THR G 426 -54.65 21.06 -38.66
CA THR G 426 -54.85 21.94 -39.81
C THR G 426 -53.51 22.41 -40.34
N LEU G 427 -53.30 22.24 -41.64
CA LEU G 427 -52.11 22.76 -42.28
C LEU G 427 -52.18 24.27 -42.39
N PRO G 428 -51.03 24.94 -42.48
CA PRO G 428 -51.04 26.37 -42.76
C PRO G 428 -51.71 26.68 -44.09
N SER G 429 -52.46 27.78 -44.14
CA SER G 429 -53.22 28.12 -45.33
C SER G 429 -52.30 28.45 -46.50
N LYS G 430 -51.22 29.19 -46.24
CA LYS G 430 -50.33 29.69 -47.28
C LYS G 430 -49.27 28.64 -47.67
N ALA G 431 -49.40 27.42 -47.15
CA ALA G 431 -48.39 26.38 -47.34
C ALA G 431 -47.94 26.27 -48.79
N ARG G 432 -46.62 26.26 -48.97
CA ARG G 432 -46.04 26.21 -50.31
C ARG G 432 -46.37 24.91 -51.03
N PHE G 433 -46.35 23.79 -50.30
CA PHE G 433 -46.66 22.49 -50.86
C PHE G 433 -47.67 21.77 -49.98
N SER G 434 -48.40 20.86 -50.59
CA SER G 434 -49.32 20.03 -49.83
C SER G 434 -48.53 19.02 -48.99
N PHE G 435 -49.26 18.30 -48.14
CA PHE G 435 -48.62 17.31 -47.28
C PHE G 435 -48.00 16.20 -48.12
N GLN G 436 -48.71 15.75 -49.16
CA GLN G 436 -48.21 14.63 -49.96
C GLN G 436 -46.90 14.98 -50.64
N GLU G 437 -46.79 16.20 -51.17
CA GLU G 437 -45.60 16.57 -51.92
C GLU G 437 -44.38 16.75 -51.02
N ALA G 438 -44.60 17.12 -49.76
CA ALA G 438 -43.52 17.47 -48.86
C ALA G 438 -43.65 16.72 -47.54
N ARG G 439 -43.86 15.41 -47.63
CA ARG G 439 -44.04 14.61 -46.42
C ARG G 439 -42.86 14.74 -45.48
N SER G 440 -41.63 14.74 -46.02
CA SER G 440 -40.47 14.91 -45.18
C SER G 440 -40.45 16.28 -44.52
N ALA G 441 -40.83 17.32 -45.27
CA ALA G 441 -40.79 18.68 -44.73
C ALA G 441 -41.75 18.83 -43.56
N TRP G 442 -43.00 18.40 -43.74
CA TRP G 442 -43.96 18.50 -42.66
C TRP G 442 -43.60 17.57 -41.50
N GLY G 443 -43.14 16.37 -41.81
CA GLY G 443 -42.90 15.35 -40.81
C GLY G 443 -41.52 15.36 -40.20
N ASN G 444 -40.70 16.37 -40.46
CA ASN G 444 -39.37 16.44 -39.86
C ASN G 444 -39.49 16.44 -38.35
N CYS G 445 -39.03 15.36 -37.72
CA CYS G 445 -39.24 15.17 -36.29
C CYS G 445 -38.03 14.49 -35.69
N ASP G 446 -37.81 14.73 -34.39
CA ASP G 446 -36.74 14.08 -33.66
C ASP G 446 -37.29 13.56 -32.34
N TRP G 447 -36.71 12.46 -31.88
CA TRP G 447 -37.22 11.76 -30.71
C TRP G 447 -36.21 11.81 -29.58
N ILE G 448 -36.70 11.94 -28.36
CA ILE G 448 -35.86 12.02 -27.18
C ILE G 448 -36.15 10.80 -26.31
N GLY G 449 -35.10 10.07 -25.98
CA GLY G 449 -35.19 8.91 -25.11
C GLY G 449 -34.71 9.23 -23.71
N SER G 450 -34.16 8.20 -23.06
CA SER G 450 -33.59 8.42 -21.74
C SER G 450 -32.36 9.31 -21.84
N GLY G 451 -32.26 10.26 -20.93
CA GLY G 451 -31.13 11.17 -20.95
C GLY G 451 -29.88 10.55 -20.39
N ARG G 452 -28.78 11.30 -20.51
CA ARG G 452 -27.51 10.86 -19.97
C ARG G 452 -27.66 10.65 -18.46
N MET G 453 -27.16 9.53 -17.97
CA MET G 453 -27.35 9.15 -16.57
C MET G 453 -26.11 9.58 -15.79
N ALA G 454 -26.33 10.27 -14.67
CA ALA G 454 -25.25 10.91 -13.94
C ALA G 454 -24.40 9.88 -13.23
N ILE G 455 -23.09 9.89 -13.50
CA ILE G 455 -22.17 9.04 -12.76
C ILE G 455 -21.98 9.58 -11.35
N ASP G 456 -21.82 10.90 -11.20
CA ASP G 456 -21.56 11.53 -9.91
C ASP G 456 -22.72 12.37 -9.41
N GLY G 457 -23.48 13.00 -10.31
CA GLY G 457 -24.52 13.92 -9.90
C GLY G 457 -24.14 15.38 -9.94
N LEU G 458 -23.15 15.79 -9.13
CA LEU G 458 -22.80 17.21 -9.06
C LEU G 458 -22.03 17.67 -10.30
N LYS G 459 -21.10 16.84 -10.76
CA LYS G 459 -20.18 17.29 -11.80
C LYS G 459 -20.92 17.58 -13.10
N GLU G 460 -21.87 16.72 -13.46
CA GLU G 460 -22.62 16.90 -14.70
C GLU G 460 -23.60 18.07 -14.64
N VAL G 461 -24.26 18.30 -13.50
CA VAL G 461 -25.11 19.48 -13.43
C VAL G 461 -24.26 20.73 -13.48
N GLN G 462 -23.04 20.67 -12.93
CA GLN G 462 -22.10 21.76 -13.11
C GLN G 462 -21.77 21.97 -14.58
N GLU G 463 -21.59 20.87 -15.32
CA GLU G 463 -21.46 20.97 -16.77
C GLU G 463 -22.60 21.74 -17.37
N ALA G 464 -23.83 21.34 -17.04
CA ALA G 464 -25.00 21.93 -17.67
C ALA G 464 -25.07 23.42 -17.39
N VAL G 465 -24.87 23.81 -16.13
CA VAL G 465 -25.00 25.22 -15.78
C VAL G 465 -23.88 26.03 -16.42
N MET G 466 -22.66 25.50 -16.44
CA MET G 466 -21.56 26.23 -17.04
C MET G 466 -21.77 26.43 -18.54
N LEU G 467 -22.21 25.39 -19.23
CA LEU G 467 -22.48 25.52 -20.66
C LEU G 467 -23.60 26.51 -20.92
N ILE G 468 -24.66 26.46 -20.11
CA ILE G 468 -25.79 27.34 -20.38
C ILE G 468 -25.43 28.79 -20.10
N GLU G 469 -24.66 29.05 -19.05
CA GLU G 469 -24.31 30.43 -18.74
C GLU G 469 -23.22 30.96 -19.66
N ALA G 470 -22.35 30.09 -20.17
CA ALA G 470 -21.24 30.53 -20.99
C ALA G 470 -21.60 30.65 -22.46
N GLY G 471 -22.83 30.34 -22.84
CA GLY G 471 -23.30 30.56 -24.18
C GLY G 471 -22.97 29.49 -25.20
N LEU G 472 -22.31 28.41 -24.79
CA LEU G 472 -22.02 27.32 -25.71
C LEU G 472 -23.16 26.30 -25.77
N SER G 473 -24.22 26.48 -25.01
CA SER G 473 -25.30 25.51 -25.04
C SER G 473 -26.64 26.21 -24.93
N THR G 474 -27.66 25.52 -25.41
CA THR G 474 -29.05 25.95 -25.34
C THR G 474 -29.84 24.95 -24.52
N TYR G 475 -30.98 25.40 -24.00
CA TYR G 475 -31.68 24.65 -22.97
C TYR G 475 -32.18 23.31 -23.49
N GLU G 476 -32.59 23.23 -24.77
CA GLU G 476 -33.28 22.04 -25.24
C GLU G 476 -32.38 20.81 -25.17
N LYS G 477 -31.09 20.96 -25.50
CA LYS G 477 -30.23 19.80 -25.41
C LYS G 477 -29.89 19.44 -23.97
N GLU G 478 -29.91 20.43 -23.07
CA GLU G 478 -29.80 20.10 -21.66
C GLU G 478 -30.96 19.22 -21.22
N CYS G 479 -32.18 19.62 -21.58
CA CYS G 479 -33.34 18.79 -21.31
C CYS G 479 -33.21 17.44 -22.01
N ALA G 480 -32.58 17.41 -23.19
CA ALA G 480 -32.45 16.18 -23.94
C ALA G 480 -31.54 15.19 -23.22
N LYS G 481 -30.35 15.63 -22.81
CA LYS G 481 -29.49 14.73 -22.06
C LYS G 481 -29.97 14.52 -20.64
N ARG G 482 -31.00 15.25 -20.22
CA ARG G 482 -31.78 14.81 -19.06
C ARG G 482 -33.08 14.14 -19.48
N GLY G 483 -33.37 14.05 -20.77
CA GLY G 483 -34.62 13.47 -21.22
C GLY G 483 -35.86 14.28 -20.92
N ASP G 484 -35.80 15.60 -21.09
CA ASP G 484 -36.94 16.48 -20.97
C ASP G 484 -37.04 17.36 -22.22
N ASP G 485 -37.91 18.36 -22.15
CA ASP G 485 -38.01 19.38 -23.19
C ASP G 485 -38.13 20.73 -22.50
N TYR G 486 -37.59 21.76 -23.13
CA TYR G 486 -37.55 23.07 -22.50
C TYR G 486 -38.91 23.77 -22.51
N GLN G 487 -39.80 23.41 -23.42
CA GLN G 487 -41.07 24.14 -23.53
C GLN G 487 -41.93 23.94 -22.30
N GLU G 488 -42.35 22.70 -22.04
CA GLU G 488 -43.15 22.43 -20.85
C GLU G 488 -42.37 22.68 -19.58
N ILE G 489 -41.04 22.60 -19.63
CA ILE G 489 -40.25 22.98 -18.47
C ILE G 489 -40.44 24.45 -18.14
N PHE G 490 -40.39 25.31 -19.16
CA PHE G 490 -40.64 26.73 -18.94
C PHE G 490 -42.07 26.97 -18.46
N ALA G 491 -43.03 26.26 -19.05
CA ALA G 491 -44.41 26.43 -18.63
C ALA G 491 -44.59 26.06 -17.17
N GLN G 492 -44.01 24.93 -16.76
CA GLN G 492 -44.11 24.51 -15.37
C GLN G 492 -43.36 25.46 -14.45
N GLN G 493 -42.24 26.02 -14.91
CA GLN G 493 -41.55 27.00 -14.08
C GLN G 493 -42.42 28.21 -13.84
N VAL G 494 -43.11 28.68 -14.88
CA VAL G 494 -44.03 29.80 -14.71
C VAL G 494 -45.15 29.45 -13.75
N ARG G 495 -45.71 28.26 -13.90
CA ARG G 495 -46.80 27.86 -13.01
C ARG G 495 -46.34 27.78 -11.56
N GLU G 496 -45.17 27.18 -11.33
CA GLU G 496 -44.62 27.13 -9.99
C GLU G 496 -44.38 28.53 -9.46
N THR G 497 -43.88 29.42 -10.31
CA THR G 497 -43.52 30.76 -9.86
C THR G 497 -44.76 31.51 -9.40
N MET G 498 -45.85 31.48 -10.17
CA MET G 498 -46.95 32.29 -9.68
C MET G 498 -47.75 31.56 -8.61
N GLU G 499 -47.65 30.23 -8.52
CA GLU G 499 -48.19 29.56 -7.34
C GLU G 499 -47.46 30.01 -6.09
N ARG G 500 -46.13 30.12 -6.17
CA ARG G 500 -45.34 30.48 -5.01
C ARG G 500 -45.57 31.94 -4.62
N ARG G 501 -45.62 32.84 -5.61
CA ARG G 501 -45.90 34.22 -5.25
C ARG G 501 -47.35 34.42 -4.85
N ALA G 502 -48.24 33.53 -5.26
CA ALA G 502 -49.62 33.58 -4.81
C ALA G 502 -49.77 33.11 -3.37
N ALA G 503 -48.84 32.29 -2.87
CA ALA G 503 -48.87 31.80 -1.50
C ALA G 503 -47.90 32.55 -0.60
N GLY G 504 -47.29 33.63 -1.08
CA GLY G 504 -46.38 34.40 -0.27
C GLY G 504 -45.00 33.81 -0.12
N LEU G 505 -44.73 32.68 -0.76
CA LEU G 505 -43.41 32.06 -0.66
C LEU G 505 -42.39 32.87 -1.45
N LYS G 506 -41.14 32.71 -1.08
CA LYS G 506 -40.05 33.37 -1.79
C LYS G 506 -39.93 32.77 -3.18
N PRO G 507 -40.04 33.56 -4.24
CA PRO G 507 -39.98 33.08 -5.63
C PRO G 507 -38.64 32.44 -5.98
N GLN H 34 -17.97 -28.66 -31.84
CA GLN H 34 -18.56 -27.68 -30.94
C GLN H 34 -19.85 -27.13 -31.51
N LEU H 35 -19.74 -26.10 -32.34
CA LEU H 35 -20.92 -25.50 -32.95
C LEU H 35 -21.63 -26.48 -33.86
N ARG H 36 -20.91 -27.45 -34.42
CA ARG H 36 -21.55 -28.46 -35.26
C ARG H 36 -22.48 -29.37 -34.47
N SER H 37 -22.29 -29.48 -33.16
CA SER H 37 -23.12 -30.33 -32.32
C SER H 37 -24.32 -29.60 -31.75
N TRP H 38 -24.53 -28.34 -32.13
CA TRP H 38 -25.58 -27.50 -31.55
C TRP H 38 -26.42 -26.93 -32.68
N ASN H 39 -27.56 -27.56 -32.95
CA ASN H 39 -28.46 -27.14 -34.03
C ASN H 39 -29.88 -27.04 -33.48
N PRO H 40 -30.16 -26.04 -32.66
CA PRO H 40 -31.51 -25.86 -32.15
C PRO H 40 -32.45 -25.42 -33.25
N PRO H 41 -33.65 -26.00 -33.31
CA PRO H 41 -34.60 -25.61 -34.35
C PRO H 41 -35.22 -24.25 -34.07
N SER H 42 -35.94 -23.75 -35.07
CA SER H 42 -36.61 -22.45 -34.98
C SER H 42 -38.11 -22.65 -34.85
N GLU H 43 -38.69 -22.06 -33.81
CA GLU H 43 -40.13 -22.07 -33.60
C GLU H 43 -40.56 -20.71 -33.08
N SER H 44 -41.85 -20.44 -33.20
CA SER H 44 -42.39 -19.22 -32.60
C SER H 44 -42.28 -19.30 -31.08
N VAL H 45 -42.32 -18.13 -30.45
CA VAL H 45 -42.13 -18.07 -29.00
C VAL H 45 -43.18 -18.91 -28.29
N ASP H 46 -44.44 -18.79 -28.72
CA ASP H 46 -45.48 -19.61 -28.13
C ASP H 46 -45.22 -21.09 -28.35
N ALA H 47 -44.75 -21.45 -29.55
CA ALA H 47 -44.44 -22.84 -29.83
C ALA H 47 -43.31 -23.35 -28.95
N ALA H 48 -42.35 -22.49 -28.62
CA ALA H 48 -41.21 -22.88 -27.80
C ALA H 48 -41.46 -22.67 -26.30
N LEU H 49 -42.61 -22.17 -25.92
CA LEU H 49 -42.88 -21.91 -24.51
C LEU H 49 -44.12 -22.61 -23.99
N LEU H 50 -45.17 -22.71 -24.80
CA LEU H 50 -46.42 -23.30 -24.32
C LEU H 50 -46.26 -24.75 -23.85
N PRO H 51 -45.59 -25.64 -24.58
CA PRO H 51 -45.50 -27.04 -24.10
C PRO H 51 -44.88 -27.18 -22.73
N ASN H 52 -43.89 -26.34 -22.39
CA ASN H 52 -43.23 -26.42 -21.10
C ASN H 52 -43.62 -25.28 -20.17
N PHE H 53 -44.74 -24.62 -20.43
CA PHE H 53 -45.15 -23.50 -19.60
C PHE H 53 -45.41 -23.93 -18.17
N THR H 54 -46.14 -25.03 -17.99
CA THR H 54 -46.50 -25.47 -16.65
C THR H 54 -45.27 -25.87 -15.84
N ARG H 55 -44.38 -26.66 -16.44
CA ARG H 55 -43.18 -27.07 -15.72
C ARG H 55 -42.28 -25.88 -15.42
N GLY H 56 -42.22 -24.92 -16.34
CA GLY H 56 -41.42 -23.73 -16.08
C GLY H 56 -41.96 -22.92 -14.92
N ASN H 57 -43.27 -22.73 -14.87
CA ASN H 57 -43.87 -22.02 -13.75
C ASN H 57 -43.66 -22.77 -12.45
N ALA H 58 -43.78 -24.10 -12.49
CA ALA H 58 -43.56 -24.89 -11.28
C ALA H 58 -42.12 -24.75 -10.79
N ARG H 59 -41.17 -24.80 -11.72
CA ARG H 59 -39.77 -24.65 -11.35
C ARG H 59 -39.51 -23.27 -10.76
N ALA H 60 -40.09 -22.23 -11.35
CA ALA H 60 -39.92 -20.89 -10.80
C ALA H 60 -40.51 -20.79 -9.39
N ASP H 61 -41.68 -21.37 -9.19
CA ASP H 61 -42.30 -21.34 -7.86
C ASP H 61 -41.44 -22.07 -6.85
N ASP H 62 -40.89 -23.23 -7.23
CA ASP H 62 -40.01 -23.94 -6.32
C ASP H 62 -38.79 -23.10 -5.99
N LEU H 63 -38.22 -22.45 -6.99
CA LEU H 63 -37.02 -21.64 -6.77
C LEU H 63 -37.30 -20.51 -5.80
N VAL H 64 -38.41 -19.80 -5.98
CA VAL H 64 -38.68 -18.69 -5.07
C VAL H 64 -39.03 -19.21 -3.69
N ARG H 65 -39.76 -20.31 -3.59
CA ARG H 65 -40.16 -20.81 -2.28
C ARG H 65 -38.98 -21.32 -1.47
N ASN H 66 -38.01 -21.96 -2.12
CA ASN H 66 -36.92 -22.61 -1.38
C ASN H 66 -35.60 -21.86 -1.44
N ASN H 67 -35.18 -21.40 -2.61
CA ASN H 67 -33.87 -20.76 -2.73
C ASN H 67 -33.90 -19.38 -2.11
N GLY H 68 -32.87 -19.08 -1.31
CA GLY H 68 -32.82 -17.79 -0.65
C GLY H 68 -32.62 -16.64 -1.61
N TYR H 69 -31.76 -16.81 -2.61
CA TYR H 69 -31.47 -15.73 -3.54
C TYR H 69 -32.70 -15.34 -4.35
N ALA H 70 -33.51 -16.33 -4.75
CA ALA H 70 -34.72 -16.01 -5.50
C ALA H 70 -35.67 -15.14 -4.66
N ALA H 71 -35.87 -15.52 -3.40
CA ALA H 71 -36.72 -14.73 -2.53
C ALA H 71 -36.13 -13.33 -2.33
N ASN H 72 -34.82 -13.25 -2.17
CA ASN H 72 -34.18 -11.94 -2.04
C ASN H 72 -34.45 -11.09 -3.27
N ALA H 73 -34.20 -11.63 -4.46
CA ALA H 73 -34.36 -10.86 -5.69
C ALA H 73 -35.80 -10.41 -5.86
N ILE H 74 -36.76 -11.28 -5.57
CA ILE H 74 -38.15 -10.87 -5.65
C ILE H 74 -38.41 -9.76 -4.63
N GLN H 75 -37.70 -9.79 -3.50
CA GLN H 75 -37.88 -8.74 -2.50
C GLN H 75 -37.36 -7.40 -3.00
N LEU H 76 -36.18 -7.38 -3.62
CA LEU H 76 -35.70 -6.11 -4.17
C LEU H 76 -36.60 -5.62 -5.31
N HIS H 77 -37.08 -6.53 -6.15
CA HIS H 77 -38.05 -6.13 -7.16
C HIS H 77 -39.25 -5.46 -6.50
N GLN H 78 -39.79 -6.11 -5.48
CA GLN H 78 -40.96 -5.64 -4.77
C GLN H 78 -40.73 -4.25 -4.18
N ASP H 79 -39.57 -4.04 -3.58
CA ASP H 79 -39.34 -2.81 -2.84
C ASP H 79 -38.79 -1.70 -3.71
N HIS H 80 -38.34 -1.99 -4.93
CA HIS H 80 -37.79 -0.95 -5.78
C HIS H 80 -38.74 -0.53 -6.89
N ILE H 81 -39.48 -1.46 -7.49
CA ILE H 81 -40.41 -1.09 -8.54
C ILE H 81 -41.49 -0.16 -8.00
N VAL H 82 -42.05 -0.49 -6.85
CA VAL H 82 -43.11 0.28 -6.22
C VAL H 82 -42.67 0.88 -4.89
N GLY H 83 -42.14 0.05 -3.99
CA GLY H 83 -41.69 0.54 -2.71
C GLY H 83 -42.80 0.60 -1.68
N SER H 84 -42.63 1.52 -0.72
CA SER H 84 -43.53 1.58 0.41
C SER H 84 -44.94 1.99 0.00
N PHE H 85 -45.06 2.92 -0.95
CA PHE H 85 -46.36 3.45 -1.31
C PHE H 85 -46.35 3.84 -2.77
N PHE H 86 -47.56 3.89 -3.35
CA PHE H 86 -47.78 4.16 -4.77
C PHE H 86 -48.82 5.27 -4.90
N ARG H 87 -48.36 6.52 -4.88
CA ARG H 87 -49.27 7.65 -4.97
C ARG H 87 -49.69 7.91 -6.40
N LEU H 88 -50.92 8.40 -6.55
CA LEU H 88 -51.49 8.72 -7.85
C LEU H 88 -51.42 10.22 -8.09
N SER H 89 -51.39 10.61 -9.36
CA SER H 89 -51.54 12.00 -9.75
C SER H 89 -52.35 12.03 -11.03
N HIS H 90 -53.54 12.63 -10.97
CA HIS H 90 -54.44 12.68 -12.11
C HIS H 90 -54.19 13.96 -12.89
N ARG H 91 -53.66 13.82 -14.10
CA ARG H 91 -53.36 14.95 -14.99
C ARG H 91 -54.31 14.88 -16.19
N PRO H 92 -55.51 15.41 -16.07
CA PRO H 92 -56.42 15.41 -17.21
C PRO H 92 -55.90 16.27 -18.34
N SER H 93 -56.21 15.85 -19.57
CA SER H 93 -55.78 16.57 -20.76
C SER H 93 -56.82 17.64 -21.07
N TRP H 94 -56.74 18.74 -20.32
CA TRP H 94 -57.71 19.83 -20.48
C TRP H 94 -57.64 20.43 -21.87
N ARG H 95 -56.44 20.50 -22.45
CA ARG H 95 -56.30 21.09 -23.77
C ARG H 95 -57.06 20.29 -24.82
N TYR H 96 -56.87 18.98 -24.84
CA TYR H 96 -57.64 18.15 -25.77
C TYR H 96 -59.12 18.22 -25.49
N LEU H 97 -59.50 18.19 -24.22
CA LEU H 97 -60.91 18.28 -23.85
C LEU H 97 -61.45 19.70 -23.91
N GLY H 98 -60.59 20.68 -24.17
CA GLY H 98 -61.04 22.05 -24.24
C GLY H 98 -61.63 22.53 -22.93
N ILE H 99 -60.93 22.28 -21.82
CA ILE H 99 -61.42 22.60 -20.50
C ILE H 99 -60.48 23.62 -19.88
N GLY H 100 -61.05 24.58 -19.14
CA GLY H 100 -60.23 25.53 -18.42
C GLY H 100 -59.28 24.82 -17.48
N GLU H 101 -58.01 25.26 -17.49
CA GLU H 101 -56.98 24.54 -16.76
C GLU H 101 -57.26 24.54 -15.27
N GLU H 102 -57.75 25.66 -14.73
CA GLU H 102 -58.11 25.70 -13.32
C GLU H 102 -59.25 24.73 -13.00
N GLU H 103 -60.21 24.62 -13.92
CA GLU H 103 -61.28 23.65 -13.74
C GLU H 103 -60.73 22.23 -13.73
N ALA H 104 -59.78 21.95 -14.63
CA ALA H 104 -59.16 20.64 -14.64
C ALA H 104 -58.42 20.37 -13.33
N ARG H 105 -57.74 21.39 -12.80
CA ARG H 105 -57.03 21.22 -11.54
C ARG H 105 -58.00 20.94 -10.39
N ALA H 106 -59.11 21.67 -10.34
CA ALA H 106 -60.10 21.43 -9.30
C ALA H 106 -60.68 20.03 -9.42
N PHE H 107 -60.98 19.60 -10.64
CA PHE H 107 -61.50 18.26 -10.86
C PHE H 107 -60.48 17.20 -10.42
N SER H 108 -59.21 17.43 -10.75
CA SER H 108 -58.16 16.50 -10.34
C SER H 108 -58.05 16.43 -8.83
N ARG H 109 -58.15 17.58 -8.16
CA ARG H 109 -58.10 17.59 -6.71
C ARG H 109 -59.25 16.78 -6.13
N GLU H 110 -60.46 16.98 -6.67
CA GLU H 110 -61.61 16.24 -6.14
C GLU H 110 -61.46 14.74 -6.36
N VAL H 111 -61.05 14.34 -7.57
CA VAL H 111 -60.95 12.91 -7.84
C VAL H 111 -59.84 12.29 -7.01
N GLU H 112 -58.75 13.02 -6.80
CA GLU H 112 -57.69 12.51 -5.94
C GLU H 112 -58.19 12.36 -4.50
N ALA H 113 -58.96 13.34 -4.02
CA ALA H 113 -59.46 13.26 -2.66
C ALA H 113 -60.34 12.04 -2.49
N ALA H 114 -61.20 11.76 -3.48
CA ALA H 114 -61.97 10.53 -3.45
C ALA H 114 -61.06 9.31 -3.51
N TRP H 115 -60.02 9.38 -4.33
CA TRP H 115 -59.22 8.20 -4.60
C TRP H 115 -58.43 7.75 -3.38
N LYS H 116 -57.83 8.69 -2.65
CA LYS H 116 -57.06 8.24 -1.49
C LYS H 116 -57.95 7.55 -0.47
N GLU H 117 -59.08 8.17 -0.13
CA GLU H 117 -59.96 7.56 0.84
C GLU H 117 -60.56 6.26 0.33
N PHE H 118 -60.66 6.09 -0.99
CA PHE H 118 -61.13 4.80 -1.51
C PHE H 118 -60.04 3.74 -1.46
N ALA H 119 -58.79 4.12 -1.65
CA ALA H 119 -57.73 3.14 -1.91
C ALA H 119 -57.21 2.50 -0.64
N GLU H 120 -56.77 3.31 0.32
CA GLU H 120 -56.12 2.81 1.53
C GLU H 120 -57.11 2.51 2.65
N ASP H 121 -58.34 2.17 2.30
CA ASP H 121 -59.34 1.85 3.32
C ASP H 121 -58.87 0.69 4.17
N ASP H 122 -59.12 0.80 5.48
CA ASP H 122 -58.72 -0.25 6.42
C ASP H 122 -59.46 -1.55 6.15
N CYS H 123 -60.73 -1.47 5.75
CA CYS H 123 -61.56 -2.66 5.55
C CYS H 123 -61.07 -3.54 4.42
N CYS H 124 -60.15 -3.06 3.59
CA CYS H 124 -59.70 -3.77 2.40
C CYS H 124 -60.87 -4.04 1.45
N CYS H 125 -61.87 -3.16 1.46
CA CYS H 125 -63.06 -3.38 0.66
C CYS H 125 -62.79 -3.35 -0.83
N ILE H 126 -61.67 -2.73 -1.26
CA ILE H 126 -61.31 -2.77 -2.66
C ILE H 126 -61.01 -4.20 -3.09
N ASP H 127 -60.53 -5.01 -2.16
CA ASP H 127 -60.22 -6.41 -2.44
C ASP H 127 -61.44 -7.27 -2.16
N VAL H 128 -61.80 -8.11 -3.14
CA VAL H 128 -62.85 -9.09 -2.91
C VAL H 128 -62.45 -10.03 -1.78
N GLU H 129 -61.18 -10.44 -1.77
CA GLU H 129 -60.68 -11.29 -0.70
C GLU H 129 -60.62 -10.56 0.64
N ARG H 130 -60.63 -9.22 0.63
CA ARG H 130 -60.72 -8.42 1.85
C ARG H 130 -59.52 -8.65 2.77
N LYS H 131 -58.34 -8.77 2.20
CA LYS H 131 -57.13 -8.89 3.00
C LYS H 131 -55.94 -8.13 2.46
N ARG H 132 -56.11 -7.34 1.40
CA ARG H 132 -55.00 -6.61 0.79
C ARG H 132 -55.44 -5.20 0.47
N THR H 133 -54.55 -4.22 0.68
CA THR H 133 -54.85 -2.88 0.20
C THR H 133 -54.09 -2.60 -1.10
N PHE H 134 -54.34 -1.42 -1.66
CA PHE H 134 -53.96 -1.13 -3.03
C PHE H 134 -52.45 -1.23 -3.23
N THR H 135 -51.67 -0.72 -2.28
CA THR H 135 -50.22 -0.78 -2.46
C THR H 135 -49.75 -2.21 -2.60
N MET H 136 -50.20 -3.09 -1.71
CA MET H 136 -49.85 -4.49 -1.89
C MET H 136 -50.61 -5.16 -3.03
N MET H 137 -51.72 -4.60 -3.51
CA MET H 137 -52.19 -5.05 -4.81
C MET H 137 -51.10 -4.88 -5.87
N ILE H 138 -50.55 -3.68 -5.98
CA ILE H 138 -49.54 -3.44 -7.00
C ILE H 138 -48.31 -4.30 -6.74
N ARG H 139 -47.96 -4.47 -5.47
CA ARG H 139 -46.79 -5.27 -5.13
C ARG H 139 -46.97 -6.73 -5.53
N GLU H 140 -48.11 -7.31 -5.18
CA GLU H 140 -48.38 -8.68 -5.59
C GLU H 140 -48.41 -8.80 -7.11
N GLY H 141 -48.97 -7.79 -7.78
CA GLY H 141 -49.03 -7.83 -9.23
C GLY H 141 -47.65 -7.85 -9.85
N VAL H 142 -46.77 -6.96 -9.41
CA VAL H 142 -45.44 -6.89 -10.00
C VAL H 142 -44.64 -8.14 -9.67
N ALA H 143 -44.75 -8.64 -8.44
CA ALA H 143 -44.02 -9.84 -8.08
C ALA H 143 -44.49 -11.04 -8.88
N MET H 144 -45.80 -11.20 -9.04
CA MET H 144 -46.33 -12.34 -9.77
C MET H 144 -45.98 -12.23 -11.25
N HIS H 145 -46.00 -11.02 -11.80
CA HIS H 145 -45.50 -10.85 -13.16
C HIS H 145 -44.04 -11.25 -13.25
N ALA H 146 -43.25 -10.91 -12.23
CA ALA H 146 -41.83 -11.22 -12.27
C ALA H 146 -41.59 -12.72 -12.27
N PHE H 147 -42.20 -13.44 -11.34
CA PHE H 147 -41.90 -14.85 -11.19
C PHE H 147 -42.80 -15.75 -12.03
N ASN H 148 -43.75 -15.18 -12.78
CA ASN H 148 -44.59 -15.98 -13.66
C ASN H 148 -44.68 -15.43 -15.08
N GLY H 149 -44.24 -14.20 -15.32
CA GLY H 149 -44.29 -13.63 -16.64
C GLY H 149 -45.53 -12.83 -16.96
N GLU H 150 -46.55 -12.86 -16.11
CA GLU H 150 -47.79 -12.16 -16.40
C GLU H 150 -48.57 -11.96 -15.10
N LEU H 151 -49.65 -11.19 -15.20
CA LEU H 151 -50.52 -10.98 -14.07
C LEU H 151 -51.95 -10.76 -14.57
N PHE H 152 -52.91 -11.17 -13.75
CA PHE H 152 -54.31 -11.14 -14.13
C PHE H 152 -55.13 -10.54 -13.00
N VAL H 153 -55.95 -9.55 -13.33
CA VAL H 153 -56.83 -8.88 -12.37
C VAL H 153 -58.25 -8.96 -12.89
N GLN H 154 -59.20 -9.14 -11.99
CA GLN H 154 -60.61 -9.20 -12.33
C GLN H 154 -61.36 -8.13 -11.53
N ALA H 155 -62.14 -7.33 -12.23
CA ALA H 155 -62.94 -6.28 -11.63
C ALA H 155 -64.37 -6.78 -11.47
N THR H 156 -64.87 -6.76 -10.25
CA THR H 156 -66.19 -7.27 -9.93
C THR H 156 -67.08 -6.14 -9.44
N TRP H 157 -68.36 -6.25 -9.74
CA TRP H 157 -69.36 -5.27 -9.34
C TRP H 157 -70.11 -5.85 -8.14
N ASP H 158 -69.71 -5.45 -6.94
CA ASP H 158 -70.36 -5.95 -5.74
C ASP H 158 -71.78 -5.41 -5.65
N THR H 159 -72.64 -6.15 -4.95
CA THR H 159 -74.01 -5.75 -4.73
C THR H 159 -74.24 -5.14 -3.35
N SER H 160 -73.27 -5.23 -2.45
CA SER H 160 -73.45 -4.69 -1.11
C SER H 160 -73.42 -3.16 -1.15
N SER H 161 -74.40 -2.54 -0.51
CA SER H 161 -74.49 -1.10 -0.44
C SER H 161 -73.79 -0.51 0.77
N SER H 162 -73.15 -1.35 1.59
CA SER H 162 -72.46 -0.87 2.77
C SER H 162 -71.34 0.10 2.44
N ARG H 163 -70.83 0.06 1.21
CA ARG H 163 -69.76 0.95 0.77
C ARG H 163 -70.28 1.82 -0.37
N LEU H 164 -69.71 3.03 -0.46
CA LEU H 164 -70.09 3.92 -1.54
C LEU H 164 -69.71 3.33 -2.90
N PHE H 165 -68.52 2.73 -2.99
CA PHE H 165 -68.04 2.13 -4.22
C PHE H 165 -68.21 0.62 -4.16
N ARG H 166 -68.89 0.07 -5.16
CA ARG H 166 -69.12 -1.37 -5.24
C ARG H 166 -68.12 -2.08 -6.16
N THR H 167 -67.17 -1.35 -6.73
CA THR H 167 -66.17 -1.96 -7.59
C THR H 167 -65.08 -2.58 -6.73
N GLN H 168 -64.83 -3.87 -6.92
CA GLN H 168 -63.82 -4.59 -6.17
C GLN H 168 -62.88 -5.28 -7.14
N PHE H 169 -61.72 -5.68 -6.64
CA PHE H 169 -60.69 -6.27 -7.48
C PHE H 169 -60.17 -7.55 -6.86
N ARG H 170 -60.00 -8.58 -7.68
CA ARG H 170 -59.47 -9.87 -7.25
C ARG H 170 -58.38 -10.31 -8.20
N MET H 171 -57.26 -10.77 -7.67
CA MET H 171 -56.19 -11.30 -8.51
C MET H 171 -56.51 -12.72 -8.92
N VAL H 172 -56.02 -13.11 -10.09
CA VAL H 172 -56.10 -14.48 -10.56
C VAL H 172 -54.67 -14.95 -10.83
N SER H 173 -54.27 -16.02 -10.17
CA SER H 173 -52.97 -16.59 -10.44
C SER H 173 -52.95 -17.16 -11.85
N PRO H 174 -51.82 -17.03 -12.56
CA PRO H 174 -51.76 -17.54 -13.94
C PRO H 174 -52.02 -19.03 -14.03
N LYS H 175 -51.72 -19.79 -12.97
CA LYS H 175 -51.93 -21.22 -13.01
C LYS H 175 -53.41 -21.57 -13.08
N ARG H 176 -54.29 -20.65 -12.74
CA ARG H 176 -55.72 -20.89 -12.84
C ARG H 176 -56.27 -20.62 -14.23
N ILE H 177 -55.42 -20.20 -15.17
CA ILE H 177 -55.83 -19.93 -16.54
C ILE H 177 -55.34 -21.08 -17.40
N SER H 178 -56.27 -21.87 -17.94
CA SER H 178 -55.90 -23.03 -18.75
C SER H 178 -57.08 -23.40 -19.63
N ASN H 179 -56.80 -24.22 -20.64
CA ASN H 179 -57.86 -24.72 -21.49
C ASN H 179 -58.84 -25.54 -20.67
N PRO H 180 -60.14 -25.41 -20.91
CA PRO H 180 -61.11 -26.22 -20.17
C PRO H 180 -60.85 -27.70 -20.37
N ASN H 181 -60.99 -28.46 -19.28
CA ASN H 181 -60.81 -29.91 -19.27
C ASN H 181 -59.45 -30.33 -19.80
N ASN H 182 -58.48 -29.41 -19.79
CA ASN H 182 -57.13 -29.68 -20.28
C ASN H 182 -57.17 -30.21 -21.71
N THR H 183 -58.06 -29.64 -22.52
CA THR H 183 -58.23 -30.12 -23.88
C THR H 183 -57.01 -29.77 -24.73
N GLY H 184 -56.96 -30.38 -25.91
CA GLY H 184 -55.84 -30.14 -26.80
C GLY H 184 -55.78 -28.68 -27.23
N ASP H 185 -54.57 -28.18 -27.37
CA ASP H 185 -54.37 -26.79 -27.78
C ASP H 185 -54.80 -26.59 -29.22
N SER H 186 -55.42 -25.44 -29.49
CA SER H 186 -55.90 -25.09 -30.81
C SER H 186 -55.34 -23.73 -31.20
N ARG H 187 -55.71 -23.27 -32.41
CA ARG H 187 -55.23 -21.98 -32.88
C ARG H 187 -55.84 -20.83 -32.08
N ASN H 188 -57.16 -20.86 -31.89
CA ASN H 188 -57.86 -19.77 -31.24
C ASN H 188 -58.09 -20.00 -29.76
N CYS H 189 -57.66 -21.14 -29.23
CA CYS H 189 -57.79 -21.42 -27.79
C CYS H 189 -56.45 -21.97 -27.32
N ARG H 190 -55.55 -21.08 -26.92
CA ARG H 190 -54.21 -21.44 -26.49
C ARG H 190 -54.06 -21.10 -25.01
N ALA H 191 -53.78 -22.11 -24.19
CA ALA H 191 -53.50 -21.91 -22.78
C ALA H 191 -54.62 -21.15 -22.07
N GLY H 192 -55.86 -21.41 -22.50
CA GLY H 192 -57.02 -20.88 -21.82
C GLY H 192 -57.50 -19.51 -22.26
N VAL H 193 -56.76 -18.83 -23.14
CA VAL H 193 -57.17 -17.52 -23.63
C VAL H 193 -57.62 -17.66 -25.07
N GLN H 194 -58.83 -17.17 -25.35
CA GLN H 194 -59.39 -17.21 -26.69
C GLN H 194 -58.87 -16.03 -27.48
N ILE H 195 -58.47 -16.27 -28.72
CA ILE H 195 -57.95 -15.22 -29.58
C ILE H 195 -58.81 -15.12 -30.82
N ASN H 196 -58.77 -13.95 -31.44
CA ASN H 196 -59.49 -13.71 -32.69
C ASN H 196 -58.58 -14.06 -33.86
N ASP H 197 -58.98 -13.64 -35.06
CA ASP H 197 -58.14 -13.87 -36.23
C ASP H 197 -56.80 -13.15 -36.11
N SER H 198 -56.81 -11.95 -35.56
CA SER H 198 -55.57 -11.19 -35.39
C SER H 198 -54.82 -11.57 -34.12
N GLY H 199 -55.35 -12.48 -33.32
CA GLY H 199 -54.73 -12.88 -32.09
C GLY H 199 -55.13 -12.07 -30.88
N ALA H 200 -55.93 -11.01 -31.05
CA ALA H 200 -56.38 -10.23 -29.92
C ALA H 200 -57.19 -11.08 -28.96
N ALA H 201 -56.95 -10.90 -27.67
CA ALA H 201 -57.61 -11.70 -26.66
C ALA H 201 -59.09 -11.31 -26.56
N LEU H 202 -59.97 -12.27 -26.81
CA LEU H 202 -61.40 -12.04 -26.68
C LEU H 202 -61.93 -12.45 -25.32
N GLY H 203 -61.28 -13.41 -24.68
CA GLY H 203 -61.73 -13.88 -23.38
C GLY H 203 -60.77 -14.91 -22.86
N TYR H 204 -61.10 -15.44 -21.68
CA TYR H 204 -60.23 -16.37 -20.98
C TYR H 204 -61.06 -17.48 -20.35
N TYR H 205 -60.38 -18.60 -20.08
CA TYR H 205 -60.96 -19.71 -19.36
C TYR H 205 -60.22 -19.82 -18.03
N VAL H 206 -60.91 -19.53 -16.95
CA VAL H 206 -60.31 -19.52 -15.61
C VAL H 206 -60.77 -20.76 -14.87
N SER H 207 -59.81 -21.50 -14.33
CA SER H 207 -60.13 -22.71 -13.57
C SER H 207 -60.28 -22.36 -12.10
N GLU H 208 -61.26 -22.98 -11.45
CA GLU H 208 -61.47 -22.79 -10.03
C GLU H 208 -60.34 -23.42 -9.23
N ASP H 209 -60.30 -23.09 -7.94
CA ASP H 209 -59.29 -23.64 -7.06
C ASP H 209 -59.46 -25.15 -6.92
N GLY H 210 -58.35 -25.87 -6.94
CA GLY H 210 -58.39 -27.32 -6.85
C GLY H 210 -57.97 -27.88 -5.52
N TYR H 211 -57.98 -27.05 -4.46
CA TYR H 211 -57.55 -27.50 -3.14
C TYR H 211 -58.77 -27.71 -2.25
N PRO H 212 -58.92 -28.90 -1.64
CA PRO H 212 -58.05 -30.07 -1.77
C PRO H 212 -58.29 -30.80 -3.08
N GLY H 213 -57.37 -31.66 -3.51
CA GLY H 213 -57.44 -32.24 -4.83
C GLY H 213 -58.41 -33.41 -4.96
N TRP H 214 -59.53 -33.35 -4.24
CA TRP H 214 -60.55 -34.39 -4.30
C TRP H 214 -61.70 -34.03 -5.23
N MET H 215 -61.58 -32.95 -6.00
CA MET H 215 -62.66 -32.52 -6.88
C MET H 215 -62.12 -32.26 -8.28
N PRO H 216 -62.97 -32.33 -9.32
CA PRO H 216 -62.53 -31.91 -10.64
C PRO H 216 -62.73 -30.41 -10.89
N GLN H 217 -61.68 -29.75 -11.35
CA GLN H 217 -61.75 -28.32 -11.56
C GLN H 217 -62.72 -27.98 -12.68
N LYS H 218 -63.38 -26.84 -12.55
CA LYS H 218 -64.35 -26.37 -13.54
C LYS H 218 -63.86 -25.03 -14.08
N TRP H 219 -64.00 -24.84 -15.39
CA TRP H 219 -63.50 -23.67 -16.08
C TRP H 219 -64.64 -22.73 -16.44
N THR H 220 -64.42 -21.44 -16.21
CA THR H 220 -65.39 -20.40 -16.49
C THR H 220 -64.88 -19.51 -17.60
N TRP H 221 -65.77 -19.16 -18.52
CA TRP H 221 -65.45 -18.25 -19.61
C TRP H 221 -65.67 -16.82 -19.13
N ILE H 222 -64.65 -15.98 -19.28
CA ILE H 222 -64.71 -14.59 -18.87
C ILE H 222 -64.36 -13.74 -20.07
N PRO H 223 -65.26 -12.88 -20.56
CA PRO H 223 -64.90 -11.96 -21.65
C PRO H 223 -63.84 -10.99 -21.18
N ARG H 224 -62.99 -10.57 -22.12
CA ARG H 224 -61.89 -9.68 -21.77
C ARG H 224 -62.40 -8.36 -21.22
N GLU H 225 -63.41 -7.79 -21.85
CA GLU H 225 -63.95 -6.52 -21.42
C GLU H 225 -65.48 -6.55 -21.53
N LEU H 226 -66.11 -5.68 -20.75
CA LEU H 226 -67.56 -5.61 -20.74
C LEU H 226 -68.07 -5.05 -22.06
N PRO H 227 -69.34 -5.31 -22.39
CA PRO H 227 -69.91 -4.74 -23.63
C PRO H 227 -69.84 -3.23 -23.69
N GLY H 228 -69.93 -2.56 -22.55
CA GLY H 228 -69.84 -1.11 -22.52
C GLY H 228 -68.44 -0.56 -22.60
N GLY H 229 -67.44 -1.41 -22.84
CA GLY H 229 -66.07 -0.98 -22.90
C GLY H 229 -65.35 -0.97 -21.58
N ARG H 230 -66.06 -1.22 -20.48
CA ARG H 230 -65.41 -1.29 -19.18
C ARG H 230 -64.54 -2.55 -19.11
N ALA H 231 -63.32 -2.37 -18.60
CA ALA H 231 -62.35 -3.46 -18.54
C ALA H 231 -62.75 -4.43 -17.44
N SER H 232 -63.41 -5.53 -17.82
CA SER H 232 -63.78 -6.54 -16.85
C SER H 232 -62.59 -7.36 -16.39
N PHE H 233 -61.71 -7.72 -17.31
CA PHE H 233 -60.55 -8.55 -17.02
C PHE H 233 -59.31 -7.89 -17.59
N ILE H 234 -58.25 -7.80 -16.78
CA ILE H 234 -57.02 -7.15 -17.17
C ILE H 234 -55.90 -8.18 -17.14
N HIS H 235 -55.21 -8.32 -18.27
CA HIS H 235 -54.04 -9.19 -18.37
C HIS H 235 -52.84 -8.34 -18.73
N VAL H 236 -51.85 -8.30 -17.86
CA VAL H 236 -50.68 -7.45 -18.05
C VAL H 236 -49.44 -8.32 -18.09
N PHE H 237 -48.67 -8.17 -19.16
CA PHE H 237 -47.38 -8.86 -19.30
C PHE H 237 -46.59 -8.14 -20.37
N GLU H 238 -45.34 -8.57 -20.55
CA GLU H 238 -44.46 -7.96 -21.54
C GLU H 238 -44.27 -8.96 -22.66
N PRO H 239 -44.71 -8.66 -23.88
CA PRO H 239 -44.47 -9.58 -25.00
C PRO H 239 -43.19 -9.23 -25.73
N VAL H 240 -42.50 -10.26 -26.22
CA VAL H 240 -41.24 -10.07 -26.92
C VAL H 240 -41.38 -10.12 -28.44
N GLU H 241 -42.51 -10.62 -28.95
CA GLU H 241 -42.70 -10.74 -30.38
C GLU H 241 -44.19 -10.86 -30.67
N ASP H 242 -44.55 -10.62 -31.92
CA ASP H 242 -45.94 -10.76 -32.33
C ASP H 242 -46.41 -12.20 -32.15
N GLY H 243 -47.62 -12.36 -31.63
CA GLY H 243 -48.23 -13.66 -31.47
C GLY H 243 -48.05 -14.30 -30.11
N GLN H 244 -47.17 -13.77 -29.27
CA GLN H 244 -47.01 -14.31 -27.93
C GLN H 244 -48.28 -14.06 -27.13
N THR H 245 -48.73 -15.08 -26.40
CA THR H 245 -49.96 -14.98 -25.63
C THR H 245 -49.75 -15.08 -24.13
N ARG H 246 -48.68 -15.72 -23.68
CA ARG H 246 -48.39 -15.83 -22.26
C ARG H 246 -46.97 -15.37 -22.01
N GLY H 247 -46.78 -14.60 -20.94
CA GLY H 247 -45.47 -14.11 -20.61
C GLY H 247 -44.58 -15.21 -20.06
N ALA H 248 -43.28 -14.94 -20.06
CA ALA H 248 -42.27 -15.85 -19.55
C ALA H 248 -41.64 -15.25 -18.32
N ASN H 249 -41.46 -16.07 -17.28
CA ASN H 249 -40.82 -15.59 -16.07
C ASN H 249 -39.37 -15.20 -16.35
N VAL H 250 -38.86 -14.29 -15.51
CA VAL H 250 -37.49 -13.82 -15.71
C VAL H 250 -36.50 -14.95 -15.49
N PHE H 251 -36.79 -15.85 -14.56
CA PHE H 251 -35.84 -16.90 -14.21
C PHE H 251 -35.55 -17.85 -15.34
N TYR H 252 -36.27 -17.76 -16.46
CA TYR H 252 -36.20 -18.78 -17.50
C TYR H 252 -34.82 -18.98 -18.08
N SER H 253 -33.80 -18.25 -17.61
CA SER H 253 -32.46 -18.37 -18.15
C SER H 253 -31.42 -18.61 -17.08
N VAL H 254 -31.82 -18.88 -15.84
CA VAL H 254 -30.83 -18.94 -14.78
C VAL H 254 -31.02 -20.13 -13.85
N MET H 255 -32.10 -20.90 -14.02
CA MET H 255 -32.40 -21.92 -13.03
C MET H 255 -31.23 -22.89 -12.86
N GLU H 256 -30.72 -23.42 -13.96
CA GLU H 256 -29.60 -24.35 -13.88
C GLU H 256 -28.35 -23.70 -13.27
N GLN H 257 -28.16 -22.38 -13.42
CA GLN H 257 -27.09 -21.77 -12.65
C GLN H 257 -27.34 -21.85 -11.16
N MET H 258 -28.58 -21.63 -10.71
CA MET H 258 -28.86 -21.79 -9.30
C MET H 258 -28.59 -23.21 -8.85
N LYS H 259 -28.90 -24.19 -9.70
CA LYS H 259 -28.64 -25.57 -9.32
C LYS H 259 -27.14 -25.87 -9.26
N MET H 260 -26.35 -25.37 -10.20
CA MET H 260 -24.92 -25.60 -10.04
C MET H 260 -24.39 -24.88 -8.81
N LEU H 261 -24.93 -23.71 -8.48
CA LEU H 261 -24.50 -23.03 -7.27
C LEU H 261 -24.84 -23.87 -6.04
N ASP H 262 -26.04 -24.45 -6.00
CA ASP H 262 -26.42 -25.28 -4.87
C ASP H 262 -25.49 -26.49 -4.76
N THR H 263 -25.32 -27.22 -5.86
CA THR H 263 -24.44 -28.39 -5.84
C THR H 263 -23.04 -28.00 -5.43
N LEU H 264 -22.62 -26.79 -5.78
CA LEU H 264 -21.33 -26.29 -5.31
C LEU H 264 -21.33 -26.16 -3.80
N GLN H 265 -22.43 -25.67 -3.23
CA GLN H 265 -22.51 -25.57 -1.77
C GLN H 265 -22.35 -26.93 -1.12
N ASN H 266 -23.12 -27.92 -1.59
CA ASN H 266 -23.01 -29.25 -1.00
C ASN H 266 -21.63 -29.85 -1.20
N THR H 267 -21.02 -29.66 -2.37
CA THR H 267 -19.71 -30.28 -2.57
C THR H 267 -18.64 -29.58 -1.74
N GLN H 268 -18.78 -28.27 -1.50
CA GLN H 268 -17.87 -27.60 -0.59
C GLN H 268 -18.03 -28.13 0.82
N LEU H 269 -19.27 -28.37 1.25
CA LEU H 269 -19.48 -28.98 2.54
C LEU H 269 -18.82 -30.34 2.61
N GLN H 270 -18.98 -31.14 1.55
CA GLN H 270 -18.42 -32.48 1.53
C GLN H 270 -16.90 -32.43 1.61
N SER H 271 -16.29 -31.48 0.90
CA SER H 271 -14.85 -31.31 0.98
C SER H 271 -14.43 -30.96 2.40
N ALA H 272 -15.17 -30.06 3.05
CA ALA H 272 -14.85 -29.72 4.43
C ALA H 272 -14.96 -30.93 5.34
N ILE H 273 -15.99 -31.75 5.13
CA ILE H 273 -16.17 -32.95 5.93
C ILE H 273 -14.99 -33.89 5.75
N VAL H 274 -14.64 -34.17 4.50
CA VAL H 274 -13.63 -35.18 4.22
C VAL H 274 -12.24 -34.68 4.59
N LYS H 275 -12.04 -33.37 4.65
CA LYS H 275 -10.70 -32.86 4.91
C LYS H 275 -10.39 -32.82 6.39
N ALA H 276 -11.29 -33.34 7.21
CA ALA H 276 -11.08 -33.53 8.64
C ALA H 276 -11.25 -35.00 8.98
N MET H 277 -10.72 -35.88 8.13
CA MET H 277 -10.90 -37.31 8.27
C MET H 277 -9.65 -37.93 8.90
N TYR H 278 -9.86 -38.81 9.87
CA TYR H 278 -8.78 -39.50 10.55
C TYR H 278 -8.99 -41.00 10.40
N ALA H 279 -7.94 -41.71 10.02
CA ALA H 279 -7.99 -43.17 9.89
C ALA H 279 -6.70 -43.75 10.47
N ALA H 280 -6.77 -44.25 11.70
CA ALA H 280 -5.65 -44.89 12.36
C ALA H 280 -6.00 -46.35 12.59
N THR H 281 -5.16 -47.25 12.09
CA THR H 281 -5.41 -48.68 12.20
C THR H 281 -4.16 -49.38 12.72
N ILE H 282 -4.37 -50.40 13.54
CA ILE H 282 -3.27 -51.27 13.97
C ILE H 282 -3.02 -52.26 12.83
N GLU H 283 -1.81 -52.25 12.30
CA GLU H 283 -1.47 -53.01 11.11
C GLU H 283 -0.30 -53.93 11.39
N SER H 284 -0.48 -55.21 11.06
CA SER H 284 0.59 -56.20 11.11
C SER H 284 0.71 -56.84 9.73
N GLU H 285 1.94 -57.15 9.34
CA GLU H 285 2.21 -57.64 8.00
C GLU H 285 2.11 -59.17 7.92
N LEU H 286 2.99 -59.88 8.64
CA LEU H 286 3.10 -61.33 8.54
C LEU H 286 2.96 -61.79 7.09
N ASP H 287 2.24 -62.89 6.88
CA ASP H 287 1.69 -63.28 5.58
C ASP H 287 2.69 -63.06 4.45
N THR H 288 3.80 -63.80 4.50
CA THR H 288 4.91 -63.54 3.59
C THR H 288 4.59 -64.02 2.19
N GLN H 289 3.51 -63.50 1.59
CA GLN H 289 3.20 -63.71 0.19
C GLN H 289 3.19 -65.20 -0.16
N SER H 290 4.37 -65.78 -0.39
CA SER H 290 4.46 -67.22 -0.63
C SER H 290 4.15 -68.00 0.63
N ALA H 291 4.76 -67.61 1.75
CA ALA H 291 4.36 -68.17 3.03
C ALA H 291 2.92 -67.83 3.37
N MET H 292 2.40 -66.71 2.86
CA MET H 292 0.98 -66.42 3.00
C MET H 292 0.14 -67.48 2.29
N ASP H 293 0.56 -67.87 1.08
CA ASP H 293 -0.16 -68.92 0.36
C ASP H 293 -0.04 -70.26 1.08
N PHE H 294 1.14 -70.56 1.63
CA PHE H 294 1.30 -71.80 2.39
C PHE H 294 0.39 -71.81 3.62
N ILE H 295 0.31 -70.69 4.33
CA ILE H 295 -0.59 -70.58 5.47
C ILE H 295 -2.04 -70.67 5.02
N LEU H 296 -2.34 -70.14 3.83
CA LEU H 296 -3.70 -70.28 3.28
C LEU H 296 -4.04 -71.74 3.07
N GLY H 297 -3.12 -72.50 2.48
CA GLY H 297 -3.35 -73.93 2.28
C GLY H 297 -3.52 -74.65 3.60
N ALA H 298 -2.65 -74.35 4.58
CA ALA H 298 -2.72 -75.01 5.88
C ALA H 298 -4.04 -74.70 6.58
N ASN H 299 -4.45 -73.43 6.58
CA ASN H 299 -5.70 -73.05 7.23
C ASN H 299 -6.90 -73.67 6.54
N SER H 300 -6.89 -73.69 5.20
CA SER H 300 -8.00 -74.31 4.48
C SER H 300 -8.08 -75.80 4.78
N GLN H 301 -6.93 -76.49 4.82
CA GLN H 301 -6.94 -77.91 5.08
C GLN H 301 -7.46 -78.24 6.48
N GLU H 302 -6.69 -77.90 7.52
CA GLU H 302 -7.09 -78.20 8.88
C GLU H 302 -6.72 -77.14 9.91
N GLN H 303 -6.02 -76.08 9.54
CA GLN H 303 -5.35 -75.21 10.50
C GLN H 303 -5.94 -73.79 10.50
N ARG H 304 -7.26 -73.69 10.47
CA ARG H 304 -7.89 -72.38 10.61
C ARG H 304 -7.57 -71.75 11.95
N GLU H 305 -7.42 -72.58 12.99
CA GLU H 305 -7.13 -72.07 14.33
C GLU H 305 -5.88 -71.20 14.33
N ARG H 306 -4.91 -71.49 13.45
CA ARG H 306 -3.70 -70.69 13.36
C ARG H 306 -4.01 -69.21 13.32
N LEU H 307 -5.13 -68.83 12.71
CA LEU H 307 -5.57 -67.45 12.75
C LEU H 307 -6.32 -67.17 14.05
N THR H 308 -7.40 -67.92 14.29
CA THR H 308 -8.36 -67.54 15.32
C THR H 308 -7.70 -67.43 16.68
N GLY H 309 -6.98 -68.47 17.11
CA GLY H 309 -6.28 -68.41 18.37
C GLY H 309 -5.31 -67.24 18.42
N TRP H 310 -4.54 -67.07 17.36
CA TRP H 310 -3.66 -65.92 17.26
C TRP H 310 -4.45 -64.63 17.45
N ILE H 311 -5.59 -64.52 16.75
CA ILE H 311 -6.44 -63.36 16.93
C ILE H 311 -6.81 -63.19 18.39
N GLY H 312 -7.25 -64.28 19.02
CA GLY H 312 -7.55 -64.21 20.44
C GLY H 312 -6.33 -63.77 21.23
N GLU H 313 -5.18 -64.37 20.94
CA GLU H 313 -3.93 -63.93 21.56
C GLU H 313 -3.73 -62.45 21.34
N ILE H 314 -3.92 -62.00 20.09
CA ILE H 314 -3.92 -60.58 19.78
C ILE H 314 -4.86 -59.86 20.73
N ALA H 315 -6.14 -60.23 20.69
CA ALA H 315 -7.12 -59.60 21.56
C ALA H 315 -6.69 -59.70 23.00
N ALA H 316 -6.05 -60.82 23.37
CA ALA H 316 -5.59 -61.00 24.74
C ALA H 316 -4.73 -59.82 25.17
N TYR H 317 -3.71 -59.49 24.38
CA TYR H 317 -2.90 -58.34 24.73
C TYR H 317 -3.73 -57.06 24.70
N TYR H 318 -4.60 -56.94 23.71
CA TYR H 318 -5.45 -55.77 23.63
C TYR H 318 -6.63 -55.86 24.58
N ALA H 319 -6.69 -56.92 25.40
CA ALA H 319 -7.52 -56.87 26.59
C ALA H 319 -6.88 -55.99 27.66
N ALA H 320 -5.56 -56.00 27.73
CA ALA H 320 -4.82 -55.18 28.69
C ALA H 320 -4.19 -53.96 28.04
N ALA H 321 -4.07 -53.92 26.73
CA ALA H 321 -3.50 -52.77 26.03
C ALA H 321 -4.43 -51.56 26.05
N PRO H 322 -5.70 -51.70 25.61
CA PRO H 322 -6.43 -50.57 25.04
C PRO H 322 -5.57 -49.37 24.66
N VAL H 323 -4.86 -49.46 23.54
CA VAL H 323 -4.21 -48.29 22.97
C VAL H 323 -5.31 -47.44 22.34
N ARG H 324 -5.51 -46.25 22.90
CA ARG H 324 -6.57 -45.36 22.44
C ARG H 324 -5.93 -44.19 21.72
N LEU H 325 -6.28 -44.01 20.45
CA LEU H 325 -5.87 -42.80 19.76
C LEU H 325 -6.42 -41.57 20.45
N GLY H 326 -7.72 -41.56 20.72
CA GLY H 326 -8.37 -40.49 21.45
C GLY H 326 -9.35 -41.11 22.42
N GLY H 327 -10.60 -40.71 22.36
CA GLY H 327 -11.60 -41.40 23.14
C GLY H 327 -12.01 -42.73 22.58
N ALA H 328 -11.44 -43.14 21.45
CA ALA H 328 -11.84 -44.34 20.75
C ALA H 328 -10.71 -45.37 20.78
N LYS H 329 -11.05 -46.58 20.37
CA LYS H 329 -10.14 -47.71 20.37
C LYS H 329 -9.72 -47.97 18.93
N VAL H 330 -8.41 -48.05 18.71
CA VAL H 330 -7.90 -48.23 17.34
C VAL H 330 -8.31 -49.61 16.83
N PRO H 331 -8.93 -49.70 15.66
CA PRO H 331 -9.32 -51.00 15.13
C PRO H 331 -8.10 -51.82 14.72
N HIS H 332 -8.30 -53.14 14.69
CA HIS H 332 -7.26 -54.07 14.33
C HIS H 332 -7.53 -54.64 12.93
N LEU H 333 -6.46 -55.06 12.27
CA LEU H 333 -6.52 -55.50 10.89
C LEU H 333 -5.92 -56.89 10.75
N MET H 334 -6.30 -57.59 9.68
CA MET H 334 -5.71 -58.87 9.36
C MET H 334 -4.26 -58.69 8.93
N PRO H 335 -3.42 -59.70 9.15
CA PRO H 335 -2.04 -59.65 8.67
C PRO H 335 -2.01 -59.48 7.16
N GLY H 336 -1.12 -58.61 6.69
CA GLY H 336 -1.04 -58.32 5.28
C GLY H 336 -2.17 -57.46 4.74
N ASP H 337 -3.00 -56.90 5.61
CA ASP H 337 -4.12 -56.07 5.21
C ASP H 337 -3.94 -54.68 5.83
N SER H 338 -3.53 -53.72 5.01
CA SER H 338 -3.30 -52.36 5.45
C SER H 338 -4.23 -51.43 4.71
N LEU H 339 -4.87 -50.52 5.43
CA LEU H 339 -5.76 -49.55 4.80
C LEU H 339 -4.93 -48.55 4.01
N ASN H 340 -5.37 -48.28 2.79
CA ASN H 340 -4.72 -47.30 1.91
C ASN H 340 -5.80 -46.35 1.39
N LEU H 341 -5.75 -45.10 1.82
CA LEU H 341 -6.71 -44.10 1.37
C LEU H 341 -6.01 -43.01 0.57
N GLN H 342 -5.94 -43.26 -0.74
CA GLN H 342 -5.45 -42.26 -1.66
C GLN H 342 -6.57 -41.27 -1.99
N THR H 343 -6.18 -40.14 -2.57
CA THR H 343 -7.12 -39.06 -2.86
C THR H 343 -6.83 -38.46 -4.22
N ALA H 344 -7.66 -37.49 -4.58
CA ALA H 344 -7.57 -36.77 -5.84
C ALA H 344 -6.63 -35.57 -5.65
N GLN H 345 -6.69 -34.60 -6.58
CA GLN H 345 -5.88 -33.38 -6.54
C GLN H 345 -5.83 -32.78 -5.14
N ASP H 346 -4.68 -32.19 -4.79
CA ASP H 346 -4.48 -31.69 -3.43
C ASP H 346 -4.19 -30.20 -3.42
N THR H 347 -4.98 -29.42 -4.16
CA THR H 347 -4.81 -27.97 -4.23
C THR H 347 -6.09 -27.28 -3.79
N ASP H 348 -6.14 -25.96 -3.98
CA ASP H 348 -7.34 -25.21 -3.70
C ASP H 348 -8.38 -25.40 -4.79
N ASN H 349 -9.65 -25.44 -4.39
CA ASN H 349 -10.75 -25.65 -5.32
C ASN H 349 -11.19 -24.37 -6.02
N GLY H 350 -10.68 -23.22 -5.61
CA GLY H 350 -11.13 -21.97 -6.22
C GLY H 350 -12.59 -21.68 -5.97
N TYR H 351 -13.07 -21.99 -4.77
CA TYR H 351 -14.50 -21.85 -4.47
C TYR H 351 -14.94 -20.40 -4.56
N SER H 352 -14.14 -19.48 -4.04
CA SER H 352 -14.55 -18.08 -3.94
C SER H 352 -14.80 -17.48 -5.31
N VAL H 353 -13.83 -17.59 -6.20
CA VAL H 353 -13.95 -16.95 -7.51
C VAL H 353 -15.09 -17.56 -8.30
N PHE H 354 -15.23 -18.88 -8.24
CA PHE H 354 -16.31 -19.53 -8.96
C PHE H 354 -17.66 -19.07 -8.45
N GLU H 355 -17.81 -18.99 -7.12
CA GLU H 355 -19.08 -18.54 -6.57
C GLU H 355 -19.36 -17.10 -6.97
N GLN H 356 -18.34 -16.25 -6.97
CA GLN H 356 -18.54 -14.89 -7.47
C GLN H 356 -19.03 -14.90 -8.90
N SER H 357 -18.48 -15.79 -9.72
CA SER H 357 -18.88 -15.85 -11.12
C SER H 357 -20.35 -16.24 -11.26
N LEU H 358 -20.78 -17.28 -10.56
CA LEU H 358 -22.20 -17.64 -10.61
C LEU H 358 -23.08 -16.54 -10.09
N LEU H 359 -22.68 -15.88 -9.00
CA LEU H 359 -23.52 -14.82 -8.46
C LEU H 359 -23.64 -13.67 -9.46
N ARG H 360 -22.56 -13.32 -10.12
CA ARG H 360 -22.63 -12.28 -11.15
C ARG H 360 -23.51 -12.73 -12.30
N TYR H 361 -23.45 -14.01 -12.66
CA TYR H 361 -24.34 -14.52 -13.69
C TYR H 361 -25.80 -14.33 -13.29
N ILE H 362 -26.13 -14.69 -12.05
CA ILE H 362 -27.51 -14.54 -11.59
C ILE H 362 -27.93 -13.09 -11.63
N ALA H 363 -27.06 -12.20 -11.15
CA ALA H 363 -27.41 -10.78 -11.13
C ALA H 363 -27.63 -10.25 -12.54
N ALA H 364 -26.80 -10.67 -13.48
CA ALA H 364 -26.99 -10.26 -14.87
C ALA H 364 -28.29 -10.79 -15.42
N GLY H 365 -28.63 -12.05 -15.11
CA GLY H 365 -29.87 -12.61 -15.60
C GLY H 365 -31.09 -11.91 -15.04
N LEU H 366 -31.04 -11.51 -13.77
CA LEU H 366 -32.17 -10.89 -13.11
C LEU H 366 -32.17 -9.37 -13.19
N GLY H 367 -31.18 -8.79 -13.87
CA GLY H 367 -31.19 -7.35 -14.08
C GLY H 367 -30.90 -6.51 -12.86
N VAL H 368 -30.35 -7.10 -11.80
CA VAL H 368 -30.01 -6.36 -10.59
C VAL H 368 -28.51 -6.41 -10.42
N SER H 369 -28.00 -5.51 -9.57
CA SER H 369 -26.56 -5.46 -9.37
C SER H 369 -26.08 -6.64 -8.54
N TYR H 370 -24.82 -6.99 -8.72
CA TYR H 370 -24.25 -8.15 -8.03
C TYR H 370 -24.25 -7.94 -6.52
N GLU H 371 -23.89 -6.74 -6.08
CA GLU H 371 -23.72 -6.46 -4.66
C GLU H 371 -25.00 -6.06 -3.97
N GLN H 372 -26.13 -6.05 -4.67
CA GLN H 372 -27.42 -5.92 -4.02
C GLN H 372 -28.16 -7.25 -3.94
N LEU H 373 -28.02 -8.11 -4.94
CA LEU H 373 -28.60 -9.43 -4.86
C LEU H 373 -27.83 -10.30 -3.87
N SER H 374 -26.50 -10.30 -3.99
CA SER H 374 -25.66 -11.09 -3.11
C SER H 374 -25.18 -10.32 -1.90
N ARG H 375 -25.54 -9.03 -1.80
CA ARG H 375 -25.10 -8.12 -0.75
C ARG H 375 -23.64 -8.35 -0.37
N ASN H 376 -22.80 -8.60 -1.37
CA ASN H 376 -21.36 -8.72 -1.17
C ASN H 376 -20.78 -7.35 -1.50
N TYR H 377 -20.49 -6.56 -0.47
CA TYR H 377 -20.14 -5.16 -0.63
C TYR H 377 -18.64 -4.92 -0.46
N ALA H 378 -17.82 -5.96 -0.62
CA ALA H 378 -16.40 -5.82 -0.38
C ALA H 378 -15.77 -4.87 -1.39
N GLN H 379 -14.76 -4.13 -0.93
CA GLN H 379 -13.91 -3.25 -1.75
C GLN H 379 -14.71 -2.42 -2.75
N MET H 380 -15.93 -2.08 -2.39
CA MET H 380 -16.82 -1.35 -3.28
C MET H 380 -16.56 0.15 -3.11
N SER H 381 -16.16 0.80 -4.20
CA SER H 381 -15.85 2.23 -4.16
C SER H 381 -17.15 3.02 -4.23
N TYR H 382 -17.03 4.35 -4.32
CA TYR H 382 -18.20 5.21 -4.35
C TYR H 382 -18.77 5.35 -5.76
N SER H 383 -17.90 5.69 -6.72
CA SER H 383 -18.36 5.84 -8.09
C SER H 383 -18.91 4.53 -8.63
N THR H 384 -18.27 3.41 -8.29
CA THR H 384 -18.79 2.11 -8.70
C THR H 384 -20.18 1.86 -8.11
N ALA H 385 -20.36 2.22 -6.84
CA ALA H 385 -21.68 2.07 -6.23
C ALA H 385 -22.72 2.91 -6.96
N ARG H 386 -22.34 4.14 -7.33
CA ARG H 386 -23.26 4.98 -8.08
C ARG H 386 -23.61 4.36 -9.42
N ALA H 387 -22.62 3.76 -10.09
CA ALA H 387 -22.89 3.12 -11.37
C ALA H 387 -23.86 1.96 -11.22
N SER H 388 -23.64 1.12 -10.19
CA SER H 388 -24.54 0.01 -9.94
C SER H 388 -25.96 0.50 -9.70
N ALA H 389 -26.10 1.50 -8.82
CA ALA H 389 -27.41 2.04 -8.53
C ALA H 389 -28.04 2.63 -9.78
N ASN H 390 -27.24 3.26 -10.63
CA ASN H 390 -27.77 3.86 -11.85
C ASN H 390 -28.35 2.80 -12.76
N GLU H 391 -27.61 1.72 -12.99
CA GLU H 391 -28.11 0.67 -13.88
C GLU H 391 -29.36 0.02 -13.31
N SER H 392 -29.31 -0.37 -12.03
CA SER H 392 -30.47 -1.02 -11.43
C SER H 392 -31.67 -0.09 -11.43
N TRP H 393 -31.45 1.20 -11.15
CA TRP H 393 -32.54 2.15 -11.11
C TRP H 393 -33.17 2.33 -12.48
N ALA H 394 -32.34 2.40 -13.53
CA ALA H 394 -32.90 2.50 -14.87
C ALA H 394 -33.77 1.31 -15.18
N TYR H 395 -33.28 0.11 -14.85
CA TYR H 395 -34.09 -1.08 -15.05
C TYR H 395 -35.40 -0.99 -14.29
N PHE H 396 -35.34 -0.54 -13.03
CA PHE H 396 -36.53 -0.52 -12.19
C PHE H 396 -37.55 0.46 -12.70
N MET H 397 -37.13 1.66 -13.12
CA MET H 397 -38.09 2.60 -13.68
C MET H 397 -38.68 2.09 -14.98
N GLY H 398 -37.88 1.41 -15.81
CA GLY H 398 -38.45 0.80 -16.99
C GLY H 398 -39.58 -0.15 -16.63
N ARG H 399 -39.31 -1.08 -15.72
CA ARG H 399 -40.35 -2.06 -15.38
C ARG H 399 -41.54 -1.41 -14.69
N ARG H 400 -41.29 -0.42 -13.83
CA ARG H 400 -42.38 0.27 -13.16
C ARG H 400 -43.28 0.97 -14.16
N LYS H 401 -42.69 1.62 -15.16
CA LYS H 401 -43.48 2.29 -16.18
C LYS H 401 -44.28 1.27 -16.99
N PHE H 402 -43.66 0.15 -17.33
CA PHE H 402 -44.32 -0.76 -18.27
C PHE H 402 -45.14 -1.85 -17.60
N VAL H 403 -45.08 -2.00 -16.28
CA VAL H 403 -45.83 -3.07 -15.63
C VAL H 403 -46.80 -2.51 -14.60
N ALA H 404 -46.26 -1.91 -13.55
CA ALA H 404 -47.12 -1.43 -12.47
C ALA H 404 -48.01 -0.29 -12.93
N SER H 405 -47.44 0.63 -13.71
CA SER H 405 -48.20 1.82 -14.11
C SER H 405 -49.42 1.45 -14.93
N ARG H 406 -49.27 0.52 -15.88
CA ARG H 406 -50.39 0.14 -16.73
C ARG H 406 -51.51 -0.48 -15.92
N GLN H 407 -51.16 -1.42 -15.05
CA GLN H 407 -52.18 -2.10 -14.24
C GLN H 407 -52.87 -1.12 -13.30
N ALA H 408 -52.11 -0.26 -12.65
CA ALA H 408 -52.69 0.74 -11.76
C ALA H 408 -53.63 1.67 -12.53
N SER H 409 -53.22 2.06 -13.73
CA SER H 409 -54.10 2.90 -14.55
C SER H 409 -55.39 2.17 -14.89
N GLN H 410 -55.31 0.86 -15.12
CA GLN H 410 -56.52 0.10 -15.38
C GLN H 410 -57.49 0.16 -14.19
N MET H 411 -56.97 -0.14 -12.98
CA MET H 411 -57.87 -0.06 -11.83
C MET H 411 -58.42 1.35 -11.66
N PHE H 412 -57.56 2.35 -11.85
CA PHE H 412 -57.99 3.72 -11.65
C PHE H 412 -59.09 4.10 -12.63
N LEU H 413 -58.97 3.65 -13.88
CA LEU H 413 -60.01 3.93 -14.86
C LEU H 413 -61.32 3.29 -14.47
N CYS H 414 -61.27 2.03 -14.01
CA CYS H 414 -62.51 1.38 -13.59
C CYS H 414 -63.16 2.13 -12.43
N TRP H 415 -62.37 2.47 -11.42
CA TRP H 415 -62.92 3.17 -10.27
C TRP H 415 -63.46 4.53 -10.63
N LEU H 416 -62.76 5.25 -11.52
CA LEU H 416 -63.21 6.56 -11.94
C LEU H 416 -64.53 6.46 -12.69
N GLU H 417 -64.66 5.44 -13.54
CA GLU H 417 -65.93 5.21 -14.22
C GLU H 417 -67.05 5.00 -13.22
N GLU H 418 -66.80 4.18 -12.20
CA GLU H 418 -67.83 3.97 -11.18
C GLU H 418 -68.16 5.27 -10.46
N ALA H 419 -67.14 6.07 -10.14
CA ALA H 419 -67.37 7.30 -9.40
C ALA H 419 -68.21 8.29 -10.21
N ILE H 420 -67.90 8.44 -11.50
CA ILE H 420 -68.70 9.32 -12.34
C ILE H 420 -70.12 8.78 -12.45
N VAL H 421 -70.27 7.46 -12.52
CA VAL H 421 -71.60 6.86 -12.58
C VAL H 421 -72.43 7.30 -11.38
N ARG H 422 -71.82 7.32 -10.21
CA ARG H 422 -72.51 7.69 -8.98
C ARG H 422 -72.44 9.19 -8.70
N ARG H 423 -71.88 9.96 -9.63
CA ARG H 423 -71.74 11.42 -9.51
C ARG H 423 -71.01 11.84 -8.24
N VAL H 424 -70.13 10.98 -7.73
CA VAL H 424 -69.30 11.37 -6.60
C VAL H 424 -68.37 12.50 -7.01
N VAL H 425 -67.91 12.48 -8.26
CA VAL H 425 -67.12 13.56 -8.84
C VAL H 425 -67.84 14.06 -10.07
N THR H 426 -67.88 15.38 -10.24
CA THR H 426 -68.64 16.00 -11.30
C THR H 426 -67.71 16.42 -12.44
N LEU H 427 -68.07 16.03 -13.66
CA LEU H 427 -67.30 16.43 -14.83
C LEU H 427 -67.52 17.92 -15.11
N PRO H 428 -66.58 18.56 -15.80
CA PRO H 428 -66.81 19.93 -16.24
C PRO H 428 -68.04 20.03 -17.13
N SER H 429 -68.78 21.12 -16.96
CA SER H 429 -70.05 21.29 -17.68
C SER H 429 -69.83 21.38 -19.18
N LYS H 430 -68.83 22.15 -19.60
CA LYS H 430 -68.58 22.41 -21.01
C LYS H 430 -67.65 21.39 -21.65
N ALA H 431 -67.62 20.17 -21.11
CA ALA H 431 -66.74 19.13 -21.61
C ALA H 431 -66.97 18.86 -23.09
N ARG H 432 -65.88 18.78 -23.84
CA ARG H 432 -65.97 18.54 -25.28
C ARG H 432 -66.51 17.14 -25.57
N PHE H 433 -66.10 16.15 -24.78
CA PHE H 433 -66.56 14.78 -24.94
C PHE H 433 -67.00 14.22 -23.60
N SER H 434 -67.88 13.23 -23.66
CA SER H 434 -68.28 12.53 -22.45
C SER H 434 -67.12 11.65 -21.95
N PHE H 435 -67.30 11.11 -20.74
CA PHE H 435 -66.26 10.26 -20.18
C PHE H 435 -66.05 9.01 -21.02
N GLN H 436 -67.14 8.40 -21.49
CA GLN H 436 -67.00 7.16 -22.25
C GLN H 436 -66.21 7.37 -23.54
N GLU H 437 -66.45 8.48 -24.23
CA GLU H 437 -65.78 8.71 -25.50
C GLU H 437 -64.29 8.99 -25.33
N ALA H 438 -63.89 9.60 -24.22
CA ALA H 438 -62.53 10.05 -24.00
C ALA H 438 -62.00 9.53 -22.67
N ARG H 439 -62.17 8.23 -22.43
CA ARG H 439 -61.73 7.65 -21.16
C ARG H 439 -60.25 7.89 -20.92
N SER H 440 -59.43 7.75 -21.96
CA SER H 440 -57.99 8.00 -21.79
C SER H 440 -57.73 9.47 -21.46
N ALA H 441 -58.45 10.38 -22.12
CA ALA H 441 -58.23 11.80 -21.88
C ALA H 441 -58.57 12.18 -20.45
N TRP H 442 -59.74 11.76 -19.97
CA TRP H 442 -60.12 12.05 -18.59
C TRP H 442 -59.20 11.33 -17.61
N GLY H 443 -58.85 10.08 -17.89
CA GLY H 443 -58.12 9.28 -16.94
C GLY H 443 -56.61 9.32 -17.10
N ASN H 444 -56.11 10.33 -17.83
CA ASN H 444 -54.68 10.47 -17.98
C ASN H 444 -54.03 10.68 -16.62
N CYS H 445 -53.28 9.68 -16.17
CA CYS H 445 -52.76 9.67 -14.81
C CYS H 445 -51.32 9.19 -14.83
N ASP H 446 -50.53 9.68 -13.86
CA ASP H 446 -49.18 9.22 -13.68
C ASP H 446 -48.97 8.87 -12.22
N TRP H 447 -48.14 7.86 -11.98
CA TRP H 447 -47.98 7.29 -10.66
C TRP H 447 -46.57 7.52 -10.15
N ILE H 448 -46.47 7.87 -8.88
CA ILE H 448 -45.19 8.10 -8.22
C ILE H 448 -45.01 7.02 -7.16
N GLY H 449 -43.95 6.24 -7.28
CA GLY H 449 -43.59 5.24 -6.31
C GLY H 449 -42.51 5.72 -5.38
N SER H 450 -41.79 4.77 -4.80
CA SER H 450 -40.65 5.11 -3.98
C SER H 450 -39.55 5.70 -4.85
N GLY H 451 -39.15 6.92 -4.55
CA GLY H 451 -38.16 7.60 -5.36
C GLY H 451 -36.77 7.07 -5.14
N ARG H 452 -35.87 7.45 -6.03
CA ARG H 452 -34.46 7.12 -5.89
C ARG H 452 -33.95 7.78 -4.61
N MET H 453 -33.43 6.98 -3.70
CA MET H 453 -33.04 7.49 -2.39
C MET H 453 -31.52 7.52 -2.30
N ALA H 454 -31.01 8.39 -1.45
CA ALA H 454 -29.63 8.85 -1.56
C ALA H 454 -28.63 7.74 -1.29
N ILE H 455 -27.50 7.79 -2.01
CA ILE H 455 -26.36 6.96 -1.69
C ILE H 455 -25.48 7.64 -0.65
N ASP H 456 -25.15 8.91 -0.88
CA ASP H 456 -24.36 9.71 0.05
C ASP H 456 -25.12 10.91 0.60
N GLY H 457 -26.13 11.38 -0.11
CA GLY H 457 -26.95 12.47 0.37
C GLY H 457 -26.55 13.85 -0.11
N LEU H 458 -25.38 14.33 0.32
CA LEU H 458 -24.98 15.70 0.01
C LEU H 458 -24.98 15.94 -1.48
N LYS H 459 -24.30 15.09 -2.25
CA LYS H 459 -24.04 15.40 -3.65
C LYS H 459 -25.35 15.55 -4.41
N GLU H 460 -26.26 14.59 -4.25
CA GLU H 460 -27.53 14.65 -4.96
C GLU H 460 -28.39 15.81 -4.48
N VAL H 461 -28.37 16.11 -3.19
CA VAL H 461 -29.19 17.20 -2.68
C VAL H 461 -28.71 18.53 -3.21
N GLN H 462 -27.39 18.76 -3.21
CA GLN H 462 -26.86 19.98 -3.79
C GLN H 462 -27.12 20.03 -5.28
N GLU H 463 -27.04 18.88 -5.96
CA GLU H 463 -27.41 18.84 -7.37
C GLU H 463 -28.83 19.34 -7.56
N ALA H 464 -29.76 18.84 -6.76
CA ALA H 464 -31.15 19.23 -6.92
C ALA H 464 -31.34 20.71 -6.65
N VAL H 465 -30.73 21.23 -5.58
CA VAL H 465 -30.96 22.62 -5.23
C VAL H 465 -30.35 23.54 -6.27
N MET H 466 -29.12 23.26 -6.71
CA MET H 466 -28.51 24.12 -7.71
C MET H 466 -29.19 23.97 -9.07
N LEU H 467 -29.79 22.81 -9.32
CA LEU H 467 -30.45 22.59 -10.60
C LEU H 467 -31.77 23.35 -10.66
N ILE H 468 -32.53 23.33 -9.56
CA ILE H 468 -33.72 24.15 -9.51
C ILE H 468 -33.36 25.64 -9.51
N GLU H 469 -32.23 26.00 -8.89
CA GLU H 469 -31.80 27.40 -8.92
C GLU H 469 -31.48 27.83 -10.34
N ALA H 470 -30.78 26.99 -11.09
CA ALA H 470 -30.45 27.33 -12.47
C ALA H 470 -31.63 27.24 -13.41
N GLY H 471 -32.76 26.67 -12.96
CA GLY H 471 -34.00 26.75 -13.70
C GLY H 471 -34.30 25.61 -14.63
N LEU H 472 -33.40 24.63 -14.77
CA LEU H 472 -33.65 23.54 -15.69
C LEU H 472 -34.58 22.46 -15.11
N SER H 473 -34.96 22.57 -13.85
CA SER H 473 -35.86 21.62 -13.22
C SER H 473 -36.95 22.36 -12.46
N THR H 474 -38.10 21.73 -12.33
CA THR H 474 -39.22 22.27 -11.57
C THR H 474 -39.63 21.31 -10.48
N TYR H 475 -40.29 21.86 -9.46
CA TYR H 475 -40.40 21.19 -8.16
C TYR H 475 -40.96 19.78 -8.28
N GLU H 476 -41.83 19.54 -9.26
CA GLU H 476 -42.55 18.27 -9.27
C GLU H 476 -41.63 17.08 -9.46
N LYS H 477 -40.58 17.19 -10.29
CA LYS H 477 -39.76 16.00 -10.50
C LYS H 477 -38.85 15.73 -9.32
N GLU H 478 -38.34 16.76 -8.65
CA GLU H 478 -37.55 16.50 -7.45
C GLU H 478 -38.41 16.01 -6.31
N CYS H 479 -39.69 16.39 -6.28
CA CYS H 479 -40.60 15.70 -5.38
C CYS H 479 -40.85 14.28 -5.87
N ALA H 480 -40.72 14.05 -7.18
CA ALA H 480 -41.01 12.74 -7.75
C ALA H 480 -39.94 11.72 -7.35
N LYS H 481 -38.70 11.94 -7.77
CA LYS H 481 -37.69 10.96 -7.38
C LYS H 481 -37.24 11.13 -5.95
N ARG H 482 -37.93 11.95 -5.16
CA ARG H 482 -37.88 11.86 -3.71
C ARG H 482 -39.17 11.31 -3.13
N GLY H 483 -40.16 11.04 -3.97
CA GLY H 483 -41.41 10.44 -3.53
C GLY H 483 -42.38 11.38 -2.85
N ASP H 484 -42.42 12.64 -3.27
CA ASP H 484 -43.33 13.61 -2.69
C ASP H 484 -44.17 14.25 -3.79
N ASP H 485 -45.13 15.07 -3.37
CA ASP H 485 -45.97 15.85 -4.26
C ASP H 485 -45.78 17.32 -3.95
N TYR H 486 -45.49 18.13 -4.97
CA TYR H 486 -45.10 19.51 -4.71
C TYR H 486 -46.28 20.34 -4.22
N GLN H 487 -47.50 20.01 -4.60
CA GLN H 487 -48.65 20.80 -4.14
C GLN H 487 -48.83 20.65 -2.63
N GLU H 488 -48.83 19.42 -2.13
CA GLU H 488 -48.95 19.21 -0.71
C GLU H 488 -47.72 19.76 0.02
N ILE H 489 -46.56 19.74 -0.65
CA ILE H 489 -45.37 20.33 -0.06
C ILE H 489 -45.58 21.82 0.15
N PHE H 490 -46.12 22.50 -0.86
CA PHE H 490 -46.37 23.92 -0.74
C PHE H 490 -47.38 24.20 0.36
N ALA H 491 -48.46 23.41 0.41
CA ALA H 491 -49.48 23.63 1.44
C ALA H 491 -48.89 23.44 2.83
N GLN H 492 -48.11 22.38 3.03
CA GLN H 492 -47.52 22.12 4.33
C GLN H 492 -46.50 23.20 4.69
N GLN H 493 -45.75 23.70 3.71
CA GLN H 493 -44.82 24.78 4.00
C GLN H 493 -45.56 26.03 4.41
N VAL H 494 -46.67 26.34 3.75
CA VAL H 494 -47.47 27.50 4.13
C VAL H 494 -47.96 27.36 5.56
N ARG H 495 -48.47 26.17 5.88
CA ARG H 495 -48.98 25.94 7.24
C ARG H 495 -47.86 26.07 8.26
N GLU H 496 -46.70 25.49 7.98
CA GLU H 496 -45.58 25.61 8.91
C GLU H 496 -45.19 27.07 9.09
N THR H 497 -45.15 27.82 8.00
CA THR H 497 -44.71 29.21 8.07
C THR H 497 -45.66 30.04 8.91
N MET H 498 -46.98 29.92 8.68
CA MET H 498 -47.82 30.83 9.45
C MET H 498 -48.02 30.33 10.87
N GLU H 499 -47.84 29.02 11.13
CA GLU H 499 -47.78 28.57 12.51
C GLU H 499 -46.57 29.16 13.22
N ARG H 500 -45.40 29.15 12.57
CA ARG H 500 -44.19 29.66 13.20
C ARG H 500 -44.29 31.16 13.43
N ARG H 501 -44.81 31.89 12.46
CA ARG H 501 -44.98 33.33 12.64
C ARG H 501 -46.07 33.66 13.63
N ALA H 502 -47.07 32.79 13.79
CA ALA H 502 -48.07 32.99 14.82
C ALA H 502 -47.54 32.69 16.22
N ALA H 503 -46.45 31.92 16.31
CA ALA H 503 -45.86 31.59 17.59
C ALA H 503 -44.59 32.39 17.88
N GLY H 504 -44.29 33.39 17.06
CA GLY H 504 -43.15 34.24 17.30
C GLY H 504 -41.82 33.69 16.85
N LEU H 505 -41.80 32.49 16.28
CA LEU H 505 -40.55 31.92 15.81
C LEU H 505 -40.09 32.62 14.54
N LYS H 506 -38.80 32.51 14.29
CA LYS H 506 -38.22 33.06 13.07
C LYS H 506 -38.74 32.28 11.88
N PRO H 507 -39.40 32.93 10.89
CA PRO H 507 -39.97 32.26 9.72
C PRO H 507 -38.92 31.54 8.87
N GLN I 34 -28.87 -33.21 -14.87
CA GLN I 34 -28.97 -31.95 -14.14
C GLN I 34 -30.41 -31.50 -14.03
N LEU I 35 -30.82 -30.58 -14.91
CA LEU I 35 -32.18 -30.08 -14.90
C LEU I 35 -33.19 -31.18 -15.20
N ARG I 36 -32.79 -32.22 -15.93
CA ARG I 36 -33.71 -33.30 -16.25
C ARG I 36 -34.10 -34.10 -15.03
N SER I 37 -33.33 -34.02 -13.95
CA SER I 37 -33.60 -34.76 -12.73
C SER I 37 -34.45 -33.97 -11.74
N TRP I 38 -34.90 -32.77 -12.12
CA TRP I 38 -35.62 -31.88 -11.22
C TRP I 38 -36.92 -31.45 -11.90
N ASN I 39 -38.01 -32.10 -11.54
CA ASN I 39 -39.32 -31.81 -12.10
C ASN I 39 -40.33 -31.64 -10.97
N PRO I 40 -40.25 -30.53 -10.24
CA PRO I 40 -41.21 -30.29 -9.17
C PRO I 40 -42.60 -30.06 -9.73
N PRO I 41 -43.64 -30.54 -9.05
CA PRO I 41 -45.00 -30.32 -9.53
C PRO I 41 -45.45 -28.89 -9.26
N SER I 42 -46.53 -28.50 -9.92
CA SER I 42 -47.15 -27.19 -9.74
C SER I 42 -48.43 -27.33 -8.95
N GLU I 43 -48.47 -26.73 -7.76
CA GLU I 43 -49.68 -26.72 -6.95
C GLU I 43 -49.92 -25.29 -6.47
N SER I 44 -51.11 -25.06 -5.94
CA SER I 44 -51.42 -23.78 -5.34
C SER I 44 -50.61 -23.61 -4.06
N VAL I 45 -50.46 -22.35 -3.65
CA VAL I 45 -49.59 -22.03 -2.52
C VAL I 45 -50.07 -22.73 -1.26
N ASP I 46 -51.37 -22.67 -1.00
CA ASP I 46 -51.92 -23.38 0.16
C ASP I 46 -51.70 -24.88 0.03
N ALA I 47 -51.85 -25.42 -1.18
CA ALA I 47 -51.60 -26.84 -1.38
C ALA I 47 -50.16 -27.21 -1.07
N ALA I 48 -49.23 -26.29 -1.30
CA ALA I 48 -47.82 -26.54 -1.04
C ALA I 48 -47.37 -26.09 0.34
N LEU I 49 -48.28 -25.51 1.13
CA LEU I 49 -47.89 -24.98 2.44
C LEU I 49 -48.63 -25.66 3.59
N LEU I 50 -49.94 -25.83 3.48
CA LEU I 50 -50.70 -26.40 4.58
C LEU I 50 -50.24 -27.78 5.03
N PRO I 51 -49.94 -28.74 4.15
CA PRO I 51 -49.54 -30.07 4.64
C PRO I 51 -48.33 -30.05 5.54
N ASN I 52 -47.39 -29.13 5.33
CA ASN I 52 -46.20 -29.03 6.16
C ASN I 52 -46.18 -27.76 6.99
N PHE I 53 -47.34 -27.12 7.18
CA PHE I 53 -47.37 -25.86 7.91
C PHE I 53 -46.92 -26.04 9.34
N THR I 54 -47.41 -27.09 10.01
CA THR I 54 -47.06 -27.29 11.41
C THR I 54 -45.58 -27.58 11.57
N ARG I 55 -45.02 -28.45 10.74
CA ARG I 55 -43.61 -28.76 10.86
C ARG I 55 -42.75 -27.54 10.52
N GLY I 56 -43.17 -26.74 9.54
CA GLY I 56 -42.42 -25.54 9.24
C GLY I 56 -42.40 -24.57 10.40
N ASN I 57 -43.56 -24.35 11.02
CA ASN I 57 -43.62 -23.47 12.17
C ASN I 57 -42.77 -24.00 13.32
N ALA I 58 -42.83 -25.31 13.56
CA ALA I 58 -42.04 -25.90 14.64
C ALA I 58 -40.55 -25.71 14.39
N ARG I 59 -40.12 -25.96 13.15
CA ARG I 59 -38.71 -25.79 12.83
C ARG I 59 -38.27 -24.35 12.96
N ALA I 60 -39.12 -23.41 12.54
CA ALA I 60 -38.78 -22.00 12.72
C ALA I 60 -38.65 -21.65 14.18
N ASP I 61 -39.56 -22.18 15.02
CA ASP I 61 -39.48 -21.93 16.46
C ASP I 61 -38.16 -22.48 17.00
N ASP I 62 -37.79 -23.69 16.58
CA ASP I 62 -36.53 -24.26 17.05
C ASP I 62 -35.35 -23.40 16.65
N LEU I 63 -35.34 -22.92 15.40
CA LEU I 63 -34.25 -22.07 14.94
C LEU I 63 -34.15 -20.79 15.77
N VAL I 64 -35.28 -20.11 15.99
CA VAL I 64 -35.18 -18.85 16.71
C VAL I 64 -34.78 -19.09 18.16
N ARG I 65 -35.29 -20.17 18.77
CA ARG I 65 -34.94 -20.45 20.16
C ARG I 65 -33.47 -20.78 20.31
N ASN I 66 -32.93 -21.62 19.43
CA ASN I 66 -31.59 -22.16 19.62
C ASN I 66 -30.53 -21.37 18.85
N ASN I 67 -30.69 -21.24 17.54
CA ASN I 67 -29.64 -20.64 16.73
C ASN I 67 -29.43 -19.18 17.09
N GLY I 68 -28.16 -18.78 17.19
CA GLY I 68 -27.86 -17.40 17.54
C GLY I 68 -28.25 -16.41 16.46
N TYR I 69 -27.97 -16.74 15.20
CA TYR I 69 -28.27 -15.81 14.13
C TYR I 69 -29.76 -15.58 13.98
N ALA I 70 -30.57 -16.61 14.20
CA ALA I 70 -32.02 -16.41 14.11
C ALA I 70 -32.49 -15.40 15.15
N ALA I 71 -32.02 -15.55 16.39
CA ALA I 71 -32.38 -14.59 17.42
C ALA I 71 -31.88 -13.20 17.09
N ASN I 72 -30.66 -13.12 16.56
CA ASN I 72 -30.13 -11.81 16.19
C ASN I 72 -31.00 -11.17 15.12
N ALA I 73 -31.36 -11.92 14.09
CA ALA I 73 -32.13 -11.36 12.98
C ALA I 73 -33.52 -10.92 13.44
N ILE I 74 -34.20 -11.75 14.23
CA ILE I 74 -35.50 -11.35 14.73
C ILE I 74 -35.35 -10.12 15.61
N GLN I 75 -34.21 -9.98 16.27
CA GLN I 75 -33.97 -8.81 17.10
C GLN I 75 -33.79 -7.56 16.25
N LEU I 76 -33.05 -7.66 15.15
CA LEU I 76 -32.94 -6.51 14.24
C LEU I 76 -34.30 -6.14 13.68
N HIS I 77 -35.10 -7.12 13.29
CA HIS I 77 -36.45 -6.81 12.84
C HIS I 77 -37.21 -6.07 13.92
N GLN I 78 -37.13 -6.57 15.16
CA GLN I 78 -37.81 -5.95 16.28
C GLN I 78 -37.41 -4.49 16.44
N ASP I 79 -36.11 -4.22 16.46
CA ASP I 79 -35.65 -2.87 16.76
C ASP I 79 -35.91 -1.91 15.61
N HIS I 80 -35.71 -2.38 14.36
CA HIS I 80 -35.76 -1.44 13.25
C HIS I 80 -37.19 -1.20 12.76
N ILE I 81 -38.02 -2.24 12.76
CA ILE I 81 -39.40 -2.05 12.31
C ILE I 81 -40.12 -1.08 13.25
N VAL I 82 -39.97 -1.28 14.55
CA VAL I 82 -40.73 -0.55 15.56
C VAL I 82 -39.84 0.46 16.28
N GLY I 83 -38.84 -0.03 17.00
CA GLY I 83 -38.00 0.83 17.80
C GLY I 83 -38.47 0.94 19.23
N SER I 84 -37.97 1.98 19.90
CA SER I 84 -38.30 2.19 21.30
C SER I 84 -39.77 2.51 21.49
N PHE I 85 -40.36 3.27 20.57
CA PHE I 85 -41.73 3.72 20.73
C PHE I 85 -42.40 3.83 19.38
N PHE I 86 -43.72 3.70 19.38
CA PHE I 86 -44.54 3.80 18.17
C PHE I 86 -45.60 4.86 18.45
N ARG I 87 -45.38 6.06 17.93
CA ARG I 87 -46.22 7.20 18.26
C ARG I 87 -47.28 7.39 17.18
N LEU I 88 -48.52 7.61 17.63
CA LEU I 88 -49.64 7.84 16.74
C LEU I 88 -49.64 9.29 16.26
N SER I 89 -50.21 9.50 15.07
CA SER I 89 -50.52 10.83 14.58
C SER I 89 -51.84 10.73 13.83
N HIS I 90 -52.88 11.34 14.38
CA HIS I 90 -54.20 11.28 13.79
C HIS I 90 -54.33 12.34 12.70
N ARG I 91 -54.76 11.91 11.52
CA ARG I 91 -54.91 12.79 10.37
C ARG I 91 -56.30 12.62 9.78
N PRO I 92 -57.31 13.17 10.43
CA PRO I 92 -58.68 13.03 9.91
C PRO I 92 -58.83 13.73 8.58
N SER I 93 -59.66 13.15 7.71
CA SER I 93 -59.91 13.70 6.39
C SER I 93 -61.06 14.71 6.50
N TRP I 94 -60.71 15.90 6.96
CA TRP I 94 -61.72 16.95 7.14
C TRP I 94 -62.34 17.34 5.82
N ARG I 95 -61.55 17.30 4.73
CA ARG I 95 -62.09 17.68 3.43
C ARG I 95 -63.21 16.75 3.01
N TYR I 96 -63.01 15.44 3.16
CA TYR I 96 -64.06 14.48 2.83
C TYR I 96 -65.28 14.68 3.72
N LEU I 97 -65.06 14.90 5.01
CA LEU I 97 -66.16 15.05 5.95
C LEU I 97 -66.72 16.47 5.98
N GLY I 98 -66.15 17.39 5.22
CA GLY I 98 -66.64 18.76 5.24
C GLY I 98 -66.52 19.41 6.60
N ILE I 99 -65.38 19.25 7.26
CA ILE I 99 -65.16 19.75 8.61
C ILE I 99 -64.09 20.83 8.56
N GLY I 100 -64.29 21.89 9.33
CA GLY I 100 -63.28 22.94 9.40
C GLY I 100 -61.94 22.37 9.84
N GLU I 101 -60.89 22.79 9.14
CA GLU I 101 -59.57 22.20 9.37
C GLU I 101 -59.11 22.40 10.80
N GLU I 102 -59.34 23.60 11.35
CA GLU I 102 -58.98 23.85 12.74
C GLU I 102 -59.79 22.95 13.68
N GLU I 103 -61.05 22.71 13.35
CA GLU I 103 -61.86 21.79 14.14
C GLU I 103 -61.27 20.38 14.10
N ALA I 104 -60.85 19.95 12.91
CA ALA I 104 -60.21 18.64 12.80
C ALA I 104 -58.93 18.59 13.60
N ARG I 105 -58.16 19.68 13.60
CA ARG I 105 -56.92 19.71 14.39
C ARG I 105 -57.21 19.60 15.88
N ALA I 106 -58.22 20.33 16.36
CA ALA I 106 -58.58 20.24 17.77
C ALA I 106 -59.06 18.83 18.12
N PHE I 107 -59.85 18.23 17.22
CA PHE I 107 -60.32 16.87 17.45
C PHE I 107 -59.16 15.89 17.52
N SER I 108 -58.20 16.02 16.62
CA SER I 108 -57.04 15.14 16.63
C SER I 108 -56.23 15.34 17.90
N ARG I 109 -56.08 16.58 18.34
CA ARG I 109 -55.38 16.83 19.59
C ARG I 109 -56.07 16.14 20.75
N GLU I 110 -57.40 16.24 20.81
CA GLU I 110 -58.13 15.60 21.91
C GLU I 110 -58.00 14.08 21.86
N VAL I 111 -58.15 13.50 20.68
CA VAL I 111 -58.09 12.04 20.60
C VAL I 111 -56.70 11.55 20.93
N GLU I 112 -55.67 12.29 20.51
CA GLU I 112 -54.30 11.93 20.89
C GLU I 112 -54.12 12.03 22.39
N ALA I 113 -54.67 13.08 23.00
CA ALA I 113 -54.54 13.28 24.43
C ALA I 113 -55.12 12.10 25.18
N ALA I 114 -56.29 11.62 24.75
CA ALA I 114 -56.82 10.38 25.31
C ALA I 114 -55.91 9.20 24.99
N TRP I 115 -55.35 9.17 23.79
CA TRP I 115 -54.75 7.94 23.30
C TRP I 115 -53.46 7.62 24.04
N LYS I 116 -52.54 8.57 24.19
CA LYS I 116 -51.28 8.17 24.80
C LYS I 116 -51.48 7.79 26.26
N GLU I 117 -52.33 8.51 26.99
CA GLU I 117 -52.59 8.13 28.36
C GLU I 117 -53.32 6.80 28.44
N PHE I 118 -54.07 6.42 27.40
CA PHE I 118 -54.66 5.08 27.40
C PHE I 118 -53.62 4.01 27.14
N ALA I 119 -52.65 4.28 26.26
CA ALA I 119 -51.80 3.24 25.74
C ALA I 119 -50.59 2.98 26.64
N GLU I 120 -50.03 4.03 27.24
CA GLU I 120 -48.78 3.90 27.96
C GLU I 120 -49.06 3.46 29.40
N ASP I 121 -50.34 3.25 29.72
CA ASP I 121 -50.77 2.97 31.08
C ASP I 121 -49.92 1.90 31.73
N ASP I 122 -49.49 2.17 32.96
CA ASP I 122 -48.58 1.27 33.67
C ASP I 122 -49.26 -0.06 33.99
N CYS I 123 -50.57 -0.03 34.25
CA CYS I 123 -51.30 -1.23 34.63
C CYS I 123 -51.35 -2.26 33.52
N CYS I 124 -50.98 -1.90 32.29
CA CYS I 124 -51.10 -2.76 31.13
C CYS I 124 -52.55 -3.20 30.92
N CYS I 125 -53.48 -2.34 31.31
CA CYS I 125 -54.90 -2.67 31.23
C CYS I 125 -55.37 -2.88 29.81
N ILE I 126 -54.65 -2.34 28.83
CA ILE I 126 -54.99 -2.59 27.43
C ILE I 126 -54.82 -4.06 27.11
N ASP I 127 -53.96 -4.75 27.86
CA ASP I 127 -53.72 -6.16 27.65
C ASP I 127 -54.57 -6.99 28.62
N VAL I 128 -55.30 -7.96 28.07
CA VAL I 128 -56.02 -8.88 28.95
C VAL I 128 -55.05 -9.62 29.84
N GLU I 129 -53.91 -10.03 29.28
CA GLU I 129 -52.90 -10.72 30.07
C GLU I 129 -52.23 -9.80 31.07
N ARG I 130 -52.34 -8.49 30.89
CA ARG I 130 -51.87 -7.50 31.87
C ARG I 130 -50.37 -7.62 32.12
N LYS I 131 -49.59 -7.81 31.07
CA LYS I 131 -48.15 -7.77 31.21
C LYS I 131 -47.42 -7.09 30.05
N ARG I 132 -48.12 -6.54 29.08
CA ARG I 132 -47.46 -5.92 27.93
C ARG I 132 -48.08 -4.56 27.65
N THR I 133 -47.24 -3.58 27.32
CA THR I 133 -47.69 -2.29 26.86
C THR I 133 -47.93 -2.30 25.35
N PHE I 134 -48.46 -1.19 24.85
CA PHE I 134 -48.81 -1.12 23.44
C PHE I 134 -47.59 -1.25 22.54
N THR I 135 -46.48 -0.62 22.93
CA THR I 135 -45.28 -0.71 22.10
C THR I 135 -44.80 -2.14 21.98
N MET I 136 -44.77 -2.86 23.10
CA MET I 136 -44.42 -4.27 23.00
C MET I 136 -45.55 -5.11 22.41
N MET I 137 -46.80 -4.62 22.42
CA MET I 137 -47.80 -5.24 21.55
C MET I 137 -47.32 -5.24 20.11
N ILE I 138 -46.96 -4.06 19.60
CA ILE I 138 -46.57 -3.98 18.19
C ILE I 138 -45.30 -4.80 17.96
N ARG I 139 -44.40 -4.79 18.93
CA ARG I 139 -43.17 -5.56 18.81
C ARG I 139 -43.44 -7.05 18.73
N GLU I 140 -44.25 -7.58 19.65
CA GLU I 140 -44.59 -8.99 19.61
C GLU I 140 -45.29 -9.33 18.30
N GLY I 141 -46.18 -8.46 17.86
CA GLY I 141 -46.89 -8.72 16.62
C GLY I 141 -45.96 -8.84 15.43
N VAL I 142 -45.04 -7.88 15.29
CA VAL I 142 -44.17 -7.91 14.13
C VAL I 142 -43.21 -9.09 14.22
N ALA I 143 -42.69 -9.39 15.41
CA ALA I 143 -41.76 -10.51 15.52
C ALA I 143 -42.45 -11.83 15.20
N MET I 144 -43.67 -12.01 15.71
CA MET I 144 -44.33 -13.29 15.51
C MET I 144 -44.87 -13.41 14.09
N HIS I 145 -45.22 -12.30 13.46
CA HIS I 145 -45.47 -12.33 12.02
C HIS I 145 -44.22 -12.73 11.25
N ALA I 146 -43.06 -12.19 11.64
CA ALA I 146 -41.84 -12.48 10.91
C ALA I 146 -41.47 -13.95 11.02
N PHE I 147 -41.53 -14.51 12.21
CA PHE I 147 -41.09 -15.88 12.40
C PHE I 147 -42.20 -16.91 12.26
N ASN I 148 -43.44 -16.48 12.03
CA ASN I 148 -44.53 -17.41 11.76
C ASN I 148 -45.36 -17.08 10.53
N GLY I 149 -45.19 -15.91 9.93
CA GLY I 149 -45.89 -15.56 8.72
C GLY I 149 -47.20 -14.83 8.91
N GLU I 150 -47.70 -14.72 10.14
CA GLU I 150 -48.99 -14.08 10.37
C GLU I 150 -49.09 -13.67 11.82
N LEU I 151 -50.13 -12.89 12.12
CA LEU I 151 -50.39 -12.48 13.49
C LEU I 151 -51.89 -12.39 13.71
N PHE I 152 -52.31 -12.72 14.93
CA PHE I 152 -53.71 -12.77 15.31
C PHE I 152 -53.92 -12.01 16.61
N VAL I 153 -54.84 -11.05 16.59
CA VAL I 153 -55.19 -10.25 17.76
C VAL I 153 -56.69 -10.37 18.00
N GLN I 154 -57.07 -10.43 19.27
CA GLN I 154 -58.46 -10.53 19.65
C GLN I 154 -58.82 -9.36 20.56
N ALA I 155 -59.89 -8.66 20.22
CA ALA I 155 -60.38 -7.53 20.99
C ALA I 155 -61.52 -7.99 21.89
N THR I 156 -61.38 -7.78 23.19
CA THR I 156 -62.37 -8.21 24.15
C THR I 156 -62.96 -7.00 24.85
N TRP I 157 -64.21 -7.13 25.27
CA TRP I 157 -64.92 -6.08 25.98
C TRP I 157 -64.98 -6.47 27.45
N ASP I 158 -64.10 -5.86 28.25
CA ASP I 158 -64.08 -6.17 29.67
C ASP I 158 -65.31 -5.58 30.35
N THR I 159 -65.68 -6.18 31.49
CA THR I 159 -66.81 -5.72 32.27
C THR I 159 -66.39 -4.88 33.48
N SER I 160 -65.10 -4.84 33.80
CA SER I 160 -64.65 -4.10 34.97
C SER I 160 -64.75 -2.60 34.71
N SER I 161 -65.35 -1.88 35.65
CA SER I 161 -65.51 -0.44 35.55
C SER I 161 -64.34 0.32 36.17
N SER I 162 -63.33 -0.39 36.67
CA SER I 162 -62.18 0.27 37.29
C SER I 162 -61.42 1.15 36.31
N ARG I 163 -61.59 0.92 35.01
CA ARG I 163 -60.93 1.71 33.99
C ARG I 163 -61.97 2.41 33.13
N LEU I 164 -61.59 3.57 32.60
CA LEU I 164 -62.48 4.29 31.71
C LEU I 164 -62.76 3.49 30.44
N PHE I 165 -61.73 2.86 29.89
CA PHE I 165 -61.86 2.06 28.69
C PHE I 165 -61.92 0.59 29.06
N ARG I 166 -62.97 -0.10 28.63
CA ARG I 166 -63.14 -1.52 28.92
C ARG I 166 -62.68 -2.41 27.77
N THR I 167 -62.12 -1.85 26.71
CA THR I 167 -61.70 -2.64 25.57
C THR I 167 -60.25 -3.08 25.75
N GLN I 168 -60.05 -4.38 25.93
CA GLN I 168 -58.73 -4.96 26.11
C GLN I 168 -58.38 -5.82 24.91
N PHE I 169 -57.13 -6.26 24.84
CA PHE I 169 -56.66 -6.98 23.68
C PHE I 169 -55.72 -8.11 24.09
N ARG I 170 -55.83 -9.23 23.40
CA ARG I 170 -55.00 -10.40 23.67
C ARG I 170 -54.49 -10.97 22.35
N MET I 171 -53.22 -11.31 22.30
CA MET I 171 -52.65 -11.95 21.13
C MET I 171 -52.91 -13.44 21.16
N VAL I 172 -53.08 -14.03 19.98
CA VAL I 172 -53.25 -15.47 19.83
C VAL I 172 -52.12 -15.99 18.96
N SER I 173 -51.35 -16.93 19.49
CA SER I 173 -50.31 -17.55 18.69
C SER I 173 -50.93 -18.31 17.53
N PRO I 174 -50.32 -18.28 16.35
CA PRO I 174 -50.90 -18.98 15.19
C PRO I 174 -51.05 -20.47 15.42
N LYS I 175 -50.23 -21.06 16.29
CA LYS I 175 -50.32 -22.49 16.54
C LYS I 175 -51.63 -22.86 17.19
N ARG I 176 -52.27 -21.91 17.88
CA ARG I 176 -53.55 -22.19 18.49
C ARG I 176 -54.70 -22.17 17.49
N ILE I 177 -54.45 -21.77 16.25
CA ILE I 177 -55.47 -21.75 15.20
C ILE I 177 -55.36 -23.04 14.42
N SER I 178 -56.39 -23.88 14.50
CA SER I 178 -56.37 -25.16 13.80
C SER I 178 -57.80 -25.65 13.65
N ASN I 179 -57.98 -26.62 12.77
CA ASN I 179 -59.29 -27.22 12.59
C ASN I 179 -59.72 -27.90 13.90
N PRO I 180 -60.99 -27.82 14.25
CA PRO I 180 -61.46 -28.52 15.46
C PRO I 180 -61.23 -30.01 15.33
N ASN I 181 -60.79 -30.62 16.45
CA ASN I 181 -60.51 -32.04 16.54
C ASN I 181 -59.50 -32.51 15.49
N ASN I 182 -58.70 -31.57 14.96
CA ASN I 182 -57.66 -31.88 13.99
C ASN I 182 -58.23 -32.60 12.78
N THR I 183 -59.46 -32.26 12.39
CA THR I 183 -60.08 -32.89 11.25
C THR I 183 -59.44 -32.40 9.96
N GLY I 184 -59.60 -33.18 8.90
CA GLY I 184 -59.06 -32.80 7.61
C GLY I 184 -59.71 -31.54 7.09
N ASP I 185 -58.93 -30.72 6.40
CA ASP I 185 -59.43 -29.47 5.88
C ASP I 185 -60.37 -29.71 4.70
N SER I 186 -61.25 -28.74 4.48
CA SER I 186 -62.22 -28.82 3.39
C SER I 186 -62.14 -27.57 2.53
N ARG I 187 -63.13 -27.40 1.63
CA ARG I 187 -63.14 -26.20 0.80
C ARG I 187 -63.29 -24.94 1.64
N ASN I 188 -64.24 -24.95 2.56
CA ASN I 188 -64.55 -23.76 3.35
C ASN I 188 -63.95 -23.80 4.74
N CYS I 189 -63.15 -24.82 5.07
CA CYS I 189 -62.52 -24.92 6.38
C CYS I 189 -61.09 -25.42 6.16
N ARG I 190 -60.13 -24.50 6.21
CA ARG I 190 -58.72 -24.82 6.01
C ARG I 190 -57.93 -24.25 7.17
N ALA I 191 -57.20 -25.11 7.87
CA ALA I 191 -56.29 -24.68 8.93
C ALA I 191 -56.99 -23.82 9.98
N GLY I 192 -58.24 -24.15 10.27
CA GLY I 192 -58.96 -23.52 11.36
C GLY I 192 -59.69 -22.25 11.03
N VAL I 193 -59.57 -21.73 9.80
CA VAL I 193 -60.26 -20.52 9.39
C VAL I 193 -61.34 -20.90 8.38
N GLN I 194 -62.55 -20.45 8.64
CA GLN I 194 -63.66 -20.68 7.72
C GLN I 194 -63.67 -19.62 6.64
N ILE I 195 -63.85 -20.04 5.39
CA ILE I 195 -63.86 -19.11 4.27
C ILE I 195 -65.21 -19.20 3.59
N ASN I 196 -65.55 -18.12 2.87
CA ASN I 196 -66.78 -18.08 2.10
C ASN I 196 -66.49 -18.60 0.69
N ASP I 197 -67.43 -18.37 -0.23
CA ASP I 197 -67.21 -18.77 -1.61
C ASP I 197 -66.04 -18.02 -2.23
N SER I 198 -65.89 -16.74 -1.91
CA SER I 198 -64.82 -15.92 -2.46
C SER I 198 -63.53 -16.07 -1.69
N GLY I 199 -63.51 -16.87 -0.63
CA GLY I 199 -62.33 -17.05 0.18
C GLY I 199 -62.20 -16.09 1.34
N ALA I 200 -63.08 -15.11 1.45
CA ALA I 200 -63.02 -14.18 2.57
C ALA I 200 -63.23 -14.91 3.88
N ALA I 201 -62.48 -14.51 4.91
CA ALA I 201 -62.52 -15.18 6.20
C ALA I 201 -63.80 -14.81 6.93
N LEU I 202 -64.65 -15.80 7.17
CA LEU I 202 -65.87 -15.58 7.95
C LEU I 202 -65.63 -15.75 9.44
N GLY I 203 -64.63 -16.53 9.83
CA GLY I 203 -64.36 -16.76 11.23
C GLY I 203 -63.20 -17.71 11.38
N TYR I 204 -62.88 -18.02 12.63
CA TYR I 204 -61.72 -18.83 12.96
C TYR I 204 -62.07 -19.84 14.03
N TYR I 205 -61.28 -20.90 14.10
CA TYR I 205 -61.37 -21.89 15.16
C TYR I 205 -60.10 -21.81 15.98
N VAL I 206 -60.23 -21.36 17.22
CA VAL I 206 -59.09 -21.14 18.12
C VAL I 206 -59.09 -22.24 19.17
N SER I 207 -57.96 -22.92 19.32
CA SER I 207 -57.83 -23.98 20.30
C SER I 207 -57.29 -23.42 21.60
N GLU I 208 -57.76 -23.98 22.71
CA GLU I 208 -57.26 -23.58 24.01
C GLU I 208 -55.81 -24.02 24.20
N ASP I 209 -55.22 -23.57 25.30
CA ASP I 209 -53.87 -23.99 25.63
C ASP I 209 -53.84 -25.49 25.93
N GLY I 210 -52.76 -26.15 25.52
CA GLY I 210 -52.63 -27.57 25.75
C GLY I 210 -51.60 -27.93 26.81
N TYR I 211 -51.17 -26.95 27.59
CA TYR I 211 -50.13 -27.18 28.57
C TYR I 211 -50.70 -27.19 29.97
N PRO I 212 -50.40 -28.21 30.78
CA PRO I 212 -49.57 -29.38 30.47
C PRO I 212 -50.34 -30.33 29.56
N GLY I 213 -49.69 -31.31 28.94
CA GLY I 213 -50.34 -32.09 27.90
C GLY I 213 -51.41 -33.05 28.37
N TRP I 214 -51.96 -32.82 29.57
CA TRP I 214 -52.94 -33.72 30.16
C TRP I 214 -54.39 -33.35 29.86
N MET I 215 -54.65 -32.29 29.09
CA MET I 215 -56.06 -32.05 28.83
C MET I 215 -56.34 -32.12 27.34
N PRO I 216 -57.57 -32.46 26.95
CA PRO I 216 -57.93 -32.44 25.53
C PRO I 216 -58.30 -31.03 25.10
N GLN I 217 -57.64 -30.55 24.04
CA GLN I 217 -57.88 -29.19 23.56
C GLN I 217 -59.30 -29.06 23.03
N LYS I 218 -59.87 -27.88 23.21
CA LYS I 218 -61.20 -27.57 22.69
C LYS I 218 -61.11 -26.35 21.80
N TRP I 219 -61.85 -26.38 20.70
CA TRP I 219 -61.83 -25.31 19.71
C TRP I 219 -63.07 -24.45 19.84
N THR I 220 -62.88 -23.14 19.80
CA THR I 220 -63.96 -22.17 19.88
C THR I 220 -64.06 -21.43 18.56
N TRP I 221 -65.29 -21.14 18.14
CA TRP I 221 -65.56 -20.43 16.91
C TRP I 221 -65.62 -18.93 17.20
N ILE I 222 -64.72 -18.18 16.59
CA ILE I 222 -64.65 -16.73 16.75
C ILE I 222 -65.01 -16.09 15.43
N PRO I 223 -66.11 -15.36 15.33
CA PRO I 223 -66.40 -14.62 14.10
C PRO I 223 -65.33 -13.57 13.84
N ARG I 224 -65.06 -13.32 12.56
CA ARG I 224 -63.99 -12.40 12.20
C ARG I 224 -64.29 -11.00 12.71
N GLU I 225 -65.52 -10.53 12.55
CA GLU I 225 -65.89 -9.19 12.97
C GLU I 225 -67.27 -9.22 13.61
N LEU I 226 -67.52 -8.22 14.45
CA LEU I 226 -68.79 -8.12 15.13
C LEU I 226 -69.89 -7.73 14.15
N PRO I 227 -71.16 -8.02 14.48
CA PRO I 227 -72.25 -7.61 13.60
C PRO I 227 -72.31 -6.12 13.36
N GLY I 228 -71.90 -5.30 14.32
CA GLY I 228 -71.90 -3.88 14.16
C GLY I 228 -70.72 -3.33 13.38
N GLY I 229 -69.91 -4.20 12.79
CA GLY I 229 -68.74 -3.78 12.06
C GLY I 229 -67.48 -3.65 12.89
N ARG I 230 -67.58 -3.77 14.21
CA ARG I 230 -66.41 -3.72 15.06
C ARG I 230 -65.54 -4.95 14.82
N ALA I 231 -64.23 -4.73 14.73
CA ALA I 231 -63.30 -5.81 14.43
C ALA I 231 -63.05 -6.65 15.67
N SER I 232 -63.83 -7.71 15.85
CA SER I 232 -63.63 -8.59 16.99
C SER I 232 -62.29 -9.31 16.91
N PHE I 233 -61.93 -9.79 15.72
CA PHE I 233 -60.70 -10.54 15.52
C PHE I 233 -59.95 -9.95 14.34
N ILE I 234 -58.64 -9.83 14.48
CA ILE I 234 -57.79 -9.24 13.45
C ILE I 234 -56.72 -10.25 13.08
N HIS I 235 -56.61 -10.55 11.79
CA HIS I 235 -55.58 -11.43 11.26
C HIS I 235 -54.79 -10.65 10.22
N VAL I 236 -53.50 -10.44 10.48
CA VAL I 236 -52.65 -9.65 9.59
C VAL I 236 -51.50 -10.53 9.12
N PHE I 237 -51.33 -10.60 7.80
CA PHE I 237 -50.23 -11.32 7.19
C PHE I 237 -50.06 -10.81 5.77
N GLU I 238 -49.01 -11.26 5.11
CA GLU I 238 -48.76 -10.83 3.73
C GLU I 238 -49.04 -12.01 2.83
N PRO I 239 -50.01 -11.92 1.92
CA PRO I 239 -50.25 -13.00 0.97
C PRO I 239 -49.54 -12.76 -0.35
N VAL I 240 -49.06 -13.84 -0.95
CA VAL I 240 -48.33 -13.76 -2.21
C VAL I 240 -49.18 -14.11 -3.42
N GLU I 241 -50.37 -14.66 -3.21
CA GLU I 241 -51.22 -15.08 -4.32
C GLU I 241 -52.65 -15.20 -3.83
N ASP I 242 -53.58 -15.26 -4.78
CA ASP I 242 -54.98 -15.42 -4.45
C ASP I 242 -55.22 -16.76 -3.74
N GLY I 243 -56.06 -16.73 -2.71
CA GLY I 243 -56.46 -17.94 -2.02
C GLY I 243 -55.56 -18.37 -0.88
N GLN I 244 -54.43 -17.70 -0.67
CA GLN I 244 -53.59 -18.03 0.47
C GLN I 244 -54.29 -17.65 1.75
N THR I 245 -54.36 -18.59 2.69
CA THR I 245 -55.07 -18.35 3.95
C THR I 245 -54.14 -18.20 5.15
N ARG I 246 -52.95 -18.78 5.10
CA ARG I 246 -52.00 -18.68 6.19
C ARG I 246 -50.68 -18.17 5.65
N GLY I 247 -50.07 -17.25 6.39
CA GLY I 247 -48.79 -16.71 5.98
C GLY I 247 -47.67 -17.72 6.14
N ALA I 248 -46.60 -17.50 5.39
CA ALA I 248 -45.41 -18.33 5.44
C ALA I 248 -44.28 -17.56 6.09
N ASN I 249 -43.64 -18.17 7.09
CA ASN I 249 -42.53 -17.51 7.75
C ASN I 249 -41.38 -17.31 6.77
N VAL I 250 -40.61 -16.25 6.99
CA VAL I 250 -39.53 -15.90 6.07
C VAL I 250 -38.46 -16.97 6.07
N PHE I 251 -38.28 -17.68 7.20
CA PHE I 251 -37.18 -18.63 7.33
C PHE I 251 -37.23 -19.76 6.32
N TYR I 252 -38.37 -20.00 5.68
CA TYR I 252 -38.56 -21.17 4.84
C TYR I 252 -37.47 -21.34 3.79
N SER I 253 -36.71 -20.30 3.47
CA SER I 253 -35.73 -20.36 2.42
C SER I 253 -34.29 -20.35 2.93
N VAL I 254 -34.08 -20.43 4.24
CA VAL I 254 -32.72 -20.35 4.77
C VAL I 254 -32.45 -21.42 5.80
N MET I 255 -33.48 -22.20 6.15
CA MET I 255 -33.31 -23.22 7.19
C MET I 255 -32.15 -24.15 6.86
N GLU I 256 -32.16 -24.70 5.64
CA GLU I 256 -31.08 -25.57 5.20
C GLU I 256 -29.73 -24.90 5.36
N GLN I 257 -29.68 -23.59 5.12
CA GLN I 257 -28.40 -22.88 5.22
C GLN I 257 -27.91 -22.85 6.66
N MET I 258 -28.81 -22.58 7.61
CA MET I 258 -28.42 -22.70 9.01
C MET I 258 -27.91 -24.10 9.31
N LYS I 259 -28.52 -25.11 8.68
CA LYS I 259 -28.16 -26.48 8.98
C LYS I 259 -26.86 -26.92 8.34
N MET I 260 -26.46 -26.37 7.18
CA MET I 260 -25.05 -26.63 6.87
C MET I 260 -24.12 -25.78 7.71
N LEU I 261 -24.61 -24.64 8.21
CA LEU I 261 -23.72 -23.77 8.98
C LEU I 261 -23.26 -24.45 10.27
N ASP I 262 -24.19 -24.99 11.04
CA ASP I 262 -23.77 -25.55 12.34
C ASP I 262 -22.86 -26.75 12.12
N THR I 263 -23.19 -27.57 11.11
CA THR I 263 -22.35 -28.71 10.77
C THR I 263 -20.96 -28.25 10.37
N LEU I 264 -20.87 -27.14 9.64
CA LEU I 264 -19.56 -26.59 9.31
C LEU I 264 -18.80 -26.22 10.58
N GLN I 265 -19.49 -25.60 11.54
CA GLN I 265 -18.82 -25.23 12.78
C GLN I 265 -18.27 -26.45 13.50
N ASN I 266 -19.09 -27.48 13.69
CA ASN I 266 -18.62 -28.67 14.38
C ASN I 266 -17.52 -29.36 13.59
N THR I 267 -17.62 -29.39 12.25
CA THR I 267 -16.59 -30.01 11.45
C THR I 267 -15.26 -29.29 11.61
N GLN I 268 -15.29 -27.96 11.63
CA GLN I 268 -14.07 -27.21 11.87
C GLN I 268 -13.51 -27.50 13.26
N LEU I 269 -14.41 -27.66 14.24
CA LEU I 269 -13.95 -28.04 15.57
C LEU I 269 -13.18 -29.36 15.54
N GLN I 270 -13.78 -30.39 14.92
CA GLN I 270 -13.13 -31.69 14.90
C GLN I 270 -11.84 -31.63 14.11
N SER I 271 -11.80 -30.79 13.07
CA SER I 271 -10.55 -30.62 12.34
C SER I 271 -9.47 -30.04 13.25
N ALA I 272 -9.83 -29.05 14.06
CA ALA I 272 -8.87 -28.49 14.99
C ALA I 272 -8.41 -29.54 16.00
N ILE I 273 -9.34 -30.36 16.48
CA ILE I 273 -8.99 -31.42 17.43
C ILE I 273 -8.00 -32.39 16.80
N VAL I 274 -8.33 -32.88 15.61
CA VAL I 274 -7.51 -33.90 14.97
C VAL I 274 -6.19 -33.33 14.48
N LYS I 275 -6.10 -32.01 14.31
CA LYS I 275 -4.83 -31.44 13.91
C LYS I 275 -3.89 -31.24 15.09
N ALA I 276 -4.41 -31.29 16.32
CA ALA I 276 -3.59 -31.33 17.52
C ALA I 276 -3.38 -32.77 17.98
N MET I 277 -3.76 -33.73 17.15
CA MET I 277 -3.64 -35.14 17.50
C MET I 277 -2.18 -35.56 17.63
N TYR I 278 -1.90 -36.37 18.64
CA TYR I 278 -0.56 -36.83 18.95
C TYR I 278 -0.58 -38.35 18.97
N ALA I 279 0.28 -38.97 18.17
CA ALA I 279 0.41 -40.43 18.14
C ALA I 279 1.88 -40.78 18.32
N ALA I 280 2.17 -41.64 19.29
CA ALA I 280 3.55 -42.03 19.57
C ALA I 280 3.53 -43.37 20.30
N THR I 281 4.12 -44.40 19.69
CA THR I 281 4.24 -45.68 20.34
C THR I 281 5.54 -46.36 19.96
N ILE I 282 5.97 -47.29 20.81
CA ILE I 282 7.16 -48.09 20.59
C ILE I 282 6.73 -49.46 20.11
N GLU I 283 7.41 -49.97 19.08
CA GLU I 283 7.09 -51.26 18.50
C GLU I 283 8.39 -51.96 18.12
N SER I 284 8.26 -53.21 17.72
CA SER I 284 9.40 -54.00 17.28
C SER I 284 9.09 -54.59 15.91
N GLU I 285 10.15 -54.80 15.12
CA GLU I 285 9.95 -55.20 13.72
C GLU I 285 9.68 -56.70 13.63
N LEU I 286 10.65 -57.52 14.02
CA LEU I 286 10.52 -58.98 14.08
C LEU I 286 9.65 -59.55 12.98
N ASP I 287 8.72 -60.44 13.35
CA ASP I 287 7.72 -60.99 12.43
C ASP I 287 8.36 -61.38 11.10
N THR I 288 9.27 -62.34 11.17
CA THR I 288 10.20 -62.62 10.07
C THR I 288 9.51 -63.35 8.92
N GLN I 289 8.47 -62.70 8.38
CA GLN I 289 7.84 -63.12 7.14
C GLN I 289 7.49 -64.61 7.14
N SER I 290 8.27 -65.42 6.43
CA SER I 290 8.06 -66.86 6.45
C SER I 290 8.39 -67.45 7.81
N ALA I 291 9.50 -67.00 8.41
CA ALA I 291 9.80 -67.42 9.78
C ALA I 291 8.74 -66.91 10.75
N MET I 292 8.07 -65.81 10.42
CA MET I 292 6.94 -65.37 11.22
C MET I 292 5.83 -66.41 11.19
N ASP I 293 5.53 -66.97 10.01
CA ASP I 293 4.53 -68.01 9.91
C ASP I 293 4.98 -69.27 10.64
N PHE I 294 6.26 -69.62 10.55
CA PHE I 294 6.77 -70.78 11.27
C PHE I 294 6.64 -70.60 12.77
N ILE I 295 6.98 -69.41 13.27
CA ILE I 295 6.84 -69.13 14.69
C ILE I 295 5.38 -69.12 15.10
N LEU I 296 4.50 -68.64 14.23
CA LEU I 296 3.07 -68.69 14.53
C LEU I 296 2.59 -70.13 14.65
N GLY I 297 3.02 -71.00 13.74
CA GLY I 297 2.65 -72.41 13.81
C GLY I 297 3.18 -73.04 15.08
N ALA I 298 4.45 -72.76 15.43
CA ALA I 298 5.03 -73.32 16.64
C ALA I 298 4.29 -72.85 17.89
N ASN I 299 4.00 -71.55 17.97
CA ASN I 299 3.31 -71.01 19.13
C ASN I 299 1.90 -71.57 19.23
N SER I 300 1.21 -71.72 18.10
CA SER I 300 -0.12 -72.33 18.12
C SER I 300 -0.04 -73.77 18.60
N GLN I 301 0.95 -74.52 18.13
CA GLN I 301 1.09 -75.91 18.55
C GLN I 301 1.38 -76.02 20.03
N GLU I 302 2.59 -75.61 20.45
CA GLU I 302 2.92 -75.68 21.87
C GLU I 302 3.82 -74.56 22.37
N GLN I 303 4.17 -73.57 21.55
CA GLN I 303 5.24 -72.64 21.88
C GLN I 303 4.74 -71.23 22.17
N ARG I 304 3.61 -71.12 22.87
CA ARG I 304 3.22 -69.82 23.41
C ARG I 304 4.20 -69.33 24.45
N GLU I 305 5.06 -70.21 24.95
CA GLU I 305 6.06 -69.84 25.93
C GLU I 305 6.98 -68.74 25.39
N ARG I 306 7.33 -68.80 24.11
CA ARG I 306 8.16 -67.75 23.52
C ARG I 306 7.51 -66.39 23.68
N LEU I 307 6.25 -66.28 23.26
CA LEU I 307 5.54 -65.02 23.32
C LEU I 307 5.39 -64.54 24.76
N THR I 308 5.01 -65.46 25.66
CA THR I 308 4.82 -65.07 27.05
C THR I 308 6.12 -64.58 27.68
N GLY I 309 7.21 -65.30 27.46
CA GLY I 309 8.48 -64.89 28.02
C GLY I 309 8.99 -63.59 27.44
N TRP I 310 8.82 -63.39 26.14
CA TRP I 310 9.23 -62.13 25.54
C TRP I 310 8.41 -60.97 26.08
N ILE I 311 7.11 -61.17 26.23
CA ILE I 311 6.26 -60.13 26.80
C ILE I 311 6.68 -59.81 28.22
N GLY I 312 6.96 -60.84 29.02
CA GLY I 312 7.41 -60.61 30.38
C GLY I 312 8.73 -59.86 30.45
N GLU I 313 9.68 -60.25 29.60
CA GLU I 313 10.97 -59.56 29.58
C GLU I 313 10.81 -58.11 29.16
N ILE I 314 9.98 -57.85 28.14
CA ILE I 314 9.75 -56.48 27.70
C ILE I 314 9.12 -55.68 28.82
N ALA I 315 8.12 -56.26 29.49
CA ALA I 315 7.45 -55.54 30.58
C ALA I 315 8.43 -55.23 31.70
N ALA I 316 9.29 -56.19 32.05
CA ALA I 316 10.26 -55.96 33.10
C ALA I 316 11.24 -54.86 32.71
N TYR I 317 11.74 -54.90 31.48
CA TYR I 317 12.69 -53.89 31.04
C TYR I 317 12.06 -52.51 31.09
N TYR I 318 10.83 -52.38 30.59
CA TYR I 318 10.24 -51.06 30.50
C TYR I 318 9.62 -50.62 31.83
N ALA I 319 9.44 -51.53 32.78
CA ALA I 319 9.16 -51.12 34.14
C ALA I 319 10.42 -50.66 34.85
N ALA I 320 11.58 -51.15 34.42
CA ALA I 320 12.83 -50.57 34.88
C ALA I 320 13.14 -49.25 34.18
N ALA I 321 12.66 -49.08 32.96
CA ALA I 321 12.97 -47.95 32.09
C ALA I 321 12.15 -46.69 32.39
N PRO I 322 10.84 -46.80 32.68
CA PRO I 322 9.91 -45.73 32.32
C PRO I 322 10.40 -44.76 31.27
N VAL I 323 10.25 -45.13 30.00
CA VAL I 323 10.55 -44.22 28.90
C VAL I 323 9.34 -43.33 28.68
N ARG I 324 9.37 -42.14 29.26
CA ARG I 324 8.24 -41.22 29.25
C ARG I 324 8.44 -40.21 28.14
N LEU I 325 7.65 -40.31 27.08
CA LEU I 325 7.66 -39.29 26.04
C LEU I 325 7.25 -37.94 26.60
N GLY I 326 6.20 -37.92 27.42
CA GLY I 326 5.73 -36.71 28.04
C GLY I 326 5.23 -37.02 29.44
N GLY I 327 4.02 -36.55 29.76
CA GLY I 327 3.46 -36.88 31.05
C GLY I 327 2.91 -38.28 31.16
N ALA I 328 2.90 -39.03 30.07
CA ALA I 328 2.32 -40.37 30.03
C ALA I 328 3.41 -41.39 29.66
N LYS I 329 2.97 -42.62 29.48
CA LYS I 329 3.86 -43.72 29.12
C LYS I 329 3.58 -44.16 27.69
N VAL I 330 4.64 -44.49 26.97
CA VAL I 330 4.53 -44.91 25.58
C VAL I 330 3.98 -46.33 25.51
N PRO I 331 2.91 -46.55 24.76
CA PRO I 331 2.36 -47.91 24.63
C PRO I 331 3.26 -48.80 23.78
N HIS I 332 3.11 -50.10 23.96
CA HIS I 332 3.89 -51.10 23.25
C HIS I 332 2.99 -51.98 22.39
N LEU I 333 3.53 -52.42 21.26
CA LEU I 333 2.79 -53.28 20.33
C LEU I 333 3.48 -54.62 20.16
N MET I 334 2.74 -55.55 19.56
CA MET I 334 3.28 -56.85 19.20
C MET I 334 4.30 -56.74 18.09
N PRO I 335 5.23 -57.69 18.02
CA PRO I 335 6.21 -57.68 16.93
C PRO I 335 5.52 -57.72 15.57
N GLY I 336 6.01 -56.91 14.65
CA GLY I 336 5.40 -56.79 13.35
C GLY I 336 4.14 -55.96 13.32
N ASP I 337 3.73 -55.40 14.45
CA ASP I 337 2.52 -54.59 14.54
C ASP I 337 2.92 -53.14 14.70
N SER I 338 2.66 -52.35 13.67
CA SER I 338 2.99 -50.93 13.67
C SER I 338 1.72 -50.13 13.42
N LEU I 339 1.52 -49.07 14.21
CA LEU I 339 0.36 -48.23 14.03
C LEU I 339 0.52 -47.40 12.76
N ASN I 340 -0.43 -47.56 11.84
CA ASN I 340 -0.42 -46.84 10.57
C ASN I 340 -1.62 -45.93 10.54
N LEU I 341 -1.38 -44.63 10.60
CA LEU I 341 -2.43 -43.62 10.49
C LEU I 341 -2.12 -42.70 9.32
N GLN I 342 -3.17 -42.34 8.57
CA GLN I 342 -3.02 -41.44 7.44
C GLN I 342 -4.34 -40.73 7.23
N THR I 343 -4.28 -39.65 6.47
CA THR I 343 -5.41 -38.74 6.32
C THR I 343 -5.64 -38.41 4.86
N ALA I 344 -6.72 -37.66 4.63
CA ALA I 344 -7.07 -37.15 3.31
C ALA I 344 -6.24 -35.92 2.99
N GLN I 345 -6.65 -35.15 1.98
CA GLN I 345 -5.91 -33.98 1.52
C GLN I 345 -5.47 -33.10 2.68
N ASP I 346 -4.35 -32.40 2.47
CA ASP I 346 -3.69 -31.70 3.57
C ASP I 346 -3.48 -30.22 3.26
N THR I 347 -4.51 -29.54 2.79
CA THR I 347 -4.44 -28.11 2.55
C THR I 347 -5.39 -27.39 3.49
N ASP I 348 -5.51 -26.08 3.30
CA ASP I 348 -6.49 -25.31 4.05
C ASP I 348 -7.89 -25.66 3.60
N ASN I 349 -8.81 -25.76 4.55
CA ASN I 349 -10.19 -26.12 4.23
C ASN I 349 -10.98 -24.97 3.64
N GLY I 350 -10.43 -23.75 3.63
CA GLY I 350 -11.18 -22.62 3.12
C GLY I 350 -12.41 -22.32 3.94
N TYR I 351 -12.31 -22.42 5.27
CA TYR I 351 -13.47 -22.19 6.12
C TYR I 351 -13.97 -20.76 6.01
N SER I 352 -13.04 -19.80 5.98
CA SER I 352 -13.40 -18.40 6.05
C SER I 352 -14.29 -18.00 4.88
N VAL I 353 -13.85 -18.28 3.67
CA VAL I 353 -14.65 -17.90 2.50
C VAL I 353 -15.98 -18.60 2.53
N PHE I 354 -16.01 -19.85 2.99
CA PHE I 354 -17.25 -20.60 2.96
C PHE I 354 -18.27 -20.02 3.93
N GLU I 355 -17.86 -19.66 5.15
CA GLU I 355 -18.88 -19.13 6.06
C GLU I 355 -19.26 -17.72 5.62
N GLN I 356 -18.34 -17.00 4.99
CA GLN I 356 -18.72 -15.73 4.38
C GLN I 356 -19.85 -15.94 3.40
N SER I 357 -19.70 -16.92 2.51
CA SER I 357 -20.72 -17.19 1.52
C SER I 357 -22.03 -17.58 2.20
N LEU I 358 -21.94 -18.44 3.21
CA LEU I 358 -23.15 -18.84 3.93
C LEU I 358 -23.85 -17.64 4.52
N LEU I 359 -23.16 -16.93 5.42
CA LEU I 359 -23.75 -15.77 6.08
C LEU I 359 -24.38 -14.82 5.08
N ARG I 360 -23.71 -14.61 3.94
CA ARG I 360 -24.31 -13.78 2.91
C ARG I 360 -25.61 -14.40 2.40
N TYR I 361 -25.64 -15.73 2.26
CA TYR I 361 -26.85 -16.38 1.79
C TYR I 361 -28.01 -16.14 2.76
N ILE I 362 -27.80 -16.42 4.05
CA ILE I 362 -28.91 -16.22 4.98
C ILE I 362 -29.28 -14.75 5.08
N ALA I 363 -28.29 -13.85 4.99
CA ALA I 363 -28.62 -12.43 5.02
C ALA I 363 -29.51 -12.04 3.86
N ALA I 364 -29.20 -12.54 2.66
CA ALA I 364 -30.08 -12.28 1.52
C ALA I 364 -31.44 -12.92 1.73
N GLY I 365 -31.48 -14.09 2.37
CA GLY I 365 -32.75 -14.75 2.60
C GLY I 365 -33.66 -13.94 3.50
N LEU I 366 -33.10 -13.38 4.57
CA LEU I 366 -33.88 -12.55 5.48
C LEU I 366 -34.04 -11.13 4.98
N GLY I 367 -33.40 -10.77 3.88
CA GLY I 367 -33.44 -9.41 3.38
C GLY I 367 -32.67 -8.41 4.20
N VAL I 368 -32.04 -8.85 5.27
CA VAL I 368 -31.24 -7.99 6.13
C VAL I 368 -29.82 -7.95 5.58
N SER I 369 -29.19 -6.79 5.69
CA SER I 369 -27.84 -6.63 5.17
C SER I 369 -26.87 -7.58 5.90
N TYR I 370 -25.92 -8.10 5.13
CA TYR I 370 -25.00 -9.10 5.66
C TYR I 370 -24.20 -8.55 6.82
N GLU I 371 -23.59 -7.39 6.65
CA GLU I 371 -22.64 -6.91 7.64
C GLU I 371 -23.28 -6.69 9.01
N GLN I 372 -24.55 -6.31 9.08
CA GLN I 372 -25.19 -6.08 10.37
C GLN I 372 -25.77 -7.36 10.97
N LEU I 373 -26.18 -8.32 10.14
CA LEU I 373 -26.66 -9.58 10.67
C LEU I 373 -25.53 -10.34 11.35
N SER I 374 -24.36 -10.37 10.72
CA SER I 374 -23.19 -11.04 11.26
C SER I 374 -22.28 -10.10 12.03
N ARG I 375 -22.67 -8.82 12.18
CA ARG I 375 -21.85 -7.78 12.81
C ARG I 375 -20.38 -7.93 12.49
N ASN I 376 -20.09 -8.11 11.20
CA ASN I 376 -18.73 -8.16 10.69
C ASN I 376 -18.52 -6.96 9.79
N TYR I 377 -17.91 -5.91 10.35
CA TYR I 377 -17.77 -4.64 9.64
C TYR I 377 -16.36 -4.45 9.08
N ALA I 378 -15.64 -5.54 8.84
CA ALA I 378 -14.26 -5.43 8.39
C ALA I 378 -14.18 -4.75 7.04
N GLN I 379 -13.14 -3.93 6.86
CA GLN I 379 -12.74 -3.34 5.58
C GLN I 379 -13.84 -2.48 4.96
N MET I 380 -14.94 -2.31 5.67
CA MET I 380 -16.10 -1.64 5.10
C MET I 380 -15.80 -0.15 4.92
N SER I 381 -16.27 0.41 3.81
CA SER I 381 -16.09 1.83 3.53
C SER I 381 -17.35 2.61 3.90
N TYR I 382 -17.20 3.93 4.00
CA TYR I 382 -18.31 4.75 4.44
C TYR I 382 -19.46 4.72 3.44
N SER I 383 -19.18 5.00 2.18
CA SER I 383 -20.24 5.01 1.17
C SER I 383 -20.87 3.64 1.02
N THR I 384 -20.05 2.59 1.05
CA THR I 384 -20.58 1.24 0.91
C THR I 384 -21.47 0.88 2.09
N ALA I 385 -21.05 1.24 3.30
CA ALA I 385 -21.90 1.02 4.46
C ALA I 385 -23.21 1.79 4.33
N ARG I 386 -23.13 3.02 3.82
CA ARG I 386 -24.35 3.79 3.61
C ARG I 386 -25.29 3.07 2.65
N ALA I 387 -24.76 2.52 1.56
CA ALA I 387 -25.60 1.83 0.61
C ALA I 387 -26.25 0.59 1.23
N SER I 388 -25.46 -0.19 1.97
CA SER I 388 -26.01 -1.40 2.59
C SER I 388 -27.13 -1.03 3.54
N ALA I 389 -26.88 -0.05 4.41
CA ALA I 389 -27.91 0.41 5.32
C ALA I 389 -29.11 0.97 4.56
N ASN I 390 -28.87 1.51 3.37
CA ASN I 390 -29.96 2.10 2.60
C ASN I 390 -30.93 1.03 2.12
N GLU I 391 -30.40 -0.04 1.54
CA GLU I 391 -31.27 -1.15 1.14
C GLU I 391 -31.96 -1.76 2.35
N SER I 392 -31.22 -1.98 3.44
CA SER I 392 -31.84 -2.55 4.63
C SER I 392 -32.98 -1.66 5.13
N TRP I 393 -32.76 -0.34 5.13
CA TRP I 393 -33.75 0.60 5.63
C TRP I 393 -34.97 0.63 4.72
N ALA I 394 -34.76 0.56 3.41
CA ALA I 394 -35.91 0.52 2.50
C ALA I 394 -36.76 -0.69 2.78
N TYR I 395 -36.12 -1.86 2.93
CA TYR I 395 -36.87 -3.05 3.28
C TYR I 395 -37.63 -2.87 4.58
N PHE I 396 -36.97 -2.27 5.57
CA PHE I 396 -37.58 -2.14 6.89
C PHE I 396 -38.80 -1.22 6.84
N MET I 397 -38.70 -0.11 6.12
CA MET I 397 -39.86 0.77 5.96
C MET I 397 -40.98 0.07 5.22
N GLY I 398 -40.66 -0.75 4.22
CA GLY I 398 -41.70 -1.53 3.58
C GLY I 398 -42.46 -2.39 4.57
N ARG I 399 -41.73 -3.15 5.38
CA ARG I 399 -42.39 -4.04 6.32
C ARG I 399 -43.15 -3.26 7.39
N ARG I 400 -42.57 -2.15 7.86
CA ARG I 400 -43.26 -1.33 8.86
C ARG I 400 -44.57 -0.79 8.30
N LYS I 401 -44.55 -0.34 7.04
CA LYS I 401 -45.77 0.18 6.44
C LYS I 401 -46.82 -0.92 6.29
N PHE I 402 -46.40 -2.12 5.90
CA PHE I 402 -47.39 -3.14 5.54
C PHE I 402 -47.75 -4.07 6.68
N VAL I 403 -46.98 -4.12 7.76
CA VAL I 403 -47.27 -5.07 8.82
C VAL I 403 -47.68 -4.35 10.09
N ALA I 404 -46.77 -3.58 10.67
CA ALA I 404 -47.06 -2.92 11.94
C ALA I 404 -48.15 -1.87 11.78
N SER I 405 -48.10 -1.12 10.68
CA SER I 405 -49.03 0.00 10.51
C SER I 405 -50.47 -0.49 10.44
N ARG I 406 -50.72 -1.58 9.73
CA ARG I 406 -52.09 -2.08 9.60
C ARG I 406 -52.63 -2.54 10.94
N GLN I 407 -51.84 -3.29 11.69
CA GLN I 407 -52.27 -3.72 13.01
C GLN I 407 -52.53 -2.55 13.93
N ALA I 408 -51.64 -1.56 13.91
CA ALA I 408 -51.83 -0.38 14.74
C ALA I 408 -53.08 0.38 14.34
N SER I 409 -53.37 0.44 13.05
CA SER I 409 -54.58 1.12 12.59
C SER I 409 -55.83 0.41 13.11
N GLN I 410 -55.85 -0.92 13.05
CA GLN I 410 -56.99 -1.64 13.61
C GLN I 410 -57.10 -1.40 15.11
N MET I 411 -55.97 -1.41 15.80
CA MET I 411 -55.91 -1.12 17.23
C MET I 411 -56.59 0.20 17.53
N PHE I 412 -56.16 1.25 16.82
CA PHE I 412 -56.65 2.59 17.07
C PHE I 412 -58.11 2.72 16.69
N LEU I 413 -58.53 2.03 15.63
CA LEU I 413 -59.93 2.10 15.23
C LEU I 413 -60.83 1.53 16.32
N CYS I 414 -60.46 0.38 16.87
CA CYS I 414 -61.27 -0.20 17.95
C CYS I 414 -61.30 0.73 19.15
N TRP I 415 -60.14 1.23 19.57
CA TRP I 415 -60.11 2.08 20.75
C TRP I 415 -60.90 3.36 20.53
N LEU I 416 -60.79 3.94 19.34
CA LEU I 416 -61.49 5.18 19.05
C LEU I 416 -63.00 4.96 19.03
N GLU I 417 -63.43 3.82 18.49
CA GLU I 417 -64.85 3.49 18.53
C GLU I 417 -65.34 3.42 19.97
N GLU I 418 -64.58 2.76 20.83
CA GLU I 418 -64.98 2.71 22.24
C GLU I 418 -65.01 4.09 22.86
N ALA I 419 -64.03 4.93 22.53
CA ALA I 419 -63.97 6.27 23.11
C ALA I 419 -65.16 7.12 22.70
N ILE I 420 -65.51 7.09 21.41
CA ILE I 420 -66.68 7.84 20.96
C ILE I 420 -67.94 7.28 21.59
N VAL I 421 -68.01 5.96 21.78
CA VAL I 421 -69.18 5.37 22.42
C VAL I 421 -69.39 5.99 23.80
N ARG I 422 -68.32 6.20 24.55
CA ARG I 422 -68.39 6.76 25.88
C ARG I 422 -68.29 8.28 25.90
N ARG I 423 -68.26 8.91 24.73
CA ARG I 423 -68.17 10.36 24.59
C ARG I 423 -66.97 10.96 25.30
N VAL I 424 -65.89 10.18 25.44
CA VAL I 424 -64.65 10.73 25.96
C VAL I 424 -64.13 11.82 25.03
N VAL I 425 -64.30 11.61 23.73
CA VAL I 425 -64.04 12.64 22.74
C VAL I 425 -65.36 13.01 22.08
N THR I 426 -65.37 14.17 21.42
CA THR I 426 -66.57 14.69 20.80
C THR I 426 -66.36 14.87 19.30
N LEU I 427 -67.26 14.31 18.51
CA LEU I 427 -67.22 14.51 17.07
C LEU I 427 -67.61 15.95 16.72
N PRO I 428 -67.17 16.44 15.58
CA PRO I 428 -67.62 17.75 15.11
C PRO I 428 -69.12 17.78 14.93
N SER I 429 -69.72 18.93 15.26
CA SER I 429 -71.17 19.06 15.20
C SER I 429 -71.69 18.93 13.77
N LYS I 430 -70.97 19.53 12.81
CA LYS I 430 -71.39 19.54 11.42
C LYS I 430 -70.90 18.34 10.64
N ALA I 431 -70.68 17.21 11.31
CA ALA I 431 -70.14 16.02 10.65
C ALA I 431 -71.02 15.60 9.49
N ARG I 432 -70.39 15.38 8.33
CA ARG I 432 -71.14 14.94 7.16
C ARG I 432 -71.66 13.53 7.34
N PHE I 433 -70.88 12.67 7.99
CA PHE I 433 -71.28 11.30 8.25
C PHE I 433 -70.98 10.95 9.70
N SER I 434 -71.72 9.96 10.22
CA SER I 434 -71.44 9.47 11.55
C SER I 434 -70.13 8.68 11.55
N PHE I 435 -69.69 8.33 12.76
CA PHE I 435 -68.45 7.59 12.88
C PHE I 435 -68.54 6.23 12.20
N GLN I 436 -69.67 5.54 12.37
CA GLN I 436 -69.81 4.21 11.81
C GLN I 436 -69.74 4.24 10.30
N GLU I 437 -70.39 5.23 9.68
CA GLU I 437 -70.44 5.28 8.22
C GLU I 437 -69.06 5.56 7.62
N ALA I 438 -68.25 6.37 8.29
CA ALA I 438 -66.97 6.84 7.76
C ALA I 438 -65.85 6.51 8.72
N ARG I 439 -65.81 5.26 9.18
CA ARG I 439 -64.79 4.85 10.15
C ARG I 439 -63.39 5.15 9.66
N SER I 440 -63.11 4.84 8.39
CA SER I 440 -61.79 5.11 7.83
C SER I 440 -61.51 6.61 7.80
N ALA I 441 -62.50 7.42 7.43
CA ALA I 441 -62.29 8.86 7.34
C ALA I 441 -61.93 9.45 8.70
N TRP I 442 -62.66 9.08 9.74
CA TRP I 442 -62.35 9.59 11.07
C TRP I 442 -61.03 9.03 11.58
N GLY I 443 -60.78 7.75 11.36
CA GLY I 443 -59.63 7.08 11.90
C GLY I 443 -58.39 7.12 11.04
N ASN I 444 -58.38 7.91 9.97
CA ASN I 444 -57.19 8.02 9.13
C ASN I 444 -56.02 8.48 9.98
N CYS I 445 -55.05 7.60 10.18
CA CYS I 445 -53.95 7.86 11.09
C CYS I 445 -52.68 7.26 10.54
N ASP I 446 -51.55 7.84 10.94
CA ASP I 446 -50.25 7.31 10.55
C ASP I 446 -49.35 7.21 11.77
N TRP I 447 -48.44 6.26 11.73
CA TRP I 447 -47.64 5.90 12.88
C TRP I 447 -46.18 6.16 12.59
N ILE I 448 -45.47 6.69 13.59
CA ILE I 448 -44.06 7.00 13.47
C ILE I 448 -43.30 6.13 14.46
N GLY I 449 -42.35 5.36 13.95
CA GLY I 449 -41.49 4.53 14.76
C GLY I 449 -40.14 5.18 15.00
N SER I 450 -39.13 4.36 15.23
CA SER I 450 -37.78 4.87 15.36
C SER I 450 -37.32 5.45 14.03
N GLY I 451 -36.78 6.66 14.08
CA GLY I 451 -36.34 7.33 12.89
C GLY I 451 -35.08 6.72 12.32
N ARG I 452 -34.67 7.23 11.16
CA ARG I 452 -33.48 6.70 10.52
C ARG I 452 -32.26 7.02 11.37
N MET I 453 -31.50 5.97 11.70
CA MET I 453 -30.25 6.11 12.41
C MET I 453 -29.25 6.87 11.53
N ALA I 454 -28.55 7.81 12.14
CA ALA I 454 -27.66 8.69 11.37
C ALA I 454 -26.26 8.09 11.26
N ILE I 455 -25.86 7.78 10.02
CA ILE I 455 -24.60 7.08 9.82
C ILE I 455 -23.42 7.94 10.22
N ASP I 456 -23.44 9.23 9.86
CA ASP I 456 -22.32 10.11 10.13
C ASP I 456 -22.67 11.29 11.02
N GLY I 457 -23.92 11.75 11.00
CA GLY I 457 -24.30 12.95 11.72
C GLY I 457 -24.30 14.22 10.87
N LEU I 458 -23.13 14.73 10.49
CA LEU I 458 -23.11 15.99 9.77
C LEU I 458 -23.87 15.91 8.45
N LYS I 459 -23.69 14.82 7.71
CA LYS I 459 -24.32 14.73 6.40
C LYS I 459 -25.84 14.80 6.50
N GLU I 460 -26.44 13.94 7.31
CA GLU I 460 -27.90 13.91 7.40
C GLU I 460 -28.48 15.19 8.00
N VAL I 461 -27.81 15.77 9.01
CA VAL I 461 -28.29 17.04 9.54
C VAL I 461 -28.21 18.13 8.48
N GLN I 462 -27.14 18.11 7.68
CA GLN I 462 -27.03 19.08 6.60
C GLN I 462 -28.13 18.89 5.57
N GLU I 463 -28.47 17.64 5.27
CA GLU I 463 -29.62 17.37 4.41
C GLU I 463 -30.87 18.01 5.00
N ALA I 464 -31.09 17.79 6.29
CA ALA I 464 -32.30 18.31 6.92
C ALA I 464 -32.36 19.83 6.80
N VAL I 465 -31.27 20.51 7.17
CA VAL I 465 -31.33 21.97 7.20
C VAL I 465 -31.44 22.52 5.78
N MET I 466 -30.69 21.97 4.82
CA MET I 466 -30.72 22.50 3.47
C MET I 466 -32.06 22.21 2.80
N LEU I 467 -32.65 21.05 3.10
CA LEU I 467 -33.99 20.75 2.58
C LEU I 467 -35.02 21.70 3.17
N ILE I 468 -34.95 21.96 4.48
CA ILE I 468 -35.94 22.80 5.11
C ILE I 468 -35.81 24.24 4.64
N GLU I 469 -34.60 24.68 4.31
CA GLU I 469 -34.42 26.05 3.86
C GLU I 469 -34.64 26.22 2.36
N ALA I 470 -34.44 25.16 1.59
CA ALA I 470 -34.57 25.24 0.14
C ALA I 470 -35.97 24.95 -0.36
N GLY I 471 -36.90 24.62 0.53
CA GLY I 471 -38.30 24.49 0.18
C GLY I 471 -38.71 23.13 -0.33
N LEU I 472 -37.80 22.18 -0.47
CA LEU I 472 -38.17 20.85 -0.95
C LEU I 472 -38.68 19.94 0.16
N SER I 473 -38.73 20.42 1.39
CA SER I 473 -39.15 19.57 2.49
C SER I 473 -39.77 20.42 3.60
N THR I 474 -40.51 19.77 4.47
CA THR I 474 -41.26 20.43 5.53
C THR I 474 -41.03 19.73 6.85
N TYR I 475 -41.16 20.51 7.94
CA TYR I 475 -40.65 20.10 9.24
C TYR I 475 -41.17 18.75 9.67
N GLU I 476 -42.41 18.42 9.32
CA GLU I 476 -43.02 17.21 9.85
C GLU I 476 -42.25 15.97 9.42
N LYS I 477 -41.79 15.92 8.18
CA LYS I 477 -41.05 14.74 7.76
C LYS I 477 -39.64 14.72 8.36
N GLU I 478 -39.05 15.89 8.58
CA GLU I 478 -37.75 15.92 9.24
C GLU I 478 -37.84 15.35 10.64
N CYS I 479 -38.90 15.71 11.37
CA CYS I 479 -39.15 15.03 12.64
C CYS I 479 -39.50 13.57 12.42
N ALA I 480 -40.08 13.24 11.26
CA ALA I 480 -40.50 11.86 11.02
C ALA I 480 -39.31 10.92 10.91
N LYS I 481 -38.34 11.23 10.04
CA LYS I 481 -37.21 10.33 9.98
C LYS I 481 -36.25 10.51 11.15
N ARG I 482 -36.51 11.47 12.02
CA ARG I 482 -35.81 11.55 13.30
C ARG I 482 -36.66 11.06 14.46
N GLY I 483 -37.83 10.50 14.16
CA GLY I 483 -38.69 9.98 15.21
C GLY I 483 -39.27 11.01 16.14
N ASP I 484 -39.76 12.13 15.60
CA ASP I 484 -40.35 13.19 16.41
C ASP I 484 -41.58 13.72 15.70
N ASP I 485 -42.27 14.65 16.34
CA ASP I 485 -43.39 15.36 15.73
C ASP I 485 -43.17 16.85 15.94
N TYR I 486 -43.54 17.65 14.95
CA TYR I 486 -43.19 19.06 14.99
C TYR I 486 -44.12 19.90 15.84
N GLN I 487 -45.30 19.39 16.21
CA GLN I 487 -46.21 20.19 17.03
C GLN I 487 -45.63 20.44 18.42
N GLU I 488 -45.38 19.37 19.17
CA GLU I 488 -44.79 19.54 20.49
C GLU I 488 -43.38 20.11 20.38
N ILE I 489 -42.70 19.87 19.25
CA ILE I 489 -41.39 20.48 19.04
C ILE I 489 -41.51 21.99 19.02
N PHE I 490 -42.50 22.51 18.27
CA PHE I 490 -42.69 23.95 18.21
C PHE I 490 -43.11 24.50 19.57
N ALA I 491 -44.03 23.81 20.25
CA ALA I 491 -44.46 24.27 21.56
C ALA I 491 -43.29 24.31 22.53
N GLN I 492 -42.45 23.27 22.51
CA GLN I 492 -41.31 23.22 23.39
C GLN I 492 -40.28 24.27 23.04
N GLN I 493 -40.09 24.56 21.76
CA GLN I 493 -39.18 25.64 21.40
C GLN I 493 -39.69 26.97 21.92
N VAL I 494 -41.01 27.19 21.83
CA VAL I 494 -41.60 28.41 22.38
C VAL I 494 -41.32 28.49 23.88
N ARG I 495 -41.53 27.39 24.58
CA ARG I 495 -41.29 27.37 26.03
C ARG I 495 -39.82 27.63 26.34
N GLU I 496 -38.92 27.00 25.60
CA GLU I 496 -37.50 27.22 25.83
C GLU I 496 -37.15 28.68 25.63
N THR I 497 -37.65 29.28 24.56
CA THR I 497 -37.32 30.67 24.27
C THR I 497 -37.84 31.59 25.35
N MET I 498 -39.08 31.39 25.80
CA MET I 498 -39.60 32.36 26.76
C MET I 498 -38.99 32.14 28.13
N GLU I 499 -38.59 30.91 28.45
CA GLU I 499 -37.83 30.69 29.68
C GLU I 499 -36.46 31.37 29.60
N ARG I 500 -35.78 31.24 28.47
CA ARG I 500 -34.45 31.83 28.33
C ARG I 500 -34.53 33.35 28.42
N ARG I 501 -35.52 33.95 27.77
CA ARG I 501 -35.70 35.39 27.89
C ARG I 501 -36.12 35.81 29.29
N ALA I 502 -36.95 35.01 29.96
CA ALA I 502 -37.35 35.33 31.33
C ALA I 502 -36.17 35.23 32.28
N ALA I 503 -35.21 34.36 31.99
CA ALA I 503 -34.04 34.19 32.82
C ALA I 503 -32.86 35.05 32.38
N GLY I 504 -33.04 35.90 31.38
CA GLY I 504 -32.00 36.81 30.95
C GLY I 504 -30.99 36.22 30.00
N LEU I 505 -31.09 34.94 29.68
CA LEU I 505 -30.16 34.33 28.74
C LEU I 505 -30.42 34.85 27.33
N LYS I 506 -29.42 34.68 26.47
CA LYS I 506 -29.56 35.05 25.08
C LYS I 506 -30.52 34.08 24.40
N PRO I 507 -31.61 34.56 23.79
CA PRO I 507 -32.61 33.71 23.14
C PRO I 507 -32.04 32.91 21.97
N GLN J 34 -30.27 -34.77 5.56
CA GLN J 34 -30.12 -33.52 6.29
C GLN J 34 -31.43 -33.14 6.98
N LEU J 35 -32.29 -32.44 6.24
CA LEU J 35 -33.54 -31.96 6.82
C LEU J 35 -34.50 -33.10 7.09
N ARG J 36 -34.32 -34.26 6.45
CA ARG J 36 -35.18 -35.39 6.75
C ARG J 36 -34.81 -36.08 8.06
N SER J 37 -33.65 -35.76 8.62
CA SER J 37 -33.21 -36.35 9.88
C SER J 37 -33.47 -35.44 11.06
N TRP J 38 -34.24 -34.38 10.88
CA TRP J 38 -34.45 -33.36 11.91
C TRP J 38 -35.89 -32.88 11.82
N ASN J 39 -36.75 -33.39 12.72
CA ASN J 39 -38.16 -33.04 12.75
C ASN J 39 -38.53 -32.62 14.18
N PRO J 40 -38.15 -31.42 14.58
CA PRO J 40 -38.49 -30.96 15.93
C PRO J 40 -39.98 -30.74 16.06
N PRO J 41 -40.57 -31.21 17.16
CA PRO J 41 -42.01 -31.03 17.35
C PRO J 41 -42.35 -29.59 17.72
N SER J 42 -43.65 -29.30 17.70
CA SER J 42 -44.16 -27.98 18.04
C SER J 42 -44.84 -28.02 19.40
N GLU J 43 -44.44 -27.13 20.30
CA GLU J 43 -45.10 -26.95 21.58
C GLU J 43 -45.19 -25.47 21.88
N SER J 44 -46.01 -25.14 22.88
CA SER J 44 -46.05 -23.77 23.36
C SER J 44 -44.73 -23.41 24.02
N VAL J 45 -44.45 -22.10 24.09
CA VAL J 45 -43.19 -21.64 24.65
C VAL J 45 -43.02 -22.14 26.07
N ASP J 46 -44.09 -22.06 26.86
CA ASP J 46 -44.03 -22.60 28.22
C ASP J 46 -43.74 -24.09 28.21
N ALA J 47 -44.39 -24.83 27.30
CA ALA J 47 -44.17 -26.27 27.25
C ALA J 47 -42.72 -26.60 26.88
N ALA J 48 -42.08 -25.76 26.08
CA ALA J 48 -40.70 -25.98 25.68
C ALA J 48 -39.70 -25.29 26.59
N LEU J 49 -40.16 -24.57 27.61
CA LEU J 49 -39.27 -23.84 28.50
C LEU J 49 -39.29 -24.34 29.93
N LEU J 50 -40.48 -24.47 30.52
CA LEU J 50 -40.58 -24.80 31.94
C LEU J 50 -39.90 -26.12 32.31
N PRO J 51 -40.03 -27.21 31.56
CA PRO J 51 -39.39 -28.47 32.00
C PRO J 51 -37.89 -28.34 32.22
N ASN J 52 -37.19 -27.53 31.42
CA ASN J 52 -35.76 -27.35 31.57
C ASN J 52 -35.41 -25.97 32.11
N PHE J 53 -36.37 -25.28 32.72
CA PHE J 53 -36.13 -23.91 33.18
C PHE J 53 -35.04 -23.86 34.24
N THR J 54 -35.11 -24.75 35.22
CA THR J 54 -34.13 -24.74 36.30
C THR J 54 -32.74 -25.04 35.77
N ARG J 55 -32.63 -26.05 34.91
CA ARG J 55 -31.32 -26.40 34.37
C ARG J 55 -30.76 -25.27 33.52
N GLY J 56 -31.60 -24.62 32.72
CA GLY J 56 -31.15 -23.50 31.92
C GLY J 56 -30.65 -22.35 32.77
N ASN J 57 -31.39 -22.03 33.83
CA ASN J 57 -30.95 -20.96 34.72
C ASN J 57 -29.64 -21.31 35.39
N ALA J 58 -29.50 -22.56 35.84
CA ALA J 58 -28.26 -22.97 36.49
C ALA J 58 -27.09 -22.87 35.52
N ARG J 59 -27.28 -23.34 34.29
CA ARG J 59 -26.22 -23.29 33.31
C ARG J 59 -25.84 -21.85 32.98
N ALA J 60 -26.83 -20.97 32.86
CA ALA J 60 -26.54 -19.56 32.61
C ALA J 60 -25.75 -18.96 33.76
N ASP J 61 -26.13 -19.29 35.00
CA ASP J 61 -25.40 -18.78 36.15
C ASP J 61 -23.96 -19.26 36.14
N ASP J 62 -23.75 -20.54 35.80
CA ASP J 62 -22.39 -21.04 35.70
C ASP J 62 -21.61 -20.29 34.65
N LEU J 63 -22.24 -20.03 33.49
CA LEU J 63 -21.55 -19.33 32.42
C LEU J 63 -21.16 -17.93 32.84
N VAL J 64 -22.05 -17.20 33.50
CA VAL J 64 -21.70 -15.83 33.87
C VAL J 64 -20.65 -15.84 34.97
N ARG J 65 -20.76 -16.75 35.94
CA ARG J 65 -19.79 -16.77 37.03
C ARG J 65 -18.40 -17.12 36.53
N ASN J 66 -18.28 -18.10 35.63
CA ASN J 66 -16.97 -18.62 35.27
C ASN J 66 -16.40 -18.01 33.99
N ASN J 67 -17.18 -17.93 32.92
CA ASN J 67 -16.67 -17.50 31.63
C ASN J 67 -16.41 -16.00 31.62
N GLY J 68 -15.30 -15.61 31.01
CA GLY J 68 -14.96 -14.20 30.94
C GLY J 68 -15.91 -13.39 30.09
N TYR J 69 -16.25 -13.90 28.90
CA TYR J 69 -17.07 -13.12 27.99
C TYR J 69 -18.47 -12.91 28.54
N ALA J 70 -19.00 -13.88 29.26
CA ALA J 70 -20.34 -13.72 29.83
C ALA J 70 -20.37 -12.57 30.82
N ALA J 71 -19.40 -12.53 31.73
CA ALA J 71 -19.34 -11.42 32.68
C ALA J 71 -19.10 -10.10 31.96
N ASN J 72 -18.24 -10.11 30.95
CA ASN J 72 -18.00 -8.89 30.19
C ASN J 72 -19.29 -8.38 29.55
N ALA J 73 -20.04 -9.27 28.92
CA ALA J 73 -21.27 -8.87 28.23
C ALA J 73 -22.31 -8.36 29.20
N ILE J 74 -22.52 -9.07 30.31
CA ILE J 74 -23.45 -8.58 31.31
C ILE J 74 -22.99 -7.23 31.82
N GLN J 75 -21.68 -6.99 31.78
CA GLN J 75 -21.16 -5.75 32.33
C GLN J 75 -21.46 -4.59 31.38
N LEU J 76 -21.26 -4.79 30.07
CA LEU J 76 -21.63 -3.70 29.16
C LEU J 76 -23.13 -3.47 29.19
N HIS J 77 -23.91 -4.55 29.34
CA HIS J 77 -25.34 -4.35 29.56
C HIS J 77 -25.58 -3.42 30.75
N GLN J 78 -24.93 -3.72 31.86
CA GLN J 78 -25.05 -2.89 33.06
C GLN J 78 -24.74 -1.43 32.76
N ASP J 79 -23.59 -1.17 32.14
CA ASP J 79 -23.13 0.19 32.00
C ASP J 79 -23.97 0.97 31.00
N HIS J 80 -24.23 0.38 29.84
CA HIS J 80 -24.89 1.15 28.79
C HIS J 80 -26.38 1.28 29.04
N ILE J 81 -27.03 0.24 29.55
CA ILE J 81 -28.47 0.29 29.75
C ILE J 81 -28.82 1.35 30.79
N VAL J 82 -28.08 1.36 31.89
CA VAL J 82 -28.35 2.26 33.01
C VAL J 82 -27.31 3.38 33.08
N GLY J 83 -26.06 3.03 33.30
CA GLY J 83 -25.01 4.02 33.45
C GLY J 83 -24.69 4.33 34.90
N SER J 84 -23.97 5.43 35.08
CA SER J 84 -23.58 5.85 36.42
C SER J 84 -24.79 6.20 37.26
N PHE J 85 -25.78 6.86 36.67
CA PHE J 85 -26.93 7.33 37.41
C PHE J 85 -28.18 7.22 36.54
N PHE J 86 -29.33 7.11 37.21
CA PHE J 86 -30.61 6.94 36.55
C PHE J 86 -31.56 7.98 37.12
N ARG J 87 -31.73 9.08 36.40
CA ARG J 87 -32.41 10.26 36.92
C ARG J 87 -33.87 10.27 36.49
N LEU J 88 -34.74 10.59 37.43
CA LEU J 88 -36.17 10.70 37.16
C LEU J 88 -36.49 12.06 36.55
N SER J 89 -37.58 12.09 35.78
CA SER J 89 -38.17 13.34 35.32
C SER J 89 -39.69 13.17 35.36
N HIS J 90 -40.35 13.94 36.21
CA HIS J 90 -41.79 13.82 36.36
C HIS J 90 -42.49 14.68 35.32
N ARG J 91 -43.38 14.08 34.55
CA ARG J 91 -44.11 14.76 33.48
C ARG J 91 -45.59 14.49 33.66
N PRO J 92 -46.22 15.13 34.65
CA PRO J 92 -47.65 14.92 34.86
C PRO J 92 -48.47 15.40 33.68
N SER J 93 -49.55 14.67 33.39
CA SER J 93 -50.44 15.01 32.29
C SER J 93 -51.45 16.03 32.79
N TRP J 94 -51.01 17.28 32.88
CA TRP J 94 -51.89 18.34 33.36
C TRP J 94 -53.07 18.54 32.44
N ARG J 95 -52.87 18.33 31.14
CA ARG J 95 -53.97 18.51 30.19
C ARG J 95 -55.11 17.55 30.47
N TYR J 96 -54.79 16.27 30.69
CA TYR J 96 -55.83 15.31 31.04
C TYR J 96 -56.50 15.68 32.35
N LEU J 97 -55.72 16.09 33.34
CA LEU J 97 -56.27 16.48 34.63
C LEU J 97 -56.79 17.91 34.62
N GLY J 98 -56.55 18.67 33.55
CA GLY J 98 -57.00 20.05 33.49
C GLY J 98 -56.37 20.93 34.54
N ILE J 99 -55.08 20.77 34.79
CA ILE J 99 -54.38 21.51 35.82
C ILE J 99 -53.57 22.61 35.15
N GLY J 100 -53.47 23.76 35.81
CA GLY J 100 -52.62 24.82 35.30
C GLY J 100 -51.19 24.32 35.12
N GLU J 101 -50.62 24.62 33.96
CA GLU J 101 -49.33 24.05 33.60
C GLU J 101 -48.25 24.49 34.58
N GLU J 102 -48.30 25.75 35.03
CA GLU J 102 -47.35 26.21 36.04
C GLU J 102 -47.53 25.46 37.35
N GLU J 103 -48.78 25.18 37.73
CA GLU J 103 -49.02 24.39 38.92
C GLU J 103 -48.46 22.99 38.76
N ALA J 104 -48.64 22.39 37.58
CA ALA J 104 -48.07 21.08 37.33
C ALA J 104 -46.55 21.11 37.41
N ARG J 105 -45.94 22.18 36.91
CA ARG J 105 -44.49 22.29 36.97
C ARG J 105 -44.01 22.41 38.41
N ALA J 106 -44.69 23.21 39.21
CA ALA J 106 -44.33 23.34 40.63
C ALA J 106 -44.48 22.01 41.34
N PHE J 107 -45.57 21.30 41.07
CA PHE J 107 -45.79 19.99 41.67
C PHE J 107 -44.70 19.02 41.27
N SER J 108 -44.31 19.02 40.00
CA SER J 108 -43.27 18.12 39.53
C SER J 108 -41.95 18.47 40.18
N ARG J 109 -41.66 19.76 40.35
CA ARG J 109 -40.43 20.16 41.03
C ARG J 109 -40.42 19.63 42.46
N GLU J 110 -41.53 19.79 43.17
CA GLU J 110 -41.58 19.33 44.55
C GLU J 110 -41.41 17.82 44.64
N VAL J 111 -42.11 17.08 43.78
CA VAL J 111 -42.01 15.63 43.87
C VAL J 111 -40.63 15.16 43.45
N GLU J 112 -40.00 15.84 42.48
CA GLU J 112 -38.64 15.50 42.11
C GLU J 112 -37.68 15.73 43.26
N ALA J 113 -37.86 16.85 43.98
CA ALA J 113 -37.01 17.12 45.13
C ALA J 113 -37.15 16.04 46.18
N ALA J 114 -38.40 15.67 46.49
CA ALA J 114 -38.62 14.60 47.46
C ALA J 114 -38.01 13.30 46.98
N TRP J 115 -38.16 13.01 45.70
CA TRP J 115 -37.63 11.76 45.16
C TRP J 115 -36.11 11.70 45.28
N LYS J 116 -35.42 12.79 44.95
CA LYS J 116 -33.96 12.69 44.97
C LYS J 116 -33.45 12.72 46.41
N GLU J 117 -34.17 13.39 47.30
CA GLU J 117 -33.75 13.35 48.69
C GLU J 117 -34.06 12.01 49.34
N PHE J 118 -34.96 11.22 48.75
CA PHE J 118 -35.28 9.91 49.28
C PHE J 118 -34.49 8.78 48.65
N ALA J 119 -34.15 8.87 47.37
CA ALA J 119 -33.67 7.72 46.63
C ALA J 119 -32.20 7.44 46.90
N GLU J 120 -31.34 8.46 46.84
CA GLU J 120 -29.90 8.29 46.98
C GLU J 120 -29.43 8.39 48.42
N ASP J 121 -30.30 8.06 49.38
CA ASP J 121 -29.92 8.12 50.78
C ASP J 121 -28.74 7.20 51.06
N ASP J 122 -27.82 7.68 51.89
CA ASP J 122 -26.63 6.90 52.24
C ASP J 122 -26.99 5.65 53.03
N CYS J 123 -28.02 5.72 53.86
CA CYS J 123 -28.40 4.60 54.71
C CYS J 123 -28.91 3.41 53.93
N CYS J 124 -29.19 3.57 52.64
CA CYS J 124 -29.81 2.52 51.82
C CYS J 124 -31.15 2.10 52.41
N CYS J 125 -31.84 3.03 53.06
CA CYS J 125 -33.09 2.71 53.72
C CYS J 125 -34.19 2.31 52.74
N ILE J 126 -34.04 2.67 51.46
CA ILE J 126 -35.00 2.21 50.46
C ILE J 126 -34.91 0.70 50.32
N ASP J 127 -33.77 0.13 50.66
CA ASP J 127 -33.57 -1.31 50.56
C ASP J 127 -33.84 -1.97 51.90
N VAL J 128 -34.66 -3.01 51.89
CA VAL J 128 -34.87 -3.79 53.11
C VAL J 128 -33.56 -4.39 53.56
N GLU J 129 -32.75 -4.87 52.62
CA GLU J 129 -31.44 -5.42 52.96
C GLU J 129 -30.46 -4.34 53.38
N ARG J 130 -30.76 -3.08 53.09
CA ARG J 130 -29.95 -1.94 53.54
C ARG J 130 -28.52 -2.01 53.00
N LYS J 131 -28.37 -2.42 51.74
CA LYS J 131 -27.06 -2.47 51.12
C LYS J 131 -27.04 -2.03 49.67
N ARG J 132 -28.15 -1.54 49.12
CA ARG J 132 -28.20 -1.13 47.73
C ARG J 132 -28.98 0.18 47.62
N THR J 133 -28.46 1.11 46.82
CA THR J 133 -29.24 2.30 46.52
C THR J 133 -30.03 2.07 45.23
N PHE J 134 -30.78 3.10 44.82
CA PHE J 134 -31.70 2.93 43.71
C PHE J 134 -30.97 2.63 42.41
N THR J 135 -29.84 3.29 42.17
CA THR J 135 -29.15 3.11 40.90
C THR J 135 -28.64 1.69 40.74
N MET J 136 -27.89 1.19 41.73
CA MET J 136 -27.47 -0.21 41.64
C MET J 136 -28.66 -1.15 41.78
N MET J 137 -29.77 -0.70 42.33
CA MET J 137 -30.97 -1.53 42.28
C MET J 137 -31.42 -1.73 40.83
N ILE J 138 -31.52 -0.65 40.07
CA ILE J 138 -31.89 -0.78 38.67
C ILE J 138 -30.85 -1.62 37.92
N ARG J 139 -29.59 -1.44 38.27
CA ARG J 139 -28.53 -2.21 37.61
C ARG J 139 -28.67 -3.70 37.90
N GLU J 140 -28.89 -4.05 39.17
CA GLU J 140 -29.10 -5.45 39.51
C GLU J 140 -30.31 -5.99 38.79
N GLY J 141 -31.38 -5.19 38.70
CA GLY J 141 -32.57 -5.65 38.02
C GLY J 141 -32.32 -5.94 36.55
N VAL J 142 -31.61 -5.04 35.87
CA VAL J 142 -31.43 -5.23 34.43
C VAL J 142 -30.49 -6.41 34.17
N ALA J 143 -29.39 -6.52 34.93
CA ALA J 143 -28.50 -7.66 34.73
C ALA J 143 -29.19 -8.98 35.07
N MET J 144 -29.98 -8.96 36.14
CA MET J 144 -30.77 -10.11 36.55
C MET J 144 -31.74 -10.54 35.47
N HIS J 145 -32.44 -9.59 34.86
CA HIS J 145 -33.32 -9.92 33.74
C HIS J 145 -32.53 -10.47 32.57
N ALA J 146 -31.39 -9.86 32.26
CA ALA J 146 -30.63 -10.28 31.09
C ALA J 146 -30.13 -11.72 31.23
N PHE J 147 -29.63 -12.07 32.41
CA PHE J 147 -29.04 -13.39 32.59
C PHE J 147 -30.02 -14.41 33.14
N ASN J 148 -31.25 -14.02 33.48
CA ASN J 148 -32.26 -14.98 33.90
C ASN J 148 -33.58 -14.87 33.16
N GLY J 149 -33.84 -13.77 32.45
CA GLY J 149 -35.07 -13.61 31.71
C GLY J 149 -36.17 -12.85 32.43
N GLU J 150 -36.00 -12.55 33.71
CA GLU J 150 -37.04 -11.88 34.46
C GLU J 150 -36.45 -11.29 35.72
N LEU J 151 -37.26 -10.48 36.41
CA LEU J 151 -36.86 -9.92 37.69
C LEU J 151 -38.09 -9.72 38.55
N PHE J 152 -37.90 -9.78 39.87
CA PHE J 152 -38.98 -9.73 40.83
C PHE J 152 -38.63 -8.75 41.95
N VAL J 153 -39.53 -7.82 42.23
CA VAL J 153 -39.36 -6.83 43.28
C VAL J 153 -40.55 -6.92 44.24
N GLN J 154 -40.27 -6.78 45.52
CA GLN J 154 -41.30 -6.79 46.55
C GLN J 154 -41.26 -5.47 47.29
N ALA J 155 -42.40 -4.79 47.34
CA ALA J 155 -42.53 -3.51 48.03
C ALA J 155 -43.12 -3.75 49.41
N THR J 156 -42.30 -3.60 50.43
CA THR J 156 -42.71 -3.84 51.80
C THR J 156 -42.99 -2.51 52.50
N TRP J 157 -43.84 -2.58 53.51
CA TRP J 157 -44.20 -1.41 54.32
C TRP J 157 -43.53 -1.56 55.68
N ASP J 158 -42.44 -0.83 55.88
CA ASP J 158 -41.74 -0.90 57.15
C ASP J 158 -42.56 -0.23 58.26
N THR J 159 -42.29 -0.64 59.49
CA THR J 159 -42.95 -0.06 60.65
C THR J 159 -42.07 0.94 61.40
N SER J 160 -40.78 1.01 61.08
CA SER J 160 -39.88 1.91 61.78
C SER J 160 -40.20 3.36 61.40
N SER J 161 -40.31 4.22 62.41
CA SER J 161 -40.60 5.63 62.19
C SER J 161 -39.33 6.46 62.06
N SER J 162 -38.16 5.83 62.10
CA SER J 162 -36.90 6.57 62.00
C SER J 162 -36.77 7.31 60.69
N ARG J 163 -37.50 6.90 59.66
CA ARG J 163 -37.48 7.55 58.36
C ARG J 163 -38.85 8.08 58.02
N LEU J 164 -38.89 9.14 57.23
CA LEU J 164 -40.16 9.69 56.78
C LEU J 164 -40.91 8.68 55.92
N PHE J 165 -40.20 7.99 55.04
CA PHE J 165 -40.80 7.02 54.14
C PHE J 165 -40.55 5.62 54.67
N ARG J 166 -41.62 4.85 54.84
CA ARG J 166 -41.53 3.48 55.31
C ARG J 166 -41.62 2.45 54.19
N THR J 167 -41.75 2.89 52.95
CA THR J 167 -41.81 1.97 51.83
C THR J 167 -40.40 1.53 51.46
N GLN J 168 -40.15 0.23 51.51
CA GLN J 168 -38.86 -0.34 51.20
C GLN J 168 -39.02 -1.37 50.09
N PHE J 169 -37.91 -1.75 49.49
CA PHE J 169 -37.93 -2.66 48.35
C PHE J 169 -36.91 -3.77 48.55
N ARG J 170 -37.31 -5.00 48.27
CA ARG J 170 -36.42 -6.16 48.32
C ARG J 170 -36.52 -6.94 47.03
N MET J 171 -35.37 -7.34 46.49
CA MET J 171 -35.36 -8.11 45.26
C MET J 171 -35.47 -9.60 45.56
N VAL J 172 -36.11 -10.33 44.64
CA VAL J 172 -36.29 -11.76 44.80
C VAL J 172 -35.75 -12.46 43.56
N SER J 173 -34.78 -13.33 43.76
CA SER J 173 -34.20 -14.08 42.65
C SER J 173 -35.23 -15.06 42.09
N PRO J 174 -35.19 -15.32 40.78
CA PRO J 174 -36.20 -16.21 40.18
C PRO J 174 -36.16 -17.61 40.77
N LYS J 175 -34.99 -18.06 41.18
CA LYS J 175 -34.86 -19.40 41.74
C LYS J 175 -35.64 -19.56 43.03
N ARG J 176 -36.02 -18.47 43.68
CA ARG J 176 -36.86 -18.56 44.85
C ARG J 176 -38.34 -18.61 44.51
N ILE J 177 -38.69 -18.54 43.23
CA ILE J 177 -40.08 -18.65 42.78
C ILE J 177 -40.26 -20.05 42.22
N SER J 178 -41.03 -20.87 42.93
CA SER J 178 -41.27 -22.25 42.50
C SER J 178 -42.55 -22.74 43.14
N ASN J 179 -43.07 -23.83 42.59
CA ASN J 179 -44.26 -24.43 43.15
C ASN J 179 -43.99 -24.89 44.58
N PRO J 180 -44.92 -24.72 45.50
CA PRO J 180 -44.69 -25.18 46.87
C PRO J 180 -44.46 -26.68 46.90
N ASN J 181 -43.53 -27.10 47.75
CA ASN J 181 -43.15 -28.50 47.93
C ASN J 181 -42.73 -29.15 46.61
N ASN J 182 -42.35 -28.35 45.62
CA ASN J 182 -41.95 -28.84 44.31
C ASN J 182 -43.02 -29.75 43.70
N THR J 183 -44.27 -29.36 43.89
CA THR J 183 -45.38 -30.17 43.40
C THR J 183 -45.45 -30.10 41.88
N GLY J 184 -46.22 -31.02 41.31
CA GLY J 184 -46.36 -31.07 39.88
C GLY J 184 -47.03 -29.82 39.33
N ASP J 185 -46.60 -29.44 38.12
CA ASP J 185 -47.16 -28.27 37.46
C ASP J 185 -48.61 -28.52 37.07
N SER J 186 -49.45 -27.51 37.24
CA SER J 186 -50.85 -27.58 36.89
C SER J 186 -51.18 -26.46 35.90
N ARG J 187 -52.46 -26.37 35.55
CA ARG J 187 -52.89 -25.32 34.63
C ARG J 187 -52.72 -23.95 35.24
N ASN J 188 -53.24 -23.75 36.44
CA ASN J 188 -53.25 -22.45 37.10
C ASN J 188 -52.09 -22.26 38.07
N CYS J 189 -51.19 -23.24 38.19
CA CYS J 189 -50.05 -23.14 39.07
C CYS J 189 -48.83 -23.64 38.30
N ARG J 190 -48.07 -22.72 37.72
CA ARG J 190 -46.91 -23.06 36.92
C ARG J 190 -45.70 -22.29 37.44
N ALA J 191 -44.65 -23.04 37.80
CA ALA J 191 -43.38 -22.44 38.22
C ALA J 191 -43.58 -21.46 39.36
N GLY J 192 -44.48 -21.80 40.27
CA GLY J 192 -44.72 -20.97 41.44
C GLY J 192 -45.64 -19.79 41.23
N VAL J 193 -46.13 -19.57 40.01
CA VAL J 193 -47.04 -18.47 39.74
C VAL J 193 -48.45 -19.03 39.68
N GLN J 194 -49.42 -18.19 40.01
CA GLN J 194 -50.82 -18.53 39.94
C GLN J 194 -51.47 -17.70 38.85
N ILE J 195 -52.19 -18.36 37.95
CA ILE J 195 -52.83 -17.66 36.85
C ILE J 195 -54.33 -17.84 36.95
N ASN J 196 -55.06 -16.89 36.37
CA ASN J 196 -56.51 -16.96 36.31
C ASN J 196 -56.92 -17.67 35.02
N ASP J 197 -58.21 -17.58 34.68
CA ASP J 197 -58.67 -18.16 33.42
C ASP J 197 -57.96 -17.52 32.23
N SER J 198 -57.80 -16.20 32.25
CA SER J 198 -57.15 -15.48 31.17
C SER J 198 -55.63 -15.56 31.24
N GLY J 199 -55.08 -16.15 32.29
CA GLY J 199 -53.64 -16.25 32.45
C GLY J 199 -53.01 -15.14 33.26
N ALA J 200 -53.78 -14.13 33.66
CA ALA J 200 -53.23 -13.04 34.44
C ALA J 200 -52.68 -13.54 35.77
N ALA J 201 -51.56 -12.97 36.19
CA ALA J 201 -50.87 -13.41 37.40
C ALA J 201 -51.65 -12.94 38.62
N LEU J 202 -52.34 -13.86 39.28
CA LEU J 202 -53.04 -13.54 40.51
C LEU J 202 -52.09 -13.43 41.69
N GLY J 203 -51.05 -14.26 41.72
CA GLY J 203 -50.12 -14.26 42.84
C GLY J 203 -48.95 -15.16 42.54
N TYR J 204 -48.07 -15.28 43.54
CA TYR J 204 -46.83 -16.00 43.38
C TYR J 204 -46.56 -16.84 44.61
N TYR J 205 -45.72 -17.86 44.44
CA TYR J 205 -45.21 -18.67 45.53
C TYR J 205 -43.71 -18.45 45.62
N VAL J 206 -43.25 -17.87 46.72
CA VAL J 206 -41.85 -17.52 46.91
C VAL J 206 -41.26 -18.46 47.95
N SER J 207 -40.16 -19.10 47.61
CA SER J 207 -39.47 -20.01 48.53
C SER J 207 -38.44 -19.25 49.33
N GLU J 208 -38.32 -19.61 50.61
CA GLU J 208 -37.31 -19.00 51.46
C GLU J 208 -35.92 -19.46 51.05
N ASP J 209 -34.91 -18.82 51.64
CA ASP J 209 -33.53 -19.21 51.38
C ASP J 209 -33.25 -20.61 51.89
N GLY J 210 -32.51 -21.39 51.10
CA GLY J 210 -32.14 -22.74 51.45
C GLY J 210 -30.71 -22.92 51.92
N TYR J 211 -30.01 -21.84 52.26
CA TYR J 211 -28.62 -21.96 52.67
C TYR J 211 -28.49 -21.78 54.17
N PRO J 212 -27.78 -22.67 54.87
CA PRO J 212 -27.13 -23.89 54.37
C PRO J 212 -28.20 -24.95 54.06
N GLY J 213 -27.89 -26.00 53.32
CA GLY J 213 -28.93 -26.89 52.83
C GLY J 213 -29.57 -27.79 53.86
N TRP J 214 -29.55 -27.39 55.13
CA TRP J 214 -30.03 -28.22 56.23
C TRP J 214 -31.44 -27.90 56.68
N MET J 215 -32.13 -26.96 56.05
CA MET J 215 -33.52 -26.71 56.45
C MET J 215 -34.47 -27.08 55.33
N PRO J 216 -35.71 -27.46 55.65
CA PRO J 216 -36.69 -27.68 54.59
C PRO J 216 -37.26 -26.37 54.08
N GLN J 217 -37.31 -26.21 52.76
CA GLN J 217 -37.81 -24.98 52.18
C GLN J 217 -39.30 -24.82 52.46
N LYS J 218 -39.72 -23.57 52.63
CA LYS J 218 -41.13 -23.24 52.83
C LYS J 218 -41.51 -22.15 51.85
N TRP J 219 -42.70 -22.28 51.27
CA TRP J 219 -43.18 -21.37 50.24
C TRP J 219 -44.27 -20.48 50.80
N THR J 220 -44.20 -19.20 50.47
CA THR J 220 -45.17 -18.21 50.92
C THR J 220 -45.97 -17.70 49.72
N TRP J 221 -47.26 -17.54 49.93
CA TRP J 221 -48.14 -17.01 48.89
C TRP J 221 -48.13 -15.49 48.98
N ILE J 222 -47.83 -14.83 47.86
CA ILE J 222 -47.77 -13.39 47.78
C ILE J 222 -48.74 -12.93 46.71
N PRO J 223 -49.80 -12.20 47.05
CA PRO J 223 -50.66 -11.63 46.02
C PRO J 223 -49.89 -10.64 45.16
N ARG J 224 -50.27 -10.58 43.88
CA ARG J 224 -49.55 -9.72 42.95
C ARG J 224 -49.65 -8.26 43.35
N GLU J 225 -50.85 -7.81 43.74
CA GLU J 225 -51.06 -6.42 44.11
C GLU J 225 -51.94 -6.37 45.34
N LEU J 226 -51.85 -5.25 46.05
CA LEU J 226 -52.63 -5.05 47.25
C LEU J 226 -54.10 -4.84 46.89
N PRO J 227 -55.01 -5.05 47.84
CA PRO J 227 -56.44 -4.81 47.56
C PRO J 227 -56.73 -3.40 47.10
N GLY J 228 -55.97 -2.42 47.57
CA GLY J 228 -56.15 -1.04 47.16
C GLY J 228 -55.57 -0.70 45.82
N GLY J 229 -55.07 -1.68 45.08
CA GLY J 229 -54.43 -1.45 43.81
C GLY J 229 -52.96 -1.14 43.89
N ARG J 230 -52.41 -1.00 45.08
CA ARG J 230 -50.98 -0.76 45.24
C ARG J 230 -50.21 -2.01 44.82
N ALA J 231 -49.14 -1.80 44.05
CA ALA J 231 -48.35 -2.91 43.54
C ALA J 231 -47.48 -3.51 44.63
N SER J 232 -47.99 -4.56 45.30
CA SER J 232 -47.20 -5.22 46.33
C SER J 232 -46.02 -5.97 45.73
N PHE J 233 -46.24 -6.71 44.66
CA PHE J 233 -45.20 -7.50 44.01
C PHE J 233 -45.15 -7.15 42.54
N ILE J 234 -43.95 -6.94 42.02
CA ILE J 234 -43.74 -6.54 40.64
C ILE J 234 -42.89 -7.61 39.95
N HIS J 235 -43.39 -8.12 38.84
CA HIS J 235 -42.67 -9.08 38.02
C HIS J 235 -42.46 -8.46 36.65
N VAL J 236 -41.20 -8.29 36.27
CA VAL J 236 -40.87 -7.62 35.01
C VAL J 236 -40.08 -8.60 34.14
N PHE J 237 -40.56 -8.81 32.93
CA PHE J 237 -39.88 -9.64 31.95
C PHE J 237 -40.48 -9.34 30.58
N GLU J 238 -39.84 -9.86 29.55
CA GLU J 238 -40.32 -9.66 28.19
C GLU J 238 -40.92 -10.97 27.71
N PRO J 239 -42.20 -11.00 27.35
CA PRO J 239 -42.79 -12.20 26.76
C PRO J 239 -42.80 -12.15 25.24
N VAL J 240 -42.72 -13.34 24.64
CA VAL J 240 -42.71 -13.45 23.18
C VAL J 240 -44.01 -13.98 22.62
N GLU J 241 -44.89 -14.53 23.45
CA GLU J 241 -46.16 -15.06 22.98
C GLU J 241 -47.11 -15.15 24.17
N ASP J 242 -48.40 -15.33 23.87
CA ASP J 242 -49.40 -15.46 24.91
C ASP J 242 -49.12 -16.69 25.77
N GLY J 243 -49.37 -16.55 27.07
CA GLY J 243 -49.25 -17.65 27.99
C GLY J 243 -47.87 -17.88 28.56
N GLN J 244 -46.87 -17.13 28.13
CA GLN J 244 -45.53 -17.28 28.68
C GLN J 244 -45.50 -16.67 30.08
N THR J 245 -45.21 -17.49 31.08
CA THR J 245 -45.24 -17.04 32.46
C THR J 245 -43.86 -16.72 33.01
N ARG J 246 -42.81 -17.28 32.44
CA ARG J 246 -41.45 -17.01 32.89
C ARG J 246 -40.60 -16.61 31.70
N GLY J 247 -39.78 -15.58 31.89
CA GLY J 247 -38.89 -15.15 30.83
C GLY J 247 -37.76 -16.13 30.60
N ALA J 248 -37.20 -16.06 29.40
CA ALA J 248 -36.07 -16.89 29.01
C ALA J 248 -34.83 -16.03 28.83
N ASN J 249 -33.75 -16.40 29.49
CA ASN J 249 -32.51 -15.65 29.38
C ASN J 249 -31.97 -15.73 27.96
N VAL J 250 -31.23 -14.69 27.57
CA VAL J 250 -30.69 -14.64 26.22
C VAL J 250 -29.67 -15.75 26.01
N PHE J 251 -28.89 -16.06 27.05
CA PHE J 251 -27.81 -17.02 26.94
C PHE J 251 -28.25 -18.35 26.33
N TYR J 252 -29.57 -18.60 26.28
CA TYR J 252 -30.07 -19.84 25.71
C TYR J 252 -29.62 -20.05 24.28
N SER J 253 -29.28 -18.97 23.57
CA SER J 253 -28.96 -19.06 22.16
C SER J 253 -27.48 -19.25 21.86
N VAL J 254 -26.62 -19.22 22.88
CA VAL J 254 -25.18 -19.19 22.65
C VAL J 254 -24.41 -20.19 23.50
N MET J 255 -25.09 -20.98 24.33
CA MET J 255 -24.40 -21.82 25.31
C MET J 255 -23.34 -22.71 24.67
N GLU J 256 -23.78 -23.61 23.78
CA GLU J 256 -22.83 -24.50 23.13
C GLU J 256 -21.78 -23.75 22.35
N GLN J 257 -22.06 -22.52 21.92
CA GLN J 257 -21.01 -21.75 21.26
C GLN J 257 -19.90 -21.39 22.24
N MET J 258 -20.26 -20.95 23.45
CA MET J 258 -19.24 -20.77 24.47
C MET J 258 -18.49 -22.07 24.71
N LYS J 259 -19.19 -23.20 24.66
CA LYS J 259 -18.54 -24.46 24.94
C LYS J 259 -17.52 -24.84 23.87
N MET J 260 -17.88 -24.75 22.58
CA MET J 260 -16.82 -25.08 21.62
C MET J 260 -15.74 -24.01 21.63
N LEU J 261 -16.06 -22.79 22.05
CA LEU J 261 -14.99 -21.79 22.19
C LEU J 261 -13.98 -22.23 23.24
N ASP J 262 -14.47 -22.67 24.40
CA ASP J 262 -13.56 -23.13 25.45
C ASP J 262 -12.76 -24.33 24.99
N THR J 263 -13.42 -25.31 24.37
CA THR J 263 -12.70 -26.48 23.90
C THR J 263 -11.66 -26.10 22.86
N LEU J 264 -11.95 -25.07 22.06
CA LEU J 264 -10.96 -24.57 21.12
C LEU J 264 -9.74 -24.04 21.86
N GLN J 265 -9.97 -23.29 22.94
CA GLN J 265 -8.83 -22.84 23.74
C GLN J 265 -8.00 -24.01 24.26
N ASN J 266 -8.66 -25.00 24.85
CA ASN J 266 -7.89 -26.12 25.39
C ASN J 266 -7.13 -26.87 24.30
N THR J 267 -7.78 -27.09 23.15
CA THR J 267 -7.10 -27.85 22.10
C THR J 267 -5.98 -27.05 21.47
N GLN J 268 -6.11 -25.72 21.40
CA GLN J 268 -5.01 -24.90 20.90
C GLN J 268 -3.84 -24.96 21.87
N LEU J 269 -4.12 -24.94 23.18
CA LEU J 269 -3.06 -25.10 24.15
C LEU J 269 -2.38 -26.45 23.97
N GLN J 270 -3.17 -27.50 23.77
CA GLN J 270 -2.61 -28.84 23.61
C GLN J 270 -1.75 -28.90 22.37
N SER J 271 -2.18 -28.26 21.28
CA SER J 271 -1.37 -28.21 20.08
C SER J 271 -0.05 -27.49 20.34
N ALA J 272 -0.10 -26.40 21.10
CA ALA J 272 1.12 -25.70 21.44
C ALA J 272 2.08 -26.59 22.22
N ILE J 273 1.55 -27.35 23.18
CA ILE J 273 2.39 -28.26 23.94
C ILE J 273 3.00 -29.32 23.04
N VAL J 274 2.16 -29.97 22.23
CA VAL J 274 2.62 -31.08 21.42
C VAL J 274 3.55 -30.63 20.30
N LYS J 275 3.51 -29.36 19.92
CA LYS J 275 4.41 -28.91 18.87
C LYS J 275 5.80 -28.59 19.40
N ALA J 276 5.98 -28.61 20.71
CA ALA J 276 7.28 -28.47 21.34
C ALA J 276 7.75 -29.83 21.84
N MET J 277 7.14 -30.89 21.31
CA MET J 277 7.46 -32.26 21.70
C MET J 277 8.79 -32.64 21.07
N TYR J 278 9.64 -33.31 21.84
CA TYR J 278 10.98 -33.64 21.40
C TYR J 278 11.26 -35.08 21.83
N ALA J 279 11.42 -35.97 20.86
CA ALA J 279 11.65 -37.38 21.14
C ALA J 279 13.01 -37.80 20.61
N ALA J 280 13.81 -38.43 21.46
CA ALA J 280 15.13 -38.91 21.07
C ALA J 280 15.47 -40.13 21.90
N THR J 281 16.14 -41.10 21.29
CA THR J 281 16.57 -42.27 22.03
C THR J 281 17.72 -42.96 21.31
N ILE J 282 18.36 -43.87 22.03
CA ILE J 282 19.46 -44.68 21.52
C ILE J 282 18.93 -46.09 21.34
N GLU J 283 19.09 -46.63 20.13
CA GLU J 283 18.59 -47.96 19.82
C GLU J 283 19.53 -48.61 18.82
N SER J 284 19.41 -49.93 18.71
CA SER J 284 20.15 -50.69 17.72
C SER J 284 19.14 -51.34 16.79
N GLU J 285 19.63 -52.21 15.89
CA GLU J 285 18.75 -52.89 14.96
C GLU J 285 18.65 -54.38 15.27
N LEU J 286 19.78 -55.10 15.27
CA LEU J 286 19.83 -56.55 15.45
C LEU J 286 18.61 -57.23 14.83
N ASP J 287 17.93 -58.05 15.61
CA ASP J 287 16.66 -58.67 15.21
C ASP J 287 16.77 -59.28 13.83
N THR J 288 17.61 -60.30 13.73
CA THR J 288 18.00 -60.87 12.44
C THR J 288 16.90 -61.77 11.86
N GLN J 289 15.69 -61.22 11.80
CA GLN J 289 14.54 -61.88 11.19
C GLN J 289 14.42 -63.33 11.65
N SER J 290 14.80 -64.26 10.78
CA SER J 290 14.75 -65.67 11.15
C SER J 290 15.71 -65.97 12.31
N ALA J 291 16.92 -65.42 12.26
CA ALA J 291 17.82 -65.55 13.38
C ALA J 291 17.32 -64.81 14.61
N MET J 292 16.49 -63.78 14.43
CA MET J 292 15.83 -63.17 15.58
C MET J 292 14.91 -64.17 16.27
N ASP J 293 14.15 -64.94 15.48
CA ASP J 293 13.30 -65.97 16.07
C ASP J 293 14.13 -67.08 16.69
N PHE J 294 15.26 -67.42 16.07
CA PHE J 294 16.15 -68.42 16.66
C PHE J 294 16.70 -67.95 18.00
N ILE J 295 17.10 -66.68 18.09
CA ILE J 295 17.55 -66.12 19.35
C ILE J 295 16.42 -66.08 20.37
N LEU J 296 15.19 -65.80 19.91
CA LEU J 296 14.04 -65.85 20.79
C LEU J 296 13.86 -67.25 21.39
N GLY J 297 13.95 -68.27 20.54
CA GLY J 297 13.83 -69.64 21.01
C GLY J 297 14.94 -70.00 21.99
N ALA J 298 16.17 -69.59 21.68
CA ALA J 298 17.30 -69.89 22.56
C ALA J 298 17.13 -69.21 23.91
N ASN J 299 16.75 -67.92 23.91
CA ASN J 299 16.57 -67.19 25.16
C ASN J 299 15.44 -67.78 25.98
N SER J 300 14.32 -68.14 25.32
CA SER J 300 13.22 -68.76 26.04
C SER J 300 13.65 -70.08 26.67
N GLN J 301 14.30 -70.93 25.88
CA GLN J 301 14.74 -72.23 26.38
C GLN J 301 15.79 -72.09 27.47
N GLU J 302 16.98 -71.63 27.11
CA GLU J 302 18.05 -71.54 28.11
C GLU J 302 19.02 -70.37 27.92
N GLN J 303 18.82 -69.49 26.95
CA GLN J 303 19.89 -68.55 26.62
C GLN J 303 19.51 -67.08 26.83
N ARG J 304 18.89 -66.78 27.96
CA ARG J 304 18.71 -65.39 28.36
C ARG J 304 20.04 -64.74 28.74
N GLU J 305 21.10 -65.54 28.88
CA GLU J 305 22.41 -65.01 29.23
C GLU J 305 22.89 -64.02 28.19
N ARG J 306 22.62 -64.29 26.90
CA ARG J 306 23.00 -63.35 25.85
C ARG J 306 22.38 -61.98 26.11
N LEU J 307 21.07 -61.95 26.35
CA LEU J 307 20.38 -60.69 26.56
C LEU J 307 20.88 -59.99 27.81
N THR J 308 21.03 -60.74 28.90
CA THR J 308 21.49 -60.14 30.15
C THR J 308 22.89 -59.56 30.01
N GLY J 309 23.80 -60.31 29.39
CA GLY J 309 25.16 -59.83 29.23
C GLY J 309 25.23 -58.62 28.31
N TRP J 310 24.45 -58.63 27.22
CA TRP J 310 24.43 -57.47 26.34
C TRP J 310 23.88 -56.25 27.05
N ILE J 311 22.83 -56.43 27.85
CA ILE J 311 22.27 -55.32 28.60
C ILE J 311 23.30 -54.78 29.58
N GLY J 312 23.99 -55.67 30.29
CA GLY J 312 25.00 -55.22 31.24
C GLY J 312 26.14 -54.48 30.56
N GLU J 313 26.62 -55.01 29.44
CA GLU J 313 27.70 -54.35 28.72
C GLU J 313 27.27 -52.98 28.21
N ILE J 314 26.05 -52.89 27.67
CA ILE J 314 25.56 -51.62 27.18
C ILE J 314 25.44 -50.62 28.32
N ALA J 315 24.92 -51.07 29.46
CA ALA J 315 24.77 -50.19 30.62
C ALA J 315 26.13 -49.71 31.09
N ALA J 316 27.11 -50.60 31.16
CA ALA J 316 28.45 -50.19 31.60
C ALA J 316 29.06 -49.19 30.63
N TYR J 317 28.94 -49.46 29.33
CA TYR J 317 29.52 -48.56 28.35
C TYR J 317 28.87 -47.19 28.40
N TYR J 318 27.55 -47.15 28.54
CA TYR J 318 26.86 -45.87 28.53
C TYR J 318 26.90 -45.17 29.88
N ALA J 319 27.29 -45.89 30.93
CA ALA J 319 27.59 -45.23 32.20
C ALA J 319 29.02 -44.69 32.20
N ALA J 320 29.88 -45.27 31.37
CA ALA J 320 31.17 -44.63 31.10
C ALA J 320 31.03 -43.46 30.13
N ALA J 321 30.03 -43.51 29.27
CA ALA J 321 29.80 -42.54 28.20
C ALA J 321 29.12 -41.25 28.63
N PRO J 322 28.10 -41.31 29.52
CA PRO J 322 27.02 -40.32 29.48
C PRO J 322 26.90 -39.51 28.20
N VAL J 323 26.24 -40.09 27.20
CA VAL J 323 25.87 -39.36 25.98
C VAL J 323 24.56 -38.63 26.31
N ARG J 324 24.69 -37.35 26.63
CA ARG J 324 23.56 -36.55 27.08
C ARG J 324 23.13 -35.60 25.97
N LEU J 325 21.83 -35.62 25.66
CA LEU J 325 21.28 -34.64 24.75
C LEU J 325 21.44 -33.22 25.29
N GLY J 326 21.10 -33.03 26.56
CA GLY J 326 21.29 -31.77 27.26
C GLY J 326 21.73 -32.09 28.66
N GLY J 327 21.01 -31.56 29.65
CA GLY J 327 21.20 -32.04 31.00
C GLY J 327 20.51 -33.35 31.30
N ALA J 328 19.95 -33.99 30.28
CA ALA J 328 19.20 -35.22 30.45
C ALA J 328 19.92 -36.37 29.74
N LYS J 329 19.64 -37.58 30.22
CA LYS J 329 20.24 -38.78 29.68
C LYS J 329 19.33 -39.38 28.61
N VAL J 330 19.90 -39.66 27.45
CA VAL J 330 19.13 -40.23 26.35
C VAL J 330 18.77 -41.67 26.69
N PRO J 331 17.50 -42.05 26.60
CA PRO J 331 17.10 -43.41 26.98
C PRO J 331 17.57 -44.43 25.95
N HIS J 332 17.44 -45.70 26.35
CA HIS J 332 17.86 -46.83 25.53
C HIS J 332 16.69 -47.75 25.27
N LEU J 333 16.79 -48.52 24.18
CA LEU J 333 15.75 -49.43 23.75
C LEU J 333 16.34 -50.80 23.46
N MET J 334 15.46 -51.81 23.44
CA MET J 334 15.86 -53.14 23.01
C MET J 334 16.16 -53.14 21.52
N PRO J 335 17.03 -54.06 21.08
CA PRO J 335 17.30 -54.18 19.65
C PRO J 335 16.03 -54.48 18.87
N GLY J 336 15.93 -53.89 17.69
CA GLY J 336 14.74 -54.04 16.87
C GLY J 336 13.56 -53.18 17.28
N ASP J 337 13.74 -52.33 18.29
CA ASP J 337 12.66 -51.46 18.77
C ASP J 337 13.02 -50.02 18.47
N SER J 338 12.13 -49.32 17.77
CA SER J 338 12.35 -47.94 17.40
C SER J 338 11.09 -47.14 17.65
N LEU J 339 11.24 -45.98 18.27
CA LEU J 339 10.10 -45.11 18.51
C LEU J 339 9.59 -44.54 17.21
N ASN J 340 8.26 -44.51 17.06
CA ASN J 340 7.63 -44.04 15.82
C ASN J 340 6.45 -43.15 16.21
N LEU J 341 6.71 -41.85 16.31
CA LEU J 341 5.66 -40.88 16.65
C LEU J 341 5.16 -40.16 15.40
N GLN J 342 4.55 -40.92 14.50
CA GLN J 342 3.90 -40.31 13.35
C GLN J 342 2.66 -39.53 13.82
N THR J 343 2.31 -38.52 13.05
CA THR J 343 1.25 -37.60 13.43
C THR J 343 0.21 -37.48 12.31
N ALA J 344 -0.80 -36.66 12.57
CA ALA J 344 -1.89 -36.41 11.64
C ALA J 344 -1.51 -35.21 10.76
N GLN J 345 -2.51 -34.61 10.09
CA GLN J 345 -2.30 -33.46 9.23
C GLN J 345 -1.35 -32.45 9.86
N ASP J 346 -0.56 -31.80 9.01
CA ASP J 346 0.56 -30.99 9.47
C ASP J 346 0.51 -29.58 8.90
N THR J 347 -0.66 -28.95 8.92
CA THR J 347 -0.82 -27.61 8.38
C THR J 347 -1.37 -26.68 9.46
N ASP J 348 -1.68 -25.45 9.05
CA ASP J 348 -2.23 -24.47 9.97
C ASP J 348 -3.66 -24.83 10.36
N ASN J 349 -3.96 -24.69 11.65
CA ASN J 349 -5.27 -25.03 12.17
C ASN J 349 -6.33 -23.97 11.89
N GLY J 350 -5.94 -22.79 11.43
CA GLY J 350 -6.91 -21.73 11.23
C GLY J 350 -7.56 -21.26 12.51
N TYR J 351 -6.79 -21.18 13.59
CA TYR J 351 -7.34 -20.82 14.89
C TYR J 351 -7.89 -19.41 14.89
N SER J 352 -7.17 -18.47 14.27
CA SER J 352 -7.54 -17.07 14.36
C SER J 352 -8.91 -16.81 13.74
N VAL J 353 -9.09 -17.25 12.49
CA VAL J 353 -10.34 -16.95 11.78
C VAL J 353 -11.51 -17.66 12.44
N PHE J 354 -11.29 -18.90 12.88
CA PHE J 354 -12.36 -19.64 13.54
C PHE J 354 -12.77 -18.95 14.83
N GLU J 355 -11.80 -18.50 15.62
CA GLU J 355 -12.13 -17.82 16.86
C GLU J 355 -12.88 -16.52 16.57
N GLN J 356 -12.47 -15.80 15.53
CA GLN J 356 -13.23 -14.61 15.13
C GLN J 356 -14.67 -14.99 14.83
N SER J 357 -14.86 -16.10 14.11
CA SER J 357 -16.21 -16.50 13.74
C SER J 357 -17.05 -16.81 14.97
N LEU J 358 -16.50 -17.58 15.91
CA LEU J 358 -17.25 -17.88 17.13
C LEU J 358 -17.56 -16.61 17.92
N LEU J 359 -16.56 -15.73 18.06
CA LEU J 359 -16.79 -14.52 18.85
C LEU J 359 -17.88 -13.67 18.21
N ARG J 360 -17.87 -13.57 16.88
CA ARG J 360 -18.91 -12.82 16.21
C ARG J 360 -20.27 -13.48 16.41
N TYR J 361 -20.30 -14.81 16.44
CA TYR J 361 -21.55 -15.51 16.73
C TYR J 361 -22.06 -15.12 18.10
N ILE J 362 -21.19 -15.13 19.11
CA ILE J 362 -21.63 -14.76 20.45
C ILE J 362 -22.16 -13.33 20.46
N ALA J 363 -21.43 -12.41 19.82
CA ALA J 363 -21.86 -11.02 19.82
C ALA J 363 -23.22 -10.87 19.17
N ALA J 364 -23.48 -11.63 18.10
CA ALA J 364 -24.81 -11.63 17.53
C ALA J 364 -25.82 -12.21 18.50
N GLY J 365 -25.42 -13.20 19.28
CA GLY J 365 -26.34 -13.81 20.23
C GLY J 365 -26.79 -12.84 21.30
N LEU J 366 -25.85 -12.11 21.90
CA LEU J 366 -26.24 -11.11 22.89
C LEU J 366 -26.61 -9.78 22.29
N GLY J 367 -26.51 -9.63 20.97
CA GLY J 367 -26.94 -8.40 20.32
C GLY J 367 -26.01 -7.22 20.50
N VAL J 368 -24.83 -7.42 21.06
CA VAL J 368 -23.84 -6.36 21.20
C VAL J 368 -22.84 -6.48 20.06
N SER J 369 -22.07 -5.42 19.85
CA SER J 369 -21.12 -5.44 18.75
C SER J 369 -19.95 -6.36 19.07
N TYR J 370 -19.34 -6.87 18.00
CA TYR J 370 -18.25 -7.83 18.15
C TYR J 370 -17.05 -7.19 18.83
N GLU J 371 -16.74 -5.94 18.49
CA GLU J 371 -15.52 -5.31 18.93
C GLU J 371 -15.65 -4.66 20.30
N GLN J 372 -16.79 -4.79 20.96
CA GLN J 372 -16.89 -4.38 22.35
C GLN J 372 -16.97 -5.59 23.28
N LEU J 373 -17.68 -6.63 22.88
CA LEU J 373 -17.68 -7.87 23.66
C LEU J 373 -16.31 -8.52 23.63
N SER J 374 -15.73 -8.67 22.44
CA SER J 374 -14.40 -9.22 22.30
C SER J 374 -13.32 -8.17 22.41
N ARG J 375 -13.69 -6.89 22.48
CA ARG J 375 -12.77 -5.75 22.47
C ARG J 375 -11.60 -5.99 21.52
N ASN J 376 -11.93 -6.47 20.33
CA ASN J 376 -10.97 -6.67 19.25
C ASN J 376 -11.19 -5.50 18.29
N TYR J 377 -10.47 -4.41 18.52
CA TYR J 377 -10.66 -3.17 17.78
C TYR J 377 -9.75 -3.06 16.58
N ALA J 378 -9.36 -4.18 15.98
CA ALA J 378 -8.36 -4.14 14.91
C ALA J 378 -8.93 -3.49 13.66
N GLN J 379 -8.09 -2.68 13.01
CA GLN J 379 -8.30 -2.15 11.66
C GLN J 379 -9.68 -1.57 11.41
N MET J 380 -10.38 -1.16 12.47
CA MET J 380 -11.72 -0.62 12.31
C MET J 380 -11.66 0.85 11.95
N SER J 381 -12.37 1.24 10.91
CA SER J 381 -12.44 2.64 10.52
C SER J 381 -13.48 3.37 11.37
N TYR J 382 -13.43 4.70 11.31
CA TYR J 382 -14.32 5.50 12.15
C TYR J 382 -15.77 5.25 11.80
N SER J 383 -16.09 5.24 10.50
CA SER J 383 -17.48 5.09 10.08
C SER J 383 -18.05 3.76 10.56
N THR J 384 -17.34 2.67 10.31
CA THR J 384 -17.83 1.36 10.70
C THR J 384 -17.96 1.26 12.21
N ALA J 385 -16.97 1.77 12.94
CA ALA J 385 -17.02 1.71 14.40
C ALA J 385 -18.24 2.45 14.92
N ARG J 386 -18.49 3.65 14.40
CA ARG J 386 -19.62 4.41 14.92
C ARG J 386 -20.95 3.80 14.49
N ALA J 387 -21.00 3.16 13.32
CA ALA J 387 -22.22 2.47 12.93
C ALA J 387 -22.52 1.30 13.86
N SER J 388 -21.49 0.51 14.20
CA SER J 388 -21.70 -0.60 15.11
C SER J 388 -22.14 -0.11 16.48
N ALA J 389 -21.47 0.94 16.97
CA ALA J 389 -21.87 1.50 18.25
C ALA J 389 -23.31 2.00 18.19
N ASN J 390 -23.71 2.57 17.05
CA ASN J 390 -25.06 3.08 16.91
C ASN J 390 -26.10 1.97 16.99
N GLU J 391 -25.86 0.87 16.27
CA GLU J 391 -26.84 -0.22 16.29
C GLU J 391 -26.93 -0.84 17.68
N SER J 392 -25.78 -1.03 18.33
CA SER J 392 -25.81 -1.55 19.69
C SER J 392 -26.54 -0.59 20.61
N TRP J 393 -26.36 0.71 20.38
CA TRP J 393 -27.02 1.72 21.19
C TRP J 393 -28.53 1.68 20.98
N ALA J 394 -28.98 1.42 19.76
CA ALA J 394 -30.41 1.28 19.51
C ALA J 394 -30.98 0.09 20.26
N TYR J 395 -30.30 -1.05 20.18
CA TYR J 395 -30.65 -2.22 20.99
C TYR J 395 -30.76 -1.84 22.47
N PHE J 396 -29.78 -1.09 22.95
CA PHE J 396 -29.69 -0.75 24.36
C PHE J 396 -30.82 0.20 24.77
N MET J 397 -31.14 1.18 23.93
CA MET J 397 -32.26 2.06 24.22
C MET J 397 -33.56 1.28 24.24
N GLY J 398 -33.72 0.32 23.34
CA GLY J 398 -34.90 -0.51 23.38
C GLY J 398 -35.05 -1.22 24.71
N ARG J 399 -33.99 -1.87 25.16
CA ARG J 399 -34.10 -2.59 26.43
C ARG J 399 -34.29 -1.64 27.61
N ARG J 400 -33.61 -0.49 27.60
CA ARG J 400 -33.79 0.46 28.69
C ARG J 400 -35.22 0.95 28.76
N LYS J 401 -35.84 1.21 27.62
CA LYS J 401 -37.23 1.63 27.61
C LYS J 401 -38.15 0.52 28.10
N PHE J 402 -37.90 -0.72 27.68
CA PHE J 402 -38.85 -1.78 27.95
C PHE J 402 -38.56 -2.57 29.22
N VAL J 403 -37.41 -2.37 29.86
CA VAL J 403 -37.10 -3.16 31.05
C VAL J 403 -36.87 -2.26 32.24
N ALA J 404 -35.83 -1.43 32.19
CA ALA J 404 -35.50 -0.59 33.33
C ALA J 404 -36.60 0.44 33.60
N SER J 405 -37.12 1.05 32.54
CA SER J 405 -38.10 2.12 32.70
C SER J 405 -39.35 1.60 33.40
N ARG J 406 -39.82 0.41 33.03
CA ARG J 406 -41.04 -0.12 33.63
C ARG J 406 -40.88 -0.35 35.12
N GLN J 407 -39.79 -1.00 35.51
CA GLN J 407 -39.55 -1.25 36.93
C GLN J 407 -39.38 0.06 37.69
N ALA J 408 -38.63 0.99 37.14
CA ALA J 408 -38.44 2.27 37.81
C ALA J 408 -39.77 2.99 37.99
N SER J 409 -40.63 2.94 36.97
CA SER J 409 -41.94 3.58 37.09
C SER J 409 -42.77 2.92 38.18
N GLN J 410 -42.71 1.59 38.28
CA GLN J 410 -43.46 0.91 39.33
C GLN J 410 -43.01 1.34 40.72
N MET J 411 -41.70 1.33 40.95
CA MET J 411 -41.19 1.74 42.26
C MET J 411 -41.52 3.19 42.55
N PHE J 412 -41.37 4.06 41.55
CA PHE J 412 -41.68 5.48 41.74
C PHE J 412 -43.16 5.66 42.07
N LEU J 413 -44.03 4.90 41.42
CA LEU J 413 -45.46 5.00 41.72
C LEU J 413 -45.75 4.61 43.16
N CYS J 414 -45.13 3.52 43.62
CA CYS J 414 -45.35 3.11 45.01
C CYS J 414 -44.88 4.20 45.97
N TRP J 415 -43.68 4.73 45.74
CA TRP J 415 -43.16 5.76 46.64
C TRP J 415 -44.02 7.02 46.59
N LEU J 416 -44.50 7.39 45.41
CA LEU J 416 -45.34 8.57 45.27
C LEU J 416 -46.65 8.38 46.02
N GLU J 417 -47.23 7.18 45.94
CA GLU J 417 -48.43 6.90 46.71
C GLU J 417 -48.17 7.07 48.19
N GLU J 418 -47.04 6.55 48.67
CA GLU J 418 -46.73 6.73 50.09
C GLU J 418 -46.57 8.20 50.44
N ALA J 419 -45.90 8.97 49.58
CA ALA J 419 -45.67 10.38 49.84
C ALA J 419 -46.98 11.15 49.91
N ILE J 420 -47.90 10.88 48.97
CA ILE J 420 -49.20 11.52 49.00
C ILE J 420 -49.96 11.14 50.25
N VAL J 421 -49.83 9.88 50.68
CA VAL J 421 -50.50 9.44 51.90
C VAL J 421 -50.05 10.29 53.08
N ARG J 422 -48.75 10.57 53.18
CA ARG J 422 -48.20 11.34 54.27
C ARG J 422 -48.20 12.84 54.01
N ARG J 423 -48.75 13.27 52.87
CA ARG J 423 -48.84 14.69 52.51
C ARG J 423 -47.47 15.35 52.49
N VAL J 424 -46.42 14.58 52.19
CA VAL J 424 -45.11 15.19 51.97
C VAL J 424 -45.17 16.12 50.77
N VAL J 425 -45.92 15.74 49.75
CA VAL J 425 -46.22 16.61 48.63
C VAL J 425 -47.72 16.89 48.65
N THR J 426 -48.12 17.93 47.92
CA THR J 426 -49.50 18.36 47.89
C THR J 426 -50.03 18.30 46.46
N LEU J 427 -51.16 17.63 46.28
CA LEU J 427 -51.82 17.60 44.98
C LEU J 427 -52.42 18.96 44.66
N PRO J 428 -52.62 19.25 43.38
CA PRO J 428 -53.33 20.48 43.01
C PRO J 428 -54.73 20.50 43.60
N SER J 429 -55.18 21.69 44.01
CA SER J 429 -56.46 21.80 44.70
C SER J 429 -57.62 21.47 43.79
N LYS J 430 -57.57 21.88 42.53
CA LYS J 430 -58.67 21.74 41.61
C LYS J 430 -58.76 20.33 41.03
N ALA J 431 -57.77 19.48 41.33
CA ALA J 431 -57.51 18.23 40.62
C ALA J 431 -58.79 17.53 40.16
N ARG J 432 -58.83 17.22 38.87
CA ARG J 432 -60.01 16.58 38.27
C ARG J 432 -60.26 15.21 38.88
N PHE J 433 -59.21 14.44 39.12
CA PHE J 433 -59.33 13.12 39.72
C PHE J 433 -58.34 12.99 40.86
N SER J 434 -58.67 12.11 41.81
CA SER J 434 -57.76 11.82 42.89
C SER J 434 -56.56 11.03 42.38
N PHE J 435 -55.58 10.85 43.26
CA PHE J 435 -54.38 10.10 42.88
C PHE J 435 -54.73 8.65 42.55
N GLN J 436 -55.62 8.04 43.34
CA GLN J 436 -55.95 6.63 43.12
C GLN J 436 -56.60 6.43 41.75
N GLU J 437 -57.49 7.33 41.35
CA GLU J 437 -58.22 7.14 40.11
C GLU J 437 -57.33 7.34 38.90
N ALA J 438 -56.29 8.17 39.01
CA ALA J 438 -55.46 8.58 37.89
C ALA J 438 -53.99 8.37 38.21
N ARG J 439 -53.66 7.19 38.71
CA ARG J 439 -52.27 6.90 39.08
C ARG J 439 -51.33 7.10 37.91
N SER J 440 -51.73 6.63 36.72
CA SER J 440 -50.89 6.82 35.54
C SER J 440 -50.75 8.29 35.19
N ALA J 441 -51.83 9.06 35.32
CA ALA J 441 -51.78 10.47 34.96
C ALA J 441 -50.84 11.24 35.86
N TRP J 442 -51.00 11.09 37.17
CA TRP J 442 -50.11 11.78 38.10
C TRP J 442 -48.68 11.26 37.99
N GLY J 443 -48.51 9.95 37.84
CA GLY J 443 -47.21 9.33 37.84
C GLY J 443 -46.53 9.23 36.51
N ASN J 444 -47.06 9.87 35.46
CA ASN J 444 -46.42 9.86 34.16
C ASN J 444 -45.00 10.41 34.28
N CYS J 445 -44.01 9.55 34.10
CA CYS J 445 -42.62 9.91 34.34
C CYS J 445 -41.74 9.27 33.30
N ASP J 446 -40.62 9.93 32.99
CA ASP J 446 -39.63 9.40 32.07
C ASP J 446 -38.26 9.46 32.73
N TRP J 447 -37.44 8.48 32.40
CA TRP J 447 -36.16 8.30 33.07
C TRP J 447 -35.02 8.52 32.08
N ILE J 448 -33.97 9.17 32.55
CA ILE J 448 -32.79 9.44 31.74
C ILE J 448 -31.60 8.72 32.38
N GLY J 449 -30.97 7.85 31.61
CA GLY J 449 -29.79 7.14 32.05
C GLY J 449 -28.53 7.80 31.55
N SER J 450 -27.48 7.00 31.39
CA SER J 450 -26.26 7.51 30.77
C SER J 450 -26.56 7.92 29.34
N GLY J 451 -26.17 9.14 28.99
CA GLY J 451 -26.43 9.65 27.67
C GLY J 451 -25.54 9.01 26.63
N ARG J 452 -25.76 9.40 25.37
CA ARG J 452 -24.92 8.91 24.31
C ARG J 452 -23.47 9.32 24.54
N MET J 453 -22.56 8.40 24.29
CA MET J 453 -21.15 8.58 24.55
C MET J 453 -20.47 8.91 23.22
N ALA J 454 -19.69 9.99 23.22
CA ALA J 454 -19.15 10.54 21.98
C ALA J 454 -18.01 9.68 21.42
N ILE J 455 -18.06 9.41 20.13
CA ILE J 455 -16.96 8.70 19.47
C ILE J 455 -15.84 9.66 19.10
N ASP J 456 -16.18 10.79 18.50
CA ASP J 456 -15.20 11.78 18.09
C ASP J 456 -15.27 13.07 18.89
N GLY J 457 -16.44 13.42 19.40
CA GLY J 457 -16.62 14.68 20.08
C GLY J 457 -17.12 15.80 19.19
N LEU J 458 -16.30 16.29 18.26
CA LEU J 458 -16.72 17.41 17.43
C LEU J 458 -17.96 17.08 16.63
N LYS J 459 -18.00 15.89 16.04
CA LYS J 459 -19.08 15.56 15.13
C LYS J 459 -20.42 15.77 15.82
N GLU J 460 -20.58 15.16 16.99
CA GLU J 460 -21.85 15.16 17.70
C GLU J 460 -22.16 16.53 18.31
N VAL J 461 -21.16 17.28 18.75
CA VAL J 461 -21.47 18.59 19.33
C VAL J 461 -21.91 19.57 18.24
N GLN J 462 -21.25 19.53 17.07
CA GLN J 462 -21.82 20.25 15.93
C GLN J 462 -23.23 19.78 15.63
N GLU J 463 -23.49 18.47 15.73
CA GLU J 463 -24.86 18.01 15.51
C GLU J 463 -25.81 18.72 16.46
N ALA J 464 -25.48 18.71 17.75
CA ALA J 464 -26.37 19.28 18.76
C ALA J 464 -26.57 20.77 18.52
N VAL J 465 -25.50 21.50 18.27
CA VAL J 465 -25.61 22.94 18.15
C VAL J 465 -26.39 23.31 16.89
N MET J 466 -26.14 22.60 15.78
CA MET J 466 -26.87 22.92 14.56
C MET J 466 -28.33 22.50 14.66
N LEU J 467 -28.61 21.42 15.37
CA LEU J 467 -30.00 21.04 15.65
C LEU J 467 -30.70 22.12 16.43
N ILE J 468 -30.07 22.61 17.50
CA ILE J 468 -30.74 23.56 18.37
C ILE J 468 -30.89 24.92 17.69
N GLU J 469 -29.94 25.30 16.84
CA GLU J 469 -30.05 26.59 16.17
C GLU J 469 -30.96 26.53 14.95
N ALA J 470 -31.07 25.37 14.30
CA ALA J 470 -31.90 25.23 13.13
C ALA J 470 -33.35 24.90 13.48
N GLY J 471 -33.66 24.73 14.75
CA GLY J 471 -35.05 24.59 15.17
C GLY J 471 -35.61 23.19 15.14
N LEU J 472 -34.81 22.18 14.83
CA LEU J 472 -35.30 20.81 14.81
C LEU J 472 -35.14 20.09 16.14
N SER J 473 -34.64 20.76 17.17
CA SER J 473 -34.43 20.07 18.43
C SER J 473 -34.63 21.05 19.59
N THR J 474 -34.86 20.47 20.77
CA THR J 474 -35.02 21.22 22.00
C THR J 474 -34.00 20.72 23.01
N TYR J 475 -33.71 21.58 23.99
CA TYR J 475 -32.54 21.37 24.84
C TYR J 475 -32.60 20.07 25.62
N GLU J 476 -33.80 19.61 25.99
CA GLU J 476 -33.86 18.45 26.90
C GLU J 476 -33.34 17.19 26.23
N LYS J 477 -33.64 16.97 24.95
CA LYS J 477 -33.08 15.79 24.32
C LYS J 477 -31.60 15.97 24.01
N GLU J 478 -31.14 17.20 23.85
CA GLU J 478 -29.71 17.43 23.75
C GLU J 478 -29.01 17.02 25.03
N CYS J 479 -29.60 17.36 26.17
CA CYS J 479 -29.04 16.96 27.45
C CYS J 479 -29.29 15.48 27.73
N ALA J 480 -30.29 14.89 27.07
CA ALA J 480 -30.63 13.50 27.30
C ALA J 480 -29.58 12.58 26.70
N LYS J 481 -29.16 12.86 25.47
CA LYS J 481 -28.05 12.11 24.91
C LYS J 481 -26.73 12.48 25.57
N ARG J 482 -26.72 13.48 26.45
CA ARG J 482 -25.57 13.76 27.27
C ARG J 482 -25.83 13.49 28.75
N GLY J 483 -26.98 12.92 29.09
CA GLY J 483 -27.28 12.60 30.47
C GLY J 483 -27.43 13.80 31.38
N ASP J 484 -28.14 14.83 30.94
CA ASP J 484 -28.39 16.02 31.74
C ASP J 484 -29.85 16.44 31.59
N ASP J 485 -30.23 17.49 32.30
CA ASP J 485 -31.55 18.07 32.17
C ASP J 485 -31.43 19.57 32.00
N TYR J 486 -32.33 20.13 31.21
CA TYR J 486 -32.23 21.54 30.85
C TYR J 486 -32.62 22.48 31.99
N GLN J 487 -33.43 22.03 32.94
CA GLN J 487 -33.89 22.92 34.00
C GLN J 487 -32.75 23.36 34.90
N GLU J 488 -32.12 22.40 35.58
CA GLU J 488 -31.02 22.73 36.47
C GLU J 488 -29.85 23.30 35.69
N ILE J 489 -29.69 22.91 34.43
CA ILE J 489 -28.59 23.45 33.64
C ILE J 489 -28.84 24.93 33.36
N PHE J 490 -30.10 25.31 33.12
CA PHE J 490 -30.42 26.72 32.96
C PHE J 490 -30.19 27.49 34.26
N ALA J 491 -30.65 26.93 35.37
CA ALA J 491 -30.44 27.60 36.66
C ALA J 491 -28.95 27.79 36.93
N GLN J 492 -28.16 26.75 36.67
CA GLN J 492 -26.72 26.84 36.88
C GLN J 492 -26.08 27.82 35.93
N GLN J 493 -26.55 27.90 34.68
CA GLN J 493 -26.02 28.88 33.76
C GLN J 493 -26.29 30.29 34.27
N VAL J 494 -27.50 30.53 34.76
CA VAL J 494 -27.83 31.84 35.33
C VAL J 494 -26.89 32.15 36.48
N ARG J 495 -26.68 31.18 37.36
CA ARG J 495 -25.77 31.39 38.49
C ARG J 495 -24.36 31.70 38.01
N GLU J 496 -23.90 30.98 36.99
CA GLU J 496 -22.55 31.21 36.49
C GLU J 496 -22.41 32.63 35.95
N THR J 497 -23.38 33.09 35.16
CA THR J 497 -23.29 34.43 34.64
C THR J 497 -23.34 35.48 35.74
N MET J 498 -24.19 35.28 36.75
CA MET J 498 -24.26 36.35 37.74
C MET J 498 -23.01 36.36 38.63
N GLU J 499 -22.44 35.19 38.89
CA GLU J 499 -21.16 35.15 39.59
C GLU J 499 -20.06 35.83 38.78
N ARG J 500 -19.98 35.52 37.49
CA ARG J 500 -18.93 36.09 36.66
C ARG J 500 -19.06 37.60 36.55
N ARG J 501 -20.29 38.09 36.39
CA ARG J 501 -20.50 39.54 36.34
C ARG J 501 -20.26 40.18 37.69
N ALA J 502 -20.50 39.46 38.79
CA ALA J 502 -20.19 39.99 40.10
C ALA J 502 -18.69 40.07 40.36
N ALA J 503 -17.89 39.33 39.60
CA ALA J 503 -16.44 39.34 39.75
C ALA J 503 -15.74 40.12 38.64
N GLY J 504 -16.49 40.80 37.80
CA GLY J 504 -15.90 41.59 36.73
C GLY J 504 -15.45 40.79 35.53
N LEU J 505 -15.65 39.48 35.52
CA LEU J 505 -15.25 38.66 34.40
C LEU J 505 -16.17 38.89 33.21
N LYS J 506 -15.66 38.59 32.04
CA LYS J 506 -16.46 38.69 30.82
C LYS J 506 -17.55 37.63 30.85
N PRO J 507 -18.83 38.02 30.79
CA PRO J 507 -19.95 37.07 30.84
C PRO J 507 -19.98 36.10 29.67
N GLN K 34 -21.76 -33.31 24.11
CA GLN K 34 -21.26 -31.98 24.41
C GLN K 34 -22.01 -31.37 25.58
N LEU K 35 -23.11 -30.68 25.27
CA LEU K 35 -23.93 -30.07 26.31
C LEU K 35 -24.52 -31.10 27.26
N ARG K 36 -24.69 -32.34 26.81
CA ARG K 36 -25.23 -33.38 27.68
C ARG K 36 -24.29 -33.72 28.83
N SER K 37 -23.00 -33.42 28.68
CA SER K 37 -22.01 -33.71 29.70
C SER K 37 -21.83 -32.57 30.68
N TRP K 38 -22.63 -31.51 30.56
CA TRP K 38 -22.47 -30.31 31.37
C TRP K 38 -23.81 -30.00 32.03
N ASN K 39 -23.96 -30.41 33.29
CA ASN K 39 -25.20 -30.19 34.05
C ASN K 39 -24.85 -29.60 35.41
N PRO K 40 -24.44 -28.33 35.45
CA PRO K 40 -24.15 -27.69 36.73
C PRO K 40 -25.41 -27.49 37.54
N PRO K 41 -25.35 -27.68 38.85
CA PRO K 41 -26.54 -27.50 39.68
C PRO K 41 -26.86 -26.04 39.91
N SER K 42 -28.08 -25.79 40.38
CA SER K 42 -28.54 -24.44 40.70
C SER K 42 -28.56 -24.24 42.21
N GLU K 43 -27.76 -23.30 42.69
CA GLU K 43 -27.77 -22.94 44.09
C GLU K 43 -27.70 -21.42 44.20
N SER K 44 -27.92 -20.92 45.42
CA SER K 44 -27.80 -19.50 45.66
C SER K 44 -26.34 -19.07 45.52
N VAL K 45 -26.14 -17.77 45.30
CA VAL K 45 -24.80 -17.26 45.04
C VAL K 45 -23.89 -17.54 46.24
N ASP K 46 -24.37 -17.28 47.45
CA ASP K 46 -23.58 -17.55 48.63
C ASP K 46 -23.25 -19.03 48.74
N ALA K 47 -24.21 -19.90 48.44
CA ALA K 47 -23.96 -21.33 48.47
C ALA K 47 -22.90 -21.73 47.44
N ALA K 48 -22.82 -21.00 46.34
CA ALA K 48 -21.81 -21.27 45.32
C ALA K 48 -20.53 -20.49 45.52
N LEU K 49 -20.46 -19.66 46.56
CA LEU K 49 -19.28 -18.83 46.78
C LEU K 49 -18.64 -19.09 48.13
N LEU K 50 -19.42 -19.19 49.20
CA LEU K 50 -18.85 -19.31 50.54
C LEU K 50 -17.92 -20.51 50.71
N PRO K 51 -18.29 -21.73 50.30
CA PRO K 51 -17.41 -22.88 50.63
C PRO K 51 -16.00 -22.73 50.10
N ASN K 52 -15.82 -22.16 48.91
CA ASN K 52 -14.49 -21.95 48.36
C ASN K 52 -13.99 -20.53 48.59
N PHE K 53 -14.83 -19.67 49.19
CA PHE K 53 -14.52 -18.25 49.28
C PHE K 53 -13.06 -18.02 49.65
N THR K 54 -12.64 -18.54 50.81
CA THR K 54 -11.29 -18.27 51.29
C THR K 54 -10.25 -18.61 50.23
N ARG K 55 -10.29 -19.84 49.71
CA ARG K 55 -9.25 -20.23 48.76
C ARG K 55 -9.24 -19.30 47.56
N GLY K 56 -10.42 -18.93 47.07
CA GLY K 56 -10.46 -17.99 45.96
C GLY K 56 -9.69 -16.73 46.27
N ASN K 57 -9.99 -16.11 47.41
CA ASN K 57 -9.24 -14.93 47.81
C ASN K 57 -7.76 -15.23 47.86
N ALA K 58 -7.40 -16.34 48.50
CA ALA K 58 -5.99 -16.72 48.54
C ALA K 58 -5.43 -16.78 47.14
N ARG K 59 -6.10 -17.51 46.24
CA ARG K 59 -5.61 -17.61 44.88
C ARG K 59 -5.54 -16.24 44.24
N ALA K 60 -6.56 -15.41 44.46
CA ALA K 60 -6.53 -14.06 43.91
C ALA K 60 -5.28 -13.33 44.35
N ASP K 61 -4.93 -13.43 45.64
CA ASP K 61 -3.74 -12.77 46.12
C ASP K 61 -2.52 -13.20 45.31
N ASP K 62 -2.40 -14.50 45.06
CA ASP K 62 -1.25 -14.99 44.30
C ASP K 62 -1.16 -14.29 42.95
N LEU K 63 -2.30 -14.12 42.28
CA LEU K 63 -2.27 -13.45 40.97
C LEU K 63 -1.73 -12.03 41.10
N VAL K 64 -2.14 -11.31 42.14
CA VAL K 64 -1.68 -9.94 42.25
C VAL K 64 -0.31 -9.88 42.90
N ARG K 65 0.25 -11.02 43.31
CA ARG K 65 1.59 -10.99 43.87
C ARG K 65 2.64 -11.33 42.82
N ASN K 66 2.38 -12.32 41.99
CA ASN K 66 3.38 -12.83 41.07
C ASN K 66 3.13 -12.46 39.61
N ASN K 67 1.88 -12.48 39.17
CA ASN K 67 1.58 -12.22 37.76
C ASN K 67 1.67 -10.73 37.47
N GLY K 68 2.37 -10.39 36.39
CA GLY K 68 2.54 -8.99 36.04
C GLY K 68 1.25 -8.34 35.58
N TYR K 69 0.46 -9.05 34.78
CA TYR K 69 -0.74 -8.44 34.21
C TYR K 69 -1.75 -8.09 35.29
N ALA K 70 -1.88 -8.94 36.31
CA ALA K 70 -2.79 -8.63 37.40
C ALA K 70 -2.38 -7.35 38.10
N ALA K 71 -1.08 -7.19 38.36
CA ALA K 71 -0.59 -5.96 38.97
C ALA K 71 -0.86 -4.77 38.08
N ASN K 72 -0.66 -4.92 36.77
CA ASN K 72 -0.92 -3.80 35.87
C ASN K 72 -2.39 -3.42 35.88
N ALA K 73 -3.28 -4.42 35.91
CA ALA K 73 -4.71 -4.13 35.92
C ALA K 73 -5.12 -3.44 37.21
N ILE K 74 -4.62 -3.92 38.35
CA ILE K 74 -4.98 -3.28 39.60
C ILE K 74 -4.41 -1.87 39.65
N GLN K 75 -3.25 -1.66 39.04
CA GLN K 75 -2.66 -0.32 38.97
C GLN K 75 -3.53 0.59 38.13
N LEU K 76 -4.04 0.07 37.01
CA LEU K 76 -4.94 0.86 36.16
C LEU K 76 -6.20 1.24 36.92
N HIS K 77 -6.79 0.28 37.63
CA HIS K 77 -7.96 0.58 38.44
C HIS K 77 -7.63 1.68 39.45
N GLN K 78 -6.50 1.52 40.12
CA GLN K 78 -6.07 2.48 41.14
C GLN K 78 -5.95 3.89 40.56
N ASP K 79 -5.31 4.01 39.41
CA ASP K 79 -4.98 5.32 38.88
C ASP K 79 -6.09 5.95 38.06
N HIS K 80 -7.12 5.19 37.69
CA HIS K 80 -8.19 5.81 36.93
C HIS K 80 -9.48 5.96 37.71
N ILE K 81 -9.81 5.01 38.58
CA ILE K 81 -11.02 5.15 39.38
C ILE K 81 -10.91 6.38 40.28
N VAL K 82 -9.75 6.58 40.89
CA VAL K 82 -9.53 7.66 41.83
C VAL K 82 -8.43 8.61 41.36
N GLY K 83 -7.37 8.07 40.76
CA GLY K 83 -6.29 8.91 40.27
C GLY K 83 -5.46 9.51 41.38
N SER K 84 -4.87 10.65 41.06
CA SER K 84 -3.91 11.29 41.96
C SER K 84 -4.59 11.82 43.22
N PHE K 85 -5.80 12.36 43.09
CA PHE K 85 -6.46 13.01 44.20
C PHE K 85 -7.96 12.89 44.07
N PHE K 86 -8.64 13.07 45.20
CA PHE K 86 -10.10 12.90 45.31
C PHE K 86 -10.67 14.09 46.06
N ARG K 87 -11.00 15.15 45.33
CA ARG K 87 -11.52 16.35 45.93
C ARG K 87 -13.00 16.17 46.30
N LEU K 88 -13.39 16.82 47.39
CA LEU K 88 -14.77 16.79 47.86
C LEU K 88 -15.50 18.04 47.44
N SER K 89 -16.82 17.92 47.25
CA SER K 89 -17.68 19.08 47.05
C SER K 89 -18.95 18.85 47.85
N HIS K 90 -19.18 19.68 48.85
CA HIS K 90 -20.35 19.56 49.71
C HIS K 90 -21.49 20.37 49.09
N ARG K 91 -22.58 19.69 48.77
CA ARG K 91 -23.75 20.32 48.14
C ARG K 91 -24.96 20.05 49.02
N PRO K 92 -25.11 20.80 50.10
CA PRO K 92 -26.26 20.59 50.98
C PRO K 92 -27.57 20.89 50.27
N SER K 93 -28.59 20.13 50.63
CA SER K 93 -29.92 20.28 50.05
C SER K 93 -30.66 21.37 50.81
N TRP K 94 -30.30 22.62 50.49
CA TRP K 94 -30.92 23.75 51.18
C TRP K 94 -32.42 23.81 50.91
N ARG K 95 -32.85 23.39 49.72
CA ARG K 95 -34.27 23.43 49.40
C ARG K 95 -35.07 22.53 50.32
N TYR K 96 -34.59 21.31 50.54
CA TYR K 96 -35.27 20.41 51.46
C TYR K 96 -35.28 20.97 52.87
N LEU K 97 -34.16 21.52 53.31
CA LEU K 97 -34.08 22.11 54.64
C LEU K 97 -34.62 23.52 54.69
N GLY K 98 -34.97 24.10 53.54
CA GLY K 98 -35.49 25.46 53.53
C GLY K 98 -34.49 26.49 54.01
N ILE K 99 -33.23 26.35 53.64
CA ILE K 99 -32.17 27.25 54.09
C ILE K 99 -31.85 28.21 52.95
N GLY K 100 -31.51 29.45 53.32
CA GLY K 100 -31.06 30.39 52.31
C GLY K 100 -29.87 29.86 51.54
N GLU K 101 -29.94 29.94 50.22
CA GLU K 101 -28.94 29.30 49.38
C GLU K 101 -27.56 29.88 49.64
N GLU K 102 -27.47 31.18 49.85
CA GLU K 102 -26.18 31.79 50.18
C GLU K 102 -25.67 31.28 51.52
N GLU K 103 -26.57 31.08 52.49
CA GLU K 103 -26.16 30.49 53.76
C GLU K 103 -25.65 29.08 53.56
N ALA K 104 -26.31 28.31 52.71
CA ALA K 104 -25.84 26.96 52.41
C ALA K 104 -24.47 26.99 51.76
N ARG K 105 -24.24 27.95 50.86
CA ARG K 105 -22.94 28.05 50.22
C ARG K 105 -21.85 28.41 51.21
N ALA K 106 -22.14 29.35 52.12
CA ALA K 106 -21.16 29.70 53.14
C ALA K 106 -20.86 28.52 54.04
N PHE K 107 -21.89 27.78 54.43
CA PHE K 107 -21.69 26.59 55.26
C PHE K 107 -20.85 25.55 54.53
N SER K 108 -21.12 25.36 53.24
CA SER K 108 -20.34 24.41 52.45
C SER K 108 -18.88 24.86 52.36
N ARG K 109 -18.65 26.15 52.18
CA ARG K 109 -17.29 26.65 52.15
C ARG K 109 -16.58 26.37 53.46
N GLU K 110 -17.24 26.64 54.58
CA GLU K 110 -16.62 26.42 55.87
C GLU K 110 -16.31 24.94 56.09
N VAL K 111 -17.26 24.05 55.78
CA VAL K 111 -17.03 22.64 56.04
C VAL K 111 -15.94 22.12 55.11
N GLU K 112 -15.88 22.61 53.88
CA GLU K 112 -14.79 22.23 52.99
C GLU K 112 -13.45 22.70 53.53
N ALA K 113 -13.41 23.93 54.05
CA ALA K 113 -12.16 24.45 54.58
C ALA K 113 -11.67 23.60 55.73
N ALA K 114 -12.58 23.18 56.61
CA ALA K 114 -12.20 22.22 57.64
C ALA K 114 -11.76 20.91 57.02
N TRP K 115 -12.45 20.47 55.96
CA TRP K 115 -12.23 19.12 55.47
C TRP K 115 -10.86 18.95 54.83
N LYS K 116 -10.42 19.90 53.99
CA LYS K 116 -9.11 19.69 53.38
C LYS K 116 -8.02 19.65 54.44
N GLU K 117 -8.04 20.60 55.38
CA GLU K 117 -7.00 20.59 56.39
C GLU K 117 -7.09 19.37 57.29
N PHE K 118 -8.28 18.76 57.43
CA PHE K 118 -8.36 17.52 58.18
C PHE K 118 -7.85 16.32 57.38
N ALA K 119 -8.03 16.34 56.06
CA ALA K 119 -7.86 15.13 55.26
C ALA K 119 -6.40 14.87 54.92
N GLU K 120 -5.74 15.85 54.30
CA GLU K 120 -4.38 15.67 53.78
C GLU K 120 -3.32 16.01 54.82
N ASP K 121 -3.62 15.86 56.10
CA ASP K 121 -2.66 16.17 57.14
C ASP K 121 -1.42 15.29 56.98
N ASP K 122 -0.26 15.91 57.19
CA ASP K 122 1.01 15.20 57.07
C ASP K 122 1.15 14.10 58.12
N CYS K 123 0.61 14.32 59.32
CA CYS K 123 0.74 13.36 60.41
C CYS K 123 0.02 12.05 60.13
N CYS K 124 -0.84 12.01 59.11
CA CYS K 124 -1.69 10.84 58.83
C CYS K 124 -2.57 10.53 60.02
N CYS K 125 -2.97 11.55 60.76
CA CYS K 125 -3.76 11.34 61.97
C CYS K 125 -5.14 10.77 61.67
N ILE K 126 -5.61 10.85 60.43
CA ILE K 126 -6.88 10.21 60.09
C ILE K 126 -6.74 8.70 60.20
N ASP K 127 -5.57 8.16 59.87
CA ASP K 127 -5.32 6.74 60.02
C ASP K 127 -5.04 6.42 61.49
N VAL K 128 -5.64 5.35 61.98
CA VAL K 128 -5.34 4.90 63.33
C VAL K 128 -3.88 4.49 63.42
N GLU K 129 -3.40 3.76 62.41
CA GLU K 129 -2.03 3.25 62.46
C GLU K 129 -1.03 4.31 62.01
N ARG K 130 -1.50 5.34 61.29
CA ARG K 130 -0.68 6.50 60.90
C ARG K 130 0.41 6.14 59.89
N LYS K 131 0.01 5.63 58.72
CA LYS K 131 0.88 5.76 57.55
C LYS K 131 0.16 6.24 56.29
N ARG K 132 -1.16 6.46 56.34
CA ARG K 132 -1.91 6.69 55.11
C ARG K 132 -2.74 7.94 55.22
N THR K 133 -2.82 8.70 54.13
CA THR K 133 -3.76 9.79 54.06
C THR K 133 -5.00 9.37 53.28
N PHE K 134 -5.93 10.32 53.12
CA PHE K 134 -7.26 9.98 52.63
C PHE K 134 -7.22 9.46 51.20
N THR K 135 -6.39 10.07 50.35
CA THR K 135 -6.39 9.69 48.95
C THR K 135 -5.94 8.24 48.78
N MET K 136 -4.78 7.89 49.34
CA MET K 136 -4.37 6.50 49.25
C MET K 136 -5.28 5.59 50.08
N MET K 137 -6.03 6.14 51.04
CA MET K 137 -7.05 5.32 51.67
C MET K 137 -8.11 4.90 50.68
N ILE K 138 -8.64 5.85 49.90
CA ILE K 138 -9.61 5.49 48.88
C ILE K 138 -8.99 4.53 47.87
N ARG K 139 -7.71 4.76 47.55
CA ARG K 139 -7.03 3.86 46.62
C ARG K 139 -6.97 2.44 47.16
N GLU K 140 -6.59 2.30 48.42
CA GLU K 140 -6.54 0.97 49.04
C GLU K 140 -7.91 0.34 49.06
N GLY K 141 -8.95 1.13 49.35
CA GLY K 141 -10.29 0.59 49.38
C GLY K 141 -10.73 0.06 48.02
N VAL K 142 -10.50 0.84 46.97
CA VAL K 142 -10.94 0.39 45.65
C VAL K 142 -10.13 -0.80 45.18
N ALA K 143 -8.81 -0.80 45.46
CA ALA K 143 -8.00 -1.94 45.05
C ALA K 143 -8.41 -3.19 45.80
N MET K 144 -8.66 -3.08 47.11
CA MET K 144 -9.07 -4.24 47.89
C MET K 144 -10.41 -4.76 47.42
N HIS K 145 -11.35 -3.86 47.10
CA HIS K 145 -12.62 -4.30 46.57
C HIS K 145 -12.43 -5.00 45.23
N ALA K 146 -11.58 -4.48 44.38
CA ALA K 146 -11.40 -5.06 43.05
C ALA K 146 -10.80 -6.46 43.14
N PHE K 147 -9.79 -6.63 43.97
CA PHE K 147 -9.08 -7.91 44.01
C PHE K 147 -9.61 -8.86 45.08
N ASN K 148 -10.59 -8.43 45.87
CA ASN K 148 -11.20 -9.30 46.86
C ASN K 148 -12.72 -9.32 46.84
N GLY K 149 -13.37 -8.30 46.27
CA GLY K 149 -14.81 -8.26 46.20
C GLY K 149 -15.47 -7.34 47.20
N GLU K 150 -14.75 -6.86 48.21
CA GLU K 150 -15.35 -6.04 49.25
C GLU K 150 -14.26 -5.28 49.97
N LEU K 151 -14.69 -4.34 50.82
CA LEU K 151 -13.79 -3.61 51.68
C LEU K 151 -14.48 -3.28 52.99
N PHE K 152 -13.69 -3.14 54.05
CA PHE K 152 -14.19 -2.93 55.39
C PHE K 152 -13.42 -1.79 56.05
N VAL K 153 -14.14 -0.82 56.59
CA VAL K 153 -13.54 0.32 57.27
C VAL K 153 -14.12 0.40 58.68
N GLN K 154 -13.29 0.78 59.64
CA GLN K 154 -13.71 0.92 61.03
C GLN K 154 -13.40 2.33 61.48
N ALA K 155 -14.40 2.99 62.06
CA ALA K 155 -14.25 4.34 62.58
C ALA K 155 -14.06 4.26 64.08
N THR K 156 -12.94 4.78 64.56
CA THR K 156 -12.59 4.73 65.97
C THR K 156 -12.59 6.13 66.55
N TRP K 157 -12.95 6.22 67.83
CA TRP K 157 -12.98 7.48 68.56
C TRP K 157 -11.74 7.54 69.43
N ASP K 158 -10.71 8.22 68.95
CA ASP K 158 -9.47 8.34 69.71
C ASP K 158 -9.69 9.19 70.95
N THR K 159 -8.87 8.93 71.97
CA THR K 159 -8.93 9.69 73.21
C THR K 159 -7.87 10.78 73.28
N SER K 160 -6.91 10.80 72.36
CA SER K 160 -5.86 11.80 72.41
C SER K 160 -6.40 13.17 72.02
N SER K 161 -6.09 14.17 72.83
CA SER K 161 -6.53 15.54 72.57
C SER K 161 -5.52 16.33 71.75
N SER K 162 -4.43 15.70 71.32
CA SER K 162 -3.43 16.39 70.52
C SER K 162 -3.99 16.93 69.21
N ARG K 163 -5.10 16.36 68.74
CA ARG K 163 -5.75 16.80 67.52
C ARG K 163 -7.15 17.27 67.84
N LEU K 164 -7.61 18.27 67.09
CA LEU K 164 -8.97 18.77 67.28
C LEU K 164 -10.00 17.71 66.91
N PHE K 165 -9.67 16.84 65.96
CA PHE K 165 -10.55 15.76 65.56
C PHE K 165 -9.99 14.44 66.10
N ARG K 166 -10.83 13.68 66.79
CA ARG K 166 -10.44 12.40 67.35
C ARG K 166 -10.95 11.21 66.55
N THR K 167 -11.70 11.46 65.47
CA THR K 167 -12.19 10.37 64.64
C THR K 167 -11.07 9.86 63.75
N GLN K 168 -10.82 8.56 63.80
CA GLN K 168 -9.78 7.94 63.01
C GLN K 168 -10.37 6.75 62.27
N PHE K 169 -9.68 6.31 61.22
CA PHE K 169 -10.19 5.26 60.36
C PHE K 169 -9.12 4.19 60.16
N ARG K 170 -9.51 2.93 60.33
CA ARG K 170 -8.62 1.79 60.12
C ARG K 170 -9.28 0.81 59.17
N MET K 171 -8.52 0.34 58.19
CA MET K 171 -9.04 -0.65 57.26
C MET K 171 -8.91 -2.05 57.84
N VAL K 172 -9.87 -2.90 57.49
CA VAL K 172 -9.86 -4.29 57.90
C VAL K 172 -9.85 -5.14 56.63
N SER K 173 -8.83 -5.98 56.48
CA SER K 173 -8.79 -6.88 55.35
C SER K 173 -9.94 -7.89 55.45
N PRO K 174 -10.54 -8.26 54.33
CA PRO K 174 -11.65 -9.22 54.38
C PRO K 174 -11.25 -10.56 54.97
N LYS K 175 -9.97 -10.93 54.88
CA LYS K 175 -9.52 -12.20 55.42
C LYS K 175 -9.65 -12.24 56.93
N ARG K 176 -9.68 -11.08 57.58
CA ARG K 176 -9.82 -11.04 59.03
C ARG K 176 -11.27 -11.17 59.48
N ILE K 177 -12.22 -11.24 58.55
CA ILE K 177 -13.63 -11.39 58.88
C ILE K 177 -13.99 -12.86 58.68
N SER K 178 -14.29 -13.55 59.78
CA SER K 178 -14.61 -14.96 59.70
C SER K 178 -15.41 -15.35 60.93
N ASN K 179 -16.05 -16.51 60.86
CA ASN K 179 -16.78 -17.02 62.00
C ASN K 179 -15.81 -17.26 63.16
N PRO K 180 -16.20 -16.94 64.38
CA PRO K 180 -15.31 -17.20 65.52
C PRO K 180 -14.98 -18.67 65.64
N ASN K 181 -13.73 -18.96 65.96
CA ASN K 181 -13.23 -20.32 66.12
C ASN K 181 -13.45 -21.19 64.90
N ASN K 182 -13.68 -20.56 63.74
CA ASN K 182 -13.92 -21.27 62.48
C ASN K 182 -15.06 -22.26 62.63
N THR K 183 -16.10 -21.85 63.35
CA THR K 183 -17.23 -22.73 63.60
C THR K 183 -18.04 -22.95 62.32
N GLY K 184 -18.94 -23.92 62.39
CA GLY K 184 -19.77 -24.23 61.24
C GLY K 184 -20.68 -23.07 60.87
N ASP K 185 -20.94 -22.95 59.58
CA ASP K 185 -21.79 -21.87 59.09
C ASP K 185 -23.23 -22.08 59.52
N SER K 186 -23.93 -20.98 59.78
CA SER K 186 -25.32 -21.00 60.18
C SER K 186 -26.10 -20.04 59.30
N ARG K 187 -27.42 -19.98 59.51
CA ARG K 187 -28.25 -19.07 58.75
C ARG K 187 -27.95 -17.62 59.09
N ASN K 188 -27.91 -17.30 60.38
CA ASN K 188 -27.72 -15.94 60.82
C ASN K 188 -26.26 -15.58 61.07
N CYS K 189 -25.34 -16.52 60.91
CA CYS K 189 -23.91 -16.25 61.06
C CYS K 189 -23.20 -16.89 59.88
N ARG K 190 -22.98 -16.12 58.83
CA ARG K 190 -22.35 -16.61 57.61
C ARG K 190 -21.06 -15.83 57.39
N ALA K 191 -19.93 -16.54 57.39
CA ALA K 191 -18.63 -15.95 57.07
C ALA K 191 -18.31 -14.76 57.97
N GLY K 192 -18.71 -14.85 59.23
CA GLY K 192 -18.33 -13.88 60.23
C GLY K 192 -19.25 -12.68 60.38
N VAL K 193 -20.24 -12.52 59.51
CA VAL K 193 -21.19 -11.41 59.61
C VAL K 193 -22.51 -11.96 60.09
N GLN K 194 -23.04 -11.37 61.16
CA GLN K 194 -24.32 -11.75 61.70
C GLN K 194 -25.43 -11.04 60.93
N ILE K 195 -26.47 -11.78 60.57
CA ILE K 195 -27.57 -11.23 59.80
C ILE K 195 -28.85 -11.37 60.61
N ASN K 196 -29.82 -10.52 60.30
CA ASN K 196 -31.13 -10.57 60.93
C ASN K 196 -32.03 -11.49 60.11
N ASP K 197 -33.34 -11.44 60.39
CA ASP K 197 -34.29 -12.23 59.61
C ASP K 197 -34.29 -11.82 58.15
N SER K 198 -34.18 -10.53 57.88
CA SER K 198 -34.16 -10.04 56.51
C SER K 198 -32.79 -10.11 55.88
N GLY K 199 -31.78 -10.55 56.61
CA GLY K 199 -30.43 -10.61 56.09
C GLY K 199 -29.59 -9.38 56.33
N ALA K 200 -30.17 -8.31 56.87
CA ALA K 200 -29.41 -7.11 57.14
C ALA K 200 -28.28 -7.39 58.12
N ALA K 201 -27.12 -6.79 57.87
CA ALA K 201 -25.94 -7.05 58.68
C ALA K 201 -26.07 -6.37 60.03
N LEU K 202 -26.31 -7.16 61.08
CA LEU K 202 -26.35 -6.62 62.42
C LEU K 202 -24.96 -6.32 62.96
N GLY K 203 -23.98 -7.15 62.61
CA GLY K 203 -22.63 -6.96 63.08
C GLY K 203 -21.70 -7.94 62.40
N TYR K 204 -20.45 -7.94 62.86
CA TYR K 204 -19.40 -8.75 62.25
C TYR K 204 -18.51 -9.35 63.32
N TYR K 205 -17.80 -10.40 62.93
CA TYR K 205 -16.79 -11.03 63.77
C TYR K 205 -15.44 -10.83 63.09
N VAL K 206 -14.59 -10.03 63.71
CA VAL K 206 -13.29 -9.69 63.15
C VAL K 206 -12.20 -10.46 63.90
N SER K 207 -11.37 -11.17 63.16
CA SER K 207 -10.29 -11.93 63.76
C SER K 207 -9.04 -11.05 63.87
N GLU K 208 -8.31 -11.22 64.96
CA GLU K 208 -7.06 -10.50 65.14
C GLU K 208 -6.00 -11.02 64.16
N ASP K 209 -4.89 -10.31 64.11
CA ASP K 209 -3.78 -10.74 63.26
C ASP K 209 -3.20 -12.07 63.76
N GLY K 210 -2.93 -12.96 62.82
CA GLY K 210 -2.37 -14.26 63.14
C GLY K 210 -0.89 -14.38 62.86
N TYR K 211 -0.20 -13.26 62.69
CA TYR K 211 1.22 -13.30 62.37
C TYR K 211 2.04 -12.88 63.57
N PRO K 212 3.05 -13.67 63.95
CA PRO K 212 3.46 -14.95 63.36
C PRO K 212 2.46 -16.03 63.73
N GLY K 213 2.51 -17.20 63.12
CA GLY K 213 1.46 -18.19 63.30
C GLY K 213 1.45 -18.90 64.63
N TRP K 214 1.99 -18.27 65.67
CA TRP K 214 2.15 -18.91 66.97
C TRP K 214 1.04 -18.59 67.96
N MET K 215 -0.01 -17.86 67.55
CA MET K 215 -1.01 -17.70 68.59
C MET K 215 -2.40 -18.03 68.05
N PRO K 216 -3.28 -18.57 68.91
CA PRO K 216 -4.69 -18.72 68.53
C PRO K 216 -5.28 -17.37 68.12
N GLN K 217 -6.08 -17.39 67.06
CA GLN K 217 -6.79 -16.18 66.66
C GLN K 217 -7.93 -15.91 67.63
N LYS K 218 -8.27 -14.63 67.77
CA LYS K 218 -9.33 -14.21 68.68
C LYS K 218 -10.27 -13.29 67.91
N TRP K 219 -11.57 -13.60 67.98
CA TRP K 219 -12.59 -12.89 67.22
C TRP K 219 -13.33 -11.92 68.11
N THR K 220 -13.58 -10.72 67.59
CA THR K 220 -14.28 -9.66 68.28
C THR K 220 -15.59 -9.35 67.56
N TRP K 221 -16.63 -9.13 68.34
CA TRP K 221 -17.95 -8.79 67.80
C TRP K 221 -18.05 -7.28 67.66
N ILE K 222 -18.16 -6.81 66.43
CA ILE K 222 -18.27 -5.38 66.13
C ILE K 222 -19.68 -5.12 65.61
N PRO K 223 -20.50 -4.35 66.32
CA PRO K 223 -21.80 -3.96 65.76
C PRO K 223 -21.62 -3.12 64.52
N ARG K 224 -22.57 -3.24 63.58
CA ARG K 224 -22.46 -2.54 62.32
C ARG K 224 -22.44 -1.03 62.51
N GLU K 225 -23.33 -0.52 63.36
CA GLU K 225 -23.42 0.91 63.59
C GLU K 225 -23.64 1.17 65.07
N LEU K 226 -23.28 2.39 65.49
CA LEU K 226 -23.42 2.78 66.87
C LEU K 226 -24.90 2.96 67.22
N PRO K 227 -25.24 2.90 68.52
CA PRO K 227 -26.63 3.12 68.92
C PRO K 227 -27.18 4.47 68.47
N GLY K 228 -26.34 5.49 68.40
CA GLY K 228 -26.78 6.79 67.95
C GLY K 228 -26.92 6.95 66.46
N GLY K 229 -26.77 5.86 65.70
CA GLY K 229 -26.85 5.91 64.26
C GLY K 229 -25.54 6.21 63.58
N ARG K 230 -24.49 6.52 64.33
CA ARG K 230 -23.19 6.75 63.73
C ARG K 230 -22.63 5.45 63.17
N ALA K 231 -22.08 5.51 61.97
CA ALA K 231 -21.57 4.31 61.31
C ALA K 231 -20.25 3.87 61.93
N SER K 232 -20.32 2.95 62.88
CA SER K 232 -19.10 2.44 63.51
C SER K 232 -18.29 1.61 62.52
N PHE K 233 -18.96 0.74 61.76
CA PHE K 233 -18.29 -0.16 60.83
C PHE K 233 -18.96 -0.04 59.47
N ILE K 234 -18.16 0.06 58.42
CA ILE K 234 -18.65 0.23 57.06
C ILE K 234 -18.16 -0.94 56.22
N HIS K 235 -19.10 -1.61 55.56
CA HIS K 235 -18.79 -2.71 54.64
C HIS K 235 -19.31 -2.32 53.27
N VAL K 236 -18.42 -2.24 52.29
CA VAL K 236 -18.77 -1.79 50.96
C VAL K 236 -18.43 -2.88 49.96
N PHE K 237 -19.40 -3.24 49.13
CA PHE K 237 -19.21 -4.18 48.04
C PHE K 237 -20.41 -4.08 47.12
N GLU K 238 -20.38 -4.84 46.03
CA GLU K 238 -21.48 -4.85 45.07
C GLU K 238 -22.14 -6.21 45.16
N PRO K 239 -23.43 -6.28 45.44
CA PRO K 239 -24.14 -7.56 45.44
C PRO K 239 -24.83 -7.80 44.10
N VAL K 240 -24.80 -9.07 43.66
CA VAL K 240 -25.42 -9.43 42.39
C VAL K 240 -26.80 -10.04 42.56
N GLU K 241 -27.20 -10.37 43.78
CA GLU K 241 -28.49 -11.03 44.01
C GLU K 241 -28.86 -10.86 45.48
N ASP K 242 -30.13 -11.13 45.78
CA ASP K 242 -30.60 -11.06 47.15
C ASP K 242 -29.87 -12.08 48.02
N GLY K 243 -29.51 -11.66 49.23
CA GLY K 243 -28.92 -12.56 50.20
C GLY K 243 -27.42 -12.72 50.12
N GLN K 244 -26.76 -12.12 49.13
CA GLN K 244 -25.32 -12.20 49.06
C GLN K 244 -24.70 -11.41 50.21
N THR K 245 -23.79 -12.03 50.94
CA THR K 245 -23.18 -11.41 52.10
C THR K 245 -21.73 -11.01 51.91
N ARG K 246 -21.02 -11.65 50.99
CA ARG K 246 -19.63 -11.33 50.71
C ARG K 246 -19.44 -11.11 49.23
N GLY K 247 -18.67 -10.09 48.89
CA GLY K 247 -18.42 -9.79 47.50
C GLY K 247 -17.50 -10.81 46.85
N ALA K 248 -17.57 -10.86 45.53
CA ALA K 248 -16.74 -11.77 44.73
C ALA K 248 -15.76 -10.96 43.90
N ASN K 249 -14.49 -11.30 44.02
CA ASN K 249 -13.47 -10.61 43.23
C ASN K 249 -13.67 -10.90 41.75
N VAL K 250 -13.29 -9.94 40.92
CA VAL K 250 -13.46 -10.08 39.48
C VAL K 250 -12.61 -11.22 38.94
N PHE K 251 -11.47 -11.48 39.58
CA PHE K 251 -10.51 -12.46 39.06
C PHE K 251 -11.12 -13.84 38.92
N TYR K 252 -12.22 -14.11 39.62
CA TYR K 252 -12.89 -15.40 39.49
C TYR K 252 -13.20 -15.72 38.04
N SER K 253 -13.47 -14.69 37.22
CA SER K 253 -13.92 -14.93 35.86
C SER K 253 -12.80 -15.27 34.90
N VAL K 254 -11.56 -14.89 35.20
CA VAL K 254 -10.47 -15.05 34.25
C VAL K 254 -9.32 -15.78 34.91
N MET K 255 -9.62 -16.63 35.87
CA MET K 255 -8.59 -17.21 36.70
C MET K 255 -7.68 -18.13 35.90
N GLU K 256 -8.25 -19.21 35.34
CA GLU K 256 -7.43 -20.21 34.68
C GLU K 256 -6.85 -19.69 33.35
N GLN K 257 -7.37 -18.59 32.84
CA GLN K 257 -6.78 -18.01 31.65
C GLN K 257 -5.36 -17.53 31.91
N MET K 258 -5.11 -16.95 33.09
CA MET K 258 -3.75 -16.58 33.43
C MET K 258 -2.85 -17.80 33.46
N LYS K 259 -3.35 -18.91 34.01
CA LYS K 259 -2.52 -20.10 34.14
C LYS K 259 -2.20 -20.69 32.78
N MET K 260 -3.17 -20.75 31.86
CA MET K 260 -2.77 -21.29 30.57
C MET K 260 -1.90 -20.32 29.80
N LEU K 261 -2.01 -19.01 30.09
CA LEU K 261 -1.07 -18.05 29.52
C LEU K 261 0.35 -18.35 29.99
N ASP K 262 0.51 -18.59 31.29
CA ASP K 262 1.85 -18.88 31.80
C ASP K 262 2.39 -20.18 31.24
N THR K 263 1.53 -21.20 31.13
CA THR K 263 1.97 -22.45 30.52
C THR K 263 2.37 -22.23 29.07
N LEU K 264 1.65 -21.33 28.38
CA LEU K 264 2.03 -20.97 27.01
C LEU K 264 3.43 -20.37 26.99
N GLN K 265 3.72 -19.45 27.92
CA GLN K 265 5.05 -18.87 27.96
C GLN K 265 6.10 -19.95 28.18
N ASN K 266 5.86 -20.85 29.13
CA ASN K 266 6.85 -21.87 29.43
C ASN K 266 7.05 -22.80 28.25
N THR K 267 5.97 -23.22 27.59
CA THR K 267 6.13 -24.15 26.47
C THR K 267 6.76 -23.46 25.26
N GLN K 268 6.50 -22.17 25.09
CA GLN K 268 7.15 -21.45 24.00
C GLN K 268 8.64 -21.33 24.26
N LEU K 269 9.01 -21.08 25.51
CA LEU K 269 10.42 -21.09 25.88
C LEU K 269 11.04 -22.45 25.62
N GLN K 270 10.31 -23.51 25.97
CA GLN K 270 10.83 -24.86 25.72
C GLN K 270 11.01 -25.12 24.24
N SER K 271 10.07 -24.66 23.41
CA SER K 271 10.21 -24.81 21.97
C SER K 271 11.43 -24.06 21.46
N ALA K 272 11.66 -22.86 21.99
CA ALA K 272 12.86 -22.12 21.60
C ALA K 272 14.12 -22.88 22.01
N ILE K 273 14.09 -23.49 23.20
CA ILE K 273 15.24 -24.28 23.64
C ILE K 273 15.49 -25.43 22.68
N VAL K 274 14.44 -26.18 22.37
CA VAL K 274 14.62 -27.40 21.58
C VAL K 274 14.93 -27.10 20.13
N LYS K 275 14.53 -25.94 19.62
CA LYS K 275 14.87 -25.65 18.24
C LYS K 275 16.34 -25.34 18.06
N ALA K 276 17.08 -25.16 19.15
CA ALA K 276 18.52 -24.99 19.11
C ALA K 276 19.23 -26.29 19.46
N MET K 277 18.48 -27.39 19.59
CA MET K 277 19.07 -28.69 19.86
C MET K 277 19.91 -29.14 18.68
N TYR K 278 21.02 -29.81 18.98
CA TYR K 278 21.97 -30.23 17.96
C TYR K 278 22.58 -31.55 18.38
N ALA K 279 22.43 -32.57 17.53
CA ALA K 279 22.98 -33.88 17.82
C ALA K 279 24.26 -34.11 17.03
N ALA K 280 25.23 -34.76 17.67
CA ALA K 280 26.50 -35.05 17.02
C ALA K 280 27.03 -36.35 17.62
N THR K 281 26.90 -37.45 16.87
CA THR K 281 27.34 -38.75 17.33
C THR K 281 28.14 -39.43 16.22
N ILE K 282 29.10 -40.26 16.63
CA ILE K 282 29.90 -41.07 15.73
C ILE K 282 29.38 -42.50 15.82
N GLU K 283 28.98 -43.05 14.68
CA GLU K 283 28.33 -44.36 14.63
C GLU K 283 29.06 -45.29 13.68
N SER K 284 28.68 -46.55 13.73
CA SER K 284 29.12 -47.56 12.79
C SER K 284 27.93 -48.44 12.48
N GLU K 285 28.11 -49.38 11.54
CA GLU K 285 27.00 -50.20 11.10
C GLU K 285 27.14 -51.64 11.59
N LEU K 286 28.24 -52.32 11.24
CA LEU K 286 28.59 -53.63 11.78
C LEU K 286 27.39 -54.54 11.98
N ASP K 287 27.41 -55.33 13.06
CA ASP K 287 26.24 -56.03 13.60
C ASP K 287 25.31 -56.52 12.49
N THR K 288 25.86 -57.33 11.59
CA THR K 288 25.17 -57.71 10.37
C THR K 288 24.09 -58.76 10.63
N GLN K 289 23.13 -58.38 11.46
CA GLN K 289 21.95 -59.21 11.72
C GLN K 289 22.34 -60.62 12.13
N SER K 290 22.39 -61.53 11.16
CA SER K 290 22.82 -62.90 11.47
C SER K 290 24.24 -62.91 12.01
N ALA K 291 25.13 -62.12 11.39
CA ALA K 291 26.46 -61.95 11.96
C ALA K 291 26.38 -61.26 13.32
N MET K 292 25.41 -60.36 13.52
CA MET K 292 25.22 -59.77 14.83
C MET K 292 24.84 -60.81 15.86
N ASP K 293 23.94 -61.74 15.50
CA ASP K 293 23.56 -62.80 16.42
C ASP K 293 24.73 -63.73 16.71
N PHE K 294 25.51 -64.07 15.69
CA PHE K 294 26.68 -64.91 15.90
C PHE K 294 27.69 -64.24 16.80
N ILE K 295 27.93 -62.94 16.60
CA ILE K 295 28.83 -62.19 17.47
C ILE K 295 28.29 -62.12 18.89
N LEU K 296 26.98 -61.98 19.03
CA LEU K 296 26.36 -61.99 20.36
C LEU K 296 26.61 -63.32 21.06
N GLY K 297 26.40 -64.42 20.34
CA GLY K 297 26.64 -65.73 20.93
C GLY K 297 28.10 -65.91 21.32
N ALA K 298 29.01 -65.50 20.44
CA ALA K 298 30.44 -65.67 20.72
C ALA K 298 30.86 -64.82 21.91
N ASN K 299 30.46 -63.55 21.93
CA ASN K 299 30.84 -62.66 23.02
C ASN K 299 30.25 -63.11 24.35
N SER K 300 28.98 -63.53 24.35
CA SER K 300 28.39 -64.03 25.58
C SER K 300 29.10 -65.29 26.06
N GLN K 301 29.38 -66.22 25.15
CA GLN K 301 30.04 -67.45 25.53
C GLN K 301 31.45 -67.21 26.06
N GLU K 302 32.36 -66.80 25.19
CA GLU K 302 33.73 -66.57 25.64
C GLU K 302 34.45 -65.41 24.95
N GLN K 303 33.79 -64.64 24.08
CA GLN K 303 34.55 -63.75 23.21
C GLN K 303 34.20 -62.27 23.41
N ARG K 304 34.13 -61.83 24.66
CA ARG K 304 34.08 -60.40 24.93
C ARG K 304 35.38 -59.70 24.54
N GLU K 305 36.44 -60.48 24.30
CA GLU K 305 37.72 -59.90 23.91
C GLU K 305 37.62 -59.14 22.61
N ARG K 306 36.79 -59.61 21.67
CA ARG K 306 36.58 -58.86 20.43
C ARG K 306 36.09 -57.45 20.73
N LEU K 307 35.03 -57.34 21.53
CA LEU K 307 34.46 -56.05 21.86
C LEU K 307 35.46 -55.18 22.61
N THR K 308 36.15 -55.75 23.59
CA THR K 308 37.10 -54.97 24.37
C THR K 308 38.24 -54.44 23.50
N GLY K 309 38.79 -55.29 22.65
CA GLY K 309 39.87 -54.85 21.78
C GLY K 309 39.43 -53.83 20.76
N TRP K 310 38.24 -54.00 20.20
CA TRP K 310 37.73 -53.01 19.27
C TRP K 310 37.51 -51.67 19.95
N ILE K 311 36.97 -51.69 21.17
CA ILE K 311 36.77 -50.45 21.91
C ILE K 311 38.11 -49.78 22.18
N GLY K 312 39.10 -50.57 22.59
CA GLY K 312 40.42 -50.00 22.85
C GLY K 312 41.04 -49.40 21.60
N GLU K 313 40.95 -50.10 20.47
CA GLU K 313 41.49 -49.58 19.22
C GLU K 313 40.79 -48.29 18.82
N ILE K 314 39.45 -48.26 18.94
CA ILE K 314 38.71 -47.07 18.60
C ILE K 314 39.11 -45.90 19.50
N ALA K 315 39.24 -46.16 20.80
CA ALA K 315 39.63 -45.12 21.73
C ALA K 315 41.02 -44.59 21.40
N ALA K 316 41.95 -45.49 21.07
CA ALA K 316 43.30 -45.05 20.73
C ALA K 316 43.29 -44.20 19.46
N TYR K 317 42.58 -44.65 18.43
CA TYR K 317 42.54 -43.90 17.19
C TYR K 317 41.93 -42.52 17.40
N TYR K 318 40.83 -42.45 18.15
CA TYR K 318 40.16 -41.17 18.31
C TYR K 318 40.79 -40.29 19.38
N ALA K 319 41.69 -40.85 20.19
CA ALA K 319 42.58 -40.03 21.00
C ALA K 319 43.76 -39.52 20.20
N ALA K 320 44.12 -40.21 19.12
CA ALA K 320 45.05 -39.64 18.16
C ALA K 320 44.37 -38.61 17.26
N ALA K 321 43.08 -38.75 17.04
CA ALA K 321 42.29 -37.94 16.12
C ALA K 321 41.86 -36.58 16.68
N PRO K 322 41.42 -36.51 17.95
CA PRO K 322 40.43 -35.50 18.34
C PRO K 322 39.66 -34.84 17.20
N VAL K 323 38.58 -35.48 16.76
CA VAL K 323 37.67 -34.86 15.81
C VAL K 323 36.80 -33.90 16.62
N ARG K 324 37.12 -32.62 16.55
CA ARG K 324 36.39 -31.58 17.26
C ARG K 324 35.74 -30.69 16.22
N LEU K 325 34.53 -31.07 15.80
CA LEU K 325 33.77 -30.21 14.90
C LEU K 325 33.49 -28.86 15.54
N GLY K 326 33.35 -28.81 16.86
CA GLY K 326 33.16 -27.56 17.55
C GLY K 326 33.91 -27.51 18.85
N GLY K 327 33.23 -27.12 19.92
CA GLY K 327 33.84 -27.02 21.22
C GLY K 327 33.87 -28.31 22.01
N ALA K 328 33.44 -29.43 21.43
CA ALA K 328 33.30 -30.67 22.17
C ALA K 328 33.78 -31.83 21.30
N LYS K 329 34.16 -32.91 21.99
CA LYS K 329 34.51 -34.16 21.33
C LYS K 329 33.23 -34.94 21.05
N VAL K 330 33.06 -35.36 19.79
CA VAL K 330 31.89 -36.10 19.37
C VAL K 330 31.89 -37.47 20.04
N PRO K 331 30.84 -37.82 20.77
CA PRO K 331 30.81 -39.13 21.43
C PRO K 331 30.72 -40.26 20.41
N HIS K 332 31.24 -41.41 20.81
CA HIS K 332 31.20 -42.61 19.99
C HIS K 332 30.05 -43.51 20.43
N LEU K 333 29.53 -44.28 19.47
CA LEU K 333 28.39 -45.14 19.70
C LEU K 333 28.77 -46.61 19.57
N MET K 334 27.82 -47.46 19.93
CA MET K 334 27.99 -48.90 19.79
C MET K 334 27.85 -49.31 18.33
N PRO K 335 28.45 -50.43 17.95
CA PRO K 335 28.24 -50.95 16.58
C PRO K 335 26.79 -51.23 16.32
N GLY K 336 26.25 -50.66 15.25
CA GLY K 336 24.85 -50.83 14.92
C GLY K 336 23.89 -49.99 15.74
N ASP K 337 24.38 -49.00 16.48
CA ASP K 337 23.55 -48.13 17.31
C ASP K 337 23.67 -46.71 16.79
N SER K 338 22.53 -46.13 16.40
CA SER K 338 22.50 -44.78 15.86
C SER K 338 21.37 -44.01 16.53
N LEU K 339 21.64 -42.76 16.87
CA LEU K 339 20.63 -41.92 17.48
C LEU K 339 19.70 -41.36 16.42
N ASN K 340 18.39 -41.45 16.68
CA ASN K 340 17.38 -40.85 15.82
C ASN K 340 16.45 -40.01 16.70
N LEU K 341 16.56 -38.70 16.61
CA LEU K 341 15.70 -37.79 17.37
C LEU K 341 14.55 -37.28 16.50
N GLN K 342 13.80 -38.21 15.95
CA GLN K 342 12.62 -37.83 15.17
C GLN K 342 11.63 -37.08 16.06
N THR K 343 10.99 -36.07 15.49
CA THR K 343 10.21 -35.13 16.27
C THR K 343 8.75 -35.11 15.81
N ALA K 344 7.99 -34.20 16.40
CA ALA K 344 6.57 -34.04 16.15
C ALA K 344 6.36 -33.03 15.01
N GLN K 345 5.14 -32.50 14.89
CA GLN K 345 4.76 -31.53 13.87
C GLN K 345 5.82 -30.46 13.63
N ASP K 346 5.96 -30.02 12.38
CA ASP K 346 7.11 -29.22 11.98
C ASP K 346 6.68 -27.92 11.30
N THR K 347 5.75 -27.18 11.91
CA THR K 347 5.28 -25.91 11.37
C THR K 347 5.27 -24.86 12.48
N ASP K 348 4.67 -23.72 12.18
CA ASP K 348 4.55 -22.65 13.16
C ASP K 348 3.47 -22.98 14.19
N ASN K 349 3.73 -22.60 15.43
CA ASN K 349 2.82 -22.89 16.54
C ASN K 349 1.69 -21.89 16.68
N GLY K 350 1.69 -20.82 15.90
CA GLY K 350 0.65 -19.81 16.06
C GLY K 350 0.68 -19.11 17.40
N TYR K 351 1.87 -18.74 17.85
CA TYR K 351 2.03 -18.16 19.18
C TYR K 351 1.34 -16.81 19.29
N SER K 352 1.60 -15.92 18.34
CA SER K 352 1.20 -14.53 18.48
C SER K 352 -0.32 -14.39 18.55
N VAL K 353 -1.03 -15.03 17.63
CA VAL K 353 -2.48 -14.91 17.63
C VAL K 353 -3.06 -15.48 18.91
N PHE K 354 -2.49 -16.57 19.40
CA PHE K 354 -3.02 -17.19 20.61
C PHE K 354 -2.85 -16.27 21.81
N GLU K 355 -1.67 -15.65 21.95
CA GLU K 355 -1.49 -14.77 23.10
C GLU K 355 -2.36 -13.52 22.97
N GLN K 356 -2.56 -13.02 21.74
CA GLN K 356 -3.54 -11.95 21.57
C GLN K 356 -4.90 -12.38 22.05
N SER K 357 -5.31 -13.61 21.72
CA SER K 357 -6.62 -14.09 22.13
C SER K 357 -6.74 -14.14 23.65
N LEU K 358 -5.74 -14.71 24.32
CA LEU K 358 -5.78 -14.77 25.78
C LEU K 358 -5.77 -13.37 26.40
N LEU K 359 -4.94 -12.47 25.89
CA LEU K 359 -4.91 -11.12 26.45
C LEU K 359 -6.25 -10.43 26.28
N ARG K 360 -6.88 -10.61 25.12
CA ARG K 360 -8.19 -10.03 24.90
C ARG K 360 -9.20 -10.62 25.86
N TYR K 361 -9.11 -11.92 26.11
CA TYR K 361 -9.99 -12.55 27.08
C TYR K 361 -9.82 -11.93 28.46
N ILE K 362 -8.57 -11.75 28.88
CA ILE K 362 -8.31 -11.16 30.19
C ILE K 362 -8.91 -9.76 30.26
N ALA K 363 -8.69 -8.96 29.23
CA ALA K 363 -9.19 -7.60 29.25
C ALA K 363 -10.70 -7.58 29.30
N ALA K 364 -11.35 -8.47 28.55
CA ALA K 364 -12.81 -8.54 28.60
C ALA K 364 -13.28 -8.92 30.00
N GLY K 365 -12.60 -9.88 30.63
CA GLY K 365 -13.00 -10.27 31.97
C GLY K 365 -12.82 -9.17 32.99
N LEU K 366 -11.77 -8.37 32.84
CA LEU K 366 -11.44 -7.32 33.80
C LEU K 366 -12.06 -5.98 33.46
N GLY K 367 -12.84 -5.91 32.38
CA GLY K 367 -13.54 -4.68 32.07
C GLY K 367 -12.68 -3.56 31.52
N VAL K 368 -11.43 -3.85 31.18
CA VAL K 368 -10.54 -2.85 30.60
C VAL K 368 -10.27 -3.25 29.16
N SER K 369 -9.76 -2.30 28.39
CA SER K 369 -9.50 -2.59 26.98
C SER K 369 -8.22 -3.40 26.84
N TYR K 370 -8.15 -4.18 25.77
CA TYR K 370 -7.03 -5.07 25.57
C TYR K 370 -5.72 -4.31 25.47
N GLU K 371 -5.72 -3.20 24.74
CA GLU K 371 -4.47 -2.52 24.47
C GLU K 371 -3.92 -1.81 25.71
N GLN K 372 -4.77 -1.17 26.52
CA GLN K 372 -4.21 -0.49 27.68
C GLN K 372 -3.70 -1.47 28.72
N LEU K 373 -4.33 -2.63 28.82
CA LEU K 373 -3.86 -3.64 29.76
C LEU K 373 -2.51 -4.20 29.31
N SER K 374 -2.39 -4.52 28.04
CA SER K 374 -1.19 -5.15 27.51
C SER K 374 -0.22 -4.14 26.89
N ARG K 375 -0.52 -2.85 26.98
CA ARG K 375 0.24 -1.78 26.30
C ARG K 375 0.72 -2.23 24.92
N ASN K 376 -0.20 -2.80 24.16
CA ASN K 376 0.04 -3.23 22.78
C ASN K 376 -0.78 -2.32 21.89
N TYR K 377 -0.17 -1.21 21.47
CA TYR K 377 -0.88 -0.18 20.72
C TYR K 377 -0.62 -0.24 19.23
N ALA K 378 -0.46 -1.43 18.69
CA ALA K 378 -0.11 -1.59 17.28
C ALA K 378 -1.28 -1.21 16.39
N GLN K 379 -0.96 -0.58 15.25
CA GLN K 379 -1.88 -0.24 14.17
C GLN K 379 -3.21 0.32 14.67
N MET K 380 -3.18 1.04 15.78
CA MET K 380 -4.39 1.51 16.42
C MET K 380 -4.74 2.89 15.87
N SER K 381 -5.94 3.02 15.31
CA SER K 381 -6.38 4.29 14.74
C SER K 381 -6.84 5.24 15.83
N TYR K 382 -6.91 6.52 15.48
CA TYR K 382 -7.30 7.53 16.46
C TYR K 382 -8.73 7.32 16.94
N SER K 383 -9.67 7.20 16.00
CA SER K 383 -11.06 7.03 16.37
C SER K 383 -11.27 5.75 17.14
N THR K 384 -10.62 4.67 16.71
CA THR K 384 -10.78 3.40 17.40
C THR K 384 -10.25 3.46 18.82
N ALA K 385 -9.09 4.10 19.00
CA ALA K 385 -8.54 4.28 20.33
C ALA K 385 -9.48 5.10 21.18
N ARG K 386 -10.06 6.15 20.61
CA ARG K 386 -11.03 6.95 21.36
C ARG K 386 -12.19 6.09 21.82
N ALA K 387 -12.74 5.27 20.93
CA ALA K 387 -13.89 4.45 21.31
C ALA K 387 -13.54 3.47 22.42
N SER K 388 -12.39 2.82 22.30
CA SER K 388 -12.02 1.82 23.30
C SER K 388 -11.77 2.47 24.66
N ALA K 389 -10.98 3.55 24.67
CA ALA K 389 -10.76 4.27 25.92
C ALA K 389 -12.07 4.77 26.50
N ASN K 390 -13.02 5.13 25.64
CA ASN K 390 -14.31 5.58 26.12
C ASN K 390 -15.08 4.46 26.81
N GLU K 391 -15.05 3.27 26.24
CA GLU K 391 -15.68 2.13 26.91
C GLU K 391 -15.09 1.91 28.29
N SER K 392 -13.76 1.89 28.36
CA SER K 392 -13.11 1.72 29.66
C SER K 392 -13.49 2.85 30.60
N TRP K 393 -13.58 4.07 30.09
CA TRP K 393 -13.90 5.22 30.92
C TRP K 393 -15.30 5.12 31.49
N ALA K 394 -16.25 4.64 30.70
CA ALA K 394 -17.62 4.47 31.21
C ALA K 394 -17.65 3.43 32.31
N TYR K 395 -17.03 2.28 32.07
CA TYR K 395 -16.92 1.26 33.11
C TYR K 395 -16.30 1.85 34.38
N PHE K 396 -15.30 2.70 34.20
CA PHE K 396 -14.52 3.21 35.31
C PHE K 396 -15.30 4.25 36.10
N MET K 397 -16.05 5.11 35.41
CA MET K 397 -16.96 6.03 36.08
C MET K 397 -18.01 5.28 36.86
N GLY K 398 -18.55 4.19 36.30
CA GLY K 398 -19.50 3.40 37.06
C GLY K 398 -18.93 2.91 38.36
N ARG K 399 -17.73 2.33 38.31
CA ARG K 399 -17.12 1.87 39.55
C ARG K 399 -16.75 3.00 40.50
N ARG K 400 -16.31 4.14 40.00
CA ARG K 400 -16.01 5.25 40.89
C ARG K 400 -17.27 5.72 41.60
N LYS K 401 -18.38 5.77 40.88
CA LYS K 401 -19.64 6.18 41.49
C LYS K 401 -20.12 5.18 42.52
N PHE K 402 -20.01 3.89 42.23
CA PHE K 402 -20.65 2.90 43.09
C PHE K 402 -19.74 2.32 44.17
N VAL K 403 -18.45 2.63 44.16
CA VAL K 403 -17.57 2.04 45.15
C VAL K 403 -16.87 3.12 45.96
N ALA K 404 -16.03 3.93 45.31
CA ALA K 404 -15.27 4.92 46.03
C ALA K 404 -16.18 5.99 46.62
N SER K 405 -17.18 6.42 45.85
CA SER K 405 -18.03 7.52 46.30
C SER K 405 -18.78 7.17 47.58
N ARG K 406 -19.34 5.95 47.64
CA ARG K 406 -20.10 5.55 48.81
C ARG K 406 -19.23 5.52 50.06
N GLN K 407 -18.06 4.90 49.95
CA GLN K 407 -17.17 4.79 51.10
C GLN K 407 -16.69 6.17 51.55
N ALA K 408 -16.31 7.01 50.59
CA ALA K 408 -15.86 8.36 50.92
C ALA K 408 -16.97 9.15 51.60
N SER K 409 -18.20 9.00 51.11
CA SER K 409 -19.32 9.67 51.76
C SER K 409 -19.51 9.17 53.19
N GLN K 410 -19.26 7.88 53.42
CA GLN K 410 -19.36 7.36 54.78
C GLN K 410 -18.35 8.05 55.71
N MET K 411 -17.08 8.10 55.28
CA MET K 411 -16.10 8.77 56.13
C MET K 411 -16.46 10.23 56.33
N PHE K 412 -16.90 10.89 55.26
CA PHE K 412 -17.23 12.30 55.35
C PHE K 412 -18.37 12.53 56.32
N LEU K 413 -19.37 11.67 56.31
CA LEU K 413 -20.48 11.80 57.24
C LEU K 413 -19.99 11.65 58.68
N CYS K 414 -19.14 10.66 58.93
CA CYS K 414 -18.63 10.48 60.30
C CYS K 414 -17.86 11.72 60.75
N TRP K 415 -16.96 12.22 59.90
CA TRP K 415 -16.16 13.38 60.27
C TRP K 415 -17.02 14.61 60.46
N LEU K 416 -18.03 14.80 59.60
CA LEU K 416 -18.91 15.95 59.73
C LEU K 416 -19.70 15.88 61.03
N GLU K 417 -20.14 14.68 61.41
CA GLU K 417 -20.81 14.52 62.69
C GLU K 417 -19.89 14.92 63.83
N GLU K 418 -18.63 14.48 63.79
CA GLU K 418 -17.70 14.87 64.84
C GLU K 418 -17.50 16.38 64.86
N ALA K 419 -17.38 17.00 63.69
CA ALA K 419 -17.14 18.44 63.62
C ALA K 419 -18.32 19.22 64.19
N ILE K 420 -19.55 18.81 63.84
CA ILE K 420 -20.72 19.48 64.39
C ILE K 420 -20.78 19.28 65.89
N VAL K 421 -20.38 18.11 66.38
CA VAL K 421 -20.36 17.86 67.82
C VAL K 421 -19.47 18.88 68.51
N ARG K 422 -18.32 19.19 67.91
CA ARG K 422 -17.36 20.11 68.49
C ARG K 422 -17.60 21.55 68.06
N ARG K 423 -18.68 21.81 67.31
CA ARG K 423 -19.04 23.14 66.83
C ARG K 423 -17.93 23.80 66.03
N VAL K 424 -17.06 23.00 65.41
CA VAL K 424 -16.06 23.56 64.51
C VAL K 424 -16.74 24.24 63.33
N VAL K 425 -17.85 23.67 62.86
CA VAL K 425 -18.69 24.26 61.84
C VAL K 425 -20.08 24.45 62.43
N THR K 426 -20.70 25.59 62.14
CA THR K 426 -21.97 25.95 62.72
C THR K 426 -23.10 25.74 61.72
N LEU K 427 -24.14 25.03 62.16
CA LEU K 427 -25.31 24.83 61.33
C LEU K 427 -26.08 26.14 61.18
N PRO K 428 -26.87 26.26 60.11
CA PRO K 428 -27.76 27.43 60.00
C PRO K 428 -28.72 27.49 61.17
N SER K 429 -29.00 28.72 61.62
CA SER K 429 -29.83 28.91 62.80
C SER K 429 -31.26 28.46 62.55
N LYS K 430 -31.79 28.74 61.36
CA LYS K 430 -33.19 28.47 61.03
C LYS K 430 -33.44 26.98 60.79
N ALA K 431 -32.36 26.19 60.73
CA ALA K 431 -32.39 24.83 60.17
C ALA K 431 -33.67 24.07 60.50
N ARG K 432 -34.30 23.54 59.45
CA ARG K 432 -35.57 22.85 59.60
C ARG K 432 -35.43 21.58 60.44
N PHE K 433 -34.33 20.85 60.26
CA PHE K 433 -34.07 19.64 61.02
C PHE K 433 -32.66 19.69 61.57
N SER K 434 -32.46 18.96 62.67
CA SER K 434 -31.13 18.83 63.23
C SER K 434 -30.26 17.95 62.32
N PHE K 435 -28.98 17.89 62.65
CA PHE K 435 -28.06 17.07 61.86
C PHE K 435 -28.44 15.60 61.92
N GLN K 436 -28.80 15.11 63.10
CA GLN K 436 -29.10 13.68 63.25
C GLN K 436 -30.30 13.29 62.40
N GLU K 437 -31.33 14.14 62.37
CA GLU K 437 -32.55 13.78 61.65
C GLU K 437 -32.33 13.77 60.15
N ALA K 438 -31.46 14.63 59.64
CA ALA K 438 -31.28 14.82 58.20
C ALA K 438 -29.81 14.68 57.82
N ARG K 439 -29.18 13.60 58.29
CA ARG K 439 -27.77 13.38 58.00
C ARG K 439 -27.50 13.37 56.51
N SER K 440 -28.36 12.70 55.74
CA SER K 440 -28.17 12.68 54.29
C SER K 440 -28.33 14.08 53.69
N ALA K 441 -29.30 14.84 54.18
CA ALA K 441 -29.55 16.17 53.63
C ALA K 441 -28.37 17.09 53.88
N TRP K 442 -27.88 17.13 55.12
CA TRP K 442 -26.72 17.96 55.42
C TRP K 442 -25.47 17.45 54.70
N GLY K 443 -25.30 16.14 54.66
CA GLY K 443 -24.10 15.53 54.12
C GLY K 443 -24.14 15.23 52.64
N ASN K 444 -25.10 15.75 51.90
CA ASN K 444 -25.16 15.51 50.47
C ASN K 444 -23.90 16.04 49.80
N CYS K 445 -23.05 15.12 49.34
CA CYS K 445 -21.74 15.47 48.84
C CYS K 445 -21.45 14.68 47.57
N ASP K 446 -20.66 15.29 46.69
CA ASP K 446 -20.20 14.61 45.49
C ASP K 446 -18.68 14.76 45.38
N TRP K 447 -18.05 13.72 44.87
CA TRP K 447 -16.60 13.62 44.85
C TRP K 447 -16.09 13.69 43.43
N ILE K 448 -15.04 14.46 43.22
CA ILE K 448 -14.42 14.63 41.92
C ILE K 448 -13.03 14.02 41.96
N GLY K 449 -12.78 13.07 41.07
CA GLY K 449 -11.50 12.41 40.97
C GLY K 449 -10.70 12.90 39.78
N SER K 450 -9.80 12.04 39.33
CA SER K 450 -9.00 12.36 38.15
C SER K 450 -9.90 12.35 36.93
N GLY K 451 -10.04 13.50 36.30
CA GLY K 451 -10.88 13.59 35.12
C GLY K 451 -10.25 12.92 33.92
N ARG K 452 -11.07 12.70 32.90
CA ARG K 452 -10.59 12.13 31.65
C ARG K 452 -9.62 13.10 31.00
N MET K 453 -8.41 12.64 30.76
CA MET K 453 -7.35 13.48 30.22
C MET K 453 -7.27 13.29 28.71
N ALA K 454 -6.76 14.31 28.02
CA ALA K 454 -7.04 14.48 26.60
C ALA K 454 -6.21 13.54 25.73
N ILE K 455 -6.91 12.76 24.90
CA ILE K 455 -6.23 11.88 23.96
C ILE K 455 -5.50 12.69 22.90
N ASP K 456 -6.17 13.69 22.34
CA ASP K 456 -5.57 14.54 21.31
C ASP K 456 -5.25 15.95 21.78
N GLY K 457 -5.99 16.47 22.75
CA GLY K 457 -5.81 17.82 23.22
C GLY K 457 -6.73 18.83 22.57
N LEU K 458 -6.59 19.06 21.26
CA LEU K 458 -7.41 20.07 20.61
C LEU K 458 -8.88 19.74 20.68
N LYS K 459 -9.23 18.50 20.34
CA LYS K 459 -10.62 18.15 20.08
C LYS K 459 -11.47 18.34 21.33
N GLU K 460 -11.00 17.82 22.46
CA GLU K 460 -11.73 17.95 23.71
C GLU K 460 -11.80 19.40 24.18
N VAL K 461 -10.75 20.17 23.93
CA VAL K 461 -10.81 21.59 24.27
C VAL K 461 -11.87 22.30 23.43
N GLN K 462 -11.97 21.93 22.16
CA GLN K 462 -13.05 22.44 21.34
C GLN K 462 -14.40 22.04 21.91
N GLU K 463 -14.51 20.80 22.37
CA GLU K 463 -15.76 20.36 23.00
C GLU K 463 -16.12 21.32 24.13
N ALA K 464 -15.17 21.57 25.01
CA ALA K 464 -15.43 22.40 26.18
C ALA K 464 -15.84 23.81 25.78
N VAL K 465 -15.09 24.43 24.87
CA VAL K 465 -15.36 25.83 24.54
C VAL K 465 -16.70 25.94 23.83
N MET K 466 -16.99 25.01 22.91
CA MET K 466 -18.27 25.04 22.22
C MET K 466 -19.42 24.81 23.19
N LEU K 467 -19.25 23.89 24.14
CA LEU K 467 -20.30 23.62 25.11
C LEU K 467 -20.59 24.84 25.97
N ILE K 468 -19.54 25.50 26.47
CA ILE K 468 -19.77 26.68 27.30
C ILE K 468 -20.31 27.84 26.48
N GLU K 469 -19.93 27.95 25.21
CA GLU K 469 -20.41 29.07 24.41
C GLU K 469 -21.87 28.89 24.04
N ALA K 470 -22.26 27.67 23.66
CA ALA K 470 -23.61 27.41 23.18
C ALA K 470 -24.60 27.21 24.31
N GLY K 471 -24.16 27.21 25.57
CA GLY K 471 -25.07 27.11 26.69
C GLY K 471 -25.47 25.69 27.05
N LEU K 472 -24.87 24.68 26.45
CA LEU K 472 -25.16 23.30 26.79
C LEU K 472 -24.33 22.77 27.94
N SER K 473 -23.47 23.59 28.53
CA SER K 473 -22.66 23.13 29.65
C SER K 473 -22.44 24.25 30.64
N THR K 474 -22.14 23.85 31.87
CA THR K 474 -21.76 24.75 32.94
C THR K 474 -20.39 24.33 33.45
N TYR K 475 -19.65 25.32 33.97
CA TYR K 475 -18.21 25.15 34.14
C TYR K 475 -17.84 23.96 35.00
N GLU K 476 -18.74 23.53 35.90
CA GLU K 476 -18.35 22.49 36.85
C GLU K 476 -18.02 21.18 36.17
N LYS K 477 -18.82 20.76 35.18
CA LYS K 477 -18.57 19.45 34.60
C LYS K 477 -17.33 19.44 33.71
N GLU K 478 -17.08 20.53 32.99
CA GLU K 478 -15.84 20.59 32.23
C GLU K 478 -14.63 20.65 33.14
N CYS K 479 -14.73 21.37 34.26
CA CYS K 479 -13.67 21.29 35.26
C CYS K 479 -13.58 19.89 35.85
N ALA K 480 -14.70 19.16 35.89
CA ALA K 480 -14.71 17.82 36.45
C ALA K 480 -13.96 16.84 35.56
N LYS K 481 -14.25 16.86 34.27
CA LYS K 481 -13.48 16.02 33.36
C LYS K 481 -12.02 16.48 33.28
N ARG K 482 -11.72 17.67 33.77
CA ARG K 482 -10.34 18.08 34.00
C ARG K 482 -9.95 17.99 35.46
N GLY K 483 -10.85 17.54 36.33
CA GLY K 483 -10.56 17.40 37.74
C GLY K 483 -10.34 18.70 38.47
N ASP K 484 -11.12 19.72 38.16
CA ASP K 484 -11.03 21.02 38.80
C ASP K 484 -12.40 21.44 39.33
N ASP K 485 -12.43 22.55 40.05
CA ASP K 485 -13.66 23.13 40.54
C ASP K 485 -13.71 24.60 40.12
N TYR K 486 -14.90 25.06 39.72
CA TYR K 486 -14.99 26.37 39.11
C TYR K 486 -14.85 27.51 40.12
N GLN K 487 -15.09 27.25 41.40
CA GLN K 487 -15.07 28.34 42.39
C GLN K 487 -13.66 28.89 42.56
N GLU K 488 -12.74 28.03 42.98
CA GLU K 488 -11.35 28.47 43.14
C GLU K 488 -10.75 28.85 41.79
N ILE K 489 -11.24 28.27 40.70
CA ILE K 489 -10.78 28.68 39.39
C ILE K 489 -11.14 30.13 39.13
N PHE K 490 -12.38 30.51 39.44
CA PHE K 490 -12.78 31.90 39.29
C PHE K 490 -11.97 32.81 40.21
N ALA K 491 -11.77 32.39 41.45
CA ALA K 491 -11.00 33.21 42.37
C ALA K 491 -9.58 33.42 41.86
N GLN K 492 -8.95 32.35 41.39
CA GLN K 492 -7.59 32.46 40.87
C GLN K 492 -7.54 33.29 39.60
N GLN K 493 -8.56 33.20 38.75
CA GLN K 493 -8.59 34.03 37.56
C GLN K 493 -8.71 35.51 37.94
N VAL K 494 -9.53 35.81 38.94
CA VAL K 494 -9.65 37.19 39.41
C VAL K 494 -8.31 37.68 39.93
N ARG K 495 -7.63 36.86 40.73
CA ARG K 495 -6.34 37.25 41.28
C ARG K 495 -5.33 37.46 40.16
N GLU K 496 -5.30 36.56 39.18
CA GLU K 496 -4.38 36.72 38.06
C GLU K 496 -4.67 38.01 37.31
N THR K 497 -5.95 38.31 37.08
CA THR K 497 -6.30 39.49 36.32
C THR K 497 -5.86 40.76 37.05
N MET K 498 -6.15 40.84 38.35
CA MET K 498 -5.83 42.10 39.01
C MET K 498 -4.33 42.21 39.28
N GLU K 499 -3.62 41.09 39.42
CA GLU K 499 -2.17 41.16 39.49
C GLU K 499 -1.57 41.64 38.17
N ARG K 500 -2.04 41.08 37.05
CA ARG K 500 -1.50 41.46 35.76
C ARG K 500 -1.78 42.92 35.45
N ARG K 501 -2.99 43.39 35.78
CA ARG K 501 -3.29 44.80 35.60
C ARG K 501 -2.50 45.69 36.55
N ALA K 502 -2.31 45.26 37.80
CA ALA K 502 -1.50 46.01 38.73
C ALA K 502 -0.04 46.05 38.31
N ALA K 503 0.40 45.12 37.46
CA ALA K 503 1.77 45.08 36.96
C ALA K 503 1.90 45.63 35.56
N GLY K 504 0.84 46.22 35.01
CA GLY K 504 0.91 46.81 33.68
C GLY K 504 0.75 45.84 32.53
N LEU K 505 0.59 44.55 32.81
CA LEU K 505 0.43 43.58 31.75
C LEU K 505 -0.97 43.65 31.15
N LYS K 506 -1.08 43.20 29.93
CA LYS K 506 -2.38 43.13 29.26
C LYS K 506 -3.22 42.04 29.91
N PRO K 507 -4.42 42.35 30.41
CA PRO K 507 -5.24 41.37 31.14
C PRO K 507 -5.75 40.25 30.24
N GLN L 34 -6.82 -29.23 35.88
CA GLN L 34 -5.68 -28.32 35.72
C GLN L 34 -5.55 -27.44 36.96
N LEU L 35 -6.61 -26.69 37.25
CA LEU L 35 -6.58 -25.78 38.40
C LEU L 35 -6.57 -26.53 39.72
N ARG L 36 -6.91 -27.82 39.72
CA ARG L 36 -6.88 -28.61 40.94
C ARG L 36 -5.47 -28.84 41.45
N SER L 37 -4.45 -28.57 40.64
CA SER L 37 -3.07 -28.80 41.02
C SER L 37 -2.42 -27.56 41.64
N TRP L 38 -3.19 -26.51 41.87
CA TRP L 38 -2.66 -25.23 42.35
C TRP L 38 -3.59 -24.69 43.44
N ASN L 39 -3.20 -24.85 44.69
CA ASN L 39 -3.98 -24.41 45.84
C ASN L 39 -3.08 -23.61 46.78
N PRO L 40 -2.78 -22.37 46.43
CA PRO L 40 -1.94 -21.54 47.30
C PRO L 40 -2.67 -21.17 48.57
N PRO L 41 -1.99 -21.21 49.71
CA PRO L 41 -2.64 -20.88 50.98
C PRO L 41 -2.84 -19.39 51.13
N SER L 42 -3.67 -19.02 52.10
CA SER L 42 -3.98 -17.63 52.41
C SER L 42 -3.21 -17.20 53.65
N GLU L 43 -2.38 -16.17 53.49
CA GLU L 43 -1.65 -15.58 54.60
C GLU L 43 -1.69 -14.06 54.47
N SER L 44 -1.49 -13.39 55.59
CA SER L 44 -1.41 -11.93 55.55
C SER L 44 -0.18 -11.51 54.76
N VAL L 45 -0.22 -10.28 54.26
CA VAL L 45 0.82 -9.82 53.34
C VAL L 45 2.19 -9.88 53.99
N ASP L 46 2.28 -9.42 55.24
CA ASP L 46 3.55 -9.53 55.96
C ASP L 46 3.95 -10.99 56.13
N ALA L 47 2.99 -11.86 56.42
CA ALA L 47 3.31 -13.28 56.55
C ALA L 47 3.84 -13.85 55.26
N ALA L 48 3.40 -13.34 54.12
CA ALA L 48 3.85 -13.82 52.82
C ALA L 48 5.02 -13.02 52.27
N LEU L 49 5.49 -12.01 52.98
CA LEU L 49 6.57 -11.16 52.49
C LEU L 49 7.82 -11.23 53.36
N LEU L 50 7.67 -11.09 54.67
CA LEU L 50 8.84 -11.02 55.54
C LEU L 50 9.76 -12.23 55.46
N PRO L 51 9.28 -13.47 55.41
CA PRO L 51 10.23 -14.60 55.34
C PRO L 51 11.17 -14.54 54.16
N ASN L 52 10.74 -14.01 53.02
CA ASN L 52 11.58 -13.90 51.85
C ASN L 52 11.94 -12.46 51.52
N PHE L 53 11.80 -11.55 52.49
CA PHE L 53 12.04 -10.14 52.21
C PHE L 53 13.50 -9.91 51.81
N THR L 54 14.44 -10.53 52.53
CA THR L 54 15.85 -10.32 52.24
C THR L 54 16.20 -10.83 50.86
N ARG L 55 15.76 -12.03 50.52
CA ARG L 55 16.09 -12.58 49.20
C ARG L 55 15.43 -11.78 48.09
N GLY L 56 14.20 -11.28 48.33
CA GLY L 56 13.56 -10.46 47.33
C GLY L 56 14.31 -9.16 47.08
N ASN L 57 14.74 -8.51 48.16
CA ASN L 57 15.54 -7.30 48.00
C ASN L 57 16.85 -7.60 47.29
N ALA L 58 17.48 -8.72 47.63
CA ALA L 58 18.74 -9.08 46.98
C ALA L 58 18.55 -9.29 45.49
N ARG L 59 17.48 -10.00 45.11
CA ARG L 59 17.21 -10.22 43.70
C ARG L 59 16.91 -8.92 42.99
N ALA L 60 16.14 -8.03 43.62
CA ALA L 60 15.86 -6.74 43.01
C ALA L 60 17.15 -5.97 42.77
N ASP L 61 18.04 -5.95 43.76
CA ASP L 61 19.31 -5.27 43.58
C ASP L 61 20.13 -5.89 42.47
N ASP L 62 20.12 -7.22 42.37
CA ASP L 62 20.89 -7.88 41.34
C ASP L 62 20.39 -7.52 39.95
N LEU L 63 19.07 -7.53 39.75
CA LEU L 63 18.52 -7.12 38.47
C LEU L 63 18.83 -5.67 38.18
N VAL L 64 18.74 -4.80 39.19
CA VAL L 64 19.04 -3.39 38.96
C VAL L 64 20.48 -3.22 38.53
N ARG L 65 21.41 -3.90 39.20
CA ARG L 65 22.82 -3.72 38.91
C ARG L 65 23.18 -4.31 37.55
N ASN L 66 22.67 -5.48 37.23
CA ASN L 66 23.13 -6.21 36.05
C ASN L 66 22.24 -6.02 34.83
N ASN L 67 20.95 -6.32 34.96
CA ASN L 67 20.07 -6.29 33.79
C ASN L 67 19.94 -4.88 33.25
N GLY L 68 20.02 -4.76 31.92
CA GLY L 68 19.92 -3.45 31.30
C GLY L 68 18.55 -2.83 31.42
N TYR L 69 17.50 -3.65 31.22
CA TYR L 69 16.15 -3.10 31.26
C TYR L 69 15.79 -2.60 32.64
N ALA L 70 16.26 -3.27 33.70
CA ALA L 70 15.96 -2.79 35.04
C ALA L 70 16.54 -1.42 35.28
N ALA L 71 17.81 -1.23 34.90
CA ALA L 71 18.43 0.09 35.04
C ALA L 71 17.70 1.12 34.18
N ASN L 72 17.31 0.74 32.96
CA ASN L 72 16.58 1.67 32.12
C ASN L 72 15.29 2.10 32.80
N ALA L 73 14.51 1.14 33.30
CA ALA L 73 13.23 1.46 33.90
C ALA L 73 13.39 2.32 35.14
N ILE L 74 14.38 2.01 35.98
CA ILE L 74 14.61 2.85 37.14
C ILE L 74 15.02 4.24 36.69
N GLN L 75 15.65 4.35 35.52
CA GLN L 75 16.07 5.66 35.04
C GLN L 75 14.85 6.47 34.57
N LEU L 76 13.92 5.81 33.88
CA LEU L 76 12.67 6.49 33.54
C LEU L 76 11.92 6.93 34.79
N HIS L 77 11.83 6.07 35.79
CA HIS L 77 11.21 6.47 37.04
C HIS L 77 11.90 7.70 37.61
N GLN L 78 13.23 7.68 37.61
CA GLN L 78 14.01 8.79 38.13
C GLN L 78 13.68 10.08 37.41
N ASP L 79 13.71 10.07 36.09
CA ASP L 79 13.59 11.29 35.32
C ASP L 79 12.15 11.74 35.14
N HIS L 80 11.18 10.90 35.44
CA HIS L 80 9.79 11.29 35.26
C HIS L 80 9.07 11.61 36.55
N ILE L 81 9.37 10.90 37.64
CA ILE L 81 8.71 11.21 38.90
C ILE L 81 9.10 12.59 39.39
N VAL L 82 10.41 12.89 39.39
CA VAL L 82 10.92 14.17 39.85
C VAL L 82 11.46 15.00 38.69
N GLY L 83 12.29 14.41 37.85
CA GLY L 83 12.86 15.14 36.75
C GLY L 83 14.11 15.90 37.14
N SER L 84 14.37 16.98 36.39
CA SER L 84 15.60 17.73 36.58
C SER L 84 15.61 18.44 37.93
N PHE L 85 14.48 18.97 38.37
CA PHE L 85 14.44 19.75 39.59
C PHE L 85 13.08 19.63 40.24
N PHE L 86 13.05 19.86 41.55
CA PHE L 86 11.83 19.78 42.36
C PHE L 86 11.68 21.10 43.10
N ARG L 87 10.75 21.93 42.65
CA ARG L 87 10.60 23.27 43.17
C ARG L 87 9.46 23.31 44.17
N LEU L 88 9.72 23.92 45.33
CA LEU L 88 8.72 24.09 46.36
C LEU L 88 7.78 25.24 46.03
N SER L 89 6.55 25.14 46.51
CA SER L 89 5.61 26.25 46.48
C SER L 89 4.82 26.20 47.78
N HIS L 90 5.01 27.20 48.63
CA HIS L 90 4.37 27.25 49.94
C HIS L 90 2.99 27.88 49.82
N ARG L 91 1.97 27.16 50.27
CA ARG L 91 0.59 27.61 50.19
C ARG L 91 -0.03 27.53 51.58
N PRO L 92 0.31 28.47 52.46
CA PRO L 92 -0.25 28.44 53.81
C PRO L 92 -1.75 28.66 53.80
N SER L 93 -2.43 28.02 54.74
CA SER L 93 -3.88 28.13 54.87
C SER L 93 -4.21 29.33 55.74
N TRP L 94 -4.15 30.52 55.11
CA TRP L 94 -4.42 31.74 55.85
C TRP L 94 -5.85 31.78 56.36
N ARG L 95 -6.79 31.20 55.61
CA ARG L 95 -8.18 31.22 56.02
C ARG L 95 -8.35 30.48 57.34
N TYR L 96 -7.77 29.29 57.46
CA TYR L 96 -7.85 28.54 58.70
C TYR L 96 -7.13 29.29 59.82
N LEU L 97 -5.97 29.87 59.53
CA LEU L 97 -5.20 30.57 60.54
C LEU L 97 -5.70 31.98 60.80
N GLY L 98 -6.67 32.45 60.01
CA GLY L 98 -7.20 33.79 60.20
C GLY L 98 -6.15 34.86 59.97
N ILE L 99 -5.40 34.72 58.88
CA ILE L 99 -4.30 35.62 58.56
C ILE L 99 -4.63 36.35 57.26
N GLY L 100 -4.30 37.63 57.21
CA GLY L 100 -4.50 38.39 55.98
C GLY L 100 -3.79 37.73 54.82
N GLU L 101 -4.49 37.64 53.69
CA GLU L 101 -3.96 36.89 52.55
C GLU L 101 -2.66 37.48 52.05
N GLU L 102 -2.57 38.81 52.01
CA GLU L 102 -1.32 39.47 51.60
C GLU L 102 -0.20 39.16 52.58
N GLU L 103 -0.51 39.11 53.88
CA GLU L 103 0.49 38.73 54.87
C GLU L 103 0.95 37.30 54.64
N ALA L 104 0.01 36.40 54.34
CA ALA L 104 0.38 35.02 54.04
C ALA L 104 1.26 34.96 52.80
N ARG L 105 0.96 35.78 51.79
CA ARG L 105 1.77 35.77 50.59
C ARG L 105 3.19 36.26 50.87
N ALA L 106 3.31 37.32 51.67
CA ALA L 106 4.65 37.80 52.03
C ALA L 106 5.42 36.76 52.82
N PHE L 107 4.74 36.10 53.76
CA PHE L 107 5.39 35.06 54.55
C PHE L 107 5.84 33.91 53.67
N SER L 108 4.99 33.50 52.72
CA SER L 108 5.36 32.42 51.82
C SER L 108 6.53 32.81 50.94
N ARG L 109 6.56 34.06 50.49
CA ARG L 109 7.70 34.53 49.70
C ARG L 109 8.98 34.44 50.51
N GLU L 110 8.93 34.89 51.77
CA GLU L 110 10.13 34.86 52.60
C GLU L 110 10.60 33.43 52.84
N VAL L 111 9.67 32.54 53.17
CA VAL L 111 10.07 31.16 53.46
C VAL L 111 10.56 30.48 52.19
N GLU L 112 9.98 30.81 51.03
CA GLU L 112 10.48 30.25 49.78
C GLU L 112 11.90 30.72 49.50
N ALA L 113 12.16 32.00 49.75
CA ALA L 113 13.52 32.51 49.56
C ALA L 113 14.51 31.78 50.47
N ALA L 114 14.14 31.61 51.74
CA ALA L 114 15.01 30.88 52.65
C ALA L 114 15.23 29.45 52.18
N TRP L 115 14.16 28.80 51.73
CA TRP L 115 14.27 27.42 51.29
C TRP L 115 15.17 27.29 50.07
N LYS L 116 15.07 28.23 49.13
CA LYS L 116 15.90 28.09 47.94
C LYS L 116 17.35 28.42 48.24
N GLU L 117 17.59 29.37 49.15
CA GLU L 117 18.98 29.63 49.51
C GLU L 117 19.56 28.53 50.38
N PHE L 118 18.71 27.68 50.98
CA PHE L 118 19.22 26.62 51.82
C PHE L 118 19.39 25.29 51.08
N ALA L 119 18.40 24.91 50.27
CA ALA L 119 18.31 23.53 49.78
C ALA L 119 19.42 23.21 48.79
N GLU L 120 19.64 24.08 47.81
CA GLU L 120 20.62 23.82 46.76
C GLU L 120 21.99 24.42 47.06
N ASP L 121 22.37 24.47 48.33
CA ASP L 121 23.71 24.91 48.70
C ASP L 121 24.76 24.03 48.05
N ASP L 122 25.82 24.66 47.56
CA ASP L 122 26.89 23.93 46.90
C ASP L 122 27.61 22.98 47.84
N CYS L 123 27.71 23.34 49.12
CA CYS L 123 28.46 22.54 50.08
C CYS L 123 27.79 21.21 50.39
N CYS L 124 26.56 21.00 49.93
CA CYS L 124 25.78 19.80 50.26
C CYS L 124 25.61 19.66 51.77
N CYS L 125 25.56 20.79 52.48
CA CYS L 125 25.49 20.75 53.93
C CYS L 125 24.17 20.20 54.43
N ILE L 126 23.12 20.20 53.59
CA ILE L 126 21.86 19.59 53.98
C ILE L 126 22.04 18.09 54.18
N ASP L 127 23.02 17.50 53.48
CA ASP L 127 23.30 16.09 53.61
C ASP L 127 24.41 15.87 54.63
N VAL L 128 24.17 14.95 55.57
CA VAL L 128 25.22 14.58 56.51
C VAL L 128 26.41 14.01 55.77
N GLU L 129 26.15 13.18 54.77
CA GLU L 129 27.21 12.59 53.97
C GLU L 129 27.91 13.63 53.11
N ARG L 130 27.26 14.76 52.84
CA ARG L 130 27.89 15.89 52.14
C ARG L 130 28.28 15.52 50.72
N LYS L 131 27.44 14.75 50.02
CA LYS L 131 27.67 14.47 48.62
C LYS L 131 26.42 14.61 47.76
N ARG L 132 25.30 15.03 48.31
CA ARG L 132 24.05 15.06 47.54
C ARG L 132 23.28 16.32 47.91
N THR L 133 22.59 16.90 46.93
CA THR L 133 21.69 18.00 47.22
C THR L 133 20.25 17.51 47.28
N PHE L 134 19.33 18.45 47.50
CA PHE L 134 17.94 18.10 47.75
C PHE L 134 17.30 17.42 46.55
N THR L 135 17.66 17.85 45.34
CA THR L 135 17.05 17.24 44.17
C THR L 135 17.41 15.76 44.07
N MET L 136 18.70 15.43 44.17
CA MET L 136 19.03 14.02 44.18
C MET L 136 18.75 13.36 45.53
N MET L 137 18.52 14.11 46.59
CA MET L 137 17.78 13.54 47.72
C MET L 137 16.47 12.92 47.25
N ILE L 138 15.62 13.71 46.62
CA ILE L 138 14.34 13.17 46.17
C ILE L 138 14.55 12.05 45.17
N ARG L 139 15.56 12.18 44.32
CA ARG L 139 15.83 11.16 43.31
C ARG L 139 16.21 9.82 43.96
N GLU L 140 17.18 9.85 44.88
CA GLU L 140 17.56 8.63 45.58
C GLU L 140 16.37 8.04 46.32
N GLY L 141 15.57 8.90 46.95
CA GLY L 141 14.43 8.41 47.69
C GLY L 141 13.45 7.67 46.79
N VAL L 142 13.09 8.28 45.67
CA VAL L 142 12.10 7.63 44.81
C VAL L 142 12.67 6.37 44.18
N ALA L 143 13.94 6.39 43.75
CA ALA L 143 14.51 5.21 43.13
C ALA L 143 14.58 4.05 44.12
N MET L 144 15.02 4.33 45.34
CA MET L 144 15.21 3.25 46.30
C MET L 144 13.87 2.77 46.86
N HIS L 145 12.87 3.66 46.92
CA HIS L 145 11.51 3.18 47.16
C HIS L 145 11.04 2.27 46.03
N ALA L 146 11.38 2.61 44.79
CA ALA L 146 10.92 1.80 43.68
C ALA L 146 11.53 0.41 43.72
N PHE L 147 12.84 0.31 43.89
CA PHE L 147 13.48 -0.99 43.82
C PHE L 147 13.56 -1.70 45.16
N ASN L 148 13.09 -1.08 46.24
CA ASN L 148 13.03 -1.75 47.53
C ASN L 148 11.67 -1.70 48.21
N GLY L 149 10.74 -0.88 47.74
CA GLY L 149 9.42 -0.82 48.30
C GLY L 149 9.23 0.20 49.40
N GLU L 150 10.31 0.83 49.88
CA GLU L 150 10.19 1.76 50.98
C GLU L 150 11.42 2.68 50.98
N LEU L 151 11.35 3.72 51.80
CA LEU L 151 12.48 4.61 51.97
C LEU L 151 12.52 5.12 53.40
N PHE L 152 13.75 5.33 53.89
CA PHE L 152 14.00 5.73 55.27
C PHE L 152 14.94 6.91 55.29
N VAL L 153 14.51 8.00 55.94
CA VAL L 153 15.31 9.22 56.08
C VAL L 153 15.44 9.53 57.56
N GLN L 154 16.60 10.05 57.95
CA GLN L 154 16.87 10.43 59.33
C GLN L 154 17.28 11.89 59.36
N ALA L 155 16.62 12.66 60.21
CA ALA L 155 16.93 14.08 60.39
C ALA L 155 17.79 14.23 61.63
N THR L 156 18.98 14.81 61.46
CA THR L 156 19.94 14.97 62.53
C THR L 156 20.14 16.45 62.81
N TRP L 157 20.47 16.74 64.06
CA TRP L 157 20.73 18.09 64.52
C TRP L 157 22.23 18.26 64.67
N ASP L 158 22.86 18.90 63.68
CA ASP L 158 24.29 19.13 63.74
C ASP L 158 24.62 20.16 64.81
N THR L 159 25.86 20.09 65.30
CA THR L 159 26.35 21.04 66.29
C THR L 159 27.23 22.12 65.70
N SER L 160 27.62 21.99 64.44
CA SER L 160 28.50 22.98 63.82
C SER L 160 27.74 24.28 63.56
N SER L 161 28.33 25.39 63.97
CA SER L 161 27.74 26.71 63.78
C SER L 161 28.16 27.35 62.46
N SER L 162 28.95 26.64 61.65
CA SER L 162 29.41 27.21 60.38
C SER L 162 28.27 27.53 59.44
N ARG L 163 27.11 26.91 59.64
CA ARG L 163 25.94 27.15 58.81
C ARG L 163 24.81 27.70 59.66
N LEU L 164 23.94 28.48 59.03
CA LEU L 164 22.78 29.00 59.73
C LEU L 164 21.86 27.87 60.19
N PHE L 165 21.66 26.89 59.33
CA PHE L 165 20.79 25.75 59.64
C PHE L 165 21.65 24.56 60.03
N ARG L 166 21.31 23.93 61.16
CA ARG L 166 22.01 22.75 61.62
C ARG L 166 21.25 21.46 61.35
N THR L 167 20.07 21.54 60.77
CA THR L 167 19.31 20.34 60.43
C THR L 167 19.87 19.71 59.17
N GLN L 168 20.25 18.45 59.27
CA GLN L 168 20.81 17.70 58.15
C GLN L 168 20.02 16.42 57.97
N PHE L 169 20.15 15.81 56.80
CA PHE L 169 19.40 14.61 56.51
C PHE L 169 20.32 13.53 55.96
N ARG L 170 20.10 12.29 56.40
CA ARG L 170 20.86 11.15 55.92
C ARG L 170 19.89 10.02 55.60
N MET L 171 20.08 9.40 54.44
CA MET L 171 19.25 8.27 54.08
C MET L 171 19.77 6.98 54.68
N VAL L 172 18.86 6.04 54.93
CA VAL L 172 19.20 4.72 55.44
C VAL L 172 18.67 3.70 54.45
N SER L 173 19.56 2.84 53.97
CA SER L 173 19.13 1.76 53.09
C SER L 173 18.23 0.81 53.86
N PRO L 174 17.20 0.27 53.22
CA PRO L 174 16.28 -0.64 53.93
C PRO L 174 16.99 -1.86 54.49
N LYS L 175 18.08 -2.30 53.86
CA LYS L 175 18.78 -3.48 54.34
C LYS L 175 19.42 -3.23 55.70
N ARG L 176 19.59 -1.98 56.09
CA ARG L 176 20.15 -1.68 57.39
C ARG L 176 19.12 -1.73 58.50
N ILE L 177 17.85 -1.96 58.18
CA ILE L 177 16.79 -2.07 59.17
C ILE L 177 16.48 -3.54 59.36
N SER L 178 16.76 -4.06 60.55
CA SER L 178 16.52 -5.46 60.85
C SER L 178 16.44 -5.64 62.35
N ASN L 179 15.92 -6.79 62.77
CA ASN L 179 15.85 -7.08 64.18
C ASN L 179 17.27 -7.15 64.76
N PRO L 180 17.50 -6.64 65.96
CA PRO L 180 18.83 -6.72 66.55
C PRO L 180 19.26 -8.17 66.72
N ASN L 181 20.53 -8.42 66.41
CA ASN L 181 21.14 -9.75 66.50
C ASN L 181 20.41 -10.78 65.67
N ASN L 182 19.64 -10.32 64.67
CA ASN L 182 18.87 -11.21 63.79
C ASN L 182 17.98 -12.14 64.60
N THR L 183 17.39 -11.60 65.66
CA THR L 183 16.55 -12.40 66.54
C THR L 183 15.25 -12.78 65.83
N GLY L 184 14.53 -13.72 66.44
CA GLY L 184 13.28 -14.17 65.86
C GLY L 184 12.24 -13.08 65.83
N ASP L 185 11.42 -13.11 64.79
CA ASP L 185 10.36 -12.13 64.63
C ASP L 185 9.30 -12.29 65.72
N SER L 186 8.77 -11.17 66.21
CA SER L 186 7.75 -11.17 67.22
C SER L 186 6.56 -10.35 66.74
N ARG L 187 5.52 -10.28 67.57
CA ARG L 187 4.34 -9.49 67.21
C ARG L 187 4.67 -8.01 67.13
N ASN L 188 5.36 -7.50 68.14
CA ASN L 188 5.64 -6.08 68.24
C ASN L 188 7.02 -5.71 67.72
N CYS L 189 7.78 -6.66 67.19
CA CYS L 189 9.10 -6.38 66.63
C CYS L 189 9.25 -7.22 65.37
N ARG L 190 8.91 -6.64 64.22
CA ARG L 190 9.00 -7.32 62.94
C ARG L 190 9.92 -6.55 62.02
N ALA L 191 10.94 -7.22 61.50
CA ALA L 191 11.85 -6.64 60.52
C ALA L 191 12.49 -5.36 61.03
N GLY L 192 12.75 -5.32 62.34
CA GLY L 192 13.49 -4.22 62.93
C GLY L 192 12.68 -3.01 63.33
N VAL L 193 11.38 -2.99 63.07
CA VAL L 193 10.52 -1.87 63.44
C VAL L 193 9.59 -2.33 64.57
N GLN L 194 9.58 -1.57 65.66
CA GLN L 194 8.70 -1.87 66.78
C GLN L 194 7.33 -1.27 66.51
N ILE L 195 6.29 -2.05 66.80
CA ILE L 195 4.92 -1.61 66.57
C ILE L 195 4.19 -1.60 67.90
N ASN L 196 3.12 -0.80 67.96
CA ASN L 196 2.27 -0.75 69.13
C ASN L 196 1.15 -1.78 68.97
N ASP L 197 0.13 -1.68 69.81
CA ASP L 197 -1.02 -2.57 69.69
C ASP L 197 -1.74 -2.36 68.36
N SER L 198 -1.85 -1.11 67.92
CA SER L 198 -2.56 -0.80 66.68
C SER L 198 -1.70 -0.94 65.44
N GLY L 199 -0.44 -1.31 65.59
CA GLY L 199 0.46 -1.44 64.47
C GLY L 199 1.22 -0.17 64.12
N ALA L 200 0.96 0.93 64.81
CA ALA L 200 1.71 2.15 64.56
C ALA L 200 3.18 1.94 64.92
N ALA L 201 4.06 2.51 64.10
CA ALA L 201 5.49 2.35 64.31
C ALA L 201 5.95 3.23 65.47
N LEU L 202 6.47 2.61 66.51
CA LEU L 202 7.00 3.35 67.65
C LEU L 202 8.48 3.66 67.50
N GLY L 203 9.21 2.83 66.75
CA GLY L 203 10.62 3.05 66.57
C GLY L 203 11.18 2.00 65.65
N TYR L 204 12.49 2.10 65.41
CA TYR L 204 13.17 1.24 64.46
C TYR L 204 14.49 0.77 65.03
N TYR L 205 14.96 -0.36 64.52
CA TYR L 205 16.29 -0.88 64.82
C TYR L 205 17.11 -0.80 63.55
N VAL L 206 18.13 0.06 63.55
CA VAL L 206 18.98 0.29 62.39
C VAL L 206 20.33 -0.34 62.63
N SER L 207 20.77 -1.17 61.69
CA SER L 207 22.06 -1.83 61.79
C SER L 207 23.14 -0.98 61.15
N GLU L 208 24.30 -0.96 61.78
CA GLU L 208 25.44 -0.25 61.22
C GLU L 208 25.95 -0.96 59.97
N ASP L 209 26.73 -0.24 59.18
CA ASP L 209 27.31 -0.82 57.97
C ASP L 209 28.26 -1.95 58.33
N GLY L 210 28.31 -2.96 57.48
CA GLY L 210 29.11 -4.14 57.78
C GLY L 210 30.23 -4.40 56.80
N TYR L 211 30.65 -3.38 56.06
CA TYR L 211 31.73 -3.54 55.09
C TYR L 211 32.98 -2.84 55.60
N PRO L 212 34.10 -3.56 55.74
CA PRO L 212 34.28 -4.99 55.46
C PRO L 212 33.66 -5.87 56.54
N GLY L 213 33.36 -7.12 56.24
CA GLY L 213 32.66 -7.99 57.17
C GLY L 213 33.53 -8.62 58.22
N TRP L 214 34.38 -7.83 58.88
CA TRP L 214 35.24 -8.33 59.95
C TRP L 214 34.80 -7.88 61.33
N MET L 215 33.60 -7.30 61.44
CA MET L 215 33.09 -6.90 62.74
C MET L 215 31.64 -7.34 62.89
N PRO L 216 31.17 -7.52 64.13
CA PRO L 216 29.75 -7.86 64.32
C PRO L 216 28.89 -6.60 64.25
N GLN L 217 27.80 -6.69 63.51
CA GLN L 217 26.90 -5.56 63.37
C GLN L 217 26.25 -5.23 64.71
N LYS L 218 25.94 -3.95 64.92
CA LYS L 218 25.31 -3.49 66.13
C LYS L 218 24.11 -2.63 65.75
N TRP L 219 22.98 -2.89 66.39
CA TRP L 219 21.71 -2.27 66.05
C TRP L 219 21.41 -1.14 67.04
N THR L 220 20.94 -0.03 66.51
CA THR L 220 20.57 1.13 67.30
C THR L 220 19.06 1.31 67.28
N TRP L 221 18.49 1.62 68.44
CA TRP L 221 17.08 1.94 68.55
C TRP L 221 16.87 3.42 68.29
N ILE L 222 15.99 3.73 67.34
CA ILE L 222 15.69 5.09 66.96
C ILE L 222 14.19 5.30 67.11
N PRO L 223 13.74 6.21 67.98
CA PRO L 223 12.31 6.52 68.04
C PRO L 223 11.83 7.12 66.73
N ARG L 224 10.57 6.85 66.40
CA ARG L 224 10.03 7.32 65.13
C ARG L 224 10.02 8.84 65.08
N GLU L 225 9.60 9.49 66.16
CA GLU L 225 9.52 10.94 66.20
C GLU L 225 10.01 11.44 67.54
N LEU L 226 10.45 12.69 67.56
CA LEU L 226 10.95 13.31 68.77
C LEU L 226 9.80 13.58 69.74
N PRO L 227 10.11 13.71 71.04
CA PRO L 227 9.05 14.02 72.01
C PRO L 227 8.31 15.31 71.70
N GLY L 228 8.97 16.29 71.11
CA GLY L 228 8.34 17.53 70.76
C GLY L 228 7.52 17.49 69.49
N GLY L 229 7.34 16.31 68.91
CA GLY L 229 6.61 16.17 67.67
C GLY L 229 7.45 16.29 66.42
N ARG L 230 8.71 16.66 66.55
CA ARG L 230 9.60 16.75 65.39
C ARG L 230 9.87 15.35 64.84
N ALA L 231 9.80 15.23 63.52
CA ALA L 231 9.99 13.93 62.87
C ALA L 231 11.46 13.54 62.83
N SER L 232 11.91 12.81 63.85
CA SER L 232 13.30 12.36 63.87
C SER L 232 13.57 11.38 62.74
N PHE L 233 12.65 10.45 62.51
CA PHE L 233 12.82 9.42 61.49
C PHE L 233 11.59 9.37 60.62
N ILE L 234 11.79 9.24 59.31
CA ILE L 234 10.70 9.23 58.34
C ILE L 234 10.79 7.93 57.55
N HIS L 235 9.69 7.18 57.52
CA HIS L 235 9.58 5.98 56.72
C HIS L 235 8.40 6.15 55.77
N VAL L 236 8.67 6.09 54.48
CA VAL L 236 7.63 6.30 53.46
C VAL L 236 7.59 5.08 52.56
N PHE L 237 6.39 4.53 52.38
CA PHE L 237 6.17 3.41 51.48
C PHE L 237 4.68 3.38 51.15
N GLU L 238 4.28 2.42 50.33
CA GLU L 238 2.90 2.29 49.89
C GLU L 238 2.40 0.96 50.45
N PRO L 239 1.47 0.98 51.40
CA PRO L 239 0.92 -0.27 51.92
C PRO L 239 -0.26 -0.73 51.09
N VAL L 240 -0.40 -2.05 50.98
CA VAL L 240 -1.48 -2.65 50.20
C VAL L 240 -2.56 -3.27 51.08
N GLU L 241 -2.34 -3.37 52.39
CA GLU L 241 -3.31 -3.97 53.30
C GLU L 241 -2.99 -3.52 54.71
N ASP L 242 -3.96 -3.71 55.60
CA ASP L 242 -3.76 -3.37 57.00
C ASP L 242 -2.66 -4.22 57.61
N GLY L 243 -1.80 -3.58 58.41
CA GLY L 243 -0.77 -4.29 59.13
C GLY L 243 0.53 -4.50 58.39
N GLN L 244 0.62 -4.08 57.12
CA GLN L 244 1.87 -4.21 56.39
C GLN L 244 2.90 -3.25 56.99
N THR L 245 4.09 -3.77 57.27
CA THR L 245 5.14 -2.98 57.90
C THR L 245 6.29 -2.63 56.96
N ARG L 246 6.53 -3.44 55.94
CA ARG L 246 7.60 -3.18 54.98
C ARG L 246 7.03 -3.19 53.57
N GLY L 247 7.45 -2.23 52.77
CA GLY L 247 7.01 -2.17 51.39
C GLY L 247 7.60 -3.27 50.55
N ALA L 248 6.90 -3.58 49.46
CA ALA L 248 7.34 -4.59 48.51
C ALA L 248 7.79 -3.91 47.22
N ASN L 249 8.96 -4.30 46.73
CA ASN L 249 9.47 -3.70 45.50
C ASN L 249 8.57 -4.02 44.33
N VAL L 250 8.54 -3.12 43.35
CA VAL L 250 7.67 -3.30 42.19
C VAL L 250 8.10 -4.52 41.39
N PHE L 251 9.39 -4.85 41.42
CA PHE L 251 9.91 -5.94 40.60
C PHE L 251 9.31 -7.29 40.98
N TYR L 252 8.68 -7.41 42.13
CA TYR L 252 8.32 -8.70 42.72
C TYR L 252 7.49 -9.57 41.79
N SER L 253 7.07 -9.04 40.65
CA SER L 253 6.24 -9.79 39.73
C SER L 253 6.87 -10.01 38.36
N VAL L 254 8.16 -9.69 38.19
CA VAL L 254 8.72 -9.77 36.85
C VAL L 254 10.08 -10.46 36.78
N MET L 255 10.66 -10.84 37.92
CA MET L 255 12.00 -11.43 37.87
C MET L 255 12.03 -12.65 36.95
N GLU L 256 11.03 -13.52 37.06
CA GLU L 256 10.96 -14.69 36.19
C GLU L 256 10.99 -14.28 34.73
N GLN L 257 10.29 -13.20 34.39
CA GLN L 257 10.26 -12.76 33.00
C GLN L 257 11.62 -12.26 32.56
N MET L 258 12.34 -11.54 33.42
CA MET L 258 13.70 -11.13 33.09
C MET L 258 14.57 -12.36 32.85
N LYS L 259 14.44 -13.37 33.69
CA LYS L 259 15.28 -14.55 33.53
C LYS L 259 14.97 -15.29 32.24
N MET L 260 13.69 -15.47 31.92
CA MET L 260 13.39 -16.11 30.65
C MET L 260 13.84 -15.26 29.47
N LEU L 261 13.81 -13.94 29.62
CA LEU L 261 14.33 -13.08 28.56
C LEU L 261 15.81 -13.34 28.33
N ASP L 262 16.60 -13.33 29.40
CA ASP L 262 18.03 -13.56 29.24
C ASP L 262 18.31 -14.93 28.66
N THR L 263 17.64 -15.96 29.18
CA THR L 263 17.85 -17.31 28.66
C THR L 263 17.48 -17.39 27.20
N LEU L 264 16.44 -16.66 26.79
CA LEU L 264 16.10 -16.58 25.38
C LEU L 264 17.23 -15.97 24.59
N GLN L 265 17.86 -14.92 25.13
CA GLN L 265 18.99 -14.31 24.44
C GLN L 265 20.11 -15.33 24.23
N ASN L 266 20.51 -16.02 25.28
CA ASN L 266 21.60 -17.00 25.10
C ASN L 266 21.18 -18.11 24.15
N THR L 267 19.93 -18.54 24.24
CA THR L 267 19.46 -19.61 23.36
C THR L 267 19.51 -19.19 21.91
N GLN L 268 19.09 -17.96 21.62
CA GLN L 268 19.18 -17.46 20.25
C GLN L 268 20.63 -17.38 19.81
N LEU L 269 21.52 -16.98 20.71
CA LEU L 269 22.93 -16.93 20.36
C LEU L 269 23.45 -18.31 19.97
N GLN L 270 23.16 -19.32 20.79
CA GLN L 270 23.62 -20.66 20.48
C GLN L 270 22.99 -21.17 19.19
N SER L 271 21.73 -20.80 18.95
CA SER L 271 21.08 -21.18 17.70
C SER L 271 21.82 -20.58 16.51
N ALA L 272 22.22 -19.32 16.62
CA ALA L 272 22.99 -18.71 15.55
C ALA L 272 24.33 -19.43 15.36
N ILE L 273 24.95 -19.83 16.47
CA ILE L 273 26.22 -20.55 16.37
C ILE L 273 26.04 -21.86 15.63
N VAL L 274 25.05 -22.65 16.03
CA VAL L 274 24.90 -23.97 15.44
C VAL L 274 24.41 -23.88 14.00
N LYS L 275 23.64 -22.85 13.66
CA LYS L 275 23.22 -22.72 12.28
C LYS L 275 24.37 -22.38 11.36
N ALA L 276 25.50 -21.96 11.90
CA ALA L 276 26.72 -21.77 11.14
C ALA L 276 27.66 -22.97 11.29
N MET L 277 27.20 -24.03 11.92
CA MET L 277 28.04 -25.18 12.18
C MET L 277 28.42 -25.87 10.87
N TYR L 278 29.64 -26.40 10.83
CA TYR L 278 30.15 -27.04 9.63
C TYR L 278 30.77 -28.37 10.00
N ALA L 279 30.37 -29.44 9.31
CA ALA L 279 30.94 -30.76 9.49
C ALA L 279 31.36 -31.28 8.12
N ALA L 280 32.62 -31.68 8.00
CA ALA L 280 33.15 -32.18 6.73
C ALA L 280 34.30 -33.12 7.05
N THR L 281 34.04 -34.42 6.93
CA THR L 281 35.06 -35.43 7.13
C THR L 281 35.02 -36.44 6.01
N ILE L 282 36.16 -37.08 5.78
CA ILE L 282 36.28 -38.13 4.77
C ILE L 282 36.05 -39.48 5.44
N GLU L 283 35.19 -40.29 4.85
CA GLU L 283 34.86 -41.59 5.41
C GLU L 283 35.06 -42.67 4.36
N SER L 284 34.72 -43.91 4.70
CA SER L 284 34.76 -45.02 3.77
C SER L 284 33.62 -45.97 4.11
N GLU L 285 33.42 -46.96 3.26
CA GLU L 285 32.35 -47.92 3.46
C GLU L 285 32.77 -49.05 4.40
N LEU L 286 33.81 -49.81 4.00
CA LEU L 286 34.31 -50.95 4.77
C LEU L 286 33.18 -51.75 5.40
N ASP L 287 33.36 -52.13 6.66
CA ASP L 287 32.31 -52.76 7.47
C ASP L 287 31.54 -53.80 6.66
N THR L 288 32.27 -54.81 6.23
CA THR L 288 31.74 -55.78 5.28
C THR L 288 30.84 -56.81 5.95
N GLN L 289 29.87 -56.34 6.75
CA GLN L 289 28.85 -57.19 7.33
C GLN L 289 29.40 -58.45 7.99
N SER L 290 29.07 -59.61 7.41
CA SER L 290 29.62 -60.86 7.92
C SER L 290 31.13 -60.90 7.78
N ALA L 291 31.65 -60.42 6.64
CA ALA L 291 33.09 -60.27 6.51
C ALA L 291 33.65 -59.22 7.46
N MET L 292 32.84 -58.21 7.84
CA MET L 292 33.28 -57.29 8.88
C MET L 292 33.48 -58.01 10.21
N ASP L 293 32.53 -58.88 10.57
CA ASP L 293 32.69 -59.66 11.80
C ASP L 293 33.88 -60.61 11.71
N PHE L 294 34.08 -61.23 10.54
CA PHE L 294 35.22 -62.12 10.36
C PHE L 294 36.53 -61.36 10.49
N ILE L 295 36.62 -60.18 9.88
CA ILE L 295 37.81 -59.36 10.01
C ILE L 295 38.00 -58.88 11.45
N LEU L 296 36.91 -58.60 12.16
CA LEU L 296 37.01 -58.27 13.57
C LEU L 296 37.62 -59.41 14.36
N GLY L 297 37.15 -60.64 14.11
CA GLY L 297 37.70 -61.81 14.79
C GLY L 297 39.18 -61.99 14.45
N ALA L 298 39.53 -61.85 13.17
CA ALA L 298 40.92 -62.02 12.77
C ALA L 298 41.83 -60.97 13.39
N ASN L 299 41.40 -59.71 13.36
CA ASN L 299 42.21 -58.63 13.94
C ASN L 299 42.35 -58.79 15.45
N SER L 300 41.27 -59.19 16.13
CA SER L 300 41.36 -59.43 17.55
C SER L 300 42.32 -60.58 17.85
N GLN L 301 42.22 -61.67 17.09
CA GLN L 301 43.09 -62.82 17.32
C GLN L 301 44.56 -62.47 17.05
N GLU L 302 44.91 -62.25 15.79
CA GLU L 302 46.29 -61.95 15.45
C GLU L 302 46.47 -60.96 14.32
N GLN L 303 45.42 -60.37 13.75
CA GLN L 303 45.58 -59.66 12.49
C GLN L 303 45.30 -58.17 12.59
N ARG L 304 45.81 -57.53 13.65
CA ARG L 304 45.80 -56.07 13.69
C ARG L 304 46.70 -55.47 12.62
N GLU L 305 47.55 -56.30 11.99
CA GLU L 305 48.45 -55.81 10.96
C GLU L 305 47.69 -55.22 9.79
N ARG L 306 46.55 -55.82 9.44
CA ARG L 306 45.72 -55.27 8.37
C ARG L 306 45.33 -53.83 8.68
N LEU L 307 44.79 -53.59 9.88
CA LEU L 307 44.35 -52.26 10.25
C LEU L 307 45.51 -51.29 10.30
N THR L 308 46.63 -51.71 10.89
CA THR L 308 47.79 -50.83 11.01
C THR L 308 48.33 -50.44 9.64
N GLY L 309 48.47 -51.42 8.74
CA GLY L 309 48.98 -51.13 7.41
C GLY L 309 48.04 -50.27 6.61
N TRP L 310 46.73 -50.52 6.72
CA TRP L 310 45.77 -49.68 6.00
C TRP L 310 45.80 -48.25 6.52
N ILE L 311 45.91 -48.08 7.85
CA ILE L 311 46.01 -46.75 8.42
C ILE L 311 47.26 -46.06 7.93
N GLY L 312 48.38 -46.77 7.91
CA GLY L 312 49.62 -46.17 7.44
C GLY L 312 49.55 -45.76 5.98
N GLU L 313 48.97 -46.63 5.13
CA GLU L 313 48.83 -46.29 3.72
C GLU L 313 47.92 -45.08 3.54
N ILE L 314 46.82 -45.04 4.28
CA ILE L 314 45.90 -43.91 4.19
C ILE L 314 46.61 -42.63 4.60
N ALA L 315 47.36 -42.68 5.71
CA ALA L 315 48.07 -41.51 6.19
C ALA L 315 49.10 -41.04 5.18
N ALA L 316 49.84 -41.98 4.57
CA ALA L 316 50.83 -41.61 3.57
C ALA L 316 50.18 -40.96 2.36
N TYR L 317 49.10 -41.56 1.86
CA TYR L 317 48.44 -41.00 0.69
C TYR L 317 47.91 -39.61 0.99
N TYR L 318 47.30 -39.42 2.15
CA TYR L 318 46.71 -38.12 2.43
C TYR L 318 47.72 -37.10 2.90
N ALA L 319 48.92 -37.53 3.30
CA ALA L 319 50.03 -36.60 3.48
C ALA L 319 50.62 -36.20 2.15
N ALA L 320 50.49 -37.06 1.14
CA ALA L 320 50.82 -36.65 -0.22
C ALA L 320 49.72 -35.76 -0.82
N ALA L 321 48.48 -35.95 -0.39
CA ALA L 321 47.30 -35.30 -0.93
C ALA L 321 47.05 -33.89 -0.44
N PRO L 322 47.25 -33.59 0.86
CA PRO L 322 46.47 -32.54 1.52
C PRO L 322 45.17 -32.16 0.84
N VAL L 323 44.10 -32.90 1.11
CA VAL L 323 42.77 -32.52 0.64
C VAL L 323 42.18 -31.54 1.65
N ARG L 324 42.28 -30.25 1.36
CA ARG L 324 41.86 -29.22 2.29
C ARG L 324 40.50 -28.67 1.88
N LEU L 325 39.52 -28.82 2.77
CA LEU L 325 38.21 -28.21 2.55
C LEU L 325 38.32 -26.70 2.50
N GLY L 326 39.08 -26.11 3.42
CA GLY L 326 39.33 -24.69 3.45
C GLY L 326 40.76 -24.44 3.83
N GLY L 327 40.99 -23.61 4.84
CA GLY L 327 42.32 -23.47 5.37
C GLY L 327 42.76 -24.62 6.25
N ALA L 328 41.86 -25.56 6.53
CA ALA L 328 42.13 -26.68 7.40
C ALA L 328 42.18 -27.97 6.59
N LYS L 329 42.49 -29.07 7.26
CA LYS L 329 42.59 -30.38 6.65
C LYS L 329 41.40 -31.23 7.07
N VAL L 330 40.84 -31.95 6.10
CA VAL L 330 39.67 -32.80 6.35
C VAL L 330 40.09 -33.94 7.27
N PRO L 331 39.41 -34.14 8.39
CA PRO L 331 39.71 -35.28 9.25
C PRO L 331 39.29 -36.59 8.59
N HIS L 332 39.99 -37.65 8.97
CA HIS L 332 39.72 -38.98 8.43
C HIS L 332 39.10 -39.86 9.51
N LEU L 333 38.09 -40.62 9.12
CA LEU L 333 37.32 -41.44 10.04
C LEU L 333 37.73 -42.90 9.96
N MET L 334 37.36 -43.65 10.98
CA MET L 334 37.49 -45.09 10.94
C MET L 334 36.70 -45.67 9.78
N PRO L 335 37.28 -46.54 8.98
CA PRO L 335 36.49 -47.26 7.98
C PRO L 335 35.34 -48.01 8.63
N GLY L 336 34.17 -47.97 7.98
CA GLY L 336 32.97 -48.49 8.57
C GLY L 336 32.29 -47.55 9.54
N ASP L 337 32.83 -46.36 9.75
CA ASP L 337 32.25 -45.37 10.64
C ASP L 337 31.98 -44.10 9.85
N SER L 338 30.76 -43.59 9.94
CA SER L 338 30.36 -42.38 9.25
C SER L 338 29.75 -41.41 10.26
N LEU L 339 30.17 -40.15 10.18
CA LEU L 339 29.62 -39.14 11.06
C LEU L 339 28.20 -38.82 10.64
N ASN L 340 27.28 -38.89 11.60
CA ASN L 340 25.87 -38.59 11.36
C ASN L 340 25.41 -37.59 12.41
N LEU L 341 24.97 -36.41 11.95
CA LEU L 341 24.40 -35.41 12.83
C LEU L 341 23.03 -35.01 12.30
N GLN L 342 22.08 -34.87 13.22
CA GLN L 342 20.72 -34.49 12.86
C GLN L 342 20.18 -33.52 13.91
N THR L 343 19.17 -32.76 13.51
CA THR L 343 18.60 -31.74 14.35
C THR L 343 17.10 -31.97 14.54
N ALA L 344 16.51 -31.14 15.40
CA ALA L 344 15.08 -31.17 15.68
C ALA L 344 14.31 -30.48 14.58
N GLN L 345 13.04 -30.16 14.82
CA GLN L 345 12.22 -29.47 13.83
C GLN L 345 12.93 -28.23 13.30
N ASP L 346 12.63 -27.90 12.05
CA ASP L 346 13.42 -26.92 11.30
C ASP L 346 12.62 -25.73 10.83
N THR L 347 11.79 -25.17 11.69
CA THR L 347 11.05 -23.96 11.36
C THR L 347 11.76 -22.74 11.94
N ASP L 348 11.11 -21.59 11.84
CA ASP L 348 11.60 -20.39 12.49
C ASP L 348 11.25 -20.42 13.98
N ASN L 349 12.18 -19.95 14.81
CA ASN L 349 11.98 -19.98 16.25
C ASN L 349 10.93 -18.98 16.72
N GLY L 350 10.55 -18.02 15.89
CA GLY L 350 9.63 -16.99 16.33
C GLY L 350 10.18 -16.13 17.45
N TYR L 351 11.47 -15.81 17.38
CA TYR L 351 12.10 -15.06 18.46
C TYR L 351 11.50 -13.67 18.59
N SER L 352 11.19 -13.03 17.46
CA SER L 352 10.73 -11.65 17.48
C SER L 352 9.46 -11.50 18.29
N VAL L 353 8.43 -12.28 17.95
CA VAL L 353 7.18 -12.19 18.69
C VAL L 353 7.39 -12.61 20.14
N PHE L 354 8.26 -13.59 20.36
CA PHE L 354 8.51 -14.05 21.73
C PHE L 354 8.99 -12.90 22.60
N GLU L 355 10.07 -12.23 22.20
CA GLU L 355 10.59 -11.21 23.08
C GLU L 355 9.73 -9.96 23.04
N GLN L 356 8.95 -9.77 21.97
CA GLN L 356 7.95 -8.71 21.99
C GLN L 356 6.96 -8.92 23.11
N SER L 357 6.40 -10.12 23.19
CA SER L 357 5.46 -10.43 24.26
C SER L 357 6.12 -10.30 25.62
N LEU L 358 7.36 -10.77 25.74
CA LEU L 358 8.09 -10.60 27.00
C LEU L 358 8.18 -9.14 27.39
N LEU L 359 8.84 -8.33 26.55
CA LEU L 359 9.03 -6.93 26.86
C LEU L 359 7.72 -6.27 27.23
N ARG L 360 6.64 -6.61 26.52
CA ARG L 360 5.35 -6.04 26.88
C ARG L 360 4.92 -6.50 28.27
N TYR L 361 5.22 -7.75 28.62
CA TYR L 361 4.88 -8.24 29.95
C TYR L 361 5.61 -7.44 31.03
N ILE L 362 6.94 -7.29 30.91
CA ILE L 362 7.64 -6.55 31.95
C ILE L 362 7.19 -5.10 31.96
N ALA L 363 6.88 -4.53 30.79
CA ALA L 363 6.39 -3.16 30.77
C ALA L 363 5.09 -3.03 31.54
N ALA L 364 4.16 -3.96 31.34
CA ALA L 364 2.92 -3.93 32.09
C ALA L 364 3.17 -4.09 33.58
N GLY L 365 4.08 -5.01 33.94
CA GLY L 365 4.36 -5.22 35.35
C GLY L 365 4.97 -4.01 36.02
N LEU L 366 5.79 -3.27 35.29
CA LEU L 366 6.53 -2.15 35.85
C LEU L 366 5.77 -0.83 35.79
N GLY L 367 4.57 -0.82 35.22
CA GLY L 367 3.77 0.38 35.18
C GLY L 367 4.19 1.40 34.16
N VAL L 368 5.16 1.08 33.31
CA VAL L 368 5.65 1.99 32.28
C VAL L 368 5.43 1.32 30.93
N SER L 369 4.95 2.09 29.96
CA SER L 369 4.51 1.49 28.70
C SER L 369 5.69 0.91 27.93
N TYR L 370 5.35 0.00 27.00
CA TYR L 370 6.37 -0.85 26.39
C TYR L 370 7.39 -0.05 25.60
N GLU L 371 6.93 0.91 24.80
CA GLU L 371 7.80 1.54 23.82
C GLU L 371 8.90 2.36 24.48
N GLN L 372 8.57 3.23 25.44
CA GLN L 372 9.62 4.02 26.05
C GLN L 372 10.55 3.14 26.87
N LEU L 373 10.06 2.00 27.36
CA LEU L 373 10.93 1.08 28.09
C LEU L 373 11.94 0.44 27.16
N SER L 374 11.47 -0.07 26.02
CA SER L 374 12.33 -0.78 25.09
C SER L 374 12.85 0.11 23.97
N ARG L 375 12.50 1.40 23.97
CA ARG L 375 12.78 2.34 22.90
C ARG L 375 12.60 1.70 21.53
N ASN L 376 11.56 0.88 21.39
CA ASN L 376 11.15 0.32 20.11
C ASN L 376 9.95 1.13 19.63
N TYR L 377 10.19 2.02 18.67
CA TYR L 377 9.19 2.99 18.25
C TYR L 377 8.70 2.74 16.83
N ALA L 378 8.66 1.47 16.43
CA ALA L 378 8.26 1.14 15.07
C ALA L 378 6.79 1.46 14.85
N GLN L 379 6.46 1.93 13.65
CA GLN L 379 5.10 2.06 13.13
C GLN L 379 4.17 2.83 14.06
N MET L 380 4.72 3.51 15.05
CA MET L 380 3.90 4.16 16.07
C MET L 380 3.30 5.43 15.50
N SER L 381 2.00 5.63 15.70
CA SER L 381 1.30 6.81 15.19
C SER L 381 1.23 7.88 16.26
N TYR L 382 1.07 9.13 15.80
CA TYR L 382 1.09 10.27 16.72
C TYR L 382 -0.02 10.18 17.75
N SER L 383 -1.25 9.96 17.28
CA SER L 383 -2.35 9.80 18.22
C SER L 383 -2.12 8.62 19.13
N THR L 384 -1.63 7.51 18.58
CA THR L 384 -1.32 6.36 19.39
C THR L 384 -0.14 6.63 20.32
N ALA L 385 0.81 7.47 19.88
CA ALA L 385 1.91 7.84 20.75
C ALA L 385 1.40 8.60 21.98
N ARG L 386 0.50 9.56 21.77
CA ARG L 386 -0.10 10.24 22.92
C ARG L 386 -0.88 9.25 23.77
N ALA L 387 -1.59 8.33 23.13
CA ALA L 387 -2.32 7.31 23.87
C ALA L 387 -1.40 6.56 24.81
N SER L 388 -0.23 6.16 24.32
CA SER L 388 0.75 5.50 25.18
C SER L 388 1.24 6.43 26.28
N ALA L 389 1.47 7.70 25.94
CA ALA L 389 1.99 8.62 26.94
C ALA L 389 1.03 8.82 28.10
N ASN L 390 -0.28 8.68 27.87
CA ASN L 390 -1.24 9.11 28.88
C ASN L 390 -1.11 8.31 30.18
N GLU L 391 -1.18 6.99 30.10
CA GLU L 391 -1.22 6.21 31.33
C GLU L 391 0.12 6.23 32.04
N SER L 392 1.21 6.27 31.26
CA SER L 392 2.52 6.44 31.88
C SER L 392 2.57 7.75 32.66
N TRP L 393 2.07 8.83 32.06
CA TRP L 393 2.05 10.11 32.75
C TRP L 393 1.18 10.05 33.99
N ALA L 394 0.03 9.40 33.91
CA ALA L 394 -0.85 9.30 35.06
C ALA L 394 -0.18 8.54 36.19
N TYR L 395 0.47 7.43 35.86
CA TYR L 395 1.20 6.67 36.86
C TYR L 395 2.29 7.50 37.51
N PHE L 396 3.04 8.23 36.69
CA PHE L 396 4.11 9.07 37.22
C PHE L 396 3.56 10.13 38.15
N MET L 397 2.44 10.76 37.77
CA MET L 397 1.84 11.77 38.63
C MET L 397 1.38 11.16 39.94
N GLY L 398 0.78 9.97 39.89
CA GLY L 398 0.36 9.32 41.12
C GLY L 398 1.53 9.07 42.05
N ARG L 399 2.61 8.49 41.51
CA ARG L 399 3.75 8.18 42.37
C ARG L 399 4.42 9.44 42.88
N ARG L 400 4.49 10.49 42.05
CA ARG L 400 5.06 11.76 42.52
C ARG L 400 4.23 12.32 43.66
N LYS L 401 2.90 12.25 43.55
CA LYS L 401 2.04 12.76 44.60
C LYS L 401 2.18 11.97 45.88
N PHE L 402 2.31 10.65 45.78
CA PHE L 402 2.23 9.81 46.96
C PHE L 402 3.58 9.45 47.56
N VAL L 403 4.66 9.47 46.78
CA VAL L 403 5.98 9.07 47.24
C VAL L 403 6.90 10.27 47.44
N ALA L 404 7.20 10.98 46.35
CA ALA L 404 8.14 12.10 46.46
C ALA L 404 7.54 13.25 47.27
N SER L 405 6.28 13.57 47.03
CA SER L 405 5.68 14.74 47.66
C SER L 405 5.63 14.61 49.17
N ARG L 406 5.22 13.44 49.67
CA ARG L 406 5.12 13.24 51.11
C ARG L 406 6.49 13.39 51.77
N GLN L 407 7.49 12.73 51.21
CA GLN L 407 8.83 12.78 51.78
C GLN L 407 9.38 14.20 51.78
N ALA L 408 9.22 14.89 50.65
CA ALA L 408 9.72 16.25 50.54
C ALA L 408 9.02 17.17 51.52
N SER L 409 7.71 16.99 51.68
CA SER L 409 6.99 17.75 52.69
C SER L 409 7.54 17.47 54.08
N GLN L 410 7.97 16.23 54.34
CA GLN L 410 8.55 15.93 55.65
C GLN L 410 9.84 16.72 55.88
N MET L 411 10.78 16.69 54.92
CA MET L 411 11.98 17.50 55.11
C MET L 411 11.63 18.97 55.24
N PHE L 412 10.69 19.45 54.43
CA PHE L 412 10.38 20.87 54.47
C PHE L 412 9.81 21.26 55.83
N LEU L 413 8.97 20.40 56.41
CA LEU L 413 8.43 20.70 57.72
C LEU L 413 9.54 20.76 58.76
N CYS L 414 10.47 19.80 58.73
CA CYS L 414 11.56 19.84 59.70
C CYS L 414 12.38 21.11 59.55
N TRP L 415 12.76 21.45 58.32
CA TRP L 415 13.59 22.63 58.10
C TRP L 415 12.86 23.90 58.48
N LEU L 416 11.56 23.97 58.19
CA LEU L 416 10.78 25.16 58.53
C LEU L 416 10.68 25.32 60.04
N GLU L 417 10.52 24.20 60.75
CA GLU L 417 10.53 24.26 62.21
C GLU L 417 11.85 24.82 62.71
N GLU L 418 12.96 24.33 62.15
CA GLU L 418 14.26 24.87 62.56
C GLU L 418 14.36 26.35 62.26
N ALA L 419 13.87 26.77 61.09
CA ALA L 419 13.97 28.18 60.70
C ALA L 419 13.17 29.07 61.64
N ILE L 420 11.95 28.66 61.98
CA ILE L 420 11.16 29.45 62.93
C ILE L 420 11.84 29.47 64.29
N VAL L 421 12.47 28.36 64.68
CA VAL L 421 13.18 28.32 65.96
C VAL L 421 14.23 29.41 66.01
N ARG L 422 14.96 29.61 64.91
CA ARG L 422 16.00 30.61 64.84
C ARG L 422 15.49 31.96 64.37
N ARG L 423 14.18 32.12 64.19
CA ARG L 423 13.56 33.36 63.77
C ARG L 423 14.10 33.88 62.45
N VAL L 424 14.59 32.98 61.59
CA VAL L 424 14.98 33.40 60.25
C VAL L 424 13.78 33.90 59.48
N VAL L 425 12.63 33.27 59.69
CA VAL L 425 11.36 33.72 59.13
C VAL L 425 10.41 33.99 60.29
N THR L 426 9.67 35.09 60.18
CA THR L 426 8.80 35.56 61.25
C THR L 426 7.36 35.18 60.96
N LEU L 427 6.71 34.57 61.94
CA LEU L 427 5.29 34.25 61.81
C LEU L 427 4.45 35.52 61.85
N PRO L 428 3.24 35.47 61.29
CA PRO L 428 2.33 36.61 61.43
C PRO L 428 2.01 36.89 62.88
N SER L 429 1.88 38.17 63.21
CA SER L 429 1.64 38.57 64.59
C SER L 429 0.30 38.06 65.11
N LYS L 430 -0.73 38.12 64.28
CA LYS L 430 -2.09 37.75 64.68
C LYS L 430 -2.37 36.27 64.47
N ALA L 431 -1.34 35.43 64.54
CA ALA L 431 -1.52 34.00 64.29
C ALA L 431 -2.54 33.41 65.24
N ARG L 432 -3.53 32.70 64.67
CA ARG L 432 -4.54 32.06 65.48
C ARG L 432 -3.96 30.94 66.33
N PHE L 433 -2.99 30.20 65.78
CA PHE L 433 -2.32 29.13 66.49
C PHE L 433 -0.82 29.25 66.29
N SER L 434 -0.07 28.70 67.25
CA SER L 434 1.37 28.65 67.11
C SER L 434 1.76 27.65 66.03
N PHE L 435 3.04 27.65 65.67
CA PHE L 435 3.51 26.73 64.64
C PHE L 435 3.33 25.29 65.07
N GLN L 436 3.64 24.99 66.33
CA GLN L 436 3.56 23.60 66.79
C GLN L 436 2.14 23.07 66.73
N GLU L 437 1.15 23.90 67.08
CA GLU L 437 -0.23 23.44 67.09
C GLU L 437 -0.77 23.19 65.69
N ALA L 438 -0.30 23.95 64.70
CA ALA L 438 -0.84 23.90 63.34
C ALA L 438 0.27 23.71 62.33
N ARG L 439 1.14 22.73 62.59
CA ARG L 439 2.27 22.49 61.70
C ARG L 439 1.81 22.25 60.26
N SER L 440 0.74 21.48 60.08
CA SER L 440 0.23 21.24 58.74
C SER L 440 -0.29 22.52 58.10
N ALA L 441 -0.98 23.35 58.88
CA ALA L 441 -1.54 24.59 58.33
C ALA L 441 -0.44 25.52 57.85
N TRP L 442 0.57 25.75 58.68
CA TRP L 442 1.69 26.60 58.27
C TRP L 442 2.46 25.96 57.13
N GLY L 443 2.68 24.65 57.19
CA GLY L 443 3.52 23.95 56.24
C GLY L 443 2.80 23.40 55.03
N ASN L 444 1.55 23.81 54.78
CA ASN L 444 0.86 23.34 53.60
C ASN L 444 1.61 23.77 52.35
N CYS L 445 2.21 22.80 51.66
CA CYS L 445 3.09 23.09 50.54
C CYS L 445 2.85 22.07 49.45
N ASP L 446 3.13 22.48 48.20
CA ASP L 446 3.04 21.57 47.08
C ASP L 446 4.29 21.72 46.22
N TRP L 447 4.69 20.62 45.59
CA TRP L 447 5.95 20.55 44.88
C TRP L 447 5.69 20.36 43.39
N ILE L 448 6.44 21.07 42.57
CA ILE L 448 6.34 20.98 41.13
C ILE L 448 7.63 20.38 40.60
N GLY L 449 7.52 19.27 39.89
CA GLY L 449 8.65 18.63 39.26
C GLY L 449 8.75 18.98 37.79
N SER L 450 9.35 18.07 37.03
CA SER L 450 9.41 18.26 35.59
C SER L 450 8.01 18.18 35.00
N GLY L 451 7.67 19.15 34.17
CA GLY L 451 6.35 19.18 33.57
C GLY L 451 6.19 18.13 32.49
N ARG L 452 5.00 18.10 31.91
CA ARG L 452 4.73 17.15 30.84
C ARG L 452 5.62 17.43 29.65
N MET L 453 6.12 16.38 29.02
CA MET L 453 6.98 16.51 27.87
C MET L 453 6.14 16.55 26.60
N ALA L 454 6.25 17.64 25.85
CA ALA L 454 5.43 17.81 24.67
C ALA L 454 5.80 16.79 23.60
N ILE L 455 4.78 16.29 22.90
CA ILE L 455 5.01 15.38 21.80
C ILE L 455 5.18 16.13 20.48
N ASP L 456 4.28 17.07 20.19
CA ASP L 456 4.36 17.87 18.97
C ASP L 456 4.69 19.33 19.23
N GLY L 457 4.29 19.86 20.37
CA GLY L 457 4.49 21.27 20.67
C GLY L 457 3.29 22.13 20.35
N LEU L 458 2.90 22.22 19.09
CA LEU L 458 1.83 23.15 18.71
C LEU L 458 0.53 22.81 19.40
N LYS L 459 0.18 21.51 19.45
CA LYS L 459 -1.14 21.13 19.91
C LYS L 459 -1.32 21.48 21.38
N GLU L 460 -0.39 21.04 22.22
CA GLU L 460 -0.48 21.29 23.66
C GLU L 460 -0.36 22.78 23.99
N VAL L 461 0.51 23.50 23.29
CA VAL L 461 0.62 24.94 23.52
C VAL L 461 -0.67 25.64 23.15
N GLN L 462 -1.30 25.22 22.05
CA GLN L 462 -2.59 25.77 21.69
C GLN L 462 -3.64 25.44 22.74
N GLU L 463 -3.56 24.24 23.31
CA GLU L 463 -4.45 23.90 24.43
C GLU L 463 -4.28 24.91 25.55
N ALA L 464 -3.05 25.17 25.95
CA ALA L 464 -2.80 26.09 27.05
C ALA L 464 -3.33 27.47 26.72
N VAL L 465 -3.07 27.94 25.50
CA VAL L 465 -3.50 29.28 25.11
C VAL L 465 -5.01 29.40 25.16
N MET L 466 -5.70 28.41 24.59
CA MET L 466 -7.15 28.51 24.53
C MET L 466 -7.81 28.28 25.87
N LEU L 467 -7.23 27.44 26.73
CA LEU L 467 -7.74 27.34 28.09
C LEU L 467 -7.58 28.63 28.85
N ILE L 468 -6.42 29.28 28.74
CA ILE L 468 -6.23 30.51 29.50
C ILE L 468 -7.09 31.63 28.94
N GLU L 469 -7.35 31.64 27.64
CA GLU L 469 -8.17 32.71 27.08
C GLU L 469 -9.65 32.45 27.26
N ALA L 470 -10.04 31.19 27.40
CA ALA L 470 -11.45 30.83 27.53
C ALA L 470 -11.89 30.70 28.99
N GLY L 471 -10.98 30.92 29.94
CA GLY L 471 -11.35 31.04 31.33
C GLY L 471 -11.43 29.75 32.12
N LEU L 472 -11.11 28.61 31.53
CA LEU L 472 -11.13 27.35 32.25
C LEU L 472 -9.77 26.97 32.84
N SER L 473 -8.79 27.87 32.78
CA SER L 473 -7.48 27.56 33.33
C SER L 473 -6.84 28.84 33.84
N THR L 474 -5.86 28.66 34.71
CA THR L 474 -5.16 29.76 35.36
C THR L 474 -3.66 29.54 35.24
N TYR L 475 -2.93 30.66 35.24
CA TYR L 475 -1.54 30.67 34.81
C TYR L 475 -0.71 29.63 35.55
N GLU L 476 -0.95 29.47 36.85
CA GLU L 476 -0.07 28.63 37.66
C GLU L 476 -0.06 27.20 37.18
N LYS L 477 -1.18 26.70 36.66
CA LYS L 477 -1.20 25.31 36.23
C LYS L 477 -0.55 25.11 34.88
N GLU L 478 -0.68 26.07 33.96
CA GLU L 478 0.10 25.96 32.72
C GLU L 478 1.59 26.05 33.01
N CYS L 479 1.99 26.90 33.95
CA CYS L 479 3.37 26.87 34.40
C CYS L 479 3.69 25.57 35.11
N ALA L 480 2.67 24.88 35.65
CA ALA L 480 2.91 23.64 36.37
C ALA L 480 3.30 22.52 35.42
N LYS L 481 2.43 22.18 34.47
CA LYS L 481 2.79 21.15 33.51
C LYS L 481 3.90 21.58 32.56
N ARG L 482 4.40 22.81 32.69
CA ARG L 482 5.61 23.22 32.00
C ARG L 482 6.78 23.39 32.95
N GLY L 483 6.62 23.03 34.22
CA GLY L 483 7.71 23.13 35.18
C GLY L 483 8.13 24.55 35.50
N ASP L 484 7.18 25.46 35.66
CA ASP L 484 7.48 26.84 36.01
C ASP L 484 6.49 27.32 37.06
N ASP L 485 6.66 28.55 37.51
CA ASP L 485 5.71 29.19 38.41
C ASP L 485 5.35 30.55 37.84
N TYR L 486 4.08 30.92 38.00
CA TYR L 486 3.58 32.12 37.33
C TYR L 486 4.12 33.40 37.97
N GLN L 487 4.54 33.34 39.23
CA GLN L 487 4.93 34.56 39.93
C GLN L 487 6.20 35.15 39.35
N GLU L 488 7.30 34.39 39.43
CA GLU L 488 8.55 34.87 38.84
C GLU L 488 8.43 35.01 37.34
N ILE L 489 7.52 34.28 36.71
CA ILE L 489 7.28 34.46 35.28
C ILE L 489 6.74 35.86 35.01
N PHE L 490 5.77 36.29 35.82
CA PHE L 490 5.25 37.64 35.67
C PHE L 490 6.33 38.68 35.97
N ALA L 491 7.11 38.45 37.03
CA ALA L 491 8.17 39.40 37.36
C ALA L 491 9.17 39.53 36.23
N GLN L 492 9.58 38.40 35.65
CA GLN L 492 10.54 38.44 34.56
C GLN L 492 9.93 39.04 33.30
N GLN L 493 8.63 38.84 33.07
CA GLN L 493 7.99 39.50 31.95
C GLN L 493 8.01 41.01 32.13
N VAL L 494 7.75 41.47 33.35
CA VAL L 494 7.81 42.91 33.64
C VAL L 494 9.22 43.43 33.39
N ARG L 495 10.22 42.70 33.85
CA ARG L 495 11.60 43.12 33.65
C ARG L 495 11.95 43.17 32.17
N GLU L 496 11.56 42.15 31.42
CA GLU L 496 11.80 42.15 29.99
C GLU L 496 11.11 43.34 29.33
N THR L 497 9.89 43.62 29.75
CA THR L 497 9.15 44.73 29.16
C THR L 497 9.86 46.06 29.39
N MET L 498 10.28 46.34 30.62
CA MET L 498 10.82 47.68 30.82
C MET L 498 12.25 47.76 30.28
N GLU L 499 12.95 46.63 30.18
CA GLU L 499 14.23 46.64 29.47
C GLU L 499 14.03 46.95 27.99
N ARG L 500 13.03 46.31 27.37
CA ARG L 500 12.80 46.52 25.94
C ARG L 500 12.36 47.94 25.65
N ARG L 501 11.46 48.48 26.47
CA ARG L 501 11.05 49.87 26.25
C ARG L 501 12.14 50.85 26.63
N ALA L 502 13.03 50.49 27.56
CA ALA L 502 14.16 51.35 27.86
C ALA L 502 15.17 51.37 26.73
N ALA L 503 15.23 50.31 25.94
CA ALA L 503 16.15 50.22 24.81
C ALA L 503 15.51 50.60 23.49
N GLY L 504 14.26 51.07 23.51
CA GLY L 504 13.59 51.49 22.30
C GLY L 504 13.01 50.37 21.46
N LEU L 505 13.14 49.12 21.90
CA LEU L 505 12.57 48.01 21.16
C LEU L 505 11.05 48.03 21.28
N LYS L 506 10.40 47.36 20.33
CA LYS L 506 8.96 47.23 20.36
C LYS L 506 8.56 46.32 21.50
N PRO L 507 7.76 46.78 22.47
CA PRO L 507 7.35 45.99 23.64
C PRO L 507 6.53 44.76 23.26
#